data_7Z1L
#
_entry.id   7Z1L
#
loop_
_entity.id
_entity.type
_entity.pdbx_description
1 polymer 'DNA-directed RNA polymerase III subunit RPC1'
2 polymer 'DNA-directed RNA polymerase III subunit RPC2'
3 polymer 'DNA-directed RNA polymerases I and III subunit RPAC1'
4 polymer 'DNA-directed RNA polymerase III subunit RPC9'
5 polymer 'DNA-directed RNA polymerases I, II, and III subunit RPABC1'
6 polymer 'DNA-directed RNA polymerases I, II, and III subunit RPABC2'
7 polymer 'DNA-directed RNA polymerase III subunit RPC8'
8 polymer 'DNA-directed RNA polymerases I, II, and III subunit RPABC3'
9 polymer 'DNA-directed RNA polymerase III subunit RPC10'
10 polymer 'DNA-directed RNA polymerases I, II, and III subunit RPABC5'
11 polymer 'DNA-directed RNA polymerases I and III subunit RPAC2'
12 polymer 'DNA-directed RNA polymerases I, II, and III subunit RPABC4'
13 polymer 'DNA-directed RNA polymerase III subunit RPC5'
14 polymer 'DNA-directed RNA polymerase III subunit RPC4'
15 polymer 'DNA-directed RNA polymerase III subunit RPC3'
16 polymer 'DNA-directed RNA polymerase III subunit RPC6'
17 polymer 'DNA-directed RNA polymerase III subunit RPC7'
18 polymer RNA
19 polymer NT-DNA
20 polymer T-DNA
21 non-polymer 'ZINC ION'
22 non-polymer 'MAGNESIUM ION'
23 non-polymer (3R,5S,7R,8R,9S,10S,12S,13R,14S,17R)-10,13-dimethyl-17-[(2R)-pentan-2-yl]-2,3,4,5,6,7,8,9,11,12,14,15,16,17-tetradecahydro-1H-cyclopenta[a]phenanthrene-3,7,12-triol
#
loop_
_entity_poly.entity_id
_entity_poly.type
_entity_poly.pdbx_seq_one_letter_code
_entity_poly.pdbx_strand_id
1 'polypeptide(L)'
;MKEVVVSETPKRIKGLEFSALSAADIVAQSEVEVSTRDLFDLEKDRAPKANGALDPKMGVSSSSLECATCHGNLASCHGH
FGHLKLALPVFHIGYFKATIQILQGICKNCSAILLSETDKRQFLHELRRPGVDNLRRMGILKKILDQCKKQRRCLHCGAL
NGVVKKAAAGAGSAALKIIHDTFRWVGKKSAPEKDIWVGEWKEVLAHNPELERYVKRCMDDLNPLKTLNLFKQIKSADCE
LLGIDATVPSGRPETYIWRYLPAPPVCIRPSVMMQDSPASNEDDLTVKLTEIVWTSSLIKAGLDKGISINNMMEHWDYLQ
LTVAMYINSDSVNPAMLPGSSNGGGKVKPIRGFCQRLKGKQGRFRGNLSGKRVDFSGRTVISPDPNLSIDEVAVPDRVAK
VLTYPEKVTRYNRHKLQELIVNGPNVHPGANYLLKRNEDARRNLRYGDRMKLAKNLQIGDVVERHLEDGDVVLFNRQPSL
HRLSILSHYAKIRPWRTFRLNECVCTPYNADFDGDEMNLHVPQTEEARAEAINLMGVKNNLLTPKSGEPIIAATQDFITG
SYLISHKDSFYDRATLTQLLSMMSDGIEHFDIPPPAIMKPYYLWTGKQVFSLLIKPNHNSPVVINLDAKNKVFVPPKSKS
LPNEMSQNDGFVIIRGSQILSGVMDKSVLGDGKKHSVFYTILRDYGPQEAANAMNRMAKLCARFLGNRGFSIGINDVTPA
DDLKQKKEELVEIAYHKCDELITLFNKGELETQPGCNEEQTLEAKIGGLLSKVREEVGDVCINELDNWNAPLIMATCGSK
GSTLNVSQMVAVVGQQIISGNRVPDGFQDRSLPHFPKNSKTPQSKGFVRNSFFSGLSPPEFLFHAISGREGLVDTAVKTA
ETGYMSRRLMKSLEDLSCQYDNTVRTSANGIVQFTYGGDGLDPLEMEGNAQPVNFNRSWDHAYNITFNNQDKGLLPYAIM
ETANEILGPLEERLVRYDNSGCLVKREDLNKAEYVDQYDAERDFYHSLREYINGKATALANLRKSRGMLGLLEPPAKELQ
GIDPDETVPDNVKTSVSQLYRISEKSVRKFLEIALFKYRKARLEPGTAIGAIGAQSIGEPGTQMTLKTFHFAGVASMNVT
LGVPRIKEIINASKVISTPIINAVLVNDNDERAARVVKGRVEKTLLSDVAFYVQDVYKDNLSFIQVRIDLGTIDKLQLEL
TIEDIAVAITRASKLKIQASDVNIIGKDRIAINVFPEGYKAKSISTSAKEPSENDVFYRMQQLRRALPDVVVKGLPDISR
AVINIRDDGKRELLVEGYGLRDVMCTDGVIGSRTTTNHVLEVFSVLGIEAARYSIIREINYTMSNHGMSVDPRHIQLLGD
VMTYKGEVLGITRFGLSKMRDSVLQLASFEKTTDHLFDAAFYMKKDAVEGVSECIILGQTMSIGTGSFKVVKGTNISEKD
LVPKRCLFESLSNEAALKAN
;
A
2 'polypeptide(L)'
;MVAATKRRKTHIHKHVKDEAFDDLLKPVYKGKKLTDEINTAQDKWHLLPAFLKVKGLVKQHLDSFNYFVDTDLKKIIKAN
QLILSDVDPEFYLKYVDIRVGKKSSSSTKDYLTPPHECRLRDMTYSAPIYVDIEYTRGRNIIMHKDVEIGRMPIMLRSNK
CILYDADESKMAKLNECPLDPGGYFIVNGTEKVILVQEQLSKNRIIVEADEKKGIVQASVTSSTHERKSKTYVITKNGKI
YLKHNSIAEEIPIAIVLKACGILSDLEIMQLVCGNDSSYQDIFAVNLEESSKLDIYTQQQALEYIGAKVKTMRRQKLTIL
QEGIEAIATTVIAHLTVEALDFREKALYIAMMTRRVVMAMYNPKMIDDRDYVGNKRLELAGQLISLLFEDLFKKFNNDFK
LSIDKVLKKPNRAMEYDALLSINVHSNNITSGLNRAISTGNWSLKRFKMERAGVTHVLSRLSYISALGMMTRISSQFEKS
RKVSGPRALQPSQFGMLCTADTPEGEACGLVKNLALMTHITTDDEEEPIKKLCYVLGVEDITLIDSASLHLNYGVYLNGT
LIGSIRFPTKFVTQFRHLRRTGKVSEFISIYSNSHQMAVHIATDGGRICRPLIIVSDGQSRVKDIHLRKLLDGELDFDDF
LKLGLVEYLDVNEENDSYIALYEKDIVPSMTHLEIEPFTILGAVAGLIPYPHHNQSPRNTYQCAMGKQAIGAIAYNQFKR
IDTLLYLMTYPQQPMVKTKTIELIDYDKLPAGQNATVAVMSYSGYDIEDALVLNKSSIDRGFGRCETRRKTTTVLKRYAN
HTQDIIGGMRVDENGDPIWQHQSLGPDGLGEVGMKVQSGQIYINKSVPTNSADAPNPNNVNVQTQYREAPVIYRGPEPSH
IDQVMMSVSDNDQALIKVLLRQNRRPELGDKFSSRHGQKGVCGIIVKQEDMPFNDQGIVPDIIMNPHGFPSRMTVGKMIE
LISGKAGVLNGTLEYGTCFGGSKLEDMSKILVDQGFNYSGKDMLYSGITGECLQAYIFFGPIYYQKLKHMVLDKMHARAR
GPRAVLTRQPTEGRSRDGGLRLGEMERDCVIAYGASQLLLERLMISSDAFEVDVCDKCGLMGYSGWCTTCKSAENIIKMT
IPYAAKLLFQELLSMNIAPRLRLEDIFQQ
;
B
3 'polypeptide(L)'
;MSNIVGIEYNRVTNTTSTDFPGFSKDAENEWNVEKFKKDFEVNISSLDAREANFDLINIDTSIANAFRRIMISEVPSVAA
EYVYFFNNTSVIQDEVLAHRIGLVPLKVDPDMLTWVDSNLPDDEKFTDENTIVLSLNVKCTRNPDAPKGSTDPKELYNNA
HVYARDLKFEPQGRQSTTFADCPVVPADPDILLAKLRPGQEISLKAHCILGIGGDHAKFSPVSTASYRLLPQINILQPIK
GESARRFQKCFPPGVIGIDEGSDEAYVKDARKDTVSREVLRYEEFADKVKLGRVRNHFIFNVESAGAMTPEEIFFKSVRI
LKNKAEYLKNCPITQ
;
C
4 'polypeptide(L)'
;MKVLEERNAFLSDYEVLKFLTDLEKKHLWDQKSLAALKKSRSKGKQNRPYNHPELQGITRNVVNYLSINKNFINQEDEGE
ERESSGAKDAEKSGISKMSDESFAELMTKLNSFKLFKAEKLQIVNQLPANMVHLYSIVEECDARFDEKTIEEMLEIISGY
A
;
D
5 'polypeptide(L)'
;MDQENERNISRLWRAFRTVKEMVKDRGYFITQEEVELPLEDFKAKYCDSMGRPQRKMMSFQANPTEESISKFPDMGSLWV
EFCDEPSVGVKTMKTFVIHIQEKNFQTGIFVYQNNITPSAMKLVPSIPPATIETFNEAALVVNITHHELVPKHIRLSSDE
KRELLKRYRLKESQLPRIQRADPVALYLGLKRGEVVKIIRKSETSGRYASYRICM
;
E
6 'polypeptide(L)'
;MSDYEEAFNDGNENFEDFDVEHFSDEETYEEKPQFKDGETTDANGKTIVTGGNGPEDFQQHEQIRRKTLKEKAIPKDQRA
TTPYMTKYERARILGTRALQISMNAPVFVDLEGETDPLRIAMKELAEKKIPLVIRRYLPDGSFEDWSVEELIVDL
;
F
7 'polypeptide(L)'
;MFILSKIADLVRIPPDQFHRDTISAITHQLNNKFANKIIPNVGLCITIYDLLTVEEGQLKPGDGSSYINVTFRAVVFKPF
LGEIVTGWISKCTAEGIKVSLLGIFDDIFIPQNMLFEGCYYTPEESAWIWPMDEETKLYFDVNEKIRFRIEREVFVDVKP
KSPKERELEERAQLENEIEGKNEETPQNEKPPAYALLGSCQTDGMGLVSWWE
;
G
8 'polypeptide(L)'
;MSNTLFDDIFQVSEVDPGRYNKVCRIEAASTTQDQCKLTLDINVELFPVAAQDSLTVTIASSLNLEDTPANDSSATRSWR
PPQAGDRSLADDYDYVMYGTAYKFEEVSKDLIAVYYSFGGLLMRLEGNYRNLNNLKQENAYLLIRR
;
H
9 'polypeptide(L)'
;MLSFCPSCNNMLLITSGDSGVYTLACRSCPYEFPIEGIEIYDRKKLPRKEVDDVLGGGWDNVDQTKTQCPNYDTCGGESA
YFFQLQIRSADEPMTTFYKCVNCGHRWKEN
;
I
10 'polypeptide(L)' MIVPVRCFSCGKVVGDKWESYLNLLQEDELDEGTALSRLGLKRYCCRRMILTHVDLIEKFLRYNPLEKRD J
11 'polypeptide(L)'
;MTEDIEQKKTATEVTPQEPKHIQEEEEQDVDMTGDEEQEEEPDREKIKLLTQATSEDGTSASFQIVEEDHTLGNALRYVI
MKNPDVEFCGYSIPHPSENLLNIRIQTYGETTAVDALQKGLKDLMDLCDVVESKFTEKIKSM
;
K
12 'polypeptide(L)' MSREGFQIPTNLDAAAAGTSQARTATLKYICAECSSKLSLSRTDAVRCKDCGHRILLKARTKRLVQFEAR L
13 'polypeptide(L)'
;MSIDNKLFVTEEDEEDRTQDRADVEDESNDIDMIADENGTNSAIANEQEEKSEEVKAEDDTGEEEEDDPVIEEFPLKISG
EEESLHVFQYANRPRLVGRKPAEHPFISAARYKPKSHLWEIDIPLDEQAFYNKDKAESEWNGVNVQTLKGVGVENNGQYA
AFVKDMQVYLVPIERVAQLKPFFKYIDDANVTRKQEDARRNPNPSSQRAQVVTMSVKSVNDPSQNRLTGSLLAHKVADEE
ANIELTWAEGTFEQFKDTIVKEAEDKTLVALEKQEDYIDNLV
;
M
14 'polypeptide(L)'
;MSSNKGNGRLPSLKDSSSNGGGSAKPSLKFKPKAVARKSKEEREAAASKVKLEEESKRGNDKKHFNNKNKRVTGAGGQQR
RMAKYLNNTHVISSGPLAAGNFVSEKGDLRRGFIKSEGSGSSLVQKGLETIDNGAESSENEAEDDDNEGVASKSKKKFNM
GKEFEARNLIEDEDDGESEKSSDVDMDDEEWRSKRIEQLFPVRPVRVRHEDVETVKREIQEALSEKPTREPTPSVKTEPV
GTGLQSYLEERERQVNEKLADLGLEKEFQSVDGKEAAAELELLNADHQHILRKLKKMNNKPERFMVFQLPTRLPAFERPA
VKEEKEDMETQASDPSKKKKNIKKKDTKDALSTRELAGKVGSIRVHKSGKLSVKIGNVVMDIGKGAETTFLQDVIALSIA
DDASSAELLGRVDGKIVVTPQI
;
N
15 'polypeptide(L)'
;MDELLGEALSAENQTGESTVESEKLVTPEDVMTISSLEQRTLNPDLFLYKELVKAHLGERAASVIGMLVALGRLSVRELV
EKIDGMDVDSVKTTLVSLTQLRCVKYLQETAISGKKTTYYYYNEEGIHILLYSGLIIDEIITQMRVNDEEEHKQLVAEIV
QNVISLGSLTVEDYLSSVTSDSMKYTISSLFVQLCEMGYLIQISKLHYTPIEDLWQFLYEKHYKNIPRNSPLSDLKKRSQ
AKMNAKTDFAKIINKPNELSQILTVDPKTSLRIVKPTVSLTINLDRFMKGRRSKQLINLAKTRVGSVTAQVYKIALRLTE
QKSPKIRDPLTQTGLLQDLEEAKSFQDEAELVEEKTPGLTFNAIDLARHLPAELDLRGSLLSRKPSDNKKRSGSNAAASL
PSKKLKTEDGFVIPALPAAVSKSLQESGDTQEEDEEEEDLDADTEDPHSASLINSHLKILASSNFPFLNETKPGVYYVPY
SKLMPVLKSSVYEYVIASTLGPSAMRLSRCIRDNKLVSEKIINSTALMKEKDIRSTLASLIRYNSVEIQEVPRTADRSAS
RAVFLFRCKETHSYNFMRQNLEWNMANLLFKKEKLKQENSTLLKKANRDDVKGRENELLLPSELNQLKMVNERELNVFAR
LSRLLSLWEVFQMA
;
O
16 'polypeptide(L)'
;MSGMIENGLQLSDNAKTLHSQMMSKGIGALFTQQELQKQMGIGSLTDLMSIVQELLDKNLIKLVKQNDELKFQGVLESEA
QKKATMSAEEALVYSYIEASGREGIWSKTIKARTNLHQHVVLKCLKSLESQRYVKSVKSVKFPTRKIYMLYSLQPSVDIT
GGPWFTDGELDIEFINSLLTIVWRFISENTFPNGFKNFENGPKKNVFYAPNVKNYSTTQEILEFITAAQVANVELTPSNI
RSLCEVLVYDDKLEKVTHDCYRVTLESILQMNQGEGEPEAGNKALEDEEEFSIFNYFKMFPASKHDKEVVYFDEWTI
;
P
17 'polypeptide(L)'
;MSSYRGGSRGGGSNYMSNLPFGLGYGDVGKNHITEFPSIPLPINGPITNKERSLAVKYINFGKTVKDGPFYTGSMSLIID
QQENSKSGKRKPNIILDEDDTNDGIERYSDKYLKKRKIGISIDDHPYNLNLFPNELYNVMGINKKKLLAISKFNNADDVF
TGTGLQDENIGLSMLAKLKELAEDVDDASTGDGAAKGSKTGEGEDDDLADDDFEEDEDEEDDDDYNAEKYFNNGDDDDYG
DEEDPNEEAAF
;
Q
18 'polyribonucleotide' UAUGCUAUGCAUAACGCCACAGAG R
19 'polydeoxyribonucleotide'
;(DG)(DA)(DA)(DT)(DC)(DT)(DC)(DT)(DT)(DA)(DG)(DC)(DA)(DA)(DC)(DC)(DA)(DT)(DT)(DA)
(DT)(DT)(DT)(DT)(DT)(DT)(DT)(DG)(DC)(DC)(DT)(DT)(DC)(DC)(DG)(DA)(DA)(DA)(DA)(DT)
(DT)(DT)(DT)(DG)
;
S
20 'polydeoxyribonucleotide'
;(DC)(DA)(DA)(DA)(DA)(DT)(DT)(DT)(DT)(DC)(DG)(DG)(DA)(DA)(DG)(DG)(DC)(DA)(DT)(DG)
(DC)(DT)(DC)(DT)(DG)(DT)(DG)(DG)(DC)(DT)(DT)(DT)(DG)(DC)(DT)(DA)(DA)(DG)(DA)(DG)
(DA)(DT)(DT)(DC)
;
T
#
loop_
_chem_comp.id
_chem_comp.type
_chem_comp.name
_chem_comp.formula
4QM non-polymer (3R,5S,7R,8R,9S,10S,12S,13R,14S,17R)-10,13-dimethyl-17-[(2R)-pentan-2-yl]-2,3,4,5,6,7,8,9,11,12,14,15,16,17-tetradecahydro-1H-cyclopenta[a]phenanthrene-3,7,12-triol 'C24 H42 O3'
A RNA linking ADENOSINE-5'-MONOPHOSPHATE 'C10 H14 N5 O7 P'
C RNA linking CYTIDINE-5'-MONOPHOSPHATE 'C9 H14 N3 O8 P'
DA DNA linking 2'-DEOXYADENOSINE-5'-MONOPHOSPHATE 'C10 H14 N5 O6 P'
DC DNA linking 2'-DEOXYCYTIDINE-5'-MONOPHOSPHATE 'C9 H14 N3 O7 P'
DG DNA linking 2'-DEOXYGUANOSINE-5'-MONOPHOSPHATE 'C10 H14 N5 O7 P'
DT DNA linking THYMIDINE-5'-MONOPHOSPHATE 'C10 H15 N2 O8 P'
G RNA linking GUANOSINE-5'-MONOPHOSPHATE 'C10 H14 N5 O8 P'
MG non-polymer 'MAGNESIUM ION' 'Mg 2'
U RNA linking URIDINE-5'-MONOPHOSPHATE 'C9 H13 N2 O9 P'
ZN non-polymer 'ZINC ION' 'Zn 2'
#
# COMPACT_ATOMS: atom_id res chain seq x y z
N MET A 1 31.00 9.62 -52.53
CA MET A 1 32.43 9.66 -52.24
C MET A 1 32.87 8.45 -51.42
N LYS A 2 32.87 8.61 -50.10
CA LYS A 2 33.31 7.55 -49.21
C LYS A 2 32.33 7.24 -48.08
N GLU A 3 31.28 8.02 -47.90
CA GLU A 3 30.35 7.79 -46.81
C GLU A 3 29.46 6.59 -47.09
N VAL A 4 29.02 5.94 -46.02
CA VAL A 4 28.16 4.76 -46.10
C VAL A 4 26.74 5.19 -45.75
N VAL A 5 25.75 4.62 -46.45
CA VAL A 5 24.36 4.92 -46.16
C VAL A 5 24.01 4.39 -44.78
N VAL A 6 23.49 5.28 -43.93
CA VAL A 6 23.05 4.92 -42.58
C VAL A 6 21.53 4.96 -42.57
N SER A 7 20.92 4.01 -41.86
CA SER A 7 19.47 3.90 -41.79
C SER A 7 19.08 3.66 -40.33
N GLU A 8 18.22 4.54 -39.82
CA GLU A 8 17.69 4.41 -38.47
C GLU A 8 16.20 4.12 -38.55
N THR A 9 15.75 3.16 -37.75
CA THR A 9 14.35 2.75 -37.76
C THR A 9 13.75 2.98 -36.38
N PRO A 10 12.60 3.65 -36.28
CA PRO A 10 11.99 3.85 -34.96
C PRO A 10 11.50 2.52 -34.38
N LYS A 11 11.96 2.22 -33.17
CA LYS A 11 11.67 0.94 -32.52
C LYS A 11 11.07 1.18 -31.16
N ARG A 12 10.07 0.38 -30.82
CA ARG A 12 9.44 0.38 -29.50
C ARG A 12 9.79 -0.91 -28.78
N ILE A 13 9.38 -0.99 -27.51
CA ILE A 13 9.65 -2.16 -26.69
C ILE A 13 8.51 -3.15 -26.89
N LYS A 14 8.85 -4.36 -27.36
CA LYS A 14 7.85 -5.39 -27.61
C LYS A 14 7.64 -6.29 -26.40
N GLY A 15 8.66 -6.48 -25.58
CA GLY A 15 8.53 -7.31 -24.40
C GLY A 15 9.84 -7.38 -23.65
N LEU A 16 9.78 -8.02 -22.49
CA LEU A 16 10.95 -8.25 -21.64
C LEU A 16 11.16 -9.74 -21.47
N GLU A 17 12.42 -10.15 -21.44
CA GLU A 17 12.80 -11.54 -21.23
C GLU A 17 13.59 -11.61 -19.93
N PHE A 18 12.89 -11.84 -18.83
CA PHE A 18 13.56 -11.94 -17.53
C PHE A 18 14.39 -13.21 -17.46
N SER A 19 15.56 -13.08 -16.85
CA SER A 19 16.50 -14.19 -16.71
C SER A 19 17.51 -13.81 -15.65
N ALA A 20 18.53 -14.66 -15.50
CA ALA A 20 19.62 -14.41 -14.57
C ALA A 20 20.94 -14.44 -15.33
N LEU A 21 21.83 -13.51 -14.99
CA LEU A 21 23.12 -13.42 -15.67
C LEU A 21 24.01 -14.58 -15.26
N SER A 22 24.66 -15.20 -16.24
CA SER A 22 25.67 -16.21 -15.95
C SER A 22 26.99 -15.53 -15.62
N ALA A 23 28.01 -16.34 -15.36
CA ALA A 23 29.34 -15.80 -15.08
C ALA A 23 29.89 -15.07 -16.29
N ALA A 24 29.70 -15.62 -17.48
CA ALA A 24 30.18 -14.98 -18.70
C ALA A 24 29.46 -13.66 -18.94
N ASP A 25 28.16 -13.60 -18.64
CA ASP A 25 27.41 -12.36 -18.83
C ASP A 25 27.81 -11.31 -17.81
N ILE A 26 28.15 -11.74 -16.58
CA ILE A 26 28.56 -10.80 -15.55
C ILE A 26 29.93 -10.22 -15.87
N VAL A 27 30.88 -11.07 -16.28
CA VAL A 27 32.21 -10.59 -16.61
C VAL A 27 32.20 -9.78 -17.91
N ALA A 28 31.37 -10.18 -18.89
CA ALA A 28 31.34 -9.51 -20.18
C ALA A 28 30.88 -8.06 -20.06
N GLN A 29 29.89 -7.80 -19.21
CA GLN A 29 29.43 -6.43 -19.01
C GLN A 29 30.29 -5.65 -18.03
N SER A 30 31.26 -6.30 -17.39
CA SER A 30 32.10 -5.65 -16.41
C SER A 30 33.16 -4.79 -17.10
N GLU A 31 33.68 -3.83 -16.34
CA GLU A 31 34.78 -2.98 -16.80
C GLU A 31 36.03 -3.09 -15.95
N VAL A 32 35.91 -3.41 -14.67
CA VAL A 32 37.07 -3.58 -13.80
C VAL A 32 36.65 -4.50 -12.65
N GLU A 33 37.61 -5.27 -12.13
CA GLU A 33 37.34 -6.19 -11.05
C GLU A 33 37.64 -5.53 -9.71
N VAL A 34 36.67 -5.58 -8.81
CA VAL A 34 36.84 -5.02 -7.46
C VAL A 34 37.73 -5.98 -6.68
N SER A 35 38.97 -5.58 -6.43
CA SER A 35 39.94 -6.43 -5.74
C SER A 35 40.72 -5.61 -4.72
N THR A 36 40.02 -4.77 -3.96
CA THR A 36 40.63 -4.01 -2.88
C THR A 36 39.53 -3.55 -1.93
N ARG A 37 39.76 -3.71 -0.63
CA ARG A 37 38.80 -3.20 0.35
C ARG A 37 38.84 -1.68 0.46
N ASP A 38 39.98 -1.07 0.09
CA ASP A 38 40.18 0.34 0.32
C ASP A 38 39.43 1.17 -0.72
N LEU A 39 38.52 2.02 -0.26
CA LEU A 39 37.77 2.87 -1.17
C LEU A 39 38.65 3.96 -1.76
N PHE A 40 39.43 4.64 -0.90
CA PHE A 40 40.32 5.70 -1.31
C PHE A 40 41.75 5.39 -0.90
N ASP A 41 42.70 5.95 -1.62
CA ASP A 41 44.10 5.90 -1.23
C ASP A 41 44.51 7.21 -0.56
N LEU A 42 45.15 7.08 0.61
CA LEU A 42 45.44 8.24 1.44
C LEU A 42 46.60 9.08 0.92
N GLU A 43 47.40 8.56 0.00
CA GLU A 43 48.59 9.25 -0.48
C GLU A 43 48.30 10.17 -1.67
N LYS A 44 47.08 10.20 -2.17
CA LYS A 44 46.71 10.99 -3.35
C LYS A 44 45.49 11.86 -3.07
N ASP A 45 45.55 12.58 -1.95
CA ASP A 45 44.51 13.52 -1.47
C ASP A 45 43.11 12.92 -1.53
N ARG A 46 43.00 11.65 -1.12
CA ARG A 46 41.74 10.91 -1.06
C ARG A 46 41.06 10.82 -2.42
N ALA A 47 41.82 10.32 -3.39
CA ALA A 47 41.31 10.01 -4.71
C ALA A 47 40.64 8.64 -4.69
N PRO A 48 39.69 8.39 -5.61
CA PRO A 48 39.10 7.04 -5.69
C PRO A 48 40.13 6.03 -6.15
N LYS A 49 40.37 5.03 -5.31
CA LYS A 49 41.47 4.10 -5.54
C LYS A 49 41.13 3.13 -6.68
N ALA A 50 42.14 2.84 -7.49
CA ALA A 50 41.96 1.91 -8.60
C ALA A 50 41.69 0.50 -8.09
N ASN A 51 40.86 -0.23 -8.83
CA ASN A 51 40.44 -1.60 -8.50
C ASN A 51 39.76 -1.69 -7.13
N GLY A 52 39.04 -0.63 -6.75
CA GLY A 52 38.28 -0.60 -5.53
C GLY A 52 36.79 -0.57 -5.79
N ALA A 53 36.03 -0.51 -4.69
CA ALA A 53 34.58 -0.44 -4.80
C ALA A 53 34.09 0.90 -5.35
N LEU A 54 34.94 1.92 -5.35
CA LEU A 54 34.62 3.22 -5.91
C LEU A 54 35.55 3.57 -7.08
N ASP A 55 35.88 2.58 -7.89
CA ASP A 55 36.77 2.80 -9.02
C ASP A 55 36.10 3.75 -10.01
N PRO A 56 36.85 4.68 -10.61
CA PRO A 56 36.24 5.59 -11.59
C PRO A 56 35.66 4.89 -12.80
N LYS A 57 36.19 3.71 -13.16
CA LYS A 57 35.71 2.99 -14.34
C LYS A 57 34.24 2.60 -14.25
N MET A 58 33.67 2.53 -13.04
CA MET A 58 32.25 2.30 -12.89
C MET A 58 31.41 3.55 -13.03
N GLY A 59 32.04 4.73 -13.11
CA GLY A 59 31.35 5.99 -13.20
C GLY A 59 31.90 6.96 -12.19
N VAL A 60 31.18 8.06 -11.98
CA VAL A 60 31.57 9.09 -11.02
C VAL A 60 30.40 9.37 -10.09
N SER A 61 30.71 9.69 -8.84
CA SER A 61 29.71 10.13 -7.88
C SER A 61 29.69 11.64 -7.69
N SER A 62 30.74 12.33 -8.12
CA SER A 62 30.83 13.77 -8.04
C SER A 62 30.85 14.37 -9.43
N SER A 63 30.57 15.68 -9.51
CA SER A 63 30.51 16.39 -10.77
C SER A 63 31.86 16.90 -11.24
N SER A 64 32.93 16.67 -10.48
CA SER A 64 34.25 17.18 -10.84
C SER A 64 35.17 16.13 -11.45
N LEU A 65 34.82 14.85 -11.37
CA LEU A 65 35.67 13.80 -11.88
C LEU A 65 35.22 13.35 -13.27
N GLU A 66 36.01 12.47 -13.87
CA GLU A 66 35.71 11.88 -15.17
C GLU A 66 35.63 10.37 -15.04
N CYS A 67 34.88 9.76 -15.96
CA CYS A 67 34.56 8.34 -15.84
C CYS A 67 35.76 7.46 -16.18
N ALA A 68 36.62 7.92 -17.09
CA ALA A 68 37.78 7.20 -17.62
C ALA A 68 37.41 5.94 -18.39
N THR A 69 36.12 5.66 -18.58
CA THR A 69 35.64 4.61 -19.48
C THR A 69 34.90 5.18 -20.67
N CYS A 70 33.95 6.08 -20.44
CA CYS A 70 33.32 6.85 -21.50
C CYS A 70 33.75 8.30 -21.52
N HIS A 71 34.52 8.74 -20.51
CA HIS A 71 35.04 10.11 -20.39
C HIS A 71 33.91 11.14 -20.40
N GLY A 72 33.06 11.05 -19.39
CA GLY A 72 31.95 11.96 -19.24
C GLY A 72 31.74 12.32 -17.79
N ASN A 73 31.09 13.46 -17.57
CA ASN A 73 30.80 13.93 -16.23
C ASN A 73 29.60 13.18 -15.65
N LEU A 74 29.13 13.64 -14.49
CA LEU A 74 28.00 12.98 -13.83
C LEU A 74 26.72 13.12 -14.64
N ALA A 75 26.60 14.18 -15.44
CA ALA A 75 25.37 14.41 -16.18
C ALA A 75 25.24 13.46 -17.37
N SER A 76 26.33 13.16 -18.06
CA SER A 76 26.29 12.42 -19.31
C SER A 76 26.81 11.00 -19.20
N CYS A 77 27.04 10.50 -17.98
CA CYS A 77 27.53 9.14 -17.78
C CYS A 77 26.37 8.24 -17.38
N HIS A 78 26.27 7.08 -18.05
CA HIS A 78 25.24 6.10 -17.76
C HIS A 78 25.64 5.12 -16.68
N GLY A 79 26.88 5.17 -16.21
CA GLY A 79 27.35 4.20 -15.23
C GLY A 79 27.74 2.88 -15.87
N HIS A 80 28.76 2.24 -15.32
CA HIS A 80 29.25 0.97 -15.85
C HIS A 80 29.42 -0.02 -14.72
N PHE A 81 29.29 -1.30 -15.06
CA PHE A 81 29.32 -2.36 -14.05
C PHE A 81 30.75 -2.84 -13.83
N GLY A 82 31.03 -3.25 -12.58
CA GLY A 82 32.20 -4.03 -12.27
C GLY A 82 31.79 -5.45 -11.92
N HIS A 83 32.78 -6.27 -11.63
CA HIS A 83 32.51 -7.62 -11.18
C HIS A 83 33.43 -7.97 -10.02
N LEU A 84 33.02 -8.96 -9.24
CA LEU A 84 33.74 -9.35 -8.03
C LEU A 84 33.65 -10.86 -7.90
N LYS A 85 34.78 -11.54 -8.02
CA LYS A 85 34.81 -12.99 -7.93
C LYS A 85 34.89 -13.40 -6.46
N LEU A 86 34.04 -14.36 -6.07
CA LEU A 86 34.02 -14.84 -4.70
C LEU A 86 34.98 -16.02 -4.55
N ALA A 87 35.60 -16.10 -3.36
CA ALA A 87 36.51 -17.21 -3.09
C ALA A 87 35.77 -18.54 -3.07
N LEU A 88 34.59 -18.56 -2.45
CA LEU A 88 33.73 -19.73 -2.42
C LEU A 88 32.32 -19.32 -2.82
N PRO A 89 31.59 -20.21 -3.51
CA PRO A 89 30.21 -19.89 -3.86
C PRO A 89 29.31 -19.81 -2.63
N VAL A 90 28.30 -18.94 -2.72
CA VAL A 90 27.31 -18.80 -1.66
C VAL A 90 25.92 -18.79 -2.31
N PHE A 91 24.91 -19.03 -1.48
CA PHE A 91 23.55 -19.13 -1.98
C PHE A 91 22.95 -17.75 -2.20
N HIS A 92 22.22 -17.60 -3.30
CA HIS A 92 21.47 -16.38 -3.57
C HIS A 92 20.22 -16.39 -2.72
N ILE A 93 19.99 -15.31 -1.96
CA ILE A 93 18.84 -15.25 -1.07
C ILE A 93 17.55 -15.14 -1.87
N GLY A 94 17.60 -14.49 -3.03
CA GLY A 94 16.42 -14.40 -3.87
C GLY A 94 16.01 -15.74 -4.47
N TYR A 95 16.99 -16.54 -4.88
CA TYR A 95 16.73 -17.84 -5.50
C TYR A 95 16.88 -18.98 -4.50
N PHE A 96 16.79 -18.71 -3.20
CA PHE A 96 17.04 -19.75 -2.21
C PHE A 96 15.90 -20.77 -2.18
N LYS A 97 14.65 -20.29 -2.19
CA LYS A 97 13.51 -21.22 -2.22
C LYS A 97 13.46 -21.98 -3.53
N ALA A 98 13.84 -21.33 -4.62
CA ALA A 98 13.97 -22.04 -5.90
C ALA A 98 15.07 -23.09 -5.83
N THR A 99 16.16 -22.79 -5.12
CA THR A 99 17.22 -23.79 -4.92
C THR A 99 16.71 -24.97 -4.11
N ILE A 100 15.91 -24.71 -3.08
CA ILE A 100 15.29 -25.79 -2.30
C ILE A 100 14.42 -26.65 -3.20
N GLN A 101 13.58 -26.01 -4.02
CA GLN A 101 12.66 -26.75 -4.87
C GLN A 101 13.38 -27.56 -5.94
N ILE A 102 14.47 -27.01 -6.49
CA ILE A 102 15.20 -27.73 -7.52
C ILE A 102 16.11 -28.80 -6.93
N LEU A 103 16.45 -28.69 -5.64
CA LEU A 103 17.13 -29.80 -4.97
C LEU A 103 16.17 -30.90 -4.55
N GLN A 104 14.91 -30.55 -4.27
CA GLN A 104 13.93 -31.55 -3.91
C GLN A 104 13.51 -32.40 -5.09
N GLY A 105 13.74 -31.94 -6.31
CA GLY A 105 13.31 -32.64 -7.51
C GLY A 105 14.37 -33.44 -8.22
N ILE A 106 15.61 -33.44 -7.75
CA ILE A 106 16.70 -34.17 -8.39
C ILE A 106 17.28 -35.16 -7.40
N CYS A 107 17.96 -36.16 -7.94
CA CYS A 107 18.67 -37.13 -7.11
C CYS A 107 19.89 -36.46 -6.50
N LYS A 108 20.07 -36.63 -5.19
CA LYS A 108 21.17 -36.02 -4.47
C LYS A 108 22.47 -36.79 -4.63
N ASN A 109 22.54 -37.73 -5.56
CA ASN A 109 23.73 -38.54 -5.81
C ASN A 109 24.20 -38.48 -7.25
N CYS A 110 23.30 -38.37 -8.22
CA CYS A 110 23.66 -38.34 -9.63
C CYS A 110 23.03 -37.19 -10.39
N SER A 111 22.32 -36.29 -9.72
CA SER A 111 21.70 -35.09 -10.30
C SER A 111 20.65 -35.40 -11.35
N ALA A 112 20.13 -36.62 -11.39
CA ALA A 112 19.04 -36.94 -12.30
C ALA A 112 17.70 -36.62 -11.65
N ILE A 113 16.73 -36.25 -12.47
CA ILE A 113 15.41 -35.91 -11.96
C ILE A 113 14.69 -37.18 -11.53
N LEU A 114 13.92 -37.08 -10.44
CA LEU A 114 13.27 -38.24 -9.85
C LEU A 114 11.90 -38.43 -10.49
N LEU A 115 11.92 -38.85 -11.75
CA LEU A 115 10.69 -39.07 -12.50
C LEU A 115 10.86 -40.26 -13.42
N SER A 116 9.78 -40.99 -13.63
CA SER A 116 9.75 -42.01 -14.66
C SER A 116 9.58 -41.35 -16.02
N GLU A 117 9.95 -42.08 -17.07
CA GLU A 117 9.92 -41.52 -18.42
C GLU A 117 8.49 -41.23 -18.87
N THR A 118 7.54 -42.07 -18.46
CA THR A 118 6.14 -41.84 -18.82
C THR A 118 5.60 -40.57 -18.16
N ASP A 119 5.85 -40.42 -16.86
CA ASP A 119 5.42 -39.22 -16.16
C ASP A 119 6.13 -37.99 -16.70
N LYS A 120 7.42 -38.11 -16.99
CA LYS A 120 8.19 -37.00 -17.54
C LYS A 120 7.62 -36.55 -18.89
N ARG A 121 7.32 -37.51 -19.77
CA ARG A 121 6.76 -37.17 -21.08
C ARG A 121 5.37 -36.57 -20.96
N GLN A 122 4.54 -37.10 -20.06
CA GLN A 122 3.20 -36.57 -19.88
C GLN A 122 3.24 -35.15 -19.32
N PHE A 123 4.13 -34.89 -18.36
CA PHE A 123 4.26 -33.55 -17.81
C PHE A 123 4.81 -32.57 -18.83
N LEU A 124 5.76 -33.02 -19.66
CA LEU A 124 6.28 -32.17 -20.72
C LEU A 124 5.20 -31.85 -21.75
N HIS A 125 4.34 -32.82 -22.05
CA HIS A 125 3.22 -32.57 -22.95
C HIS A 125 2.23 -31.59 -22.34
N GLU A 126 1.98 -31.69 -21.04
CA GLU A 126 1.10 -30.73 -20.37
C GLU A 126 1.69 -29.33 -20.38
N LEU A 127 3.00 -29.21 -20.17
CA LEU A 127 3.65 -27.90 -20.12
C LEU A 127 3.70 -27.22 -21.48
N ARG A 128 3.58 -27.97 -22.57
CA ARG A 128 3.76 -27.44 -23.92
C ARG A 128 2.46 -27.17 -24.64
N ARG A 129 1.34 -27.14 -23.93
CA ARG A 129 0.08 -26.80 -24.56
C ARG A 129 0.09 -25.33 -25.00
N PRO A 130 -0.58 -25.01 -26.12
CA PRO A 130 -0.57 -23.62 -26.60
C PRO A 130 -1.23 -22.63 -25.64
N GLY A 131 -2.24 -23.05 -24.90
CA GLY A 131 -2.99 -22.13 -24.06
C GLY A 131 -2.53 -22.06 -22.62
N VAL A 132 -1.30 -22.52 -22.35
CA VAL A 132 -0.80 -22.53 -20.98
C VAL A 132 -0.43 -21.12 -20.55
N ASP A 133 -0.98 -20.69 -19.44
CA ASP A 133 -0.65 -19.42 -18.81
C ASP A 133 0.19 -19.68 -17.56
N ASN A 134 0.45 -18.62 -16.79
CA ASN A 134 1.33 -18.74 -15.63
C ASN A 134 0.73 -19.63 -14.56
N LEU A 135 -0.58 -19.52 -14.31
CA LEU A 135 -1.23 -20.27 -13.25
C LEU A 135 -1.17 -21.77 -13.52
N ARG A 136 -1.51 -22.19 -14.73
CA ARG A 136 -1.45 -23.60 -15.09
C ARG A 136 -0.01 -24.10 -15.07
N ARG A 137 0.94 -23.26 -15.47
CA ARG A 137 2.35 -23.64 -15.46
C ARG A 137 2.83 -23.91 -14.04
N MET A 138 2.47 -23.02 -13.10
CA MET A 138 2.87 -23.25 -11.71
C MET A 138 2.17 -24.45 -11.11
N GLY A 139 0.91 -24.70 -11.51
CA GLY A 139 0.23 -25.89 -11.04
C GLY A 139 0.91 -27.17 -11.51
N ILE A 140 1.30 -27.21 -12.78
CA ILE A 140 1.99 -28.38 -13.31
C ILE A 140 3.36 -28.53 -12.66
N LEU A 141 4.07 -27.43 -12.43
CA LEU A 141 5.37 -27.50 -11.78
C LEU A 141 5.25 -28.01 -10.35
N LYS A 142 4.20 -27.57 -9.63
CA LYS A 142 3.99 -28.07 -8.27
C LYS A 142 3.64 -29.56 -8.27
N LYS A 143 2.86 -30.00 -9.27
CA LYS A 143 2.57 -31.44 -9.39
C LYS A 143 3.84 -32.23 -9.67
N ILE A 144 4.72 -31.70 -10.52
CA ILE A 144 5.99 -32.35 -10.81
C ILE A 144 6.84 -32.44 -9.54
N LEU A 145 6.88 -31.36 -8.78
CA LEU A 145 7.67 -31.35 -7.54
C LEU A 145 7.12 -32.34 -6.52
N ASP A 146 5.79 -32.44 -6.41
CA ASP A 146 5.19 -33.40 -5.51
C ASP A 146 5.50 -34.83 -5.93
N GLN A 147 5.40 -35.12 -7.23
CA GLN A 147 5.71 -36.46 -7.70
C GLN A 147 7.18 -36.80 -7.51
N CYS A 148 8.06 -35.79 -7.63
CA CYS A 148 9.47 -36.01 -7.34
C CYS A 148 9.70 -36.26 -5.86
N LYS A 149 8.94 -35.57 -4.99
CA LYS A 149 9.05 -35.80 -3.56
C LYS A 149 8.60 -37.20 -3.19
N LYS A 150 7.56 -37.72 -3.85
CA LYS A 150 7.06 -39.05 -3.53
C LYS A 150 7.97 -40.17 -4.00
N GLN A 151 9.00 -39.87 -4.78
CA GLN A 151 9.93 -40.90 -5.26
C GLN A 151 10.92 -41.23 -4.16
N ARG A 152 11.04 -42.51 -3.82
CA ARG A 152 11.88 -42.94 -2.71
C ARG A 152 13.29 -43.28 -3.14
N ARG A 153 13.47 -43.84 -4.32
CA ARG A 153 14.79 -44.19 -4.84
C ARG A 153 14.90 -43.73 -6.28
N CYS A 154 16.11 -43.39 -6.69
CA CYS A 154 16.34 -42.89 -8.04
C CYS A 154 16.16 -44.00 -9.06
N LEU A 155 16.03 -43.60 -10.32
CA LEU A 155 15.85 -44.55 -11.40
C LEU A 155 17.15 -44.88 -12.11
N HIS A 156 18.02 -43.88 -12.30
CA HIS A 156 19.31 -44.13 -12.93
C HIS A 156 20.33 -44.72 -11.98
N CYS A 157 20.05 -44.70 -10.67
CA CYS A 157 20.91 -45.32 -9.68
C CYS A 157 20.05 -45.75 -8.51
N GLY A 158 20.61 -46.59 -7.66
CA GLY A 158 19.86 -47.13 -6.54
C GLY A 158 19.92 -46.29 -5.28
N ALA A 159 20.33 -45.02 -5.43
CA ALA A 159 20.53 -44.16 -4.28
C ALA A 159 19.21 -43.82 -3.59
N LEU A 160 19.28 -43.63 -2.28
CA LEU A 160 18.13 -43.27 -1.48
C LEU A 160 18.00 -41.75 -1.40
N ASN A 161 16.76 -41.26 -1.54
CA ASN A 161 16.48 -39.83 -1.51
C ASN A 161 15.44 -39.55 -0.45
N GLY A 162 15.76 -38.66 0.49
CA GLY A 162 14.88 -38.34 1.58
C GLY A 162 14.14 -37.03 1.40
N VAL A 163 14.24 -36.14 2.37
CA VAL A 163 13.56 -34.85 2.35
C VAL A 163 14.60 -33.75 2.44
N VAL A 164 14.48 -32.73 1.58
CA VAL A 164 15.40 -31.60 1.53
C VAL A 164 14.66 -30.38 2.07
N LYS A 165 15.27 -29.69 3.03
CA LYS A 165 14.60 -28.58 3.69
C LYS A 165 15.63 -27.61 4.25
N LYS A 166 15.12 -26.52 4.83
CA LYS A 166 15.97 -25.58 5.54
C LYS A 166 16.42 -26.19 6.87
N ALA A 167 17.55 -25.69 7.37
CA ALA A 167 18.14 -26.27 8.58
C ALA A 167 17.31 -25.95 9.81
N ALA A 168 16.92 -24.69 10.00
CA ALA A 168 16.22 -24.27 11.20
C ALA A 168 15.00 -23.40 10.95
N ALA A 169 14.87 -22.77 9.78
CA ALA A 169 13.76 -21.88 9.44
C ALA A 169 13.62 -20.76 10.47
N GLY A 170 14.65 -19.92 10.54
CA GLY A 170 14.66 -18.79 11.43
C GLY A 170 15.06 -17.50 10.76
N ALA A 171 16.01 -16.78 11.35
CA ALA A 171 16.49 -15.53 10.78
C ALA A 171 18.01 -15.37 10.86
N GLY A 172 18.74 -16.37 11.31
CA GLY A 172 20.18 -16.30 11.44
C GLY A 172 20.90 -16.97 10.28
N SER A 173 22.11 -17.45 10.56
CA SER A 173 22.87 -18.16 9.53
C SER A 173 22.23 -19.50 9.22
N ALA A 174 21.66 -20.16 10.23
CA ALA A 174 21.03 -21.47 10.04
C ALA A 174 19.82 -21.40 9.12
N ALA A 175 19.23 -20.21 8.93
CA ALA A 175 18.14 -20.06 7.99
C ALA A 175 18.60 -20.12 6.54
N LEU A 176 19.91 -20.07 6.28
CA LEU A 176 20.45 -20.13 4.93
C LEU A 176 21.27 -21.41 4.74
N LYS A 177 20.82 -22.50 5.34
CA LYS A 177 21.47 -23.80 5.22
C LYS A 177 20.48 -24.82 4.71
N ILE A 178 20.95 -25.74 3.88
CA ILE A 178 20.12 -26.76 3.25
C ILE A 178 20.52 -28.12 3.83
N ILE A 179 19.56 -28.87 4.32
CA ILE A 179 19.80 -30.18 4.92
C ILE A 179 18.94 -31.22 4.23
N HIS A 180 19.52 -32.40 4.01
CA HIS A 180 18.88 -33.51 3.33
C HIS A 180 18.87 -34.68 4.30
N ASP A 181 17.66 -35.09 4.71
CA ASP A 181 17.46 -36.26 5.55
C ASP A 181 17.24 -37.45 4.63
N THR A 182 18.26 -38.30 4.49
CA THR A 182 18.18 -39.44 3.58
C THR A 182 17.31 -40.55 4.15
N PHE A 183 17.36 -40.75 5.47
CA PHE A 183 16.70 -41.87 6.12
C PHE A 183 15.38 -41.47 6.79
N ARG A 184 14.69 -40.46 6.25
CA ARG A 184 13.42 -40.08 6.85
C ARG A 184 12.32 -41.08 6.46
N TRP A 185 12.35 -41.57 5.21
CA TRP A 185 11.45 -42.61 4.76
C TRP A 185 12.13 -43.98 4.71
N VAL A 186 13.10 -44.23 5.59
CA VAL A 186 13.87 -45.47 5.53
C VAL A 186 13.00 -46.67 5.91
N GLY A 187 11.94 -46.44 6.67
CA GLY A 187 11.07 -47.54 7.05
C GLY A 187 11.68 -48.35 8.17
N LYS A 188 11.84 -49.65 7.93
CA LYS A 188 12.31 -50.58 8.96
C LYS A 188 13.60 -51.28 8.60
N LYS A 189 13.72 -51.79 7.38
CA LYS A 189 14.82 -52.69 7.03
C LYS A 189 15.20 -52.49 5.57
N SER A 190 16.25 -53.20 5.15
CA SER A 190 16.71 -53.26 3.77
C SER A 190 17.11 -51.89 3.23
N ALA A 191 18.16 -51.34 3.83
CA ALA A 191 18.75 -50.08 3.38
C ALA A 191 20.27 -50.16 3.49
N PRO A 192 20.97 -50.44 2.39
CA PRO A 192 22.44 -50.46 2.44
C PRO A 192 23.05 -49.11 2.78
N GLU A 193 22.39 -48.02 2.41
CA GLU A 193 22.87 -46.69 2.80
C GLU A 193 22.86 -46.53 4.31
N LYS A 194 21.82 -47.07 4.96
CA LYS A 194 21.78 -47.05 6.43
C LYS A 194 22.92 -47.86 7.02
N ASP A 195 23.27 -48.98 6.39
CA ASP A 195 24.39 -49.79 6.86
C ASP A 195 25.72 -49.03 6.72
N ILE A 196 25.90 -48.33 5.60
CA ILE A 196 27.12 -47.54 5.42
C ILE A 196 27.16 -46.41 6.45
N TRP A 197 26.02 -45.77 6.70
CA TRP A 197 25.94 -44.69 7.66
C TRP A 197 26.29 -45.16 9.07
N VAL A 198 25.72 -46.31 9.49
CA VAL A 198 26.00 -46.80 10.83
C VAL A 198 27.43 -47.33 10.92
N GLY A 199 28.00 -47.82 9.81
CA GLY A 199 29.41 -48.17 9.82
C GLY A 199 30.31 -46.96 10.02
N GLU A 200 30.00 -45.86 9.31
CA GLU A 200 30.75 -44.62 9.48
C GLU A 200 30.68 -44.13 10.91
N TRP A 201 29.49 -44.15 11.50
CA TRP A 201 29.35 -43.60 12.85
C TRP A 201 29.94 -44.54 13.90
N LYS A 202 29.90 -45.85 13.68
CA LYS A 202 30.60 -46.77 14.56
C LYS A 202 32.10 -46.56 14.48
N GLU A 203 32.62 -46.27 13.29
CA GLU A 203 34.04 -46.00 13.14
C GLU A 203 34.44 -44.70 13.84
N VAL A 204 33.61 -43.66 13.73
CA VAL A 204 34.03 -42.36 14.25
C VAL A 204 33.77 -42.25 15.76
N LEU A 205 32.79 -42.99 16.28
CA LEU A 205 32.58 -42.99 17.72
C LEU A 205 33.56 -43.89 18.47
N ALA A 206 34.36 -44.67 17.75
CA ALA A 206 35.42 -45.43 18.41
C ALA A 206 36.51 -44.54 18.97
N HIS A 207 36.64 -43.32 18.45
CA HIS A 207 37.65 -42.38 18.92
C HIS A 207 37.06 -41.22 19.72
N ASN A 208 35.86 -40.76 19.39
CA ASN A 208 35.21 -39.64 20.06
C ASN A 208 33.80 -40.04 20.45
N PRO A 209 33.62 -40.72 21.60
CA PRO A 209 32.26 -41.08 22.03
C PRO A 209 31.37 -39.89 22.33
N GLU A 210 31.94 -38.72 22.63
CA GLU A 210 31.16 -37.58 23.09
C GLU A 210 30.17 -37.06 22.07
N LEU A 211 30.32 -37.44 20.80
CA LEU A 211 29.40 -37.03 19.76
C LEU A 211 28.18 -37.93 19.65
N GLU A 212 28.06 -38.95 20.52
CA GLU A 212 26.97 -39.91 20.42
C GLU A 212 25.60 -39.25 20.54
N ARG A 213 25.49 -38.22 21.39
CA ARG A 213 24.22 -37.52 21.53
C ARG A 213 23.86 -36.68 20.31
N TYR A 214 24.83 -36.39 19.44
CA TYR A 214 24.60 -35.54 18.28
C TYR A 214 24.41 -36.31 16.99
N VAL A 215 24.45 -37.65 17.03
CA VAL A 215 24.31 -38.44 15.82
C VAL A 215 22.89 -38.34 15.27
N LYS A 216 21.89 -38.17 16.14
CA LYS A 216 20.50 -38.12 15.70
C LYS A 216 20.23 -36.91 14.81
N ARG A 217 20.81 -35.76 15.16
CA ARG A 217 20.59 -34.55 14.39
C ARG A 217 21.51 -34.44 13.17
N CYS A 218 22.41 -35.39 12.98
CA CYS A 218 23.33 -35.32 11.85
C CYS A 218 22.64 -35.75 10.57
N MET A 219 22.60 -34.85 9.60
CA MET A 219 21.93 -35.08 8.34
C MET A 219 22.81 -34.53 7.22
N ASP A 220 22.53 -34.96 6.00
CA ASP A 220 23.41 -34.67 4.86
C ASP A 220 23.31 -33.19 4.52
N ASP A 221 24.31 -32.41 4.95
CA ASP A 221 24.30 -30.99 4.64
C ASP A 221 24.60 -30.75 3.16
N LEU A 222 24.12 -29.60 2.67
CA LEU A 222 24.34 -29.20 1.28
C LEU A 222 24.92 -27.79 1.29
N ASN A 223 26.24 -27.69 1.42
CA ASN A 223 26.91 -26.41 1.31
C ASN A 223 26.83 -25.92 -0.13
N PRO A 224 26.98 -24.60 -0.35
CA PRO A 224 26.85 -24.08 -1.72
C PRO A 224 27.86 -24.65 -2.71
N LEU A 225 29.03 -25.09 -2.26
CA LEU A 225 29.99 -25.71 -3.17
C LEU A 225 29.48 -27.06 -3.66
N LYS A 226 29.02 -27.91 -2.74
CA LYS A 226 28.47 -29.21 -3.14
C LYS A 226 27.17 -29.03 -3.92
N THR A 227 26.36 -28.03 -3.56
CA THR A 227 25.14 -27.77 -4.30
C THR A 227 25.45 -27.34 -5.73
N LEU A 228 26.45 -26.48 -5.91
CA LEU A 228 26.86 -26.07 -7.24
C LEU A 228 27.40 -27.23 -8.05
N ASN A 229 28.24 -28.06 -7.43
CA ASN A 229 28.79 -29.23 -8.12
C ASN A 229 27.70 -30.24 -8.46
N LEU A 230 26.64 -30.31 -7.65
CA LEU A 230 25.52 -31.19 -7.96
C LEU A 230 24.67 -30.61 -9.07
N PHE A 231 24.57 -29.28 -9.13
CA PHE A 231 23.81 -28.63 -10.20
C PHE A 231 24.53 -28.71 -11.53
N LYS A 232 25.87 -28.81 -11.52
CA LYS A 232 26.62 -28.71 -12.76
C LYS A 232 26.34 -29.87 -13.71
N GLN A 233 26.15 -31.08 -13.19
CA GLN A 233 25.79 -32.22 -14.03
C GLN A 233 24.30 -32.55 -13.97
N ILE A 234 23.45 -31.55 -13.81
CA ILE A 234 22.03 -31.72 -14.08
C ILE A 234 21.84 -31.72 -15.59
N LYS A 235 21.20 -32.75 -16.11
CA LYS A 235 20.98 -32.85 -17.55
C LYS A 235 20.03 -31.75 -18.02
N SER A 236 20.34 -31.19 -19.20
CA SER A 236 19.55 -30.09 -19.72
C SER A 236 18.14 -30.51 -20.10
N ALA A 237 17.94 -31.80 -20.40
CA ALA A 237 16.60 -32.28 -20.72
C ALA A 237 15.66 -32.26 -19.52
N ASP A 238 16.20 -32.23 -18.30
CA ASP A 238 15.40 -32.17 -17.09
C ASP A 238 15.19 -30.74 -16.60
N CYS A 239 15.77 -29.74 -17.26
CA CYS A 239 15.67 -28.37 -16.78
C CYS A 239 14.29 -27.78 -17.05
N GLU A 240 13.60 -28.24 -18.09
CA GLU A 240 12.27 -27.72 -18.39
C GLU A 240 11.27 -28.11 -17.30
N LEU A 241 11.43 -29.32 -16.74
CA LEU A 241 10.54 -29.77 -15.68
C LEU A 241 10.76 -29.02 -14.37
N LEU A 242 11.92 -28.39 -14.22
CA LEU A 242 12.20 -27.58 -13.04
C LEU A 242 11.85 -26.11 -13.25
N GLY A 243 11.39 -25.74 -14.44
CA GLY A 243 10.99 -24.38 -14.72
C GLY A 243 12.02 -23.52 -15.43
N ILE A 244 13.12 -24.11 -15.90
CA ILE A 244 14.22 -23.36 -16.50
C ILE A 244 14.27 -23.71 -17.99
N ASP A 245 14.34 -22.68 -18.82
CA ASP A 245 14.51 -22.86 -20.26
C ASP A 245 15.99 -23.08 -20.57
N ALA A 246 16.32 -24.25 -21.10
CA ALA A 246 17.71 -24.62 -21.35
C ALA A 246 18.18 -24.32 -22.76
N THR A 247 17.35 -23.67 -23.58
CA THR A 247 17.74 -23.33 -24.94
C THR A 247 18.71 -22.16 -25.02
N VAL A 248 18.89 -21.42 -23.93
CA VAL A 248 19.83 -20.30 -23.90
C VAL A 248 21.00 -20.71 -23.02
N PRO A 249 22.20 -20.14 -23.22
CA PRO A 249 23.34 -20.52 -22.37
C PRO A 249 23.16 -20.17 -20.90
N SER A 250 22.41 -19.13 -20.59
CA SER A 250 22.24 -18.69 -19.20
C SER A 250 21.11 -19.41 -18.49
N GLY A 251 20.41 -20.32 -19.16
CA GLY A 251 19.32 -21.04 -18.53
C GLY A 251 19.76 -22.33 -17.87
N ARG A 252 20.54 -22.21 -16.80
CA ARG A 252 21.05 -23.36 -16.07
C ARG A 252 20.80 -23.15 -14.59
N PRO A 253 20.64 -24.24 -13.82
CA PRO A 253 20.46 -24.10 -12.37
C PRO A 253 21.64 -23.44 -11.67
N GLU A 254 22.88 -23.73 -12.11
CA GLU A 254 24.06 -23.21 -11.45
C GLU A 254 24.20 -21.70 -11.60
N THR A 255 23.44 -21.10 -12.51
CA THR A 255 23.38 -19.65 -12.61
C THR A 255 22.80 -19.02 -11.35
N TYR A 256 21.89 -19.72 -10.67
CA TYR A 256 21.21 -19.16 -9.51
C TYR A 256 21.99 -19.34 -8.20
N ILE A 257 23.29 -19.57 -8.29
CA ILE A 257 24.17 -19.62 -7.14
C ILE A 257 25.26 -18.58 -7.32
N TRP A 258 25.49 -17.76 -6.30
CA TRP A 258 26.44 -16.65 -6.38
C TRP A 258 27.86 -17.14 -6.58
N ARG A 259 28.42 -16.86 -7.75
CA ARG A 259 29.85 -17.05 -8.00
C ARG A 259 30.54 -15.75 -8.35
N TYR A 260 29.96 -14.95 -9.24
CA TYR A 260 30.43 -13.62 -9.55
C TYR A 260 29.37 -12.61 -9.13
N LEU A 261 29.76 -11.64 -8.31
CA LEU A 261 28.86 -10.60 -7.86
C LEU A 261 29.06 -9.38 -8.75
N PRO A 262 28.05 -8.94 -9.50
CA PRO A 262 28.20 -7.73 -10.30
C PRO A 262 28.17 -6.49 -9.41
N ALA A 263 29.30 -5.80 -9.34
CA ALA A 263 29.40 -4.55 -8.61
C ALA A 263 28.65 -3.46 -9.35
N PRO A 264 27.67 -2.81 -8.73
CA PRO A 264 26.83 -1.85 -9.44
C PRO A 264 27.62 -0.60 -9.79
N PRO A 265 27.16 0.18 -10.78
CA PRO A 265 27.80 1.46 -11.05
C PRO A 265 27.64 2.40 -9.87
N VAL A 266 28.63 3.28 -9.69
CA VAL A 266 28.58 4.22 -8.58
C VAL A 266 27.56 5.32 -8.82
N CYS A 267 27.03 5.43 -10.03
CA CYS A 267 25.99 6.41 -10.31
C CYS A 267 24.65 6.03 -9.70
N ILE A 268 24.46 4.77 -9.32
CA ILE A 268 23.25 4.35 -8.63
C ILE A 268 23.48 4.12 -7.15
N ARG A 269 24.73 4.17 -6.69
CA ARG A 269 25.07 4.18 -5.26
C ARG A 269 26.03 5.32 -4.99
N PRO A 270 25.59 6.57 -5.15
CA PRO A 270 26.52 7.70 -5.08
C PRO A 270 26.88 8.04 -3.65
N SER A 271 28.06 8.64 -3.50
CA SER A 271 28.51 9.11 -2.19
C SER A 271 27.78 10.40 -1.84
N VAL A 272 27.20 10.44 -0.63
CA VAL A 272 26.46 11.62 -0.20
C VAL A 272 27.42 12.77 0.06
N MET A 273 26.96 13.98 -0.22
CA MET A 273 27.77 15.17 0.04
C MET A 273 27.95 15.38 1.54
N MET A 274 28.97 16.17 1.87
CA MET A 274 29.33 16.37 3.27
C MET A 274 28.29 17.23 3.99
N GLN A 275 28.18 17.03 5.30
CA GLN A 275 27.31 17.81 6.16
C GLN A 275 28.08 18.66 7.15
N ASP A 276 28.94 18.05 7.97
CA ASP A 276 29.73 18.79 8.93
C ASP A 276 31.18 18.31 9.01
N SER A 277 31.60 17.38 8.17
CA SER A 277 32.94 16.82 8.17
C SER A 277 33.52 16.86 6.77
N PRO A 278 34.84 17.00 6.64
CA PRO A 278 35.45 16.97 5.30
C PRO A 278 35.23 15.66 4.56
N ALA A 279 35.06 14.55 5.27
CA ALA A 279 34.82 13.27 4.63
C ALA A 279 33.39 13.20 4.10
N SER A 280 33.17 12.27 3.17
CA SER A 280 31.87 12.06 2.54
C SER A 280 31.35 10.68 2.90
N ASN A 281 30.08 10.62 3.30
CA ASN A 281 29.47 9.34 3.65
C ASN A 281 29.21 8.52 2.40
N GLU A 282 29.39 7.20 2.53
CA GLU A 282 29.20 6.27 1.43
C GLU A 282 27.87 5.54 1.57
N ASP A 283 27.36 5.06 0.44
CA ASP A 283 26.14 4.28 0.44
C ASP A 283 26.38 2.93 1.11
N ASP A 284 25.30 2.33 1.60
CA ASP A 284 25.42 1.04 2.29
C ASP A 284 25.87 -0.06 1.34
N LEU A 285 25.53 0.04 0.05
CA LEU A 285 25.94 -0.95 -0.92
C LEU A 285 27.44 -0.97 -1.10
N THR A 286 28.09 0.20 -1.12
CA THR A 286 29.54 0.25 -1.24
C THR A 286 30.24 -0.35 -0.03
N VAL A 287 29.72 -0.07 1.16
CA VAL A 287 30.31 -0.63 2.38
C VAL A 287 30.15 -2.15 2.40
N LYS A 288 28.97 -2.64 2.02
CA LYS A 288 28.76 -4.09 1.96
C LYS A 288 29.63 -4.72 0.88
N LEU A 289 29.87 -4.03 -0.23
CA LEU A 289 30.75 -4.53 -1.26
C LEU A 289 32.18 -4.66 -0.75
N THR A 290 32.66 -3.65 -0.01
CA THR A 290 33.99 -3.73 0.58
C THR A 290 34.08 -4.85 1.61
N GLU A 291 33.02 -5.04 2.40
CA GLU A 291 33.01 -6.14 3.36
C GLU A 291 33.03 -7.49 2.67
N ILE A 292 32.31 -7.63 1.56
CA ILE A 292 32.35 -8.86 0.77
C ILE A 292 33.75 -9.11 0.22
N VAL A 293 34.40 -8.05 -0.27
CA VAL A 293 35.77 -8.18 -0.76
C VAL A 293 36.70 -8.66 0.34
N TRP A 294 36.57 -8.06 1.53
CA TRP A 294 37.44 -8.44 2.65
C TRP A 294 37.21 -9.88 3.08
N THR A 295 35.94 -10.29 3.17
CA THR A 295 35.63 -11.66 3.60
C THR A 295 36.11 -12.68 2.58
N SER A 296 35.94 -12.39 1.28
CA SER A 296 36.41 -13.29 0.25
C SER A 296 37.94 -13.38 0.25
N SER A 297 38.61 -12.25 0.47
CA SER A 297 40.07 -12.27 0.57
C SER A 297 40.53 -13.10 1.76
N LEU A 298 39.84 -12.98 2.89
CA LEU A 298 40.19 -13.76 4.06
C LEU A 298 39.98 -15.25 3.81
N ILE A 299 38.88 -15.60 3.14
CA ILE A 299 38.61 -17.01 2.83
C ILE A 299 39.67 -17.56 1.89
N LYS A 300 40.05 -16.80 0.87
CA LYS A 300 41.10 -17.25 -0.06
C LYS A 300 42.44 -17.43 0.65
N ALA A 301 42.80 -16.47 1.51
CA ALA A 301 44.07 -16.59 2.24
C ALA A 301 44.05 -17.79 3.18
N GLY A 302 42.92 -18.05 3.83
CA GLY A 302 42.81 -19.21 4.68
C GLY A 302 42.90 -20.52 3.92
N LEU A 303 42.30 -20.57 2.73
CA LEU A 303 42.40 -21.77 1.90
C LEU A 303 43.82 -21.97 1.41
N ASP A 304 44.53 -20.88 1.10
CA ASP A 304 45.89 -21.00 0.58
C ASP A 304 46.93 -21.19 1.67
N LYS A 305 46.62 -20.92 2.94
CA LYS A 305 47.59 -21.10 4.01
C LYS A 305 47.15 -22.08 5.10
N GLY A 306 45.92 -22.58 5.06
CA GLY A 306 45.54 -23.67 5.95
C GLY A 306 45.06 -23.27 7.32
N ILE A 307 44.01 -22.46 7.39
CA ILE A 307 43.38 -22.14 8.66
C ILE A 307 42.45 -23.27 9.05
N SER A 308 41.99 -23.24 10.30
CA SER A 308 41.11 -24.30 10.80
C SER A 308 39.80 -24.32 10.04
N ILE A 309 39.25 -25.52 9.87
CA ILE A 309 38.03 -25.71 9.08
C ILE A 309 36.85 -25.01 9.73
N ASN A 310 36.82 -24.98 11.06
CA ASN A 310 35.77 -24.24 11.76
C ASN A 310 35.79 -22.76 11.40
N ASN A 311 36.98 -22.16 11.36
CA ASN A 311 37.11 -20.75 10.99
C ASN A 311 36.73 -20.54 9.53
N MET A 312 37.12 -21.46 8.64
CA MET A 312 36.76 -21.34 7.24
C MET A 312 35.26 -21.40 7.04
N MET A 313 34.58 -22.31 7.74
CA MET A 313 33.13 -22.40 7.62
C MET A 313 32.44 -21.19 8.25
N GLU A 314 32.99 -20.68 9.36
CA GLU A 314 32.43 -19.48 9.96
C GLU A 314 32.54 -18.28 9.03
N HIS A 315 33.69 -18.12 8.37
CA HIS A 315 33.86 -17.02 7.44
C HIS A 315 33.04 -17.22 6.17
N TRP A 316 32.83 -18.47 5.75
CA TRP A 316 31.93 -18.75 4.64
C TRP A 316 30.50 -18.34 4.97
N ASP A 317 30.05 -18.67 6.18
CA ASP A 317 28.72 -18.24 6.62
C ASP A 317 28.63 -16.74 6.74
N TYR A 318 29.70 -16.09 7.21
CA TYR A 318 29.72 -14.63 7.27
C TYR A 318 29.63 -14.01 5.88
N LEU A 319 30.33 -14.58 4.90
CA LEU A 319 30.24 -14.09 3.53
C LEU A 319 28.83 -14.27 2.97
N GLN A 320 28.22 -15.43 3.23
CA GLN A 320 26.86 -15.67 2.77
C GLN A 320 25.88 -14.68 3.39
N LEU A 321 26.02 -14.43 4.69
CA LEU A 321 25.15 -13.47 5.37
C LEU A 321 25.37 -12.06 4.85
N THR A 322 26.63 -11.69 4.59
CA THR A 322 26.93 -10.36 4.06
C THR A 322 26.33 -10.16 2.68
N VAL A 323 26.42 -11.16 1.81
CA VAL A 323 25.82 -11.05 0.48
C VAL A 323 24.29 -11.02 0.59
N ALA A 324 23.73 -11.78 1.53
CA ALA A 324 22.28 -11.75 1.75
C ALA A 324 21.83 -10.37 2.19
N MET A 325 22.56 -9.74 3.12
CA MET A 325 22.23 -8.39 3.54
C MET A 325 22.41 -7.39 2.41
N TYR A 326 23.41 -7.63 1.56
CA TYR A 326 23.63 -6.78 0.39
C TYR A 326 22.45 -6.85 -0.57
N ILE A 327 21.82 -8.02 -0.70
CA ILE A 327 20.63 -8.14 -1.54
C ILE A 327 19.38 -7.78 -0.76
N ASN A 328 19.14 -8.41 0.39
CA ASN A 328 17.92 -8.19 1.17
C ASN A 328 18.31 -8.08 2.64
N SER A 329 18.18 -6.87 3.20
CA SER A 329 18.69 -6.62 4.54
C SER A 329 17.81 -7.25 5.61
N ASP A 330 16.49 -7.26 5.41
CA ASP A 330 15.60 -7.80 6.43
C ASP A 330 15.46 -9.31 6.38
N SER A 331 16.12 -9.98 5.42
CA SER A 331 16.08 -11.43 5.34
C SER A 331 16.79 -12.10 6.51
N VAL A 332 17.91 -11.52 6.98
CA VAL A 332 18.68 -12.09 8.06
C VAL A 332 18.94 -11.04 9.13
N ASN A 333 19.20 -11.50 10.35
CA ASN A 333 19.41 -10.62 11.49
C ASN A 333 20.81 -10.03 11.44
N PRO A 334 20.96 -8.70 11.49
CA PRO A 334 22.31 -8.11 11.56
C PRO A 334 23.07 -8.47 12.82
N ALA A 335 22.40 -8.92 13.87
CA ALA A 335 23.09 -9.26 15.11
C ALA A 335 23.96 -10.50 14.96
N MET A 336 23.71 -11.33 13.95
CA MET A 336 24.52 -12.51 13.73
C MET A 336 25.92 -12.19 13.22
N LEU A 337 26.11 -11.01 12.63
CA LEU A 337 27.44 -10.61 12.19
C LEU A 337 28.31 -10.25 13.40
N PRO A 338 29.62 -10.48 13.31
CA PRO A 338 30.48 -10.14 14.46
C PRO A 338 30.59 -8.66 14.73
N GLY A 339 30.51 -7.82 13.68
CA GLY A 339 30.59 -6.39 13.89
C GLY A 339 29.39 -5.83 14.64
N SER A 340 28.20 -6.29 14.31
CA SER A 340 26.98 -5.82 14.95
C SER A 340 26.50 -6.81 16.01
N VAL A 347 20.35 -1.21 16.03
CA VAL A 347 21.06 -0.87 14.81
C VAL A 347 20.08 -0.66 13.67
N LYS A 348 20.23 0.45 12.95
CA LYS A 348 19.39 0.73 11.81
C LYS A 348 19.72 -0.24 10.68
N PRO A 349 18.74 -0.94 10.11
CA PRO A 349 19.03 -1.91 9.06
C PRO A 349 19.37 -1.22 7.75
N ILE A 350 20.40 -1.72 7.07
CA ILE A 350 20.92 -1.06 5.88
C ILE A 350 19.88 -1.07 4.76
N ARG A 351 20.05 -0.14 3.82
CA ARG A 351 19.15 -0.03 2.66
C ARG A 351 19.69 -0.94 1.57
N GLY A 352 19.27 -2.20 1.60
CA GLY A 352 19.66 -3.16 0.59
C GLY A 352 18.94 -2.93 -0.72
N PHE A 353 19.23 -3.82 -1.67
CA PHE A 353 18.64 -3.70 -3.00
C PHE A 353 17.14 -3.96 -2.96
N CYS A 354 16.71 -4.88 -2.10
CA CYS A 354 15.28 -5.16 -1.99
C CYS A 354 14.55 -4.04 -1.28
N GLN A 355 15.22 -3.36 -0.35
CA GLN A 355 14.61 -2.22 0.34
C GLN A 355 14.45 -1.03 -0.59
N ARG A 356 15.28 -0.92 -1.61
CA ARG A 356 15.15 0.17 -2.58
C ARG A 356 13.98 -0.02 -3.52
N LEU A 357 13.43 -1.24 -3.59
CA LEU A 357 12.38 -1.56 -4.56
C LEU A 357 11.01 -1.71 -3.92
N LYS A 358 10.93 -2.04 -2.64
CA LYS A 358 9.66 -2.28 -1.96
C LYS A 358 9.21 -1.05 -1.19
N GLY A 359 7.91 -1.00 -0.92
CA GLY A 359 7.34 0.07 -0.13
C GLY A 359 6.84 1.22 -0.96
N LYS A 360 6.25 2.21 -0.27
CA LYS A 360 5.74 3.39 -0.94
C LYS A 360 6.86 4.33 -1.37
N GLN A 361 8.06 4.18 -0.82
CA GLN A 361 9.20 4.99 -1.20
C GLN A 361 10.16 4.25 -2.11
N GLY A 362 9.76 3.07 -2.60
CA GLY A 362 10.60 2.31 -3.50
C GLY A 362 10.57 2.83 -4.91
N ARG A 363 11.27 2.12 -5.80
CA ARG A 363 11.34 2.52 -7.20
C ARG A 363 9.98 2.42 -7.87
N PHE A 364 9.25 1.32 -7.61
CA PHE A 364 8.05 1.04 -8.38
C PHE A 364 6.91 1.98 -8.00
N ARG A 365 6.71 2.20 -6.70
CA ARG A 365 5.59 3.04 -6.26
C ARG A 365 5.98 4.49 -6.05
N GLY A 366 7.26 4.78 -5.86
CA GLY A 366 7.69 6.15 -5.60
C GLY A 366 8.32 6.85 -6.77
N ASN A 367 8.81 6.09 -7.75
CA ASN A 367 9.51 6.67 -8.89
C ASN A 367 9.04 6.17 -10.25
N LEU A 368 8.24 5.11 -10.32
CA LEU A 368 7.79 4.56 -11.60
C LEU A 368 6.30 4.71 -11.80
N SER A 369 5.48 4.20 -10.88
CA SER A 369 4.03 4.36 -11.01
C SER A 369 3.62 5.82 -10.85
N GLY A 370 4.26 6.52 -9.92
CA GLY A 370 4.03 7.94 -9.76
C GLY A 370 5.33 8.63 -9.40
N LYS A 371 5.46 9.88 -9.87
CA LYS A 371 6.70 10.60 -9.70
C LYS A 371 6.42 12.09 -9.68
N ARG A 372 7.39 12.85 -9.17
CA ARG A 372 7.30 14.30 -9.15
C ARG A 372 7.54 14.86 -10.55
N VAL A 373 6.80 15.90 -10.89
CA VAL A 373 6.79 16.44 -12.24
C VAL A 373 7.15 17.91 -12.22
N ASP A 374 7.55 18.42 -13.37
CA ASP A 374 7.88 19.83 -13.55
C ASP A 374 6.63 20.61 -13.97
N PHE A 375 6.76 21.94 -13.94
CA PHE A 375 5.72 22.87 -14.36
C PHE A 375 4.43 22.67 -13.57
N SER A 376 4.57 22.61 -12.25
CA SER A 376 3.45 22.41 -11.35
C SER A 376 3.52 23.44 -10.23
N GLY A 377 2.33 23.84 -9.76
CA GLY A 377 2.24 24.79 -8.67
C GLY A 377 1.14 24.41 -7.71
N ARG A 378 1.27 24.87 -6.47
CA ARG A 378 0.30 24.55 -5.44
C ARG A 378 -0.07 25.82 -4.68
N THR A 379 -1.38 26.07 -4.57
CA THR A 379 -1.80 27.30 -3.91
C THR A 379 -3.15 27.07 -3.24
N VAL A 380 -3.40 27.84 -2.17
CA VAL A 380 -4.72 27.88 -1.55
C VAL A 380 -5.75 28.38 -2.56
N ILE A 381 -6.95 27.81 -2.48
CA ILE A 381 -8.03 28.13 -3.39
C ILE A 381 -9.04 29.03 -2.69
N SER A 382 -9.66 29.91 -3.47
CA SER A 382 -10.70 30.82 -3.01
C SER A 382 -11.73 30.93 -4.12
N PRO A 383 -12.98 31.25 -3.79
CA PRO A 383 -14.03 31.27 -4.82
C PRO A 383 -13.92 32.48 -5.74
N ASP A 384 -14.51 32.32 -6.92
CA ASP A 384 -14.65 33.39 -7.90
C ASP A 384 -15.80 33.06 -8.85
N PRO A 385 -17.01 33.54 -8.58
CA PRO A 385 -18.16 33.17 -9.43
C PRO A 385 -18.16 33.84 -10.79
N ASN A 386 -17.38 34.91 -10.99
CA ASN A 386 -17.40 35.61 -12.27
C ASN A 386 -16.64 34.87 -13.35
N LEU A 387 -15.73 33.95 -12.98
CA LEU A 387 -15.12 33.07 -13.96
C LEU A 387 -16.14 32.08 -14.50
N SER A 388 -15.97 31.69 -15.75
CA SER A 388 -16.74 30.59 -16.31
C SER A 388 -16.32 29.28 -15.66
N ILE A 389 -17.19 28.27 -15.78
CA ILE A 389 -16.95 27.01 -15.09
C ILE A 389 -15.75 26.26 -15.68
N ASP A 390 -15.41 26.54 -16.94
CA ASP A 390 -14.25 25.93 -17.56
C ASP A 390 -13.00 26.80 -17.45
N GLU A 391 -12.92 27.65 -16.44
CA GLU A 391 -11.78 28.53 -16.24
C GLU A 391 -11.27 28.44 -14.81
N VAL A 392 -9.97 28.63 -14.65
CA VAL A 392 -9.34 28.75 -13.34
C VAL A 392 -8.46 30.00 -13.37
N ALA A 393 -8.45 30.75 -12.28
CA ALA A 393 -7.64 31.96 -12.18
C ALA A 393 -6.31 31.63 -11.53
N VAL A 394 -5.23 31.98 -12.22
CA VAL A 394 -3.86 31.70 -11.79
C VAL A 394 -3.25 33.03 -11.39
N PRO A 395 -2.52 33.09 -10.28
CA PRO A 395 -1.80 34.32 -9.94
C PRO A 395 -0.78 34.68 -10.98
N ASP A 396 -0.59 35.99 -11.20
CA ASP A 396 0.41 36.44 -12.17
C ASP A 396 1.82 36.12 -11.71
N ARG A 397 2.04 35.99 -10.40
CA ARG A 397 3.31 35.52 -9.89
C ARG A 397 3.58 34.08 -10.32
N VAL A 398 2.56 33.23 -10.23
CA VAL A 398 2.69 31.84 -10.66
C VAL A 398 2.80 31.78 -12.19
N ALA A 399 2.02 32.59 -12.89
CA ALA A 399 2.01 32.56 -14.35
C ALA A 399 3.34 32.98 -14.95
N LYS A 400 4.12 33.78 -14.22
CA LYS A 400 5.44 34.19 -14.69
C LYS A 400 6.50 33.13 -14.45
N VAL A 401 6.18 32.06 -13.72
CA VAL A 401 7.09 30.94 -13.53
C VAL A 401 6.70 29.75 -14.40
N LEU A 402 5.42 29.36 -14.35
CA LEU A 402 4.92 28.28 -15.19
C LEU A 402 4.87 28.76 -16.64
N THR A 403 5.67 28.15 -17.51
CA THR A 403 5.78 28.56 -18.89
C THR A 403 5.29 27.47 -19.82
N TYR A 404 4.94 27.88 -21.04
CA TYR A 404 4.57 26.96 -22.09
C TYR A 404 5.55 27.14 -23.25
N PRO A 405 6.16 26.07 -23.74
CA PRO A 405 7.08 26.18 -24.89
C PRO A 405 6.30 26.24 -26.20
N GLU A 406 6.24 27.42 -26.80
CA GLU A 406 5.58 27.61 -28.08
C GLU A 406 6.63 27.62 -29.18
N LYS A 407 6.42 26.80 -30.19
CA LYS A 407 7.32 26.74 -31.34
C LYS A 407 6.94 27.84 -32.32
N VAL A 408 7.94 28.55 -32.83
CA VAL A 408 7.68 29.67 -33.73
C VAL A 408 7.25 29.14 -35.08
N THR A 409 6.09 29.59 -35.54
CA THR A 409 5.54 29.24 -36.84
C THR A 409 5.40 30.51 -37.68
N ARG A 410 4.76 30.36 -38.84
CA ARG A 410 4.45 31.52 -39.66
C ARG A 410 3.17 32.21 -39.22
N TYR A 411 2.44 31.64 -38.26
CA TYR A 411 1.20 32.23 -37.78
C TYR A 411 1.36 32.96 -36.46
N ASN A 412 2.47 32.79 -35.75
CA ASN A 412 2.64 33.38 -34.44
C ASN A 412 4.03 33.99 -34.26
N ARG A 413 4.65 34.44 -35.34
CA ARG A 413 6.00 34.99 -35.22
C ARG A 413 6.00 36.35 -34.53
N HIS A 414 5.07 37.22 -34.92
CA HIS A 414 5.02 38.56 -34.34
C HIS A 414 4.63 38.52 -32.87
N LYS A 415 3.71 37.62 -32.50
CA LYS A 415 3.29 37.49 -31.11
C LYS A 415 4.46 37.08 -30.22
N LEU A 416 5.24 36.09 -30.66
CA LEU A 416 6.37 35.65 -29.87
C LEU A 416 7.51 36.67 -29.89
N GLN A 417 7.62 37.46 -30.96
CA GLN A 417 8.55 38.58 -30.95
C GLN A 417 8.18 39.58 -29.87
N GLU A 418 6.90 39.92 -29.77
CA GLU A 418 6.45 40.85 -28.75
C GLU A 418 6.65 40.28 -27.35
N LEU A 419 6.41 38.97 -27.17
CA LEU A 419 6.61 38.34 -25.88
C LEU A 419 8.09 38.35 -25.49
N ILE A 420 8.98 38.12 -26.45
CA ILE A 420 10.42 38.17 -26.19
C ILE A 420 10.83 39.59 -25.82
N VAL A 421 10.28 40.59 -26.51
CA VAL A 421 10.59 41.98 -26.22
C VAL A 421 10.15 42.34 -24.80
N ASN A 422 8.96 41.89 -24.39
CA ASN A 422 8.46 42.19 -23.06
C ASN A 422 9.36 41.62 -21.97
N GLY A 423 9.83 40.38 -22.14
CA GLY A 423 10.81 39.82 -21.27
C GLY A 423 10.25 39.06 -20.09
N PRO A 424 11.13 38.63 -19.19
CA PRO A 424 10.68 37.78 -18.07
C PRO A 424 9.91 38.51 -16.98
N ASN A 425 10.00 39.84 -16.91
CA ASN A 425 9.41 40.57 -15.80
C ASN A 425 7.98 41.01 -16.08
N VAL A 426 7.72 41.57 -17.26
CA VAL A 426 6.36 41.88 -17.66
C VAL A 426 5.63 40.58 -17.96
N HIS A 427 4.44 40.41 -17.39
CA HIS A 427 3.78 39.09 -17.44
C HIS A 427 3.49 38.59 -18.86
N PRO A 428 2.92 39.38 -19.79
CA PRO A 428 2.84 38.87 -21.16
C PRO A 428 4.20 38.84 -21.82
N GLY A 429 5.06 37.92 -21.39
CA GLY A 429 6.42 37.85 -21.87
C GLY A 429 6.93 36.43 -21.99
N ALA A 430 8.24 36.25 -21.88
CA ALA A 430 8.86 34.95 -22.01
C ALA A 430 10.11 34.87 -21.14
N ASN A 431 10.45 33.65 -20.74
CA ASN A 431 11.58 33.43 -19.85
C ASN A 431 12.79 32.82 -20.52
N TYR A 432 12.59 32.00 -21.56
CA TYR A 432 13.70 31.33 -22.22
C TYR A 432 13.45 31.27 -23.72
N LEU A 433 14.55 31.23 -24.47
CA LEU A 433 14.53 31.07 -25.91
C LEU A 433 15.50 29.97 -26.30
N LEU A 434 15.06 29.05 -27.15
CA LEU A 434 15.88 27.95 -27.62
C LEU A 434 15.92 28.00 -29.14
N LYS A 435 17.12 28.17 -29.69
CA LYS A 435 17.29 28.34 -31.12
C LYS A 435 17.19 26.99 -31.84
N ARG A 436 16.97 27.06 -33.15
CA ARG A 436 16.82 25.85 -33.95
C ARG A 436 18.12 25.05 -33.99
N ASN A 437 19.25 25.73 -34.14
CA ASN A 437 20.54 25.08 -34.31
C ASN A 437 21.31 24.92 -33.02
N GLU A 438 20.74 25.29 -31.89
CA GLU A 438 21.43 25.21 -30.60
C GLU A 438 20.87 24.10 -29.73
N ASP A 439 21.64 23.70 -28.74
CA ASP A 439 21.26 22.64 -27.82
C ASP A 439 20.93 23.13 -26.42
N ALA A 440 21.42 24.30 -26.02
CA ALA A 440 21.17 24.86 -24.70
C ALA A 440 20.36 26.14 -24.84
N ARG A 441 19.25 26.21 -24.11
CA ARG A 441 18.42 27.41 -24.15
C ARG A 441 19.12 28.56 -23.44
N ARG A 442 18.89 29.77 -23.93
CA ARG A 442 19.50 30.97 -23.38
C ARG A 442 18.49 31.69 -22.49
N ASN A 443 18.93 32.09 -21.31
CA ASN A 443 18.08 32.86 -20.40
C ASN A 443 17.77 34.22 -21.03
N LEU A 444 16.51 34.60 -20.97
CA LEU A 444 16.03 35.79 -21.67
C LEU A 444 16.12 37.05 -20.82
N ARG A 445 16.63 36.95 -19.59
CA ARG A 445 16.83 38.12 -18.75
C ARG A 445 18.22 38.71 -18.86
N TYR A 446 19.09 38.12 -19.67
CA TYR A 446 20.47 38.57 -19.81
C TYR A 446 20.81 39.10 -21.19
N GLY A 447 20.06 38.74 -22.22
CA GLY A 447 20.39 39.12 -23.57
C GLY A 447 19.94 40.53 -23.91
N ASP A 448 19.99 40.83 -25.21
CA ASP A 448 19.58 42.15 -25.69
C ASP A 448 18.06 42.30 -25.66
N ARG A 449 17.33 41.19 -25.90
CA ARG A 449 15.87 41.13 -26.02
C ARG A 449 15.32 41.94 -27.18
N MET A 450 16.17 42.47 -28.04
CA MET A 450 15.77 43.09 -29.28
C MET A 450 16.44 42.49 -30.49
N LYS A 451 17.70 42.04 -30.36
CA LYS A 451 18.32 41.27 -31.43
C LYS A 451 17.74 39.86 -31.49
N LEU A 452 17.42 39.28 -30.34
CA LEU A 452 16.82 37.94 -30.32
C LEU A 452 15.42 37.96 -30.94
N ALA A 453 14.65 39.01 -30.67
CA ALA A 453 13.32 39.12 -31.25
C ALA A 453 13.40 39.34 -32.76
N LYS A 454 14.36 40.14 -33.22
CA LYS A 454 14.47 40.41 -34.65
C LYS A 454 14.99 39.20 -35.41
N ASN A 455 15.91 38.44 -34.81
CA ASN A 455 16.47 37.25 -35.43
C ASN A 455 15.71 35.98 -35.07
N LEU A 456 14.41 36.10 -34.78
CA LEU A 456 13.60 34.94 -34.45
C LEU A 456 13.29 34.16 -35.73
N GLN A 457 13.92 32.99 -35.88
CA GLN A 457 13.68 32.14 -37.03
C GLN A 457 12.33 31.45 -36.89
N ILE A 458 12.01 30.58 -37.85
CA ILE A 458 10.69 29.99 -37.95
C ILE A 458 10.71 28.55 -37.41
N GLY A 459 11.67 28.23 -36.55
CA GLY A 459 11.72 26.92 -35.93
C GLY A 459 12.16 26.94 -34.47
N ASP A 460 12.22 28.12 -33.87
CA ASP A 460 12.67 28.26 -32.49
C ASP A 460 11.59 27.79 -31.53
N VAL A 461 11.98 27.62 -30.27
CA VAL A 461 11.05 27.31 -29.19
C VAL A 461 11.22 28.37 -28.11
N VAL A 462 10.18 29.16 -27.89
CA VAL A 462 10.21 30.22 -26.89
C VAL A 462 9.27 29.84 -25.75
N GLU A 463 9.79 29.89 -24.53
CA GLU A 463 9.02 29.47 -23.36
C GLU A 463 8.26 30.68 -22.83
N ARG A 464 7.07 30.90 -23.38
CA ARG A 464 6.30 32.07 -23.01
C ARG A 464 5.58 31.85 -21.68
N HIS A 465 5.20 32.95 -21.05
CA HIS A 465 4.47 32.87 -19.80
C HIS A 465 3.08 32.28 -20.01
N LEU A 466 2.55 31.66 -18.97
CA LEU A 466 1.18 31.17 -18.99
C LEU A 466 0.22 32.35 -19.14
N GLU A 467 -0.55 32.35 -20.22
CA GLU A 467 -1.43 33.46 -20.56
C GLU A 467 -2.88 33.02 -20.46
N ASP A 468 -3.78 33.94 -20.78
CA ASP A 468 -5.20 33.62 -20.82
C ASP A 468 -5.50 32.66 -21.96
N GLY A 469 -6.33 31.66 -21.67
CA GLY A 469 -6.67 30.65 -22.64
C GLY A 469 -5.78 29.42 -22.64
N ASP A 470 -4.72 29.41 -21.85
CA ASP A 470 -3.86 28.24 -21.75
C ASP A 470 -4.59 27.11 -21.05
N VAL A 471 -4.29 25.89 -21.48
CA VAL A 471 -4.92 24.69 -20.94
C VAL A 471 -4.08 24.17 -19.79
N VAL A 472 -4.71 24.05 -18.61
CA VAL A 472 -4.01 23.59 -17.42
C VAL A 472 -4.81 22.47 -16.78
N LEU A 473 -4.10 21.63 -16.03
CA LEU A 473 -4.71 20.55 -15.26
C LEU A 473 -4.82 21.00 -13.81
N PHE A 474 -6.02 20.89 -13.25
CA PHE A 474 -6.31 21.40 -11.92
C PHE A 474 -6.76 20.22 -11.06
N ASN A 475 -6.09 20.05 -9.91
CA ASN A 475 -6.12 18.79 -9.18
C ASN A 475 -6.27 19.03 -7.68
N ARG A 476 -7.06 18.19 -7.03
CA ARG A 476 -7.10 18.10 -5.58
C ARG A 476 -6.65 16.71 -5.17
N GLN A 477 -5.74 16.65 -4.19
CA GLN A 477 -4.91 15.47 -3.97
C GLN A 477 -5.63 14.21 -3.49
N PRO A 478 -6.68 14.27 -2.65
CA PRO A 478 -7.46 13.04 -2.42
C PRO A 478 -8.24 12.62 -3.65
N SER A 479 -7.53 12.04 -4.63
CA SER A 479 -8.10 11.71 -5.93
C SER A 479 -8.90 10.42 -5.82
N LEU A 480 -10.14 10.55 -5.37
CA LEU A 480 -11.00 9.39 -5.22
C LEU A 480 -11.52 8.90 -6.56
N HIS A 481 -11.93 9.82 -7.44
CA HIS A 481 -12.44 9.47 -8.76
C HIS A 481 -11.82 10.41 -9.79
N ARG A 482 -12.12 10.13 -11.07
CA ARG A 482 -11.42 10.82 -12.15
C ARG A 482 -11.78 12.30 -12.23
N LEU A 483 -12.91 12.69 -11.67
CA LEU A 483 -13.29 14.10 -11.70
C LEU A 483 -12.50 14.94 -10.71
N SER A 484 -11.70 14.32 -9.84
CA SER A 484 -10.84 15.06 -8.93
C SER A 484 -9.71 15.78 -9.64
N ILE A 485 -9.40 15.42 -10.89
CA ILE A 485 -8.48 16.16 -11.73
C ILE A 485 -9.22 16.53 -13.01
N LEU A 486 -9.21 17.82 -13.35
CA LEU A 486 -9.91 18.31 -14.53
C LEU A 486 -8.98 19.21 -15.32
N SER A 487 -9.48 19.73 -16.44
CA SER A 487 -8.72 20.64 -17.28
C SER A 487 -9.48 21.94 -17.44
N HIS A 488 -8.82 23.05 -17.14
CA HIS A 488 -9.42 24.37 -17.18
C HIS A 488 -8.65 25.27 -18.15
N TYR A 489 -9.36 26.26 -18.68
CA TYR A 489 -8.71 27.37 -19.37
C TYR A 489 -8.19 28.35 -18.33
N ALA A 490 -6.98 28.85 -18.54
CA ALA A 490 -6.37 29.73 -17.56
C ALA A 490 -6.80 31.17 -17.77
N LYS A 491 -7.00 31.87 -16.66
CA LYS A 491 -7.14 33.31 -16.62
C LYS A 491 -6.07 33.82 -15.67
N ILE A 492 -5.63 35.07 -15.85
CA ILE A 492 -4.53 35.61 -15.06
C ILE A 492 -5.09 36.70 -14.14
N ARG A 493 -4.87 36.54 -12.85
CA ARG A 493 -5.40 37.44 -11.83
C ARG A 493 -4.30 37.76 -10.84
N PRO A 494 -4.38 38.90 -10.15
CA PRO A 494 -3.25 39.36 -9.31
C PRO A 494 -3.30 39.00 -7.83
N TRP A 495 -4.22 38.15 -7.38
CA TRP A 495 -4.49 38.05 -5.95
C TRP A 495 -3.92 36.80 -5.27
N ARG A 496 -2.92 36.17 -5.87
CA ARG A 496 -2.07 35.16 -5.22
C ARG A 496 -2.81 33.89 -4.78
N THR A 497 -4.00 33.62 -5.33
CA THR A 497 -4.72 32.38 -5.02
C THR A 497 -5.31 31.81 -6.30
N PHE A 498 -5.37 30.48 -6.38
CA PHE A 498 -6.14 29.85 -7.44
C PHE A 498 -7.63 30.07 -7.19
N ARG A 499 -8.35 30.40 -8.24
CA ARG A 499 -9.78 30.68 -8.12
C ARG A 499 -10.54 29.87 -9.15
N LEU A 500 -11.60 29.20 -8.71
CA LEU A 500 -12.46 28.43 -9.58
C LEU A 500 -13.91 28.75 -9.24
N ASN A 501 -14.79 28.56 -10.22
CA ASN A 501 -16.20 28.76 -9.99
C ASN A 501 -16.72 27.73 -8.99
N GLU A 502 -17.64 28.15 -8.13
CA GLU A 502 -18.11 27.29 -7.04
C GLU A 502 -19.00 26.16 -7.53
N CYS A 503 -19.44 26.19 -8.79
CA CYS A 503 -20.12 25.04 -9.36
C CYS A 503 -19.18 23.88 -9.61
N VAL A 504 -17.87 24.12 -9.60
CA VAL A 504 -16.88 23.13 -9.95
C VAL A 504 -16.23 22.51 -8.72
N CYS A 505 -16.46 23.06 -7.53
CA CYS A 505 -15.86 22.52 -6.32
C CYS A 505 -16.51 21.22 -5.86
N THR A 506 -17.61 20.78 -6.48
CA THR A 506 -18.26 19.55 -6.05
C THR A 506 -17.54 18.30 -6.56
N PRO A 507 -17.09 18.21 -7.83
CA PRO A 507 -16.23 17.07 -8.19
C PRO A 507 -14.93 17.02 -7.42
N TYR A 508 -14.37 18.18 -7.06
CA TYR A 508 -13.13 18.19 -6.29
C TYR A 508 -13.36 17.85 -4.82
N ASN A 509 -14.62 17.87 -4.37
CA ASN A 509 -14.96 17.77 -2.95
C ASN A 509 -14.21 18.83 -2.15
N ALA A 510 -14.24 20.06 -2.64
CA ALA A 510 -13.42 21.14 -2.11
C ALA A 510 -14.27 22.20 -1.45
N ASP A 511 -13.76 22.74 -0.34
CA ASP A 511 -14.35 23.88 0.34
C ASP A 511 -13.26 24.91 0.59
N PHE A 512 -13.65 26.18 0.60
CA PHE A 512 -12.68 27.27 0.73
C PHE A 512 -12.43 27.60 2.20
N ASP A 513 -11.91 26.58 2.91
CA ASP A 513 -11.57 26.70 4.32
C ASP A 513 -10.10 26.39 4.56
N GLY A 514 -9.25 26.60 3.55
CA GLY A 514 -7.84 26.27 3.64
C GLY A 514 -7.39 25.22 2.65
N ASP A 515 -8.22 24.82 1.70
CA ASP A 515 -7.83 23.82 0.71
C ASP A 515 -6.72 24.36 -0.18
N GLU A 516 -5.73 23.52 -0.43
CA GLU A 516 -4.68 23.81 -1.40
C GLU A 516 -4.82 22.86 -2.58
N MET A 517 -4.73 23.39 -3.79
CA MET A 517 -4.79 22.56 -4.98
C MET A 517 -3.57 22.73 -5.86
N ASN A 518 -3.42 21.79 -6.79
CA ASN A 518 -2.29 21.69 -7.68
C ASN A 518 -2.68 22.07 -9.11
N LEU A 519 -1.70 22.59 -9.84
CA LEU A 519 -1.89 23.10 -11.19
C LEU A 519 -0.71 22.60 -12.02
N HIS A 520 -0.99 21.71 -12.96
CA HIS A 520 -0.01 21.20 -13.91
C HIS A 520 -0.20 21.88 -15.25
N VAL A 521 0.90 22.07 -15.97
CA VAL A 521 0.82 22.65 -17.31
C VAL A 521 1.38 21.65 -18.31
N PRO A 522 0.53 21.03 -19.14
CA PRO A 522 1.05 20.15 -20.20
C PRO A 522 1.95 20.91 -21.16
N GLN A 523 3.05 20.28 -21.55
CA GLN A 523 4.11 20.94 -22.30
C GLN A 523 4.16 20.54 -23.76
N THR A 524 3.19 19.77 -24.24
CA THR A 524 3.15 19.36 -25.63
C THR A 524 1.75 19.60 -26.18
N GLU A 525 1.65 19.71 -27.50
CA GLU A 525 0.38 19.98 -28.14
C GLU A 525 -0.59 18.81 -27.98
N GLU A 526 -0.07 17.58 -28.10
CA GLU A 526 -0.92 16.40 -27.98
C GLU A 526 -1.50 16.28 -26.57
N ALA A 527 -0.66 16.49 -25.54
CA ALA A 527 -1.14 16.42 -24.17
C ALA A 527 -2.12 17.54 -23.87
N ARG A 528 -1.87 18.74 -24.40
CA ARG A 528 -2.77 19.86 -24.20
C ARG A 528 -4.14 19.59 -24.82
N ALA A 529 -4.16 19.08 -26.05
CA ALA A 529 -5.42 18.78 -26.71
C ALA A 529 -6.16 17.65 -26.02
N GLU A 530 -5.43 16.61 -25.60
CA GLU A 530 -6.08 15.50 -24.90
C GLU A 530 -6.67 15.95 -23.58
N ALA A 531 -5.94 16.79 -22.84
CA ALA A 531 -6.47 17.31 -21.57
C ALA A 531 -7.71 18.15 -21.80
N ILE A 532 -7.68 19.06 -22.78
CA ILE A 532 -8.81 19.96 -22.96
C ILE A 532 -10.01 19.28 -23.63
N ASN A 533 -9.80 18.16 -24.32
CA ASN A 533 -10.92 17.51 -24.99
C ASN A 533 -11.47 16.31 -24.24
N LEU A 534 -10.68 15.70 -23.36
CA LEU A 534 -11.16 14.56 -22.58
C LEU A 534 -11.39 14.89 -21.11
N MET A 535 -10.69 15.88 -20.56
CA MET A 535 -10.81 16.24 -19.16
C MET A 535 -11.36 17.64 -18.95
N GLY A 536 -11.99 18.23 -19.96
CA GLY A 536 -12.55 19.55 -19.80
C GLY A 536 -13.76 19.55 -18.88
N VAL A 537 -14.02 20.73 -18.29
CA VAL A 537 -15.15 20.86 -17.39
C VAL A 537 -16.47 20.74 -18.15
N LYS A 538 -16.52 21.30 -19.36
CA LYS A 538 -17.73 21.23 -20.16
C LYS A 538 -18.03 19.81 -20.60
N ASN A 539 -17.01 19.03 -20.92
CA ASN A 539 -17.19 17.66 -21.36
C ASN A 539 -17.34 16.67 -20.21
N ASN A 540 -17.30 17.13 -18.96
CA ASN A 540 -17.38 16.27 -17.79
C ASN A 540 -18.39 16.79 -16.79
N LEU A 541 -19.54 17.26 -17.28
CA LEU A 541 -20.58 17.74 -16.37
C LEU A 541 -21.27 16.59 -15.63
N LEU A 542 -21.14 15.36 -16.12
CA LEU A 542 -21.79 14.20 -15.53
C LEU A 542 -20.74 13.24 -14.99
N THR A 543 -20.98 12.72 -13.80
CA THR A 543 -20.08 11.71 -13.24
C THR A 543 -20.27 10.39 -13.99
N PRO A 544 -19.20 9.63 -14.21
CA PRO A 544 -19.36 8.32 -14.86
C PRO A 544 -19.88 7.24 -13.93
N LYS A 545 -19.97 7.52 -12.62
CA LYS A 545 -20.47 6.54 -11.67
C LYS A 545 -21.94 6.21 -11.93
N SER A 546 -22.75 7.24 -12.19
CA SER A 546 -24.17 7.04 -12.42
C SER A 546 -24.73 7.81 -13.61
N GLY A 547 -24.00 8.75 -14.19
CA GLY A 547 -24.52 9.57 -15.26
C GLY A 547 -25.22 10.84 -14.82
N GLU A 548 -25.39 11.04 -13.52
CA GLU A 548 -26.02 12.24 -12.99
C GLU A 548 -25.06 13.42 -13.04
N PRO A 549 -25.57 14.64 -13.15
CA PRO A 549 -24.69 15.81 -13.09
C PRO A 549 -23.96 15.91 -11.77
N ILE A 550 -22.71 16.37 -11.83
CA ILE A 550 -21.88 16.53 -10.64
C ILE A 550 -21.41 17.98 -10.57
N ILE A 551 -21.46 18.68 -11.70
CA ILE A 551 -21.12 20.08 -11.77
C ILE A 551 -22.41 20.84 -11.99
N ALA A 552 -22.93 21.46 -10.94
CA ALA A 552 -24.22 22.12 -10.98
C ALA A 552 -24.26 23.16 -9.86
N ALA A 553 -25.48 23.63 -9.55
CA ALA A 553 -25.63 24.65 -8.52
C ALA A 553 -25.27 24.10 -7.15
N THR A 554 -24.44 24.85 -6.44
CA THR A 554 -24.05 24.55 -5.08
C THR A 554 -24.82 25.45 -4.12
N GLN A 555 -24.45 25.42 -2.83
CA GLN A 555 -25.07 26.29 -1.85
C GLN A 555 -24.83 27.76 -2.20
N ASP A 556 -25.80 28.59 -1.82
CA ASP A 556 -25.90 30.04 -2.03
C ASP A 556 -26.23 30.38 -3.48
N PHE A 557 -26.22 29.42 -4.40
CA PHE A 557 -26.78 29.60 -5.73
C PHE A 557 -28.16 28.98 -5.85
N ILE A 558 -28.41 27.91 -5.11
CA ILE A 558 -29.74 27.32 -5.04
C ILE A 558 -30.68 28.23 -4.28
N THR A 559 -30.20 28.83 -3.18
CA THR A 559 -31.04 29.70 -2.35
C THR A 559 -31.46 30.95 -3.10
N GLY A 560 -30.51 31.60 -3.79
CA GLY A 560 -30.85 32.78 -4.55
C GLY A 560 -31.80 32.48 -5.71
N SER A 561 -31.60 31.35 -6.38
CA SER A 561 -32.49 30.97 -7.47
C SER A 561 -33.89 30.65 -6.94
N TYR A 562 -33.97 30.02 -5.76
CA TYR A 562 -35.26 29.76 -5.15
C TYR A 562 -35.97 31.05 -4.76
N LEU A 563 -35.21 32.02 -4.25
CA LEU A 563 -35.82 33.30 -3.87
C LEU A 563 -36.26 34.11 -5.08
N ILE A 564 -35.55 33.99 -6.21
CA ILE A 564 -36.01 34.63 -7.44
C ILE A 564 -37.26 33.94 -7.95
N SER A 565 -37.25 32.60 -7.99
CA SER A 565 -38.36 31.83 -8.51
C SER A 565 -39.46 31.57 -7.50
N HIS A 566 -39.44 32.27 -6.36
CA HIS A 566 -40.51 32.15 -5.39
C HIS A 566 -41.80 32.72 -5.97
N LYS A 567 -42.93 32.23 -5.47
CA LYS A 567 -44.22 32.57 -6.08
C LYS A 567 -44.60 34.03 -5.84
N ASP A 568 -44.14 34.62 -4.73
CA ASP A 568 -44.44 36.02 -4.44
C ASP A 568 -43.29 36.96 -4.81
N SER A 569 -42.56 36.63 -5.87
CA SER A 569 -41.50 37.50 -6.39
C SER A 569 -42.00 38.16 -7.66
N PHE A 570 -42.22 39.47 -7.60
CA PHE A 570 -42.69 40.25 -8.74
C PHE A 570 -41.75 41.43 -8.94
N TYR A 571 -41.27 41.60 -10.16
CA TYR A 571 -40.31 42.64 -10.50
C TYR A 571 -40.87 43.55 -11.56
N ASP A 572 -40.67 44.86 -11.40
CA ASP A 572 -40.98 45.82 -12.45
C ASP A 572 -39.89 45.78 -13.52
N ARG A 573 -40.04 46.62 -14.54
CA ARG A 573 -39.15 46.53 -15.69
C ARG A 573 -37.72 46.95 -15.36
N ALA A 574 -37.57 47.91 -14.44
CA ALA A 574 -36.23 48.34 -14.05
C ALA A 574 -35.48 47.22 -13.33
N THR A 575 -36.13 46.58 -12.34
CA THR A 575 -35.48 45.50 -11.61
C THR A 575 -35.27 44.29 -12.50
N LEU A 576 -36.24 43.99 -13.37
CA LEU A 576 -36.07 42.92 -14.36
C LEU A 576 -34.85 43.15 -15.22
N THR A 577 -34.73 44.36 -15.77
CA THR A 577 -33.63 44.67 -16.67
C THR A 577 -32.29 44.63 -15.93
N GLN A 578 -32.25 45.13 -14.71
CA GLN A 578 -31.01 45.07 -13.93
C GLN A 578 -30.62 43.63 -13.63
N LEU A 579 -31.59 42.77 -13.32
CA LEU A 579 -31.29 41.36 -13.11
C LEU A 579 -30.78 40.69 -14.38
N LEU A 580 -31.38 41.04 -15.53
CA LEU A 580 -30.95 40.45 -16.78
C LEU A 580 -29.53 40.90 -17.15
N SER A 581 -29.20 42.16 -16.88
CA SER A 581 -27.83 42.62 -17.11
C SER A 581 -26.87 42.05 -16.09
N MET A 582 -27.38 41.62 -14.94
CA MET A 582 -26.53 41.11 -13.88
C MET A 582 -26.05 39.69 -14.17
N MET A 583 -26.75 38.95 -15.03
CA MET A 583 -26.37 37.58 -15.35
C MET A 583 -25.55 37.47 -16.62
N SER A 584 -25.28 38.58 -17.31
CA SER A 584 -24.64 38.50 -18.62
C SER A 584 -23.55 39.54 -18.83
N ASP A 585 -23.11 40.23 -17.78
CA ASP A 585 -22.08 41.27 -17.85
C ASP A 585 -22.47 42.41 -18.79
N GLY A 586 -23.78 42.63 -18.96
CA GLY A 586 -24.27 43.71 -19.80
C GLY A 586 -23.90 43.58 -21.27
N ILE A 587 -23.87 42.35 -21.78
CA ILE A 587 -23.47 42.09 -23.16
C ILE A 587 -24.59 41.40 -23.95
N GLU A 588 -25.22 40.39 -23.37
CA GLU A 588 -26.23 39.61 -24.08
C GLU A 588 -27.46 40.44 -24.38
N HIS A 589 -28.06 40.18 -25.54
CA HIS A 589 -29.28 40.85 -25.96
C HIS A 589 -30.49 40.08 -25.44
N PHE A 590 -31.39 40.79 -24.76
CA PHE A 590 -32.55 40.18 -24.14
C PHE A 590 -33.83 40.66 -24.80
N ASP A 591 -34.74 39.73 -25.09
CA ASP A 591 -36.05 40.04 -25.62
C ASP A 591 -37.03 39.95 -24.45
N ILE A 592 -37.49 41.11 -23.99
CA ILE A 592 -38.35 41.18 -22.81
C ILE A 592 -39.72 40.61 -23.14
N PRO A 593 -40.17 39.58 -22.44
CA PRO A 593 -41.49 39.03 -22.71
C PRO A 593 -42.58 39.90 -22.12
N PRO A 594 -43.82 39.76 -22.57
CA PRO A 594 -44.91 40.50 -21.95
C PRO A 594 -45.08 40.09 -20.50
N PRO A 595 -45.48 41.02 -19.65
CA PRO A 595 -45.53 40.74 -18.21
C PRO A 595 -46.67 39.81 -17.84
N ALA A 596 -46.51 39.16 -16.68
CA ALA A 596 -47.55 38.28 -16.18
C ALA A 596 -48.72 39.04 -15.56
N ILE A 597 -48.50 40.29 -15.16
CA ILE A 597 -49.54 41.14 -14.60
C ILE A 597 -49.56 42.45 -15.39
N MET A 598 -50.75 42.89 -15.79
CA MET A 598 -50.79 43.99 -16.72
C MET A 598 -51.61 45.20 -16.26
N LYS A 599 -52.77 44.98 -15.63
CA LYS A 599 -53.69 46.10 -15.42
C LYS A 599 -53.23 47.04 -14.30
N PRO A 600 -53.00 46.59 -13.03
CA PRO A 600 -52.56 47.55 -12.02
C PRO A 600 -51.18 48.11 -12.34
N TYR A 601 -50.19 47.24 -12.45
CA TYR A 601 -48.83 47.62 -12.82
C TYR A 601 -48.32 46.63 -13.85
N TYR A 602 -47.07 46.78 -14.26
CA TYR A 602 -46.39 45.84 -15.14
C TYR A 602 -45.34 45.11 -14.30
N LEU A 603 -45.62 43.85 -13.98
CA LEU A 603 -44.77 43.08 -13.08
C LEU A 603 -44.39 41.76 -13.72
N TRP A 604 -43.11 41.43 -13.70
CA TRP A 604 -42.58 40.17 -14.21
C TRP A 604 -42.28 39.24 -13.05
N THR A 605 -42.73 37.99 -13.15
CA THR A 605 -42.43 37.00 -12.13
C THR A 605 -40.99 36.49 -12.33
N GLY A 606 -40.38 36.03 -11.23
CA GLY A 606 -39.01 35.53 -11.31
C GLY A 606 -38.87 34.28 -12.16
N LYS A 607 -39.95 33.53 -12.33
CA LYS A 607 -39.92 32.40 -13.26
C LYS A 607 -39.71 32.88 -14.69
N GLN A 608 -40.21 34.07 -15.03
CA GLN A 608 -39.89 34.65 -16.33
C GLN A 608 -38.43 35.09 -16.40
N VAL A 609 -37.86 35.51 -15.27
CA VAL A 609 -36.43 35.83 -15.23
C VAL A 609 -35.61 34.59 -15.55
N PHE A 610 -35.97 33.44 -14.98
CA PHE A 610 -35.21 32.23 -15.30
C PHE A 610 -35.55 31.69 -16.68
N SER A 611 -36.75 31.97 -17.19
CA SER A 611 -37.05 31.63 -18.58
C SER A 611 -36.14 32.42 -19.52
N LEU A 612 -35.85 33.68 -19.19
CA LEU A 612 -34.89 34.45 -19.95
C LEU A 612 -33.47 33.99 -19.69
N LEU A 613 -33.20 33.45 -18.50
CA LEU A 613 -31.87 32.91 -18.21
C LEU A 613 -31.58 31.69 -19.08
N ILE A 614 -32.58 30.82 -19.26
CA ILE A 614 -32.38 29.64 -20.11
C ILE A 614 -32.27 30.04 -21.57
N LYS A 615 -33.17 30.92 -22.03
CA LYS A 615 -33.19 31.36 -23.42
C LYS A 615 -33.27 32.88 -23.45
N PRO A 616 -32.15 33.57 -23.65
CA PRO A 616 -32.16 35.05 -23.58
C PRO A 616 -32.95 35.70 -24.71
N ASN A 617 -32.71 35.30 -25.96
CA ASN A 617 -33.35 35.94 -27.10
C ASN A 617 -33.80 34.87 -28.08
N HIS A 618 -34.29 35.30 -29.24
CA HIS A 618 -34.75 34.37 -30.26
C HIS A 618 -33.59 33.68 -30.97
N ASN A 619 -32.39 34.28 -30.95
CA ASN A 619 -31.24 33.68 -31.60
C ASN A 619 -30.62 32.56 -30.79
N SER A 620 -30.94 32.44 -29.52
CA SER A 620 -30.46 31.30 -28.73
C SER A 620 -31.22 30.04 -29.12
N PRO A 621 -30.53 28.93 -29.34
CA PRO A 621 -31.20 27.70 -29.78
C PRO A 621 -31.78 26.84 -28.66
N VAL A 622 -31.60 27.23 -27.40
CA VAL A 622 -31.95 26.38 -26.26
C VAL A 622 -33.47 26.41 -26.09
N VAL A 623 -34.12 25.31 -26.44
CA VAL A 623 -35.55 25.11 -26.21
C VAL A 623 -35.67 23.77 -25.50
N ILE A 624 -35.89 23.79 -24.20
CA ILE A 624 -35.90 22.58 -23.38
C ILE A 624 -37.26 22.41 -22.71
N ASN A 625 -37.74 21.18 -22.69
CA ASN A 625 -39.01 20.84 -22.07
C ASN A 625 -38.80 19.73 -21.05
N LEU A 626 -39.33 19.91 -19.85
CA LEU A 626 -39.16 18.90 -18.82
C LEU A 626 -40.24 19.06 -17.76
N ASP A 627 -40.46 17.98 -17.02
CA ASP A 627 -41.32 17.98 -15.84
C ASP A 627 -40.56 17.31 -14.72
N ALA A 628 -40.56 17.94 -13.54
CA ALA A 628 -39.78 17.40 -12.43
C ALA A 628 -40.42 17.76 -11.11
N LYS A 629 -40.08 16.99 -10.09
CA LYS A 629 -40.51 17.24 -8.72
C LYS A 629 -39.40 17.93 -7.95
N ASN A 630 -39.78 18.83 -7.05
CA ASN A 630 -38.80 19.50 -6.21
C ASN A 630 -38.38 18.58 -5.06
N LYS A 631 -37.47 19.07 -4.22
CA LYS A 631 -37.04 18.30 -3.07
C LYS A 631 -38.17 18.08 -2.08
N VAL A 632 -38.93 19.13 -1.80
CA VAL A 632 -40.08 19.06 -0.90
C VAL A 632 -41.33 19.22 -1.75
N PHE A 633 -41.99 18.11 -2.04
CA PHE A 633 -43.21 18.10 -2.85
C PHE A 633 -44.39 17.74 -1.97
N VAL A 634 -45.36 18.64 -1.91
CA VAL A 634 -46.59 18.44 -1.15
C VAL A 634 -47.71 18.11 -2.14
N PRO A 635 -48.27 16.91 -2.12
CA PRO A 635 -49.24 16.51 -3.15
C PRO A 635 -50.50 17.34 -3.08
N PRO A 636 -51.21 17.51 -4.20
CA PRO A 636 -52.38 18.39 -4.22
C PRO A 636 -53.54 17.83 -3.39
N LYS A 637 -54.61 18.63 -3.33
CA LYS A 637 -55.75 18.30 -2.49
C LYS A 637 -56.46 17.03 -2.95
N SER A 638 -56.64 16.89 -4.26
CA SER A 638 -57.33 15.75 -4.83
C SER A 638 -56.37 14.91 -5.66
N LYS A 639 -56.55 13.59 -5.61
CA LYS A 639 -55.69 12.68 -6.36
C LYS A 639 -55.91 12.79 -7.87
N SER A 640 -57.06 13.31 -8.30
CA SER A 640 -57.32 13.46 -9.73
C SER A 640 -56.52 14.61 -10.34
N LEU A 641 -56.17 15.61 -9.53
CA LEU A 641 -55.46 16.77 -10.02
C LEU A 641 -54.02 16.39 -10.43
N PRO A 642 -53.45 17.09 -11.42
CA PRO A 642 -52.08 16.80 -11.81
C PRO A 642 -51.09 17.30 -10.78
N ASN A 643 -49.82 16.97 -11.00
CA ASN A 643 -48.79 17.29 -10.03
C ASN A 643 -48.49 18.78 -9.96
N GLU A 644 -48.70 19.52 -11.04
CA GLU A 644 -48.39 20.95 -11.04
C GLU A 644 -49.41 21.77 -10.26
N MET A 645 -50.60 21.22 -10.01
CA MET A 645 -51.62 21.90 -9.22
C MET A 645 -51.45 21.67 -7.72
N SER A 646 -50.25 21.32 -7.28
CA SER A 646 -49.97 21.03 -5.89
C SER A 646 -49.77 22.32 -5.11
N GLN A 647 -49.62 22.16 -3.80
CA GLN A 647 -49.20 23.29 -2.98
C GLN A 647 -47.71 23.56 -3.18
N ASN A 648 -47.27 24.69 -2.61
CA ASN A 648 -45.89 25.17 -2.47
C ASN A 648 -45.02 24.98 -3.71
N ASP A 649 -45.63 24.99 -4.90
CA ASP A 649 -44.95 24.91 -6.19
C ASP A 649 -44.01 23.70 -6.26
N GLY A 650 -44.55 22.54 -5.90
CA GLY A 650 -43.73 21.34 -5.84
C GLY A 650 -43.26 20.86 -7.21
N PHE A 651 -44.11 21.00 -8.23
CA PHE A 651 -43.84 20.45 -9.55
C PHE A 651 -43.43 21.55 -10.51
N VAL A 652 -42.29 21.37 -11.18
CA VAL A 652 -41.78 22.31 -12.16
C VAL A 652 -42.05 21.77 -13.56
N ILE A 653 -42.59 22.62 -14.42
CA ILE A 653 -42.88 22.30 -15.81
C ILE A 653 -42.25 23.37 -16.68
N ILE A 654 -41.41 22.96 -17.63
CA ILE A 654 -40.78 23.85 -18.59
C ILE A 654 -41.23 23.43 -19.98
N ARG A 655 -41.95 24.31 -20.66
CA ARG A 655 -42.41 24.08 -22.03
C ARG A 655 -41.86 25.21 -22.90
N GLY A 656 -41.27 24.84 -24.04
CA GLY A 656 -40.53 25.83 -24.80
C GLY A 656 -39.26 26.17 -24.06
N SER A 657 -39.24 27.35 -23.45
CA SER A 657 -38.27 27.64 -22.40
C SER A 657 -38.89 28.35 -21.21
N GLN A 658 -40.20 28.57 -21.22
CA GLN A 658 -40.88 29.22 -20.12
C GLN A 658 -41.06 28.25 -18.97
N ILE A 659 -40.78 28.70 -17.75
CA ILE A 659 -41.01 27.92 -16.54
C ILE A 659 -42.44 28.19 -16.10
N LEU A 660 -43.34 27.24 -16.40
CA LEU A 660 -44.75 27.44 -16.17
C LEU A 660 -45.18 27.18 -14.73
N SER A 661 -44.37 26.49 -13.93
CA SER A 661 -44.73 26.15 -12.57
C SER A 661 -43.47 25.79 -11.80
N GLY A 662 -43.61 25.72 -10.49
CA GLY A 662 -42.56 25.19 -9.64
C GLY A 662 -41.47 26.18 -9.32
N VAL A 663 -40.63 25.80 -8.37
CA VAL A 663 -39.49 26.59 -7.96
C VAL A 663 -38.21 25.85 -8.36
N MET A 664 -37.11 26.59 -8.37
CA MET A 664 -35.82 26.04 -8.74
C MET A 664 -35.02 25.76 -7.46
N ASP A 665 -34.68 24.49 -7.27
CA ASP A 665 -33.96 24.05 -6.08
C ASP A 665 -32.93 23.01 -6.51
N LYS A 666 -32.42 22.25 -5.53
CA LYS A 666 -31.40 21.25 -5.81
C LYS A 666 -31.90 20.17 -6.76
N SER A 667 -33.21 19.93 -6.80
CA SER A 667 -33.74 18.91 -7.70
C SER A 667 -33.69 19.38 -9.16
N VAL A 668 -33.79 20.67 -9.41
CA VAL A 668 -33.95 21.19 -10.77
C VAL A 668 -32.68 21.88 -11.23
N LEU A 669 -31.90 22.44 -10.29
CA LEU A 669 -30.67 23.12 -10.62
C LEU A 669 -29.42 22.49 -10.03
N GLY A 670 -29.57 21.67 -8.99
CA GLY A 670 -28.44 21.07 -8.31
C GLY A 670 -28.00 19.77 -8.99
N ASP A 671 -27.18 19.03 -8.26
CA ASP A 671 -26.57 17.81 -8.78
C ASP A 671 -27.26 16.57 -8.21
N GLY A 672 -27.15 15.47 -8.96
CA GLY A 672 -27.63 14.18 -8.53
C GLY A 672 -28.92 13.72 -9.19
N LYS A 673 -29.64 14.61 -9.88
CA LYS A 673 -30.91 14.26 -10.51
C LYS A 673 -30.80 14.42 -12.01
N LYS A 674 -31.42 13.51 -12.74
CA LYS A 674 -31.37 13.46 -14.19
C LYS A 674 -32.48 14.27 -14.86
N HIS A 675 -33.29 14.98 -14.09
CA HIS A 675 -34.34 15.84 -14.65
C HIS A 675 -34.01 17.32 -14.49
N SER A 676 -32.75 17.65 -14.19
CA SER A 676 -32.38 19.04 -13.96
C SER A 676 -32.34 19.81 -15.28
N VAL A 677 -32.34 21.14 -15.15
CA VAL A 677 -32.34 22.02 -16.31
C VAL A 677 -31.03 21.87 -17.08
N PHE A 678 -29.91 21.89 -16.36
CA PHE A 678 -28.61 21.85 -17.00
C PHE A 678 -28.36 20.50 -17.66
N TYR A 679 -28.84 19.42 -17.05
CA TYR A 679 -28.75 18.11 -17.68
C TYR A 679 -29.52 18.07 -18.99
N THR A 680 -30.72 18.64 -19.01
CA THR A 680 -31.53 18.67 -20.23
C THR A 680 -30.85 19.49 -21.31
N ILE A 681 -30.30 20.66 -20.94
CA ILE A 681 -29.61 21.51 -21.91
C ILE A 681 -28.38 20.80 -22.45
N LEU A 682 -27.62 20.12 -21.59
CA LEU A 682 -26.43 19.40 -22.04
C LEU A 682 -26.80 18.25 -22.97
N ARG A 683 -27.86 17.51 -22.65
CA ARG A 683 -28.22 16.36 -23.47
C ARG A 683 -28.77 16.80 -24.82
N ASP A 684 -29.53 17.90 -24.87
CA ASP A 684 -30.20 18.27 -26.10
C ASP A 684 -29.40 19.22 -26.98
N TYR A 685 -28.61 20.12 -26.41
CA TYR A 685 -27.97 21.19 -27.18
C TYR A 685 -26.47 21.29 -26.98
N GLY A 686 -25.84 20.30 -26.36
CA GLY A 686 -24.41 20.29 -26.21
C GLY A 686 -23.93 20.92 -24.92
N PRO A 687 -22.64 20.75 -24.62
CA PRO A 687 -22.11 21.23 -23.33
C PRO A 687 -21.89 22.73 -23.26
N GLN A 688 -21.70 23.41 -24.40
CA GLN A 688 -21.42 24.84 -24.37
C GLN A 688 -22.63 25.63 -23.86
N GLU A 689 -23.82 25.24 -24.28
CA GLU A 689 -25.03 25.94 -23.82
C GLU A 689 -25.28 25.69 -22.33
N ALA A 690 -25.02 24.47 -21.88
CA ALA A 690 -25.13 24.17 -20.44
C ALA A 690 -24.14 25.00 -19.64
N ALA A 691 -22.90 25.12 -20.13
CA ALA A 691 -21.91 25.96 -19.45
C ALA A 691 -22.35 27.42 -19.43
N ASN A 692 -22.92 27.91 -20.54
CA ASN A 692 -23.39 29.29 -20.59
C ASN A 692 -24.52 29.52 -19.60
N ALA A 693 -25.46 28.58 -19.49
CA ALA A 693 -26.56 28.71 -18.55
C ALA A 693 -26.05 28.69 -17.12
N MET A 694 -25.09 27.81 -16.81
CA MET A 694 -24.53 27.77 -15.46
C MET A 694 -23.78 29.07 -15.13
N ASN A 695 -23.03 29.60 -16.09
CA ASN A 695 -22.33 30.87 -15.86
C ASN A 695 -23.32 32.00 -15.63
N ARG A 696 -24.41 32.04 -16.40
CA ARG A 696 -25.43 33.06 -16.21
C ARG A 696 -26.07 32.96 -14.83
N MET A 697 -26.39 31.72 -14.41
CA MET A 697 -26.99 31.51 -13.10
C MET A 697 -26.03 31.93 -11.98
N ALA A 698 -24.76 31.57 -12.10
CA ALA A 698 -23.78 31.92 -11.07
C ALA A 698 -23.58 33.43 -11.00
N LYS A 699 -23.49 34.10 -12.15
CA LYS A 699 -23.30 35.54 -12.16
C LYS A 699 -24.53 36.27 -11.64
N LEU A 700 -25.73 35.73 -11.87
CA LEU A 700 -26.93 36.36 -11.35
C LEU A 700 -27.03 36.19 -9.84
N CYS A 701 -26.80 34.97 -9.35
CA CYS A 701 -26.96 34.71 -7.92
C CYS A 701 -25.78 35.20 -7.09
N ALA A 702 -24.66 35.56 -7.73
CA ALA A 702 -23.56 36.18 -7.01
C ALA A 702 -23.75 37.67 -6.80
N ARG A 703 -24.70 38.28 -7.50
CA ARG A 703 -24.98 39.70 -7.36
C ARG A 703 -26.38 40.01 -6.86
N PHE A 704 -27.30 39.06 -6.91
CA PHE A 704 -28.68 39.31 -6.50
C PHE A 704 -28.86 39.21 -4.99
N LEU A 705 -28.24 38.21 -4.37
CA LEU A 705 -28.47 37.97 -2.94
C LEU A 705 -27.83 39.04 -2.06
N GLY A 706 -26.88 39.80 -2.60
CA GLY A 706 -26.37 40.93 -1.85
C GLY A 706 -27.36 42.08 -1.78
N ASN A 707 -28.05 42.35 -2.88
CA ASN A 707 -29.02 43.43 -2.94
C ASN A 707 -30.39 43.02 -2.45
N ARG A 708 -30.66 41.72 -2.33
CA ARG A 708 -31.84 41.18 -1.68
C ARG A 708 -31.32 40.27 -0.58
N GLY A 709 -31.22 40.83 0.64
CA GLY A 709 -30.48 40.17 1.68
C GLY A 709 -31.12 38.87 2.14
N PHE A 710 -30.29 37.97 2.64
CA PHE A 710 -30.73 36.71 3.21
C PHE A 710 -29.87 36.44 4.44
N SER A 711 -30.51 36.28 5.59
CA SER A 711 -29.78 36.17 6.85
C SER A 711 -30.43 35.12 7.73
N ILE A 712 -29.63 34.60 8.67
CA ILE A 712 -30.09 33.67 9.68
C ILE A 712 -29.75 34.23 11.05
N GLY A 713 -30.70 34.16 11.98
CA GLY A 713 -30.51 34.64 13.32
C GLY A 713 -31.04 33.65 14.34
N ILE A 714 -31.04 34.08 15.60
CA ILE A 714 -31.55 33.21 16.65
C ILE A 714 -33.07 33.24 16.67
N ASN A 715 -33.68 34.27 16.06
CA ASN A 715 -35.12 34.31 15.89
C ASN A 715 -35.60 33.17 14.99
N ASP A 716 -34.74 32.74 14.07
CA ASP A 716 -35.01 31.58 13.22
C ASP A 716 -34.80 30.26 13.93
N VAL A 717 -34.24 30.29 15.14
CA VAL A 717 -33.94 29.07 15.88
C VAL A 717 -34.74 28.94 17.16
N THR A 718 -35.19 30.03 17.76
CA THR A 718 -35.93 29.94 19.02
C THR A 718 -37.30 29.33 18.79
N PRO A 719 -37.76 28.43 19.66
CA PRO A 719 -39.11 27.88 19.52
C PRO A 719 -40.17 28.83 20.05
N ALA A 720 -41.38 28.64 19.54
CA ALA A 720 -42.51 29.44 19.99
C ALA A 720 -42.97 29.00 21.38
N ASP A 721 -43.95 29.73 21.91
CA ASP A 721 -44.33 29.55 23.31
C ASP A 721 -44.98 28.19 23.55
N ASP A 722 -45.89 27.76 22.67
CA ASP A 722 -46.62 26.52 22.93
C ASP A 722 -45.78 25.29 22.62
N LEU A 723 -44.72 25.43 21.82
CA LEU A 723 -43.88 24.29 21.48
C LEU A 723 -43.15 23.76 22.71
N LYS A 724 -42.74 24.64 23.62
CA LYS A 724 -42.08 24.25 24.84
C LYS A 724 -43.01 23.50 25.81
N GLN A 725 -44.32 23.53 25.57
CA GLN A 725 -45.28 22.74 26.34
C GLN A 725 -45.64 21.43 25.65
N LYS A 726 -45.83 21.46 24.33
CA LYS A 726 -46.12 20.23 23.59
C LYS A 726 -44.94 19.26 23.65
N LYS A 727 -43.73 19.79 23.48
CA LYS A 727 -42.53 18.96 23.61
C LYS A 727 -42.41 18.39 25.01
N GLU A 728 -42.69 19.21 26.03
CA GLU A 728 -42.62 18.75 27.41
C GLU A 728 -43.60 17.62 27.67
N GLU A 729 -44.84 17.76 27.20
CA GLU A 729 -45.85 16.74 27.46
C GLU A 729 -45.56 15.46 26.69
N LEU A 730 -45.05 15.57 25.46
CA LEU A 730 -44.75 14.38 24.68
C LEU A 730 -43.56 13.63 25.27
N VAL A 731 -42.51 14.37 25.67
CA VAL A 731 -41.35 13.73 26.28
C VAL A 731 -41.71 13.13 27.63
N GLU A 732 -42.61 13.77 28.39
CA GLU A 732 -43.04 13.21 29.66
C GLU A 732 -43.84 11.93 29.46
N ILE A 733 -44.69 11.88 28.43
CA ILE A 733 -45.43 10.66 28.13
C ILE A 733 -44.47 9.54 27.75
N ALA A 734 -43.48 9.85 26.91
CA ALA A 734 -42.49 8.84 26.51
C ALA A 734 -41.67 8.37 27.71
N TYR A 735 -41.30 9.29 28.60
CA TYR A 735 -40.54 8.93 29.78
C TYR A 735 -41.34 8.03 30.72
N HIS A 736 -42.63 8.35 30.91
CA HIS A 736 -43.48 7.53 31.76
C HIS A 736 -43.63 6.12 31.18
N LYS A 737 -43.84 6.02 29.87
CA LYS A 737 -43.95 4.70 29.24
C LYS A 737 -42.64 3.92 29.37
N CYS A 738 -41.51 4.60 29.16
CA CYS A 738 -40.22 3.94 29.29
C CYS A 738 -39.99 3.45 30.72
N ASP A 739 -40.41 4.25 31.71
CA ASP A 739 -40.31 3.82 33.10
C ASP A 739 -41.18 2.61 33.38
N GLU A 740 -42.36 2.56 32.75
CA GLU A 740 -43.20 1.36 32.88
C GLU A 740 -42.51 0.12 32.33
N LEU A 741 -41.88 0.25 31.16
CA LEU A 741 -41.10 -0.88 30.63
C LEU A 741 -39.93 -1.25 31.52
N ILE A 742 -39.28 -0.26 32.15
CA ILE A 742 -38.19 -0.58 33.08
C ILE A 742 -38.73 -1.35 34.29
N THR A 743 -39.91 -0.97 34.78
CA THR A 743 -40.52 -1.69 35.89
C THR A 743 -40.84 -3.13 35.52
N LEU A 744 -41.43 -3.33 34.33
CA LEU A 744 -41.72 -4.70 33.88
C LEU A 744 -40.45 -5.51 33.65
N PHE A 745 -39.38 -4.87 33.15
CA PHE A 745 -38.13 -5.59 32.96
C PHE A 745 -37.50 -5.99 34.29
N ASN A 746 -37.56 -5.09 35.29
CA ASN A 746 -37.00 -5.40 36.60
C ASN A 746 -37.78 -6.50 37.30
N LYS A 747 -39.12 -6.48 37.17
CA LYS A 747 -39.92 -7.51 37.80
C LYS A 747 -39.76 -8.85 37.09
N GLY A 748 -39.69 -8.83 35.76
CA GLY A 748 -39.43 -10.04 34.99
C GLY A 748 -40.56 -10.48 34.08
N GLU A 749 -41.69 -9.79 34.07
CA GLU A 749 -42.81 -10.16 33.20
C GLU A 749 -42.82 -9.38 31.89
N LEU A 750 -41.65 -8.98 31.39
CA LEU A 750 -41.55 -8.28 30.12
C LEU A 750 -41.58 -9.29 28.98
N GLU A 751 -42.51 -9.11 28.05
CA GLU A 751 -42.58 -9.98 26.88
C GLU A 751 -41.39 -9.74 25.97
N THR A 752 -40.90 -10.81 25.36
CA THR A 752 -39.69 -10.76 24.55
C THR A 752 -40.02 -10.88 23.06
N GLN A 753 -39.18 -10.25 22.25
CA GLN A 753 -39.29 -10.34 20.81
C GLN A 753 -38.95 -11.75 20.35
N PRO A 754 -39.41 -12.17 19.16
CA PRO A 754 -39.21 -13.56 18.73
C PRO A 754 -37.74 -13.98 18.62
N GLY A 755 -36.83 -13.05 18.35
CA GLY A 755 -35.44 -13.42 18.22
C GLY A 755 -34.50 -12.79 19.24
N CYS A 756 -35.06 -12.18 20.28
CA CYS A 756 -34.27 -11.41 21.23
C CYS A 756 -34.59 -11.84 22.65
N ASN A 757 -33.65 -11.56 23.56
CA ASN A 757 -33.83 -11.82 24.98
C ASN A 757 -34.46 -10.60 25.65
N GLU A 758 -34.46 -10.58 26.99
CA GLU A 758 -35.17 -9.54 27.73
C GLU A 758 -34.48 -8.18 27.57
N GLU A 759 -33.16 -8.13 27.76
CA GLU A 759 -32.44 -6.87 27.64
C GLU A 759 -32.49 -6.33 26.22
N GLN A 760 -32.37 -7.21 25.23
CA GLN A 760 -32.40 -6.78 23.84
C GLN A 760 -33.77 -6.21 23.45
N THR A 761 -34.84 -6.87 23.88
CA THR A 761 -36.17 -6.37 23.53
C THR A 761 -36.49 -5.10 24.30
N LEU A 762 -35.97 -4.96 25.52
CA LEU A 762 -36.15 -3.72 26.26
C LEU A 762 -35.45 -2.57 25.56
N GLU A 763 -34.20 -2.80 25.13
CA GLU A 763 -33.45 -1.76 24.43
C GLU A 763 -34.12 -1.40 23.11
N ALA A 764 -34.60 -2.39 22.37
CA ALA A 764 -35.26 -2.11 21.10
C ALA A 764 -36.55 -1.33 21.27
N LYS A 765 -37.36 -1.71 22.27
CA LYS A 765 -38.61 -1.01 22.51
C LYS A 765 -38.38 0.43 22.97
N ILE A 766 -37.41 0.63 23.87
CA ILE A 766 -37.10 1.97 24.35
C ILE A 766 -36.56 2.83 23.22
N GLY A 767 -35.67 2.28 22.40
CA GLY A 767 -35.13 3.03 21.28
C GLY A 767 -36.19 3.40 20.27
N GLY A 768 -37.10 2.48 19.97
CA GLY A 768 -38.20 2.80 19.08
C GLY A 768 -39.10 3.90 19.62
N LEU A 769 -39.42 3.83 20.92
CA LEU A 769 -40.26 4.83 21.54
C LEU A 769 -39.59 6.21 21.53
N LEU A 770 -38.29 6.26 21.81
CA LEU A 770 -37.59 7.53 21.84
C LEU A 770 -37.43 8.11 20.43
N SER A 771 -37.17 7.26 19.44
CA SER A 771 -37.13 7.73 18.06
C SER A 771 -38.48 8.26 17.63
N LYS A 772 -39.57 7.59 18.04
CA LYS A 772 -40.91 8.05 17.70
C LYS A 772 -41.22 9.40 18.33
N VAL A 773 -40.82 9.59 19.60
CA VAL A 773 -41.13 10.87 20.25
C VAL A 773 -40.27 11.99 19.65
N ARG A 774 -39.02 11.67 19.25
CA ARG A 774 -38.20 12.68 18.58
C ARG A 774 -38.83 13.07 17.25
N GLU A 775 -39.32 12.09 16.50
CA GLU A 775 -39.96 12.38 15.22
C GLU A 775 -41.24 13.20 15.40
N GLU A 776 -42.02 12.88 16.43
CA GLU A 776 -43.27 13.61 16.67
C GLU A 776 -42.99 15.07 17.05
N VAL A 777 -42.01 15.29 17.93
CA VAL A 777 -41.69 16.66 18.33
C VAL A 777 -41.08 17.42 17.15
N GLY A 778 -40.27 16.75 16.33
CA GLY A 778 -39.75 17.41 15.13
C GLY A 778 -40.84 17.77 14.14
N ASP A 779 -41.84 16.90 13.98
CA ASP A 779 -42.92 17.16 13.04
C ASP A 779 -43.82 18.29 13.52
N VAL A 780 -44.05 18.37 14.84
CA VAL A 780 -44.86 19.48 15.33
C VAL A 780 -44.04 20.77 15.33
N CYS A 781 -42.70 20.66 15.35
CA CYS A 781 -41.86 21.84 15.28
C CYS A 781 -41.81 22.41 13.85
N ILE A 782 -41.64 21.54 12.85
CA ILE A 782 -41.44 22.01 11.49
C ILE A 782 -42.72 22.64 10.94
N ASN A 783 -43.87 22.05 11.23
CA ASN A 783 -45.14 22.56 10.73
C ASN A 783 -45.53 23.92 11.32
N GLU A 784 -44.86 24.34 12.40
CA GLU A 784 -45.21 25.60 13.05
C GLU A 784 -44.36 26.77 12.59
N LEU A 785 -43.13 26.51 12.15
CA LEU A 785 -42.23 27.58 11.73
C LEU A 785 -42.81 28.34 10.55
N ASP A 786 -42.78 29.66 10.63
CA ASP A 786 -43.39 30.49 9.60
C ASP A 786 -42.52 30.56 8.36
N ASN A 787 -43.08 31.14 7.30
CA ASN A 787 -42.32 31.35 6.09
C ASN A 787 -41.23 32.40 6.32
N TRP A 788 -40.28 32.44 5.39
CA TRP A 788 -39.08 33.28 5.50
C TRP A 788 -38.26 32.92 6.74
N ASN A 789 -38.31 31.66 7.14
CA ASN A 789 -37.44 31.12 8.17
C ASN A 789 -36.22 30.55 7.47
N ALA A 790 -35.04 31.10 7.77
CA ALA A 790 -33.84 30.77 6.99
C ALA A 790 -33.44 29.31 7.03
N PRO A 791 -33.41 28.61 8.19
CA PRO A 791 -33.17 27.16 8.12
C PRO A 791 -34.24 26.41 7.35
N LEU A 792 -35.51 26.84 7.44
CA LEU A 792 -36.57 26.20 6.68
C LEU A 792 -36.39 26.41 5.19
N ILE A 793 -35.99 27.62 4.78
CA ILE A 793 -35.75 27.89 3.37
C ILE A 793 -34.56 27.07 2.87
N MET A 794 -33.48 27.04 3.65
CA MET A 794 -32.30 26.28 3.25
C MET A 794 -32.55 24.77 3.23
N ALA A 795 -33.50 24.28 4.02
CA ALA A 795 -33.87 22.87 3.95
C ALA A 795 -34.78 22.60 2.76
N THR A 796 -35.69 23.53 2.44
CA THR A 796 -36.57 23.35 1.30
C THR A 796 -35.80 23.38 -0.01
N CYS A 797 -34.83 24.29 -0.12
CA CYS A 797 -33.98 24.34 -1.31
C CYS A 797 -33.14 23.10 -1.45
N GLY A 798 -32.63 22.58 -0.34
CA GLY A 798 -31.58 21.58 -0.39
C GLY A 798 -30.19 22.18 -0.50
N SER A 799 -30.06 23.50 -0.36
CA SER A 799 -28.75 24.14 -0.44
C SER A 799 -27.86 23.70 0.72
N LYS A 800 -28.41 23.64 1.93
CA LYS A 800 -27.65 23.21 3.09
C LYS A 800 -28.61 22.84 4.20
N GLY A 801 -28.29 21.76 4.92
CA GLY A 801 -29.09 21.34 6.05
C GLY A 801 -30.26 20.46 5.67
N SER A 802 -31.03 20.11 6.69
CA SER A 802 -32.18 19.24 6.51
C SER A 802 -33.22 19.56 7.58
N THR A 803 -34.35 18.86 7.50
CA THR A 803 -35.39 18.99 8.52
C THR A 803 -34.90 18.52 9.88
N LEU A 804 -34.08 17.47 9.92
CA LEU A 804 -33.57 16.94 11.18
C LEU A 804 -32.69 17.96 11.90
N ASN A 805 -31.84 18.68 11.17
CA ASN A 805 -30.99 19.68 11.81
C ASN A 805 -31.80 20.82 12.40
N VAL A 806 -32.85 21.26 11.68
CA VAL A 806 -33.73 22.29 12.21
C VAL A 806 -34.45 21.81 13.45
N SER A 807 -34.91 20.56 13.43
CA SER A 807 -35.59 20.00 14.60
C SER A 807 -34.63 19.87 15.78
N GLN A 808 -33.36 19.59 15.52
CA GLN A 808 -32.40 19.48 16.60
C GLN A 808 -32.05 20.85 17.17
N MET A 809 -32.02 21.88 16.33
CA MET A 809 -31.70 23.22 16.82
C MET A 809 -32.88 23.82 17.58
N VAL A 810 -34.10 23.65 17.09
CA VAL A 810 -35.26 24.30 17.70
C VAL A 810 -35.90 23.43 18.77
N ALA A 811 -35.94 22.12 18.54
CA ALA A 811 -36.63 21.19 19.43
C ALA A 811 -35.67 20.11 19.91
N VAL A 812 -36.22 19.04 20.49
CA VAL A 812 -35.43 18.00 21.15
C VAL A 812 -34.34 17.46 20.22
N VAL A 813 -33.13 17.35 20.76
CA VAL A 813 -32.01 16.84 19.97
C VAL A 813 -32.20 15.36 19.67
N GLY A 814 -32.58 14.58 20.67
CA GLY A 814 -32.92 13.18 20.46
C GLY A 814 -31.90 12.24 21.09
N GLN A 815 -32.14 10.96 20.83
CA GLN A 815 -31.30 9.90 21.39
C GLN A 815 -29.92 9.92 20.75
N GLN A 816 -28.89 9.75 21.59
CA GLN A 816 -27.52 9.62 21.13
C GLN A 816 -27.18 8.15 20.97
N ILE A 817 -26.72 7.77 19.78
CA ILE A 817 -26.49 6.38 19.43
C ILE A 817 -25.01 6.17 19.19
N ILE A 818 -24.42 5.20 19.90
CA ILE A 818 -23.00 4.88 19.78
C ILE A 818 -22.90 3.42 19.38
N SER A 819 -22.30 3.18 18.20
CA SER A 819 -22.10 1.83 17.65
C SER A 819 -23.41 1.06 17.52
N GLY A 820 -24.50 1.76 17.20
CA GLY A 820 -25.80 1.15 17.03
C GLY A 820 -26.61 0.99 18.30
N ASN A 821 -26.00 1.13 19.47
CA ASN A 821 -26.67 1.01 20.75
C ASN A 821 -26.77 2.37 21.42
N ARG A 822 -27.33 2.38 22.62
CA ARG A 822 -27.34 3.58 23.44
C ARG A 822 -25.97 3.74 24.13
N VAL A 823 -25.92 4.65 25.09
CA VAL A 823 -24.63 4.94 25.73
C VAL A 823 -24.21 3.74 26.58
N PRO A 824 -23.01 3.20 26.40
CA PRO A 824 -22.59 2.05 27.19
C PRO A 824 -22.30 2.44 28.63
N ASP A 825 -22.34 1.44 29.50
CA ASP A 825 -22.08 1.64 30.92
C ASP A 825 -20.59 1.86 31.12
N GLY A 826 -20.19 3.13 31.16
CA GLY A 826 -18.79 3.45 31.40
C GLY A 826 -18.33 3.06 32.79
N PHE A 827 -19.18 3.26 33.78
CA PHE A 827 -18.91 2.83 35.14
C PHE A 827 -19.56 1.48 35.39
N GLN A 828 -19.57 1.04 36.64
CA GLN A 828 -20.13 -0.25 37.00
C GLN A 828 -21.65 -0.16 37.04
N ASP A 829 -22.30 -0.78 36.06
CA ASP A 829 -23.76 -0.90 35.95
C ASP A 829 -24.47 0.45 35.80
N ARG A 830 -23.75 1.49 35.37
CA ARG A 830 -24.37 2.78 35.10
C ARG A 830 -23.48 3.56 34.16
N SER A 831 -24.05 4.61 33.58
CA SER A 831 -23.31 5.44 32.63
C SER A 831 -22.42 6.45 33.34
N LEU A 832 -22.98 7.18 34.29
CA LEU A 832 -22.29 8.24 35.00
C LEU A 832 -22.56 8.11 36.48
N PRO A 833 -21.67 8.63 37.34
CA PRO A 833 -21.96 8.62 38.78
C PRO A 833 -23.11 9.52 39.19
N HIS A 834 -23.58 10.40 38.30
CA HIS A 834 -24.69 11.30 38.60
C HIS A 834 -26.05 10.62 38.45
N PHE A 835 -26.06 9.33 38.16
CA PHE A 835 -27.26 8.52 38.03
C PHE A 835 -27.14 7.33 38.98
N PRO A 836 -28.26 6.79 39.44
CA PRO A 836 -28.20 5.64 40.35
C PRO A 836 -27.71 4.39 39.64
N LYS A 837 -27.32 3.40 40.45
CA LYS A 837 -26.88 2.13 39.90
C LYS A 837 -28.05 1.39 39.26
N ASN A 838 -27.73 0.65 38.18
CA ASN A 838 -28.72 -0.09 37.39
C ASN A 838 -29.83 0.81 36.88
N SER A 839 -29.47 2.02 36.43
CA SER A 839 -30.43 2.96 35.89
C SER A 839 -30.48 2.83 34.37
N LYS A 840 -31.68 2.63 33.85
CA LYS A 840 -31.90 2.52 32.41
C LYS A 840 -32.94 3.52 31.92
N THR A 841 -33.14 4.61 32.65
CA THR A 841 -34.02 5.68 32.21
C THR A 841 -33.45 6.36 30.98
N PRO A 842 -34.31 6.96 30.14
CA PRO A 842 -33.80 7.61 28.92
C PRO A 842 -32.78 8.71 29.17
N GLN A 843 -32.94 9.50 30.22
CA GLN A 843 -32.01 10.59 30.49
C GLN A 843 -30.68 10.08 31.03
N SER A 844 -30.62 8.85 31.51
CA SER A 844 -29.40 8.28 32.06
C SER A 844 -28.61 7.46 31.05
N LYS A 845 -29.11 7.31 29.82
CA LYS A 845 -28.44 6.47 28.83
C LYS A 845 -28.30 7.15 27.47
N GLY A 846 -28.49 8.47 27.39
CA GLY A 846 -28.14 9.18 26.18
C GLY A 846 -29.27 9.83 25.42
N PHE A 847 -30.33 10.24 26.11
CA PHE A 847 -31.40 11.02 25.49
C PHE A 847 -31.26 12.47 25.92
N VAL A 848 -31.13 13.37 24.95
CA VAL A 848 -30.95 14.78 25.19
C VAL A 848 -32.32 15.44 25.00
N ARG A 849 -32.99 15.77 26.11
CA ARG A 849 -34.24 16.51 26.02
C ARG A 849 -34.03 17.89 25.42
N ASN A 850 -32.96 18.57 25.83
CA ASN A 850 -32.78 19.98 25.50
C ASN A 850 -32.42 20.16 24.03
N SER A 851 -32.89 21.28 23.47
CA SER A 851 -32.49 21.69 22.14
C SER A 851 -31.10 22.31 22.18
N PHE A 852 -30.53 22.54 20.99
CA PHE A 852 -29.28 23.27 20.92
C PHE A 852 -29.48 24.75 21.24
N PHE A 853 -30.71 25.25 21.13
CA PHE A 853 -31.01 26.62 21.53
C PHE A 853 -31.10 26.76 23.04
N SER A 854 -31.66 25.75 23.72
CA SER A 854 -31.87 25.84 25.15
C SER A 854 -30.64 25.42 25.97
N GLY A 855 -29.63 24.84 25.34
CA GLY A 855 -28.42 24.48 26.05
C GLY A 855 -28.47 23.10 26.67
N LEU A 856 -27.37 22.36 26.55
CA LEU A 856 -27.31 20.98 27.02
C LEU A 856 -26.82 20.92 28.46
N SER A 857 -27.41 20.02 29.24
CA SER A 857 -26.93 19.72 30.58
C SER A 857 -25.62 18.95 30.51
N PRO A 858 -24.83 18.94 31.58
CA PRO A 858 -23.52 18.27 31.56
C PRO A 858 -23.57 16.79 31.17
N PRO A 859 -24.54 15.99 31.64
CA PRO A 859 -24.57 14.60 31.14
C PRO A 859 -24.95 14.51 29.67
N GLU A 860 -25.93 15.30 29.22
CA GLU A 860 -26.27 15.34 27.80
C GLU A 860 -25.10 15.86 26.98
N PHE A 861 -24.37 16.83 27.52
CA PHE A 861 -23.17 17.32 26.87
C PHE A 861 -22.13 16.22 26.69
N LEU A 862 -21.93 15.41 27.73
CA LEU A 862 -20.98 14.30 27.63
C LEU A 862 -21.43 13.27 26.61
N PHE A 863 -22.71 12.92 26.60
CA PHE A 863 -23.21 11.92 25.65
C PHE A 863 -23.08 12.41 24.22
N HIS A 864 -23.43 13.67 23.98
CA HIS A 864 -23.28 14.24 22.64
C HIS A 864 -21.81 14.31 22.24
N ALA A 865 -20.93 14.58 23.20
CA ALA A 865 -19.50 14.56 22.92
C ALA A 865 -19.03 13.16 22.55
N ILE A 866 -19.58 12.13 23.20
CA ILE A 866 -19.23 10.74 22.87
C ILE A 866 -19.64 10.43 21.43
N SER A 867 -20.86 10.80 21.06
CA SER A 867 -21.32 10.53 19.69
C SER A 867 -20.50 11.28 18.66
N GLY A 868 -20.20 12.55 18.93
CA GLY A 868 -19.40 13.33 18.00
C GLY A 868 -17.98 12.81 17.88
N ARG A 869 -17.41 12.34 18.99
CA ARG A 869 -16.07 11.76 18.95
C ARG A 869 -16.06 10.46 18.16
N GLU A 870 -17.12 9.65 18.28
CA GLU A 870 -17.23 8.44 17.47
C GLU A 870 -17.26 8.79 15.99
N GLY A 871 -18.04 9.81 15.63
CA GLY A 871 -18.09 10.24 14.23
C GLY A 871 -16.75 10.74 13.72
N LEU A 872 -16.07 11.54 14.56
CA LEU A 872 -14.76 12.08 14.19
C LEU A 872 -13.73 10.96 13.99
N VAL A 873 -13.71 9.99 14.90
CA VAL A 873 -12.76 8.88 14.79
C VAL A 873 -13.06 8.04 13.55
N ASP A 874 -14.34 7.80 13.26
CA ASP A 874 -14.71 7.05 12.08
C ASP A 874 -14.26 7.75 10.81
N THR A 875 -14.48 9.07 10.74
CA THR A 875 -14.01 9.84 9.59
C THR A 875 -12.49 9.80 9.47
N ALA A 876 -11.79 9.88 10.59
CA ALA A 876 -10.33 9.88 10.56
C ALA A 876 -9.75 8.53 10.15
N VAL A 877 -10.43 7.42 10.44
CA VAL A 877 -9.79 6.12 10.23
C VAL A 877 -10.31 5.37 9.01
N LYS A 878 -11.45 5.77 8.44
CA LYS A 878 -11.98 5.00 7.32
C LYS A 878 -11.16 5.20 6.05
N THR A 879 -10.49 6.35 5.92
CA THR A 879 -9.71 6.63 4.71
C THR A 879 -8.54 5.69 4.57
N ALA A 880 -7.96 5.24 5.69
CA ALA A 880 -6.78 4.39 5.65
C ALA A 880 -7.07 3.07 4.95
N GLU A 881 -8.21 2.46 5.25
CA GLU A 881 -8.57 1.22 4.56
C GLU A 881 -9.16 1.50 3.18
N THR A 882 -9.88 2.61 3.02
CA THR A 882 -10.52 2.88 1.73
C THR A 882 -9.49 3.13 0.64
N GLY A 883 -8.37 3.77 0.97
CA GLY A 883 -7.33 4.00 -0.01
C GLY A 883 -6.73 2.70 -0.53
N TYR A 884 -6.46 1.76 0.37
CA TYR A 884 -5.96 0.45 -0.04
C TYR A 884 -6.97 -0.31 -0.88
N MET A 885 -8.26 -0.22 -0.51
CA MET A 885 -9.30 -0.86 -1.31
C MET A 885 -9.34 -0.30 -2.73
N SER A 886 -9.26 1.01 -2.85
CA SER A 886 -9.28 1.64 -4.17
C SER A 886 -8.05 1.25 -4.98
N ARG A 887 -6.88 1.20 -4.34
CA ARG A 887 -5.66 0.81 -5.04
C ARG A 887 -5.74 -0.62 -5.54
N ARG A 888 -6.24 -1.54 -4.71
CA ARG A 888 -6.39 -2.93 -5.14
C ARG A 888 -7.37 -3.04 -6.30
N LEU A 889 -8.52 -2.36 -6.19
CA LEU A 889 -9.53 -2.42 -7.24
C LEU A 889 -9.00 -1.91 -8.56
N MET A 890 -8.26 -0.80 -8.53
CA MET A 890 -7.71 -0.28 -9.78
C MET A 890 -6.59 -1.15 -10.33
N LYS A 891 -5.69 -1.65 -9.48
CA LYS A 891 -4.64 -2.53 -9.98
C LYS A 891 -5.18 -3.84 -10.51
N SER A 892 -6.40 -4.20 -10.15
CA SER A 892 -7.04 -5.35 -10.77
C SER A 892 -7.89 -5.00 -12.00
N LEU A 893 -8.34 -3.76 -12.13
CA LEU A 893 -9.28 -3.39 -13.17
C LEU A 893 -8.73 -2.40 -14.20
N GLU A 894 -7.44 -2.05 -14.14
CA GLU A 894 -6.95 -0.96 -14.99
C GLU A 894 -6.85 -1.37 -16.45
N ASP A 895 -6.54 -2.64 -16.72
CA ASP A 895 -6.18 -3.05 -18.07
C ASP A 895 -7.38 -3.22 -19.00
N LEU A 896 -8.59 -3.35 -18.47
CA LEU A 896 -9.74 -3.62 -19.33
C LEU A 896 -10.12 -2.39 -20.16
N SER A 897 -10.67 -2.66 -21.34
CA SER A 897 -11.14 -1.61 -22.23
C SER A 897 -12.13 -2.19 -23.21
N CYS A 898 -12.95 -1.32 -23.80
CA CYS A 898 -13.91 -1.71 -24.81
C CYS A 898 -13.26 -1.64 -26.18
N GLN A 899 -13.14 -2.79 -26.83
CA GLN A 899 -12.50 -2.87 -28.14
C GLN A 899 -13.47 -2.38 -29.23
N TYR A 900 -13.01 -2.41 -30.48
CA TYR A 900 -13.78 -1.87 -31.59
C TYR A 900 -14.84 -2.84 -32.09
N ASP A 901 -14.89 -4.06 -31.58
CA ASP A 901 -15.96 -5.00 -31.87
C ASP A 901 -16.94 -5.12 -30.71
N ASN A 902 -16.96 -4.12 -29.82
CA ASN A 902 -17.88 -4.03 -28.69
C ASN A 902 -17.72 -5.17 -27.69
N THR A 903 -16.52 -5.74 -27.60
CA THR A 903 -16.21 -6.77 -26.61
C THR A 903 -15.17 -6.24 -25.65
N VAL A 904 -15.44 -6.34 -24.36
CA VAL A 904 -14.51 -5.89 -23.33
C VAL A 904 -13.43 -6.95 -23.15
N ARG A 905 -12.16 -6.54 -23.30
CA ARG A 905 -11.05 -7.48 -23.28
C ARG A 905 -9.96 -6.96 -22.36
N THR A 906 -9.15 -7.88 -21.85
CA THR A 906 -7.99 -7.53 -21.04
C THR A 906 -6.84 -7.08 -21.94
N SER A 907 -5.72 -6.74 -21.32
CA SER A 907 -4.53 -6.37 -22.08
C SER A 907 -3.95 -7.54 -22.86
N ALA A 908 -4.18 -8.77 -22.40
CA ALA A 908 -3.74 -9.97 -23.10
C ALA A 908 -4.77 -10.48 -24.10
N ASN A 909 -5.69 -9.61 -24.54
CA ASN A 909 -6.67 -9.90 -25.59
C ASN A 909 -7.61 -11.06 -25.23
N GLY A 910 -7.89 -11.23 -23.94
CA GLY A 910 -8.86 -12.22 -23.49
C GLY A 910 -10.15 -11.56 -23.08
N ILE A 911 -11.28 -12.16 -23.48
CA ILE A 911 -12.58 -11.57 -23.23
C ILE A 911 -12.97 -11.74 -21.76
N VAL A 912 -13.39 -10.63 -21.15
CA VAL A 912 -14.10 -10.65 -19.88
C VAL A 912 -15.61 -10.60 -20.10
N GLN A 913 -16.07 -9.68 -20.94
CA GLN A 913 -17.47 -9.59 -21.31
C GLN A 913 -17.58 -9.50 -22.82
N PHE A 914 -18.55 -10.21 -23.39
CA PHE A 914 -18.76 -10.15 -24.84
C PHE A 914 -19.43 -8.86 -25.26
N THR A 915 -20.36 -8.34 -24.45
CA THR A 915 -20.86 -6.99 -24.57
C THR A 915 -20.86 -6.38 -23.19
N TYR A 916 -20.63 -5.07 -23.11
CA TYR A 916 -20.52 -4.42 -21.82
C TYR A 916 -21.87 -4.37 -21.12
N GLY A 917 -21.98 -5.07 -20.00
CA GLY A 917 -23.20 -5.07 -19.22
C GLY A 917 -24.38 -5.80 -19.85
N GLY A 918 -24.16 -6.53 -20.93
CA GLY A 918 -25.21 -7.26 -21.60
C GLY A 918 -25.88 -6.51 -22.73
N ASP A 919 -25.75 -5.18 -22.78
CA ASP A 919 -26.35 -4.39 -23.84
C ASP A 919 -25.38 -3.41 -24.49
N GLY A 920 -24.19 -3.23 -23.95
CA GLY A 920 -23.22 -2.31 -24.53
C GLY A 920 -23.63 -0.86 -24.45
N LEU A 921 -24.14 -0.42 -23.31
CA LEU A 921 -24.60 0.95 -23.10
C LEU A 921 -23.71 1.65 -22.09
N ASP A 922 -23.34 2.88 -22.40
CA ASP A 922 -22.48 3.68 -21.53
C ASP A 922 -23.28 4.17 -20.34
N PRO A 923 -22.85 3.92 -19.10
CA PRO A 923 -23.55 4.51 -17.95
C PRO A 923 -23.55 6.02 -17.97
N LEU A 924 -22.55 6.64 -18.58
CA LEU A 924 -22.48 8.10 -18.64
C LEU A 924 -23.55 8.69 -19.55
N GLU A 925 -24.04 7.94 -20.53
CA GLU A 925 -24.90 8.48 -21.58
C GLU A 925 -26.34 8.01 -21.50
N MET A 926 -26.74 7.32 -20.44
CA MET A 926 -28.12 6.85 -20.29
C MET A 926 -28.96 7.95 -19.64
N GLU A 927 -30.04 8.33 -20.31
CA GLU A 927 -30.87 9.46 -19.88
C GLU A 927 -32.13 9.03 -19.14
N GLY A 928 -32.32 7.73 -18.90
CA GLY A 928 -33.51 7.23 -18.24
C GLY A 928 -33.18 6.41 -17.01
N ASN A 929 -34.23 6.01 -16.30
CA ASN A 929 -34.09 5.15 -15.14
C ASN A 929 -33.78 3.73 -15.59
N ALA A 930 -32.48 3.41 -15.71
CA ALA A 930 -31.98 2.14 -16.24
C ALA A 930 -32.48 1.89 -17.66
N GLN A 931 -32.70 2.96 -18.42
CA GLN A 931 -33.07 2.92 -19.82
C GLN A 931 -32.18 3.87 -20.60
N PRO A 932 -31.89 3.55 -21.87
CA PRO A 932 -31.07 4.46 -22.68
C PRO A 932 -31.68 5.82 -22.91
N VAL A 933 -33.01 5.92 -23.04
CA VAL A 933 -33.67 7.17 -23.36
C VAL A 933 -34.94 7.31 -22.52
N ASN A 934 -35.23 8.54 -22.10
CA ASN A 934 -36.45 8.85 -21.37
C ASN A 934 -37.55 9.13 -22.39
N PHE A 935 -38.58 8.29 -22.41
CA PHE A 935 -39.60 8.38 -23.44
C PHE A 935 -40.53 9.56 -23.21
N ASN A 936 -40.88 9.84 -21.95
CA ASN A 936 -41.84 10.90 -21.66
C ASN A 936 -41.29 12.27 -22.03
N ARG A 937 -40.07 12.56 -21.60
CA ARG A 937 -39.48 13.86 -21.90
C ARG A 937 -39.20 14.01 -23.39
N SER A 938 -38.78 12.93 -24.05
CA SER A 938 -38.55 13.00 -25.49
C SER A 938 -39.85 13.23 -26.25
N TRP A 939 -40.94 12.59 -25.83
CA TRP A 939 -42.24 12.81 -26.47
C TRP A 939 -42.71 14.24 -26.26
N ASP A 940 -42.57 14.76 -25.04
CA ASP A 940 -42.97 16.14 -24.77
C ASP A 940 -42.13 17.13 -25.58
N HIS A 941 -40.82 16.88 -25.66
CA HIS A 941 -39.93 17.73 -26.44
C HIS A 941 -40.31 17.74 -27.91
N ALA A 942 -40.58 16.55 -28.47
CA ALA A 942 -40.96 16.45 -29.87
C ALA A 942 -42.29 17.12 -30.14
N TYR A 943 -43.24 16.96 -29.21
CA TYR A 943 -44.54 17.61 -29.37
C TYR A 943 -44.40 19.13 -29.32
N ASN A 944 -43.57 19.64 -28.42
CA ASN A 944 -43.46 21.09 -28.28
C ASN A 944 -42.71 21.73 -29.45
N ILE A 945 -41.57 21.15 -29.85
CA ILE A 945 -40.77 21.80 -30.88
C ILE A 945 -41.31 21.59 -32.29
N THR A 946 -42.30 20.73 -32.46
CA THR A 946 -42.99 20.56 -33.74
C THR A 946 -44.43 21.01 -33.67
N PHE A 947 -44.76 21.88 -32.72
CA PHE A 947 -46.14 22.30 -32.53
C PHE A 947 -46.59 23.22 -33.66
N ASN A 948 -47.83 23.02 -34.11
CA ASN A 948 -48.42 23.85 -35.16
C ASN A 948 -49.92 23.67 -35.09
N ASN A 949 -50.65 24.77 -34.91
CA ASN A 949 -52.10 24.70 -34.80
C ASN A 949 -52.76 24.39 -36.13
N GLN A 950 -52.06 24.62 -37.25
CA GLN A 950 -52.60 24.38 -38.58
C GLN A 950 -52.29 22.99 -39.10
N ASP A 951 -51.66 22.13 -38.31
CA ASP A 951 -51.33 20.78 -38.73
C ASP A 951 -52.44 19.82 -38.29
N LYS A 952 -52.96 19.05 -39.24
CA LYS A 952 -54.02 18.10 -38.94
C LYS A 952 -53.47 16.93 -38.16
N GLY A 953 -54.23 16.49 -37.16
CA GLY A 953 -53.82 15.35 -36.36
C GLY A 953 -53.94 14.04 -37.11
N LEU A 954 -53.38 13.00 -36.51
CA LEU A 954 -53.34 11.68 -37.11
C LEU A 954 -54.26 10.73 -36.38
N LEU A 955 -54.94 9.88 -37.14
CA LEU A 955 -55.70 8.78 -36.56
C LEU A 955 -54.74 7.77 -35.94
N PRO A 956 -55.20 7.00 -34.93
CA PRO A 956 -54.27 6.09 -34.24
C PRO A 956 -53.62 5.06 -35.13
N TYR A 957 -54.34 4.54 -36.12
CA TYR A 957 -53.71 3.61 -37.05
C TYR A 957 -52.64 4.29 -37.89
N ALA A 958 -52.81 5.58 -38.19
CA ALA A 958 -51.78 6.31 -38.92
C ALA A 958 -50.52 6.50 -38.08
N ILE A 959 -50.69 6.77 -36.78
CA ILE A 959 -49.55 6.87 -35.88
C ILE A 959 -48.82 5.54 -35.80
N MET A 960 -49.58 4.45 -35.68
CA MET A 960 -48.98 3.12 -35.64
C MET A 960 -48.28 2.79 -36.95
N GLU A 961 -48.86 3.20 -38.08
CA GLU A 961 -48.25 2.94 -39.38
C GLU A 961 -46.96 3.73 -39.56
N THR A 962 -46.93 4.99 -39.10
CA THR A 962 -45.71 5.79 -39.18
C THR A 962 -44.62 5.18 -38.30
N ALA A 963 -44.98 4.75 -37.09
CA ALA A 963 -44.01 4.11 -36.21
C ALA A 963 -43.48 2.82 -36.84
N ASN A 964 -44.36 2.02 -37.44
CA ASN A 964 -43.93 0.79 -38.10
C ASN A 964 -43.04 1.09 -39.31
N GLU A 965 -43.37 2.12 -40.08
CA GLU A 965 -42.57 2.49 -41.24
C GLU A 965 -41.17 2.90 -40.85
N ILE A 966 -41.04 3.65 -39.74
CA ILE A 966 -39.71 4.05 -39.31
C ILE A 966 -38.95 2.88 -38.69
N LEU A 967 -39.62 2.06 -37.88
CA LEU A 967 -38.95 1.04 -37.09
C LEU A 967 -38.87 -0.33 -37.78
N GLY A 968 -39.39 -0.47 -38.99
CA GLY A 968 -39.35 -1.73 -39.69
C GLY A 968 -37.97 -2.17 -40.14
N PRO A 969 -37.32 -1.38 -41.00
CA PRO A 969 -35.97 -1.75 -41.47
C PRO A 969 -34.94 -1.86 -40.37
N LEU A 970 -35.12 -1.15 -39.25
CA LEU A 970 -34.13 -1.21 -38.17
C LEU A 970 -34.15 -2.57 -37.47
N GLU A 971 -35.34 -3.12 -37.22
CA GLU A 971 -35.44 -4.41 -36.57
C GLU A 971 -35.56 -5.56 -37.56
N GLU A 972 -35.61 -5.28 -38.86
CA GLU A 972 -35.57 -6.33 -39.87
C GLU A 972 -34.15 -6.71 -40.27
N ARG A 973 -33.21 -5.77 -40.19
CA ARG A 973 -31.81 -6.09 -40.47
C ARG A 973 -31.16 -6.86 -39.34
N LEU A 974 -31.80 -6.97 -38.18
CA LEU A 974 -31.31 -7.79 -37.07
C LEU A 974 -31.85 -9.22 -37.20
N VAL A 975 -31.36 -9.92 -38.22
CA VAL A 975 -31.78 -11.29 -38.45
C VAL A 975 -31.23 -12.18 -37.36
N ARG A 976 -32.02 -13.16 -36.93
CA ARG A 976 -31.64 -14.07 -35.87
C ARG A 976 -31.03 -15.33 -36.47
N TYR A 977 -29.80 -15.64 -36.07
CA TYR A 977 -29.11 -16.84 -36.50
C TYR A 977 -28.94 -17.78 -35.31
N ASP A 978 -29.07 -19.07 -35.56
CA ASP A 978 -28.84 -20.05 -34.49
C ASP A 978 -27.35 -20.23 -34.26
N ASN A 979 -27.01 -21.13 -33.34
CA ASN A 979 -25.62 -21.37 -33.01
C ASN A 979 -24.86 -22.01 -34.17
N SER A 980 -25.57 -22.77 -35.02
CA SER A 980 -24.92 -23.35 -36.20
C SER A 980 -24.53 -22.28 -37.19
N GLY A 981 -25.41 -21.29 -37.42
CA GLY A 981 -25.08 -20.19 -38.30
C GLY A 981 -26.06 -19.97 -39.44
N CYS A 982 -27.24 -20.57 -39.34
CA CYS A 982 -28.27 -20.42 -40.37
C CYS A 982 -29.49 -19.73 -39.78
N LEU A 983 -30.47 -19.48 -40.65
CA LEU A 983 -31.67 -18.75 -40.26
C LEU A 983 -32.51 -19.57 -39.29
N VAL A 984 -33.28 -18.87 -38.46
CA VAL A 984 -34.12 -19.48 -37.44
C VAL A 984 -35.58 -19.38 -37.88
N LYS A 985 -36.32 -20.48 -37.69
CA LYS A 985 -37.72 -20.51 -38.09
C LYS A 985 -38.56 -19.58 -37.21
N ARG A 986 -39.68 -19.12 -37.77
CA ARG A 986 -40.55 -18.18 -37.06
C ARG A 986 -41.24 -18.82 -35.86
N GLU A 987 -41.44 -20.14 -35.87
CA GLU A 987 -42.12 -20.80 -34.76
C GLU A 987 -41.29 -20.79 -33.48
N ASP A 988 -39.97 -20.68 -33.59
CA ASP A 988 -39.09 -20.76 -32.43
C ASP A 988 -38.10 -19.60 -32.40
N LEU A 989 -38.58 -18.39 -32.68
CA LEU A 989 -37.72 -17.22 -32.63
C LEU A 989 -37.40 -16.79 -31.20
N ASN A 990 -38.29 -17.06 -30.25
CA ASN A 990 -38.15 -16.57 -28.89
C ASN A 990 -37.66 -17.64 -27.92
N LYS A 991 -36.97 -18.66 -28.41
CA LYS A 991 -36.44 -19.68 -27.52
C LYS A 991 -35.12 -19.22 -26.91
N ALA A 992 -34.72 -19.90 -25.84
CA ALA A 992 -33.58 -19.45 -25.04
C ALA A 992 -32.26 -19.63 -25.77
N GLU A 993 -32.09 -20.74 -26.50
CA GLU A 993 -30.79 -21.03 -27.10
C GLU A 993 -30.48 -20.16 -28.30
N TYR A 994 -31.45 -19.40 -28.81
CA TYR A 994 -31.24 -18.52 -29.96
C TYR A 994 -31.10 -17.06 -29.54
N VAL A 995 -30.70 -16.82 -28.29
CA VAL A 995 -30.49 -15.45 -27.83
C VAL A 995 -29.17 -14.94 -28.40
N ASP A 996 -29.22 -13.80 -29.08
CA ASP A 996 -28.06 -13.20 -29.70
C ASP A 996 -27.66 -11.94 -28.96
N GLN A 997 -26.64 -11.26 -29.49
CA GLN A 997 -26.18 -10.00 -28.90
C GLN A 997 -27.05 -8.82 -29.29
N TYR A 998 -27.90 -8.95 -30.30
CA TYR A 998 -28.72 -7.85 -30.78
C TYR A 998 -30.06 -7.75 -30.06
N ASP A 999 -30.39 -8.72 -29.20
CA ASP A 999 -31.71 -8.78 -28.59
C ASP A 999 -32.05 -7.52 -27.79
N ALA A 1000 -31.08 -6.98 -27.04
CA ALA A 1000 -31.29 -5.73 -26.34
C ALA A 1000 -31.79 -4.65 -27.29
N GLU A 1001 -31.11 -4.47 -28.43
CA GLU A 1001 -31.59 -3.55 -29.45
C GLU A 1001 -33.02 -3.86 -29.82
N ARG A 1002 -33.32 -5.13 -30.12
CA ARG A 1002 -34.69 -5.52 -30.44
C ARG A 1002 -35.63 -5.18 -29.31
N ASP A 1003 -35.21 -5.46 -28.07
CA ASP A 1003 -36.03 -5.13 -26.91
C ASP A 1003 -36.34 -3.65 -26.89
N PHE A 1004 -35.31 -2.82 -27.12
CA PHE A 1004 -35.50 -1.38 -27.16
C PHE A 1004 -36.57 -1.01 -28.17
N TYR A 1005 -36.46 -1.55 -29.39
CA TYR A 1005 -37.41 -1.22 -30.43
C TYR A 1005 -38.82 -1.61 -30.00
N HIS A 1006 -38.96 -2.80 -29.40
CA HIS A 1006 -40.27 -3.24 -28.94
C HIS A 1006 -40.83 -2.24 -27.94
N SER A 1007 -40.01 -1.86 -26.95
CA SER A 1007 -40.47 -0.89 -25.96
C SER A 1007 -40.86 0.41 -26.63
N LEU A 1008 -40.04 0.86 -27.59
CA LEU A 1008 -40.34 2.07 -28.32
C LEU A 1008 -41.71 1.97 -28.97
N ARG A 1009 -41.93 0.87 -29.71
CA ARG A 1009 -43.22 0.68 -30.37
C ARG A 1009 -44.34 0.67 -29.35
N GLU A 1010 -44.12 -0.03 -28.23
CA GLU A 1010 -45.15 -0.13 -27.22
C GLU A 1010 -45.53 1.26 -26.70
N TYR A 1011 -44.52 2.11 -26.46
CA TYR A 1011 -44.80 3.44 -25.97
C TYR A 1011 -45.66 4.21 -26.96
N ILE A 1012 -45.29 4.15 -28.24
CA ILE A 1012 -46.07 4.85 -29.26
C ILE A 1012 -47.47 4.26 -29.32
N ASN A 1013 -47.56 2.93 -29.23
CA ASN A 1013 -48.86 2.28 -29.25
C ASN A 1013 -49.72 2.77 -28.10
N GLY A 1014 -49.11 2.93 -26.91
CA GLY A 1014 -49.86 3.43 -25.78
C GLY A 1014 -50.49 4.77 -26.07
N LYS A 1015 -49.71 5.69 -26.66
CA LYS A 1015 -50.24 7.01 -27.02
C LYS A 1015 -51.41 6.85 -27.97
N ALA A 1016 -51.24 6.02 -29.00
CA ALA A 1016 -52.33 5.79 -29.95
C ALA A 1016 -53.54 5.23 -29.24
N THR A 1017 -53.32 4.27 -28.33
CA THR A 1017 -54.43 3.68 -27.60
C THR A 1017 -55.18 4.75 -26.83
N ALA A 1018 -54.45 5.67 -26.19
CA ALA A 1018 -55.10 6.74 -25.45
C ALA A 1018 -56.00 7.55 -26.36
N LEU A 1019 -55.48 7.92 -27.54
CA LEU A 1019 -56.29 8.68 -28.48
C LEU A 1019 -57.52 7.89 -28.89
N ALA A 1020 -57.34 6.58 -29.14
CA ALA A 1020 -58.47 5.74 -29.52
C ALA A 1020 -59.52 5.74 -28.42
N ASN A 1021 -59.07 5.66 -27.16
CA ASN A 1021 -60.02 5.65 -26.05
C ASN A 1021 -60.80 6.95 -26.01
N LEU A 1022 -60.13 8.08 -26.27
CA LEU A 1022 -60.83 9.35 -26.31
C LEU A 1022 -61.86 9.37 -27.41
N ARG A 1023 -61.51 8.79 -28.57
CA ARG A 1023 -62.45 8.75 -29.68
C ARG A 1023 -63.62 7.82 -29.36
N LYS A 1024 -63.43 6.89 -28.42
CA LYS A 1024 -64.54 6.04 -28.02
C LYS A 1024 -65.36 6.69 -26.92
N SER A 1025 -64.82 7.72 -26.27
CA SER A 1025 -65.56 8.40 -25.22
C SER A 1025 -66.37 9.58 -25.73
N ARG A 1026 -66.12 10.04 -26.95
CA ARG A 1026 -66.82 11.19 -27.51
C ARG A 1026 -67.83 10.81 -28.57
N GLY A 1027 -68.12 9.52 -28.72
CA GLY A 1027 -69.08 9.04 -29.70
C GLY A 1027 -68.51 8.77 -31.07
N MET A 1028 -67.22 9.05 -31.30
CA MET A 1028 -66.62 8.83 -32.59
C MET A 1028 -66.19 7.37 -32.75
N LEU A 1029 -65.58 7.07 -33.89
CA LEU A 1029 -65.10 5.74 -34.18
C LEU A 1029 -63.61 5.67 -33.88
N GLY A 1030 -63.20 4.72 -33.04
CA GLY A 1030 -61.80 4.57 -32.69
C GLY A 1030 -61.05 3.67 -33.63
N LEU A 1031 -60.21 4.27 -34.48
CA LEU A 1031 -59.47 3.52 -35.50
C LEU A 1031 -58.09 3.16 -34.97
N LEU A 1032 -58.06 2.24 -34.01
CA LEU A 1032 -56.78 1.72 -33.53
C LEU A 1032 -56.18 0.76 -34.55
N GLU A 1033 -57.02 0.05 -35.28
CA GLU A 1033 -56.62 -0.80 -36.39
C GLU A 1033 -57.02 -0.14 -37.71
N PRO A 1034 -56.33 -0.45 -38.81
CA PRO A 1034 -56.72 0.11 -40.12
C PRO A 1034 -58.12 -0.32 -40.50
N PRO A 1035 -58.93 0.58 -41.06
CA PRO A 1035 -60.32 0.24 -41.38
C PRO A 1035 -60.44 -0.78 -42.49
N ALA A 1036 -59.80 -0.52 -43.63
CA ALA A 1036 -59.80 -1.45 -44.75
C ALA A 1036 -58.60 -1.14 -45.64
N LYS A 1037 -58.26 -2.11 -46.48
CA LYS A 1037 -57.16 -1.92 -47.42
C LYS A 1037 -57.47 -0.87 -48.47
N GLU A 1038 -58.71 -0.88 -48.99
CA GLU A 1038 -59.10 -0.02 -50.09
C GLU A 1038 -59.92 1.19 -49.67
N LEU A 1039 -60.32 1.27 -48.40
CA LEU A 1039 -61.15 2.39 -47.96
C LEU A 1039 -60.34 3.68 -47.94
N GLN A 1040 -60.92 4.74 -48.47
CA GLN A 1040 -60.27 6.03 -48.60
C GLN A 1040 -61.21 7.12 -48.09
N GLY A 1041 -60.68 8.35 -48.05
CA GLY A 1041 -61.42 9.49 -47.57
C GLY A 1041 -61.32 9.66 -46.06
N ILE A 1042 -61.54 10.90 -45.63
CA ILE A 1042 -61.52 11.21 -44.20
C ILE A 1042 -62.83 10.72 -43.60
N ASP A 1043 -62.81 9.52 -43.03
CA ASP A 1043 -64.05 8.89 -42.60
C ASP A 1043 -64.82 9.58 -41.46
N PRO A 1044 -64.27 10.50 -40.61
CA PRO A 1044 -65.21 11.26 -39.76
C PRO A 1044 -65.93 12.31 -40.59
N ASP A 1045 -67.20 12.04 -40.92
CA ASP A 1045 -67.99 12.98 -41.70
C ASP A 1045 -69.42 13.14 -41.22
N GLU A 1046 -69.96 12.24 -40.41
CA GLU A 1046 -71.29 12.39 -39.86
C GLU A 1046 -71.30 13.08 -38.50
N THR A 1047 -70.17 13.06 -37.80
CA THR A 1047 -70.07 13.80 -36.54
C THR A 1047 -69.99 15.29 -36.82
N VAL A 1048 -70.64 16.07 -35.95
CA VAL A 1048 -70.64 17.53 -36.14
C VAL A 1048 -69.22 18.08 -35.93
N PRO A 1049 -68.73 18.96 -36.80
CA PRO A 1049 -67.33 19.37 -36.72
C PRO A 1049 -67.06 20.39 -35.62
N ASP A 1050 -68.03 21.24 -35.33
CA ASP A 1050 -67.82 22.34 -34.39
C ASP A 1050 -67.91 21.90 -32.93
N ASN A 1051 -68.31 20.66 -32.65
CA ASN A 1051 -68.51 20.21 -31.28
C ASN A 1051 -67.53 19.11 -30.85
N VAL A 1052 -67.48 18.01 -31.59
CA VAL A 1052 -66.74 16.83 -31.15
C VAL A 1052 -65.40 16.70 -31.85
N LYS A 1053 -65.28 17.20 -33.08
CA LYS A 1053 -64.00 17.15 -33.78
C LYS A 1053 -63.00 18.12 -33.15
N THR A 1054 -63.45 19.35 -32.88
CA THR A 1054 -62.58 20.33 -32.26
C THR A 1054 -62.23 19.95 -30.82
N SER A 1055 -63.13 19.28 -30.11
CA SER A 1055 -62.84 18.87 -28.74
C SER A 1055 -61.74 17.81 -28.70
N VAL A 1056 -61.85 16.77 -29.55
CA VAL A 1056 -60.82 15.75 -29.57
C VAL A 1056 -59.54 16.28 -30.19
N SER A 1057 -59.63 17.31 -31.03
CA SER A 1057 -58.42 17.95 -31.53
C SER A 1057 -57.74 18.75 -30.42
N GLN A 1058 -58.53 19.36 -29.53
CA GLN A 1058 -57.97 20.07 -28.40
C GLN A 1058 -57.29 19.12 -27.43
N LEU A 1059 -57.95 18.00 -27.12
CA LEU A 1059 -57.44 17.11 -26.07
C LEU A 1059 -56.23 16.32 -26.54
N TYR A 1060 -56.27 15.79 -27.76
CA TYR A 1060 -55.16 15.00 -28.30
C TYR A 1060 -54.93 15.35 -29.76
N ARG A 1061 -53.72 15.79 -30.08
CA ARG A 1061 -53.38 16.11 -31.47
C ARG A 1061 -51.95 15.64 -31.71
N ILE A 1062 -51.81 14.45 -32.28
CA ILE A 1062 -50.51 13.88 -32.61
C ILE A 1062 -50.33 13.99 -34.12
N SER A 1063 -49.35 14.77 -34.54
CA SER A 1063 -49.09 14.97 -35.95
C SER A 1063 -47.99 14.01 -36.44
N GLU A 1064 -47.88 13.90 -37.75
CA GLU A 1064 -46.83 13.08 -38.34
C GLU A 1064 -45.44 13.65 -38.02
N LYS A 1065 -45.33 14.97 -38.05
CA LYS A 1065 -44.06 15.61 -37.69
C LYS A 1065 -43.68 15.30 -36.24
N SER A 1066 -44.67 15.29 -35.34
CA SER A 1066 -44.40 15.03 -33.93
C SER A 1066 -43.86 13.62 -33.71
N VAL A 1067 -44.53 12.62 -34.29
CA VAL A 1067 -44.11 11.24 -34.07
C VAL A 1067 -42.79 10.95 -34.79
N ARG A 1068 -42.59 11.54 -35.97
CA ARG A 1068 -41.32 11.35 -36.67
C ARG A 1068 -40.17 11.99 -35.89
N LYS A 1069 -40.39 13.19 -35.33
CA LYS A 1069 -39.37 13.83 -34.52
C LYS A 1069 -39.08 13.03 -33.25
N PHE A 1070 -40.12 12.48 -32.63
CA PHE A 1070 -39.93 11.65 -31.44
C PHE A 1070 -39.10 10.41 -31.76
N LEU A 1071 -39.41 9.75 -32.87
CA LEU A 1071 -38.65 8.57 -33.26
C LEU A 1071 -37.21 8.93 -33.59
N GLU A 1072 -36.99 10.05 -34.29
CA GLU A 1072 -35.64 10.50 -34.60
C GLU A 1072 -34.85 10.79 -33.33
N ILE A 1073 -35.48 11.46 -32.37
CA ILE A 1073 -34.82 11.79 -31.11
C ILE A 1073 -34.48 10.52 -30.34
N ALA A 1074 -35.43 9.58 -30.26
CA ALA A 1074 -35.18 8.34 -29.52
C ALA A 1074 -34.06 7.52 -30.15
N LEU A 1075 -34.05 7.42 -31.48
CA LEU A 1075 -33.01 6.65 -32.14
C LEU A 1075 -31.64 7.34 -32.00
N PHE A 1076 -31.61 8.67 -32.06
CA PHE A 1076 -30.34 9.38 -31.88
C PHE A 1076 -29.82 9.21 -30.46
N LYS A 1077 -30.71 9.27 -29.46
CA LYS A 1077 -30.27 9.08 -28.09
C LYS A 1077 -29.82 7.65 -27.84
N TYR A 1078 -30.44 6.67 -28.50
CA TYR A 1078 -30.00 5.29 -28.32
C TYR A 1078 -28.65 5.03 -29.00
N ARG A 1079 -28.48 5.56 -30.21
CA ARG A 1079 -27.26 5.27 -30.96
C ARG A 1079 -26.04 5.97 -30.40
N LYS A 1080 -26.22 7.08 -29.69
CA LYS A 1080 -25.12 7.77 -29.03
C LYS A 1080 -24.88 7.29 -27.61
N ALA A 1081 -25.74 6.41 -27.09
CA ALA A 1081 -25.58 5.89 -25.74
C ALA A 1081 -24.72 4.64 -25.68
N ARG A 1082 -24.28 4.12 -26.82
CA ARG A 1082 -23.42 2.94 -26.82
C ARG A 1082 -22.04 3.27 -26.27
N LEU A 1083 -21.41 2.28 -25.65
CA LEU A 1083 -20.07 2.46 -25.12
C LEU A 1083 -19.08 2.64 -26.27
N GLU A 1084 -18.41 3.80 -26.29
CA GLU A 1084 -17.50 4.11 -27.37
C GLU A 1084 -16.23 3.25 -27.25
N PRO A 1085 -15.74 2.72 -28.36
CA PRO A 1085 -14.54 1.87 -28.32
C PRO A 1085 -13.32 2.64 -27.83
N GLY A 1086 -12.46 1.93 -27.10
CA GLY A 1086 -11.28 2.51 -26.51
C GLY A 1086 -11.47 3.03 -25.10
N THR A 1087 -12.71 3.05 -24.60
CA THR A 1087 -12.97 3.53 -23.25
C THR A 1087 -12.29 2.66 -22.21
N ALA A 1088 -11.61 3.29 -21.25
CA ALA A 1088 -11.00 2.58 -20.13
C ALA A 1088 -12.09 2.32 -19.09
N ILE A 1089 -12.97 1.37 -19.42
CA ILE A 1089 -14.17 1.16 -18.62
C ILE A 1089 -13.84 0.44 -17.31
N GLY A 1090 -12.75 -0.32 -17.28
CA GLY A 1090 -12.36 -0.97 -16.04
C GLY A 1090 -11.92 0.01 -14.99
N ALA A 1091 -11.14 1.02 -15.38
CA ALA A 1091 -10.72 2.07 -14.44
C ALA A 1091 -11.92 2.87 -13.96
N ILE A 1092 -12.87 3.15 -14.86
CA ILE A 1092 -14.09 3.86 -14.49
C ILE A 1092 -14.88 3.07 -13.46
N GLY A 1093 -15.02 1.76 -13.68
CA GLY A 1093 -15.72 0.93 -12.71
C GLY A 1093 -15.00 0.84 -11.38
N ALA A 1094 -13.67 0.73 -11.42
CA ALA A 1094 -12.89 0.66 -10.18
C ALA A 1094 -13.07 1.94 -9.36
N GLN A 1095 -13.02 3.09 -10.01
CA GLN A 1095 -13.26 4.35 -9.30
C GLN A 1095 -14.69 4.48 -8.83
N SER A 1096 -15.67 4.06 -9.64
CA SER A 1096 -17.08 4.17 -9.29
C SER A 1096 -17.49 3.19 -8.20
N ILE A 1097 -16.66 2.21 -7.89
CA ILE A 1097 -16.85 1.36 -6.72
C ILE A 1097 -16.07 1.86 -5.52
N GLY A 1098 -14.84 2.34 -5.73
CA GLY A 1098 -14.03 2.80 -4.60
C GLY A 1098 -14.54 4.08 -3.97
N GLU A 1099 -14.97 5.05 -4.79
CA GLU A 1099 -15.38 6.35 -4.26
C GLU A 1099 -16.62 6.29 -3.36
N PRO A 1100 -17.69 5.53 -3.66
CA PRO A 1100 -18.74 5.37 -2.65
C PRO A 1100 -18.25 4.74 -1.35
N GLY A 1101 -17.20 3.91 -1.42
CA GLY A 1101 -16.58 3.43 -0.20
C GLY A 1101 -16.01 4.54 0.64
N THR A 1102 -15.47 5.58 0.00
CA THR A 1102 -15.06 6.77 0.73
C THR A 1102 -16.28 7.50 1.29
N GLN A 1103 -17.34 7.61 0.49
CA GLN A 1103 -18.50 8.37 0.94
C GLN A 1103 -19.31 7.62 2.00
N MET A 1104 -19.11 6.30 2.13
CA MET A 1104 -19.88 5.53 3.08
C MET A 1104 -19.48 5.83 4.52
N THR A 1105 -20.47 6.14 5.35
CA THR A 1105 -20.28 6.17 6.78
C THR A 1105 -20.65 4.82 7.38
N LEU A 1106 -20.01 4.48 8.49
CA LEU A 1106 -20.22 3.19 9.13
C LEU A 1106 -21.43 3.27 10.05
N LYS A 1107 -22.44 2.45 9.77
CA LYS A 1107 -23.67 2.40 10.53
C LYS A 1107 -23.95 0.96 10.93
N THR A 1108 -24.90 0.78 11.84
CA THR A 1108 -25.31 -0.54 12.29
C THR A 1108 -26.64 -0.91 11.63
N PHE A 1109 -26.65 -2.05 10.96
CA PHE A 1109 -27.83 -2.56 10.27
C PHE A 1109 -28.27 -3.88 10.89
N HIS A 1110 -29.51 -4.27 10.61
CA HIS A 1110 -30.05 -5.54 11.05
C HIS A 1110 -30.86 -6.15 9.91
N PHE A 1111 -30.99 -7.47 9.95
CA PHE A 1111 -31.57 -8.23 8.84
C PHE A 1111 -33.08 -8.36 9.02
N ALA A 1112 -33.82 -7.45 8.39
CA ALA A 1112 -35.28 -7.54 8.23
C ALA A 1112 -36.01 -7.55 9.58
N GLY A 1113 -35.79 -6.51 10.37
CA GLY A 1113 -36.64 -6.22 11.50
C GLY A 1113 -36.38 -6.99 12.77
N VAL A 1114 -35.33 -7.81 12.82
CA VAL A 1114 -34.95 -8.50 14.04
C VAL A 1114 -33.57 -7.97 14.48
N ALA A 1115 -33.46 -7.61 15.76
CA ALA A 1115 -32.30 -6.89 16.25
C ALA A 1115 -31.14 -7.80 16.67
N SER A 1116 -31.30 -9.11 16.55
CA SER A 1116 -30.26 -10.04 16.97
C SER A 1116 -29.31 -10.43 15.84
N MET A 1117 -29.54 -9.95 14.61
CA MET A 1117 -28.69 -10.37 13.50
C MET A 1117 -27.41 -9.55 13.43
N ASN A 1118 -27.54 -8.24 13.22
CA ASN A 1118 -26.42 -7.32 13.00
C ASN A 1118 -25.54 -7.79 11.85
N VAL A 1119 -26.15 -7.87 10.67
CA VAL A 1119 -25.40 -8.26 9.47
C VAL A 1119 -24.46 -7.14 9.07
N THR A 1120 -23.21 -7.50 8.78
CA THR A 1120 -22.23 -6.49 8.40
C THR A 1120 -22.50 -5.99 6.99
N LEU A 1121 -22.51 -4.67 6.83
CA LEU A 1121 -22.73 -4.03 5.55
C LEU A 1121 -21.72 -2.89 5.42
N GLY A 1122 -21.82 -2.13 4.34
CA GLY A 1122 -20.94 -1.00 4.14
C GLY A 1122 -19.57 -1.43 3.63
N VAL A 1123 -18.56 -0.65 4.04
CA VAL A 1123 -17.20 -0.86 3.53
C VAL A 1123 -16.62 -2.22 3.90
N PRO A 1124 -16.74 -2.72 5.16
CA PRO A 1124 -16.22 -4.07 5.43
C PRO A 1124 -16.87 -5.18 4.60
N ARG A 1125 -18.15 -5.05 4.28
CA ARG A 1125 -18.80 -6.04 3.41
C ARG A 1125 -18.19 -6.00 2.01
N ILE A 1126 -17.95 -4.80 1.47
CA ILE A 1126 -17.29 -4.68 0.17
C ILE A 1126 -15.90 -5.29 0.22
N LYS A 1127 -15.17 -5.02 1.32
CA LYS A 1127 -13.82 -5.57 1.48
C LYS A 1127 -13.83 -7.10 1.48
N GLU A 1128 -14.76 -7.70 2.24
CA GLU A 1128 -14.78 -9.15 2.33
C GLU A 1128 -15.46 -9.82 1.15
N ILE A 1129 -16.13 -9.08 0.28
CA ILE A 1129 -16.64 -9.65 -0.96
C ILE A 1129 -15.60 -9.60 -2.07
N ILE A 1130 -14.92 -8.45 -2.24
CA ILE A 1130 -14.03 -8.30 -3.39
C ILE A 1130 -12.80 -9.20 -3.30
N ASN A 1131 -12.49 -9.76 -2.13
CA ASN A 1131 -11.47 -10.79 -2.03
C ASN A 1131 -12.13 -12.12 -1.70
N ALA A 1132 -11.48 -13.22 -2.11
CA ALA A 1132 -12.03 -14.56 -1.92
C ALA A 1132 -11.83 -14.96 -0.47
N SER A 1133 -12.66 -14.38 0.40
CA SER A 1133 -12.60 -14.68 1.83
C SER A 1133 -13.36 -15.97 2.10
N LYS A 1134 -12.64 -17.01 2.54
CA LYS A 1134 -13.28 -18.29 2.80
C LYS A 1134 -14.20 -18.22 4.01
N VAL A 1135 -13.84 -17.40 5.01
CA VAL A 1135 -14.64 -17.21 6.21
C VAL A 1135 -14.96 -15.73 6.34
N ILE A 1136 -16.22 -15.42 6.63
CA ILE A 1136 -16.65 -14.04 6.77
C ILE A 1136 -17.29 -13.86 8.14
N SER A 1137 -17.73 -12.63 8.43
CA SER A 1137 -18.45 -12.33 9.65
C SER A 1137 -19.94 -12.23 9.36
N THR A 1138 -20.75 -12.90 10.18
CA THR A 1138 -22.21 -12.99 10.08
C THR A 1138 -22.67 -13.49 8.71
N PRO A 1139 -22.46 -14.77 8.38
CA PRO A 1139 -23.08 -15.32 7.17
C PRO A 1139 -24.50 -15.78 7.44
N ILE A 1140 -25.38 -15.52 6.47
CA ILE A 1140 -26.81 -15.77 6.63
C ILE A 1140 -27.30 -16.60 5.46
N ILE A 1141 -28.00 -17.69 5.76
CA ILE A 1141 -28.67 -18.52 4.75
C ILE A 1141 -30.16 -18.33 4.94
N ASN A 1142 -30.86 -17.94 3.88
CA ASN A 1142 -32.28 -17.60 3.94
C ASN A 1142 -33.01 -18.74 3.24
N ALA A 1143 -33.39 -19.76 4.00
CA ALA A 1143 -34.15 -20.87 3.47
C ALA A 1143 -35.64 -20.52 3.39
N VAL A 1144 -36.25 -20.91 2.28
CA VAL A 1144 -37.68 -20.72 2.04
C VAL A 1144 -38.39 -22.02 2.37
N LEU A 1145 -39.38 -21.93 3.26
CA LEU A 1145 -40.10 -23.12 3.71
C LEU A 1145 -41.12 -23.57 2.68
N VAL A 1146 -41.33 -24.88 2.61
CA VAL A 1146 -42.37 -25.43 1.74
C VAL A 1146 -43.75 -24.99 2.21
N ASN A 1147 -44.01 -25.12 3.51
CA ASN A 1147 -45.24 -24.66 4.13
C ASN A 1147 -44.89 -23.43 4.95
N ASP A 1148 -45.40 -22.27 4.52
CA ASP A 1148 -44.93 -20.98 5.02
C ASP A 1148 -45.90 -20.29 5.97
N ASN A 1149 -47.11 -20.81 6.17
CA ASN A 1149 -48.12 -20.12 6.94
C ASN A 1149 -48.54 -20.90 8.19
N ASP A 1150 -47.69 -21.80 8.65
CA ASP A 1150 -47.93 -22.54 9.89
C ASP A 1150 -46.71 -22.40 10.79
N GLU A 1151 -46.92 -22.02 12.04
CA GLU A 1151 -45.82 -21.88 12.99
C GLU A 1151 -45.25 -23.23 13.37
N ARG A 1152 -46.10 -24.25 13.48
CA ARG A 1152 -45.66 -25.58 13.90
C ARG A 1152 -44.73 -26.20 12.86
N ALA A 1153 -45.09 -26.10 11.58
CA ALA A 1153 -44.24 -26.63 10.52
C ALA A 1153 -42.91 -25.88 10.47
N ALA A 1154 -42.94 -24.56 10.63
CA ALA A 1154 -41.71 -23.78 10.66
C ALA A 1154 -40.82 -24.21 11.82
N ARG A 1155 -41.40 -24.46 12.99
CA ARG A 1155 -40.61 -24.84 14.15
C ARG A 1155 -40.02 -26.24 13.99
N VAL A 1156 -40.79 -27.18 13.41
CA VAL A 1156 -40.26 -28.53 13.26
C VAL A 1156 -39.21 -28.57 12.15
N VAL A 1157 -39.32 -27.68 11.16
CA VAL A 1157 -38.24 -27.57 10.18
C VAL A 1157 -37.00 -26.94 10.82
N LYS A 1158 -37.19 -25.93 11.67
CA LYS A 1158 -36.08 -25.30 12.38
C LYS A 1158 -35.35 -26.30 13.26
N GLY A 1159 -36.09 -27.23 13.86
CA GLY A 1159 -35.47 -28.28 14.65
C GLY A 1159 -34.57 -29.20 13.87
N ARG A 1160 -34.74 -29.27 12.55
CA ARG A 1160 -33.91 -30.14 11.72
C ARG A 1160 -32.59 -29.51 11.31
N VAL A 1161 -32.46 -28.18 11.40
CA VAL A 1161 -31.26 -27.49 10.97
C VAL A 1161 -30.52 -26.86 12.16
N GLU A 1162 -31.25 -26.39 13.16
CA GLU A 1162 -30.61 -25.82 14.34
C GLU A 1162 -29.94 -26.92 15.14
N LYS A 1163 -28.66 -26.76 15.44
CA LYS A 1163 -27.93 -27.78 16.16
C LYS A 1163 -28.42 -27.85 17.61
N THR A 1164 -28.54 -29.07 18.12
CA THR A 1164 -28.94 -29.33 19.49
C THR A 1164 -27.84 -30.16 20.14
N LEU A 1165 -27.25 -29.62 21.21
CA LEU A 1165 -26.18 -30.31 21.90
C LEU A 1165 -26.75 -31.44 22.75
N LEU A 1166 -25.85 -32.28 23.28
CA LEU A 1166 -26.28 -33.32 24.21
C LEU A 1166 -26.83 -32.72 25.48
N SER A 1167 -26.22 -31.62 25.96
CA SER A 1167 -26.68 -30.95 27.17
C SER A 1167 -28.11 -30.43 27.05
N ASP A 1168 -28.59 -30.18 25.84
CA ASP A 1168 -29.96 -29.75 25.65
C ASP A 1168 -30.96 -30.89 25.72
N VAL A 1169 -30.51 -32.14 25.63
CA VAL A 1169 -31.44 -33.27 25.58
C VAL A 1169 -31.08 -34.33 26.61
N ALA A 1170 -30.37 -33.93 27.67
CA ALA A 1170 -29.94 -34.87 28.70
C ALA A 1170 -30.23 -34.31 30.07
N PHE A 1171 -30.59 -35.20 31.00
CA PHE A 1171 -30.74 -34.83 32.40
C PHE A 1171 -29.40 -34.80 33.13
N TYR A 1172 -28.58 -35.83 32.98
CA TYR A 1172 -27.27 -35.83 33.61
C TYR A 1172 -26.31 -36.70 32.82
N VAL A 1173 -25.02 -36.39 32.99
CA VAL A 1173 -23.91 -37.27 32.63
C VAL A 1173 -23.10 -37.52 33.89
N GLN A 1174 -22.75 -38.77 34.13
CA GLN A 1174 -22.01 -39.12 35.34
C GLN A 1174 -21.02 -40.24 35.02
N ASP A 1175 -20.00 -40.36 35.86
CA ASP A 1175 -19.00 -41.41 35.73
C ASP A 1175 -19.17 -42.39 36.88
N VAL A 1176 -19.30 -43.68 36.55
CA VAL A 1176 -19.59 -44.73 37.52
C VAL A 1176 -18.44 -45.71 37.54
N TYR A 1177 -17.98 -46.04 38.74
CA TYR A 1177 -16.95 -47.04 38.96
C TYR A 1177 -17.53 -48.18 39.78
N LYS A 1178 -17.31 -49.41 39.32
CA LYS A 1178 -17.80 -50.62 39.97
C LYS A 1178 -16.61 -51.47 40.40
N ASP A 1179 -16.90 -52.72 40.76
CA ASP A 1179 -15.87 -53.62 41.28
C ASP A 1179 -14.72 -53.81 40.30
N ASN A 1180 -15.03 -54.01 39.02
CA ASN A 1180 -13.99 -54.10 38.01
C ASN A 1180 -14.35 -53.40 36.70
N LEU A 1181 -15.50 -52.75 36.59
CA LEU A 1181 -15.94 -52.13 35.35
C LEU A 1181 -16.22 -50.65 35.61
N SER A 1182 -15.84 -49.82 34.65
CA SER A 1182 -15.96 -48.37 34.76
C SER A 1182 -16.59 -47.81 33.50
N PHE A 1183 -17.56 -46.91 33.66
CA PHE A 1183 -18.30 -46.41 32.50
C PHE A 1183 -18.83 -45.02 32.79
N ILE A 1184 -19.51 -44.46 31.81
CA ILE A 1184 -20.17 -43.15 31.90
C ILE A 1184 -21.63 -43.34 31.54
N GLN A 1185 -22.51 -42.91 32.42
CA GLN A 1185 -23.95 -43.06 32.26
C GLN A 1185 -24.57 -41.71 31.91
N VAL A 1186 -25.37 -41.68 30.86
CA VAL A 1186 -26.06 -40.49 30.38
C VAL A 1186 -27.56 -40.77 30.42
N ARG A 1187 -28.31 -39.87 31.04
CA ARG A 1187 -29.77 -39.99 31.07
C ARG A 1187 -30.35 -38.91 30.17
N ILE A 1188 -30.74 -39.30 28.96
CA ILE A 1188 -31.47 -38.38 28.10
C ILE A 1188 -32.92 -38.32 28.54
N ASP A 1189 -33.61 -37.26 28.12
CA ASP A 1189 -35.03 -37.09 28.41
C ASP A 1189 -35.84 -37.15 27.13
N LEU A 1190 -37.07 -37.64 27.24
CA LEU A 1190 -37.97 -37.72 26.10
C LEU A 1190 -38.99 -36.60 26.07
N GLY A 1191 -39.26 -35.96 27.21
CA GLY A 1191 -40.21 -34.87 27.23
C GLY A 1191 -39.72 -33.65 26.45
N THR A 1192 -38.45 -33.30 26.62
CA THR A 1192 -37.88 -32.17 25.88
C THR A 1192 -37.85 -32.46 24.39
N ILE A 1193 -37.48 -33.69 24.01
CA ILE A 1193 -37.46 -34.07 22.60
C ILE A 1193 -38.86 -34.02 22.00
N ASP A 1194 -39.87 -34.49 22.76
CA ASP A 1194 -41.23 -34.48 22.26
C ASP A 1194 -41.78 -33.06 22.14
N LYS A 1195 -41.48 -32.20 23.11
CA LYS A 1195 -42.02 -30.84 23.08
C LYS A 1195 -41.34 -29.98 22.02
N LEU A 1196 -40.02 -30.13 21.86
CA LEU A 1196 -39.33 -29.43 20.79
C LEU A 1196 -39.52 -30.11 19.44
N GLN A 1197 -40.02 -31.35 19.43
CA GLN A 1197 -40.32 -32.12 18.23
C GLN A 1197 -39.08 -32.29 17.35
N LEU A 1198 -38.08 -32.95 17.91
CA LEU A 1198 -36.94 -33.43 17.14
C LEU A 1198 -37.22 -34.83 16.63
N GLU A 1199 -36.80 -35.10 15.40
CA GLU A 1199 -36.89 -36.44 14.83
C GLU A 1199 -35.69 -37.28 15.28
N LEU A 1200 -35.45 -37.29 16.59
CA LEU A 1200 -34.29 -37.90 17.22
C LEU A 1200 -34.74 -39.00 18.17
N THR A 1201 -34.03 -40.12 18.15
CA THR A 1201 -34.30 -41.25 19.03
C THR A 1201 -33.04 -41.60 19.82
N ILE A 1202 -33.14 -42.67 20.62
CA ILE A 1202 -32.04 -43.06 21.50
C ILE A 1202 -30.87 -43.60 20.68
N GLU A 1203 -31.16 -44.47 19.71
CA GLU A 1203 -30.10 -45.02 18.87
C GLU A 1203 -29.44 -43.94 18.03
N ASP A 1204 -30.20 -42.92 17.62
CA ASP A 1204 -29.61 -41.79 16.93
C ASP A 1204 -28.60 -41.05 17.81
N ILE A 1205 -28.94 -40.88 19.09
CA ILE A 1205 -28.01 -40.25 20.03
C ILE A 1205 -26.78 -41.12 20.21
N ALA A 1206 -26.96 -42.44 20.28
CA ALA A 1206 -25.82 -43.34 20.43
C ALA A 1206 -24.88 -43.28 19.23
N VAL A 1207 -25.44 -43.31 18.01
CA VAL A 1207 -24.59 -43.28 16.84
C VAL A 1207 -23.96 -41.90 16.67
N ALA A 1208 -24.64 -40.85 17.11
CA ALA A 1208 -24.03 -39.52 17.10
C ALA A 1208 -22.88 -39.43 18.09
N ILE A 1209 -23.00 -40.10 19.24
CA ILE A 1209 -21.89 -40.18 20.18
C ILE A 1209 -20.72 -40.91 19.56
N THR A 1210 -20.98 -42.02 18.85
CA THR A 1210 -19.90 -42.76 18.22
C THR A 1210 -19.25 -41.99 17.08
N ARG A 1211 -20.02 -41.17 16.35
CA ARG A 1211 -19.48 -40.44 15.22
C ARG A 1211 -18.56 -39.30 15.62
N ALA A 1212 -18.51 -38.91 16.90
CA ALA A 1212 -17.60 -37.87 17.36
C ALA A 1212 -16.21 -38.49 17.47
N SER A 1213 -15.37 -38.22 16.47
CA SER A 1213 -14.06 -38.85 16.41
C SER A 1213 -13.09 -38.27 17.43
N LYS A 1214 -13.35 -37.04 17.90
CA LYS A 1214 -12.44 -36.41 18.86
C LYS A 1214 -12.54 -37.04 20.24
N LEU A 1215 -13.61 -37.76 20.53
CA LEU A 1215 -13.74 -38.44 21.82
C LEU A 1215 -13.01 -39.78 21.86
N LYS A 1216 -12.57 -40.29 20.71
CA LYS A 1216 -11.87 -41.58 20.59
C LYS A 1216 -12.72 -42.71 21.17
N ILE A 1217 -13.93 -42.85 20.65
CA ILE A 1217 -14.87 -43.85 21.10
C ILE A 1217 -15.40 -44.59 19.87
N GLN A 1218 -15.82 -45.83 20.08
CA GLN A 1218 -16.33 -46.68 19.01
C GLN A 1218 -17.62 -47.34 19.45
N ALA A 1219 -18.36 -47.88 18.46
CA ALA A 1219 -19.69 -48.41 18.72
C ALA A 1219 -19.69 -49.66 19.59
N SER A 1220 -18.54 -50.31 19.76
CA SER A 1220 -18.48 -51.50 20.60
C SER A 1220 -18.70 -51.17 22.07
N ASP A 1221 -18.41 -49.94 22.49
CA ASP A 1221 -18.53 -49.55 23.89
C ASP A 1221 -19.89 -49.00 24.25
N VAL A 1222 -20.52 -48.27 23.32
CA VAL A 1222 -21.80 -47.61 23.61
C VAL A 1222 -22.90 -48.67 23.68
N ASN A 1223 -23.67 -48.64 24.77
CA ASN A 1223 -24.76 -49.57 24.98
C ASN A 1223 -25.97 -48.80 25.49
N ILE A 1224 -27.15 -49.37 25.32
CA ILE A 1224 -28.41 -48.75 25.72
C ILE A 1224 -28.99 -49.54 26.89
N ILE A 1225 -29.31 -48.82 27.97
CA ILE A 1225 -29.96 -49.41 29.14
C ILE A 1225 -31.28 -48.68 29.33
N GLY A 1226 -32.38 -49.43 29.29
CA GLY A 1226 -33.68 -48.83 29.40
C GLY A 1226 -34.01 -48.02 28.14
N LYS A 1227 -35.01 -47.16 28.28
CA LYS A 1227 -35.39 -46.24 27.23
C LYS A 1227 -34.74 -44.88 27.35
N ASP A 1228 -33.93 -44.66 28.38
CA ASP A 1228 -33.35 -43.34 28.63
C ASP A 1228 -31.85 -43.39 28.87
N ARG A 1229 -31.34 -44.52 29.36
CA ARG A 1229 -29.96 -44.59 29.80
C ARG A 1229 -29.03 -45.04 28.67
N ILE A 1230 -27.88 -44.36 28.58
CA ILE A 1230 -26.83 -44.73 27.63
C ILE A 1230 -25.54 -44.91 28.41
N ALA A 1231 -24.90 -46.06 28.24
CA ALA A 1231 -23.69 -46.40 28.98
C ALA A 1231 -22.51 -46.46 28.00
N ILE A 1232 -21.47 -45.69 28.28
CA ILE A 1232 -20.26 -45.68 27.49
C ILE A 1232 -19.15 -46.25 28.37
N ASN A 1233 -18.75 -47.48 28.09
CA ASN A 1233 -17.79 -48.17 28.94
C ASN A 1233 -16.36 -47.76 28.58
N VAL A 1234 -15.46 -47.91 29.55
CA VAL A 1234 -14.04 -47.67 29.35
C VAL A 1234 -13.27 -48.92 29.78
N PHE A 1235 -12.36 -49.37 28.92
CA PHE A 1235 -11.48 -50.49 29.23
C PHE A 1235 -10.04 -50.07 29.00
N PRO A 1236 -9.09 -50.61 29.80
CA PRO A 1236 -7.68 -50.30 29.61
C PRO A 1236 -7.08 -51.01 28.40
N GLU A 1253 0.01 -46.27 33.87
CA GLU A 1253 -0.56 -46.99 35.01
C GLU A 1253 -1.75 -46.25 35.59
N ASN A 1254 -2.09 -45.12 34.98
CA ASN A 1254 -3.19 -44.28 35.45
C ASN A 1254 -4.01 -43.73 34.28
N ASP A 1255 -4.10 -44.49 33.19
CA ASP A 1255 -4.67 -43.96 31.96
C ASP A 1255 -6.19 -43.91 32.01
N VAL A 1256 -6.82 -44.86 32.71
CA VAL A 1256 -8.27 -44.97 32.67
C VAL A 1256 -8.94 -43.78 33.34
N PHE A 1257 -8.37 -43.29 34.44
CA PHE A 1257 -8.95 -42.15 35.14
C PHE A 1257 -8.88 -40.89 34.30
N TYR A 1258 -7.71 -40.63 33.71
CA TYR A 1258 -7.55 -39.45 32.85
C TYR A 1258 -8.47 -39.53 31.64
N ARG A 1259 -8.56 -40.71 31.01
CA ARG A 1259 -9.36 -40.83 29.81
C ARG A 1259 -10.84 -40.68 30.12
N MET A 1260 -11.29 -41.22 31.26
CA MET A 1260 -12.69 -41.03 31.63
C MET A 1260 -13.00 -39.60 32.06
N GLN A 1261 -12.06 -38.91 32.71
CA GLN A 1261 -12.28 -37.51 33.02
C GLN A 1261 -12.40 -36.67 31.74
N GLN A 1262 -11.53 -36.95 30.76
CA GLN A 1262 -11.60 -36.26 29.47
C GLN A 1262 -12.93 -36.56 28.77
N LEU A 1263 -13.35 -37.83 28.78
CA LEU A 1263 -14.61 -38.19 28.15
C LEU A 1263 -15.80 -37.55 28.85
N ARG A 1264 -15.76 -37.47 30.18
CA ARG A 1264 -16.85 -36.86 30.93
C ARG A 1264 -16.93 -35.35 30.65
N ARG A 1265 -15.79 -34.68 30.55
CA ARG A 1265 -15.84 -33.24 30.30
C ARG A 1265 -16.05 -32.91 28.82
N ALA A 1266 -15.91 -33.88 27.92
CA ALA A 1266 -16.14 -33.62 26.51
C ALA A 1266 -17.47 -34.16 25.99
N LEU A 1267 -18.09 -35.11 26.70
CA LEU A 1267 -19.30 -35.76 26.20
C LEU A 1267 -20.51 -34.84 26.07
N PRO A 1268 -20.86 -33.96 27.05
CA PRO A 1268 -22.08 -33.16 26.87
C PRO A 1268 -21.95 -32.03 25.87
N ASP A 1269 -20.85 -31.99 25.11
CA ASP A 1269 -20.65 -31.00 24.07
C ASP A 1269 -20.69 -31.60 22.66
N VAL A 1270 -21.19 -32.83 22.52
CA VAL A 1270 -21.32 -33.42 21.18
C VAL A 1270 -22.62 -32.98 20.55
N VAL A 1271 -22.67 -33.08 19.22
CA VAL A 1271 -23.83 -32.67 18.44
C VAL A 1271 -24.62 -33.92 18.07
N VAL A 1272 -25.84 -34.03 18.58
CA VAL A 1272 -26.67 -35.19 18.30
C VAL A 1272 -27.65 -34.95 17.16
N LYS A 1273 -27.97 -33.69 16.86
CA LYS A 1273 -28.87 -33.38 15.75
C LYS A 1273 -28.53 -32.00 15.23
N GLY A 1274 -28.83 -31.77 13.96
CA GLY A 1274 -28.59 -30.49 13.33
C GLY A 1274 -27.29 -30.47 12.55
N LEU A 1275 -27.07 -29.37 11.93
CA LEU A 1275 -25.87 -29.24 11.13
C LEU A 1275 -24.72 -28.72 11.98
N PRO A 1276 -23.51 -29.23 11.76
CA PRO A 1276 -22.39 -28.90 12.67
C PRO A 1276 -21.91 -27.45 12.55
N ASP A 1277 -22.23 -26.75 11.48
CA ASP A 1277 -21.72 -25.40 11.26
C ASP A 1277 -22.76 -24.30 11.48
N ILE A 1278 -24.03 -24.66 11.68
CA ILE A 1278 -25.08 -23.65 11.88
C ILE A 1278 -24.98 -23.13 13.30
N SER A 1279 -24.66 -21.84 13.45
CA SER A 1279 -24.58 -21.23 14.77
C SER A 1279 -25.94 -21.17 15.44
N ARG A 1280 -26.94 -20.64 14.73
CA ARG A 1280 -28.30 -20.56 15.26
C ARG A 1280 -29.26 -20.40 14.09
N ALA A 1281 -30.55 -20.52 14.41
CA ALA A 1281 -31.62 -20.46 13.43
C ALA A 1281 -32.76 -19.63 13.99
N VAL A 1282 -33.37 -18.79 13.15
CA VAL A 1282 -34.56 -18.06 13.55
C VAL A 1282 -35.61 -18.15 12.45
N ILE A 1283 -36.85 -17.96 12.86
CA ILE A 1283 -38.01 -17.98 11.97
C ILE A 1283 -38.51 -16.55 11.85
N ASN A 1284 -38.43 -15.98 10.66
CA ASN A 1284 -38.79 -14.61 10.41
C ASN A 1284 -40.12 -14.53 9.68
N ILE A 1285 -41.04 -13.75 10.21
CA ILE A 1285 -42.31 -13.46 9.54
C ILE A 1285 -42.09 -12.24 8.67
N ARG A 1286 -42.27 -12.40 7.36
CA ARG A 1286 -41.98 -11.33 6.42
C ARG A 1286 -43.12 -10.32 6.38
N ASP A 1287 -43.02 -9.36 5.45
CA ASP A 1287 -44.02 -8.31 5.35
C ASP A 1287 -45.37 -8.86 4.90
N ASP A 1288 -45.36 -9.80 3.94
CA ASP A 1288 -46.60 -10.38 3.45
C ASP A 1288 -47.22 -11.39 4.42
N GLY A 1289 -46.50 -11.76 5.48
CA GLY A 1289 -47.02 -12.65 6.50
C GLY A 1289 -46.48 -14.07 6.43
N LYS A 1290 -45.86 -14.46 5.33
CA LYS A 1290 -45.32 -15.81 5.22
C LYS A 1290 -44.02 -15.91 6.00
N ARG A 1291 -43.71 -17.12 6.46
CA ARG A 1291 -42.56 -17.36 7.31
C ARG A 1291 -41.40 -17.95 6.52
N GLU A 1292 -40.20 -17.47 6.82
CA GLU A 1292 -38.98 -18.00 6.23
C GLU A 1292 -38.03 -18.38 7.36
N LEU A 1293 -37.11 -19.30 7.08
CA LEU A 1293 -36.20 -19.79 8.11
C LEU A 1293 -34.80 -19.35 7.74
N LEU A 1294 -34.21 -18.45 8.53
CA LEU A 1294 -32.90 -17.93 8.20
C LEU A 1294 -31.93 -18.25 9.32
N VAL A 1295 -30.75 -18.74 8.93
CA VAL A 1295 -29.79 -19.36 9.83
C VAL A 1295 -28.44 -18.68 9.67
N GLU A 1296 -27.61 -18.83 10.70
CA GLU A 1296 -26.22 -18.40 10.65
C GLU A 1296 -25.33 -19.63 10.58
N GLY A 1297 -24.60 -19.78 9.48
CA GLY A 1297 -23.75 -20.93 9.31
C GLY A 1297 -23.27 -21.06 7.87
N TYR A 1298 -22.55 -22.14 7.62
CA TYR A 1298 -21.88 -22.35 6.35
C TYR A 1298 -22.33 -23.61 5.63
N GLY A 1299 -23.37 -24.29 6.11
CA GLY A 1299 -23.90 -25.44 5.42
C GLY A 1299 -25.05 -25.18 4.46
N LEU A 1300 -24.80 -24.51 3.34
CA LEU A 1300 -25.89 -24.21 2.40
C LEU A 1300 -26.47 -25.49 1.81
N ARG A 1301 -25.62 -26.42 1.40
CA ARG A 1301 -26.09 -27.64 0.75
C ARG A 1301 -26.95 -28.47 1.69
N ASP A 1302 -26.56 -28.56 2.96
CA ASP A 1302 -27.34 -29.34 3.92
C ASP A 1302 -28.66 -28.65 4.24
N VAL A 1303 -28.72 -27.32 4.22
CA VAL A 1303 -29.98 -26.62 4.42
C VAL A 1303 -30.92 -26.84 3.23
N MET A 1304 -30.40 -26.70 2.01
CA MET A 1304 -31.28 -26.82 0.85
C MET A 1304 -31.58 -28.26 0.48
N CYS A 1305 -30.87 -29.22 1.06
CA CYS A 1305 -31.23 -30.63 0.94
C CYS A 1305 -32.12 -31.11 2.09
N THR A 1306 -32.33 -30.27 3.10
CA THR A 1306 -33.20 -30.64 4.22
C THR A 1306 -34.66 -30.63 3.77
N ASP A 1307 -35.39 -31.69 4.09
CA ASP A 1307 -36.80 -31.76 3.75
C ASP A 1307 -37.60 -30.69 4.49
N GLY A 1308 -38.56 -30.11 3.80
CA GLY A 1308 -39.30 -28.97 4.29
C GLY A 1308 -38.75 -27.63 3.84
N VAL A 1309 -37.60 -27.62 3.16
CA VAL A 1309 -36.96 -26.41 2.68
C VAL A 1309 -36.85 -26.51 1.16
N ILE A 1310 -37.33 -25.49 0.46
CA ILE A 1310 -37.26 -25.46 -0.99
C ILE A 1310 -35.82 -25.19 -1.39
N GLY A 1311 -35.17 -26.18 -2.02
CA GLY A 1311 -33.77 -26.03 -2.38
C GLY A 1311 -33.51 -25.13 -3.56
N SER A 1312 -34.53 -24.86 -4.37
CA SER A 1312 -34.36 -24.03 -5.56
C SER A 1312 -34.54 -22.54 -5.27
N ARG A 1313 -34.85 -22.17 -4.03
CA ARG A 1313 -35.01 -20.77 -3.67
C ARG A 1313 -34.18 -20.38 -2.44
N THR A 1314 -33.25 -21.23 -2.02
CA THR A 1314 -32.43 -20.96 -0.85
C THR A 1314 -31.12 -20.31 -1.27
N THR A 1315 -30.79 -19.18 -0.67
CA THR A 1315 -29.62 -18.39 -1.04
C THR A 1315 -28.75 -18.14 0.18
N THR A 1316 -27.57 -17.56 -0.07
CA THR A 1316 -26.61 -17.23 0.97
C THR A 1316 -25.89 -15.96 0.56
N ASN A 1317 -25.63 -15.08 1.54
CA ASN A 1317 -24.83 -13.91 1.25
C ASN A 1317 -23.37 -14.26 1.02
N HIS A 1318 -22.91 -15.37 1.59
CA HIS A 1318 -21.56 -15.85 1.32
C HIS A 1318 -21.42 -16.27 -0.13
N VAL A 1319 -20.28 -15.93 -0.74
CA VAL A 1319 -20.10 -16.09 -2.17
C VAL A 1319 -19.34 -17.37 -2.53
N LEU A 1320 -18.28 -17.70 -1.78
CA LEU A 1320 -17.52 -18.91 -2.08
C LEU A 1320 -18.33 -20.16 -1.76
N GLU A 1321 -19.23 -20.07 -0.78
CA GLU A 1321 -20.16 -21.16 -0.51
C GLU A 1321 -21.09 -21.41 -1.69
N VAL A 1322 -21.62 -20.34 -2.28
CA VAL A 1322 -22.45 -20.46 -3.48
C VAL A 1322 -21.63 -20.97 -4.65
N PHE A 1323 -20.36 -20.57 -4.74
CA PHE A 1323 -19.49 -21.06 -5.80
C PHE A 1323 -19.26 -22.56 -5.67
N SER A 1324 -19.07 -23.04 -4.44
CA SER A 1324 -18.84 -24.47 -4.23
C SER A 1324 -20.10 -25.28 -4.48
N VAL A 1325 -21.26 -24.76 -4.10
CA VAL A 1325 -22.51 -25.53 -4.21
C VAL A 1325 -23.08 -25.47 -5.62
N LEU A 1326 -23.22 -24.28 -6.20
CA LEU A 1326 -23.97 -24.08 -7.41
C LEU A 1326 -23.14 -23.74 -8.64
N GLY A 1327 -21.86 -23.42 -8.49
CA GLY A 1327 -20.98 -23.16 -9.61
C GLY A 1327 -20.54 -21.71 -9.68
N ILE A 1328 -19.72 -21.43 -10.70
CA ILE A 1328 -19.14 -20.11 -10.86
C ILE A 1328 -20.19 -19.10 -11.34
N GLU A 1329 -21.12 -19.54 -12.19
CA GLU A 1329 -22.07 -18.60 -12.77
C GLU A 1329 -23.08 -18.11 -11.75
N ALA A 1330 -23.37 -18.90 -10.72
CA ALA A 1330 -24.17 -18.42 -9.61
C ALA A 1330 -23.35 -17.57 -8.65
N ALA A 1331 -22.05 -17.83 -8.56
CA ALA A 1331 -21.17 -16.98 -7.77
C ALA A 1331 -21.10 -15.58 -8.34
N ARG A 1332 -21.18 -15.46 -9.67
CA ARG A 1332 -21.19 -14.14 -10.28
C ARG A 1332 -22.43 -13.34 -9.91
N TYR A 1333 -23.60 -13.99 -9.95
CA TYR A 1333 -24.83 -13.32 -9.48
C TYR A 1333 -24.74 -13.00 -7.99
N SER A 1334 -24.13 -13.89 -7.20
CA SER A 1334 -24.00 -13.61 -5.77
C SER A 1334 -23.15 -12.37 -5.53
N ILE A 1335 -22.02 -12.25 -6.24
CA ILE A 1335 -21.17 -11.07 -6.13
C ILE A 1335 -21.95 -9.82 -6.52
N ILE A 1336 -22.61 -9.85 -7.68
CA ILE A 1336 -23.30 -8.68 -8.20
C ILE A 1336 -24.42 -8.26 -7.25
N ARG A 1337 -25.24 -9.22 -6.80
CA ARG A 1337 -26.35 -8.92 -5.92
C ARG A 1337 -25.88 -8.41 -4.56
N GLU A 1338 -24.83 -9.01 -4.00
CA GLU A 1338 -24.37 -8.58 -2.69
C GLU A 1338 -23.75 -7.18 -2.74
N ILE A 1339 -22.94 -6.89 -3.75
CA ILE A 1339 -22.38 -5.55 -3.88
C ILE A 1339 -23.48 -4.52 -4.14
N ASN A 1340 -24.46 -4.87 -4.97
CA ASN A 1340 -25.57 -3.96 -5.24
C ASN A 1340 -26.38 -3.69 -3.99
N TYR A 1341 -26.64 -4.72 -3.19
CA TYR A 1341 -27.37 -4.55 -1.94
C TYR A 1341 -26.60 -3.68 -0.97
N THR A 1342 -25.29 -3.88 -0.86
CA THR A 1342 -24.47 -3.07 0.03
C THR A 1342 -24.45 -1.61 -0.41
N MET A 1343 -24.36 -1.36 -1.72
CA MET A 1343 -24.39 0.02 -2.21
C MET A 1343 -25.77 0.65 -2.01
N SER A 1344 -26.84 -0.12 -2.20
CA SER A 1344 -28.19 0.44 -2.14
C SER A 1344 -28.63 0.70 -0.71
N ASN A 1345 -28.07 -0.02 0.27
CA ASN A 1345 -28.43 0.23 1.66
C ASN A 1345 -27.98 1.63 2.10
N HIS A 1346 -26.81 2.06 1.65
CA HIS A 1346 -26.31 3.39 1.99
C HIS A 1346 -26.79 4.48 1.02
N GLY A 1347 -27.56 4.11 0.00
CA GLY A 1347 -28.02 5.08 -0.96
C GLY A 1347 -26.93 5.69 -1.82
N MET A 1348 -25.93 4.91 -2.20
CA MET A 1348 -24.86 5.42 -3.04
C MET A 1348 -25.30 5.58 -4.49
N SER A 1349 -26.21 4.73 -4.96
CA SER A 1349 -26.79 4.81 -6.30
C SER A 1349 -25.72 4.71 -7.39
N VAL A 1350 -25.06 3.55 -7.43
CA VAL A 1350 -24.12 3.23 -8.50
C VAL A 1350 -24.83 2.42 -9.57
N ASP A 1351 -24.49 2.68 -10.83
CA ASP A 1351 -25.08 1.93 -11.93
C ASP A 1351 -24.56 0.50 -11.90
N PRO A 1352 -25.43 -0.50 -11.87
CA PRO A 1352 -24.95 -1.89 -11.69
C PRO A 1352 -24.15 -2.46 -12.85
N ARG A 1353 -23.94 -1.72 -13.96
CA ARG A 1353 -23.04 -2.23 -14.98
C ARG A 1353 -21.60 -2.29 -14.49
N HIS A 1354 -21.18 -1.32 -13.66
CA HIS A 1354 -19.87 -1.40 -13.03
C HIS A 1354 -19.75 -2.62 -12.13
N ILE A 1355 -20.83 -2.93 -11.39
CA ILE A 1355 -20.83 -4.09 -10.50
C ILE A 1355 -20.76 -5.37 -11.32
N GLN A 1356 -21.47 -5.41 -12.46
CA GLN A 1356 -21.41 -6.57 -13.35
C GLN A 1356 -20.00 -6.74 -13.90
N LEU A 1357 -19.34 -5.63 -14.24
CA LEU A 1357 -17.96 -5.71 -14.71
C LEU A 1357 -17.04 -6.26 -13.63
N LEU A 1358 -17.22 -5.80 -12.39
CA LEU A 1358 -16.39 -6.31 -11.28
C LEU A 1358 -16.61 -7.80 -11.08
N GLY A 1359 -17.87 -8.23 -11.10
CA GLY A 1359 -18.17 -9.65 -10.95
C GLY A 1359 -17.60 -10.49 -12.08
N ASP A 1360 -17.69 -9.99 -13.32
CA ASP A 1360 -17.14 -10.71 -14.46
C ASP A 1360 -15.63 -10.81 -14.37
N VAL A 1361 -14.96 -9.75 -13.93
CA VAL A 1361 -13.51 -9.82 -13.76
C VAL A 1361 -13.13 -10.80 -12.65
N MET A 1362 -13.91 -10.84 -11.58
CA MET A 1362 -13.63 -11.83 -10.53
C MET A 1362 -13.92 -13.26 -10.96
N THR A 1363 -14.84 -13.48 -11.90
CA THR A 1363 -15.32 -14.81 -12.24
C THR A 1363 -15.21 -15.07 -13.74
N TYR A 1364 -14.04 -14.82 -14.34
CA TYR A 1364 -13.82 -15.17 -15.74
C TYR A 1364 -12.69 -16.15 -15.95
N LYS A 1365 -11.99 -16.57 -14.89
CA LYS A 1365 -10.96 -17.58 -15.00
C LYS A 1365 -11.42 -18.95 -14.50
N GLY A 1366 -12.73 -19.13 -14.31
CA GLY A 1366 -13.27 -20.39 -13.85
C GLY A 1366 -13.41 -20.52 -12.36
N GLU A 1367 -12.93 -19.55 -11.59
CA GLU A 1367 -13.03 -19.59 -10.14
C GLU A 1367 -13.10 -18.17 -9.62
N VAL A 1368 -13.45 -18.04 -8.34
CA VAL A 1368 -13.55 -16.73 -7.70
C VAL A 1368 -12.16 -16.38 -7.18
N LEU A 1369 -11.48 -15.47 -7.88
CA LEU A 1369 -10.10 -15.16 -7.52
C LEU A 1369 -10.04 -14.18 -6.35
N GLY A 1370 -10.64 -13.02 -6.50
CA GLY A 1370 -10.59 -12.02 -5.46
C GLY A 1370 -9.60 -10.91 -5.78
N ILE A 1371 -9.94 -9.70 -5.35
CA ILE A 1371 -9.12 -8.52 -5.64
C ILE A 1371 -8.09 -8.42 -4.51
N THR A 1372 -7.01 -9.17 -4.66
CA THR A 1372 -5.91 -9.18 -3.70
C THR A 1372 -4.66 -9.66 -4.41
N ARG A 1373 -3.52 -9.57 -3.71
CA ARG A 1373 -2.25 -9.89 -4.35
C ARG A 1373 -2.19 -11.36 -4.77
N PHE A 1374 -2.87 -12.24 -4.03
CA PHE A 1374 -2.93 -13.64 -4.44
C PHE A 1374 -3.90 -13.83 -5.60
N GLY A 1375 -4.97 -13.03 -5.64
CA GLY A 1375 -5.85 -13.06 -6.79
C GLY A 1375 -5.21 -12.49 -8.04
N LEU A 1376 -4.45 -11.39 -7.89
CA LEU A 1376 -3.75 -10.81 -9.03
C LEU A 1376 -2.59 -11.69 -9.48
N SER A 1377 -2.02 -12.49 -8.57
CA SER A 1377 -0.94 -13.39 -8.97
C SER A 1377 -1.43 -14.47 -9.91
N LYS A 1378 -2.72 -14.78 -9.89
CA LYS A 1378 -3.30 -15.78 -10.78
C LYS A 1378 -4.03 -15.15 -11.96
N MET A 1379 -4.65 -13.98 -11.76
CA MET A 1379 -5.39 -13.33 -12.84
C MET A 1379 -4.44 -12.75 -13.88
N ARG A 1380 -3.39 -12.07 -13.43
CA ARG A 1380 -2.46 -11.38 -14.33
C ARG A 1380 -1.17 -12.19 -14.46
N ASP A 1381 -0.75 -12.43 -15.69
CA ASP A 1381 0.50 -13.13 -15.98
C ASP A 1381 1.68 -12.19 -16.19
N SER A 1382 1.45 -10.88 -16.15
CA SER A 1382 2.52 -9.91 -16.34
C SER A 1382 3.39 -9.83 -15.09
N VAL A 1383 4.63 -9.37 -15.29
CA VAL A 1383 5.59 -9.28 -14.20
C VAL A 1383 5.65 -7.89 -13.60
N LEU A 1384 5.73 -6.86 -14.46
CA LEU A 1384 5.91 -5.50 -13.96
C LEU A 1384 4.66 -4.99 -13.26
N GLN A 1385 3.48 -5.44 -13.68
CA GLN A 1385 2.25 -5.03 -13.02
C GLN A 1385 2.17 -5.59 -11.61
N LEU A 1386 2.51 -6.88 -11.45
CA LEU A 1386 2.47 -7.49 -10.12
C LEU A 1386 3.58 -6.98 -9.23
N ALA A 1387 4.75 -6.68 -9.82
CA ALA A 1387 5.87 -6.18 -9.02
C ALA A 1387 5.59 -4.79 -8.49
N SER A 1388 4.92 -3.95 -9.27
CA SER A 1388 4.62 -2.58 -8.86
C SER A 1388 3.49 -2.51 -7.84
N PHE A 1389 2.78 -3.61 -7.60
CA PHE A 1389 1.66 -3.60 -6.67
C PHE A 1389 2.08 -4.02 -5.27
N GLU A 1390 2.59 -5.25 -5.13
CA GLU A 1390 2.83 -5.82 -3.81
C GLU A 1390 3.76 -7.02 -3.96
N LYS A 1391 4.69 -7.18 -3.01
CA LYS A 1391 5.68 -8.24 -3.00
C LYS A 1391 6.54 -8.20 -4.28
N THR A 1392 7.27 -7.10 -4.42
CA THR A 1392 8.04 -6.85 -5.64
C THR A 1392 9.20 -7.84 -5.79
N THR A 1393 9.92 -8.07 -4.68
CA THR A 1393 11.12 -8.89 -4.73
C THR A 1393 10.80 -10.34 -5.12
N ASP A 1394 9.78 -10.92 -4.50
CA ASP A 1394 9.42 -12.30 -4.79
C ASP A 1394 8.97 -12.46 -6.23
N HIS A 1395 8.16 -11.53 -6.72
CA HIS A 1395 7.68 -11.61 -8.11
C HIS A 1395 8.82 -11.47 -9.10
N LEU A 1396 9.74 -10.53 -8.87
CA LEU A 1396 10.85 -10.34 -9.79
C LEU A 1396 11.80 -11.53 -9.79
N PHE A 1397 12.08 -12.09 -8.61
CA PHE A 1397 12.98 -13.24 -8.55
C PHE A 1397 12.33 -14.48 -9.14
N ASP A 1398 11.01 -14.65 -8.94
CA ASP A 1398 10.31 -15.76 -9.57
C ASP A 1398 10.32 -15.63 -11.09
N ALA A 1399 10.14 -14.41 -11.59
CA ALA A 1399 10.20 -14.18 -13.03
C ALA A 1399 11.60 -14.47 -13.58
N ALA A 1400 12.63 -14.09 -12.82
CA ALA A 1400 13.99 -14.37 -13.26
C ALA A 1400 14.28 -15.87 -13.27
N PHE A 1401 13.81 -16.59 -12.23
CA PHE A 1401 14.09 -18.03 -12.15
C PHE A 1401 13.32 -18.80 -13.21
N TYR A 1402 12.02 -18.56 -13.33
CA TYR A 1402 11.21 -19.27 -14.31
C TYR A 1402 11.37 -18.73 -15.72
N MET A 1403 12.09 -17.63 -15.89
CA MET A 1403 12.48 -17.10 -17.20
C MET A 1403 11.27 -16.76 -18.06
N LYS A 1404 10.22 -16.24 -17.43
CA LYS A 1404 9.00 -15.91 -18.14
C LYS A 1404 9.17 -14.62 -18.94
N LYS A 1405 8.46 -14.55 -20.06
CA LYS A 1405 8.54 -13.41 -20.97
C LYS A 1405 7.31 -12.52 -20.75
N ASP A 1406 7.56 -11.26 -20.43
CA ASP A 1406 6.52 -10.29 -20.11
C ASP A 1406 6.25 -9.47 -21.37
N ALA A 1407 5.10 -9.72 -22.01
CA ALA A 1407 4.69 -8.87 -23.12
C ALA A 1407 4.21 -7.54 -22.59
N VAL A 1408 4.74 -6.45 -23.15
CA VAL A 1408 4.43 -5.10 -22.69
C VAL A 1408 3.14 -4.69 -23.42
N GLU A 1409 2.00 -5.03 -22.82
CA GLU A 1409 0.70 -4.69 -23.39
C GLU A 1409 -0.16 -3.99 -22.34
N GLY A 1410 0.14 -4.23 -21.07
CA GLY A 1410 -0.61 -3.60 -20.01
C GLY A 1410 -0.30 -2.13 -19.86
N VAL A 1411 -1.21 -1.43 -19.16
CA VAL A 1411 -1.06 0.00 -18.98
C VAL A 1411 0.09 0.31 -18.04
N SER A 1412 0.22 -0.46 -16.96
CA SER A 1412 1.27 -0.20 -15.98
C SER A 1412 2.65 -0.42 -16.56
N GLU A 1413 2.81 -1.45 -17.40
CA GLU A 1413 4.09 -1.67 -18.07
C GLU A 1413 4.43 -0.53 -19.01
N CYS A 1414 3.43 -0.03 -19.75
CA CYS A 1414 3.68 1.09 -20.66
C CYS A 1414 4.02 2.36 -19.90
N ILE A 1415 3.46 2.52 -18.71
CA ILE A 1415 3.80 3.67 -17.87
C ILE A 1415 5.21 3.54 -17.33
N ILE A 1416 5.59 2.35 -16.88
CA ILE A 1416 6.92 2.12 -16.32
C ILE A 1416 8.00 2.32 -17.39
N LEU A 1417 7.78 1.76 -18.58
CA LEU A 1417 8.77 1.83 -19.65
C LEU A 1417 8.65 3.09 -20.49
N GLY A 1418 7.63 3.90 -20.26
CA GLY A 1418 7.49 5.15 -20.98
C GLY A 1418 7.16 5.00 -22.44
N GLN A 1419 5.99 4.45 -22.74
CA GLN A 1419 5.50 4.36 -24.12
C GLN A 1419 3.99 4.40 -24.10
N THR A 1420 3.41 4.59 -25.28
CA THR A 1420 1.99 4.87 -25.39
C THR A 1420 1.16 3.65 -24.98
N MET A 1421 0.24 3.86 -24.04
CA MET A 1421 -0.67 2.81 -23.63
C MET A 1421 -1.68 2.51 -24.74
N SER A 1422 -2.21 1.30 -24.71
CA SER A 1422 -2.97 0.76 -25.82
C SER A 1422 -4.47 1.03 -25.71
N ILE A 1423 -4.91 1.80 -24.71
CA ILE A 1423 -6.33 2.10 -24.52
C ILE A 1423 -6.50 3.60 -24.49
N GLY A 1424 -7.72 4.04 -24.78
CA GLY A 1424 -8.00 5.46 -24.86
C GLY A 1424 -7.66 6.04 -26.22
N THR A 1425 -6.74 7.01 -26.24
CA THR A 1425 -6.29 7.59 -27.50
C THR A 1425 -5.20 6.76 -28.18
N GLY A 1426 -4.76 5.67 -27.54
CA GLY A 1426 -3.81 4.75 -28.14
C GLY A 1426 -4.42 3.47 -28.68
N SER A 1427 -5.73 3.40 -28.82
CA SER A 1427 -6.40 2.21 -29.31
C SER A 1427 -6.54 2.20 -30.84
N PHE A 1428 -5.94 3.17 -31.51
CA PHE A 1428 -5.99 3.27 -32.96
C PHE A 1428 -4.71 3.99 -33.41
N LYS A 1429 -4.55 4.12 -34.72
CA LYS A 1429 -3.38 4.78 -35.29
C LYS A 1429 -3.83 5.82 -36.30
N VAL A 1430 -3.21 6.99 -36.24
CA VAL A 1430 -3.50 8.07 -37.17
C VAL A 1430 -2.61 7.92 -38.39
N VAL A 1431 -3.22 7.94 -39.57
CA VAL A 1431 -2.53 7.75 -40.83
C VAL A 1431 -2.85 8.93 -41.74
N LYS A 1432 -1.82 9.50 -42.36
CA LYS A 1432 -1.98 10.59 -43.31
C LYS A 1432 -2.12 10.00 -44.70
N GLY A 1433 -3.27 10.23 -45.33
CA GLY A 1433 -3.51 9.71 -46.66
C GLY A 1433 -2.69 10.40 -47.71
N THR A 1434 -1.70 9.69 -48.26
CA THR A 1434 -0.89 10.25 -49.34
C THR A 1434 -1.75 10.42 -50.59
N ASN A 1435 -1.45 11.45 -51.38
CA ASN A 1435 -2.24 11.78 -52.55
C ASN A 1435 -1.63 11.28 -53.84
N ILE A 1436 -0.71 10.32 -53.77
CA ILE A 1436 -0.05 9.79 -54.96
C ILE A 1436 -0.96 8.77 -55.61
N SER A 1437 -1.37 9.03 -56.85
CA SER A 1437 -2.18 8.09 -57.59
C SER A 1437 -1.30 6.99 -58.18
N GLU A 1438 -1.96 5.94 -58.68
CA GLU A 1438 -1.24 4.84 -59.32
C GLU A 1438 -0.61 5.29 -60.63
N LYS A 1439 -1.28 6.18 -61.37
CA LYS A 1439 -0.75 6.67 -62.64
C LYS A 1439 0.57 7.40 -62.43
N ASP A 1440 0.74 8.05 -61.28
CA ASP A 1440 1.98 8.75 -60.97
C ASP A 1440 3.12 7.80 -60.65
N LEU A 1441 2.86 6.50 -60.50
CA LEU A 1441 3.89 5.53 -60.13
C LEU A 1441 4.15 4.52 -61.24
N VAL A 1442 3.91 4.87 -62.50
CA VAL A 1442 4.26 3.96 -63.59
C VAL A 1442 5.78 3.93 -63.75
N PRO A 1443 6.37 2.80 -64.11
CA PRO A 1443 7.83 2.76 -64.27
C PRO A 1443 8.28 3.62 -65.44
N LYS A 1444 9.49 4.15 -65.31
CA LYS A 1444 10.05 5.02 -66.33
C LYS A 1444 10.67 4.20 -67.46
N ARG A 1445 11.09 4.90 -68.51
CA ARG A 1445 11.61 4.27 -69.72
C ARG A 1445 12.96 3.64 -69.43
N CYS A 1446 13.00 2.30 -69.37
CA CYS A 1446 14.24 1.53 -69.28
C CYS A 1446 14.51 1.02 -70.70
N LEU A 1447 15.38 1.73 -71.42
CA LEU A 1447 15.48 1.55 -72.86
C LEU A 1447 16.40 0.39 -73.23
N PHE A 1448 17.54 0.28 -72.54
CA PHE A 1448 18.54 -0.71 -72.93
C PHE A 1448 18.05 -2.13 -72.69
N GLU A 1449 17.46 -2.40 -71.52
CA GLU A 1449 16.98 -3.74 -71.23
C GLU A 1449 15.75 -4.10 -72.04
N SER A 1450 15.05 -3.11 -72.61
CA SER A 1450 13.87 -3.38 -73.41
C SER A 1450 14.20 -3.61 -74.88
N LEU A 1451 15.16 -2.86 -75.42
CA LEU A 1451 15.53 -3.03 -76.82
C LEU A 1451 16.47 -4.20 -77.06
N SER A 1452 17.05 -4.78 -76.01
CA SER A 1452 18.04 -5.83 -76.19
C SER A 1452 17.37 -7.18 -76.38
N ASN A 1453 17.81 -7.91 -77.41
CA ASN A 1453 17.41 -9.29 -77.62
C ASN A 1453 18.63 -10.09 -78.04
N GLU A 1454 18.66 -11.35 -77.64
CA GLU A 1454 19.78 -12.25 -77.93
C GLU A 1454 19.34 -13.39 -78.83
N ALA A 1455 18.51 -13.10 -79.82
CA ALA A 1455 18.11 -14.10 -80.79
C ALA A 1455 19.22 -14.43 -81.79
N ALA A 1456 20.13 -13.49 -82.04
CA ALA A 1456 21.22 -13.71 -82.98
C ALA A 1456 22.41 -12.81 -82.63
N LEU A 1457 23.68 -14.59 -80.26
CA LEU A 1457 23.83 -16.02 -80.44
C LEU A 1457 22.49 -16.74 -80.27
N LYS A 1458 22.55 -18.04 -79.97
CA LYS A 1458 21.38 -18.90 -79.78
C LYS A 1458 20.45 -18.88 -80.98
N ILE B 38 -26.32 37.82 51.44
CA ILE B 38 -25.47 38.36 50.38
C ILE B 38 -24.86 37.19 49.58
N ASN B 39 -24.68 36.06 50.24
CA ASN B 39 -24.11 34.88 49.63
C ASN B 39 -25.17 33.78 49.57
N THR B 40 -25.45 33.31 48.36
CA THR B 40 -26.29 32.14 48.14
C THR B 40 -25.43 30.99 47.66
N ALA B 41 -25.81 29.76 48.01
CA ALA B 41 -24.91 28.62 47.90
C ALA B 41 -24.63 28.17 46.47
N GLN B 42 -25.10 28.94 45.48
CA GLN B 42 -24.77 28.65 44.09
C GLN B 42 -23.48 29.32 43.63
N ASP B 43 -22.79 30.06 44.50
CA ASP B 43 -21.50 30.65 44.16
C ASP B 43 -20.34 29.85 44.74
N LYS B 44 -20.48 28.51 44.81
CA LYS B 44 -19.40 27.65 45.24
C LYS B 44 -18.28 27.55 44.22
N TRP B 45 -18.48 28.09 43.01
CA TRP B 45 -17.44 28.08 41.98
C TRP B 45 -16.19 28.83 42.42
N HIS B 46 -16.28 29.68 43.44
CA HIS B 46 -15.10 30.34 44.00
C HIS B 46 -14.11 29.37 44.62
N LEU B 47 -14.51 28.12 44.85
CA LEU B 47 -13.52 27.11 45.24
C LEU B 47 -12.53 26.84 44.12
N LEU B 48 -12.95 27.04 42.86
CA LEU B 48 -12.07 26.76 41.73
C LEU B 48 -10.85 27.67 41.67
N PRO B 49 -10.96 29.01 41.81
CA PRO B 49 -9.74 29.82 41.81
C PRO B 49 -8.78 29.48 42.94
N ALA B 50 -9.30 29.28 44.16
CA ALA B 50 -8.46 28.98 45.30
C ALA B 50 -7.69 27.68 45.08
N PHE B 51 -8.37 26.66 44.54
CA PHE B 51 -7.70 25.43 44.13
C PHE B 51 -6.61 25.74 43.13
N LEU B 52 -6.91 26.58 42.14
CA LEU B 52 -5.92 26.92 41.12
C LEU B 52 -4.78 27.76 41.71
N LYS B 53 -4.94 28.28 42.91
CA LYS B 53 -3.83 28.98 43.56
C LYS B 53 -2.88 28.03 44.27
N VAL B 54 -3.26 26.78 44.48
CA VAL B 54 -2.46 25.83 45.25
C VAL B 54 -2.08 24.62 44.39
N LYS B 55 -3.07 23.89 43.87
CA LYS B 55 -2.80 22.68 43.13
C LYS B 55 -2.71 22.91 41.63
N GLY B 56 -3.56 23.78 41.09
CA GLY B 56 -3.46 24.24 39.71
C GLY B 56 -3.65 23.15 38.65
N LEU B 57 -3.32 23.53 37.43
CA LEU B 57 -3.34 22.64 36.28
C LEU B 57 -1.96 22.43 35.67
N VAL B 58 -1.13 23.48 35.59
CA VAL B 58 0.25 23.34 35.15
C VAL B 58 1.14 22.85 36.27
N LYS B 59 0.81 23.17 37.51
CA LYS B 59 1.62 22.82 38.68
C LYS B 59 1.78 21.32 38.88
N GLN B 60 0.90 20.50 38.30
CA GLN B 60 1.00 19.05 38.43
C GLN B 60 2.37 18.55 38.00
N HIS B 61 2.83 18.94 36.80
CA HIS B 61 4.18 18.64 36.35
C HIS B 61 5.19 19.06 37.40
N LEU B 62 5.08 20.30 37.87
CA LEU B 62 5.98 20.81 38.90
C LEU B 62 6.01 19.90 40.10
N ASP B 63 4.82 19.47 40.57
CA ASP B 63 4.74 18.63 41.74
C ASP B 63 5.54 17.36 41.55
N SER B 64 5.38 16.72 40.39
CA SER B 64 6.10 15.48 40.14
C SER B 64 7.59 15.72 40.15
N PHE B 65 8.03 16.81 39.51
CA PHE B 65 9.45 17.13 39.51
C PHE B 65 9.94 17.37 40.92
N ASN B 66 9.11 18.06 41.72
CA ASN B 66 9.45 18.26 43.12
C ASN B 66 9.57 16.92 43.83
N TYR B 67 8.60 16.03 43.58
CA TYR B 67 8.64 14.72 44.22
C TYR B 67 9.83 13.90 43.71
N PHE B 68 10.31 14.22 42.50
CA PHE B 68 11.48 13.52 42.01
C PHE B 68 12.74 14.04 42.68
N VAL B 69 12.78 15.33 43.01
CA VAL B 69 14.02 15.92 43.47
C VAL B 69 14.18 15.73 44.98
N ASP B 70 13.12 16.02 45.73
CA ASP B 70 13.20 15.97 47.18
C ASP B 70 13.18 14.55 47.72
N THR B 71 12.39 13.67 47.09
CA THR B 71 12.11 12.35 47.66
C THR B 71 12.62 11.20 46.82
N ASP B 72 12.29 11.15 45.52
CA ASP B 72 12.48 9.92 44.76
C ASP B 72 13.94 9.68 44.39
N LEU B 73 14.76 10.73 44.37
CA LEU B 73 16.20 10.53 44.16
C LEU B 73 16.81 9.72 45.28
N LYS B 74 16.34 9.92 46.51
CA LYS B 74 16.81 9.11 47.62
C LYS B 74 16.43 7.64 47.44
N LYS B 75 15.23 7.38 46.93
CA LYS B 75 14.82 6.01 46.65
C LYS B 75 15.70 5.38 45.57
N ILE B 76 15.96 6.13 44.50
CA ILE B 76 16.81 5.62 43.42
C ILE B 76 18.22 5.34 43.93
N ILE B 77 18.75 6.23 44.77
CA ILE B 77 20.08 6.03 45.33
C ILE B 77 20.11 4.79 46.23
N LYS B 78 19.16 4.69 47.17
CA LYS B 78 19.16 3.59 48.12
C LYS B 78 18.82 2.26 47.46
N ALA B 79 18.27 2.27 46.24
CA ALA B 79 18.07 1.02 45.51
C ALA B 79 19.41 0.36 45.19
N ASN B 80 20.40 1.14 44.77
CA ASN B 80 21.72 0.62 44.37
C ASN B 80 22.83 1.47 44.98
N GLN B 81 22.75 1.70 46.29
CA GLN B 81 23.69 2.57 46.97
C GLN B 81 25.06 1.95 47.21
N LEU B 82 25.18 0.62 47.13
CA LEU B 82 26.40 -0.05 47.54
C LEU B 82 27.18 -0.56 46.33
N ILE B 83 28.49 -0.31 46.34
CA ILE B 83 29.39 -0.77 45.29
C ILE B 83 30.52 -1.57 45.93
N LEU B 84 30.73 -2.79 45.43
CA LEU B 84 31.80 -3.66 45.86
C LEU B 84 32.92 -3.67 44.83
N SER B 85 34.03 -4.31 45.20
CA SER B 85 35.16 -4.51 44.30
C SER B 85 35.41 -6.00 44.11
N ASP B 86 35.81 -6.38 42.90
CA ASP B 86 36.09 -7.78 42.60
C ASP B 86 37.40 -8.22 43.24
N VAL B 87 38.41 -7.35 43.27
CA VAL B 87 39.72 -7.74 43.76
C VAL B 87 39.79 -7.64 45.28
N ASP B 88 39.60 -6.45 45.83
CA ASP B 88 39.75 -6.23 47.26
C ASP B 88 38.40 -6.40 47.94
N PRO B 89 38.22 -7.39 48.83
CA PRO B 89 36.94 -7.55 49.51
C PRO B 89 36.65 -6.47 50.54
N GLU B 90 37.65 -5.76 51.02
CA GLU B 90 37.43 -4.73 52.03
C GLU B 90 37.03 -3.39 51.46
N PHE B 91 37.04 -3.23 50.13
CA PHE B 91 36.67 -1.98 49.49
C PHE B 91 35.16 -1.94 49.27
N TYR B 92 34.55 -0.84 49.70
CA TYR B 92 33.12 -0.65 49.48
C TYR B 92 32.84 0.83 49.36
N LEU B 93 31.86 1.18 48.53
CA LEU B 93 31.45 2.57 48.35
C LEU B 93 29.95 2.67 48.62
N LYS B 94 29.55 3.75 49.28
CA LYS B 94 28.20 3.89 49.81
C LYS B 94 27.72 5.30 49.56
N TYR B 95 26.69 5.45 48.71
CA TYR B 95 26.03 6.73 48.52
C TYR B 95 25.01 6.90 49.63
N VAL B 96 25.25 7.87 50.53
CA VAL B 96 24.38 8.04 51.68
C VAL B 96 23.32 9.12 51.50
N ASP B 97 23.51 10.06 50.58
CA ASP B 97 22.54 11.13 50.38
C ASP B 97 22.73 11.70 48.98
N ILE B 98 21.74 12.49 48.55
CA ILE B 98 21.79 13.12 47.24
C ILE B 98 20.96 14.39 47.30
N ARG B 99 21.41 15.43 46.61
CA ARG B 99 20.68 16.68 46.51
C ARG B 99 21.03 17.34 45.18
N VAL B 100 20.14 18.23 44.74
CA VAL B 100 20.27 18.89 43.44
C VAL B 100 20.28 20.39 43.66
N GLY B 101 21.30 21.06 43.13
CA GLY B 101 21.35 22.51 43.15
C GLY B 101 21.54 23.12 44.52
N LYS B 102 22.20 22.42 45.43
CA LYS B 102 22.44 22.94 46.78
C LYS B 102 23.55 22.14 47.42
N LYS B 103 24.55 22.85 47.95
CA LYS B 103 25.59 22.19 48.73
C LYS B 103 25.16 22.07 50.19
N SER B 104 25.69 21.05 50.87
CA SER B 104 25.37 20.88 52.28
C SER B 104 26.06 21.94 53.14
N SER B 105 27.13 22.54 52.65
CA SER B 105 27.88 23.54 53.40
C SER B 105 27.35 24.96 53.19
N SER B 106 27.12 25.34 51.94
CA SER B 106 26.71 26.71 51.65
C SER B 106 25.27 26.95 52.11
N SER B 107 25.05 28.13 52.70
CA SER B 107 23.71 28.48 53.16
C SER B 107 22.80 28.85 52.00
N THR B 108 23.31 29.58 51.02
CA THR B 108 22.55 30.00 49.86
C THR B 108 22.74 29.02 48.72
N LYS B 109 21.68 28.78 47.95
CA LYS B 109 21.78 27.89 46.80
C LYS B 109 22.70 28.47 45.74
N ASP B 110 23.34 27.59 44.97
CA ASP B 110 24.36 28.01 44.03
C ASP B 110 23.74 28.77 42.86
N TYR B 111 24.55 29.62 42.23
CA TYR B 111 24.07 30.45 41.15
C TYR B 111 23.77 29.62 39.90
N LEU B 112 22.71 30.00 39.20
CA LEU B 112 22.34 29.41 37.93
C LEU B 112 22.15 30.53 36.91
N THR B 113 22.41 30.20 35.65
CA THR B 113 22.13 31.16 34.58
C THR B 113 20.61 31.34 34.46
N PRO B 114 20.15 32.56 34.20
CA PRO B 114 18.72 32.78 34.07
C PRO B 114 18.17 32.04 32.86
N PRO B 115 16.89 31.65 32.89
CA PRO B 115 16.33 30.89 31.76
C PRO B 115 16.37 31.62 30.43
N HIS B 116 16.21 32.94 30.43
CA HIS B 116 16.25 33.68 29.17
C HIS B 116 17.67 33.74 28.63
N GLU B 117 18.67 33.82 29.51
CA GLU B 117 20.06 33.77 29.06
C GLU B 117 20.38 32.41 28.44
N CYS B 118 19.85 31.33 29.02
CA CYS B 118 20.03 30.01 28.44
C CYS B 118 19.30 29.91 27.10
N ARG B 119 18.14 30.54 26.98
CA ARG B 119 17.43 30.56 25.70
C ARG B 119 18.23 31.29 24.64
N LEU B 120 18.84 32.42 24.99
CA LEU B 120 19.55 33.23 24.01
C LEU B 120 20.88 32.59 23.62
N ARG B 121 21.62 32.05 24.59
CA ARG B 121 22.97 31.56 24.34
C ARG B 121 23.01 30.09 23.97
N ASP B 122 21.85 29.45 23.77
CA ASP B 122 21.74 28.03 23.43
C ASP B 122 22.42 27.15 24.47
N MET B 123 22.22 27.50 25.74
CA MET B 123 22.77 26.74 26.86
C MET B 123 21.70 25.81 27.42
N THR B 124 22.06 25.09 28.47
CA THR B 124 21.15 24.18 29.16
C THR B 124 20.90 24.70 30.57
N TYR B 125 19.63 24.92 30.90
CA TYR B 125 19.25 25.39 32.24
C TYR B 125 19.31 24.20 33.19
N SER B 126 20.32 24.18 34.05
CA SER B 126 20.60 22.99 34.84
C SER B 126 21.24 23.37 36.17
N ALA B 127 21.18 22.45 37.11
CA ALA B 127 21.79 22.58 38.42
C ALA B 127 22.58 21.31 38.74
N PRO B 128 23.73 21.43 39.41
CA PRO B 128 24.55 20.25 39.68
C PRO B 128 23.90 19.29 40.68
N ILE B 129 24.27 18.02 40.56
CA ILE B 129 23.79 16.97 41.46
C ILE B 129 24.89 16.68 42.46
N TYR B 130 24.60 16.86 43.74
CA TYR B 130 25.56 16.66 44.81
C TYR B 130 25.23 15.39 45.57
N VAL B 131 26.24 14.54 45.75
CA VAL B 131 26.07 13.23 46.38
C VAL B 131 27.10 13.09 47.50
N ASP B 132 26.65 12.62 48.65
CA ASP B 132 27.53 12.33 49.79
C ASP B 132 27.96 10.87 49.72
N ILE B 133 29.27 10.64 49.70
CA ILE B 133 29.84 9.34 49.40
C ILE B 133 30.77 8.93 50.54
N GLU B 134 30.54 7.75 51.09
CA GLU B 134 31.44 7.13 52.06
C GLU B 134 32.20 5.99 51.39
N TYR B 135 33.50 5.92 51.63
CA TYR B 135 34.31 4.92 50.96
C TYR B 135 35.54 4.64 51.82
N THR B 136 36.46 3.83 51.29
CA THR B 136 37.69 3.48 51.97
C THR B 136 38.87 3.96 51.14
N ARG B 137 39.75 4.73 51.77
CA ARG B 137 41.00 5.18 51.15
C ARG B 137 42.13 4.61 52.00
N GLY B 138 42.55 3.40 51.65
CA GLY B 138 43.58 2.70 52.43
C GLY B 138 42.94 1.72 53.43
N ARG B 139 43.00 2.07 54.72
CA ARG B 139 42.45 1.23 55.76
C ARG B 139 41.41 1.93 56.63
N ASN B 140 41.21 3.24 56.48
CA ASN B 140 40.26 3.99 57.28
C ASN B 140 39.12 4.48 56.41
N ILE B 141 37.88 4.34 56.91
CA ILE B 141 36.72 4.79 56.17
C ILE B 141 36.65 6.31 56.21
N ILE B 142 36.49 6.93 55.05
CA ILE B 142 36.42 8.38 54.93
C ILE B 142 35.19 8.74 54.12
N MET B 143 34.57 9.87 54.46
CA MET B 143 33.35 10.32 53.82
C MET B 143 33.56 11.73 53.25
N HIS B 144 32.95 11.98 52.10
CA HIS B 144 33.06 13.27 51.42
C HIS B 144 31.68 13.71 50.95
N LYS B 145 31.33 14.94 51.27
CA LYS B 145 30.04 15.52 50.90
C LYS B 145 30.21 16.46 49.71
N ASP B 146 29.07 16.74 49.06
CA ASP B 146 28.99 17.67 47.93
C ASP B 146 29.90 17.24 46.77
N VAL B 147 29.74 15.99 46.35
CA VAL B 147 30.48 15.46 45.20
C VAL B 147 29.57 15.54 43.98
N GLU B 148 30.04 16.23 42.94
CA GLU B 148 29.25 16.44 41.73
C GLU B 148 29.40 15.23 40.81
N ILE B 149 28.25 14.67 40.40
CA ILE B 149 28.25 13.48 39.55
C ILE B 149 27.50 13.78 38.26
N GLY B 150 27.04 15.01 38.08
CA GLY B 150 26.34 15.37 36.87
C GLY B 150 25.54 16.64 37.07
N ARG B 151 24.75 16.98 36.06
CA ARG B 151 23.95 18.19 36.08
C ARG B 151 22.52 17.86 35.68
N MET B 152 21.59 18.03 36.61
CA MET B 152 20.18 17.80 36.35
C MET B 152 19.56 19.03 35.70
N PRO B 153 19.00 18.92 34.50
CA PRO B 153 18.27 20.06 33.93
C PRO B 153 16.96 20.28 34.69
N ILE B 154 16.88 21.41 35.37
CA ILE B 154 15.78 21.67 36.29
C ILE B 154 14.58 22.21 35.53
N MET B 155 13.40 21.82 35.98
CA MET B 155 12.16 22.33 35.43
C MET B 155 11.93 23.76 35.90
N LEU B 156 11.52 24.63 34.98
CA LEU B 156 11.25 26.02 35.33
C LEU B 156 10.06 26.12 36.28
N ARG B 157 10.15 27.08 37.20
CA ARG B 157 9.15 27.35 38.23
C ARG B 157 8.95 26.17 39.19
N SER B 158 9.94 25.32 39.35
CA SER B 158 9.96 24.34 40.43
C SER B 158 10.71 24.91 41.63
N ASN B 159 10.84 24.11 42.68
CA ASN B 159 11.47 24.61 43.90
C ASN B 159 12.98 24.80 43.76
N LYS B 160 13.59 24.24 42.72
CA LYS B 160 15.02 24.43 42.47
C LYS B 160 15.29 25.50 41.43
N CYS B 161 14.26 26.13 40.88
CA CYS B 161 14.43 27.15 39.85
C CYS B 161 14.69 28.52 40.47
N ILE B 162 15.20 29.43 39.64
CA ILE B 162 15.38 30.81 40.06
C ILE B 162 14.07 31.59 40.04
N LEU B 163 13.08 31.10 39.30
CA LEU B 163 11.80 31.77 39.17
C LEU B 163 10.77 31.31 40.19
N TYR B 164 11.17 30.47 41.15
CA TYR B 164 10.25 30.05 42.20
C TYR B 164 9.86 31.25 43.06
N ASP B 165 8.57 31.31 43.40
CA ASP B 165 7.85 32.30 44.21
C ASP B 165 8.45 33.71 44.08
N ALA B 166 8.67 34.14 42.84
CA ALA B 166 9.27 35.43 42.55
C ALA B 166 8.21 36.39 42.06
N ASP B 167 8.26 37.63 42.56
CA ASP B 167 7.29 38.63 42.17
C ASP B 167 7.51 39.08 40.73
N GLU B 168 6.60 39.95 40.26
CA GLU B 168 6.65 40.39 38.87
C GLU B 168 7.87 41.25 38.58
N SER B 169 8.36 41.99 39.59
CA SER B 169 9.56 42.79 39.39
C SER B 169 10.79 41.93 39.13
N LYS B 170 10.93 40.81 39.86
CA LYS B 170 12.05 39.91 39.62
C LYS B 170 11.89 39.18 38.29
N MET B 171 10.65 38.92 37.87
CA MET B 171 10.43 38.39 36.52
C MET B 171 10.88 39.38 35.46
N ALA B 172 10.61 40.66 35.67
CA ALA B 172 11.08 41.68 34.73
C ALA B 172 12.59 41.83 34.77
N LYS B 173 13.22 41.58 35.92
CA LYS B 173 14.67 41.68 36.00
C LYS B 173 15.35 40.53 35.27
N LEU B 174 14.71 39.37 35.20
CA LEU B 174 15.29 38.19 34.55
C LEU B 174 14.78 37.99 33.13
N ASN B 175 14.08 38.99 32.57
CA ASN B 175 13.56 38.94 31.20
C ASN B 175 12.62 37.75 31.00
N GLU B 176 11.81 37.46 32.01
CA GLU B 176 10.88 36.34 31.99
C GLU B 176 9.46 36.85 32.20
N CYS B 177 8.52 36.29 31.44
CA CYS B 177 7.13 36.71 31.54
C CYS B 177 6.51 36.14 32.82
N PRO B 178 5.80 36.95 33.59
CA PRO B 178 5.11 36.41 34.79
C PRO B 178 3.97 35.47 34.47
N LEU B 179 3.41 35.53 33.26
CA LEU B 179 2.31 34.67 32.86
C LEU B 179 2.76 33.39 32.15
N ASP B 180 4.06 33.16 32.07
CA ASP B 180 4.56 31.92 31.50
C ASP B 180 4.13 30.75 32.38
N PRO B 181 3.53 29.70 31.82
CA PRO B 181 3.10 28.57 32.65
C PRO B 181 4.23 27.85 33.35
N GLY B 182 5.41 27.79 32.73
CA GLY B 182 6.48 26.99 33.26
C GLY B 182 6.24 25.52 33.01
N GLY B 183 7.08 24.69 33.62
CA GLY B 183 6.92 23.26 33.52
C GLY B 183 7.68 22.60 32.39
N TYR B 184 8.66 23.28 31.80
CA TYR B 184 9.44 22.72 30.70
C TYR B 184 10.92 22.85 31.03
N PHE B 185 11.75 22.22 30.20
CA PHE B 185 13.19 22.20 30.37
C PHE B 185 13.84 22.91 29.19
N ILE B 186 14.77 23.81 29.47
CA ILE B 186 15.53 24.49 28.42
C ILE B 186 16.81 23.70 28.18
N VAL B 187 16.84 22.94 27.09
CA VAL B 187 17.99 22.13 26.72
C VAL B 187 18.54 22.69 25.40
N ASN B 188 19.82 23.09 25.43
CA ASN B 188 20.53 23.60 24.25
C ASN B 188 19.79 24.78 23.60
N GLY B 189 19.11 25.56 24.43
CA GLY B 189 18.34 26.71 23.97
C GLY B 189 16.90 26.43 23.61
N THR B 190 16.59 25.17 23.28
CA THR B 190 15.23 24.81 22.93
C THR B 190 14.44 24.41 24.18
N GLU B 191 13.21 24.89 24.27
CA GLU B 191 12.34 24.62 25.41
C GLU B 191 11.47 23.41 25.10
N LYS B 192 11.74 22.31 25.79
CA LYS B 192 11.10 21.02 25.55
C LYS B 192 10.24 20.64 26.74
N VAL B 193 9.10 20.01 26.45
CA VAL B 193 8.13 19.60 27.46
C VAL B 193 8.08 18.09 27.49
N ILE B 194 8.25 17.50 28.67
CA ILE B 194 8.04 16.07 28.85
C ILE B 194 6.54 15.85 28.99
N LEU B 195 5.94 15.24 27.97
CA LEU B 195 4.49 15.09 27.94
C LEU B 195 4.05 14.02 28.93
N VAL B 196 2.78 14.12 29.34
CA VAL B 196 2.21 13.12 30.24
C VAL B 196 1.97 11.83 29.46
N GLN B 197 2.41 10.71 30.03
CA GLN B 197 2.22 9.41 29.42
C GLN B 197 1.07 8.68 30.09
N GLU B 198 0.30 7.95 29.30
CA GLU B 198 -0.81 7.15 29.83
C GLU B 198 -0.47 5.68 29.67
N GLN B 199 -0.52 4.95 30.78
CA GLN B 199 -0.20 3.53 30.76
C GLN B 199 -1.26 2.77 31.54
N LEU B 200 -1.29 1.46 31.36
CA LEU B 200 -2.12 0.62 32.20
C LEU B 200 -1.57 0.64 33.63
N SER B 201 -2.47 0.42 34.58
CA SER B 201 -2.11 0.55 35.99
C SER B 201 -1.07 -0.49 36.38
N LYS B 202 -0.02 -0.04 37.05
CA LYS B 202 1.06 -0.91 37.48
C LYS B 202 0.73 -1.53 38.83
N ASN B 203 1.30 -2.72 39.07
CA ASN B 203 1.09 -3.49 40.29
C ASN B 203 -0.39 -3.83 40.51
N ARG B 204 -1.14 -3.95 39.42
CA ARG B 204 -2.55 -4.33 39.49
C ARG B 204 -2.82 -5.43 38.48
N ILE B 205 -3.75 -6.32 38.83
CA ILE B 205 -4.17 -7.39 37.93
C ILE B 205 -5.14 -6.84 36.91
N ILE B 206 -4.86 -7.05 35.64
CA ILE B 206 -5.75 -6.63 34.55
C ILE B 206 -6.18 -7.88 33.80
N VAL B 207 -7.48 -8.11 33.72
CA VAL B 207 -8.04 -9.29 33.09
C VAL B 207 -8.62 -8.91 31.75
N GLU B 208 -8.19 -9.59 30.70
CA GLU B 208 -8.67 -9.33 29.35
C GLU B 208 -8.91 -10.65 28.64
N ALA B 209 -9.66 -10.59 27.54
CA ALA B 209 -10.03 -11.79 26.81
C ALA B 209 -10.02 -11.52 25.30
N ASP B 210 -9.72 -12.57 24.54
CA ASP B 210 -9.85 -12.58 23.09
C ASP B 210 -10.94 -13.60 22.78
N GLU B 211 -12.14 -13.10 22.47
CA GLU B 211 -13.26 -13.99 22.20
C GLU B 211 -13.10 -14.67 20.83
N LYS B 212 -12.60 -13.94 19.84
CA LYS B 212 -12.37 -14.53 18.52
C LYS B 212 -11.25 -15.56 18.55
N LYS B 213 -10.26 -15.41 19.44
CA LYS B 213 -9.28 -16.44 19.67
C LYS B 213 -9.67 -17.39 20.78
N GLY B 214 -10.63 -16.99 21.63
CA GLY B 214 -11.19 -17.86 22.65
C GLY B 214 -10.41 -17.94 23.95
N ILE B 215 -9.39 -17.12 24.13
CA ILE B 215 -8.54 -17.23 25.31
C ILE B 215 -8.81 -16.08 26.26
N VAL B 216 -8.39 -16.25 27.51
CA VAL B 216 -8.41 -15.17 28.49
C VAL B 216 -7.04 -15.11 29.15
N GLN B 217 -6.73 -13.96 29.74
CA GLN B 217 -5.48 -13.81 30.47
C GLN B 217 -5.63 -12.73 31.53
N ALA B 218 -4.79 -12.83 32.55
CA ALA B 218 -4.66 -11.83 33.59
C ALA B 218 -3.19 -11.43 33.66
N SER B 219 -2.91 -10.17 33.39
CA SER B 219 -1.55 -9.66 33.34
C SER B 219 -1.28 -8.75 34.53
N VAL B 220 -0.06 -8.84 35.07
CA VAL B 220 0.40 -7.92 36.10
C VAL B 220 1.72 -7.31 35.64
N THR B 221 1.80 -5.98 35.72
CA THR B 221 3.00 -5.24 35.32
C THR B 221 3.64 -4.70 36.59
N SER B 222 4.52 -5.51 37.19
CA SER B 222 5.14 -5.13 38.44
C SER B 222 6.22 -4.08 38.18
N SER B 223 6.15 -2.97 38.90
CA SER B 223 7.07 -1.85 38.71
C SER B 223 7.52 -1.36 40.08
N THR B 224 8.79 -1.57 40.37
CA THR B 224 9.37 -1.20 41.66
C THR B 224 10.80 -0.73 41.39
N HIS B 225 11.33 0.11 42.28
CA HIS B 225 12.69 0.63 42.13
C HIS B 225 13.74 -0.46 42.10
N GLU B 226 13.44 -1.65 42.63
CA GLU B 226 14.40 -2.75 42.59
C GLU B 226 14.33 -3.50 41.27
N ARG B 227 13.13 -3.76 40.76
CA ARG B 227 12.99 -4.56 39.54
C ARG B 227 11.64 -4.28 38.90
N LYS B 228 11.58 -4.46 37.58
CA LYS B 228 10.36 -4.25 36.81
C LYS B 228 10.16 -5.46 35.91
N SER B 229 8.96 -6.03 35.91
CA SER B 229 8.68 -7.25 35.17
C SER B 229 7.21 -7.29 34.80
N LYS B 230 6.86 -8.28 33.98
CA LYS B 230 5.47 -8.51 33.57
C LYS B 230 5.19 -10.01 33.62
N THR B 231 4.07 -10.38 34.22
CA THR B 231 3.68 -11.78 34.36
C THR B 231 2.28 -11.98 33.82
N TYR B 232 2.04 -13.15 33.21
CA TYR B 232 0.74 -13.45 32.63
C TYR B 232 0.24 -14.77 33.17
N VAL B 233 -1.06 -14.82 33.47
CA VAL B 233 -1.77 -16.06 33.77
C VAL B 233 -2.79 -16.24 32.66
N ILE B 234 -2.51 -17.18 31.76
CA ILE B 234 -3.26 -17.31 30.51
C ILE B 234 -4.04 -18.61 30.51
N THR B 235 -5.01 -18.69 29.61
CA THR B 235 -5.79 -19.90 29.38
C THR B 235 -5.44 -20.48 28.02
N LYS B 236 -5.02 -21.74 28.01
CA LYS B 236 -4.64 -22.44 26.79
C LYS B 236 -5.22 -23.84 26.84
N ASN B 237 -5.99 -24.21 25.80
CA ASN B 237 -6.57 -25.54 25.64
C ASN B 237 -7.45 -25.94 26.82
N GLY B 238 -8.10 -24.95 27.45
CA GLY B 238 -8.94 -25.21 28.59
C GLY B 238 -8.20 -25.28 29.92
N LYS B 239 -6.88 -25.26 29.91
CA LYS B 239 -6.08 -25.26 31.11
C LYS B 239 -5.54 -23.87 31.38
N ILE B 240 -4.95 -23.69 32.56
CA ILE B 240 -4.44 -22.40 33.00
C ILE B 240 -2.94 -22.51 33.21
N TYR B 241 -2.20 -21.60 32.59
CA TYR B 241 -0.74 -21.59 32.66
C TYR B 241 -0.24 -20.24 33.13
N LEU B 242 0.99 -20.22 33.63
CA LEU B 242 1.64 -18.99 34.06
C LEU B 242 2.89 -18.80 33.20
N LYS B 243 2.99 -17.66 32.53
CA LYS B 243 4.10 -17.38 31.64
C LYS B 243 4.78 -16.06 32.01
N HIS B 244 6.08 -16.02 31.71
CA HIS B 244 6.96 -14.91 32.04
C HIS B 244 8.08 -14.88 31.02
N ASN B 245 8.72 -13.73 30.88
CA ASN B 245 9.81 -13.60 29.92
C ASN B 245 11.03 -14.42 30.33
N SER B 246 11.30 -14.51 31.64
CA SER B 246 12.45 -15.25 32.11
C SER B 246 12.24 -16.76 32.04
N ILE B 247 11.01 -17.23 32.17
CA ILE B 247 10.70 -18.66 32.12
C ILE B 247 10.58 -19.07 30.65
N ALA B 248 11.27 -20.16 30.29
CA ALA B 248 11.33 -20.55 28.89
C ALA B 248 10.00 -21.14 28.41
N GLU B 249 9.30 -21.87 29.27
CA GLU B 249 8.09 -22.57 28.90
C GLU B 249 6.98 -22.25 29.89
N GLU B 250 5.74 -22.34 29.41
CA GLU B 250 4.58 -22.08 30.27
C GLU B 250 4.47 -23.15 31.35
N ILE B 251 4.19 -22.71 32.57
CA ILE B 251 4.10 -23.59 33.72
C ILE B 251 2.63 -23.76 34.11
N PRO B 252 2.16 -24.98 34.36
CA PRO B 252 0.79 -25.15 34.85
C PRO B 252 0.60 -24.49 36.21
N ILE B 253 -0.63 -24.01 36.44
CA ILE B 253 -0.89 -23.18 37.61
C ILE B 253 -0.80 -23.99 38.90
N ALA B 254 -1.09 -25.29 38.84
CA ALA B 254 -0.95 -26.14 40.03
C ALA B 254 0.51 -26.25 40.44
N ILE B 255 1.41 -26.37 39.46
CA ILE B 255 2.83 -26.51 39.77
C ILE B 255 3.38 -25.24 40.39
N VAL B 256 3.01 -24.07 39.84
CA VAL B 256 3.55 -22.83 40.37
C VAL B 256 2.90 -22.48 41.71
N LEU B 257 1.67 -22.97 41.94
CA LEU B 257 1.08 -22.79 43.25
C LEU B 257 1.72 -23.72 44.27
N LYS B 258 2.15 -24.90 43.84
CA LYS B 258 2.87 -25.80 44.73
C LYS B 258 4.28 -25.34 45.00
N ALA B 259 4.85 -24.53 44.09
CA ALA B 259 6.17 -23.96 44.33
C ALA B 259 6.16 -23.01 45.52
N CYS B 260 5.03 -22.36 45.78
CA CYS B 260 4.86 -21.54 46.96
C CYS B 260 4.52 -22.44 48.15
N GLY B 261 4.04 -21.84 49.24
CA GLY B 261 3.80 -22.58 50.46
C GLY B 261 2.65 -23.57 50.41
N ILE B 262 1.77 -23.45 49.42
CA ILE B 262 0.62 -24.34 49.33
C ILE B 262 1.07 -25.69 48.81
N LEU B 263 0.70 -26.76 49.52
CA LEU B 263 1.06 -28.11 49.13
C LEU B 263 -0.14 -29.04 49.01
N SER B 264 -1.35 -28.54 49.16
CA SER B 264 -2.56 -29.35 49.07
C SER B 264 -3.35 -28.97 47.82
N ASP B 265 -3.91 -29.98 47.15
CA ASP B 265 -4.79 -29.72 46.01
C ASP B 265 -6.12 -29.15 46.48
N LEU B 266 -6.61 -29.62 47.63
CA LEU B 266 -7.85 -29.07 48.18
C LEU B 266 -7.69 -27.60 48.53
N GLU B 267 -6.53 -27.22 49.07
CA GLU B 267 -6.27 -25.82 49.38
C GLU B 267 -6.23 -24.98 48.11
N ILE B 268 -5.59 -25.48 47.05
CA ILE B 268 -5.53 -24.77 45.78
C ILE B 268 -6.93 -24.57 45.21
N MET B 269 -7.74 -25.63 45.22
CA MET B 269 -9.08 -25.54 44.63
C MET B 269 -10.00 -24.69 45.49
N GLN B 270 -9.79 -24.67 46.82
CA GLN B 270 -10.62 -23.84 47.68
C GLN B 270 -10.24 -22.36 47.55
N LEU B 271 -8.96 -22.07 47.34
CA LEU B 271 -8.54 -20.69 47.14
C LEU B 271 -9.01 -20.17 45.79
N VAL B 272 -8.82 -20.95 44.73
CA VAL B 272 -9.17 -20.50 43.39
C VAL B 272 -10.68 -20.41 43.21
N CYS B 273 -11.40 -21.46 43.62
CA CYS B 273 -12.82 -21.56 43.35
C CYS B 273 -13.68 -21.23 44.56
N GLY B 274 -13.46 -21.91 45.68
CA GLY B 274 -14.31 -21.73 46.84
C GLY B 274 -15.48 -22.68 46.85
N ASN B 275 -16.66 -22.17 47.18
CA ASN B 275 -17.87 -22.99 47.28
C ASN B 275 -18.66 -23.04 45.98
N ASP B 276 -18.26 -22.28 44.96
CA ASP B 276 -19.01 -22.24 43.71
C ASP B 276 -18.71 -23.50 42.91
N SER B 277 -19.76 -24.19 42.47
CA SER B 277 -19.59 -25.46 41.76
C SER B 277 -19.07 -25.24 40.34
N SER B 278 -19.53 -24.18 39.68
CA SER B 278 -19.13 -23.94 38.30
C SER B 278 -17.64 -23.61 38.19
N TYR B 279 -17.11 -22.84 39.14
CA TYR B 279 -15.68 -22.54 39.15
C TYR B 279 -14.87 -23.81 39.37
N GLN B 280 -15.35 -24.70 40.25
CA GLN B 280 -14.68 -25.98 40.45
C GLN B 280 -14.71 -26.83 39.19
N ASP B 281 -15.85 -26.85 38.49
CA ASP B 281 -15.94 -27.62 37.25
C ASP B 281 -14.99 -27.09 36.19
N ILE B 282 -14.83 -25.77 36.12
CA ILE B 282 -13.91 -25.18 35.15
C ILE B 282 -12.46 -25.47 35.52
N PHE B 283 -12.14 -25.36 36.81
CA PHE B 283 -10.75 -25.40 37.25
C PHE B 283 -10.22 -26.80 37.53
N ALA B 284 -11.10 -27.80 37.64
CA ALA B 284 -10.66 -29.14 38.04
C ALA B 284 -9.74 -29.79 37.02
N VAL B 285 -9.71 -29.29 35.77
CA VAL B 285 -8.81 -29.84 34.77
C VAL B 285 -7.36 -29.60 35.15
N ASN B 286 -7.08 -28.43 35.74
CA ASN B 286 -5.70 -28.08 36.09
C ASN B 286 -5.17 -28.87 37.27
N LEU B 287 -6.05 -29.44 38.10
CA LEU B 287 -5.59 -30.26 39.22
C LEU B 287 -4.96 -31.56 38.74
N GLU B 288 -5.39 -32.05 37.57
CA GLU B 288 -4.86 -33.30 37.03
C GLU B 288 -3.47 -33.14 36.42
N GLU B 289 -3.08 -31.93 36.01
CA GLU B 289 -1.77 -31.74 35.42
C GLU B 289 -0.65 -31.81 36.45
N SER B 290 -0.96 -31.60 37.74
CA SER B 290 0.04 -31.85 38.77
C SER B 290 0.29 -33.34 38.94
N SER B 291 -0.74 -34.16 38.78
CA SER B 291 -0.59 -35.60 38.89
C SER B 291 0.03 -36.20 37.62
N LYS B 292 -0.25 -35.60 36.46
CA LYS B 292 0.31 -36.10 35.21
C LYS B 292 1.82 -35.90 35.15
N LEU B 293 2.33 -34.85 35.78
CA LEU B 293 3.74 -34.52 35.76
C LEU B 293 4.44 -34.89 37.07
N ASP B 294 3.83 -35.80 37.86
CA ASP B 294 4.26 -36.36 39.15
C ASP B 294 5.05 -35.39 40.01
N ILE B 295 4.51 -34.19 40.21
CA ILE B 295 5.04 -33.20 41.13
C ILE B 295 4.09 -33.10 42.31
N TYR B 296 4.60 -33.35 43.51
CA TYR B 296 3.75 -33.37 44.69
C TYR B 296 4.30 -32.62 45.89
N THR B 297 5.59 -32.29 45.92
CA THR B 297 6.19 -31.52 47.00
C THR B 297 6.70 -30.20 46.47
N GLN B 298 7.03 -29.30 47.40
CA GLN B 298 7.49 -27.97 47.03
C GLN B 298 8.84 -28.03 46.31
N GLN B 299 9.73 -28.92 46.76
CA GLN B 299 11.04 -29.02 46.14
C GLN B 299 10.93 -29.51 44.69
N GLN B 300 10.00 -30.43 44.42
CA GLN B 300 9.81 -30.92 43.06
C GLN B 300 9.33 -29.81 42.13
N ALA B 301 8.39 -28.99 42.59
CA ALA B 301 7.91 -27.88 41.78
C ALA B 301 8.99 -26.84 41.58
N LEU B 302 9.82 -26.61 42.60
CA LEU B 302 10.93 -25.68 42.45
C LEU B 302 11.96 -26.19 41.45
N GLU B 303 12.25 -27.49 41.48
CA GLU B 303 13.11 -28.09 40.45
C GLU B 303 12.52 -27.91 39.06
N TYR B 304 11.22 -28.19 38.92
CA TYR B 304 10.58 -28.10 37.62
C TYR B 304 10.61 -26.68 37.07
N ILE B 305 10.36 -25.68 37.94
CA ILE B 305 10.38 -24.30 37.48
C ILE B 305 11.80 -23.85 37.17
N GLY B 306 12.76 -24.18 38.04
CA GLY B 306 14.13 -23.73 37.84
C GLY B 306 14.87 -24.44 36.74
N ALA B 307 14.35 -25.58 36.27
CA ALA B 307 14.99 -26.28 35.16
C ALA B 307 14.84 -25.55 33.84
N LYS B 308 13.92 -24.59 33.74
CA LYS B 308 13.62 -23.91 32.49
C LYS B 308 13.57 -22.40 32.70
N VAL B 309 14.59 -21.86 33.36
CA VAL B 309 14.76 -20.42 33.52
C VAL B 309 15.89 -19.96 32.62
N LYS B 310 15.62 -18.96 31.80
CA LYS B 310 16.61 -18.41 30.88
C LYS B 310 17.42 -17.27 31.49
N THR B 311 17.22 -16.95 32.76
CA THR B 311 17.90 -15.84 33.41
C THR B 311 19.39 -16.10 33.52
N MET B 312 20.21 -15.32 32.80
CA MET B 312 21.65 -15.40 32.96
C MET B 312 22.05 -14.83 34.31
N ARG B 313 22.95 -15.53 35.00
CA ARG B 313 23.41 -15.12 36.32
C ARG B 313 24.93 -15.03 36.31
N ARG B 314 25.47 -14.07 37.07
CA ARG B 314 26.91 -13.90 37.16
C ARG B 314 27.57 -15.11 37.81
N GLN B 315 26.95 -15.65 38.85
CA GLN B 315 27.48 -16.81 39.55
C GLN B 315 26.70 -18.06 39.17
N LYS B 316 27.39 -19.19 39.10
CA LYS B 316 26.71 -20.46 38.91
C LYS B 316 25.86 -20.78 40.14
N LEU B 317 24.62 -21.20 39.90
CA LEU B 317 23.66 -21.37 40.97
C LEU B 317 22.94 -22.72 40.81
N THR B 318 22.57 -23.30 41.95
CA THR B 318 21.91 -24.60 41.96
C THR B 318 20.52 -24.48 41.35
N ILE B 319 20.08 -25.57 40.71
CA ILE B 319 18.79 -25.59 40.03
C ILE B 319 17.65 -25.33 41.01
N LEU B 320 17.71 -25.95 42.19
CA LEU B 320 16.74 -25.68 43.23
C LEU B 320 16.79 -24.22 43.66
N GLN B 321 17.99 -23.70 43.86
CA GLN B 321 18.15 -22.30 44.24
C GLN B 321 17.72 -21.38 43.11
N GLU B 322 17.92 -21.80 41.86
CA GLU B 322 17.43 -21.02 40.72
C GLU B 322 15.92 -20.95 40.71
N GLY B 323 15.25 -22.07 41.02
CA GLY B 323 13.80 -22.05 41.09
C GLY B 323 13.28 -21.21 42.24
N ILE B 324 13.97 -21.27 43.39
CA ILE B 324 13.60 -20.43 44.53
C ILE B 324 13.76 -18.95 44.18
N GLU B 325 14.85 -18.60 43.50
CA GLU B 325 15.06 -17.22 43.07
C GLU B 325 13.99 -16.78 42.08
N ALA B 326 13.63 -17.66 41.14
CA ALA B 326 12.62 -17.31 40.15
C ALA B 326 11.26 -17.09 40.79
N ILE B 327 10.89 -17.92 41.76
CA ILE B 327 9.61 -17.74 42.44
C ILE B 327 9.64 -16.51 43.33
N ALA B 328 10.76 -16.29 44.02
CA ALA B 328 10.83 -15.20 45.00
C ALA B 328 10.86 -13.83 44.33
N THR B 329 11.71 -13.66 43.31
CA THR B 329 11.98 -12.34 42.78
C THR B 329 11.54 -12.12 41.34
N THR B 330 11.32 -13.18 40.56
CA THR B 330 11.10 -13.04 39.12
C THR B 330 9.65 -13.21 38.70
N VAL B 331 8.90 -14.13 39.32
CA VAL B 331 7.54 -14.39 38.88
C VAL B 331 6.65 -13.18 39.08
N ILE B 332 6.66 -12.61 40.29
CA ILE B 332 5.92 -11.39 40.61
C ILE B 332 6.93 -10.44 41.23
N ALA B 333 7.35 -9.43 40.47
CA ALA B 333 8.51 -8.64 40.87
C ALA B 333 8.20 -7.73 42.06
N HIS B 334 7.01 -7.15 42.11
CA HIS B 334 6.73 -6.18 43.16
C HIS B 334 6.37 -6.82 44.49
N LEU B 335 6.22 -8.14 44.54
CA LEU B 335 6.08 -8.89 45.78
C LEU B 335 7.36 -9.69 46.00
N THR B 336 8.03 -9.44 47.11
CA THR B 336 9.26 -10.12 47.44
C THR B 336 9.12 -10.84 48.77
N VAL B 337 9.82 -11.97 48.91
CA VAL B 337 9.83 -12.75 50.13
C VAL B 337 11.27 -12.83 50.63
N GLU B 338 11.47 -12.50 51.91
CA GLU B 338 12.79 -12.49 52.53
C GLU B 338 12.99 -13.65 53.48
N ALA B 339 12.07 -14.61 53.49
CA ALA B 339 12.13 -15.73 54.42
C ALA B 339 11.52 -16.96 53.73
N LEU B 340 11.17 -17.97 54.51
CA LEU B 340 10.63 -19.20 53.96
C LEU B 340 9.12 -19.17 53.79
N ASP B 341 8.47 -18.04 54.06
CA ASP B 341 7.03 -17.94 53.94
C ASP B 341 6.65 -17.39 52.57
N PHE B 342 5.75 -18.09 51.88
CA PHE B 342 5.35 -17.74 50.52
C PHE B 342 3.86 -17.43 50.44
N ARG B 343 3.24 -17.03 51.56
CA ARG B 343 1.78 -16.93 51.60
C ARG B 343 1.26 -15.80 50.71
N GLU B 344 1.91 -14.63 50.76
CA GLU B 344 1.43 -13.49 49.98
C GLU B 344 1.55 -13.75 48.48
N LYS B 345 2.67 -14.32 48.05
CA LYS B 345 2.85 -14.65 46.63
C LYS B 345 1.86 -15.72 46.19
N ALA B 346 1.63 -16.73 47.03
CA ALA B 346 0.69 -17.79 46.70
C ALA B 346 -0.72 -17.24 46.57
N LEU B 347 -1.13 -16.36 47.49
CA LEU B 347 -2.46 -15.79 47.41
C LEU B 347 -2.60 -14.83 46.24
N TYR B 348 -1.53 -14.13 45.86
CA TYR B 348 -1.59 -13.27 44.67
C TYR B 348 -1.81 -14.10 43.41
N ILE B 349 -1.06 -15.20 43.27
CA ILE B 349 -1.23 -16.05 42.10
C ILE B 349 -2.60 -16.72 42.12
N ALA B 350 -3.08 -17.10 43.31
CA ALA B 350 -4.40 -17.70 43.43
C ALA B 350 -5.50 -16.72 43.05
N MET B 351 -5.35 -15.45 43.45
CA MET B 351 -6.34 -14.44 43.08
C MET B 351 -6.33 -14.18 41.57
N MET B 352 -5.14 -14.18 40.95
CA MET B 352 -5.07 -14.06 39.50
C MET B 352 -5.77 -15.23 38.82
N THR B 353 -5.55 -16.44 39.33
CA THR B 353 -6.19 -17.62 38.76
C THR B 353 -7.71 -17.58 38.95
N ARG B 354 -8.16 -17.08 40.11
CA ARG B 354 -9.59 -16.95 40.35
C ARG B 354 -10.22 -15.93 39.40
N ARG B 355 -9.52 -14.82 39.14
CA ARG B 355 -10.02 -13.85 38.18
C ARG B 355 -10.09 -14.45 36.78
N VAL B 356 -9.10 -15.27 36.41
CA VAL B 356 -9.14 -15.96 35.13
C VAL B 356 -10.33 -16.91 35.04
N VAL B 357 -10.59 -17.66 36.12
CA VAL B 357 -11.71 -18.60 36.14
C VAL B 357 -13.04 -17.85 36.03
N MET B 358 -13.17 -16.74 36.76
CA MET B 358 -14.38 -15.94 36.69
C MET B 358 -14.57 -15.34 35.30
N ALA B 359 -13.46 -15.00 34.62
CA ALA B 359 -13.55 -14.55 33.25
C ALA B 359 -13.99 -15.66 32.31
N MET B 360 -13.54 -16.89 32.56
CA MET B 360 -13.92 -18.00 31.69
C MET B 360 -15.37 -18.40 31.89
N TYR B 361 -15.90 -18.22 33.11
CA TYR B 361 -17.29 -18.61 33.34
C TYR B 361 -18.26 -17.75 32.55
N ASN B 362 -18.06 -16.43 32.57
CA ASN B 362 -18.81 -15.53 31.73
C ASN B 362 -17.89 -14.40 31.28
N PRO B 363 -17.93 -14.01 30.01
CA PRO B 363 -16.97 -13.05 29.48
C PRO B 363 -17.25 -11.60 29.83
N LYS B 364 -18.24 -11.31 30.67
CA LYS B 364 -18.53 -9.94 31.08
C LYS B 364 -17.78 -9.53 32.34
N MET B 365 -17.01 -10.43 32.95
CA MET B 365 -16.25 -10.11 34.15
C MET B 365 -14.81 -9.73 33.85
N ILE B 366 -14.52 -9.32 32.62
CA ILE B 366 -13.19 -8.86 32.25
C ILE B 366 -13.02 -7.40 32.68
N ASP B 367 -11.80 -6.91 32.66
CA ASP B 367 -11.50 -5.52 32.98
C ASP B 367 -11.36 -4.72 31.69
N ASP B 368 -11.89 -3.50 31.70
CA ASP B 368 -11.84 -2.63 30.53
C ASP B 368 -10.51 -1.89 30.51
N ARG B 369 -9.76 -2.06 29.43
CA ARG B 369 -8.49 -1.35 29.30
C ARG B 369 -8.69 0.14 29.12
N ASP B 370 -9.84 0.55 28.59
CA ASP B 370 -10.11 1.95 28.33
C ASP B 370 -10.65 2.67 29.56
N TYR B 371 -10.93 1.95 30.64
CA TYR B 371 -11.39 2.57 31.87
C TYR B 371 -10.29 3.45 32.47
N VAL B 372 -10.65 4.67 32.87
CA VAL B 372 -9.67 5.60 33.41
C VAL B 372 -9.14 5.12 34.76
N GLY B 373 -9.96 4.42 35.55
CA GLY B 373 -9.48 3.85 36.79
C GLY B 373 -8.43 2.77 36.62
N ASN B 374 -8.36 2.16 35.44
CA ASN B 374 -7.35 1.17 35.11
C ASN B 374 -6.10 1.79 34.51
N LYS B 375 -6.07 3.10 34.29
CA LYS B 375 -4.97 3.78 33.65
C LYS B 375 -4.32 4.76 34.62
N ARG B 376 -3.00 4.84 34.55
CA ARG B 376 -2.21 5.75 35.38
C ARG B 376 -1.34 6.63 34.51
N LEU B 377 -1.08 7.83 35.00
CA LEU B 377 -0.45 8.90 34.24
C LEU B 377 0.95 9.13 34.79
N GLU B 378 1.96 8.92 33.94
CA GLU B 378 3.34 9.24 34.27
C GLU B 378 3.61 10.69 33.90
N LEU B 379 4.04 11.47 34.87
CA LEU B 379 4.43 12.85 34.66
C LEU B 379 5.92 12.91 34.34
N ALA B 380 6.49 14.13 34.37
CA ALA B 380 7.91 14.28 34.07
C ALA B 380 8.78 13.67 35.16
N GLY B 381 8.33 13.74 36.42
CA GLY B 381 9.15 13.23 37.51
C GLY B 381 9.37 11.74 37.44
N GLN B 382 8.30 10.98 37.16
CA GLN B 382 8.41 9.52 37.07
C GLN B 382 9.30 9.11 35.90
N LEU B 383 9.17 9.78 34.76
CA LEU B 383 9.98 9.44 33.59
C LEU B 383 11.45 9.76 33.82
N ILE B 384 11.73 10.94 34.39
CA ILE B 384 13.12 11.29 34.69
C ILE B 384 13.68 10.35 35.74
N SER B 385 12.85 9.87 36.68
CA SER B 385 13.28 8.87 37.64
C SER B 385 13.66 7.57 36.96
N LEU B 386 12.81 7.10 36.05
CA LEU B 386 13.04 5.81 35.38
C LEU B 386 14.21 5.90 34.41
N LEU B 387 14.55 7.11 33.98
CA LEU B 387 15.74 7.32 33.14
C LEU B 387 17.00 7.43 33.98
N PHE B 388 16.93 8.17 35.09
CA PHE B 388 18.09 8.35 35.96
C PHE B 388 18.47 7.05 36.65
N GLU B 389 17.52 6.14 36.83
CA GLU B 389 17.86 4.82 37.37
C GLU B 389 18.79 4.08 36.43
N ASP B 390 18.46 4.06 35.12
CA ASP B 390 19.33 3.44 34.13
C ASP B 390 20.67 4.15 34.04
N LEU B 391 20.65 5.49 34.05
CA LEU B 391 21.90 6.24 33.94
C LEU B 391 22.80 5.99 35.14
N PHE B 392 22.23 5.93 36.35
CA PHE B 392 23.04 5.68 37.54
C PHE B 392 23.53 4.24 37.58
N LYS B 393 22.74 3.30 37.07
CA LYS B 393 23.22 1.91 37.00
C LYS B 393 24.41 1.79 36.04
N LYS B 394 24.33 2.45 34.89
CA LYS B 394 25.45 2.44 33.95
C LYS B 394 26.67 3.14 34.55
N PHE B 395 26.45 4.24 35.25
CA PHE B 395 27.55 4.96 35.90
C PHE B 395 28.21 4.09 36.98
N ASN B 396 27.40 3.38 37.77
CA ASN B 396 27.95 2.50 38.79
C ASN B 396 28.73 1.35 38.18
N ASN B 397 28.22 0.78 37.08
CA ASN B 397 28.95 -0.29 36.41
C ASN B 397 30.28 0.20 35.86
N ASP B 398 30.29 1.38 35.23
CA ASP B 398 31.54 1.92 34.69
C ASP B 398 32.53 2.25 35.80
N PHE B 399 32.04 2.82 36.90
CA PHE B 399 32.92 3.15 38.02
C PHE B 399 33.48 1.89 38.66
N LYS B 400 32.67 0.84 38.79
CA LYS B 400 33.17 -0.41 39.35
C LYS B 400 34.19 -1.06 38.42
N LEU B 401 33.97 -0.96 37.10
CA LEU B 401 34.96 -1.48 36.16
C LEU B 401 36.27 -0.72 36.25
N SER B 402 36.20 0.61 36.38
CA SER B 402 37.43 1.41 36.52
C SER B 402 38.15 1.09 37.83
N ILE B 403 37.40 0.92 38.92
CA ILE B 403 38.01 0.59 40.21
C ILE B 403 38.67 -0.78 40.15
N ASP B 404 38.01 -1.77 39.53
CA ASP B 404 38.59 -3.09 39.38
C ASP B 404 39.83 -3.05 38.49
N LYS B 405 39.81 -2.21 37.45
CA LYS B 405 40.97 -2.08 36.58
C LYS B 405 42.16 -1.49 37.32
N VAL B 406 41.94 -0.47 38.16
CA VAL B 406 43.06 0.14 38.87
C VAL B 406 43.55 -0.77 39.99
N LEU B 407 42.63 -1.40 40.73
CA LEU B 407 43.00 -2.26 41.85
C LEU B 407 43.71 -3.54 41.44
N LYS B 408 43.57 -3.97 40.18
CA LYS B 408 44.26 -5.19 39.75
C LYS B 408 45.76 -4.96 39.57
N LYS B 409 46.20 -3.70 39.53
CA LYS B 409 47.63 -3.40 39.44
C LYS B 409 48.23 -3.40 40.84
N PRO B 410 49.17 -4.28 41.15
CA PRO B 410 49.72 -4.37 42.51
C PRO B 410 50.97 -3.55 42.77
N ASN B 411 51.41 -2.73 41.81
CA ASN B 411 52.65 -1.98 41.97
C ASN B 411 52.49 -0.72 42.82
N ARG B 412 51.27 -0.38 43.22
CA ARG B 412 51.01 0.81 44.01
C ARG B 412 50.88 0.44 45.48
N ALA B 413 51.79 0.94 46.31
CA ALA B 413 51.73 0.65 47.74
C ALA B 413 50.63 1.45 48.43
N MET B 414 50.44 2.70 48.02
CA MET B 414 49.43 3.57 48.62
C MET B 414 48.13 3.47 47.83
N GLU B 415 47.03 3.24 48.54
CA GLU B 415 45.73 3.18 47.90
C GLU B 415 45.33 4.56 47.39
N TYR B 416 44.75 4.60 46.19
CA TYR B 416 44.45 5.85 45.53
C TYR B 416 43.08 6.37 45.96
N ASP B 417 42.81 7.62 45.61
CA ASP B 417 41.52 8.23 45.89
C ASP B 417 40.57 7.95 44.73
N ALA B 418 39.50 7.19 45.00
CA ALA B 418 38.58 6.81 43.94
C ALA B 418 37.79 8.02 43.42
N LEU B 419 37.49 8.97 44.30
CA LEU B 419 36.69 10.13 43.92
C LEU B 419 37.35 10.98 42.84
N LEU B 420 38.68 10.94 42.74
CA LEU B 420 39.37 11.66 41.68
C LEU B 420 38.97 11.18 40.29
N SER B 421 38.36 10.01 40.18
CA SER B 421 37.89 9.49 38.90
C SER B 421 36.38 9.58 38.72
N ILE B 422 35.67 10.37 39.55
CA ILE B 422 34.25 10.57 39.33
C ILE B 422 34.00 11.32 38.01
N ASN B 423 34.68 12.44 37.81
CA ASN B 423 34.29 13.38 36.76
C ASN B 423 34.44 12.77 35.37
N VAL B 424 35.46 11.93 35.16
CA VAL B 424 35.70 11.33 33.86
C VAL B 424 34.55 10.41 33.45
N HIS B 425 33.72 9.99 34.40
CA HIS B 425 32.47 9.31 34.07
C HIS B 425 31.25 10.22 34.22
N SER B 426 31.32 11.22 35.10
CA SER B 426 30.14 11.96 35.52
C SER B 426 29.47 12.67 34.36
N ASN B 427 30.27 13.27 33.47
CA ASN B 427 29.74 13.98 32.32
C ASN B 427 28.79 13.13 31.50
N ASN B 428 29.08 11.82 31.41
CA ASN B 428 28.21 10.89 30.68
C ASN B 428 26.77 11.02 31.13
N ILE B 429 26.56 10.99 32.47
CA ILE B 429 25.22 11.18 33.03
C ILE B 429 24.58 12.41 32.44
N THR B 430 25.24 13.57 32.61
CA THR B 430 24.71 14.83 32.10
C THR B 430 24.39 14.72 30.63
N SER B 431 25.35 14.20 29.85
CA SER B 431 25.16 14.08 28.41
C SER B 431 23.93 13.24 28.12
N GLY B 432 23.87 12.03 28.72
CA GLY B 432 22.75 11.16 28.49
C GLY B 432 21.45 11.83 28.91
N LEU B 433 21.48 12.48 30.07
CA LEU B 433 20.30 13.16 30.57
C LEU B 433 19.83 14.20 29.57
N ASN B 434 20.76 15.04 29.11
CA ASN B 434 20.40 16.08 28.14
C ASN B 434 19.89 15.45 26.87
N ARG B 435 20.53 14.36 26.43
CA ARG B 435 20.12 13.72 25.18
C ARG B 435 18.69 13.20 25.30
N ALA B 436 18.34 12.65 26.46
CA ALA B 436 17.02 12.05 26.60
C ALA B 436 15.94 13.12 26.64
N ILE B 437 16.33 14.38 26.87
CA ILE B 437 15.35 15.45 26.78
C ILE B 437 15.49 16.18 25.44
N SER B 438 16.65 16.06 24.79
CA SER B 438 16.89 16.83 23.58
C SER B 438 16.32 16.12 22.36
N THR B 439 16.77 14.88 22.10
CA THR B 439 16.27 14.14 20.96
C THR B 439 14.83 13.69 21.17
N GLY B 440 14.45 13.42 22.43
CA GLY B 440 13.15 12.86 22.73
C GLY B 440 13.07 11.35 22.61
N ASN B 441 14.09 10.72 22.03
CA ASN B 441 14.13 9.25 21.97
C ASN B 441 14.37 8.69 23.36
N TRP B 442 13.67 7.60 23.67
CA TRP B 442 13.63 7.04 25.02
C TRP B 442 13.93 5.55 24.89
N SER B 443 15.23 5.21 24.89
CA SER B 443 15.68 3.85 24.66
C SER B 443 16.40 3.36 25.91
N LEU B 444 15.82 2.37 26.59
CA LEU B 444 16.37 1.81 27.82
C LEU B 444 16.30 0.29 27.68
N LYS B 445 17.47 -0.33 27.49
CA LYS B 445 17.51 -1.77 27.26
C LYS B 445 17.28 -2.57 28.54
N ARG B 446 17.48 -1.98 29.71
CA ARG B 446 17.25 -2.70 30.96
C ARG B 446 15.77 -3.07 31.12
N PHE B 447 14.88 -2.14 30.80
CA PHE B 447 13.44 -2.35 30.92
C PHE B 447 12.79 -2.67 29.59
N LYS B 448 13.59 -2.89 28.53
CA LYS B 448 13.10 -3.20 27.19
C LYS B 448 12.13 -2.13 26.69
N MET B 449 12.45 -0.87 26.96
CA MET B 449 11.56 0.25 26.67
C MET B 449 12.15 1.05 25.51
N GLU B 450 11.38 1.17 24.43
CA GLU B 450 11.81 1.89 23.23
C GLU B 450 10.78 2.95 22.85
N ARG B 451 10.42 3.77 23.83
CA ARG B 451 9.41 4.80 23.58
C ARG B 451 10.04 5.97 22.81
N ALA B 452 9.23 6.58 21.95
CA ALA B 452 9.66 7.70 21.15
C ALA B 452 8.67 8.86 21.30
N GLY B 453 9.18 10.07 21.11
CA GLY B 453 8.34 11.25 21.25
C GLY B 453 7.88 11.50 22.68
N VAL B 454 8.75 11.25 23.66
CA VAL B 454 8.40 11.54 25.04
C VAL B 454 8.34 13.05 25.26
N THR B 455 9.32 13.78 24.73
CA THR B 455 9.37 15.23 24.84
C THR B 455 8.99 15.87 23.52
N HIS B 456 8.45 17.08 23.61
CA HIS B 456 8.03 17.84 22.44
C HIS B 456 8.53 19.27 22.55
N VAL B 457 8.88 19.86 21.41
CA VAL B 457 9.25 21.27 21.41
C VAL B 457 8.02 22.10 21.74
N LEU B 458 8.15 22.99 22.72
CA LEU B 458 7.01 23.75 23.20
C LEU B 458 6.49 24.70 22.14
N SER B 459 5.20 24.59 21.83
CA SER B 459 4.61 25.40 20.78
C SER B 459 4.43 26.83 21.25
N ARG B 460 4.85 27.78 20.42
CA ARG B 460 4.75 29.21 20.75
C ARG B 460 3.94 29.96 19.71
N LEU B 461 2.94 29.29 19.11
CA LEU B 461 2.05 29.98 18.18
C LEU B 461 1.10 30.92 18.89
N SER B 462 0.79 30.66 20.16
CA SER B 462 -0.11 31.49 20.94
C SER B 462 0.18 31.25 22.41
N TYR B 463 -0.47 32.06 23.25
CA TYR B 463 -0.39 31.81 24.69
C TYR B 463 -1.15 30.54 25.06
N ILE B 464 -2.36 30.39 24.53
CA ILE B 464 -3.15 29.19 24.80
C ILE B 464 -2.50 27.97 24.15
N SER B 465 -1.72 28.15 23.09
CA SER B 465 -1.01 27.03 22.48
C SER B 465 0.05 26.48 23.44
N ALA B 466 0.83 27.36 24.06
CA ALA B 466 1.82 26.92 25.04
C ALA B 466 1.15 26.38 26.30
N LEU B 467 -0.01 26.94 26.65
CA LEU B 467 -0.73 26.43 27.82
C LEU B 467 -1.29 25.03 27.56
N GLY B 468 -1.74 24.76 26.33
CA GLY B 468 -2.33 23.47 26.01
C GLY B 468 -1.33 22.42 25.62
N MET B 469 -0.12 22.83 25.21
CA MET B 469 0.96 21.85 25.09
C MET B 469 1.30 21.25 26.44
N MET B 470 1.34 22.07 27.48
CA MET B 470 1.28 21.57 28.84
C MET B 470 -0.06 20.90 29.09
N THR B 471 -0.07 19.91 29.99
CA THR B 471 -1.25 19.11 30.30
C THR B 471 -1.81 18.42 29.04
N ARG B 472 -0.98 17.56 28.45
CA ARG B 472 -1.36 16.77 27.30
C ARG B 472 -0.96 15.32 27.56
N ILE B 473 -1.88 14.40 27.28
CA ILE B 473 -1.72 12.98 27.59
C ILE B 473 -1.39 12.24 26.30
N SER B 474 -0.33 11.44 26.34
CA SER B 474 0.05 10.60 25.21
C SER B 474 -0.41 9.17 25.49
N SER B 475 -1.20 8.62 24.58
CA SER B 475 -1.77 7.29 24.78
C SER B 475 -0.71 6.20 24.57
N GLN B 476 -0.98 5.04 25.15
CA GLN B 476 -0.07 3.91 25.02
C GLN B 476 -0.12 3.30 23.63
N PHE B 477 -1.32 3.10 23.10
CA PHE B 477 -1.51 2.42 21.81
C PHE B 477 -1.58 3.50 20.72
N GLU B 478 -0.44 3.78 20.11
CA GLU B 478 -0.37 4.82 19.09
C GLU B 478 -0.79 4.33 17.71
N LYS B 479 -0.91 3.02 17.51
CA LYS B 479 -1.25 2.46 16.21
C LYS B 479 -2.66 1.90 16.14
N SER B 480 -3.48 2.12 17.16
CA SER B 480 -4.84 1.59 17.18
C SER B 480 -5.72 2.41 16.25
N ARG B 481 -6.16 1.80 15.15
CA ARG B 481 -6.99 2.45 14.16
C ARG B 481 -8.44 2.02 14.24
N LYS B 482 -8.85 1.41 15.35
CA LYS B 482 -10.18 0.83 15.49
C LYS B 482 -11.10 1.82 16.21
N VAL B 483 -12.29 2.02 15.64
CA VAL B 483 -13.31 2.84 16.28
C VAL B 483 -13.79 2.14 17.56
N SER B 484 -14.13 2.95 18.56
CA SER B 484 -14.66 2.52 19.85
C SER B 484 -13.68 1.67 20.64
N GLY B 485 -12.38 1.85 20.39
CA GLY B 485 -11.36 1.25 21.21
C GLY B 485 -10.76 2.29 22.14
N PRO B 486 -9.44 2.46 22.08
CA PRO B 486 -8.81 3.55 22.83
C PRO B 486 -9.19 4.93 22.33
N ARG B 487 -9.72 5.05 21.12
CA ARG B 487 -10.04 6.33 20.52
C ARG B 487 -11.41 6.87 20.90
N ALA B 488 -12.23 6.07 21.58
CA ALA B 488 -13.54 6.55 21.98
C ALA B 488 -13.44 7.41 23.23
N LEU B 489 -14.44 8.28 23.41
CA LEU B 489 -14.50 9.14 24.59
C LEU B 489 -15.26 8.36 25.65
N GLN B 490 -14.52 7.78 26.60
CA GLN B 490 -15.14 6.98 27.63
C GLN B 490 -15.94 7.88 28.58
N PRO B 491 -17.10 7.43 29.07
CA PRO B 491 -17.80 8.19 30.11
C PRO B 491 -17.02 8.29 31.42
N SER B 492 -16.03 7.43 31.61
CA SER B 492 -15.25 7.42 32.83
C SER B 492 -14.37 8.65 32.99
N GLN B 493 -14.07 9.36 31.91
CA GLN B 493 -13.20 10.52 31.97
C GLN B 493 -13.96 11.83 32.21
N PHE B 494 -15.21 11.74 32.65
CA PHE B 494 -16.00 12.92 33.01
C PHE B 494 -15.33 13.65 34.17
N GLY B 495 -14.87 14.87 33.93
CA GLY B 495 -14.26 15.68 34.95
C GLY B 495 -12.77 15.46 35.15
N MET B 496 -12.21 14.39 34.60
CA MET B 496 -10.78 14.12 34.67
C MET B 496 -10.04 14.53 33.41
N LEU B 497 -10.63 14.31 32.25
CA LEU B 497 -10.01 14.64 30.97
C LEU B 497 -10.99 15.45 30.14
N CYS B 498 -10.45 16.31 29.27
CA CYS B 498 -11.29 17.20 28.49
C CYS B 498 -12.11 16.41 27.47
N THR B 499 -13.38 16.77 27.35
CA THR B 499 -14.31 16.11 26.44
C THR B 499 -14.32 16.73 25.06
N ALA B 500 -13.51 17.76 24.81
CA ALA B 500 -13.53 18.42 23.51
C ALA B 500 -12.12 18.58 22.95
N ASP B 501 -11.11 18.61 23.81
CA ASP B 501 -9.74 18.90 23.38
C ASP B 501 -9.09 17.61 22.88
N THR B 502 -9.18 17.39 21.57
CA THR B 502 -8.50 16.30 20.88
C THR B 502 -8.33 16.74 19.44
N PRO B 503 -7.23 16.38 18.77
CA PRO B 503 -7.03 16.85 17.40
C PRO B 503 -7.85 16.06 16.40
N GLU B 504 -8.00 16.64 15.21
CA GLU B 504 -8.52 15.95 14.05
C GLU B 504 -7.36 15.40 13.24
N GLY B 505 -7.50 14.18 12.77
CA GLY B 505 -6.45 13.54 12.01
C GLY B 505 -6.18 12.15 12.53
N GLU B 506 -5.00 11.64 12.21
CA GLU B 506 -4.63 10.28 12.58
C GLU B 506 -4.44 10.08 14.08
N ALA B 507 -4.35 11.16 14.86
CA ALA B 507 -4.18 11.06 16.29
C ALA B 507 -5.47 11.41 17.05
N CYS B 508 -6.62 11.32 16.38
CA CYS B 508 -7.89 11.66 17.01
C CYS B 508 -8.28 10.60 18.02
N GLY B 509 -8.46 11.00 19.27
CA GLY B 509 -8.83 10.09 20.33
C GLY B 509 -7.67 9.48 21.08
N LEU B 510 -6.46 9.54 20.54
CA LEU B 510 -5.30 8.99 21.22
C LEU B 510 -4.67 10.01 22.16
N VAL B 511 -4.22 11.13 21.62
CA VAL B 511 -3.67 12.22 22.43
C VAL B 511 -4.83 13.08 22.94
N LYS B 512 -4.79 13.41 24.22
CA LYS B 512 -5.91 14.05 24.90
C LYS B 512 -5.37 14.95 26.00
N ASN B 513 -6.21 15.83 26.50
CA ASN B 513 -5.80 16.87 27.43
C ASN B 513 -6.56 16.75 28.75
N LEU B 514 -5.91 17.21 29.82
CA LEU B 514 -6.48 17.16 31.15
C LEU B 514 -7.63 18.16 31.30
N ALA B 515 -8.42 17.96 32.35
CA ALA B 515 -9.50 18.86 32.68
C ALA B 515 -8.97 20.05 33.46
N LEU B 516 -9.87 20.95 33.85
CA LEU B 516 -9.43 22.18 34.52
C LEU B 516 -9.03 21.90 35.97
N MET B 517 -9.92 21.29 36.75
CA MET B 517 -9.72 21.08 38.18
C MET B 517 -9.45 19.60 38.40
N THR B 518 -8.19 19.21 38.28
CA THR B 518 -7.77 17.84 38.50
C THR B 518 -6.44 17.85 39.24
N HIS B 519 -6.14 16.73 39.88
CA HIS B 519 -4.84 16.52 40.51
C HIS B 519 -4.36 15.11 40.18
N ILE B 520 -3.05 14.96 40.02
CA ILE B 520 -2.42 13.68 39.76
C ILE B 520 -1.67 13.26 41.02
N THR B 521 -2.01 12.09 41.55
CA THR B 521 -1.47 11.63 42.82
C THR B 521 0.02 11.32 42.69
N THR B 522 0.77 11.66 43.75
CA THR B 522 2.17 11.30 43.87
C THR B 522 2.32 10.16 44.86
N ASP B 523 3.38 9.37 44.69
CA ASP B 523 3.60 8.20 45.54
C ASP B 523 3.88 8.61 46.98
N ASP B 524 3.37 7.81 47.91
CA ASP B 524 3.64 7.99 49.33
C ASP B 524 3.65 6.63 50.01
N GLU B 525 4.19 6.61 51.23
CA GLU B 525 4.45 5.35 51.92
C GLU B 525 3.16 4.63 52.27
N GLU B 526 3.20 3.29 52.20
CA GLU B 526 2.03 2.46 52.45
C GLU B 526 2.10 1.67 53.75
N GLU B 527 3.25 1.60 54.40
CA GLU B 527 3.37 0.87 55.65
C GLU B 527 2.49 1.43 56.77
N PRO B 528 2.40 2.75 57.01
CA PRO B 528 1.40 3.22 57.99
C PRO B 528 -0.02 2.85 57.62
N ILE B 529 -0.35 2.84 56.32
CA ILE B 529 -1.70 2.42 55.91
C ILE B 529 -1.90 0.94 56.19
N LYS B 530 -0.85 0.13 56.00
CA LYS B 530 -0.94 -1.30 56.30
C LYS B 530 -1.18 -1.53 57.79
N LYS B 531 -0.44 -0.81 58.64
CA LYS B 531 -0.63 -0.95 60.08
C LYS B 531 -2.01 -0.45 60.50
N LEU B 532 -2.49 0.62 59.86
CA LEU B 532 -3.84 1.12 60.15
C LEU B 532 -4.91 0.10 59.75
N CYS B 533 -4.69 -0.59 58.62
CA CYS B 533 -5.59 -1.66 58.23
C CYS B 533 -5.61 -2.77 59.26
N TYR B 534 -4.43 -3.17 59.75
CA TYR B 534 -4.37 -4.22 60.76
C TYR B 534 -5.04 -3.78 62.06
N VAL B 535 -4.93 -2.50 62.41
CA VAL B 535 -5.55 -2.01 63.64
C VAL B 535 -7.07 -1.96 63.49
N LEU B 536 -7.57 -1.50 62.34
CA LEU B 536 -9.00 -1.27 62.17
C LEU B 536 -9.83 -2.55 62.13
N GLY B 537 -9.20 -3.72 62.07
CA GLY B 537 -9.94 -4.96 62.18
C GLY B 537 -9.79 -5.91 61.02
N VAL B 538 -8.69 -5.82 60.29
CA VAL B 538 -8.41 -6.71 59.17
C VAL B 538 -7.58 -7.88 59.69
N GLU B 539 -8.14 -9.09 59.56
CA GLU B 539 -7.39 -10.28 59.92
C GLU B 539 -6.34 -10.58 58.86
N ASP B 540 -5.11 -10.83 59.31
CA ASP B 540 -3.97 -10.93 58.40
C ASP B 540 -4.08 -12.19 57.54
N ILE B 541 -3.44 -12.14 56.37
CA ILE B 541 -3.49 -13.24 55.42
C ILE B 541 -2.74 -14.47 55.94
N THR B 542 -1.83 -14.30 56.89
CA THR B 542 -1.02 -15.40 57.38
C THR B 542 -1.68 -16.18 58.51
N LEU B 543 -2.91 -15.82 58.89
CA LEU B 543 -3.58 -16.56 59.96
C LEU B 543 -5.06 -16.80 59.68
N ILE B 544 -5.52 -16.59 58.46
CA ILE B 544 -6.91 -16.84 58.10
C ILE B 544 -7.00 -18.17 57.36
N ASP B 545 -8.21 -18.67 57.23
CA ASP B 545 -8.44 -19.97 56.64
C ASP B 545 -8.43 -19.84 55.11
N SER B 546 -7.81 -20.80 54.44
CA SER B 546 -7.86 -20.83 52.99
C SER B 546 -9.22 -21.30 52.49
N ALA B 547 -9.92 -22.12 53.29
CA ALA B 547 -11.21 -22.64 52.87
C ALA B 547 -12.31 -21.59 52.95
N SER B 548 -12.26 -20.73 53.97
CA SER B 548 -13.31 -19.73 54.19
C SER B 548 -12.86 -18.33 53.83
N LEU B 549 -11.92 -18.19 52.88
CA LEU B 549 -11.44 -16.87 52.50
C LEU B 549 -12.47 -16.12 51.67
N HIS B 550 -13.33 -16.83 50.94
CA HIS B 550 -14.30 -16.21 50.06
C HIS B 550 -15.69 -16.12 50.70
N LEU B 551 -15.81 -16.44 51.98
CA LEU B 551 -17.07 -16.24 52.68
C LEU B 551 -17.25 -14.81 53.17
N ASN B 552 -16.21 -13.98 53.07
CA ASN B 552 -16.27 -12.59 53.52
C ASN B 552 -15.38 -11.74 52.64
N TYR B 553 -15.50 -10.42 52.80
CA TYR B 553 -14.78 -9.49 51.95
C TYR B 553 -13.28 -9.53 52.23
N GLY B 554 -12.49 -9.40 51.16
CA GLY B 554 -11.06 -9.25 51.28
C GLY B 554 -10.65 -7.80 51.18
N VAL B 555 -9.42 -7.51 51.61
CA VAL B 555 -8.85 -6.18 51.56
C VAL B 555 -7.63 -6.22 50.66
N TYR B 556 -7.55 -5.28 49.72
CA TYR B 556 -6.46 -5.24 48.75
C TYR B 556 -5.77 -3.88 48.86
N LEU B 557 -4.56 -3.89 49.42
CA LEU B 557 -3.73 -2.70 49.51
C LEU B 557 -2.82 -2.66 48.29
N ASN B 558 -3.03 -1.65 47.42
CA ASN B 558 -2.27 -1.48 46.18
C ASN B 558 -2.32 -2.73 45.30
N GLY B 559 -3.49 -3.37 45.27
CA GLY B 559 -3.68 -4.58 44.49
C GLY B 559 -3.19 -5.84 45.15
N THR B 560 -2.61 -5.77 46.34
CA THR B 560 -2.09 -6.93 47.04
C THR B 560 -3.04 -7.33 48.16
N LEU B 561 -3.45 -8.60 48.18
CA LEU B 561 -4.37 -9.09 49.20
C LEU B 561 -3.71 -9.07 50.57
N ILE B 562 -4.11 -8.13 51.42
CA ILE B 562 -3.49 -7.98 52.73
C ILE B 562 -4.18 -8.84 53.79
N GLY B 563 -5.46 -9.12 53.63
CA GLY B 563 -6.17 -9.90 54.64
C GLY B 563 -7.65 -9.95 54.34
N SER B 564 -8.43 -10.16 55.39
CA SER B 564 -9.88 -10.26 55.28
C SER B 564 -10.55 -9.36 56.29
N ILE B 565 -11.75 -8.88 55.95
CA ILE B 565 -12.52 -7.99 56.81
C ILE B 565 -13.91 -8.57 56.98
N ARG B 566 -14.39 -8.59 58.24
CA ARG B 566 -15.73 -9.10 58.49
C ARG B 566 -16.80 -8.12 58.06
N PHE B 567 -16.62 -6.84 58.38
CA PHE B 567 -17.59 -5.80 58.04
C PHE B 567 -16.96 -4.82 57.06
N PRO B 568 -17.22 -4.95 55.76
CA PRO B 568 -16.57 -4.03 54.80
C PRO B 568 -17.11 -2.62 54.83
N THR B 569 -18.42 -2.43 55.00
CA THR B 569 -18.99 -1.09 54.96
C THR B 569 -18.53 -0.24 56.14
N LYS B 570 -18.47 -0.84 57.34
CA LYS B 570 -17.98 -0.11 58.50
C LYS B 570 -16.50 0.24 58.35
N PHE B 571 -15.71 -0.69 57.80
CA PHE B 571 -14.30 -0.41 57.55
C PHE B 571 -14.11 0.73 56.57
N VAL B 572 -14.90 0.73 55.49
CA VAL B 572 -14.82 1.79 54.49
C VAL B 572 -15.23 3.13 55.09
N THR B 573 -16.32 3.14 55.88
CA THR B 573 -16.78 4.37 56.51
C THR B 573 -15.74 4.91 57.49
N GLN B 574 -15.12 4.02 58.28
CA GLN B 574 -14.10 4.45 59.23
C GLN B 574 -12.87 5.00 58.51
N PHE B 575 -12.46 4.36 57.41
CA PHE B 575 -11.32 4.86 56.65
C PHE B 575 -11.62 6.21 56.01
N ARG B 576 -12.85 6.40 55.50
CA ARG B 576 -13.22 7.69 54.96
C ARG B 576 -13.25 8.76 56.04
N HIS B 577 -13.71 8.40 57.25
CA HIS B 577 -13.71 9.36 58.35
C HIS B 577 -12.28 9.75 58.74
N LEU B 578 -11.37 8.78 58.75
CA LEU B 578 -9.96 9.09 59.03
C LEU B 578 -9.36 9.97 57.95
N ARG B 579 -9.73 9.73 56.68
CA ARG B 579 -9.23 10.57 55.60
C ARG B 579 -9.77 11.99 55.69
N ARG B 580 -11.07 12.14 56.00
CA ARG B 580 -11.67 13.46 56.07
C ARG B 580 -11.22 14.24 57.29
N THR B 581 -10.93 13.54 58.40
CA THR B 581 -10.40 14.20 59.57
C THR B 581 -8.96 14.67 59.36
N GLY B 582 -8.15 13.91 58.63
CA GLY B 582 -6.78 14.27 58.36
C GLY B 582 -5.74 13.33 58.93
N LYS B 583 -6.14 12.16 59.43
CA LYS B 583 -5.19 11.24 60.03
C LYS B 583 -4.35 10.50 58.98
N VAL B 584 -4.89 10.32 57.77
CA VAL B 584 -4.13 9.73 56.67
C VAL B 584 -4.13 10.72 55.52
N SER B 585 -3.36 10.39 54.49
CA SER B 585 -3.23 11.27 53.33
C SER B 585 -4.56 11.38 52.60
N GLU B 586 -4.84 12.57 52.07
CA GLU B 586 -6.11 12.82 51.40
C GLU B 586 -6.16 12.23 49.99
N PHE B 587 -5.05 11.70 49.47
CA PHE B 587 -5.02 11.09 48.16
C PHE B 587 -5.12 9.56 48.22
N ILE B 588 -5.23 8.99 49.41
CA ILE B 588 -5.52 7.56 49.54
C ILE B 588 -6.96 7.32 49.12
N SER B 589 -7.19 6.29 48.31
CA SER B 589 -8.53 6.04 47.81
C SER B 589 -9.05 4.70 48.32
N ILE B 590 -10.27 4.73 48.84
CA ILE B 590 -10.99 3.54 49.32
C ILE B 590 -12.20 3.32 48.44
N TYR B 591 -12.38 2.07 47.98
CA TYR B 591 -13.59 1.75 47.22
C TYR B 591 -13.89 0.26 47.30
N SER B 592 -15.15 -0.07 47.47
CA SER B 592 -15.59 -1.45 47.66
C SER B 592 -16.20 -1.98 46.36
N ASN B 593 -15.63 -3.05 45.83
CA ASN B 593 -16.16 -3.74 44.67
C ASN B 593 -16.91 -4.98 45.18
N SER B 594 -18.24 -4.97 45.01
CA SER B 594 -19.06 -6.06 45.53
C SER B 594 -18.99 -7.31 44.67
N HIS B 595 -18.72 -7.15 43.37
CA HIS B 595 -18.64 -8.32 42.48
C HIS B 595 -17.45 -9.20 42.83
N GLN B 596 -16.31 -8.59 43.11
CA GLN B 596 -15.13 -9.33 43.55
C GLN B 596 -15.08 -9.52 45.06
N MET B 597 -16.04 -8.96 45.79
CA MET B 597 -16.11 -9.00 47.25
C MET B 597 -14.80 -8.51 47.87
N ALA B 598 -14.42 -7.30 47.47
CA ALA B 598 -13.15 -6.73 47.89
C ALA B 598 -13.33 -5.27 48.26
N VAL B 599 -12.43 -4.79 49.12
CA VAL B 599 -12.27 -3.36 49.37
C VAL B 599 -10.84 -3.00 48.99
N HIS B 600 -10.70 -2.05 48.06
CA HIS B 600 -9.41 -1.67 47.52
C HIS B 600 -8.97 -0.35 48.13
N ILE B 601 -7.72 -0.32 48.58
CA ILE B 601 -7.06 0.89 49.07
C ILE B 601 -5.91 1.17 48.13
N ALA B 602 -6.00 2.28 47.40
CA ALA B 602 -4.95 2.69 46.50
C ALA B 602 -4.14 3.81 47.15
N THR B 603 -2.82 3.65 47.13
CA THR B 603 -1.86 4.54 47.74
C THR B 603 -0.87 5.12 46.74
N ASP B 604 -0.48 4.35 45.72
CA ASP B 604 0.57 4.74 44.79
C ASP B 604 0.13 5.92 43.93
N GLY B 605 1.11 6.55 43.28
CA GLY B 605 0.87 7.73 42.47
C GLY B 605 0.47 7.39 41.05
N GLY B 606 0.24 8.44 40.28
CA GLY B 606 -0.20 8.31 38.91
C GLY B 606 -1.71 8.29 38.72
N ARG B 607 -2.47 8.24 39.80
CA ARG B 607 -3.93 8.22 39.70
C ARG B 607 -4.46 9.64 39.51
N ILE B 608 -5.43 9.78 38.62
CA ILE B 608 -6.08 11.07 38.37
C ILE B 608 -7.16 11.29 39.42
N CYS B 609 -7.16 12.47 40.04
CA CYS B 609 -8.06 12.80 41.11
C CYS B 609 -8.87 14.04 40.77
N ARG B 610 -9.89 14.31 41.58
CA ARG B 610 -10.79 15.44 41.37
C ARG B 610 -11.50 15.78 42.66
N PRO B 611 -11.40 17.02 43.13
CA PRO B 611 -12.08 17.39 44.39
C PRO B 611 -13.57 17.56 44.19
N LEU B 612 -14.33 17.20 45.23
CA LEU B 612 -15.79 17.26 45.21
C LEU B 612 -16.28 17.63 46.59
N ILE B 613 -17.44 18.28 46.63
CA ILE B 613 -18.07 18.69 47.88
C ILE B 613 -18.83 17.51 48.47
N ILE B 614 -18.57 17.22 49.73
CA ILE B 614 -19.21 16.11 50.43
C ILE B 614 -20.64 16.46 50.76
N VAL B 615 -21.55 15.51 50.60
CA VAL B 615 -22.95 15.66 50.96
C VAL B 615 -23.30 14.61 52.00
N SER B 616 -23.84 15.04 53.13
CA SER B 616 -24.22 14.15 54.22
C SER B 616 -25.66 14.45 54.64
N ASP B 617 -26.47 13.39 54.75
CA ASP B 617 -27.86 13.47 55.19
C ASP B 617 -28.68 14.40 54.32
N GLY B 618 -28.41 14.39 53.02
CA GLY B 618 -29.17 15.20 52.09
C GLY B 618 -28.86 16.67 52.11
N GLN B 619 -27.82 17.09 52.82
CA GLN B 619 -27.42 18.49 52.91
C GLN B 619 -25.97 18.61 52.47
N SER B 620 -25.68 19.63 51.67
CA SER B 620 -24.30 19.91 51.27
C SER B 620 -23.50 20.37 52.48
N ARG B 621 -22.30 19.83 52.64
CA ARG B 621 -21.47 20.15 53.79
C ARG B 621 -20.80 21.49 53.67
N VAL B 622 -20.81 22.12 52.50
CA VAL B 622 -20.29 23.47 52.32
C VAL B 622 -21.44 24.45 52.52
N LYS B 623 -21.31 25.33 53.49
CA LYS B 623 -22.37 26.25 53.86
C LYS B 623 -22.04 27.67 53.38
N ASP B 624 -22.95 28.59 53.65
CA ASP B 624 -22.75 29.98 53.24
C ASP B 624 -21.66 30.66 54.05
N ILE B 625 -21.53 30.30 55.32
CA ILE B 625 -20.51 30.93 56.17
C ILE B 625 -19.12 30.52 55.71
N HIS B 626 -18.95 29.28 55.26
CA HIS B 626 -17.66 28.84 54.74
C HIS B 626 -17.28 29.60 53.47
N LEU B 627 -18.26 29.81 52.58
CA LEU B 627 -17.99 30.57 51.35
C LEU B 627 -17.69 32.03 51.67
N ARG B 628 -18.39 32.60 52.65
CA ARG B 628 -18.10 33.97 53.07
C ARG B 628 -16.69 34.08 53.63
N LYS B 629 -16.27 33.09 54.45
CA LYS B 629 -14.91 33.08 54.96
C LYS B 629 -13.90 32.96 53.83
N LEU B 630 -14.17 32.09 52.85
CA LEU B 630 -13.25 31.91 51.73
C LEU B 630 -13.13 33.18 50.90
N LEU B 631 -14.24 33.87 50.67
CA LEU B 631 -14.19 35.11 49.91
C LEU B 631 -13.54 36.24 50.69
N ASP B 632 -13.66 36.23 52.02
CA ASP B 632 -13.08 37.31 52.82
C ASP B 632 -11.56 37.26 52.84
N GLY B 633 -10.98 36.06 52.75
CA GLY B 633 -9.54 35.94 52.71
C GLY B 633 -8.97 34.76 53.48
N GLU B 634 -9.68 34.31 54.50
CA GLU B 634 -9.26 33.16 55.28
C GLU B 634 -9.92 31.89 54.74
N LEU B 635 -9.58 30.76 55.35
CA LEU B 635 -10.20 29.46 55.09
C LEU B 635 -10.10 29.09 53.60
N ASP B 636 -8.84 28.86 53.18
CA ASP B 636 -8.56 28.54 51.79
C ASP B 636 -8.89 27.07 51.52
N PHE B 637 -8.46 26.57 50.36
CA PHE B 637 -8.84 25.22 49.94
C PHE B 637 -8.25 24.15 50.85
N ASP B 638 -7.05 24.38 51.36
CA ASP B 638 -6.45 23.44 52.31
C ASP B 638 -7.27 23.36 53.59
N ASP B 639 -7.75 24.51 54.09
CA ASP B 639 -8.62 24.49 55.25
C ASP B 639 -9.95 23.80 54.95
N PHE B 640 -10.42 23.89 53.70
CA PHE B 640 -11.59 23.11 53.30
C PHE B 640 -11.31 21.62 53.36
N LEU B 641 -10.10 21.21 52.97
CA LEU B 641 -9.74 19.80 53.02
C LEU B 641 -9.65 19.30 54.47
N LYS B 642 -8.96 20.05 55.34
CA LYS B 642 -8.85 19.63 56.74
C LYS B 642 -10.20 19.66 57.45
N LEU B 643 -11.06 20.63 57.13
CA LEU B 643 -12.37 20.69 57.76
C LEU B 643 -13.31 19.58 57.33
N GLY B 644 -12.96 18.82 56.30
CA GLY B 644 -13.81 17.74 55.84
C GLY B 644 -14.97 18.17 54.98
N LEU B 645 -14.89 19.34 54.35
CA LEU B 645 -15.98 19.81 53.50
C LEU B 645 -15.84 19.29 52.08
N VAL B 646 -14.61 19.21 51.57
CA VAL B 646 -14.35 18.69 50.24
C VAL B 646 -13.35 17.55 50.35
N GLU B 647 -13.38 16.67 49.35
CA GLU B 647 -12.45 15.54 49.34
C GLU B 647 -12.15 15.14 47.91
N TYR B 648 -11.01 14.50 47.72
CA TYR B 648 -10.56 14.09 46.40
C TYR B 648 -11.09 12.70 46.07
N LEU B 649 -11.72 12.58 44.91
CA LEU B 649 -12.22 11.30 44.42
C LEU B 649 -11.54 10.97 43.10
N ASP B 650 -10.92 9.79 43.03
CA ASP B 650 -10.45 9.29 41.76
C ASP B 650 -11.60 8.54 41.08
N VAL B 651 -11.31 7.95 39.91
CA VAL B 651 -12.35 7.31 39.12
C VAL B 651 -12.92 6.10 39.84
N ASN B 652 -12.04 5.30 40.46
CA ASN B 652 -12.50 4.10 41.15
C ASN B 652 -13.39 4.43 42.35
N GLU B 653 -13.05 5.49 43.08
CA GLU B 653 -13.93 5.91 44.17
C GLU B 653 -15.18 6.61 43.64
N GLU B 654 -15.09 7.24 42.46
CA GLU B 654 -16.27 7.80 41.83
C GLU B 654 -17.25 6.71 41.41
N ASN B 655 -16.75 5.50 41.16
CA ASN B 655 -17.62 4.37 40.88
C ASN B 655 -18.51 4.05 42.08
N ASP B 656 -17.95 4.08 43.28
CA ASP B 656 -18.72 3.88 44.50
C ASP B 656 -19.14 5.23 45.10
N SER B 657 -19.99 5.93 44.35
CA SER B 657 -20.42 7.26 44.74
C SER B 657 -21.73 7.58 44.02
N TYR B 658 -22.30 8.73 44.37
CA TYR B 658 -23.53 9.21 43.75
C TYR B 658 -23.50 10.73 43.86
N ILE B 659 -23.11 11.39 42.77
CA ILE B 659 -22.72 12.79 42.77
C ILE B 659 -23.86 13.64 42.21
N ALA B 660 -24.19 14.72 42.91
CA ALA B 660 -25.20 15.65 42.47
C ALA B 660 -24.55 16.77 41.67
N LEU B 661 -25.16 17.11 40.52
CA LEU B 661 -24.60 18.15 39.67
C LEU B 661 -24.88 19.53 40.26
N TYR B 662 -26.07 19.75 40.81
CA TYR B 662 -26.44 21.03 41.40
C TYR B 662 -27.03 20.79 42.78
N GLU B 663 -27.14 21.88 43.55
CA GLU B 663 -27.71 21.79 44.89
C GLU B 663 -29.19 21.45 44.85
N LYS B 664 -29.89 21.92 43.82
CA LYS B 664 -31.32 21.68 43.71
C LYS B 664 -31.66 20.23 43.35
N ASP B 665 -30.67 19.45 42.92
CA ASP B 665 -30.89 18.05 42.53
C ASP B 665 -30.52 17.07 43.63
N ILE B 666 -30.27 17.54 44.85
CA ILE B 666 -29.80 16.67 45.91
C ILE B 666 -30.96 15.87 46.48
N VAL B 667 -30.84 14.54 46.44
CA VAL B 667 -31.76 13.64 47.11
C VAL B 667 -31.02 13.12 48.34
N PRO B 668 -31.68 12.52 49.33
CA PRO B 668 -30.95 12.04 50.52
C PRO B 668 -29.93 10.96 50.23
N SER B 669 -30.01 10.27 49.08
CA SER B 669 -29.07 9.21 48.76
C SER B 669 -27.77 9.70 48.13
N MET B 670 -27.67 11.00 47.80
CA MET B 670 -26.46 11.51 47.18
C MET B 670 -25.29 11.48 48.15
N THR B 671 -24.10 11.22 47.61
CA THR B 671 -22.88 11.16 48.40
C THR B 671 -21.99 12.38 48.23
N HIS B 672 -21.95 12.98 47.04
CA HIS B 672 -21.07 14.11 46.78
C HIS B 672 -21.82 15.15 45.97
N LEU B 673 -21.22 16.34 45.89
CA LEU B 673 -21.74 17.44 45.09
C LEU B 673 -20.64 17.97 44.21
N GLU B 674 -21.01 18.31 42.96
CA GLU B 674 -20.06 18.89 42.03
C GLU B 674 -19.71 20.31 42.46
N ILE B 675 -18.42 20.62 42.50
CA ILE B 675 -17.99 21.98 42.80
C ILE B 675 -18.47 22.94 41.72
N GLU B 676 -18.22 22.59 40.47
CA GLU B 676 -18.69 23.33 39.30
C GLU B 676 -18.57 22.47 38.04
N PRO B 677 -19.55 22.53 37.14
CA PRO B 677 -19.58 21.59 36.01
C PRO B 677 -18.52 21.86 34.93
N PHE B 678 -18.23 23.13 34.60
CA PHE B 678 -17.35 23.37 33.45
C PHE B 678 -15.88 22.94 33.70
N THR B 679 -15.60 22.25 34.81
CA THR B 679 -14.35 21.50 34.93
C THR B 679 -14.21 20.49 33.80
N ILE B 680 -15.32 19.94 33.32
CA ILE B 680 -15.23 18.87 32.31
C ILE B 680 -14.68 19.37 30.98
N LEU B 681 -14.56 20.68 30.80
CA LEU B 681 -13.86 21.26 29.67
C LEU B 681 -12.51 21.78 30.14
N GLY B 682 -11.47 21.54 29.33
CA GLY B 682 -10.12 21.88 29.71
C GLY B 682 -9.81 23.35 29.51
N ALA B 683 -8.51 23.66 29.56
CA ALA B 683 -8.07 25.05 29.43
C ALA B 683 -8.29 25.57 28.01
N VAL B 684 -7.94 24.76 27.00
CA VAL B 684 -8.10 25.19 25.62
C VAL B 684 -9.57 25.26 25.23
N ALA B 685 -10.37 24.30 25.70
CA ALA B 685 -11.79 24.28 25.41
C ALA B 685 -12.55 25.40 26.10
N GLY B 686 -11.95 26.05 27.09
CA GLY B 686 -12.64 27.12 27.81
C GLY B 686 -12.79 28.41 27.05
N LEU B 687 -12.12 28.55 25.91
CA LEU B 687 -12.27 29.77 25.12
C LEU B 687 -13.61 29.84 24.41
N ILE B 688 -14.28 28.72 24.21
CA ILE B 688 -15.52 28.66 23.44
C ILE B 688 -16.65 29.29 24.24
N PRO B 689 -17.32 30.32 23.71
CA PRO B 689 -18.47 30.88 24.41
C PRO B 689 -19.74 30.10 24.12
N TYR B 690 -20.49 29.76 25.17
CA TYR B 690 -21.66 28.90 25.10
C TYR B 690 -21.39 27.61 24.36
N PRO B 691 -20.45 26.76 24.83
CA PRO B 691 -20.15 25.54 24.07
C PRO B 691 -21.21 24.47 24.21
N HIS B 692 -22.13 24.59 25.17
CA HIS B 692 -23.22 23.64 25.31
C HIS B 692 -24.36 23.91 24.35
N HIS B 693 -24.31 25.01 23.60
CA HIS B 693 -25.27 25.28 22.54
C HIS B 693 -24.75 24.85 21.18
N ASN B 694 -23.56 24.27 21.11
CA ASN B 694 -22.91 23.89 19.87
C ASN B 694 -22.95 22.38 19.67
N GLN B 695 -22.54 21.96 18.49
CA GLN B 695 -22.30 20.55 18.21
C GLN B 695 -20.87 20.21 18.62
N SER B 696 -20.65 18.97 19.05
CA SER B 696 -19.34 18.56 19.57
C SER B 696 -18.19 18.66 18.57
N PRO B 697 -18.32 18.25 17.29
CA PRO B 697 -17.19 18.42 16.38
C PRO B 697 -16.78 19.87 16.18
N ARG B 698 -17.71 20.82 16.32
CA ARG B 698 -17.36 22.23 16.28
C ARG B 698 -16.43 22.59 17.43
N ASN B 699 -16.75 22.10 18.63
CA ASN B 699 -15.91 22.36 19.79
C ASN B 699 -14.54 21.71 19.64
N THR B 700 -14.50 20.50 19.08
CA THR B 700 -13.22 19.84 18.84
C THR B 700 -12.38 20.62 17.82
N TYR B 701 -13.00 21.10 16.75
CA TYR B 701 -12.26 21.88 15.76
C TYR B 701 -11.78 23.20 16.35
N GLN B 702 -12.55 23.79 17.25
CA GLN B 702 -12.08 24.99 17.94
C GLN B 702 -10.91 24.67 18.85
N CYS B 703 -10.95 23.53 19.54
CA CYS B 703 -9.81 23.14 20.37
C CYS B 703 -8.57 22.93 19.51
N ALA B 704 -8.76 22.48 18.27
CA ALA B 704 -7.63 22.32 17.36
C ALA B 704 -7.10 23.68 16.89
N MET B 705 -7.99 24.59 16.51
CA MET B 705 -7.58 25.84 15.87
C MET B 705 -7.29 26.98 16.83
N GLY B 706 -7.60 26.83 18.12
CA GLY B 706 -7.26 27.89 19.05
C GLY B 706 -5.78 27.99 19.32
N LYS B 707 -5.08 26.87 19.17
CA LYS B 707 -3.64 26.84 19.35
C LYS B 707 -2.88 27.39 18.15
N GLN B 708 -3.56 27.70 17.06
CA GLN B 708 -2.95 28.28 15.87
C GLN B 708 -3.31 29.75 15.68
N ALA B 709 -4.06 30.35 16.59
CA ALA B 709 -4.45 31.74 16.46
C ALA B 709 -3.26 32.66 16.67
N ILE B 710 -3.20 33.73 15.89
CA ILE B 710 -2.12 34.70 15.96
C ILE B 710 -2.47 35.74 17.02
N GLY B 711 -1.56 35.96 17.95
CA GLY B 711 -1.80 36.93 18.99
C GLY B 711 -0.54 37.16 19.82
N ALA B 712 -0.72 37.85 20.93
CA ALA B 712 0.40 38.11 21.83
C ALA B 712 0.85 36.81 22.50
N ILE B 713 2.16 36.66 22.63
CA ILE B 713 2.75 35.46 23.20
C ILE B 713 3.05 35.62 24.68
N ALA B 714 3.84 36.62 25.03
CA ALA B 714 4.24 36.86 26.41
C ALA B 714 4.63 38.33 26.53
N TYR B 715 4.90 38.74 27.77
CA TYR B 715 5.29 40.13 28.01
C TYR B 715 6.70 40.41 27.51
N ASN B 716 7.55 39.39 27.45
CA ASN B 716 8.91 39.53 26.94
C ASN B 716 9.03 39.04 25.49
N GLN B 717 7.94 39.12 24.72
CA GLN B 717 7.97 38.60 23.36
C GLN B 717 8.89 39.39 22.45
N PHE B 718 9.21 40.63 22.79
CA PHE B 718 10.13 41.42 22.00
C PHE B 718 11.58 41.27 22.46
N LYS B 719 11.82 40.59 23.57
CA LYS B 719 13.15 40.23 24.01
C LYS B 719 13.49 38.78 23.67
N ARG B 720 12.60 38.07 23.01
CA ARG B 720 12.79 36.68 22.65
C ARG B 720 13.27 36.57 21.21
N ILE B 721 14.09 35.57 20.95
CA ILE B 721 14.57 35.25 19.60
C ILE B 721 14.16 33.81 19.32
N ASP B 722 12.98 33.64 18.70
CA ASP B 722 12.42 32.33 18.43
C ASP B 722 12.49 32.03 16.94
N THR B 723 12.46 30.74 16.61
CA THR B 723 12.65 30.32 15.22
C THR B 723 11.48 30.73 14.34
N LEU B 724 10.30 30.92 14.92
CA LEU B 724 9.13 31.39 14.18
C LEU B 724 8.12 31.92 15.18
N LEU B 725 7.73 33.18 15.02
CA LEU B 725 6.84 33.82 15.97
C LEU B 725 5.87 34.70 15.23
N TYR B 726 4.58 34.42 15.36
CA TYR B 726 3.52 35.24 14.78
C TYR B 726 2.95 36.14 15.87
N LEU B 727 2.94 37.45 15.60
CA LEU B 727 2.40 38.41 16.55
C LEU B 727 1.32 39.24 15.87
N MET B 728 0.36 39.71 16.65
CA MET B 728 -0.70 40.57 16.14
C MET B 728 -0.49 41.99 16.65
N THR B 729 -0.70 42.97 15.76
CA THR B 729 -0.41 44.35 16.11
C THR B 729 -1.39 44.90 17.15
N TYR B 730 -2.68 44.66 16.96
CA TYR B 730 -3.72 45.21 17.83
C TYR B 730 -4.62 44.09 18.33
N PRO B 731 -4.15 43.29 19.29
CA PRO B 731 -5.01 42.26 19.87
C PRO B 731 -6.08 42.87 20.76
N GLN B 732 -7.21 42.19 20.84
CA GLN B 732 -8.32 42.61 21.68
C GLN B 732 -8.82 41.43 22.50
N GLN B 733 -9.23 41.71 23.73
CA GLN B 733 -9.84 40.68 24.54
C GLN B 733 -11.26 40.40 24.05
N PRO B 734 -11.74 39.17 24.23
CA PRO B 734 -13.07 38.82 23.70
C PRO B 734 -14.18 39.60 24.39
N MET B 735 -15.21 39.93 23.61
CA MET B 735 -16.39 40.57 24.19
C MET B 735 -17.18 39.61 25.06
N VAL B 736 -17.35 38.37 24.62
CA VAL B 736 -18.03 37.34 25.39
C VAL B 736 -16.95 36.47 25.99
N LYS B 737 -16.81 36.52 27.31
CA LYS B 737 -15.74 35.85 28.02
C LYS B 737 -16.20 34.50 28.55
N THR B 738 -15.34 33.88 29.35
CA THR B 738 -15.62 32.65 30.06
C THR B 738 -14.85 32.71 31.37
N LYS B 739 -15.34 31.99 32.38
CA LYS B 739 -14.60 31.93 33.65
C LYS B 739 -13.23 31.28 33.45
N THR B 740 -13.14 30.32 32.54
CA THR B 740 -11.86 29.70 32.23
C THR B 740 -10.90 30.71 31.62
N ILE B 741 -11.42 31.67 30.83
CA ILE B 741 -10.59 32.69 30.23
C ILE B 741 -9.96 33.56 31.31
N GLU B 742 -10.75 33.98 32.30
CA GLU B 742 -10.21 34.76 33.41
C GLU B 742 -9.24 33.96 34.25
N LEU B 743 -9.54 32.67 34.46
CA LEU B 743 -8.72 31.85 35.35
C LEU B 743 -7.35 31.54 34.77
N ILE B 744 -7.23 31.41 33.45
CA ILE B 744 -5.96 31.10 32.81
C ILE B 744 -5.26 32.34 32.27
N ASP B 745 -5.80 33.53 32.56
CA ASP B 745 -5.23 34.81 32.14
C ASP B 745 -5.10 34.91 30.62
N TYR B 746 -6.11 34.41 29.92
CA TYR B 746 -6.12 34.53 28.46
C TYR B 746 -6.48 35.94 28.02
N ASP B 747 -7.27 36.67 28.81
CA ASP B 747 -7.64 38.03 28.47
C ASP B 747 -6.48 39.01 28.65
N LYS B 748 -5.43 38.62 29.36
CA LYS B 748 -4.24 39.46 29.45
C LYS B 748 -3.42 39.40 28.16
N LEU B 749 -3.37 38.25 27.51
CA LEU B 749 -2.64 38.07 26.25
C LEU B 749 -3.58 37.43 25.22
N PRO B 750 -4.54 38.20 24.71
CA PRO B 750 -5.54 37.61 23.80
C PRO B 750 -4.98 37.41 22.40
N ALA B 751 -5.71 36.62 21.62
CA ALA B 751 -5.34 36.31 20.23
C ALA B 751 -6.62 36.38 19.39
N GLY B 752 -6.89 37.54 18.84
CA GLY B 752 -8.07 37.75 18.02
C GLY B 752 -8.62 39.14 18.20
N GLN B 753 -9.55 39.49 17.30
CA GLN B 753 -10.16 40.81 17.32
C GLN B 753 -11.67 40.69 17.22
N ASN B 754 -12.36 41.66 17.79
CA ASN B 754 -13.83 41.71 17.74
C ASN B 754 -14.23 42.38 16.43
N ALA B 755 -14.73 41.60 15.48
CA ALA B 755 -15.11 42.10 14.18
C ALA B 755 -16.62 42.26 14.11
N THR B 756 -17.05 43.36 13.51
CA THR B 756 -18.48 43.57 13.24
C THR B 756 -18.89 42.64 12.10
N VAL B 757 -19.77 41.69 12.40
CA VAL B 757 -20.17 40.66 11.46
C VAL B 757 -21.63 40.87 11.08
N ALA B 758 -21.90 40.89 9.78
CA ALA B 758 -23.25 40.84 9.23
C ALA B 758 -23.41 39.48 8.57
N VAL B 759 -24.18 38.60 9.21
CA VAL B 759 -24.37 37.24 8.69
C VAL B 759 -25.34 37.35 7.52
N MET B 760 -24.80 37.42 6.31
CA MET B 760 -25.63 37.54 5.11
C MET B 760 -24.84 37.05 3.91
N SER B 761 -25.56 36.75 2.83
CA SER B 761 -24.95 36.40 1.55
C SER B 761 -24.73 37.70 0.80
N TYR B 762 -23.47 38.14 0.70
CA TYR B 762 -23.17 39.41 0.05
C TYR B 762 -22.83 39.22 -1.43
N SER B 763 -21.79 38.45 -1.71
CA SER B 763 -21.39 38.19 -3.09
C SER B 763 -21.37 36.68 -3.30
N GLY B 764 -20.89 36.26 -4.45
CA GLY B 764 -20.64 34.85 -4.63
C GLY B 764 -19.36 34.37 -3.99
N TYR B 765 -18.56 35.28 -3.45
CA TYR B 765 -17.24 34.97 -2.92
C TYR B 765 -17.27 34.50 -1.47
N ASP B 766 -18.45 34.33 -0.88
CA ASP B 766 -18.56 33.83 0.49
C ASP B 766 -19.07 32.39 0.54
N ILE B 767 -19.12 31.72 -0.61
CA ILE B 767 -19.64 30.35 -0.67
C ILE B 767 -18.58 29.38 -0.17
N GLU B 768 -19.02 28.35 0.54
CA GLU B 768 -18.17 27.26 1.03
C GLU B 768 -17.10 27.81 1.98
N ASP B 769 -17.57 28.39 3.09
CA ASP B 769 -16.81 28.84 4.25
C ASP B 769 -15.97 30.09 3.99
N ALA B 770 -15.93 30.59 2.76
CA ALA B 770 -15.12 31.78 2.47
C ALA B 770 -15.77 33.02 3.10
N LEU B 771 -14.92 33.99 3.42
CA LEU B 771 -15.34 35.19 4.13
C LEU B 771 -15.06 36.44 3.30
N VAL B 772 -15.92 37.44 3.48
CA VAL B 772 -15.75 38.73 2.83
C VAL B 772 -15.20 39.71 3.85
N LEU B 773 -14.07 40.34 3.53
CA LEU B 773 -13.44 41.31 4.41
C LEU B 773 -13.70 42.72 3.89
N ASN B 774 -13.47 43.69 4.76
CA ASN B 774 -13.62 45.10 4.43
C ASN B 774 -12.24 45.70 4.18
N LYS B 775 -12.07 46.33 3.02
CA LYS B 775 -10.76 46.91 2.68
C LYS B 775 -10.40 48.05 3.60
N SER B 776 -11.38 48.90 3.92
CA SER B 776 -11.12 50.02 4.82
C SER B 776 -10.79 49.55 6.23
N SER B 777 -11.42 48.45 6.66
CA SER B 777 -11.10 47.89 7.97
C SER B 777 -9.68 47.34 8.01
N ILE B 778 -9.25 46.70 6.92
CA ILE B 778 -7.88 46.19 6.86
C ILE B 778 -6.89 47.35 6.82
N ASP B 779 -7.25 48.43 6.12
CA ASP B 779 -6.37 49.60 6.04
C ASP B 779 -6.19 50.27 7.41
N ARG B 780 -7.13 50.08 8.33
CA ARG B 780 -7.05 50.69 9.64
C ARG B 780 -6.48 49.78 10.71
N GLY B 781 -6.03 48.58 10.35
CA GLY B 781 -5.33 47.71 11.27
C GLY B 781 -6.02 46.41 11.62
N PHE B 782 -7.15 46.09 11.00
CA PHE B 782 -7.83 44.83 11.30
C PHE B 782 -7.07 43.68 10.65
N GLY B 783 -6.66 42.71 11.47
CA GLY B 783 -5.96 41.55 10.97
C GLY B 783 -4.50 41.76 10.67
N ARG B 784 -3.96 42.94 10.95
CA ARG B 784 -2.54 43.20 10.74
C ARG B 784 -1.71 42.34 11.68
N CYS B 785 -0.64 41.76 11.16
CA CYS B 785 0.20 40.87 11.94
C CYS B 785 1.64 41.02 11.49
N GLU B 786 2.55 40.35 12.20
CA GLU B 786 3.94 40.33 11.82
C GLU B 786 4.53 38.95 12.10
N THR B 787 5.53 38.59 11.32
CA THR B 787 6.22 37.31 11.42
C THR B 787 7.68 37.56 11.73
N ARG B 788 8.19 36.91 12.76
CA ARG B 788 9.58 37.03 13.18
C ARG B 788 10.27 35.68 13.06
N ARG B 789 11.41 35.65 12.39
CA ARG B 789 12.16 34.43 12.15
C ARG B 789 13.60 34.61 12.63
N LYS B 790 14.23 33.51 12.99
CA LYS B 790 15.57 33.51 13.55
C LYS B 790 16.53 32.80 12.61
N THR B 791 17.69 33.41 12.39
CA THR B 791 18.79 32.78 11.67
C THR B 791 20.01 32.78 12.57
N THR B 792 20.53 31.58 12.87
CA THR B 792 21.63 31.43 13.80
C THR B 792 22.85 30.86 13.08
N THR B 793 24.03 31.35 13.45
CA THR B 793 25.29 30.88 12.90
C THR B 793 26.31 30.74 14.02
N VAL B 794 27.23 29.82 13.83
CA VAL B 794 28.29 29.54 14.80
C VAL B 794 29.63 29.72 14.11
N LEU B 795 30.50 30.54 14.69
CA LEU B 795 31.87 30.70 14.21
C LEU B 795 32.74 29.67 14.92
N LYS B 796 32.69 28.45 14.41
CA LYS B 796 33.41 27.34 15.04
C LYS B 796 34.91 27.45 14.80
N ARG B 797 35.68 27.02 15.79
CA ARG B 797 37.13 26.97 15.71
C ARG B 797 37.55 25.55 15.37
N TYR B 798 38.19 25.38 14.22
CA TYR B 798 38.60 24.06 13.77
C TYR B 798 39.85 23.61 14.52
N ALA B 799 40.18 22.32 14.37
CA ALA B 799 41.33 21.75 15.07
C ALA B 799 42.65 22.28 14.55
N ASN B 800 42.68 22.87 13.35
CA ASN B 800 43.90 23.40 12.75
C ASN B 800 44.17 24.84 13.17
N HIS B 801 43.62 25.28 14.31
CA HIS B 801 43.78 26.64 14.83
C HIS B 801 43.30 27.69 13.84
N THR B 802 42.24 27.36 13.10
CA THR B 802 41.60 28.28 12.17
C THR B 802 40.13 28.40 12.51
N GLN B 803 39.57 29.59 12.34
CA GLN B 803 38.19 29.86 12.71
C GLN B 803 37.53 30.72 11.64
N ASP B 804 36.20 30.72 11.66
CA ASP B 804 35.43 31.53 10.73
C ASP B 804 35.50 33.01 11.11
N ILE B 805 35.29 33.86 10.11
CA ILE B 805 35.31 35.31 10.30
C ILE B 805 34.02 35.90 9.73
N ILE B 806 33.72 37.11 10.18
CA ILE B 806 32.47 37.77 9.81
C ILE B 806 32.69 39.03 8.98
N GLY B 807 33.79 39.77 9.20
CA GLY B 807 33.96 41.05 8.56
C GLY B 807 34.11 40.93 7.05
N GLY B 808 33.81 42.04 6.38
CA GLY B 808 33.86 42.10 4.93
C GLY B 808 32.72 42.91 4.34
N MET B 809 33.05 43.88 3.50
CA MET B 809 32.05 44.75 2.87
C MET B 809 32.64 45.24 1.55
N ARG B 810 32.21 44.63 0.45
CA ARG B 810 32.76 44.94 -0.87
C ARG B 810 32.19 46.28 -1.34
N VAL B 811 32.97 47.34 -1.16
CA VAL B 811 32.58 48.68 -1.58
C VAL B 811 32.83 48.83 -3.08
N ASP B 812 31.96 49.59 -3.74
CA ASP B 812 32.08 49.78 -5.19
C ASP B 812 33.19 50.78 -5.51
N GLU B 813 33.27 51.16 -6.78
CA GLU B 813 34.28 52.13 -7.20
C GLU B 813 33.97 53.53 -6.69
N ASN B 814 32.69 53.87 -6.55
CA ASN B 814 32.31 55.22 -6.13
C ASN B 814 32.50 55.43 -4.63
N GLY B 815 32.34 54.39 -3.83
CA GLY B 815 32.44 54.54 -2.39
C GLY B 815 31.17 54.15 -1.65
N ASP B 816 30.41 53.23 -2.21
CA ASP B 816 29.16 52.75 -1.64
C ASP B 816 29.15 51.23 -1.62
N PRO B 817 28.42 50.61 -0.70
CA PRO B 817 28.32 49.15 -0.72
C PRO B 817 27.59 48.65 -1.96
N ILE B 818 27.92 47.43 -2.36
CA ILE B 818 27.28 46.78 -3.50
C ILE B 818 25.84 46.42 -3.12
N TRP B 819 25.05 46.04 -4.12
CA TRP B 819 23.63 45.77 -3.88
C TRP B 819 23.44 44.59 -2.93
N GLN B 820 24.28 43.56 -3.05
CA GLN B 820 24.19 42.43 -2.13
C GLN B 820 24.62 42.79 -0.72
N HIS B 821 25.39 43.85 -0.55
CA HIS B 821 25.86 44.30 0.76
C HIS B 821 25.22 45.62 1.16
N GLN B 822 24.07 45.95 0.59
CA GLN B 822 23.46 47.26 0.80
C GLN B 822 23.03 47.49 2.25
N SER B 823 22.77 46.43 3.00
CA SER B 823 22.33 46.52 4.38
C SER B 823 23.11 45.54 5.25
N LEU B 824 24.43 45.55 5.09
CA LEU B 824 25.28 44.57 5.77
C LEU B 824 26.16 45.17 6.84
N GLY B 825 26.45 46.46 6.80
CA GLY B 825 27.15 47.12 7.88
C GLY B 825 28.64 46.85 7.90
N PRO B 826 29.38 47.65 8.67
CA PRO B 826 30.85 47.51 8.64
C PRO B 826 31.36 46.27 9.35
N ASP B 827 30.66 45.80 10.37
CA ASP B 827 31.14 44.67 11.17
C ASP B 827 30.81 43.31 10.54
N GLY B 828 30.13 43.29 9.41
CA GLY B 828 29.78 42.06 8.75
C GLY B 828 28.38 41.55 9.05
N LEU B 829 27.75 42.04 10.09
CA LEU B 829 26.38 41.65 10.46
C LEU B 829 25.43 42.77 10.09
N GLY B 830 24.29 42.39 9.50
CA GLY B 830 23.40 43.38 8.92
C GLY B 830 22.87 44.35 9.95
N GLU B 831 22.63 45.58 9.50
CA GLU B 831 22.24 46.66 10.39
C GLU B 831 20.82 46.49 10.88
N VAL B 832 20.59 46.85 12.14
CA VAL B 832 19.26 46.71 12.74
C VAL B 832 18.36 47.80 12.21
N GLY B 833 17.19 47.41 11.70
CA GLY B 833 16.20 48.34 11.23
C GLY B 833 16.09 48.51 9.74
N MET B 834 17.05 48.00 8.97
CA MET B 834 17.03 48.18 7.53
C MET B 834 16.31 47.04 6.83
N LYS B 835 15.83 47.33 5.62
CA LYS B 835 15.06 46.39 4.83
C LYS B 835 16.01 45.49 4.03
N VAL B 836 15.74 44.19 4.06
CA VAL B 836 16.53 43.20 3.35
C VAL B 836 15.64 42.53 2.31
N GLN B 837 16.04 42.62 1.05
CA GLN B 837 15.31 42.00 -0.04
C GLN B 837 15.94 40.65 -0.39
N SER B 838 15.33 39.96 -1.34
CA SER B 838 15.83 38.66 -1.77
C SER B 838 17.15 38.82 -2.50
N GLY B 839 18.17 38.07 -2.08
CA GLY B 839 19.48 38.15 -2.66
C GLY B 839 20.50 38.90 -1.84
N GLN B 840 20.07 39.67 -0.84
CA GLN B 840 20.98 40.43 -0.01
C GLN B 840 21.54 39.55 1.12
N ILE B 841 22.58 40.05 1.77
CA ILE B 841 23.32 39.32 2.80
C ILE B 841 23.17 40.05 4.12
N TYR B 842 22.81 39.32 5.17
CA TYR B 842 22.78 39.87 6.51
C TYR B 842 23.76 39.22 7.47
N ILE B 843 24.39 38.11 7.10
CA ILE B 843 25.48 37.52 7.85
C ILE B 843 26.56 37.13 6.83
N ASN B 844 27.71 37.80 6.88
CA ASN B 844 28.77 37.58 5.91
C ASN B 844 29.82 36.63 6.47
N LYS B 845 29.43 35.37 6.60
CA LYS B 845 30.33 34.37 7.13
C LYS B 845 31.34 33.92 6.09
N SER B 846 32.57 33.66 6.53
CA SER B 846 33.63 33.14 5.68
C SER B 846 34.27 31.95 6.38
N VAL B 847 34.60 30.92 5.60
CA VAL B 847 35.09 29.65 6.12
C VAL B 847 36.50 29.43 5.60
N PRO B 848 37.47 29.08 6.44
CA PRO B 848 38.81 28.76 5.94
C PRO B 848 38.78 27.53 5.02
N THR B 849 39.59 27.60 3.96
CA THR B 849 39.58 26.55 2.94
C THR B 849 40.32 25.30 3.39
N ASN B 850 41.37 25.44 4.20
CA ASN B 850 42.21 24.31 4.57
C ASN B 850 41.59 23.42 5.64
N SER B 851 40.49 23.84 6.26
CA SER B 851 39.85 23.04 7.29
C SER B 851 38.99 21.94 6.67
N GLN B 863 49.31 32.40 6.47
CA GLN B 863 48.16 33.22 6.10
C GLN B 863 47.12 32.38 5.36
N THR B 864 46.11 31.93 6.10
CA THR B 864 45.06 31.10 5.52
C THR B 864 44.15 31.92 4.61
N GLN B 865 43.55 31.23 3.65
CA GLN B 865 42.62 31.85 2.71
C GLN B 865 41.20 31.42 3.04
N TYR B 866 40.30 32.39 3.11
CA TYR B 866 38.90 32.15 3.46
C TYR B 866 38.03 32.19 2.21
N ARG B 867 37.20 31.18 2.04
CA ARG B 867 36.17 31.19 1.02
C ARG B 867 34.89 31.78 1.58
N GLU B 868 34.08 32.36 0.70
CA GLU B 868 32.88 33.07 1.12
C GLU B 868 31.72 32.09 1.22
N ALA B 869 31.12 32.01 2.40
CA ALA B 869 29.91 31.22 2.64
C ALA B 869 28.89 32.10 3.35
N PRO B 870 28.32 33.08 2.67
CA PRO B 870 27.43 34.03 3.34
C PRO B 870 26.05 33.44 3.57
N VAL B 871 25.29 34.11 4.43
CA VAL B 871 23.91 33.77 4.69
C VAL B 871 23.06 34.77 3.91
N ILE B 872 22.38 34.29 2.87
CA ILE B 872 21.65 35.13 1.94
C ILE B 872 20.15 34.98 2.22
N TYR B 873 19.49 36.12 2.43
CA TYR B 873 18.04 36.12 2.59
C TYR B 873 17.38 35.83 1.24
N ARG B 874 16.30 35.05 1.28
CA ARG B 874 15.54 34.76 0.08
C ARG B 874 14.10 34.47 0.46
N GLY B 875 13.17 35.05 -0.29
CA GLY B 875 11.76 34.95 0.00
C GLY B 875 10.94 35.82 -0.93
N PRO B 876 9.61 35.66 -0.87
CA PRO B 876 8.77 36.43 -1.80
C PRO B 876 8.63 37.90 -1.44
N GLU B 877 8.78 38.25 -0.16
CA GLU B 877 8.59 39.62 0.28
C GLU B 877 9.79 40.07 1.08
N PRO B 878 10.11 41.37 1.06
CA PRO B 878 11.23 41.88 1.85
C PRO B 878 10.94 41.83 3.35
N SER B 879 12.02 41.75 4.12
CA SER B 879 11.96 41.71 5.57
C SER B 879 12.93 42.74 6.14
N HIS B 880 12.66 43.15 7.38
CA HIS B 880 13.47 44.13 8.08
C HIS B 880 14.23 43.46 9.22
N ILE B 881 15.51 43.77 9.34
CA ILE B 881 16.32 43.22 10.43
C ILE B 881 15.86 43.81 11.73
N ASP B 882 15.27 42.98 12.59
CA ASP B 882 14.73 43.47 13.85
C ASP B 882 15.72 43.40 14.98
N GLN B 883 16.59 42.39 15.00
CA GLN B 883 17.51 42.25 16.12
C GLN B 883 18.75 41.49 15.67
N VAL B 884 19.91 41.90 16.19
CA VAL B 884 21.17 41.19 15.99
C VAL B 884 21.81 40.97 17.35
N MET B 885 22.20 39.73 17.64
CA MET B 885 22.74 39.36 18.94
C MET B 885 23.99 38.53 18.73
N MET B 886 25.04 38.84 19.50
CA MET B 886 26.25 38.03 19.53
C MET B 886 26.53 37.57 20.95
N SER B 887 26.99 36.34 21.09
CA SER B 887 27.31 35.80 22.40
C SER B 887 28.36 34.70 22.21
N VAL B 888 28.70 34.03 23.32
CA VAL B 888 29.68 32.96 23.32
C VAL B 888 29.06 31.77 24.05
N SER B 889 29.06 30.60 23.39
CA SER B 889 28.45 29.41 23.94
C SER B 889 29.34 28.79 25.02
N ASP B 890 28.94 27.62 25.50
CA ASP B 890 29.70 26.95 26.55
C ASP B 890 31.07 26.48 26.05
N ASN B 891 31.17 26.06 24.79
CA ASN B 891 32.42 25.59 24.22
C ASN B 891 33.25 26.72 23.62
N ASP B 892 32.99 27.97 24.02
CA ASP B 892 33.77 29.14 23.62
C ASP B 892 33.80 29.33 22.11
N GLN B 893 32.66 29.16 21.46
CA GLN B 893 32.49 29.45 20.04
C GLN B 893 31.49 30.58 19.91
N ALA B 894 31.78 31.52 19.01
CA ALA B 894 30.92 32.68 18.83
C ALA B 894 29.58 32.28 18.21
N LEU B 895 28.50 32.79 18.78
CA LEU B 895 27.14 32.53 18.32
C LEU B 895 26.51 33.83 17.89
N ILE B 896 25.95 33.86 16.69
CA ILE B 896 25.31 35.06 16.15
C ILE B 896 23.88 34.70 15.76
N LYS B 897 22.93 35.49 16.26
CA LYS B 897 21.52 35.31 15.95
C LYS B 897 20.96 36.59 15.36
N VAL B 898 20.27 36.45 14.22
CA VAL B 898 19.62 37.58 13.56
C VAL B 898 18.13 37.29 13.51
N LEU B 899 17.34 38.16 14.09
CA LEU B 899 15.88 38.05 14.08
C LEU B 899 15.33 39.04 13.06
N LEU B 900 14.65 38.51 12.04
CA LEU B 900 14.08 39.27 10.95
C LEU B 900 12.57 39.33 11.11
N ARG B 901 12.00 40.51 10.94
CA ARG B 901 10.55 40.68 11.03
C ARG B 901 10.01 41.14 9.68
N GLN B 902 8.79 40.72 9.38
CA GLN B 902 8.08 41.26 8.22
C GLN B 902 6.60 41.42 8.57
N ASN B 903 6.04 42.54 8.13
CA ASN B 903 4.66 42.90 8.44
C ASN B 903 3.73 42.42 7.33
N ARG B 904 2.64 41.76 7.73
CA ARG B 904 1.69 41.18 6.81
C ARG B 904 0.29 41.70 7.11
N ARG B 905 -0.44 42.02 6.05
CA ARG B 905 -1.83 42.40 6.12
C ARG B 905 -2.70 41.31 5.50
N PRO B 906 -3.96 41.20 5.91
CA PRO B 906 -4.83 40.17 5.33
C PRO B 906 -5.02 40.35 3.82
N GLU B 907 -5.07 39.22 3.12
CA GLU B 907 -5.28 39.20 1.68
C GLU B 907 -6.17 38.01 1.34
N LEU B 908 -6.34 37.76 0.05
CA LEU B 908 -7.07 36.58 -0.38
C LEU B 908 -6.27 35.33 -0.07
N GLY B 909 -6.91 34.37 0.60
CA GLY B 909 -6.25 33.14 1.00
C GLY B 909 -5.87 33.09 2.46
N ASP B 910 -5.89 34.21 3.16
CA ASP B 910 -5.58 34.22 4.59
C ASP B 910 -6.72 33.59 5.37
N LYS B 911 -6.37 32.74 6.33
CA LYS B 911 -7.33 31.91 7.05
C LYS B 911 -7.81 32.62 8.30
N PHE B 912 -9.12 32.64 8.50
CA PHE B 912 -9.74 33.23 9.67
C PHE B 912 -10.68 32.21 10.32
N SER B 913 -10.63 32.13 11.64
CA SER B 913 -11.54 31.29 12.41
C SER B 913 -12.39 32.16 13.31
N SER B 914 -13.52 31.60 13.76
CA SER B 914 -14.52 32.39 14.47
C SER B 914 -14.86 31.85 15.85
N ARG B 915 -13.99 31.03 16.44
CA ARG B 915 -14.10 30.51 17.81
C ARG B 915 -15.32 29.62 18.00
N HIS B 916 -15.92 29.11 16.92
CA HIS B 916 -16.91 28.04 16.98
C HIS B 916 -16.66 27.06 15.85
N GLY B 917 -15.40 26.72 15.62
CA GLY B 917 -15.06 26.13 14.34
C GLY B 917 -15.19 27.20 13.29
N GLN B 918 -15.95 26.90 12.23
CA GLN B 918 -16.33 27.86 11.19
C GLN B 918 -15.10 28.52 10.57
N LYS B 919 -14.10 27.71 10.26
CA LYS B 919 -12.89 28.20 9.63
C LYS B 919 -13.19 28.68 8.20
N GLY B 920 -12.36 29.59 7.71
CA GLY B 920 -12.55 30.08 6.37
C GLY B 920 -11.48 31.03 5.89
N VAL B 921 -11.14 30.95 4.61
CA VAL B 921 -10.18 31.86 4.00
C VAL B 921 -10.94 33.04 3.42
N CYS B 922 -10.23 34.16 3.24
CA CYS B 922 -10.83 35.33 2.63
C CYS B 922 -11.01 35.10 1.14
N GLY B 923 -12.22 35.38 0.63
CA GLY B 923 -12.52 35.16 -0.76
C GLY B 923 -12.47 36.43 -1.58
N ILE B 924 -12.82 37.56 -0.97
CA ILE B 924 -12.79 38.84 -1.64
C ILE B 924 -12.55 39.93 -0.60
N ILE B 925 -11.93 41.02 -1.04
CA ILE B 925 -11.73 42.21 -0.22
C ILE B 925 -12.37 43.38 -0.97
N VAL B 926 -13.44 43.94 -0.40
CA VAL B 926 -14.21 44.97 -1.07
C VAL B 926 -14.18 46.25 -0.23
N LYS B 927 -14.50 47.35 -0.90
CA LYS B 927 -14.40 48.67 -0.29
C LYS B 927 -15.53 48.89 0.72
N GLN B 928 -15.38 49.93 1.53
CA GLN B 928 -16.35 50.23 2.57
C GLN B 928 -17.69 50.65 1.98
N GLU B 929 -17.67 51.44 0.90
CA GLU B 929 -18.91 51.93 0.32
C GLU B 929 -19.69 50.85 -0.42
N ASP B 930 -19.06 49.71 -0.71
CA ASP B 930 -19.77 48.58 -1.31
C ASP B 930 -20.42 47.69 -0.27
N MET B 931 -20.12 47.88 1.01
CA MET B 931 -20.61 47.12 2.14
C MET B 931 -21.99 47.63 2.56
N PRO B 932 -22.80 46.78 3.18
CA PRO B 932 -24.05 47.26 3.77
C PRO B 932 -23.78 48.13 4.99
N PHE B 933 -24.80 48.89 5.38
CA PHE B 933 -24.68 49.79 6.52
C PHE B 933 -26.03 49.93 7.20
N ASN B 934 -26.00 50.25 8.49
CA ASN B 934 -27.23 50.48 9.24
C ASN B 934 -27.55 51.97 9.28
N ASP B 935 -28.51 52.35 10.13
CA ASP B 935 -28.91 53.75 10.24
C ASP B 935 -27.78 54.63 10.77
N GLN B 936 -27.00 54.11 11.72
CA GLN B 936 -25.90 54.86 12.29
C GLN B 936 -24.67 54.92 11.39
N GLY B 937 -24.64 54.13 10.32
CA GLY B 937 -23.49 54.11 9.44
C GLY B 937 -22.45 53.07 9.75
N ILE B 938 -22.76 52.12 10.64
CA ILE B 938 -21.80 51.08 10.99
C ILE B 938 -21.65 50.12 9.80
N VAL B 939 -20.40 49.80 9.48
CA VAL B 939 -20.06 48.97 8.34
C VAL B 939 -19.42 47.69 8.87
N PRO B 940 -19.91 46.51 8.49
CA PRO B 940 -19.30 45.28 8.97
C PRO B 940 -17.87 45.10 8.47
N ASP B 941 -17.03 44.51 9.32
CA ASP B 941 -15.67 44.19 8.92
C ASP B 941 -15.60 42.85 8.22
N ILE B 942 -16.42 41.89 8.64
CA ILE B 942 -16.46 40.56 8.05
C ILE B 942 -17.91 40.23 7.71
N ILE B 943 -18.16 39.77 6.50
CA ILE B 943 -19.46 39.24 6.11
C ILE B 943 -19.33 37.73 5.99
N MET B 944 -20.22 37.01 6.68
CA MET B 944 -20.17 35.57 6.78
C MET B 944 -21.43 34.96 6.20
N ASN B 945 -21.27 33.83 5.51
CA ASN B 945 -22.39 33.21 4.81
C ASN B 945 -23.36 32.58 5.79
N PRO B 946 -24.67 32.78 5.61
CA PRO B 946 -25.66 32.14 6.50
C PRO B 946 -25.69 30.63 6.39
N HIS B 947 -25.19 30.06 5.31
CA HIS B 947 -25.30 28.62 5.05
C HIS B 947 -24.34 27.79 5.87
N GLY B 948 -23.57 28.39 6.79
CA GLY B 948 -22.67 27.61 7.62
C GLY B 948 -23.32 27.12 8.89
N PHE B 949 -24.46 27.70 9.25
CA PHE B 949 -25.15 27.36 10.49
C PHE B 949 -26.01 26.10 10.47
N PRO B 950 -26.91 25.88 9.48
CA PRO B 950 -27.87 24.77 9.63
C PRO B 950 -27.23 23.38 9.70
N SER B 951 -26.24 23.10 8.85
CA SER B 951 -25.62 21.79 8.87
C SER B 951 -24.70 21.60 10.06
N ARG B 952 -24.22 22.69 10.66
CA ARG B 952 -23.26 22.61 11.75
C ARG B 952 -23.87 22.94 13.11
N MET B 953 -24.97 23.69 13.13
CA MET B 953 -25.79 23.91 14.33
C MET B 953 -24.99 24.60 15.44
N THR B 954 -24.47 25.77 15.11
CA THR B 954 -23.78 26.62 16.09
C THR B 954 -24.72 27.74 16.55
N VAL B 955 -25.66 27.36 17.41
CA VAL B 955 -26.53 28.36 18.04
C VAL B 955 -25.73 29.19 19.04
N GLY B 956 -24.68 28.60 19.61
CA GLY B 956 -23.82 29.33 20.52
C GLY B 956 -23.16 30.54 19.87
N LYS B 957 -22.94 30.48 18.56
CA LYS B 957 -22.41 31.63 17.84
C LYS B 957 -23.40 32.79 17.80
N MET B 958 -24.68 32.48 17.56
CA MET B 958 -25.70 33.54 17.59
C MET B 958 -25.86 34.11 18.99
N ILE B 959 -25.81 33.25 20.01
CA ILE B 959 -25.90 33.74 21.38
C ILE B 959 -24.68 34.59 21.72
N GLU B 960 -23.50 34.23 21.19
CA GLU B 960 -22.31 35.05 21.38
C GLU B 960 -22.48 36.41 20.74
N LEU B 961 -23.04 36.46 19.53
CA LEU B 961 -23.25 37.73 18.85
C LEU B 961 -24.17 38.63 19.65
N ILE B 962 -25.29 38.09 20.13
CA ILE B 962 -26.24 38.92 20.88
C ILE B 962 -25.66 39.34 22.23
N SER B 963 -24.96 38.42 22.92
CA SER B 963 -24.34 38.77 24.19
C SER B 963 -23.29 39.85 24.01
N GLY B 964 -22.48 39.76 22.96
CA GLY B 964 -21.48 40.78 22.70
C GLY B 964 -22.10 42.11 22.33
N LYS B 965 -23.16 42.10 21.53
CA LYS B 965 -23.83 43.35 21.16
C LYS B 965 -24.43 44.03 22.39
N ALA B 966 -25.12 43.26 23.23
CA ALA B 966 -25.73 43.82 24.43
C ALA B 966 -24.67 44.29 25.42
N GLY B 967 -23.56 43.56 25.52
CA GLY B 967 -22.49 43.97 26.41
C GLY B 967 -21.80 45.24 25.96
N VAL B 968 -21.56 45.39 24.65
CA VAL B 968 -20.86 46.57 24.16
C VAL B 968 -21.80 47.77 24.16
N LEU B 969 -23.12 47.54 24.06
CA LEU B 969 -24.04 48.65 24.24
C LEU B 969 -24.18 49.01 25.71
N ASN B 970 -24.10 48.02 26.61
CA ASN B 970 -24.19 48.27 28.04
C ASN B 970 -22.85 48.70 28.63
N GLY B 971 -21.75 48.33 28.00
CA GLY B 971 -20.44 48.73 28.46
C GLY B 971 -19.69 47.75 29.31
N THR B 972 -20.16 46.51 29.42
CA THR B 972 -19.51 45.49 30.24
C THR B 972 -19.29 44.23 29.42
N LEU B 973 -18.16 43.57 29.66
CA LEU B 973 -17.89 42.29 29.02
C LEU B 973 -18.87 41.24 29.53
N GLU B 974 -19.27 40.33 28.65
CA GLU B 974 -20.23 39.30 28.99
C GLU B 974 -19.55 37.93 29.09
N TYR B 975 -20.29 36.98 29.66
CA TYR B 975 -19.77 35.65 29.93
C TYR B 975 -20.51 34.61 29.12
N GLY B 976 -19.75 33.75 28.45
CA GLY B 976 -20.31 32.63 27.73
C GLY B 976 -19.92 31.32 28.38
N THR B 977 -19.95 31.31 29.70
CA THR B 977 -19.50 30.18 30.49
C THR B 977 -20.35 28.93 30.21
N CYS B 978 -19.68 27.78 30.13
CA CYS B 978 -20.37 26.52 29.87
C CYS B 978 -21.33 26.19 31.00
N PHE B 979 -22.50 25.64 30.61
CA PHE B 979 -23.58 25.30 31.54
C PHE B 979 -24.01 26.50 32.38
N GLY B 980 -24.07 27.66 31.74
CA GLY B 980 -24.40 28.89 32.43
C GLY B 980 -24.16 30.11 31.57
N GLY B 981 -23.46 31.09 32.11
CA GLY B 981 -23.16 32.29 31.37
C GLY B 981 -24.30 33.28 31.37
N SER B 982 -24.15 34.31 30.56
CA SER B 982 -25.13 35.38 30.48
C SER B 982 -26.36 34.90 29.72
N LYS B 983 -27.54 35.06 30.34
CA LYS B 983 -28.77 34.56 29.76
C LYS B 983 -29.20 35.43 28.59
N LEU B 984 -29.98 34.82 27.69
CA LEU B 984 -30.38 35.51 26.46
C LEU B 984 -31.46 36.56 26.72
N GLU B 985 -32.32 36.34 27.71
CA GLU B 985 -33.39 37.29 27.99
C GLU B 985 -32.84 38.63 28.46
N ASP B 986 -31.80 38.61 29.30
CA ASP B 986 -31.19 39.85 29.77
C ASP B 986 -30.57 40.63 28.62
N MET B 987 -29.90 39.92 27.70
CA MET B 987 -29.29 40.60 26.57
C MET B 987 -30.32 41.14 25.60
N SER B 988 -31.45 40.43 25.43
CA SER B 988 -32.54 40.96 24.64
C SER B 988 -33.13 42.20 25.28
N LYS B 989 -33.26 42.22 26.61
CA LYS B 989 -33.74 43.39 27.31
C LYS B 989 -32.79 44.57 27.14
N ILE B 990 -31.48 44.31 27.23
CA ILE B 990 -30.49 45.37 27.05
C ILE B 990 -30.56 45.91 25.62
N LEU B 991 -30.69 45.02 24.63
CA LEU B 991 -30.77 45.46 23.24
C LEU B 991 -32.02 46.28 22.97
N VAL B 992 -33.16 45.87 23.54
CA VAL B 992 -34.40 46.59 23.26
C VAL B 992 -34.43 47.91 24.04
N ASP B 993 -33.73 48.00 25.17
CA ASP B 993 -33.63 49.27 25.87
C ASP B 993 -32.76 50.26 25.13
N GLN B 994 -31.85 49.79 24.27
CA GLN B 994 -30.97 50.66 23.51
C GLN B 994 -31.51 51.00 22.13
N GLY B 995 -32.73 50.58 21.81
CA GLY B 995 -33.31 50.88 20.52
C GLY B 995 -33.01 49.90 19.41
N PHE B 996 -32.56 48.69 19.76
CA PHE B 996 -32.28 47.65 18.78
C PHE B 996 -33.25 46.50 18.93
N ASN B 997 -33.31 45.65 17.91
CA ASN B 997 -34.18 44.49 17.94
C ASN B 997 -33.71 43.49 18.98
N TYR B 998 -34.67 42.73 19.53
CA TYR B 998 -34.35 41.79 20.60
C TYR B 998 -33.50 40.63 20.09
N SER B 999 -33.65 40.26 18.82
CA SER B 999 -32.94 39.12 18.26
C SER B 999 -31.64 39.51 17.56
N GLY B 1000 -31.24 40.78 17.62
CA GLY B 1000 -30.01 41.21 16.99
C GLY B 1000 -30.08 41.38 15.50
N LYS B 1001 -31.27 41.29 14.91
CA LYS B 1001 -31.44 41.42 13.46
C LYS B 1001 -31.69 42.89 13.13
N ASP B 1002 -30.69 43.54 12.56
CA ASP B 1002 -30.81 44.94 12.18
C ASP B 1002 -31.32 45.07 10.75
N MET B 1003 -31.73 46.29 10.41
CA MET B 1003 -32.18 46.62 9.06
C MET B 1003 -31.06 47.38 8.37
N LEU B 1004 -30.49 46.76 7.34
CA LEU B 1004 -29.32 47.30 6.66
C LEU B 1004 -29.67 47.76 5.25
N TYR B 1005 -29.16 48.92 4.86
CA TYR B 1005 -29.19 49.36 3.48
C TYR B 1005 -27.96 48.83 2.78
N SER B 1006 -28.13 48.34 1.56
CA SER B 1006 -27.01 47.82 0.79
C SER B 1006 -26.19 48.97 0.22
N GLY B 1007 -24.88 48.83 0.22
CA GLY B 1007 -24.02 49.89 -0.27
C GLY B 1007 -23.93 49.97 -1.78
N ILE B 1008 -24.40 48.95 -2.50
CA ILE B 1008 -24.26 48.94 -3.95
C ILE B 1008 -25.38 49.73 -4.61
N THR B 1009 -26.63 49.41 -4.27
CA THR B 1009 -27.77 50.10 -4.87
C THR B 1009 -28.46 51.08 -3.94
N GLY B 1010 -28.18 51.02 -2.64
CA GLY B 1010 -28.70 51.99 -1.70
C GLY B 1010 -30.04 51.63 -1.09
N GLU B 1011 -30.78 50.69 -1.67
CA GLU B 1011 -32.11 50.38 -1.20
C GLU B 1011 -32.05 49.50 0.05
N CYS B 1012 -33.18 49.45 0.76
CA CYS B 1012 -33.27 48.61 1.94
C CYS B 1012 -33.24 47.14 1.55
N LEU B 1013 -32.49 46.34 2.31
CA LEU B 1013 -32.50 44.91 2.09
C LEU B 1013 -33.85 44.33 2.52
N GLN B 1014 -34.35 43.39 1.74
CA GLN B 1014 -35.67 42.81 1.96
C GLN B 1014 -35.69 41.76 3.06
N ALA B 1015 -34.62 41.66 3.85
CA ALA B 1015 -34.59 40.80 5.02
C ALA B 1015 -33.68 41.44 6.05
N TYR B 1016 -34.05 41.28 7.32
CA TYR B 1016 -33.24 41.81 8.40
C TYR B 1016 -31.96 40.99 8.54
N ILE B 1017 -30.86 41.68 8.83
CA ILE B 1017 -29.54 41.10 8.81
C ILE B 1017 -29.04 40.93 10.24
N PHE B 1018 -28.58 39.73 10.56
CA PHE B 1018 -28.06 39.41 11.88
C PHE B 1018 -26.70 40.10 12.04
N PHE B 1019 -26.65 41.12 12.89
CA PHE B 1019 -25.59 42.12 12.86
C PHE B 1019 -25.04 42.30 14.27
N GLY B 1020 -23.73 42.12 14.44
CA GLY B 1020 -23.12 42.32 15.73
C GLY B 1020 -21.68 41.86 15.82
N PRO B 1021 -21.04 42.08 16.97
CA PRO B 1021 -19.61 41.74 17.09
C PRO B 1021 -19.39 40.26 17.37
N ILE B 1022 -18.46 39.67 16.63
CA ILE B 1022 -18.01 38.30 16.85
C ILE B 1022 -16.50 38.31 16.99
N TYR B 1023 -15.98 37.53 17.93
CA TYR B 1023 -14.54 37.39 18.10
C TYR B 1023 -13.98 36.48 17.02
N TYR B 1024 -13.11 37.02 16.17
CA TYR B 1024 -12.46 36.26 15.12
C TYR B 1024 -10.96 36.13 15.39
N GLN B 1025 -10.42 34.99 15.02
CA GLN B 1025 -9.02 34.65 15.19
C GLN B 1025 -8.36 34.54 13.82
N LYS B 1026 -7.20 35.15 13.67
CA LYS B 1026 -6.41 35.00 12.45
C LYS B 1026 -5.45 33.83 12.64
N LEU B 1027 -5.62 32.78 11.84
CA LEU B 1027 -4.80 31.59 12.00
C LEU B 1027 -3.46 31.78 11.31
N LYS B 1028 -2.50 30.94 11.70
CA LYS B 1028 -1.13 31.07 11.22
C LYS B 1028 -0.95 30.68 9.76
N HIS B 1029 -1.96 30.06 9.15
CA HIS B 1029 -1.84 29.59 7.76
C HIS B 1029 -2.17 30.75 6.83
N MET B 1030 -1.15 31.30 6.19
CA MET B 1030 -1.29 32.42 5.27
C MET B 1030 -0.76 32.02 3.90
N VAL B 1031 -1.39 32.55 2.85
CA VAL B 1031 -1.10 32.12 1.49
C VAL B 1031 0.30 32.52 1.03
N LEU B 1032 0.92 33.50 1.70
CA LEU B 1032 2.27 33.90 1.34
C LEU B 1032 3.28 32.80 1.61
N ASP B 1033 3.02 31.95 2.60
CA ASP B 1033 3.90 30.83 2.92
C ASP B 1033 3.52 29.55 2.20
N LYS B 1034 2.41 29.54 1.45
CA LYS B 1034 1.91 28.32 0.82
C LYS B 1034 2.09 28.28 -0.69
N MET B 1035 2.13 29.44 -1.35
CA MET B 1035 2.22 29.46 -2.80
C MET B 1035 3.58 28.93 -3.26
N HIS B 1036 3.56 28.14 -4.34
CA HIS B 1036 4.77 27.52 -4.85
C HIS B 1036 4.58 27.27 -6.33
N ALA B 1037 5.67 27.36 -7.09
CA ALA B 1037 5.68 27.05 -8.51
C ALA B 1037 7.11 26.69 -8.90
N ARG B 1038 7.25 25.74 -9.82
CA ARG B 1038 8.56 25.17 -10.10
C ARG B 1038 9.07 25.48 -11.51
N ALA B 1039 8.32 25.11 -12.54
CA ALA B 1039 8.83 24.99 -13.92
C ALA B 1039 10.02 24.04 -13.86
N ARG B 1040 11.21 24.45 -14.30
CA ARG B 1040 12.39 23.61 -14.19
C ARG B 1040 13.25 24.08 -13.03
N GLY B 1041 13.91 23.11 -12.37
CA GLY B 1041 14.73 23.42 -11.23
C GLY B 1041 15.66 22.29 -10.85
N PRO B 1042 15.97 22.18 -9.55
CA PRO B 1042 16.88 21.14 -9.10
C PRO B 1042 16.30 19.74 -9.27
N ARG B 1043 17.19 18.77 -9.42
CA ARG B 1043 16.80 17.37 -9.57
C ARG B 1043 17.63 16.51 -8.64
N ALA B 1044 17.05 15.40 -8.20
CA ALA B 1044 17.73 14.49 -7.30
C ALA B 1044 18.90 13.81 -8.02
N VAL B 1045 19.96 13.53 -7.26
CA VAL B 1045 21.15 12.96 -7.87
C VAL B 1045 20.92 11.51 -8.26
N LEU B 1046 20.04 10.80 -7.55
CA LEU B 1046 19.91 9.35 -7.75
C LEU B 1046 18.92 9.04 -8.87
N THR B 1047 17.71 9.61 -8.81
CA THR B 1047 16.66 9.27 -9.76
C THR B 1047 16.50 10.30 -10.86
N ARG B 1048 17.18 11.45 -10.76
CA ARG B 1048 17.10 12.54 -11.75
C ARG B 1048 15.65 13.01 -11.95
N GLN B 1049 14.91 13.05 -10.87
CA GLN B 1049 13.55 13.54 -10.81
C GLN B 1049 13.49 14.81 -9.96
N PRO B 1050 12.46 15.64 -10.12
CA PRO B 1050 12.36 16.87 -9.32
C PRO B 1050 12.32 16.57 -7.82
N THR B 1051 12.92 17.47 -7.05
CA THR B 1051 13.04 17.30 -5.61
C THR B 1051 11.68 17.48 -4.93
N GLU B 1052 11.68 17.34 -3.61
CA GLU B 1052 10.46 17.38 -2.82
C GLU B 1052 10.46 18.61 -1.91
N GLY B 1053 9.34 19.31 -1.88
CA GLY B 1053 9.15 20.44 -1.00
C GLY B 1053 9.43 21.76 -1.67
N ARG B 1054 8.72 22.80 -1.23
CA ARG B 1054 8.93 24.14 -1.77
C ARG B 1054 10.19 24.79 -1.22
N SER B 1055 10.78 24.25 -0.16
CA SER B 1055 12.05 24.75 0.33
C SER B 1055 13.20 24.39 -0.61
N ARG B 1056 13.02 23.38 -1.45
CA ARG B 1056 14.04 22.97 -2.43
C ARG B 1056 13.60 23.24 -3.86
N ASP B 1057 12.60 24.11 -4.05
CA ASP B 1057 11.99 24.38 -5.35
C ASP B 1057 11.53 23.09 -6.02
N GLY B 1058 10.90 22.22 -5.23
CA GLY B 1058 10.54 20.91 -5.70
C GLY B 1058 9.30 20.89 -6.56
N GLY B 1059 9.02 19.71 -7.11
CA GLY B 1059 7.87 19.50 -7.95
C GLY B 1059 6.77 18.76 -7.22
N LEU B 1060 5.54 18.93 -7.71
CA LEU B 1060 4.39 18.29 -7.10
C LEU B 1060 4.26 16.86 -7.59
N ARG B 1061 4.02 15.95 -6.65
CA ARG B 1061 3.98 14.53 -6.96
C ARG B 1061 2.68 14.17 -7.66
N LEU B 1062 2.78 13.48 -8.79
CA LEU B 1062 1.63 12.92 -9.48
C LEU B 1062 1.57 11.45 -9.09
N GLY B 1063 0.89 11.16 -7.99
CA GLY B 1063 0.93 9.85 -7.39
C GLY B 1063 0.12 8.82 -8.16
N GLU B 1064 -0.04 7.66 -7.51
CA GLU B 1064 -0.73 6.54 -8.15
C GLU B 1064 -2.19 6.86 -8.41
N MET B 1065 -2.86 7.53 -7.46
CA MET B 1065 -4.28 7.86 -7.64
C MET B 1065 -4.48 8.83 -8.79
N GLU B 1066 -3.62 9.85 -8.89
CA GLU B 1066 -3.74 10.82 -9.99
C GLU B 1066 -3.40 10.17 -11.32
N ARG B 1067 -2.38 9.30 -11.34
CA ARG B 1067 -2.06 8.50 -12.51
C ARG B 1067 -3.27 7.70 -12.97
N ASP B 1068 -3.98 7.10 -12.01
CA ASP B 1068 -5.10 6.23 -12.35
C ASP B 1068 -6.30 7.05 -12.81
N CYS B 1069 -6.46 8.26 -12.26
CA CYS B 1069 -7.48 9.17 -12.74
C CYS B 1069 -7.21 9.59 -14.18
N VAL B 1070 -5.94 9.83 -14.51
CA VAL B 1070 -5.58 10.15 -15.89
C VAL B 1070 -5.83 8.96 -16.80
N ILE B 1071 -5.58 7.74 -16.31
CA ILE B 1071 -5.89 6.53 -17.07
C ILE B 1071 -7.38 6.45 -17.36
N ALA B 1072 -8.21 6.78 -16.37
CA ALA B 1072 -9.67 6.66 -16.51
C ALA B 1072 -10.22 7.56 -17.62
N TYR B 1073 -9.51 8.63 -17.97
CA TYR B 1073 -9.93 9.47 -19.09
C TYR B 1073 -9.51 8.92 -20.45
N GLY B 1074 -8.56 8.00 -20.48
CA GLY B 1074 -8.03 7.51 -21.74
C GLY B 1074 -6.99 8.38 -22.39
N ALA B 1075 -6.40 9.33 -21.65
CA ALA B 1075 -5.42 10.26 -22.20
C ALA B 1075 -4.06 9.59 -22.17
N SER B 1076 -3.69 8.95 -23.28
CA SER B 1076 -2.40 8.27 -23.35
C SER B 1076 -1.26 9.27 -23.48
N GLN B 1077 -1.40 10.28 -24.35
CA GLN B 1077 -0.30 11.21 -24.59
C GLN B 1077 -0.09 12.13 -23.41
N LEU B 1078 -1.16 12.52 -22.73
CA LEU B 1078 -1.01 13.33 -21.53
C LEU B 1078 -0.30 12.55 -20.42
N LEU B 1079 -0.63 11.27 -20.27
CA LEU B 1079 0.07 10.42 -19.31
C LEU B 1079 1.54 10.28 -19.65
N LEU B 1080 1.84 10.09 -20.94
CA LEU B 1080 3.23 9.98 -21.38
C LEU B 1080 4.00 11.28 -21.14
N GLU B 1081 3.36 12.42 -21.39
CA GLU B 1081 4.02 13.71 -21.18
C GLU B 1081 4.25 13.98 -19.70
N ARG B 1082 3.25 13.72 -18.85
CA ARG B 1082 3.38 14.02 -17.44
C ARG B 1082 4.38 13.08 -16.76
N LEU B 1083 4.36 11.79 -17.10
CA LEU B 1083 5.16 10.83 -16.36
C LEU B 1083 6.50 10.51 -17.02
N MET B 1084 6.73 10.90 -18.27
CA MET B 1084 8.04 10.68 -18.88
C MET B 1084 8.70 11.97 -19.34
N ILE B 1085 7.99 12.81 -20.10
CA ILE B 1085 8.63 13.95 -20.76
C ILE B 1085 9.03 15.01 -19.74
N SER B 1086 8.13 15.35 -18.82
CA SER B 1086 8.36 16.45 -17.89
C SER B 1086 9.02 16.04 -16.60
N SER B 1087 9.28 14.75 -16.38
CA SER B 1087 9.86 14.32 -15.11
C SER B 1087 11.25 13.72 -15.26
N ASP B 1088 11.41 12.63 -16.04
CA ASP B 1088 12.68 11.91 -16.03
C ASP B 1088 13.06 11.36 -17.41
N ALA B 1089 12.71 12.04 -18.49
CA ALA B 1089 13.04 11.56 -19.82
C ALA B 1089 14.53 11.42 -20.01
N PHE B 1090 14.94 10.36 -20.70
CA PHE B 1090 16.35 10.02 -20.82
C PHE B 1090 16.56 9.22 -22.09
N GLU B 1091 17.44 9.70 -22.96
CA GLU B 1091 17.78 8.99 -24.18
C GLU B 1091 18.87 7.97 -23.88
N VAL B 1092 18.60 6.72 -24.24
CA VAL B 1092 19.46 5.60 -23.86
C VAL B 1092 19.69 4.72 -25.09
N ASP B 1093 20.79 3.98 -25.07
CA ASP B 1093 21.17 3.09 -26.16
C ASP B 1093 20.96 1.65 -25.72
N VAL B 1094 20.15 0.90 -26.45
CA VAL B 1094 19.84 -0.49 -26.12
C VAL B 1094 20.29 -1.38 -27.26
N CYS B 1095 20.92 -2.51 -26.92
CA CYS B 1095 21.35 -3.46 -27.93
C CYS B 1095 20.18 -4.32 -28.40
N ASP B 1096 20.04 -4.47 -29.71
CA ASP B 1096 18.95 -5.24 -30.28
C ASP B 1096 19.17 -6.75 -30.16
N LYS B 1097 20.40 -7.20 -29.97
CA LYS B 1097 20.70 -8.62 -29.95
C LYS B 1097 20.61 -9.20 -28.53
N CYS B 1098 21.43 -8.68 -27.62
CA CYS B 1098 21.45 -9.18 -26.25
C CYS B 1098 20.40 -8.53 -25.36
N GLY B 1099 19.73 -7.47 -25.84
CA GLY B 1099 18.69 -6.84 -25.06
C GLY B 1099 19.14 -6.01 -23.89
N LEU B 1100 20.45 -5.90 -23.66
CA LEU B 1100 20.96 -5.11 -22.56
C LEU B 1100 21.07 -3.64 -22.96
N MET B 1101 21.77 -2.88 -22.14
CA MET B 1101 21.77 -1.43 -22.22
C MET B 1101 23.20 -0.93 -22.35
N GLY B 1102 23.47 -0.14 -23.39
CA GLY B 1102 24.81 0.29 -23.72
C GLY B 1102 25.05 1.76 -23.43
N TYR B 1103 26.16 2.26 -23.96
CA TYR B 1103 26.57 3.65 -23.76
C TYR B 1103 27.33 4.12 -24.99
N SER B 1104 27.11 5.39 -25.35
CA SER B 1104 27.84 6.06 -26.45
C SER B 1104 27.72 5.30 -27.77
N GLY B 1105 26.54 4.73 -28.00
CA GLY B 1105 26.33 3.92 -29.20
C GLY B 1105 27.19 2.68 -29.24
N TRP B 1106 27.40 2.05 -28.09
CA TRP B 1106 28.30 0.90 -27.99
C TRP B 1106 27.73 -0.07 -26.96
N CYS B 1107 27.75 -1.36 -27.28
CA CYS B 1107 27.27 -2.40 -26.39
C CYS B 1107 28.47 -3.04 -25.70
N THR B 1108 28.50 -2.96 -24.37
CA THR B 1108 29.63 -3.48 -23.62
C THR B 1108 29.61 -5.00 -23.50
N THR B 1109 28.49 -5.64 -23.83
CA THR B 1109 28.42 -7.10 -23.77
C THR B 1109 28.84 -7.75 -25.09
N CYS B 1110 28.19 -7.37 -26.18
CA CYS B 1110 28.54 -7.90 -27.49
C CYS B 1110 29.82 -7.31 -28.06
N LYS B 1111 30.36 -6.25 -27.43
CA LYS B 1111 31.61 -5.60 -27.84
C LYS B 1111 31.53 -5.11 -29.29
N SER B 1112 30.36 -4.58 -29.68
CA SER B 1112 30.16 -4.10 -31.03
C SER B 1112 29.08 -3.03 -31.03
N ALA B 1113 29.08 -2.21 -32.06
CA ALA B 1113 28.14 -1.11 -32.21
C ALA B 1113 27.12 -1.34 -33.32
N GLU B 1114 26.94 -2.59 -33.72
CA GLU B 1114 26.10 -2.89 -34.88
C GLU B 1114 24.61 -2.79 -34.55
N ASN B 1115 24.21 -3.25 -33.37
CA ASN B 1115 22.79 -3.43 -33.04
C ASN B 1115 22.26 -2.34 -32.11
N ILE B 1116 23.00 -1.26 -31.89
CA ILE B 1116 22.58 -0.24 -30.93
C ILE B 1116 21.42 0.57 -31.50
N ILE B 1117 20.36 0.70 -30.70
CA ILE B 1117 19.19 1.49 -31.06
C ILE B 1117 18.99 2.56 -29.98
N LYS B 1118 18.80 3.80 -30.41
CA LYS B 1118 18.53 4.90 -29.49
C LYS B 1118 17.03 4.98 -29.19
N MET B 1119 16.69 5.00 -27.91
CA MET B 1119 15.29 5.15 -27.50
C MET B 1119 15.23 6.16 -26.36
N THR B 1120 14.00 6.48 -25.95
CA THR B 1120 13.76 7.40 -24.85
C THR B 1120 12.94 6.67 -23.78
N ILE B 1121 13.49 6.57 -22.58
CA ILE B 1121 12.81 5.95 -21.46
C ILE B 1121 12.91 6.86 -20.24
N PRO B 1122 12.01 6.71 -19.27
CA PRO B 1122 12.22 7.39 -17.99
C PRO B 1122 13.51 6.92 -17.32
N TYR B 1123 14.18 7.86 -16.64
CA TYR B 1123 15.44 7.51 -15.97
C TYR B 1123 15.22 6.53 -14.84
N ALA B 1124 14.02 6.53 -14.23
CA ALA B 1124 13.73 5.56 -13.20
C ALA B 1124 13.73 4.14 -13.74
N ALA B 1125 13.31 3.97 -15.00
CA ALA B 1125 13.37 2.65 -15.63
C ALA B 1125 14.82 2.20 -15.84
N LYS B 1126 15.69 3.12 -16.25
CA LYS B 1126 17.11 2.79 -16.40
C LYS B 1126 17.73 2.43 -15.05
N LEU B 1127 17.40 3.20 -14.02
CA LEU B 1127 17.89 2.91 -12.67
C LEU B 1127 17.39 1.56 -12.18
N LEU B 1128 16.12 1.23 -12.46
CA LEU B 1128 15.57 -0.06 -12.09
C LEU B 1128 16.26 -1.19 -12.83
N PHE B 1129 16.53 -1.00 -14.12
CA PHE B 1129 17.22 -2.04 -14.89
C PHE B 1129 18.62 -2.29 -14.35
N GLN B 1130 19.35 -1.23 -14.02
CA GLN B 1130 20.69 -1.41 -13.47
C GLN B 1130 20.64 -2.05 -12.09
N GLU B 1131 19.65 -1.68 -11.27
CA GLU B 1131 19.49 -2.30 -9.96
C GLU B 1131 19.17 -3.78 -10.08
N LEU B 1132 18.31 -4.15 -11.02
CA LEU B 1132 17.97 -5.55 -11.23
C LEU B 1132 19.18 -6.33 -11.76
N LEU B 1133 19.97 -5.71 -12.64
CA LEU B 1133 21.19 -6.37 -13.13
C LEU B 1133 22.19 -6.56 -12.00
N SER B 1134 22.19 -5.66 -11.01
CA SER B 1134 23.05 -5.85 -9.85
C SER B 1134 22.54 -6.95 -8.93
N MET B 1135 21.27 -7.32 -9.06
CA MET B 1135 20.66 -8.38 -8.27
C MET B 1135 20.63 -9.71 -9.02
N ASN B 1136 21.44 -9.87 -10.06
CA ASN B 1136 21.49 -11.04 -10.92
C ASN B 1136 20.14 -11.34 -11.58
N ILE B 1137 19.41 -10.29 -11.94
CA ILE B 1137 18.21 -10.40 -12.76
C ILE B 1137 18.46 -9.61 -14.04
N ALA B 1138 18.24 -10.25 -15.19
CA ALA B 1138 18.53 -9.63 -16.48
C ALA B 1138 17.23 -9.29 -17.20
N PRO B 1139 16.78 -8.04 -17.15
CA PRO B 1139 15.57 -7.63 -17.90
C PRO B 1139 15.92 -7.24 -19.33
N ARG B 1140 16.08 -8.26 -20.16
CA ARG B 1140 16.49 -8.05 -21.55
C ARG B 1140 15.32 -7.48 -22.36
N LEU B 1141 15.48 -6.25 -22.85
CA LEU B 1141 14.45 -5.62 -23.65
C LEU B 1141 14.41 -6.22 -25.05
N ARG B 1142 13.21 -6.42 -25.57
CA ARG B 1142 13.01 -6.90 -26.93
C ARG B 1142 12.32 -5.81 -27.74
N LEU B 1143 12.88 -5.49 -28.89
CA LEU B 1143 12.44 -4.36 -29.69
C LEU B 1143 11.77 -4.82 -30.98
N GLU B 1144 10.77 -4.06 -31.40
CA GLU B 1144 10.09 -4.29 -32.66
C GLU B 1144 9.89 -2.96 -33.37
N ASP B 1145 9.74 -3.01 -34.68
CA ASP B 1145 9.53 -1.80 -35.47
C ASP B 1145 8.16 -1.21 -35.19
N ILE B 1146 8.09 0.12 -35.11
CA ILE B 1146 6.83 0.78 -34.84
C ILE B 1146 5.89 0.65 -36.03
N PHE B 1147 6.42 0.75 -37.24
CA PHE B 1147 5.63 0.72 -38.45
C PHE B 1147 5.65 -0.69 -39.05
N GLN B 1148 4.47 -1.17 -39.47
CA GLN B 1148 4.30 -2.58 -39.79
C GLN B 1148 5.09 -3.00 -41.01
N GLN B 1149 5.24 -2.09 -41.98
CA GLN B 1149 5.96 -2.34 -43.24
C GLN B 1149 5.40 -3.53 -44.00
N SER C 2 -47.47 53.83 -4.23
CA SER C 2 -47.03 54.16 -2.87
C SER C 2 -45.51 54.19 -2.79
N ASN C 3 -44.98 55.07 -1.95
CA ASN C 3 -43.55 55.25 -1.78
C ASN C 3 -43.11 54.97 -0.34
N ILE C 4 -43.85 54.13 0.36
CA ILE C 4 -43.56 53.80 1.76
C ILE C 4 -43.08 52.36 1.82
N VAL C 5 -41.82 52.18 2.22
CA VAL C 5 -41.25 50.87 2.46
C VAL C 5 -41.91 50.30 3.71
N GLY C 6 -42.79 49.32 3.53
CA GLY C 6 -43.47 48.73 4.67
C GLY C 6 -42.56 47.77 5.43
N ILE C 7 -42.65 47.85 6.76
CA ILE C 7 -41.82 47.04 7.65
C ILE C 7 -42.74 46.03 8.33
N GLU C 8 -42.46 44.76 8.13
CA GLU C 8 -43.23 43.67 8.71
C GLU C 8 -42.40 42.95 9.76
N TYR C 9 -43.00 41.94 10.37
CA TYR C 9 -42.31 41.23 11.45
C TYR C 9 -41.22 40.29 10.94
N ASN C 10 -41.29 39.87 9.68
CA ASN C 10 -40.33 38.91 9.15
C ASN C 10 -39.69 39.33 7.84
N ARG C 11 -40.15 40.41 7.20
CA ARG C 11 -39.61 40.80 5.91
C ARG C 11 -39.80 42.30 5.72
N VAL C 12 -39.08 42.83 4.73
CA VAL C 12 -39.18 44.23 4.33
C VAL C 12 -39.73 44.26 2.91
N THR C 13 -40.82 44.99 2.71
CA THR C 13 -41.53 45.00 1.45
C THR C 13 -41.41 46.36 0.76
N ASN C 14 -41.52 46.34 -0.56
CA ASN C 14 -41.58 47.53 -1.42
C ASN C 14 -40.33 48.40 -1.25
N THR C 15 -39.18 47.80 -1.55
CA THR C 15 -37.90 48.46 -1.36
C THR C 15 -37.36 49.12 -2.62
N THR C 16 -38.01 48.94 -3.76
CA THR C 16 -37.49 49.42 -5.03
C THR C 16 -38.26 50.64 -5.53
N SER C 17 -37.55 51.54 -6.19
CA SER C 17 -38.17 52.74 -6.75
C SER C 17 -39.04 52.37 -7.95
N THR C 18 -40.22 53.00 -8.03
CA THR C 18 -41.20 52.69 -9.06
C THR C 18 -41.60 53.93 -9.85
N ASP C 19 -40.69 54.90 -10.00
CA ASP C 19 -40.97 56.13 -10.71
C ASP C 19 -40.24 56.11 -12.06
N PHE C 20 -40.86 55.48 -13.05
CA PHE C 20 -40.35 55.46 -14.42
C PHE C 20 -41.46 55.04 -15.37
N PRO C 21 -41.50 55.55 -16.59
CA PRO C 21 -42.47 55.04 -17.57
C PRO C 21 -42.20 53.58 -17.90
N GLY C 22 -43.27 52.83 -18.10
CA GLY C 22 -43.19 51.39 -18.21
C GLY C 22 -43.54 50.65 -16.94
N PHE C 23 -43.71 51.37 -15.83
CA PHE C 23 -44.24 50.75 -14.62
C PHE C 23 -45.72 50.46 -14.75
N SER C 24 -46.44 51.27 -15.52
CA SER C 24 -47.87 51.08 -15.74
C SER C 24 -48.23 51.66 -17.10
N LYS C 25 -49.50 51.50 -17.48
CA LYS C 25 -49.96 51.96 -18.78
C LYS C 25 -49.99 53.49 -18.88
N ASP C 26 -50.05 54.19 -17.74
CA ASP C 26 -50.12 55.64 -17.77
C ASP C 26 -48.84 56.26 -18.33
N ALA C 27 -47.71 55.57 -18.18
CA ALA C 27 -46.41 55.99 -18.73
C ALA C 27 -46.01 57.38 -18.25
N GLU C 28 -46.30 57.66 -16.99
CA GLU C 28 -45.94 58.94 -16.39
C GLU C 28 -44.56 58.84 -15.75
N ASN C 29 -44.21 59.84 -14.95
CA ASN C 29 -42.91 59.93 -14.26
C ASN C 29 -41.74 59.91 -15.26
N GLU C 30 -41.93 60.60 -16.39
CA GLU C 30 -40.80 60.88 -17.26
C GLU C 30 -39.88 61.88 -16.55
N TRP C 31 -38.62 61.91 -16.98
CA TRP C 31 -37.66 62.82 -16.37
C TRP C 31 -37.99 64.23 -16.80
N ASN C 32 -38.49 65.05 -15.88
CA ASN C 32 -38.72 66.46 -16.09
C ASN C 32 -37.90 67.22 -15.05
N VAL C 33 -37.00 68.09 -15.53
CA VAL C 33 -36.14 68.81 -14.60
C VAL C 33 -36.92 69.87 -13.84
N GLU C 34 -38.02 70.36 -14.42
CA GLU C 34 -38.87 71.32 -13.72
C GLU C 34 -39.62 70.66 -12.57
N LYS C 35 -40.15 69.46 -12.81
CA LYS C 35 -40.85 68.73 -11.75
C LYS C 35 -39.91 68.35 -10.62
N PHE C 36 -38.69 67.92 -10.96
CA PHE C 36 -37.71 67.59 -9.93
C PHE C 36 -37.26 68.83 -9.18
N LYS C 37 -37.12 69.96 -9.88
CA LYS C 37 -36.77 71.21 -9.23
C LYS C 37 -37.86 71.66 -8.27
N LYS C 38 -39.12 71.41 -8.62
CA LYS C 38 -40.23 71.80 -7.75
C LYS C 38 -40.33 70.86 -6.55
N ASP C 39 -40.08 69.57 -6.74
CA ASP C 39 -40.33 68.58 -5.70
C ASP C 39 -39.18 68.43 -4.71
N PHE C 40 -37.93 68.56 -5.17
CA PHE C 40 -36.78 68.31 -4.32
C PHE C 40 -36.67 69.35 -3.20
N GLU C 41 -36.25 68.90 -2.03
CA GLU C 41 -36.16 69.79 -0.88
C GLU C 41 -34.96 69.40 -0.01
N VAL C 42 -34.33 70.40 0.59
CA VAL C 42 -33.24 70.20 1.54
C VAL C 42 -33.60 70.91 2.84
N ASN C 43 -33.48 70.20 3.96
CA ASN C 43 -33.75 70.79 5.27
C ASN C 43 -32.60 70.45 6.23
N ILE C 44 -31.78 71.43 6.55
CA ILE C 44 -30.68 71.23 7.48
C ILE C 44 -31.20 71.39 8.90
N SER C 45 -30.99 70.38 9.75
CA SER C 45 -31.45 70.43 11.12
C SER C 45 -30.33 70.74 12.11
N SER C 46 -29.08 70.44 11.77
CA SER C 46 -27.95 70.73 12.64
C SER C 46 -26.73 70.95 11.76
N LEU C 47 -25.90 71.92 12.13
CA LEU C 47 -24.74 72.26 11.33
C LEU C 47 -23.63 72.72 12.28
N ASP C 48 -22.76 71.80 12.67
CA ASP C 48 -21.62 72.10 13.51
C ASP C 48 -20.37 72.19 12.64
N ALA C 49 -19.21 72.34 13.29
CA ALA C 49 -17.94 72.38 12.58
C ALA C 49 -17.40 70.99 12.24
N ARG C 50 -18.02 69.94 12.78
CA ARG C 50 -17.56 68.58 12.53
C ARG C 50 -18.68 67.61 12.20
N GLU C 51 -19.92 68.06 12.11
CA GLU C 51 -21.05 67.16 11.90
C GLU C 51 -22.23 67.96 11.36
N ALA C 52 -22.82 67.47 10.27
CA ALA C 52 -23.99 68.07 9.66
C ALA C 52 -25.10 67.03 9.55
N ASN C 53 -26.33 67.45 9.84
CA ASN C 53 -27.51 66.59 9.70
C ASN C 53 -28.51 67.31 8.81
N PHE C 54 -28.92 66.66 7.73
CA PHE C 54 -29.82 67.32 6.80
C PHE C 54 -30.65 66.31 6.03
N ASP C 55 -31.89 66.68 5.75
CA ASP C 55 -32.84 65.84 5.04
C ASP C 55 -32.87 66.21 3.57
N LEU C 56 -32.70 65.21 2.71
CA LEU C 56 -32.94 65.30 1.28
C LEU C 56 -34.29 64.67 0.98
N ILE C 57 -35.20 65.45 0.41
CA ILE C 57 -36.60 65.06 0.24
C ILE C 57 -36.93 65.04 -1.23
N ASN C 58 -37.64 63.98 -1.65
CA ASN C 58 -38.09 63.77 -3.03
C ASN C 58 -36.93 63.59 -4.00
N ILE C 59 -35.96 62.77 -3.59
CA ILE C 59 -34.84 62.38 -4.44
C ILE C 59 -34.78 60.86 -4.47
N ASP C 60 -34.25 60.30 -5.55
CA ASP C 60 -34.21 58.86 -5.70
C ASP C 60 -33.07 58.27 -4.86
N THR C 61 -33.17 56.95 -4.64
CA THR C 61 -32.20 56.27 -3.79
C THR C 61 -30.83 56.20 -4.45
N SER C 62 -30.80 56.08 -5.78
CA SER C 62 -29.53 55.94 -6.49
C SER C 62 -28.65 57.16 -6.32
N ILE C 63 -29.23 58.36 -6.41
CA ILE C 63 -28.45 59.59 -6.32
C ILE C 63 -27.93 59.80 -4.90
N ALA C 64 -28.78 59.54 -3.89
CA ALA C 64 -28.34 59.69 -2.51
C ALA C 64 -27.24 58.69 -2.17
N ASN C 65 -27.38 57.45 -2.65
CA ASN C 65 -26.33 56.46 -2.44
C ASN C 65 -25.05 56.84 -3.17
N ALA C 66 -25.16 57.43 -4.36
CA ALA C 66 -23.98 57.91 -5.07
C ALA C 66 -23.29 59.02 -4.29
N PHE C 67 -24.06 59.94 -3.71
CA PHE C 67 -23.48 60.99 -2.88
C PHE C 67 -22.76 60.39 -1.68
N ARG C 68 -23.37 59.40 -1.03
CA ARG C 68 -22.76 58.75 0.13
C ARG C 68 -21.45 58.06 -0.26
N ARG C 69 -21.45 57.33 -1.37
CA ARG C 69 -20.25 56.61 -1.79
C ARG C 69 -19.15 57.56 -2.20
N ILE C 70 -19.49 58.66 -2.88
CA ILE C 70 -18.48 59.63 -3.29
C ILE C 70 -17.92 60.35 -2.07
N MET C 71 -18.76 60.64 -1.07
CA MET C 71 -18.28 61.22 0.16
C MET C 71 -17.31 60.30 0.87
N ILE C 72 -17.62 58.99 0.90
CA ILE C 72 -16.77 58.06 1.63
C ILE C 72 -15.44 57.84 0.91
N SER C 73 -15.48 57.63 -0.41
CA SER C 73 -14.31 57.08 -1.09
C SER C 73 -13.87 57.85 -2.33
N GLU C 74 -14.38 59.05 -2.58
CA GLU C 74 -13.97 59.81 -3.76
C GLU C 74 -13.60 61.25 -3.49
N VAL C 75 -13.94 61.81 -2.34
CA VAL C 75 -13.55 63.17 -2.00
C VAL C 75 -12.12 63.14 -1.44
N PRO C 76 -11.17 63.83 -2.06
CA PRO C 76 -9.78 63.72 -1.62
C PRO C 76 -9.54 64.42 -0.29
N SER C 77 -8.50 63.96 0.40
CA SER C 77 -8.06 64.55 1.66
C SER C 77 -6.58 64.28 1.83
N VAL C 78 -5.96 65.02 2.75
CA VAL C 78 -4.52 65.00 2.95
C VAL C 78 -4.20 64.13 4.16
N ALA C 79 -3.31 63.16 3.97
CA ALA C 79 -2.86 62.31 5.07
C ALA C 79 -1.40 61.94 4.81
N ALA C 80 -0.71 61.53 5.87
CA ALA C 80 0.70 61.16 5.75
C ALA C 80 0.85 59.91 4.91
N GLU C 81 1.75 59.96 3.93
CA GLU C 81 1.96 58.86 3.01
C GLU C 81 3.31 58.20 3.15
N TYR C 82 4.40 58.96 3.24
CA TYR C 82 5.73 58.38 3.41
C TYR C 82 6.32 58.83 4.73
N VAL C 83 7.05 57.93 5.39
CA VAL C 83 7.68 58.22 6.67
C VAL C 83 9.15 57.84 6.57
N TYR C 84 10.03 58.79 6.84
CA TYR C 84 11.48 58.57 6.87
C TYR C 84 11.91 58.61 8.33
N PHE C 85 12.63 57.57 8.76
CA PHE C 85 12.91 57.35 10.17
C PHE C 85 14.37 57.66 10.49
N PHE C 86 14.59 58.40 11.57
CA PHE C 86 15.92 58.58 12.16
C PHE C 86 15.85 58.10 13.60
N ASN C 87 16.43 56.94 13.87
CA ASN C 87 16.65 56.43 15.23
C ASN C 87 15.34 56.30 16.01
N ASN C 88 14.50 55.38 15.52
CA ASN C 88 13.31 54.94 16.25
C ASN C 88 13.73 53.80 17.19
N THR C 89 13.86 54.10 18.48
CA THR C 89 14.37 53.16 19.45
C THR C 89 13.25 52.67 20.38
N SER C 90 12.00 52.83 19.95
CA SER C 90 10.86 52.46 20.78
C SER C 90 10.58 50.96 20.70
N VAL C 91 9.69 50.51 21.58
CA VAL C 91 9.18 49.15 21.50
C VAL C 91 8.28 49.00 20.27
N ILE C 92 7.51 50.05 19.95
CA ILE C 92 6.63 50.02 18.78
C ILE C 92 7.48 49.94 17.52
N GLN C 93 7.11 49.02 16.63
CA GLN C 93 7.86 48.81 15.40
C GLN C 93 7.70 50.00 14.47
N ASP C 94 8.60 50.08 13.49
CA ASP C 94 8.59 51.21 12.56
C ASP C 94 7.37 51.16 11.64
N GLU C 95 6.98 49.95 11.22
CA GLU C 95 5.79 49.82 10.37
C GLU C 95 4.54 50.28 11.11
N VAL C 96 4.41 49.86 12.38
CA VAL C 96 3.24 50.23 13.17
C VAL C 96 3.20 51.72 13.40
N LEU C 97 4.34 52.33 13.73
CA LEU C 97 4.39 53.76 13.97
C LEU C 97 4.07 54.55 12.70
N ALA C 98 4.61 54.11 11.56
CA ALA C 98 4.31 54.77 10.30
C ALA C 98 2.83 54.66 9.95
N HIS C 99 2.23 53.50 10.20
CA HIS C 99 0.81 53.30 9.94
C HIS C 99 -0.04 54.20 10.83
N ARG C 100 0.31 54.30 12.12
CA ARG C 100 -0.41 55.17 13.04
C ARG C 100 -0.29 56.63 12.63
N ILE C 101 0.90 57.06 12.22
CA ILE C 101 1.08 58.44 11.78
C ILE C 101 0.32 58.71 10.49
N GLY C 102 0.25 57.72 9.60
CA GLY C 102 -0.58 57.86 8.43
C GLY C 102 -2.06 57.89 8.71
N LEU C 103 -2.49 57.36 9.85
CA LEU C 103 -3.91 57.36 10.20
C LEU C 103 -4.39 58.62 10.91
N VAL C 104 -3.50 59.55 11.28
CA VAL C 104 -3.96 60.75 11.96
C VAL C 104 -4.57 61.69 10.93
N PRO C 105 -5.65 62.41 11.28
CA PRO C 105 -6.21 63.38 10.34
C PRO C 105 -5.50 64.72 10.46
N LEU C 106 -5.21 65.33 9.32
CA LEU C 106 -4.50 66.60 9.27
C LEU C 106 -5.46 67.72 8.88
N LYS C 107 -5.42 68.82 9.61
CA LYS C 107 -6.27 69.98 9.33
C LYS C 107 -5.65 70.77 8.19
N VAL C 108 -5.83 70.25 6.98
CA VAL C 108 -5.30 70.86 5.77
C VAL C 108 -6.43 70.96 4.75
N ASP C 109 -6.59 72.12 4.16
CA ASP C 109 -7.54 72.29 3.07
C ASP C 109 -7.03 71.53 1.85
N PRO C 110 -7.77 70.55 1.32
CA PRO C 110 -7.25 69.78 0.18
C PRO C 110 -7.10 70.59 -1.10
N ASP C 111 -7.75 71.76 -1.20
CA ASP C 111 -7.67 72.56 -2.41
C ASP C 111 -6.40 73.39 -2.50
N MET C 112 -5.56 73.38 -1.46
CA MET C 112 -4.30 74.11 -1.47
C MET C 112 -3.13 73.27 -1.96
N LEU C 113 -3.38 72.03 -2.39
CA LEU C 113 -2.33 71.12 -2.83
C LEU C 113 -2.61 70.69 -4.27
N THR C 114 -1.68 69.91 -4.81
CA THR C 114 -1.75 69.41 -6.18
C THR C 114 -1.49 67.90 -6.16
N TRP C 115 -2.12 67.18 -7.09
CA TRP C 115 -1.95 65.73 -7.13
C TRP C 115 -0.52 65.37 -7.54
N VAL C 116 0.04 64.39 -6.84
CA VAL C 116 1.41 63.95 -7.08
C VAL C 116 1.43 63.03 -8.30
N ASP C 117 2.29 63.35 -9.27
CA ASP C 117 2.46 62.50 -10.44
C ASP C 117 3.28 61.28 -10.04
N SER C 118 2.73 60.08 -10.27
CA SER C 118 3.36 58.85 -9.79
C SER C 118 4.56 58.45 -10.62
N ASN C 119 4.49 58.65 -11.94
CA ASN C 119 5.56 58.16 -12.83
C ASN C 119 6.83 58.99 -12.75
N LEU C 120 6.77 60.17 -12.14
CA LEU C 120 7.97 60.97 -11.93
C LEU C 120 8.88 60.29 -10.90
N PRO C 121 10.19 60.44 -11.03
CA PRO C 121 11.10 59.80 -10.06
C PRO C 121 11.13 60.54 -8.74
N ASP C 122 11.67 59.85 -7.73
CA ASP C 122 11.58 60.34 -6.35
C ASP C 122 12.41 61.60 -6.13
N ASP C 123 13.39 61.87 -6.99
CA ASP C 123 14.21 63.07 -6.82
C ASP C 123 13.42 64.33 -7.11
N GLU C 124 12.38 64.25 -7.95
CA GLU C 124 11.57 65.40 -8.28
C GLU C 124 10.07 65.12 -8.16
N LYS C 125 9.68 64.04 -7.49
CA LYS C 125 8.27 63.75 -7.31
C LYS C 125 7.63 64.72 -6.33
N PHE C 126 8.28 64.95 -5.19
CA PHE C 126 7.74 65.81 -4.14
C PHE C 126 8.26 67.23 -4.31
N THR C 127 7.35 68.18 -4.49
CA THR C 127 7.71 69.59 -4.56
C THR C 127 7.02 70.34 -3.44
N ASP C 128 7.15 71.66 -3.43
CA ASP C 128 6.46 72.49 -2.43
C ASP C 128 4.97 72.62 -2.70
N GLU C 129 4.49 72.19 -3.87
CA GLU C 129 3.09 72.31 -4.21
C GLU C 129 2.27 71.06 -3.90
N ASN C 130 2.92 69.94 -3.58
CA ASN C 130 2.19 68.68 -3.49
C ASN C 130 2.67 67.82 -2.33
N THR C 131 3.29 68.41 -1.32
CA THR C 131 3.82 67.64 -0.20
C THR C 131 3.91 68.52 1.03
N ILE C 132 3.38 68.02 2.14
CA ILE C 132 3.48 68.70 3.44
C ILE C 132 4.40 67.87 4.33
N VAL C 133 5.40 68.52 4.91
CA VAL C 133 6.42 67.84 5.70
C VAL C 133 6.10 68.04 7.18
N LEU C 134 5.97 66.94 7.90
CA LEU C 134 5.73 66.96 9.33
C LEU C 134 6.89 66.27 10.04
N SER C 135 7.57 67.01 10.90
CA SER C 135 8.72 66.48 11.64
C SER C 135 8.31 66.17 13.06
N LEU C 136 8.69 64.99 13.54
CA LEU C 136 8.47 64.61 14.92
C LEU C 136 9.81 64.28 15.54
N ASN C 137 10.03 64.75 16.77
CA ASN C 137 11.30 64.55 17.45
C ASN C 137 11.04 64.56 18.95
N VAL C 138 11.02 63.38 19.56
CA VAL C 138 10.73 63.23 20.99
C VAL C 138 11.78 62.32 21.61
N LYS C 139 12.40 62.79 22.68
CA LYS C 139 13.36 62.00 23.45
C LYS C 139 12.90 61.91 24.89
N CYS C 140 12.91 60.71 25.45
CA CYS C 140 12.40 60.46 26.80
C CYS C 140 13.55 60.28 27.76
N THR C 141 13.50 61.00 28.88
CA THR C 141 14.54 60.94 29.91
C THR C 141 13.89 60.77 31.28
N ARG C 142 14.65 60.18 32.21
CA ARG C 142 14.18 60.02 33.58
C ARG C 142 14.03 61.37 34.26
N ASN C 143 12.94 61.54 35.00
CA ASN C 143 12.73 62.78 35.75
C ASN C 143 13.61 62.77 36.99
N PRO C 144 14.52 63.74 37.15
CA PRO C 144 15.42 63.71 38.31
C PRO C 144 14.74 64.05 39.63
N ASP C 145 13.63 64.76 39.61
CA ASP C 145 12.95 65.20 40.83
C ASP C 145 11.53 64.64 40.90
N ALA C 146 11.38 63.37 40.55
CA ALA C 146 10.09 62.71 40.64
C ALA C 146 9.76 62.38 42.10
N PRO C 147 8.48 62.36 42.46
CA PRO C 147 8.11 61.92 43.82
C PRO C 147 8.49 60.48 44.07
N LYS C 148 8.86 60.19 45.31
CA LYS C 148 9.31 58.84 45.66
C LYS C 148 8.17 57.85 45.63
N GLY C 149 6.98 58.26 46.07
CA GLY C 149 5.83 57.38 46.13
C GLY C 149 4.97 57.37 44.89
N SER C 150 5.42 57.99 43.80
CA SER C 150 4.63 58.09 42.58
C SER C 150 4.87 56.89 41.67
N THR C 151 3.85 56.57 40.87
CA THR C 151 3.95 55.52 39.88
C THR C 151 3.40 55.92 38.53
N ASP C 152 2.88 57.14 38.38
CA ASP C 152 2.38 57.61 37.10
C ASP C 152 3.56 57.86 36.16
N PRO C 153 3.57 57.27 34.96
CA PRO C 153 4.64 57.59 34.00
C PRO C 153 4.66 59.04 33.56
N LYS C 154 3.55 59.77 33.69
CA LYS C 154 3.56 61.19 33.37
C LYS C 154 4.41 62.00 34.34
N GLU C 155 4.65 61.49 35.55
CA GLU C 155 5.49 62.15 36.53
C GLU C 155 6.86 61.53 36.67
N LEU C 156 6.98 60.21 36.46
CA LEU C 156 8.27 59.55 36.59
C LEU C 156 9.18 59.86 35.41
N TYR C 157 8.62 60.17 34.25
CA TYR C 157 9.39 60.41 33.04
C TYR C 157 8.97 61.73 32.42
N ASN C 158 9.77 62.20 31.45
CA ASN C 158 9.56 63.51 30.85
C ASN C 158 8.62 63.46 29.64
N ASN C 159 8.94 62.63 28.65
CA ASN C 159 8.20 62.56 27.40
C ASN C 159 7.76 61.13 27.13
N ALA C 160 7.16 60.49 28.14
CA ALA C 160 6.75 59.10 28.02
C ALA C 160 5.54 58.91 27.11
N HIS C 161 4.90 59.98 26.65
CA HIS C 161 3.72 59.89 25.80
C HIS C 161 3.93 60.78 24.58
N VAL C 162 4.13 60.16 23.42
CA VAL C 162 4.26 60.87 22.16
C VAL C 162 2.87 61.00 21.55
N TYR C 163 2.37 62.22 21.49
CA TYR C 163 1.03 62.52 20.97
C TYR C 163 1.12 63.00 19.53
N ALA C 164 -0.05 63.23 18.92
CA ALA C 164 -0.10 63.70 17.55
C ALA C 164 0.23 65.19 17.44
N ARG C 165 0.08 65.94 18.53
CA ARG C 165 0.42 67.36 18.51
C ARG C 165 1.92 67.59 18.44
N ASP C 166 2.74 66.56 18.66
CA ASP C 166 4.18 66.68 18.49
C ASP C 166 4.59 66.70 17.02
N LEU C 167 3.67 66.43 16.10
CA LEU C 167 3.96 66.48 14.66
C LEU C 167 4.04 67.94 14.24
N LYS C 168 5.23 68.50 14.34
CA LYS C 168 5.45 69.88 13.92
C LYS C 168 5.41 70.00 12.41
N PHE C 169 4.96 71.16 11.92
CA PHE C 169 4.89 71.42 10.50
C PHE C 169 6.14 72.15 10.05
N GLU C 170 6.77 71.67 8.97
CA GLU C 170 7.98 72.26 8.44
C GLU C 170 7.70 72.82 7.06
N PRO C 171 7.44 74.12 6.92
CA PRO C 171 7.17 74.69 5.59
C PRO C 171 8.38 74.59 4.68
N GLN C 172 8.12 74.31 3.41
CA GLN C 172 9.16 74.19 2.40
C GLN C 172 8.83 75.11 1.24
N GLY C 173 9.75 76.02 0.92
CA GLY C 173 9.55 76.92 -0.20
C GLY C 173 8.39 77.88 0.03
N ARG C 174 7.56 78.03 -1.00
CA ARG C 174 6.46 78.99 -0.96
C ARG C 174 5.39 78.63 0.05
N GLN C 175 5.42 77.42 0.63
CA GLN C 175 4.55 77.10 1.75
C GLN C 175 4.81 77.98 2.96
N SER C 176 5.99 78.63 3.01
CA SER C 176 6.23 79.61 4.07
C SER C 176 5.27 80.79 3.97
N THR C 177 4.80 81.10 2.76
CA THR C 177 3.85 82.20 2.57
C THR C 177 2.43 81.72 2.30
N THR C 178 2.25 80.59 1.62
CA THR C 178 0.90 80.10 1.34
C THR C 178 0.22 79.59 2.59
N PHE C 179 0.95 78.88 3.45
CA PHE C 179 0.41 78.33 4.69
C PHE C 179 0.71 79.21 5.90
N ALA C 180 0.79 80.54 5.70
CA ALA C 180 1.15 81.43 6.79
C ALA C 180 0.01 81.57 7.80
N ASP C 181 -1.22 81.75 7.32
CA ASP C 181 -2.36 81.95 8.19
C ASP C 181 -3.08 80.67 8.59
N CYS C 182 -2.74 79.54 7.97
CA CYS C 182 -3.34 78.25 8.29
C CYS C 182 -2.26 77.19 8.46
N PRO C 183 -1.58 77.19 9.61
CA PRO C 183 -0.52 76.21 9.84
C PRO C 183 -1.08 74.79 9.93
N VAL C 184 -0.27 73.82 9.52
CA VAL C 184 -0.68 72.43 9.48
C VAL C 184 -0.60 71.85 10.87
N VAL C 185 -1.75 71.53 11.45
CA VAL C 185 -1.83 70.86 12.74
C VAL C 185 -2.74 69.64 12.58
N PRO C 186 -2.58 68.60 13.39
CA PRO C 186 -3.53 67.48 13.33
C PRO C 186 -4.91 67.90 13.80
N ALA C 187 -5.93 67.29 13.20
CA ALA C 187 -7.31 67.59 13.56
C ALA C 187 -7.66 67.10 14.96
N ASP C 188 -6.98 66.07 15.44
CA ASP C 188 -7.17 65.53 16.79
C ASP C 188 -5.81 65.51 17.46
N PRO C 189 -5.43 66.60 18.14
CA PRO C 189 -4.06 66.68 18.69
C PRO C 189 -3.76 65.71 19.81
N ASP C 190 -4.77 65.13 20.44
CA ASP C 190 -4.57 64.25 21.59
C ASP C 190 -4.41 62.79 21.21
N ILE C 191 -4.23 62.48 19.92
CA ILE C 191 -4.06 61.09 19.52
C ILE C 191 -2.75 60.56 20.08
N LEU C 192 -2.84 59.49 20.86
CA LEU C 192 -1.67 58.89 21.50
C LEU C 192 -0.94 58.05 20.46
N LEU C 193 0.19 58.56 19.96
CA LEU C 193 0.93 57.84 18.92
C LEU C 193 1.84 56.77 19.51
N ALA C 194 2.56 57.09 20.59
CA ALA C 194 3.52 56.13 21.10
C ALA C 194 3.73 56.35 22.59
N LYS C 195 4.34 55.35 23.23
CA LYS C 195 4.75 55.41 24.62
C LYS C 195 6.22 55.08 24.71
N LEU C 196 6.95 55.81 25.55
CA LEU C 196 8.39 55.67 25.66
C LEU C 196 8.82 55.44 27.09
N ARG C 197 10.08 55.07 27.24
CA ARG C 197 10.77 54.90 28.50
C ARG C 197 12.14 55.56 28.35
N PRO C 198 12.82 55.87 29.46
CA PRO C 198 14.12 56.55 29.34
C PRO C 198 15.12 55.76 28.51
N GLY C 199 15.88 56.49 27.68
CA GLY C 199 16.80 55.90 26.75
C GLY C 199 16.26 55.72 25.34
N GLN C 200 14.96 55.88 25.14
CA GLN C 200 14.35 55.72 23.83
C GLN C 200 14.11 57.08 23.18
N GLU C 201 14.10 57.08 21.84
CA GLU C 201 13.99 58.31 21.08
C GLU C 201 13.25 58.02 19.78
N ILE C 202 12.49 59.01 19.30
CA ILE C 202 11.82 58.95 18.01
C ILE C 202 12.14 60.24 17.27
N SER C 203 12.52 60.11 16.00
CA SER C 203 12.68 61.29 15.14
C SER C 203 12.40 60.86 13.71
N LEU C 204 11.50 61.58 13.04
CA LEU C 204 11.05 61.17 11.73
C LEU C 204 10.51 62.36 10.95
N LYS C 205 10.49 62.20 9.64
CA LYS C 205 9.90 63.18 8.72
C LYS C 205 8.84 62.48 7.89
N ALA C 206 7.61 63.00 7.93
CA ALA C 206 6.49 62.44 7.19
C ALA C 206 6.15 63.35 6.03
N HIS C 207 6.16 62.78 4.83
CA HIS C 207 5.69 63.46 3.63
C HIS C 207 4.22 63.09 3.43
N CYS C 208 3.37 64.12 3.42
CA CYS C 208 1.93 63.96 3.34
C CYS C 208 1.44 64.50 2.01
N ILE C 209 0.73 63.66 1.27
CA ILE C 209 0.13 64.02 -0.02
C ILE C 209 -1.37 63.84 0.12
N LEU C 210 -2.11 64.12 -0.95
CA LEU C 210 -3.57 63.98 -0.94
C LEU C 210 -3.98 62.83 -1.85
N GLY C 211 -4.91 62.01 -1.36
CA GLY C 211 -5.44 60.90 -2.13
C GLY C 211 -6.91 60.70 -1.79
N ILE C 212 -7.50 59.69 -2.43
CA ILE C 212 -8.90 59.39 -2.27
C ILE C 212 -9.07 58.21 -1.32
N GLY C 213 -10.28 58.07 -0.78
CA GLY C 213 -10.56 57.02 0.18
C GLY C 213 -10.59 55.63 -0.40
N GLY C 214 -10.80 55.51 -1.72
CA GLY C 214 -10.75 54.20 -2.35
C GLY C 214 -9.36 53.59 -2.33
N ASP C 215 -8.32 54.43 -2.46
CA ASP C 215 -6.96 53.92 -2.42
C ASP C 215 -6.58 53.45 -1.02
N HIS C 216 -6.92 54.23 0.00
CA HIS C 216 -6.64 53.86 1.38
C HIS C 216 -7.66 54.54 2.27
N ALA C 217 -8.00 53.90 3.39
CA ALA C 217 -9.02 54.44 4.28
C ALA C 217 -8.56 55.67 5.04
N LYS C 218 -7.25 55.93 5.08
CA LYS C 218 -6.74 57.11 5.78
C LYS C 218 -7.07 58.40 5.04
N PHE C 219 -7.39 58.32 3.75
CA PHE C 219 -7.70 59.49 2.95
C PHE C 219 -9.18 59.85 2.93
N SER C 220 -10.01 59.08 3.60
CA SER C 220 -11.44 59.38 3.61
C SER C 220 -11.70 60.60 4.49
N PRO C 221 -12.32 61.66 3.96
CA PRO C 221 -12.50 62.88 4.75
C PRO C 221 -13.52 62.74 5.86
N VAL C 222 -14.39 61.72 5.81
CA VAL C 222 -15.48 61.58 6.76
C VAL C 222 -15.20 60.40 7.68
N SER C 223 -15.34 60.63 8.98
CA SER C 223 -15.34 59.50 9.92
C SER C 223 -16.54 58.60 9.67
N THR C 224 -17.70 59.20 9.43
CA THR C 224 -18.86 58.46 8.94
C THR C 224 -19.68 59.38 8.05
N ALA C 225 -20.38 58.79 7.10
CA ALA C 225 -21.24 59.53 6.20
C ALA C 225 -22.31 58.56 5.71
N SER C 226 -23.52 58.69 6.26
CA SER C 226 -24.58 57.75 5.94
C SER C 226 -25.92 58.41 6.10
N TYR C 227 -26.93 57.83 5.46
CA TYR C 227 -28.29 58.30 5.54
C TYR C 227 -29.17 57.24 6.18
N ARG C 228 -30.43 57.63 6.43
CA ARG C 228 -31.45 56.71 6.86
C ARG C 228 -32.80 57.28 6.44
N LEU C 229 -33.71 56.40 6.03
CA LEU C 229 -35.02 56.87 5.62
C LEU C 229 -35.82 57.36 6.82
N LEU C 230 -36.72 58.29 6.56
CA LEU C 230 -37.55 58.84 7.63
C LEU C 230 -38.56 57.80 8.08
N PRO C 231 -38.56 57.41 9.36
CA PRO C 231 -39.53 56.43 9.83
C PRO C 231 -40.94 57.01 9.85
N GLN C 232 -41.92 56.12 9.78
CA GLN C 232 -43.32 56.49 9.69
C GLN C 232 -44.14 55.47 10.45
N ILE C 233 -44.86 55.91 11.47
CA ILE C 233 -45.67 55.05 12.31
C ILE C 233 -47.12 55.46 12.12
N ASN C 234 -47.95 54.52 11.68
CA ASN C 234 -49.37 54.78 11.48
C ASN C 234 -50.16 53.97 12.49
N ILE C 235 -50.99 54.65 13.27
CA ILE C 235 -51.84 54.01 14.27
C ILE C 235 -53.23 53.92 13.65
N LEU C 236 -53.59 52.72 13.19
CA LEU C 236 -54.82 52.56 12.43
C LEU C 236 -56.05 52.61 13.33
N GLN C 237 -55.93 52.17 14.58
CA GLN C 237 -57.01 52.22 15.54
C GLN C 237 -56.52 52.83 16.84
N PRO C 238 -57.37 53.61 17.53
CA PRO C 238 -56.93 54.26 18.77
C PRO C 238 -56.55 53.25 19.84
N ILE C 239 -55.51 53.58 20.60
CA ILE C 239 -54.99 52.75 21.66
C ILE C 239 -55.17 53.50 22.97
N LYS C 240 -55.96 52.92 23.88
CA LYS C 240 -56.43 53.63 25.06
C LYS C 240 -55.92 52.97 26.33
N GLY C 241 -55.66 53.80 27.34
CA GLY C 241 -55.43 53.29 28.68
C GLY C 241 -54.05 52.67 28.85
N GLU C 242 -54.00 51.63 29.69
CA GLU C 242 -52.74 51.01 30.09
C GLU C 242 -51.98 50.45 28.89
N SER C 243 -52.71 49.89 27.91
CA SER C 243 -52.07 49.38 26.70
C SER C 243 -51.26 50.47 26.01
N ALA C 244 -51.77 51.71 26.01
CA ALA C 244 -51.02 52.83 25.44
C ALA C 244 -49.67 52.99 26.12
N ARG C 245 -49.64 52.85 27.45
CA ARG C 245 -48.37 52.88 28.16
C ARG C 245 -47.46 51.76 27.68
N ARG C 246 -48.00 50.55 27.51
CA ARG C 246 -47.23 49.47 26.92
C ARG C 246 -46.83 49.82 25.49
N PHE C 247 -47.76 50.45 24.75
CA PHE C 247 -47.45 50.92 23.41
C PHE C 247 -46.38 51.99 23.42
N GLN C 248 -46.22 52.72 24.53
CA GLN C 248 -45.13 53.67 24.64
C GLN C 248 -43.79 52.96 24.84
N LYS C 249 -43.79 51.79 25.47
CA LYS C 249 -42.54 51.12 25.81
C LYS C 249 -41.93 50.37 24.64
N CYS C 250 -42.63 50.28 23.51
CA CYS C 250 -42.09 49.62 22.33
C CYS C 250 -41.22 50.53 21.48
N PHE C 251 -41.08 51.79 21.84
CA PHE C 251 -40.38 52.80 21.08
C PHE C 251 -39.42 53.55 21.99
N PRO C 252 -38.43 54.25 21.43
CA PRO C 252 -37.60 55.16 22.23
C PRO C 252 -38.45 56.21 22.90
N PRO C 253 -37.97 56.78 24.03
CA PRO C 253 -38.87 57.57 24.91
C PRO C 253 -39.52 58.77 24.25
N GLY C 254 -38.85 59.44 23.33
CA GLY C 254 -39.38 60.65 22.73
C GLY C 254 -40.19 60.45 21.46
N VAL C 255 -40.49 59.20 21.09
CA VAL C 255 -41.11 58.95 19.79
C VAL C 255 -42.60 59.24 19.81
N ILE C 256 -43.32 58.66 20.77
CA ILE C 256 -44.77 58.77 20.84
C ILE C 256 -45.16 59.20 22.25
N GLY C 257 -46.38 59.72 22.39
CA GLY C 257 -46.86 60.17 23.68
C GLY C 257 -48.36 59.98 23.81
N ILE C 258 -48.82 60.02 25.05
CA ILE C 258 -50.24 59.88 25.38
C ILE C 258 -50.80 61.27 25.62
N ASP C 259 -51.85 61.62 24.87
CA ASP C 259 -52.56 62.88 25.08
C ASP C 259 -53.22 62.88 26.45
N GLU C 260 -53.17 64.01 27.13
CA GLU C 260 -53.73 64.08 28.48
C GLU C 260 -55.25 64.08 28.47
N GLY C 261 -55.87 64.57 27.40
CA GLY C 261 -57.32 64.65 27.33
C GLY C 261 -58.00 63.33 27.04
N SER C 262 -57.76 62.79 25.85
CA SER C 262 -58.41 61.56 25.40
C SER C 262 -57.73 60.30 25.92
N ASP C 263 -56.53 60.41 26.49
CA ASP C 263 -55.75 59.28 27.00
C ASP C 263 -55.53 58.22 25.91
N GLU C 264 -55.12 58.69 24.73
CA GLU C 264 -54.80 57.83 23.62
C GLU C 264 -53.41 58.16 23.11
N ALA C 265 -52.75 57.16 22.53
CA ALA C 265 -51.37 57.35 22.08
C ALA C 265 -51.33 57.93 20.68
N TYR C 266 -50.40 58.86 20.46
CA TYR C 266 -50.19 59.47 19.16
C TYR C 266 -48.70 59.66 18.93
N VAL C 267 -48.32 59.66 17.65
CA VAL C 267 -46.92 59.78 17.28
C VAL C 267 -46.47 61.22 17.47
N LYS C 268 -45.40 61.41 18.25
CA LYS C 268 -44.87 62.73 18.55
C LYS C 268 -43.69 63.09 17.66
N ASP C 269 -42.69 62.21 17.56
CA ASP C 269 -41.50 62.48 16.75
C ASP C 269 -41.05 61.15 16.14
N ALA C 270 -41.36 60.95 14.86
CA ALA C 270 -40.97 59.73 14.18
C ALA C 270 -39.49 59.70 13.81
N ARG C 271 -38.81 60.86 13.88
CA ARG C 271 -37.39 60.89 13.54
C ARG C 271 -36.55 60.15 14.58
N LYS C 272 -36.95 60.22 15.85
CA LYS C 272 -36.22 59.54 16.91
C LYS C 272 -36.40 58.04 16.87
N ASP C 273 -37.33 57.53 16.06
CA ASP C 273 -37.68 56.11 16.06
C ASP C 273 -36.63 55.33 15.28
N THR C 274 -35.68 54.74 15.99
CA THR C 274 -34.89 53.67 15.40
C THR C 274 -35.79 52.45 15.22
N VAL C 275 -35.82 51.89 14.02
CA VAL C 275 -36.82 50.88 13.71
C VAL C 275 -36.42 49.54 14.31
N SER C 276 -36.82 49.33 15.56
CA SER C 276 -36.61 48.07 16.25
C SER C 276 -37.78 47.11 16.11
N ARG C 277 -38.89 47.58 15.51
CA ARG C 277 -40.14 46.83 15.31
C ARG C 277 -40.50 45.92 16.50
N GLU C 278 -40.30 46.46 17.70
CA GLU C 278 -40.66 45.73 18.92
C GLU C 278 -42.17 45.57 19.04
N VAL C 279 -42.92 46.58 18.61
CA VAL C 279 -44.37 46.56 18.73
C VAL C 279 -45.01 45.44 17.91
N LEU C 280 -44.30 44.95 16.90
CA LEU C 280 -44.79 43.83 16.10
C LEU C 280 -44.67 42.49 16.81
N ARG C 281 -44.00 42.43 17.96
CA ARG C 281 -43.92 41.18 18.71
C ARG C 281 -45.23 40.84 19.41
N TYR C 282 -45.98 41.85 19.82
CA TYR C 282 -47.14 41.65 20.70
C TYR C 282 -48.41 41.55 19.87
N GLU C 283 -49.23 40.54 20.19
CA GLU C 283 -50.41 40.25 19.38
C GLU C 283 -51.49 41.29 19.55
N GLU C 284 -51.49 42.02 20.66
CA GLU C 284 -52.56 42.99 20.92
C GLU C 284 -52.45 44.19 19.98
N PHE C 285 -51.25 44.52 19.52
CA PHE C 285 -51.06 45.64 18.62
C PHE C 285 -51.08 45.25 17.16
N ALA C 286 -51.32 43.97 16.85
CA ALA C 286 -51.52 43.57 15.46
C ALA C 286 -52.83 44.15 14.94
N ASP C 287 -52.80 44.58 13.68
CA ASP C 287 -53.90 45.28 13.02
C ASP C 287 -54.30 46.55 13.76
N LYS C 288 -53.35 47.15 14.48
CA LYS C 288 -53.55 48.44 15.13
C LYS C 288 -52.45 49.44 14.85
N VAL C 289 -51.26 49.00 14.46
CA VAL C 289 -50.15 49.88 14.13
C VAL C 289 -49.38 49.26 12.98
N LYS C 290 -48.94 50.11 12.06
CA LYS C 290 -48.08 49.67 10.96
C LYS C 290 -46.87 50.59 10.87
N LEU C 291 -45.74 50.02 10.48
CA LEU C 291 -44.48 50.73 10.43
C LEU C 291 -43.96 50.79 9.00
N GLY C 292 -43.30 51.89 8.67
CA GLY C 292 -42.72 52.02 7.36
C GLY C 292 -41.62 53.06 7.37
N ARG C 293 -40.97 53.19 6.22
CA ARG C 293 -39.97 54.24 6.02
C ARG C 293 -40.27 54.93 4.71
N VAL C 294 -40.16 56.26 4.69
CA VAL C 294 -40.38 57.00 3.45
C VAL C 294 -39.18 56.76 2.54
N ARG C 295 -39.46 56.25 1.33
CA ARG C 295 -38.39 55.77 0.47
C ARG C 295 -37.56 56.90 -0.12
N ASN C 296 -38.15 58.08 -0.30
CA ASN C 296 -37.47 59.21 -0.91
C ASN C 296 -37.32 60.36 0.08
N HIS C 297 -36.96 60.03 1.33
CA HIS C 297 -36.78 61.02 2.40
C HIS C 297 -35.57 60.55 3.21
N PHE C 298 -34.39 61.07 2.86
CA PHE C 298 -33.14 60.60 3.42
C PHE C 298 -32.65 61.59 4.48
N ILE C 299 -32.15 61.05 5.58
CA ILE C 299 -31.59 61.90 6.64
C ILE C 299 -30.08 61.68 6.69
N PHE C 300 -29.33 62.50 5.95
CA PHE C 300 -27.88 62.38 5.93
C PHE C 300 -27.30 62.90 7.23
N ASN C 301 -26.30 62.18 7.75
CA ASN C 301 -25.54 62.59 8.93
C ASN C 301 -24.07 62.44 8.55
N VAL C 302 -23.44 63.55 8.20
CA VAL C 302 -22.06 63.56 7.70
C VAL C 302 -21.18 64.08 8.83
N GLU C 303 -20.31 63.22 9.37
CA GLU C 303 -19.35 63.62 10.37
C GLU C 303 -17.98 63.72 9.72
N SER C 304 -17.34 64.88 9.84
CA SER C 304 -16.04 65.07 9.26
C SER C 304 -14.95 64.49 10.15
N ALA C 305 -13.80 64.23 9.55
CA ALA C 305 -12.62 63.81 10.31
C ALA C 305 -11.83 64.99 10.86
N GLY C 306 -12.25 66.21 10.54
CA GLY C 306 -11.61 67.41 11.05
C GLY C 306 -10.86 68.21 10.01
N ALA C 307 -10.62 67.66 8.81
CA ALA C 307 -9.89 68.39 7.79
C ALA C 307 -10.70 69.56 7.25
N MET C 308 -12.00 69.36 7.02
CA MET C 308 -12.83 70.38 6.41
C MET C 308 -14.29 70.10 6.74
N THR C 309 -15.13 71.11 6.50
CA THR C 309 -16.50 71.10 6.98
C THR C 309 -17.33 70.05 6.24
N PRO C 310 -18.32 69.45 6.91
CA PRO C 310 -19.17 68.44 6.25
C PRO C 310 -19.98 68.98 5.09
N GLU C 311 -20.42 70.24 5.15
CA GLU C 311 -21.16 70.82 4.03
C GLU C 311 -20.28 70.94 2.81
N GLU C 312 -18.99 71.27 3.01
CA GLU C 312 -18.03 71.28 1.92
C GLU C 312 -17.85 69.88 1.35
N ILE C 313 -17.87 68.86 2.21
CA ILE C 313 -17.72 67.49 1.75
C ILE C 313 -18.90 67.08 0.87
N PHE C 314 -20.12 67.40 1.31
CA PHE C 314 -21.31 67.06 0.53
C PHE C 314 -21.32 67.81 -0.80
N PHE C 315 -20.97 69.10 -0.78
CA PHE C 315 -20.91 69.88 -2.00
C PHE C 315 -19.87 69.32 -2.96
N LYS C 316 -18.71 68.91 -2.43
CA LYS C 316 -17.67 68.33 -3.27
C LYS C 316 -18.14 67.00 -3.87
N SER C 317 -18.92 66.23 -3.11
CA SER C 317 -19.45 64.97 -3.66
C SER C 317 -20.41 65.22 -4.80
N VAL C 318 -21.31 66.21 -4.63
CA VAL C 318 -22.24 66.56 -5.72
C VAL C 318 -21.48 67.04 -6.94
N ARG C 319 -20.45 67.87 -6.72
CA ARG C 319 -19.65 68.37 -7.83
C ARG C 319 -18.88 67.25 -8.52
N ILE C 320 -18.43 66.26 -7.76
CA ILE C 320 -17.71 65.13 -8.35
C ILE C 320 -18.64 64.30 -9.21
N LEU C 321 -19.86 64.06 -8.75
CA LEU C 321 -20.83 63.32 -9.58
C LEU C 321 -21.16 64.08 -10.86
N LYS C 322 -21.36 65.40 -10.75
CA LYS C 322 -21.64 66.21 -11.93
C LYS C 322 -20.47 66.20 -12.90
N ASN C 323 -19.24 66.25 -12.38
CA ASN C 323 -18.06 66.22 -13.23
C ASN C 323 -17.87 64.85 -13.89
N LYS C 324 -18.23 63.78 -13.19
CA LYS C 324 -18.22 62.45 -13.82
C LYS C 324 -19.18 62.41 -15.00
N ALA C 325 -20.40 62.91 -14.80
CA ALA C 325 -21.37 62.92 -15.90
C ALA C 325 -20.90 63.80 -17.06
N GLU C 326 -20.32 64.96 -16.75
CA GLU C 326 -19.85 65.85 -17.81
C GLU C 326 -18.67 65.25 -18.57
N TYR C 327 -17.75 64.60 -17.85
CA TYR C 327 -16.59 63.98 -18.49
C TYR C 327 -17.03 62.83 -19.39
N LEU C 328 -18.02 62.05 -18.95
CA LEU C 328 -18.53 60.99 -19.82
C LEU C 328 -19.27 61.57 -21.02
N LYS C 329 -19.93 62.71 -20.85
CA LYS C 329 -20.63 63.31 -21.98
C LYS C 329 -19.66 63.86 -23.02
N ASN C 330 -18.53 64.41 -22.57
CA ASN C 330 -17.59 65.04 -23.49
C ASN C 330 -16.69 64.04 -24.21
N CYS C 331 -16.61 62.80 -23.75
CA CYS C 331 -15.71 61.82 -24.36
C CYS C 331 -16.28 61.32 -25.69
N PRO C 332 -15.42 60.98 -26.63
CA PRO C 332 -15.87 60.31 -27.86
C PRO C 332 -15.98 58.81 -27.67
N ILE C 333 -16.97 58.24 -28.35
CA ILE C 333 -17.29 56.82 -28.20
C ILE C 333 -16.52 56.03 -29.26
N THR C 334 -15.54 55.25 -28.81
CA THR C 334 -14.71 54.47 -29.70
C THR C 334 -15.36 53.12 -30.01
N GLN C 335 -15.41 52.78 -31.28
CA GLN C 335 -15.95 51.48 -31.69
C GLN C 335 -14.88 50.40 -31.64
N MET D 1 16.22 0.02 -44.55
CA MET D 1 16.83 -0.02 -45.88
C MET D 1 17.11 -1.46 -46.27
N LYS D 2 16.34 -1.97 -47.21
CA LYS D 2 16.48 -3.33 -47.70
C LYS D 2 16.60 -3.30 -49.22
N VAL D 3 17.60 -4.00 -49.75
CA VAL D 3 17.80 -4.11 -51.19
C VAL D 3 16.97 -5.28 -51.69
N LEU D 4 15.88 -4.98 -52.40
CA LEU D 4 15.02 -6.03 -52.92
C LEU D 4 15.75 -6.87 -53.97
N GLU D 5 16.53 -6.22 -54.83
CA GLU D 5 17.35 -6.92 -55.81
C GLU D 5 18.52 -6.03 -56.18
N GLU D 6 19.71 -6.61 -56.21
CA GLU D 6 20.94 -5.83 -56.39
C GLU D 6 20.99 -5.17 -57.75
N ARG D 7 20.55 -5.87 -58.80
CA ARG D 7 20.57 -5.36 -60.16
C ARG D 7 19.21 -5.58 -60.80
N ASN D 8 18.44 -4.51 -60.94
CA ASN D 8 17.14 -4.58 -61.60
C ASN D 8 17.24 -4.40 -63.11
N ALA D 9 18.11 -3.52 -63.58
CA ALA D 9 18.21 -3.23 -65.00
C ALA D 9 19.60 -2.67 -65.28
N PHE D 10 19.93 -2.62 -66.57
CA PHE D 10 21.19 -2.08 -67.04
C PHE D 10 20.94 -0.72 -67.68
N LEU D 11 21.69 0.29 -67.24
CA LEU D 11 21.56 1.64 -67.77
C LEU D 11 22.74 1.94 -68.68
N SER D 12 22.47 2.33 -69.91
CA SER D 12 23.50 2.86 -70.78
C SER D 12 23.92 4.24 -70.30
N ASP D 13 25.14 4.64 -70.68
CA ASP D 13 25.61 5.97 -70.32
C ASP D 13 24.79 7.06 -70.99
N TYR D 14 24.20 6.76 -72.16
CA TYR D 14 23.31 7.73 -72.80
C TYR D 14 22.07 7.96 -71.96
N GLU D 15 21.48 6.90 -71.41
CA GLU D 15 20.29 7.05 -70.56
C GLU D 15 20.59 7.86 -69.32
N VAL D 16 21.73 7.57 -68.67
CA VAL D 16 22.12 8.30 -67.47
C VAL D 16 22.37 9.77 -67.79
N LEU D 17 23.07 10.03 -68.91
CA LEU D 17 23.35 11.42 -69.30
C LEU D 17 22.08 12.17 -69.62
N LYS D 18 21.15 11.54 -70.34
CA LYS D 18 19.89 12.19 -70.69
C LYS D 18 19.05 12.47 -69.45
N PHE D 19 18.96 11.49 -68.55
CA PHE D 19 18.19 11.66 -67.33
C PHE D 19 18.78 12.76 -66.45
N LEU D 20 20.11 12.82 -66.34
CA LEU D 20 20.71 13.82 -65.48
C LEU D 20 20.67 15.21 -66.10
N THR D 21 20.74 15.31 -67.43
CA THR D 21 20.55 16.61 -68.06
C THR D 21 19.11 17.09 -67.88
N ASP D 22 18.14 16.18 -67.97
CA ASP D 22 16.75 16.56 -67.67
C ASP D 22 16.59 16.99 -66.22
N LEU D 23 17.27 16.29 -65.31
CA LEU D 23 17.21 16.66 -63.89
C LEU D 23 17.81 18.04 -63.65
N GLU D 24 18.94 18.33 -64.29
CA GLU D 24 19.60 19.62 -64.12
C GLU D 24 18.79 20.75 -64.74
N LYS D 25 18.11 20.47 -65.87
CA LYS D 25 17.22 21.47 -66.44
C LYS D 25 16.01 21.71 -65.54
N LYS D 26 15.49 20.64 -64.92
CA LYS D 26 14.34 20.79 -64.03
C LYS D 26 14.71 21.57 -62.77
N HIS D 27 15.86 21.29 -62.18
CA HIS D 27 16.28 21.92 -60.94
C HIS D 27 17.09 23.19 -61.15
N LEU D 28 17.26 23.63 -62.40
CA LEU D 28 18.01 24.83 -62.76
C LEU D 28 19.45 24.75 -62.24
N TRP D 29 20.13 23.68 -62.65
CA TRP D 29 21.51 23.43 -62.25
C TRP D 29 22.50 23.53 -63.41
N ASP D 30 22.03 23.70 -64.64
CA ASP D 30 22.93 23.78 -65.79
C ASP D 30 23.75 25.06 -65.73
N GLN D 31 24.89 25.03 -66.44
CA GLN D 31 25.79 26.18 -66.44
C GLN D 31 25.12 27.42 -67.04
N LYS D 32 24.30 27.22 -68.08
CA LYS D 32 23.54 28.33 -68.65
C LYS D 32 22.55 28.90 -67.65
N SER D 33 21.85 28.01 -66.93
CA SER D 33 20.83 28.45 -65.98
C SER D 33 21.44 29.16 -64.78
N LEU D 34 22.57 28.67 -64.27
CA LEU D 34 23.20 29.32 -63.13
C LEU D 34 23.92 30.60 -63.55
N ALA D 35 24.45 30.65 -64.77
CA ALA D 35 25.10 31.88 -65.24
C ALA D 35 24.09 32.95 -65.59
N ALA D 36 22.89 32.57 -66.01
CA ALA D 36 21.89 33.56 -66.40
C ALA D 36 21.21 34.19 -65.20
N LEU D 37 20.65 33.37 -64.31
CA LEU D 37 19.87 33.90 -63.19
C LEU D 37 20.76 34.35 -62.04
N LYS D 38 21.56 33.44 -61.50
CA LYS D 38 22.36 33.72 -60.32
C LYS D 38 23.57 34.60 -60.60
N LYS D 39 23.92 34.82 -61.86
CA LYS D 39 25.08 35.62 -62.22
C LYS D 39 24.69 36.68 -63.24
N SER D 40 25.46 37.76 -63.27
CA SER D 40 25.39 38.89 -64.20
C SER D 40 24.12 39.73 -64.06
N ARG D 41 23.22 39.39 -63.15
CA ARG D 41 22.02 40.19 -62.94
C ARG D 41 21.49 39.91 -61.54
N SER D 42 20.72 40.86 -61.02
CA SER D 42 20.11 40.72 -59.71
C SER D 42 18.96 39.71 -59.76
N LYS D 43 18.74 39.04 -58.62
CA LYS D 43 17.66 38.06 -58.51
C LYS D 43 16.41 38.73 -57.94
N GLY D 44 15.76 39.52 -58.79
CA GLY D 44 14.52 40.15 -58.40
C GLY D 44 13.40 39.16 -58.17
N LYS D 45 13.34 38.12 -59.01
CA LYS D 45 12.36 37.05 -58.81
C LYS D 45 12.68 36.21 -57.58
N GLN D 46 13.96 36.16 -57.17
CA GLN D 46 14.43 35.33 -56.07
C GLN D 46 14.09 33.86 -56.28
N ASN D 47 14.19 33.41 -57.53
CA ASN D 47 13.95 32.01 -57.89
C ASN D 47 15.21 31.23 -57.58
N ARG D 48 15.36 30.85 -56.31
CA ARG D 48 16.52 30.12 -55.85
C ARG D 48 16.59 28.74 -56.48
N PRO D 49 17.79 28.24 -56.77
CA PRO D 49 17.93 26.87 -57.26
C PRO D 49 17.73 25.86 -56.13
N TYR D 50 17.82 24.59 -56.49
CA TYR D 50 17.67 23.52 -55.51
C TYR D 50 18.82 23.56 -54.52
N ASN D 51 18.49 23.44 -53.23
CA ASN D 51 19.46 23.70 -52.18
C ASN D 51 20.48 22.56 -52.05
N HIS D 52 20.06 21.33 -52.37
CA HIS D 52 20.81 20.10 -52.12
C HIS D 52 22.20 20.13 -52.74
N PRO D 53 23.26 20.24 -51.91
CA PRO D 53 24.61 20.38 -52.47
C PRO D 53 25.23 19.06 -52.91
N GLU D 54 24.92 17.97 -52.19
CA GLU D 54 25.55 16.68 -52.51
C GLU D 54 25.04 16.14 -53.84
N LEU D 55 23.72 16.18 -54.06
CA LEU D 55 23.16 15.74 -55.32
C LEU D 55 23.63 16.60 -56.48
N GLN D 56 23.71 17.93 -56.26
CA GLN D 56 24.21 18.82 -57.29
C GLN D 56 25.66 18.50 -57.64
N GLY D 57 26.49 18.24 -56.63
CA GLY D 57 27.88 17.92 -56.88
C GLY D 57 28.06 16.62 -57.64
N ILE D 58 27.33 15.58 -57.23
CA ILE D 58 27.49 14.29 -57.90
C ILE D 58 26.93 14.35 -59.33
N THR D 59 25.82 15.07 -59.54
CA THR D 59 25.28 15.13 -60.90
C THR D 59 26.14 16.02 -61.79
N ARG D 60 26.79 17.03 -61.21
CA ARG D 60 27.73 17.84 -62.00
C ARG D 60 28.94 17.02 -62.39
N ASN D 61 29.47 16.22 -61.46
CA ASN D 61 30.61 15.36 -61.77
C ASN D 61 30.26 14.33 -62.84
N VAL D 62 29.07 13.72 -62.75
CA VAL D 62 28.69 12.71 -63.73
C VAL D 62 28.45 13.35 -65.10
N VAL D 63 27.80 14.53 -65.13
CA VAL D 63 27.52 15.16 -66.42
C VAL D 63 28.81 15.69 -67.05
N ASN D 64 29.79 16.07 -66.23
CA ASN D 64 31.09 16.47 -66.78
C ASN D 64 31.87 15.27 -67.28
N TYR D 65 31.79 14.15 -66.57
CA TYR D 65 32.49 12.94 -67.00
C TYR D 65 31.89 12.40 -68.31
N LEU D 66 30.56 12.41 -68.42
CA LEU D 66 29.91 11.91 -69.63
C LEU D 66 29.85 12.94 -70.74
N SER D 67 30.11 14.22 -70.44
CA SER D 67 30.06 15.27 -71.45
C SER D 67 31.37 15.41 -72.20
N ILE D 68 32.50 15.28 -71.50
CA ILE D 68 33.79 15.33 -72.18
C ILE D 68 33.96 14.08 -73.02
N ASN D 69 34.86 14.15 -74.00
CA ASN D 69 34.94 13.11 -75.02
C ASN D 69 35.36 11.76 -74.46
N LYS D 70 34.75 10.70 -74.99
CA LYS D 70 35.20 9.35 -74.70
C LYS D 70 36.60 9.15 -75.27
N ASN D 71 37.45 8.45 -74.53
CA ASN D 71 38.86 8.35 -74.89
C ASN D 71 39.10 7.14 -75.80
N PHE D 72 38.38 7.14 -76.92
CA PHE D 72 38.78 6.31 -78.05
C PHE D 72 39.99 6.90 -78.75
N ILE D 73 40.17 8.22 -78.65
CA ILE D 73 41.30 8.92 -79.25
C ILE D 73 41.67 10.06 -78.32
N ASN D 74 42.89 10.58 -78.48
CA ASN D 74 43.35 11.69 -77.65
C ASN D 74 42.64 13.01 -77.97
N GLU D 91 35.84 16.86 -79.34
CA GLU D 91 35.99 17.08 -77.90
C GLU D 91 34.70 16.72 -77.16
N LYS D 92 33.77 16.08 -77.86
CA LYS D 92 32.51 15.63 -77.28
C LYS D 92 32.45 14.11 -77.28
N SER D 93 31.65 13.58 -76.37
CA SER D 93 31.59 12.13 -76.16
C SER D 93 30.73 11.41 -77.19
N GLY D 94 29.91 12.13 -77.94
CA GLY D 94 28.99 11.52 -78.89
C GLY D 94 27.67 11.08 -78.29
N ILE D 95 27.71 10.53 -77.07
CA ILE D 95 26.47 10.17 -76.37
C ILE D 95 25.69 11.42 -76.01
N SER D 96 26.37 12.55 -75.83
CA SER D 96 25.68 13.82 -75.61
C SER D 96 25.03 14.35 -76.87
N LYS D 97 25.31 13.77 -78.04
CA LYS D 97 24.74 14.20 -79.29
C LYS D 97 23.64 13.27 -79.80
N MET D 98 23.55 12.05 -79.26
CA MET D 98 22.60 11.08 -79.78
C MET D 98 21.18 11.39 -79.30
N SER D 99 20.22 10.74 -79.95
CA SER D 99 18.80 10.88 -79.64
C SER D 99 18.20 9.50 -79.43
N ASP D 100 16.89 9.45 -79.23
CA ASP D 100 16.21 8.19 -78.96
C ASP D 100 16.17 7.29 -80.18
N GLU D 101 15.77 7.85 -81.34
CA GLU D 101 15.66 7.03 -82.54
C GLU D 101 17.03 6.63 -83.07
N SER D 102 18.02 7.51 -82.92
CA SER D 102 19.39 7.16 -83.29
C SER D 102 19.91 6.02 -82.42
N PHE D 103 19.65 6.11 -81.11
CA PHE D 103 19.99 5.01 -80.20
C PHE D 103 19.32 3.72 -80.62
N ALA D 104 18.03 3.79 -80.94
CA ALA D 104 17.29 2.59 -81.30
C ALA D 104 17.85 1.94 -82.56
N GLU D 105 18.11 2.74 -83.60
CA GLU D 105 18.57 2.17 -84.86
C GLU D 105 20.00 1.65 -84.75
N LEU D 106 20.86 2.37 -84.03
CA LEU D 106 22.23 1.89 -83.82
C LEU D 106 22.24 0.61 -83.01
N MET D 107 21.41 0.53 -81.97
CA MET D 107 21.38 -0.67 -81.14
C MET D 107 20.81 -1.85 -81.92
N THR D 108 19.76 -1.64 -82.71
CA THR D 108 19.20 -2.72 -83.51
C THR D 108 20.19 -3.18 -84.58
N LYS D 109 21.05 -2.28 -85.06
CA LYS D 109 22.19 -2.72 -85.86
C LYS D 109 23.14 -3.58 -85.03
N LEU D 110 23.28 -3.27 -83.74
CA LEU D 110 24.20 -4.02 -82.89
C LEU D 110 23.68 -5.41 -82.55
N ASN D 111 22.35 -5.61 -82.47
CA ASN D 111 21.84 -6.95 -82.21
C ASN D 111 22.07 -7.90 -83.37
N SER D 112 22.25 -7.36 -84.58
CA SER D 112 22.41 -8.22 -85.75
C SER D 112 23.72 -9.01 -85.73
N PHE D 113 24.70 -8.58 -84.94
CA PHE D 113 25.98 -9.24 -84.86
C PHE D 113 25.98 -10.27 -83.71
N LYS D 114 27.10 -10.95 -83.53
CA LYS D 114 27.22 -12.00 -82.51
C LYS D 114 27.86 -11.41 -81.25
N LEU D 115 27.11 -10.49 -80.62
CA LEU D 115 27.55 -9.81 -79.42
C LEU D 115 26.63 -10.13 -78.26
N PHE D 116 27.18 -10.10 -77.06
CA PHE D 116 26.41 -10.35 -75.84
C PHE D 116 25.91 -9.04 -75.25
N LYS D 117 25.10 -9.15 -74.20
CA LYS D 117 24.49 -7.97 -73.58
C LYS D 117 25.54 -7.07 -72.95
N ALA D 118 26.52 -7.66 -72.24
CA ALA D 118 27.57 -6.86 -71.63
C ALA D 118 28.47 -6.21 -72.67
N GLU D 119 28.81 -6.96 -73.73
CA GLU D 119 29.63 -6.42 -74.80
C GLU D 119 28.93 -5.28 -75.52
N LYS D 120 27.64 -5.46 -75.81
CA LYS D 120 26.85 -4.39 -76.44
C LYS D 120 26.76 -3.18 -75.52
N LEU D 121 26.60 -3.41 -74.21
CA LEU D 121 26.55 -2.31 -73.26
C LEU D 121 27.84 -1.52 -73.26
N GLN D 122 28.98 -2.20 -73.27
CA GLN D 122 30.28 -1.51 -73.30
C GLN D 122 30.47 -0.76 -74.61
N ILE D 123 30.04 -1.36 -75.74
CA ILE D 123 30.12 -0.69 -77.03
C ILE D 123 29.30 0.59 -77.03
N VAL D 124 28.08 0.54 -76.50
CA VAL D 124 27.23 1.72 -76.46
C VAL D 124 27.78 2.76 -75.49
N ASN D 125 28.40 2.32 -74.39
CA ASN D 125 28.92 3.28 -73.42
C ASN D 125 30.13 4.03 -73.98
N GLN D 126 31.09 3.33 -74.57
CA GLN D 126 32.37 3.94 -74.86
C GLN D 126 32.52 4.44 -76.30
N LEU D 127 31.73 3.91 -77.25
CA LEU D 127 31.84 4.22 -78.68
C LEU D 127 33.27 4.04 -79.18
N PRO D 128 33.76 2.81 -79.33
CA PRO D 128 35.15 2.61 -79.74
C PRO D 128 35.40 3.10 -81.17
N ALA D 129 36.51 3.82 -81.32
CA ALA D 129 37.03 4.22 -82.63
C ALA D 129 38.39 3.61 -82.90
N ASN D 130 39.18 3.38 -81.86
CA ASN D 130 40.45 2.69 -82.00
C ASN D 130 40.21 1.22 -82.31
N MET D 131 41.14 0.64 -83.08
CA MET D 131 41.03 -0.77 -83.44
C MET D 131 41.34 -1.65 -82.24
N VAL D 132 42.39 -1.31 -81.49
CA VAL D 132 42.82 -2.12 -80.34
C VAL D 132 41.83 -1.99 -79.19
N HIS D 133 41.16 -0.84 -79.06
CA HIS D 133 40.14 -0.69 -78.03
C HIS D 133 38.95 -1.61 -78.31
N LEU D 134 38.55 -1.70 -79.58
CA LEU D 134 37.51 -2.65 -79.97
C LEU D 134 37.97 -4.09 -79.77
N TYR D 135 39.27 -4.35 -79.96
CA TYR D 135 39.82 -5.64 -79.55
C TYR D 135 39.63 -5.88 -78.07
N SER D 136 39.85 -4.83 -77.25
CA SER D 136 39.87 -4.99 -75.80
C SER D 136 38.49 -5.22 -75.24
N ILE D 137 37.46 -4.56 -75.80
CA ILE D 137 36.12 -4.65 -75.21
C ILE D 137 35.55 -6.06 -75.33
N VAL D 138 35.60 -6.64 -76.53
CA VAL D 138 35.01 -7.94 -76.79
C VAL D 138 36.09 -9.01 -76.75
N GLU D 139 35.79 -10.12 -76.07
CA GLU D 139 36.75 -11.21 -75.94
C GLU D 139 36.62 -12.19 -77.09
N GLU D 140 37.75 -12.82 -77.44
CA GLU D 140 37.84 -13.75 -78.57
C GLU D 140 37.36 -13.10 -79.87
N CYS D 141 37.79 -11.85 -80.08
CA CYS D 141 37.34 -11.08 -81.23
C CYS D 141 37.82 -11.68 -82.55
N ASP D 142 39.08 -12.13 -82.59
CA ASP D 142 39.63 -12.68 -83.81
C ASP D 142 39.01 -14.03 -84.16
N ALA D 143 38.76 -14.86 -83.15
CA ALA D 143 38.19 -16.19 -83.40
C ALA D 143 36.71 -16.09 -83.76
N ARG D 144 35.96 -15.25 -83.06
CA ARG D 144 34.52 -15.17 -83.28
C ARG D 144 34.19 -14.44 -84.58
N PHE D 145 34.90 -13.35 -84.86
CA PHE D 145 34.60 -12.48 -86.00
C PHE D 145 35.78 -12.45 -86.95
N ASP D 146 35.50 -12.56 -88.24
CA ASP D 146 36.52 -12.32 -89.26
C ASP D 146 36.69 -10.82 -89.49
N GLU D 147 37.69 -10.47 -90.30
CA GLU D 147 38.08 -9.07 -90.47
C GLU D 147 36.96 -8.24 -91.09
N LYS D 148 36.14 -8.85 -91.94
CA LYS D 148 35.06 -8.11 -92.62
C LYS D 148 34.03 -7.58 -91.62
N THR D 149 33.57 -8.46 -90.72
CA THR D 149 32.55 -8.05 -89.76
C THR D 149 33.11 -7.04 -88.74
N ILE D 150 34.38 -7.18 -88.35
CA ILE D 150 34.98 -6.22 -87.44
C ILE D 150 35.11 -4.86 -88.12
N GLU D 151 35.49 -4.85 -89.40
CA GLU D 151 35.54 -3.60 -90.14
C GLU D 151 34.16 -2.96 -90.24
N GLU D 152 33.12 -3.76 -90.51
CA GLU D 152 31.77 -3.24 -90.60
C GLU D 152 31.30 -2.65 -89.27
N MET D 153 31.56 -3.37 -88.16
CA MET D 153 31.10 -2.86 -86.87
C MET D 153 31.89 -1.62 -86.46
N LEU D 154 33.18 -1.56 -86.79
CA LEU D 154 33.96 -0.36 -86.50
C LEU D 154 33.44 0.83 -87.31
N GLU D 155 33.08 0.61 -88.58
CA GLU D 155 32.51 1.68 -89.38
C GLU D 155 31.15 2.13 -88.84
N ILE D 156 30.34 1.17 -88.37
CA ILE D 156 29.01 1.52 -87.85
C ILE D 156 29.15 2.34 -86.56
N ILE D 157 30.03 1.91 -85.66
CA ILE D 157 30.21 2.61 -84.39
C ILE D 157 30.82 3.98 -84.63
N SER D 158 31.85 4.06 -85.48
CA SER D 158 32.54 5.32 -85.71
C SER D 158 31.67 6.32 -86.46
N GLY D 159 30.62 5.85 -87.13
CA GLY D 159 29.74 6.74 -87.86
C GLY D 159 28.79 7.56 -87.01
N TYR D 160 28.66 7.22 -85.73
CA TYR D 160 27.81 7.93 -84.77
C TYR D 160 26.36 8.02 -85.25
N ALA D 161 25.74 6.83 -85.37
CA ALA D 161 24.35 6.68 -85.78
C ALA D 161 24.06 7.34 -87.13
N MET E 1 -38.93 -49.01 10.52
CA MET E 1 -39.40 -47.88 11.32
C MET E 1 -39.44 -46.62 10.47
N ASP E 2 -39.47 -45.45 11.11
CA ASP E 2 -39.72 -44.21 10.37
C ASP E 2 -38.43 -43.55 9.92
N GLN E 3 -37.57 -43.20 10.87
CA GLN E 3 -36.43 -42.34 10.57
C GLN E 3 -35.42 -43.02 9.66
N GLU E 4 -35.05 -44.26 9.99
CA GLU E 4 -34.00 -44.94 9.24
C GLU E 4 -34.48 -45.41 7.87
N ASN E 5 -35.78 -45.63 7.70
CA ASN E 5 -36.31 -46.19 6.47
C ASN E 5 -36.94 -45.15 5.55
N GLU E 6 -37.95 -44.42 6.04
CA GLU E 6 -38.73 -43.55 5.16
C GLU E 6 -37.90 -42.37 4.67
N ARG E 7 -37.09 -41.77 5.54
CA ARG E 7 -36.26 -40.65 5.14
C ARG E 7 -35.22 -41.09 4.11
N ASN E 8 -34.62 -42.27 4.31
CA ASN E 8 -33.66 -42.78 3.34
C ASN E 8 -34.32 -43.08 2.00
N ILE E 9 -35.54 -43.63 2.03
CA ILE E 9 -36.26 -43.92 0.79
C ILE E 9 -36.58 -42.63 0.05
N SER E 10 -37.04 -41.61 0.77
CA SER E 10 -37.35 -40.33 0.14
C SER E 10 -36.11 -39.67 -0.45
N ARG E 11 -34.99 -39.72 0.29
CA ARG E 11 -33.74 -39.14 -0.21
C ARG E 11 -33.26 -39.88 -1.46
N LEU E 12 -33.34 -41.21 -1.46
CA LEU E 12 -32.94 -41.98 -2.64
C LEU E 12 -33.87 -41.71 -3.82
N TRP E 13 -35.17 -41.52 -3.55
CA TRP E 13 -36.12 -41.21 -4.63
C TRP E 13 -35.81 -39.86 -5.25
N ARG E 14 -35.52 -38.85 -4.41
CA ARG E 14 -35.19 -37.54 -4.96
C ARG E 14 -33.87 -37.57 -5.71
N ALA E 15 -32.90 -38.34 -5.22
CA ALA E 15 -31.63 -38.50 -5.93
C ALA E 15 -31.85 -39.18 -7.28
N PHE E 16 -32.73 -40.18 -7.32
CA PHE E 16 -33.06 -40.86 -8.57
C PHE E 16 -33.72 -39.91 -9.56
N ARG E 17 -34.62 -39.05 -9.07
CA ARG E 17 -35.25 -38.06 -9.94
C ARG E 17 -34.22 -37.08 -10.49
N THR E 18 -33.30 -36.63 -9.64
CA THR E 18 -32.26 -35.70 -10.09
C THR E 18 -31.35 -36.35 -11.12
N VAL E 19 -31.00 -37.63 -10.91
CA VAL E 19 -30.16 -38.34 -11.87
C VAL E 19 -30.90 -38.50 -13.21
N LYS E 20 -32.19 -38.81 -13.16
CA LYS E 20 -32.98 -38.92 -14.39
C LYS E 20 -33.03 -37.59 -15.12
N GLU E 21 -33.22 -36.49 -14.41
CA GLU E 21 -33.24 -35.17 -15.04
C GLU E 21 -31.87 -34.83 -15.63
N MET E 22 -30.80 -35.20 -14.93
CA MET E 22 -29.44 -34.95 -15.43
C MET E 22 -29.19 -35.72 -16.72
N VAL E 23 -29.60 -36.99 -16.77
CA VAL E 23 -29.39 -37.78 -17.97
C VAL E 23 -30.26 -37.27 -19.11
N LYS E 24 -31.48 -36.82 -18.80
CA LYS E 24 -32.35 -36.25 -19.83
C LYS E 24 -31.76 -34.96 -20.39
N ASP E 25 -31.15 -34.14 -19.54
CA ASP E 25 -30.59 -32.86 -19.99
C ASP E 25 -29.37 -33.04 -20.87
N ARG E 26 -28.73 -34.20 -20.84
CA ARG E 26 -27.58 -34.46 -21.71
C ARG E 26 -28.00 -34.92 -23.11
N GLY E 27 -29.29 -35.06 -23.37
CA GLY E 27 -29.78 -35.48 -24.67
C GLY E 27 -30.13 -36.94 -24.78
N TYR E 28 -29.98 -37.72 -23.71
CA TYR E 28 -30.31 -39.13 -23.75
C TYR E 28 -31.81 -39.33 -23.70
N PHE E 29 -32.27 -40.43 -24.27
CA PHE E 29 -33.71 -40.69 -24.42
C PHE E 29 -34.26 -41.13 -23.07
N ILE E 30 -34.93 -40.20 -22.38
CA ILE E 30 -35.71 -40.49 -21.19
C ILE E 30 -37.05 -39.80 -21.35
N THR E 31 -38.14 -40.55 -21.25
CA THR E 31 -39.46 -39.98 -21.44
C THR E 31 -39.82 -39.05 -20.30
N GLN E 32 -40.74 -38.13 -20.59
CA GLN E 32 -41.14 -37.15 -19.57
C GLN E 32 -41.84 -37.81 -18.40
N GLU E 33 -42.65 -38.85 -18.65
CA GLU E 33 -43.43 -39.51 -17.61
C GLU E 33 -42.57 -40.21 -16.57
N GLU E 34 -41.30 -40.45 -16.85
CA GLU E 34 -40.44 -41.22 -15.95
C GLU E 34 -39.78 -40.35 -14.89
N VAL E 35 -39.78 -39.03 -15.03
CA VAL E 35 -39.04 -38.17 -14.10
C VAL E 35 -39.88 -37.66 -12.93
N GLU E 36 -41.21 -37.66 -13.04
CA GLU E 36 -42.07 -37.37 -11.89
C GLU E 36 -42.66 -38.64 -11.29
N LEU E 37 -41.88 -39.74 -11.32
CA LEU E 37 -42.23 -41.01 -10.69
C LEU E 37 -42.50 -40.79 -9.21
N PRO E 38 -43.74 -40.94 -8.77
CA PRO E 38 -44.09 -40.60 -7.39
C PRO E 38 -43.51 -41.62 -6.41
N LEU E 39 -43.57 -41.24 -5.13
CA LEU E 39 -42.97 -42.06 -4.08
C LEU E 39 -43.68 -43.41 -3.94
N GLU E 40 -44.99 -43.43 -4.21
CA GLU E 40 -45.74 -44.69 -4.13
C GLU E 40 -45.29 -45.66 -5.21
N ASP E 41 -45.17 -45.18 -6.46
CA ASP E 41 -44.71 -46.05 -7.54
C ASP E 41 -43.24 -46.42 -7.34
N PHE E 42 -42.44 -45.51 -6.77
CA PHE E 42 -41.05 -45.84 -6.47
C PHE E 42 -40.96 -46.95 -5.43
N LYS E 43 -41.81 -46.90 -4.41
CA LYS E 43 -41.83 -47.97 -3.41
C LYS E 43 -42.33 -49.28 -4.02
N ALA E 44 -43.33 -49.19 -4.90
CA ALA E 44 -43.89 -50.39 -5.51
C ALA E 44 -42.95 -51.01 -6.55
N LYS E 45 -42.02 -50.24 -7.10
CA LYS E 45 -41.14 -50.74 -8.15
C LYS E 45 -39.74 -51.08 -7.66
N TYR E 46 -39.05 -50.13 -7.01
CA TYR E 46 -37.63 -50.27 -6.74
C TYR E 46 -37.33 -50.65 -5.30
N CYS E 47 -38.33 -50.77 -4.44
CA CYS E 47 -38.13 -51.09 -3.03
C CYS E 47 -38.45 -52.55 -2.76
N ASP E 48 -37.88 -53.07 -1.68
CA ASP E 48 -38.06 -54.46 -1.29
C ASP E 48 -39.45 -54.68 -0.70
N SER E 49 -39.81 -55.96 -0.53
CA SER E 49 -41.10 -56.30 0.05
C SER E 49 -41.20 -55.85 1.51
N MET E 50 -40.13 -56.04 2.28
CA MET E 50 -40.11 -55.64 3.68
C MET E 50 -39.87 -54.14 3.84
N GLY E 51 -39.47 -53.45 2.77
CA GLY E 51 -39.21 -52.03 2.84
C GLY E 51 -37.74 -51.66 2.88
N ARG E 52 -36.95 -52.22 1.99
CA ARG E 52 -35.56 -51.87 1.84
C ARG E 52 -35.29 -51.34 0.45
N PRO E 53 -34.36 -50.38 0.31
CA PRO E 53 -33.98 -49.91 -1.03
C PRO E 53 -33.05 -50.87 -1.74
N GLN E 54 -33.46 -51.36 -2.91
CA GLN E 54 -32.66 -52.27 -3.72
C GLN E 54 -31.95 -51.45 -4.78
N ARG E 55 -30.75 -50.99 -4.46
CA ARG E 55 -30.02 -50.09 -5.35
C ARG E 55 -29.48 -50.83 -6.58
N LYS E 56 -29.34 -52.15 -6.53
CA LYS E 56 -28.94 -52.89 -7.73
C LYS E 56 -30.06 -52.91 -8.76
N MET E 57 -31.31 -52.81 -8.33
CA MET E 57 -32.43 -52.83 -9.27
C MET E 57 -32.57 -51.49 -10.01
N MET E 58 -32.21 -50.39 -9.36
CA MET E 58 -32.43 -49.06 -9.89
C MET E 58 -31.28 -48.56 -10.77
N SER E 59 -30.22 -49.35 -10.91
CA SER E 59 -29.21 -49.07 -11.92
C SER E 59 -29.79 -49.33 -13.30
N PHE E 60 -29.43 -48.50 -14.28
CA PHE E 60 -30.00 -48.68 -15.60
C PHE E 60 -29.06 -48.14 -16.67
N GLN E 61 -29.53 -48.22 -17.92
CA GLN E 61 -28.81 -47.81 -19.11
C GLN E 61 -29.60 -46.75 -19.85
N ALA E 62 -28.89 -45.79 -20.43
CA ALA E 62 -29.53 -44.71 -21.17
C ALA E 62 -28.94 -44.63 -22.58
N ASN E 63 -29.81 -44.43 -23.56
CA ASN E 63 -29.43 -44.32 -24.96
C ASN E 63 -29.69 -42.91 -25.48
N PRO E 64 -28.86 -42.42 -26.40
CA PRO E 64 -29.06 -41.06 -26.92
C PRO E 64 -30.30 -40.95 -27.79
N THR E 65 -30.86 -39.73 -27.80
CA THR E 65 -32.00 -39.41 -28.66
C THR E 65 -31.50 -39.16 -30.08
N GLU E 66 -32.42 -39.24 -31.05
CA GLU E 66 -32.07 -38.99 -32.44
C GLU E 66 -31.59 -37.55 -32.64
N GLU E 67 -32.16 -36.60 -31.89
CA GLU E 67 -31.69 -35.22 -31.97
C GLU E 67 -30.29 -35.08 -31.41
N SER E 68 -30.00 -35.77 -30.30
CA SER E 68 -28.68 -35.69 -29.68
C SER E 68 -27.62 -36.32 -30.58
N ILE E 69 -27.94 -37.47 -31.19
CA ILE E 69 -26.96 -38.11 -32.08
C ILE E 69 -26.85 -37.33 -33.38
N SER E 70 -27.89 -36.59 -33.75
CA SER E 70 -27.79 -35.70 -34.91
C SER E 70 -26.83 -34.54 -34.62
N LYS E 71 -26.99 -33.91 -33.47
CA LYS E 71 -26.10 -32.80 -33.10
C LYS E 71 -24.72 -33.30 -32.69
N PHE E 72 -24.66 -34.38 -31.91
CA PHE E 72 -23.40 -34.95 -31.42
C PHE E 72 -23.28 -36.37 -31.96
N PRO E 73 -22.57 -36.57 -33.08
CA PRO E 73 -22.52 -37.91 -33.69
C PRO E 73 -21.69 -38.91 -32.91
N ASP E 74 -20.86 -38.48 -31.96
CA ASP E 74 -19.99 -39.38 -31.21
C ASP E 74 -20.58 -39.84 -29.89
N MET E 75 -21.83 -39.48 -29.59
CA MET E 75 -22.44 -39.82 -28.32
C MET E 75 -22.96 -41.25 -28.35
N GLY E 76 -22.70 -42.00 -27.27
CA GLY E 76 -23.17 -43.36 -27.14
C GLY E 76 -23.84 -43.57 -25.80
N SER E 77 -24.33 -44.79 -25.60
CA SER E 77 -25.12 -45.13 -24.42
C SER E 77 -24.26 -45.07 -23.15
N LEU E 78 -24.90 -44.72 -22.04
CA LEU E 78 -24.25 -44.72 -20.74
C LEU E 78 -24.92 -45.71 -19.81
N TRP E 79 -24.23 -46.02 -18.72
CA TRP E 79 -24.72 -46.93 -17.69
C TRP E 79 -24.57 -46.24 -16.34
N VAL E 80 -25.69 -46.00 -15.67
CA VAL E 80 -25.68 -45.37 -14.35
C VAL E 80 -25.95 -46.45 -13.30
N GLU E 81 -25.15 -46.44 -12.23
CA GLU E 81 -25.15 -47.49 -11.23
C GLU E 81 -25.06 -46.89 -9.84
N PHE E 82 -25.86 -47.42 -8.92
CA PHE E 82 -25.84 -47.01 -7.52
C PHE E 82 -25.19 -48.11 -6.70
N CYS E 83 -24.24 -47.74 -5.85
CA CYS E 83 -23.49 -48.71 -5.06
C CYS E 83 -24.16 -48.95 -3.72
N ASP E 84 -24.05 -50.18 -3.23
CA ASP E 84 -24.65 -50.57 -1.95
C ASP E 84 -23.72 -50.35 -0.77
N GLU E 85 -22.41 -50.36 -0.99
CA GLU E 85 -21.48 -50.17 0.11
C GLU E 85 -21.57 -48.74 0.66
N PRO E 86 -21.38 -48.56 1.97
CA PRO E 86 -21.38 -47.19 2.51
C PRO E 86 -20.20 -46.37 2.03
N SER E 87 -18.99 -46.89 2.17
CA SER E 87 -17.79 -46.25 1.64
C SER E 87 -17.16 -47.17 0.62
N VAL E 88 -16.95 -46.66 -0.60
CA VAL E 88 -16.42 -47.45 -1.70
C VAL E 88 -14.89 -47.40 -1.63
N GLY E 89 -14.26 -48.57 -1.79
CA GLY E 89 -12.82 -48.66 -1.76
C GLY E 89 -12.22 -48.65 -3.15
N VAL E 90 -11.39 -49.65 -3.45
CA VAL E 90 -10.80 -49.79 -4.77
C VAL E 90 -11.30 -51.05 -5.43
N LYS E 91 -11.79 -52.00 -4.62
CA LYS E 91 -12.28 -53.26 -5.17
C LYS E 91 -13.56 -53.06 -5.98
N THR E 92 -14.55 -52.38 -5.39
CA THR E 92 -15.81 -52.18 -6.09
C THR E 92 -15.67 -51.15 -7.20
N MET E 93 -14.77 -50.17 -7.04
CA MET E 93 -14.50 -49.23 -8.11
C MET E 93 -13.87 -49.93 -9.30
N LYS E 94 -12.92 -50.84 -9.05
CA LYS E 94 -12.32 -51.62 -10.13
C LYS E 94 -13.35 -52.54 -10.77
N THR E 95 -14.27 -53.08 -9.97
CA THR E 95 -15.34 -53.91 -10.53
C THR E 95 -16.23 -53.10 -11.46
N PHE E 96 -16.57 -51.87 -11.06
CA PHE E 96 -17.39 -51.00 -11.91
C PHE E 96 -16.66 -50.64 -13.20
N VAL E 97 -15.36 -50.34 -13.09
CA VAL E 97 -14.56 -50.02 -14.28
C VAL E 97 -14.48 -51.23 -15.21
N ILE E 98 -14.30 -52.42 -14.65
CA ILE E 98 -14.23 -53.64 -15.47
C ILE E 98 -15.56 -53.89 -16.16
N HIS E 99 -16.68 -53.67 -15.46
CA HIS E 99 -17.99 -53.83 -16.08
C HIS E 99 -18.19 -52.83 -17.22
N ILE E 100 -17.78 -51.58 -17.00
CA ILE E 100 -17.92 -50.55 -18.04
C ILE E 100 -17.09 -50.91 -19.27
N GLN E 101 -15.85 -51.35 -19.04
CA GLN E 101 -14.99 -51.72 -20.16
C GLN E 101 -15.49 -52.95 -20.89
N GLU E 102 -16.03 -53.93 -20.16
CA GLU E 102 -16.50 -55.17 -20.77
C GLU E 102 -17.74 -54.93 -21.61
N LYS E 103 -18.70 -54.17 -21.08
CA LYS E 103 -19.93 -53.95 -21.85
C LYS E 103 -19.81 -52.83 -22.87
N ASN E 104 -18.63 -52.21 -22.98
CA ASN E 104 -18.32 -51.21 -24.01
C ASN E 104 -19.28 -50.02 -23.95
N PHE E 105 -19.21 -49.31 -22.83
CA PHE E 105 -19.99 -48.10 -22.61
C PHE E 105 -19.09 -46.88 -22.81
N GLN E 106 -19.64 -45.83 -23.43
CA GLN E 106 -18.86 -44.62 -23.64
C GLN E 106 -18.58 -43.90 -22.32
N THR E 107 -19.55 -43.92 -21.41
CA THR E 107 -19.36 -43.29 -20.11
C THR E 107 -20.24 -43.99 -19.08
N GLY E 108 -19.89 -43.81 -17.81
CA GLY E 108 -20.63 -44.43 -16.74
C GLY E 108 -20.74 -43.54 -15.51
N ILE E 109 -21.94 -43.39 -14.98
CA ILE E 109 -22.20 -42.53 -13.83
C ILE E 109 -22.25 -43.40 -12.59
N PHE E 110 -21.34 -43.13 -11.66
CA PHE E 110 -21.24 -43.87 -10.40
C PHE E 110 -21.77 -43.00 -9.28
N VAL E 111 -22.68 -43.56 -8.47
CA VAL E 111 -23.33 -42.82 -7.39
C VAL E 111 -23.01 -43.56 -6.10
N TYR E 112 -22.07 -43.04 -5.32
CA TYR E 112 -21.75 -43.59 -4.01
C TYR E 112 -22.59 -42.92 -2.94
N GLN E 113 -22.63 -43.55 -1.77
CA GLN E 113 -23.56 -43.14 -0.72
C GLN E 113 -22.93 -42.14 0.26
N ASN E 114 -21.87 -42.56 0.97
CA ASN E 114 -21.28 -41.73 2.01
C ASN E 114 -20.02 -41.01 1.54
N ASN E 115 -19.00 -41.75 1.11
CA ASN E 115 -17.74 -41.15 0.70
C ASN E 115 -17.00 -42.10 -0.23
N ILE E 116 -16.01 -41.54 -0.93
CA ILE E 116 -15.16 -42.30 -1.83
C ILE E 116 -13.71 -42.08 -1.41
N THR E 117 -12.95 -43.17 -1.38
CA THR E 117 -11.55 -43.08 -0.99
C THR E 117 -10.75 -42.30 -2.03
N PRO E 118 -9.70 -41.58 -1.60
CA PRO E 118 -8.85 -40.89 -2.58
C PRO E 118 -8.11 -41.82 -3.53
N SER E 119 -7.95 -43.10 -3.16
CA SER E 119 -7.31 -44.05 -4.06
C SER E 119 -8.20 -44.42 -5.24
N ALA E 120 -9.51 -44.26 -5.11
CA ALA E 120 -10.42 -44.53 -6.22
C ALA E 120 -10.63 -43.32 -7.13
N MET E 121 -10.40 -42.10 -6.61
CA MET E 121 -10.52 -40.91 -7.44
C MET E 121 -9.42 -40.82 -8.49
N LYS E 122 -8.27 -41.44 -8.25
CA LYS E 122 -7.20 -41.50 -9.24
C LYS E 122 -7.33 -42.70 -10.15
N LEU E 123 -8.31 -43.57 -9.93
CA LEU E 123 -8.54 -44.73 -10.78
C LEU E 123 -9.61 -44.48 -11.84
N VAL E 124 -10.31 -43.36 -11.76
CA VAL E 124 -11.35 -43.03 -12.75
C VAL E 124 -10.83 -42.73 -14.16
N PRO E 125 -9.59 -42.20 -14.41
CA PRO E 125 -9.19 -42.01 -15.81
C PRO E 125 -8.52 -43.23 -16.41
N SER E 126 -8.72 -44.40 -15.80
CA SER E 126 -8.01 -45.61 -16.23
C SER E 126 -8.37 -46.00 -17.65
N ILE E 127 -9.64 -45.92 -18.02
CA ILE E 127 -10.07 -46.26 -19.37
C ILE E 127 -9.72 -45.11 -20.31
N PRO E 128 -8.96 -45.36 -21.37
CA PRO E 128 -8.59 -44.25 -22.29
C PRO E 128 -9.78 -43.68 -23.04
N PRO E 129 -10.65 -44.49 -23.74
CA PRO E 129 -11.71 -43.83 -24.52
C PRO E 129 -12.92 -43.45 -23.70
N ALA E 130 -13.16 -44.16 -22.59
CA ALA E 130 -14.34 -43.93 -21.77
C ALA E 130 -13.98 -43.06 -20.56
N THR E 131 -15.00 -42.40 -20.01
CA THR E 131 -14.85 -41.55 -18.85
C THR E 131 -15.83 -41.99 -17.77
N ILE E 132 -15.45 -41.78 -16.52
CA ILE E 132 -16.24 -42.18 -15.36
C ILE E 132 -16.52 -40.94 -14.52
N GLU E 133 -17.79 -40.72 -14.21
CA GLU E 133 -18.22 -39.61 -13.37
C GLU E 133 -18.78 -40.14 -12.07
N THR E 134 -18.29 -39.63 -10.95
CA THR E 134 -18.70 -40.06 -9.62
C THR E 134 -19.55 -38.97 -8.98
N PHE E 135 -20.69 -39.37 -8.42
CA PHE E 135 -21.62 -38.45 -7.78
C PHE E 135 -21.91 -38.92 -6.35
N ASN E 136 -22.45 -38.01 -5.55
CA ASN E 136 -22.82 -38.30 -4.18
C ASN E 136 -24.34 -38.22 -4.06
N GLU E 137 -24.91 -39.12 -3.26
CA GLU E 137 -26.36 -39.13 -3.07
C GLU E 137 -26.83 -37.86 -2.35
N ALA E 138 -26.01 -37.36 -1.43
CA ALA E 138 -26.35 -36.11 -0.74
C ALA E 138 -26.31 -34.92 -1.70
N ALA E 139 -25.37 -34.95 -2.67
CA ALA E 139 -25.29 -33.89 -3.65
C ALA E 139 -26.37 -33.97 -4.71
N LEU E 140 -27.14 -35.07 -4.76
CA LEU E 140 -28.21 -35.24 -5.73
C LEU E 140 -29.59 -35.13 -5.11
N VAL E 141 -29.70 -34.76 -3.84
CA VAL E 141 -31.01 -34.61 -3.22
C VAL E 141 -31.80 -33.49 -3.87
N VAL E 142 -31.12 -32.39 -4.20
CA VAL E 142 -31.74 -31.24 -4.84
C VAL E 142 -30.97 -30.93 -6.12
N ASN E 143 -31.70 -30.60 -7.18
CA ASN E 143 -31.09 -30.29 -8.47
C ASN E 143 -30.56 -28.87 -8.45
N ILE E 144 -29.32 -28.70 -8.92
CA ILE E 144 -28.69 -27.39 -8.90
C ILE E 144 -29.07 -26.57 -10.13
N THR E 145 -29.39 -27.22 -11.25
CA THR E 145 -29.76 -26.47 -12.44
C THR E 145 -31.16 -25.90 -12.38
N HIS E 146 -31.97 -26.30 -11.40
CA HIS E 146 -33.28 -25.71 -11.18
C HIS E 146 -33.23 -24.58 -10.15
N HIS E 147 -32.07 -24.31 -9.58
CA HIS E 147 -31.91 -23.18 -8.67
C HIS E 147 -32.09 -21.87 -9.42
N GLU E 148 -32.63 -20.87 -8.73
CA GLU E 148 -32.89 -19.58 -9.37
C GLU E 148 -31.60 -18.83 -9.67
N LEU E 149 -30.52 -19.11 -8.94
CA LEU E 149 -29.25 -18.43 -9.18
C LEU E 149 -28.55 -18.96 -10.42
N VAL E 150 -28.67 -20.26 -10.69
CA VAL E 150 -27.97 -20.88 -11.81
C VAL E 150 -28.76 -20.63 -13.09
N PRO E 151 -28.18 -19.95 -14.08
CA PRO E 151 -28.87 -19.73 -15.35
C PRO E 151 -28.76 -20.94 -16.26
N LYS E 152 -29.29 -20.80 -17.47
CA LYS E 152 -29.35 -21.91 -18.41
C LYS E 152 -28.01 -22.10 -19.11
N HIS E 153 -27.37 -23.24 -18.84
CA HIS E 153 -26.19 -23.68 -19.57
C HIS E 153 -26.61 -24.60 -20.70
N ILE E 154 -26.04 -24.40 -21.88
CA ILE E 154 -26.31 -25.24 -23.05
C ILE E 154 -24.99 -25.53 -23.72
N ARG E 155 -24.54 -26.78 -23.69
CA ARG E 155 -23.28 -27.12 -24.33
C ARG E 155 -23.43 -27.06 -25.84
N LEU E 156 -22.36 -26.63 -26.50
CA LEU E 156 -22.36 -26.44 -27.94
C LEU E 156 -21.57 -27.54 -28.62
N SER E 157 -21.99 -27.92 -29.82
CA SER E 157 -21.26 -28.92 -30.59
C SER E 157 -19.97 -28.33 -31.16
N SER E 158 -19.19 -29.19 -31.81
CA SER E 158 -17.94 -28.74 -32.40
C SER E 158 -18.19 -27.75 -33.54
N ASP E 159 -19.22 -28.00 -34.34
CA ASP E 159 -19.57 -27.06 -35.41
C ASP E 159 -20.01 -25.72 -34.85
N GLU E 160 -20.81 -25.73 -33.78
CA GLU E 160 -21.26 -24.48 -33.16
C GLU E 160 -20.11 -23.75 -32.50
N LYS E 161 -19.20 -24.49 -31.87
CA LYS E 161 -18.01 -23.87 -31.28
C LYS E 161 -17.13 -23.21 -32.34
N ARG E 162 -16.92 -23.91 -33.47
CA ARG E 162 -16.15 -23.33 -34.55
C ARG E 162 -16.83 -22.10 -35.14
N GLU E 163 -18.17 -22.15 -35.25
CA GLU E 163 -18.92 -20.99 -35.74
C GLU E 163 -18.78 -19.80 -34.79
N LEU E 164 -18.83 -20.04 -33.48
CA LEU E 164 -18.64 -18.96 -32.51
C LEU E 164 -17.24 -18.37 -32.61
N LEU E 165 -16.23 -19.24 -32.70
CA LEU E 165 -14.84 -18.76 -32.80
C LEU E 165 -14.61 -18.00 -34.09
N LYS E 166 -15.30 -18.37 -35.17
CA LYS E 166 -15.16 -17.63 -36.42
C LYS E 166 -15.92 -16.32 -36.38
N ARG E 167 -17.07 -16.30 -35.70
CA ARG E 167 -17.87 -15.08 -35.61
C ARG E 167 -17.15 -14.01 -34.79
N TYR E 168 -16.55 -14.40 -33.67
CA TYR E 168 -15.84 -13.43 -32.86
C TYR E 168 -14.35 -13.34 -33.19
N ARG E 169 -13.86 -14.21 -34.09
CA ARG E 169 -12.49 -14.14 -34.63
C ARG E 169 -11.44 -14.20 -33.52
N LEU E 170 -11.41 -15.35 -32.83
CA LEU E 170 -10.51 -15.51 -31.70
C LEU E 170 -10.18 -16.98 -31.50
N LYS E 171 -9.06 -17.22 -30.80
CA LYS E 171 -8.64 -18.56 -30.44
C LYS E 171 -9.33 -19.00 -29.15
N GLU E 172 -9.44 -20.32 -28.99
CA GLU E 172 -10.22 -20.87 -27.87
C GLU E 172 -9.62 -20.55 -26.51
N SER E 173 -8.34 -20.16 -26.45
CA SER E 173 -7.73 -19.79 -25.19
C SER E 173 -8.13 -18.39 -24.71
N GLN E 174 -8.81 -17.61 -25.55
CA GLN E 174 -9.21 -16.25 -25.19
C GLN E 174 -10.63 -16.17 -24.67
N LEU E 175 -11.36 -17.28 -24.64
CA LEU E 175 -12.71 -17.28 -24.09
C LEU E 175 -12.67 -17.29 -22.57
N PRO E 176 -13.74 -16.83 -21.92
CA PRO E 176 -13.86 -17.06 -20.47
C PRO E 176 -13.93 -18.55 -20.18
N ARG E 177 -13.40 -18.93 -19.02
CA ARG E 177 -13.22 -20.34 -18.70
C ARG E 177 -14.21 -20.78 -17.62
N ILE E 178 -14.60 -22.05 -17.70
CA ILE E 178 -15.34 -22.73 -16.65
C ILE E 178 -14.56 -23.99 -16.29
N GLN E 179 -14.34 -24.21 -15.00
CA GLN E 179 -13.54 -25.35 -14.57
C GLN E 179 -14.33 -26.64 -14.75
N ARG E 180 -13.61 -27.74 -14.95
CA ARG E 180 -14.19 -29.04 -14.69
C ARG E 180 -14.06 -29.35 -13.20
N ALA E 181 -14.98 -30.16 -12.69
CA ALA E 181 -15.38 -30.36 -11.29
C ALA E 181 -16.21 -29.18 -10.80
N ASP E 182 -16.55 -28.22 -11.67
CA ASP E 182 -17.59 -27.26 -11.35
C ASP E 182 -18.93 -27.98 -11.31
N PRO E 183 -19.83 -27.62 -10.39
CA PRO E 183 -21.09 -28.37 -10.24
C PRO E 183 -21.95 -28.45 -11.51
N VAL E 184 -22.11 -27.34 -12.23
CA VAL E 184 -22.90 -27.38 -13.45
C VAL E 184 -22.16 -28.14 -14.54
N ALA E 185 -20.83 -27.98 -14.61
CA ALA E 185 -20.04 -28.73 -15.58
C ALA E 185 -20.08 -30.22 -15.30
N LEU E 186 -20.08 -30.61 -14.02
CA LEU E 186 -20.26 -32.02 -13.67
C LEU E 186 -21.66 -32.49 -14.03
N TYR E 187 -22.66 -31.63 -13.85
CA TYR E 187 -24.04 -32.00 -14.19
C TYR E 187 -24.20 -32.27 -15.68
N LEU E 188 -23.68 -31.38 -16.52
CA LEU E 188 -23.78 -31.56 -17.96
C LEU E 188 -22.67 -32.43 -18.54
N GLY E 189 -21.67 -32.80 -17.74
CA GLY E 189 -20.60 -33.67 -18.22
C GLY E 189 -19.73 -33.06 -19.28
N LEU E 190 -19.31 -31.81 -19.11
CA LEU E 190 -18.40 -31.19 -20.06
C LEU E 190 -17.02 -31.82 -19.98
N LYS E 191 -16.44 -32.11 -21.13
CA LYS E 191 -15.04 -32.51 -21.24
C LYS E 191 -14.19 -31.29 -21.60
N ARG E 192 -12.88 -31.49 -21.60
CA ARG E 192 -11.96 -30.40 -21.88
C ARG E 192 -12.12 -29.92 -23.32
N GLY E 193 -12.16 -28.60 -23.49
CA GLY E 193 -12.27 -27.99 -24.80
C GLY E 193 -13.69 -27.72 -25.26
N GLU E 194 -14.70 -28.13 -24.51
CA GLU E 194 -16.08 -27.88 -24.91
C GLU E 194 -16.52 -26.48 -24.49
N VAL E 195 -17.35 -25.86 -25.31
CA VAL E 195 -17.83 -24.50 -25.10
C VAL E 195 -19.31 -24.55 -24.77
N VAL E 196 -19.68 -23.89 -23.67
CA VAL E 196 -21.06 -23.84 -23.20
C VAL E 196 -21.57 -22.41 -23.33
N LYS E 197 -22.76 -22.25 -23.88
CA LYS E 197 -23.44 -20.97 -23.98
C LYS E 197 -24.39 -20.81 -22.80
N ILE E 198 -24.29 -19.66 -22.13
CA ILE E 198 -25.02 -19.40 -20.91
C ILE E 198 -25.97 -18.24 -21.16
N ILE E 199 -27.24 -18.46 -20.84
CA ILE E 199 -28.28 -17.45 -21.06
C ILE E 199 -28.47 -16.71 -19.74
N ARG E 200 -27.92 -15.51 -19.64
CA ARG E 200 -28.03 -14.70 -18.45
C ARG E 200 -29.24 -13.79 -18.51
N LYS E 201 -29.89 -13.63 -17.36
CA LYS E 201 -31.06 -12.76 -17.21
C LYS E 201 -30.66 -11.58 -16.32
N SER E 202 -30.43 -10.43 -16.94
CA SER E 202 -30.09 -9.21 -16.23
C SER E 202 -31.29 -8.27 -16.29
N GLU E 203 -31.59 -7.61 -15.16
CA GLU E 203 -32.72 -6.69 -15.11
C GLU E 203 -32.47 -5.43 -15.94
N THR E 204 -31.21 -5.13 -16.26
CA THR E 204 -30.92 -3.92 -17.04
C THR E 204 -31.39 -4.05 -18.47
N SER E 205 -31.08 -5.17 -19.12
CA SER E 205 -31.36 -5.36 -20.54
C SER E 205 -32.38 -6.43 -20.84
N GLY E 206 -32.33 -7.56 -20.14
CA GLY E 206 -33.21 -8.67 -20.42
C GLY E 206 -32.48 -9.99 -20.42
N ARG E 207 -32.47 -10.67 -21.57
CA ARG E 207 -31.74 -11.92 -21.74
C ARG E 207 -30.58 -11.69 -22.68
N TYR E 208 -29.38 -12.08 -22.26
CA TYR E 208 -28.21 -11.96 -23.13
C TYR E 208 -27.33 -13.20 -22.97
N ALA E 209 -26.55 -13.47 -24.01
CA ALA E 209 -25.79 -14.71 -24.11
C ALA E 209 -24.32 -14.46 -23.79
N SER E 210 -23.76 -15.32 -22.95
CA SER E 210 -22.33 -15.37 -22.68
C SER E 210 -21.81 -16.75 -23.05
N TYR E 211 -20.48 -16.88 -23.12
CA TYR E 211 -19.89 -18.15 -23.49
C TYR E 211 -18.73 -18.46 -22.56
N ARG E 212 -18.59 -19.75 -22.23
CA ARG E 212 -17.48 -20.22 -21.43
C ARG E 212 -16.90 -21.48 -22.07
N ILE E 213 -15.64 -21.77 -21.76
CA ILE E 213 -14.96 -22.94 -22.29
C ILE E 213 -14.47 -23.78 -21.12
N CYS E 214 -14.65 -25.09 -21.21
CA CYS E 214 -14.22 -25.98 -20.15
C CYS E 214 -12.71 -26.15 -20.17
N MET E 215 -12.11 -26.19 -18.97
CA MET E 215 -10.67 -26.34 -18.85
C MET E 215 -10.31 -27.27 -17.69
N GLU F 71 -2.82 -7.06 -46.67
CA GLU F 71 -3.74 -8.20 -46.74
C GLU F 71 -4.70 -8.21 -45.56
N LYS F 72 -4.35 -7.46 -44.51
CA LYS F 72 -5.22 -7.34 -43.34
C LYS F 72 -6.23 -6.20 -43.47
N ALA F 73 -6.18 -5.43 -44.56
CA ALA F 73 -7.06 -4.29 -44.71
C ALA F 73 -8.48 -4.76 -45.05
N ILE F 74 -9.44 -4.34 -44.25
CA ILE F 74 -10.85 -4.59 -44.54
C ILE F 74 -11.29 -3.64 -45.65
N PRO F 75 -11.91 -4.13 -46.72
CA PRO F 75 -12.34 -3.24 -47.80
C PRO F 75 -13.43 -2.28 -47.34
N LYS F 76 -13.58 -1.20 -48.10
CA LYS F 76 -14.48 -0.11 -47.72
C LYS F 76 -15.94 -0.56 -47.66
N ASP F 77 -16.33 -1.53 -48.49
CA ASP F 77 -17.71 -2.00 -48.49
C ASP F 77 -18.01 -2.83 -47.25
N GLN F 78 -17.05 -3.63 -46.79
CA GLN F 78 -17.27 -4.56 -45.68
C GLN F 78 -16.89 -3.99 -44.33
N ARG F 79 -16.97 -2.67 -44.16
CA ARG F 79 -16.62 -2.05 -42.89
C ARG F 79 -17.76 -2.21 -41.89
N ALA F 80 -17.43 -2.63 -40.67
CA ALA F 80 -18.43 -2.94 -39.65
C ALA F 80 -18.38 -2.03 -38.44
N THR F 81 -17.29 -1.31 -38.22
CA THR F 81 -17.17 -0.44 -37.06
C THR F 81 -18.10 0.76 -37.23
N THR F 82 -18.56 1.30 -36.09
CA THR F 82 -19.54 2.38 -36.10
C THR F 82 -19.00 3.60 -36.86
N PRO F 83 -19.84 4.29 -37.62
CA PRO F 83 -19.40 5.46 -38.38
C PRO F 83 -19.38 6.77 -37.62
N TYR F 84 -19.45 6.74 -36.29
CA TYR F 84 -19.42 7.94 -35.46
C TYR F 84 -18.05 8.09 -34.84
N MET F 85 -17.48 9.28 -34.96
CA MET F 85 -16.14 9.54 -34.46
C MET F 85 -16.17 9.66 -32.94
N THR F 86 -15.44 8.78 -32.26
CA THR F 86 -15.42 8.77 -30.81
C THR F 86 -14.66 9.96 -30.26
N LYS F 87 -14.82 10.20 -28.95
CA LYS F 87 -14.15 11.33 -28.32
C LYS F 87 -12.64 11.17 -28.32
N TYR F 88 -12.15 9.94 -28.19
CA TYR F 88 -10.71 9.71 -28.22
C TYR F 88 -10.15 9.97 -29.61
N GLU F 89 -10.89 9.62 -30.65
CA GLU F 89 -10.47 9.94 -32.01
C GLU F 89 -10.43 11.44 -32.25
N ARG F 90 -11.42 12.16 -31.74
CA ARG F 90 -11.44 13.61 -31.85
C ARG F 90 -10.24 14.23 -31.14
N ALA F 91 -9.94 13.76 -29.93
CA ALA F 91 -8.82 14.31 -29.17
C ALA F 91 -7.49 14.02 -29.85
N ARG F 92 -7.30 12.78 -30.33
CA ARG F 92 -6.05 12.43 -30.99
C ARG F 92 -5.89 13.18 -32.30
N ILE F 93 -6.98 13.36 -33.05
CA ILE F 93 -6.92 14.10 -34.32
C ILE F 93 -6.55 15.56 -34.06
N LEU F 94 -7.18 16.17 -33.05
CA LEU F 94 -6.86 17.56 -32.71
C LEU F 94 -5.41 17.69 -32.25
N GLY F 95 -4.93 16.76 -31.43
CA GLY F 95 -3.55 16.83 -30.97
C GLY F 95 -2.55 16.67 -32.09
N THR F 96 -2.80 15.71 -32.99
CA THR F 96 -1.91 15.48 -34.12
C THR F 96 -1.89 16.69 -35.06
N ARG F 97 -3.06 17.25 -35.36
CA ARG F 97 -3.12 18.40 -36.26
C ARG F 97 -2.47 19.63 -35.61
N ALA F 98 -2.66 19.82 -34.31
CA ALA F 98 -2.01 20.94 -33.64
C ALA F 98 -0.50 20.78 -33.61
N LEU F 99 -0.01 19.55 -33.41
CA LEU F 99 1.42 19.30 -33.46
C LEU F 99 1.97 19.54 -34.86
N GLN F 100 1.20 19.17 -35.89
CA GLN F 100 1.64 19.44 -37.26
C GLN F 100 1.69 20.94 -37.54
N ILE F 101 0.66 21.69 -37.11
CA ILE F 101 0.61 23.12 -37.36
C ILE F 101 1.71 23.84 -36.59
N SER F 102 2.00 23.37 -35.38
CA SER F 102 3.07 23.99 -34.59
C SER F 102 4.44 23.76 -35.22
N MET F 103 4.56 22.76 -36.10
CA MET F 103 5.78 22.54 -36.88
C MET F 103 5.70 23.14 -38.27
N ASN F 104 4.95 24.24 -38.44
CA ASN F 104 4.88 25.02 -39.68
C ASN F 104 4.30 24.20 -40.85
N ALA F 105 3.20 23.52 -40.61
CA ALA F 105 2.47 22.90 -41.69
C ALA F 105 1.41 23.87 -42.25
N PRO F 106 1.10 23.77 -43.53
CA PRO F 106 0.06 24.62 -44.10
C PRO F 106 -1.32 24.26 -43.57
N VAL F 107 -2.18 25.27 -43.50
CA VAL F 107 -3.54 25.11 -43.03
C VAL F 107 -4.49 25.29 -44.20
N PHE F 108 -5.69 24.74 -44.07
CA PHE F 108 -6.70 24.77 -45.13
C PHE F 108 -7.94 25.54 -44.71
N VAL F 109 -7.79 26.51 -43.81
CA VAL F 109 -8.88 27.38 -43.39
C VAL F 109 -8.42 28.82 -43.49
N ASP F 110 -9.39 29.73 -43.54
CA ASP F 110 -9.10 31.16 -43.54
C ASP F 110 -9.04 31.63 -42.09
N LEU F 111 -7.85 31.47 -41.51
CA LEU F 111 -7.67 31.82 -40.10
C LEU F 111 -7.75 33.33 -39.92
N GLU F 112 -8.57 33.75 -38.96
CA GLU F 112 -8.82 35.17 -38.72
C GLU F 112 -7.97 35.67 -37.57
N GLY F 113 -6.67 35.71 -37.82
CA GLY F 113 -5.73 36.20 -36.83
C GLY F 113 -5.40 35.24 -35.72
N GLU F 114 -5.87 33.99 -35.79
CA GLU F 114 -5.57 33.01 -34.77
C GLU F 114 -4.11 32.59 -34.85
N THR F 115 -3.50 32.39 -33.69
CA THR F 115 -2.09 32.03 -33.61
C THR F 115 -1.85 30.66 -32.99
N ASP F 116 -2.67 30.26 -32.04
CA ASP F 116 -2.45 28.98 -31.37
C ASP F 116 -2.82 27.83 -32.29
N PRO F 117 -1.97 26.80 -32.42
CA PRO F 117 -2.26 25.69 -33.33
C PRO F 117 -3.52 24.90 -32.98
N LEU F 118 -3.86 24.83 -31.68
CA LEU F 118 -5.02 24.03 -31.27
C LEU F 118 -6.32 24.62 -31.78
N ARG F 119 -6.46 25.95 -31.71
CA ARG F 119 -7.67 26.58 -32.22
C ARG F 119 -7.76 26.49 -33.74
N ILE F 120 -6.62 26.53 -34.44
CA ILE F 120 -6.63 26.32 -35.88
C ILE F 120 -7.05 24.89 -36.20
N ALA F 121 -6.62 23.92 -35.39
CA ALA F 121 -7.05 22.54 -35.58
C ALA F 121 -8.54 22.38 -35.36
N MET F 122 -9.07 23.05 -34.34
CA MET F 122 -10.52 23.02 -34.11
C MET F 122 -11.28 23.64 -35.27
N LYS F 123 -10.76 24.76 -35.82
CA LYS F 123 -11.38 25.38 -36.99
C LYS F 123 -11.33 24.45 -38.19
N GLU F 124 -10.22 23.72 -38.37
CA GLU F 124 -10.11 22.77 -39.47
C GLU F 124 -11.12 21.63 -39.32
N LEU F 125 -11.29 21.14 -38.09
CA LEU F 125 -12.29 20.09 -37.87
C LEU F 125 -13.72 20.62 -37.99
N ALA F 126 -13.92 21.93 -37.83
CA ALA F 126 -15.27 22.49 -37.81
C ALA F 126 -15.99 22.28 -39.14
N GLU F 127 -15.30 22.51 -40.26
CA GLU F 127 -15.87 22.26 -41.57
C GLU F 127 -15.13 21.18 -42.34
N LYS F 128 -14.43 20.30 -41.63
CA LYS F 128 -13.91 19.03 -42.15
C LYS F 128 -12.89 19.25 -43.27
N LYS F 129 -11.88 20.06 -42.98
CA LYS F 129 -10.82 20.37 -43.93
C LYS F 129 -9.47 19.89 -43.42
N ILE F 130 -9.43 18.67 -42.89
CA ILE F 130 -8.25 18.13 -42.22
C ILE F 130 -7.79 16.87 -42.96
N PRO F 131 -6.50 16.77 -43.33
CA PRO F 131 -6.00 15.62 -44.12
C PRO F 131 -5.43 14.45 -43.32
N LEU F 132 -6.31 13.75 -42.61
CA LEU F 132 -5.90 12.57 -41.85
C LEU F 132 -6.99 11.51 -41.96
N VAL F 133 -6.59 10.25 -41.73
CA VAL F 133 -7.53 9.14 -41.63
C VAL F 133 -7.21 8.35 -40.37
N ILE F 134 -8.20 7.62 -39.88
CA ILE F 134 -8.11 6.86 -38.64
C ILE F 134 -8.03 5.38 -39.00
N ARG F 135 -7.02 4.70 -38.48
CA ARG F 135 -6.82 3.27 -38.71
C ARG F 135 -7.23 2.53 -37.43
N ARG F 136 -8.42 1.96 -37.44
CA ARG F 136 -8.97 1.26 -36.28
C ARG F 136 -8.53 -0.20 -36.33
N TYR F 137 -7.87 -0.66 -35.27
CA TYR F 137 -7.44 -2.05 -35.16
C TYR F 137 -8.52 -2.87 -34.47
N LEU F 138 -9.04 -3.86 -35.18
CA LEU F 138 -9.84 -4.90 -34.56
C LEU F 138 -8.93 -5.83 -33.76
N PRO F 139 -9.46 -6.49 -32.73
CA PRO F 139 -8.59 -7.32 -31.87
C PRO F 139 -7.92 -8.48 -32.59
N ASP F 140 -8.50 -8.98 -33.68
CA ASP F 140 -7.89 -10.11 -34.39
C ASP F 140 -6.62 -9.69 -35.11
N GLY F 141 -6.57 -8.47 -35.62
CA GLY F 141 -5.41 -7.99 -36.34
C GLY F 141 -5.76 -7.18 -37.57
N SER F 142 -6.93 -7.45 -38.15
CA SER F 142 -7.38 -6.70 -39.31
C SER F 142 -7.68 -5.26 -38.91
N PHE F 143 -7.33 -4.32 -39.78
CA PHE F 143 -7.58 -2.91 -39.51
C PHE F 143 -8.64 -2.38 -40.46
N GLU F 144 -9.03 -1.13 -40.21
CA GLU F 144 -10.17 -0.52 -40.89
C GLU F 144 -9.90 0.97 -41.01
N ASP F 145 -9.84 1.47 -42.24
CA ASP F 145 -9.46 2.86 -42.48
C ASP F 145 -10.70 3.71 -42.69
N TRP F 146 -10.85 4.76 -41.87
CA TRP F 146 -11.96 5.68 -41.96
C TRP F 146 -11.43 7.09 -42.22
N SER F 147 -11.94 7.73 -43.26
CA SER F 147 -11.58 9.12 -43.49
C SER F 147 -12.23 10.00 -42.42
N VAL F 148 -11.49 11.00 -41.95
CA VAL F 148 -12.00 11.86 -40.88
C VAL F 148 -13.19 12.67 -41.36
N GLU F 149 -13.16 13.13 -42.61
CA GLU F 149 -14.32 13.83 -43.16
C GLU F 149 -15.51 12.90 -43.32
N GLU F 150 -15.27 11.59 -43.44
CA GLU F 150 -16.36 10.63 -43.53
C GLU F 150 -17.02 10.39 -42.17
N LEU F 151 -16.23 10.41 -41.09
CA LEU F 151 -16.75 10.15 -39.77
C LEU F 151 -17.72 11.24 -39.34
N ILE F 152 -18.82 10.83 -38.70
CA ILE F 152 -19.88 11.73 -38.31
C ILE F 152 -19.62 12.23 -36.89
N VAL F 153 -19.64 13.55 -36.73
CA VAL F 153 -19.43 14.17 -35.42
C VAL F 153 -20.51 15.19 -35.14
N MET G 1 28.20 -0.20 -66.09
CA MET G 1 28.84 0.82 -65.27
C MET G 1 27.83 1.45 -64.33
N PHE G 2 26.65 1.76 -64.86
CA PHE G 2 25.53 2.25 -64.07
C PHE G 2 24.38 1.26 -64.19
N ILE G 3 23.81 0.88 -63.04
CA ILE G 3 22.69 -0.06 -63.01
C ILE G 3 21.60 0.51 -62.11
N LEU G 4 20.46 -0.17 -62.10
CA LEU G 4 19.31 0.22 -61.30
C LEU G 4 19.14 -0.75 -60.14
N SER G 5 19.00 -0.20 -58.93
CA SER G 5 18.76 -0.99 -57.74
C SER G 5 17.37 -0.71 -57.21
N LYS G 6 16.64 -1.77 -56.87
CA LYS G 6 15.31 -1.67 -56.30
C LYS G 6 15.41 -1.80 -54.78
N ILE G 7 15.06 -0.73 -54.07
CA ILE G 7 15.28 -0.64 -52.63
C ILE G 7 13.99 -0.23 -51.96
N ALA G 8 13.66 -0.89 -50.85
CA ALA G 8 12.54 -0.51 -49.99
C ALA G 8 13.10 0.28 -48.81
N ASP G 9 12.40 1.36 -48.44
CA ASP G 9 12.92 2.29 -47.45
C ASP G 9 11.74 2.90 -46.71
N LEU G 10 12.03 3.48 -45.55
CA LEU G 10 11.06 4.23 -44.75
C LEU G 10 11.54 5.67 -44.67
N VAL G 11 10.78 6.58 -45.29
CA VAL G 11 11.17 7.99 -45.37
C VAL G 11 10.26 8.81 -44.46
N ARG G 12 10.86 9.78 -43.78
CA ARG G 12 10.14 10.66 -42.87
C ARG G 12 9.99 12.02 -43.53
N ILE G 13 8.76 12.37 -43.91
CA ILE G 13 8.45 13.68 -44.48
C ILE G 13 8.06 14.61 -43.35
N PRO G 14 8.82 15.68 -43.10
CA PRO G 14 8.45 16.59 -42.03
C PRO G 14 7.19 17.36 -42.39
N PRO G 15 6.41 17.79 -41.40
CA PRO G 15 5.14 18.47 -41.69
C PRO G 15 5.30 19.83 -42.36
N ASP G 16 6.47 20.45 -42.27
CA ASP G 16 6.70 21.68 -43.00
C ASP G 16 6.89 21.47 -44.50
N GLN G 17 7.06 20.22 -44.93
CA GLN G 17 7.18 19.87 -46.33
C GLN G 17 5.88 19.38 -46.93
N PHE G 18 4.76 19.54 -46.22
CA PHE G 18 3.47 19.08 -46.71
C PHE G 18 2.97 19.90 -47.89
N HIS G 19 3.47 21.13 -48.07
CA HIS G 19 3.01 21.95 -49.18
C HIS G 19 3.51 21.43 -50.51
N ARG G 20 4.67 20.77 -50.52
CA ARG G 20 5.21 20.22 -51.75
C ARG G 20 4.37 19.03 -52.23
N ASP G 21 4.57 18.66 -53.49
CA ASP G 21 4.02 17.42 -53.99
C ASP G 21 4.68 16.25 -53.25
N THR G 22 3.89 15.20 -53.01
CA THR G 22 4.36 14.09 -52.18
C THR G 22 5.53 13.36 -52.84
N ILE G 23 5.47 13.20 -54.16
CA ILE G 23 6.57 12.57 -54.89
C ILE G 23 7.85 13.39 -54.74
N SER G 24 7.74 14.72 -54.83
CA SER G 24 8.89 15.58 -54.68
C SER G 24 9.49 15.48 -53.27
N ALA G 25 8.64 15.44 -52.24
CA ALA G 25 9.13 15.34 -50.87
C ALA G 25 9.81 14.00 -50.62
N ILE G 26 9.20 12.91 -51.11
CA ILE G 26 9.81 11.59 -50.95
C ILE G 26 11.14 11.52 -51.67
N THR G 27 11.21 12.06 -52.89
CA THR G 27 12.45 12.06 -53.64
C THR G 27 13.52 12.93 -52.96
N HIS G 28 13.10 14.04 -52.35
CA HIS G 28 14.05 14.89 -51.64
C HIS G 28 14.62 14.18 -50.42
N GLN G 29 13.77 13.49 -49.66
CA GLN G 29 14.25 12.74 -48.50
C GLN G 29 15.18 11.60 -48.93
N LEU G 30 14.82 10.91 -50.00
CA LEU G 30 15.66 9.82 -50.50
C LEU G 30 17.00 10.35 -51.03
N ASN G 31 16.98 11.52 -51.66
CA ASN G 31 18.21 12.14 -52.12
C ASN G 31 19.09 12.57 -50.96
N ASN G 32 18.48 13.04 -49.87
CA ASN G 32 19.25 13.34 -48.66
C ASN G 32 19.89 12.08 -48.10
N LYS G 33 19.16 10.97 -48.11
CA LYS G 33 19.68 9.75 -47.50
C LYS G 33 20.71 9.04 -48.37
N PHE G 34 20.54 9.05 -49.69
CA PHE G 34 21.21 8.09 -50.57
C PHE G 34 22.20 8.70 -51.55
N ALA G 35 22.04 9.96 -51.94
CA ALA G 35 22.85 10.51 -53.03
C ALA G 35 24.31 10.66 -52.61
N ASN G 36 25.21 10.23 -53.51
CA ASN G 36 26.66 10.29 -53.32
C ASN G 36 27.05 9.56 -52.02
N LYS G 37 26.54 8.35 -51.86
CA LYS G 37 26.82 7.54 -50.69
C LYS G 37 26.92 6.07 -51.11
N ILE G 38 27.62 5.30 -50.29
CA ILE G 38 27.89 3.90 -50.58
C ILE G 38 26.75 3.06 -50.01
N ILE G 39 25.97 2.44 -50.88
CA ILE G 39 25.05 1.39 -50.48
C ILE G 39 25.89 0.15 -50.26
N PRO G 40 25.88 -0.42 -49.04
CA PRO G 40 26.80 -1.53 -48.73
C PRO G 40 26.52 -2.77 -49.57
N ASN G 41 27.60 -3.38 -50.05
CA ASN G 41 27.57 -4.56 -50.92
C ASN G 41 26.81 -4.30 -52.22
N VAL G 42 26.61 -3.04 -52.59
CA VAL G 42 25.93 -2.68 -53.83
C VAL G 42 26.81 -1.75 -54.65
N GLY G 43 27.21 -0.63 -54.06
CA GLY G 43 28.06 0.28 -54.80
C GLY G 43 27.87 1.71 -54.32
N LEU G 44 27.95 2.65 -55.26
CA LEU G 44 27.81 4.07 -54.99
C LEU G 44 26.56 4.60 -55.69
N CYS G 45 25.65 5.18 -54.93
CA CYS G 45 24.40 5.69 -55.47
C CYS G 45 24.56 7.14 -55.93
N ILE G 46 23.97 7.46 -57.07
CA ILE G 46 24.05 8.80 -57.63
C ILE G 46 22.73 9.53 -57.38
N THR G 47 21.65 9.03 -57.97
CA THR G 47 20.35 9.68 -57.87
C THR G 47 19.26 8.61 -57.96
N ILE G 48 18.20 8.81 -57.20
CA ILE G 48 17.03 7.95 -57.28
C ILE G 48 16.34 8.15 -58.63
N TYR G 49 16.15 7.06 -59.36
CA TYR G 49 15.53 7.14 -60.67
C TYR G 49 14.04 7.42 -60.54
N ASP G 50 13.30 6.52 -59.88
CA ASP G 50 11.86 6.73 -59.76
C ASP G 50 11.32 5.94 -58.58
N LEU G 51 10.03 6.13 -58.31
CA LEU G 51 9.32 5.44 -57.25
C LEU G 51 8.29 4.50 -57.87
N LEU G 52 8.22 3.27 -57.35
CA LEU G 52 7.29 2.28 -57.87
C LEU G 52 6.04 2.15 -57.02
N THR G 53 6.18 1.97 -55.70
CA THR G 53 5.04 1.88 -54.80
C THR G 53 5.28 2.79 -53.61
N VAL G 54 4.21 3.43 -53.13
CA VAL G 54 4.22 4.21 -51.91
C VAL G 54 3.06 3.74 -51.03
N GLU G 55 3.32 3.53 -49.76
CA GLU G 55 2.28 3.16 -48.82
C GLU G 55 1.67 4.40 -48.18
N GLU G 56 0.67 4.17 -47.32
CA GLU G 56 0.05 5.27 -46.60
C GLU G 56 1.00 5.81 -45.55
N GLY G 57 0.97 7.13 -45.35
CA GLY G 57 1.83 7.76 -44.38
C GLY G 57 1.40 7.51 -42.95
N GLN G 58 2.17 6.72 -42.22
CA GLN G 58 1.88 6.42 -40.83
C GLN G 58 2.55 7.44 -39.92
N LEU G 59 1.90 7.75 -38.81
CA LEU G 59 2.35 8.80 -37.90
C LEU G 59 2.70 8.21 -36.54
N LYS G 60 3.87 8.55 -36.04
CA LYS G 60 4.33 8.15 -34.72
C LYS G 60 3.65 8.99 -33.63
N PRO G 61 3.21 8.37 -32.54
CA PRO G 61 2.67 9.16 -31.42
C PRO G 61 3.74 10.01 -30.76
N GLY G 62 3.59 11.33 -30.85
CA GLY G 62 4.59 12.26 -30.35
C GLY G 62 5.35 13.01 -31.41
N ASP G 63 4.97 12.87 -32.69
CA ASP G 63 5.63 13.56 -33.78
C ASP G 63 4.66 13.67 -34.94
N GLY G 64 4.73 14.78 -35.67
CA GLY G 64 3.77 15.03 -36.72
C GLY G 64 4.23 14.64 -38.12
N SER G 65 5.51 14.34 -38.26
CA SER G 65 6.05 13.97 -39.57
C SER G 65 5.51 12.63 -40.01
N SER G 66 5.22 12.50 -41.30
CA SER G 66 4.60 11.29 -41.83
C SER G 66 5.68 10.32 -42.31
N TYR G 67 5.57 9.06 -41.87
CA TYR G 67 6.51 8.02 -42.24
C TYR G 67 5.88 7.18 -43.34
N ILE G 68 6.56 7.10 -44.49
CA ILE G 68 6.05 6.42 -45.67
C ILE G 68 7.00 5.28 -46.04
N ASN G 69 6.44 4.10 -46.27
CA ASN G 69 7.20 2.99 -46.82
C ASN G 69 7.17 3.10 -48.34
N VAL G 70 8.35 3.21 -48.95
CA VAL G 70 8.47 3.49 -50.37
C VAL G 70 9.43 2.50 -51.01
N THR G 71 9.07 2.00 -52.19
CA THR G 71 9.96 1.19 -53.01
C THR G 71 10.40 2.03 -54.20
N PHE G 72 11.71 2.09 -54.44
CA PHE G 72 12.23 2.99 -55.46
C PHE G 72 13.36 2.33 -56.21
N ARG G 73 13.55 2.77 -57.44
CA ARG G 73 14.69 2.39 -58.27
C ARG G 73 15.67 3.55 -58.29
N ALA G 74 16.93 3.25 -58.01
CA ALA G 74 17.99 4.24 -57.91
C ALA G 74 19.16 3.86 -58.81
N VAL G 75 19.80 4.87 -59.39
CA VAL G 75 20.95 4.67 -60.27
C VAL G 75 22.19 4.52 -59.40
N VAL G 76 22.82 3.35 -59.47
CA VAL G 76 24.01 3.05 -58.68
C VAL G 76 25.17 2.73 -59.60
N PHE G 77 26.33 3.30 -59.29
CA PHE G 77 27.55 3.14 -60.09
C PHE G 77 28.25 1.88 -59.62
N LYS G 78 28.12 0.81 -60.40
CA LYS G 78 28.72 -0.49 -60.07
C LYS G 78 29.27 -1.12 -61.35
N PRO G 79 30.54 -0.86 -61.66
CA PRO G 79 31.16 -1.51 -62.82
C PRO G 79 31.27 -3.02 -62.60
N PHE G 80 30.66 -3.78 -63.51
CA PHE G 80 30.66 -5.22 -63.41
C PHE G 80 32.05 -5.78 -63.71
N LEU G 81 32.22 -7.06 -63.40
CA LEU G 81 33.53 -7.70 -63.55
C LEU G 81 33.87 -7.85 -65.03
N GLY G 82 35.04 -7.32 -65.40
CA GLY G 82 35.50 -7.38 -66.78
C GLY G 82 35.30 -6.12 -67.59
N GLU G 83 34.50 -5.18 -67.10
CA GLU G 83 34.28 -3.94 -67.83
C GLU G 83 35.51 -3.05 -67.75
N ILE G 84 35.84 -2.41 -68.87
CA ILE G 84 36.96 -1.47 -68.92
C ILE G 84 36.41 -0.06 -68.80
N VAL G 85 37.25 0.85 -68.32
CA VAL G 85 36.83 2.23 -68.10
C VAL G 85 38.07 3.12 -68.12
N THR G 86 37.87 4.40 -68.44
CA THR G 86 38.93 5.38 -68.59
C THR G 86 38.96 6.32 -67.40
N GLY G 87 40.13 6.47 -66.78
CA GLY G 87 40.30 7.35 -65.66
C GLY G 87 41.51 8.26 -65.84
N TRP G 88 41.73 9.10 -64.84
CA TRP G 88 42.83 10.05 -64.80
C TRP G 88 43.75 9.67 -63.65
N ILE G 89 45.04 9.53 -63.95
CA ILE G 89 45.99 9.13 -62.91
C ILE G 89 46.17 10.25 -61.92
N SER G 90 45.95 9.95 -60.63
CA SER G 90 46.04 10.96 -59.58
C SER G 90 47.38 10.92 -58.85
N LYS G 91 47.81 9.74 -58.42
CA LYS G 91 49.03 9.58 -57.66
C LYS G 91 49.56 8.18 -57.87
N CYS G 92 50.89 8.05 -57.95
CA CYS G 92 51.54 6.75 -58.10
C CYS G 92 52.46 6.52 -56.89
N THR G 93 52.32 5.36 -56.28
CA THR G 93 53.09 4.97 -55.10
C THR G 93 53.94 3.76 -55.42
N ALA G 94 54.59 3.22 -54.38
CA ALA G 94 55.45 2.05 -54.56
C ALA G 94 54.63 0.79 -54.86
N GLU G 95 53.50 0.62 -54.19
CA GLU G 95 52.71 -0.60 -54.33
C GLU G 95 51.91 -0.65 -55.62
N GLY G 96 51.68 0.50 -56.27
CA GLY G 96 50.88 0.52 -57.47
C GLY G 96 50.58 1.93 -57.90
N ILE G 97 49.47 2.09 -58.63
CA ILE G 97 49.07 3.37 -59.18
C ILE G 97 47.63 3.66 -58.80
N LYS G 98 47.33 4.92 -58.53
CA LYS G 98 46.00 5.35 -58.11
C LYS G 98 45.38 6.22 -59.20
N VAL G 99 44.16 5.87 -59.60
CA VAL G 99 43.46 6.55 -60.68
C VAL G 99 42.05 6.89 -60.22
N SER G 100 41.57 8.06 -60.67
CA SER G 100 40.25 8.55 -60.30
C SER G 100 39.45 8.85 -61.54
N LEU G 101 38.13 8.65 -61.48
CA LEU G 101 37.28 8.88 -62.65
C LEU G 101 36.75 10.31 -62.68
N LEU G 102 37.66 11.28 -62.52
CA LEU G 102 37.35 12.72 -62.52
C LEU G 102 36.29 13.05 -61.46
N GLY G 103 36.70 12.86 -60.20
CA GLY G 103 35.93 13.35 -59.08
C GLY G 103 34.77 12.49 -58.59
N ILE G 104 34.19 11.65 -59.46
CA ILE G 104 33.05 10.84 -59.04
C ILE G 104 33.48 9.79 -58.02
N PHE G 105 34.67 9.21 -58.19
CA PHE G 105 35.09 8.12 -57.33
C PHE G 105 36.61 8.08 -57.37
N ASP G 106 37.25 8.39 -56.24
CA ASP G 106 38.70 8.55 -56.19
C ASP G 106 39.39 7.37 -55.52
N ASP G 107 38.84 6.15 -55.66
CA ASP G 107 39.29 5.00 -54.90
C ASP G 107 39.57 3.81 -55.82
N ILE G 108 40.31 4.03 -56.90
CA ILE G 108 40.64 2.96 -57.84
C ILE G 108 42.16 2.77 -57.79
N PHE G 109 42.60 1.56 -57.48
CA PHE G 109 44.01 1.26 -57.27
C PHE G 109 44.42 0.04 -58.08
N ILE G 110 45.50 0.15 -58.83
CA ILE G 110 46.04 -0.93 -59.65
C ILE G 110 47.36 -1.38 -59.01
N PRO G 111 47.47 -2.64 -58.56
CA PRO G 111 48.71 -3.10 -57.95
C PRO G 111 49.71 -3.65 -58.96
N GLN G 112 50.85 -4.13 -58.48
CA GLN G 112 51.89 -4.66 -59.36
C GLN G 112 51.61 -6.07 -59.84
N ASN G 113 50.72 -6.80 -59.17
CA ASN G 113 50.45 -8.18 -59.54
C ASN G 113 49.73 -8.32 -60.88
N MET G 114 49.16 -7.24 -61.40
CA MET G 114 48.36 -7.32 -62.62
C MET G 114 48.61 -6.14 -63.54
N LEU G 115 49.79 -5.53 -63.46
CA LEU G 115 50.23 -4.53 -64.42
C LEU G 115 51.16 -5.18 -65.45
N PHE G 116 51.71 -4.36 -66.34
CA PHE G 116 52.61 -4.86 -67.37
C PHE G 116 53.90 -5.39 -66.74
N GLU G 117 54.43 -6.45 -67.35
CA GLU G 117 55.60 -7.13 -66.81
C GLU G 117 56.85 -6.26 -66.93
N GLY G 118 57.70 -6.34 -65.91
CA GLY G 118 58.97 -5.65 -65.93
C GLY G 118 58.92 -4.17 -65.65
N CYS G 119 57.76 -3.63 -65.29
CA CYS G 119 57.64 -2.21 -65.02
C CYS G 119 58.31 -1.85 -63.69
N TYR G 120 58.92 -0.67 -63.65
CA TYR G 120 59.61 -0.20 -62.46
C TYR G 120 59.25 1.26 -62.22
N TYR G 121 59.35 1.65 -60.95
CA TYR G 121 58.97 2.98 -60.48
C TYR G 121 60.22 3.78 -60.13
N THR G 122 60.27 5.01 -60.61
CA THR G 122 61.39 5.90 -60.31
C THR G 122 60.95 6.98 -59.32
N PRO G 123 61.44 6.95 -58.08
CA PRO G 123 61.07 7.99 -57.11
C PRO G 123 61.58 9.37 -57.47
N GLU G 124 62.57 9.49 -58.35
CA GLU G 124 63.14 10.79 -58.68
C GLU G 124 62.16 11.66 -59.46
N GLU G 125 61.38 11.06 -60.36
CA GLU G 125 60.39 11.79 -61.13
C GLU G 125 58.97 11.31 -60.90
N SER G 126 58.77 10.29 -60.05
CA SER G 126 57.45 9.78 -59.66
C SER G 126 56.66 9.30 -60.88
N ALA G 127 57.20 8.26 -61.51
CA ALA G 127 56.55 7.66 -62.67
C ALA G 127 56.98 6.21 -62.81
N TRP G 128 56.13 5.44 -63.50
CA TRP G 128 56.41 4.05 -63.84
C TRP G 128 56.82 3.95 -65.30
N ILE G 129 57.69 3.01 -65.61
CA ILE G 129 58.26 2.86 -66.95
C ILE G 129 57.93 1.49 -67.48
N TRP G 130 57.38 1.44 -68.71
CA TRP G 130 57.07 0.18 -69.37
C TRP G 130 58.11 -0.10 -70.44
N PRO G 131 58.95 -1.12 -70.28
CA PRO G 131 59.94 -1.48 -71.33
C PRO G 131 59.33 -2.40 -72.38
N MET G 132 58.51 -1.82 -73.26
CA MET G 132 57.83 -2.62 -74.28
C MET G 132 58.78 -3.04 -75.38
N ASP G 133 59.66 -2.14 -75.82
CA ASP G 133 60.54 -2.38 -76.95
C ASP G 133 61.75 -1.46 -76.81
N GLU G 134 62.49 -1.29 -77.91
CA GLU G 134 63.62 -0.36 -77.92
C GLU G 134 63.15 1.07 -77.64
N GLU G 135 61.95 1.43 -78.13
CA GLU G 135 61.34 2.71 -77.82
C GLU G 135 60.55 2.58 -76.51
N THR G 136 61.29 2.42 -75.42
CA THR G 136 60.72 2.19 -74.10
C THR G 136 60.46 3.46 -73.31
N LYS G 137 60.66 4.64 -73.93
CA LYS G 137 60.48 5.91 -73.24
C LYS G 137 58.99 6.24 -73.13
N LEU G 138 58.31 5.45 -72.30
CA LEU G 138 56.89 5.62 -72.02
C LEU G 138 56.70 5.68 -70.51
N TYR G 139 55.90 6.64 -70.05
CA TYR G 139 55.77 6.94 -68.63
C TYR G 139 54.32 6.97 -68.22
N PHE G 140 54.01 6.39 -67.05
CA PHE G 140 52.70 6.57 -66.41
C PHE G 140 52.68 7.92 -65.69
N ASP G 141 52.55 8.97 -66.50
CA ASP G 141 52.54 10.33 -65.96
C ASP G 141 51.23 10.61 -65.23
N VAL G 142 51.32 11.44 -64.20
CA VAL G 142 50.12 11.82 -63.45
C VAL G 142 49.29 12.80 -64.28
N ASN G 143 48.02 12.95 -63.88
CA ASN G 143 47.06 13.81 -64.56
C ASN G 143 46.92 13.45 -66.04
N GLU G 144 46.96 12.15 -66.32
CA GLU G 144 46.94 11.64 -67.69
C GLU G 144 45.83 10.61 -67.83
N LYS G 145 45.38 10.44 -69.07
CA LYS G 145 44.15 9.71 -69.37
C LYS G 145 44.49 8.24 -69.62
N ILE G 146 44.41 7.44 -68.56
CA ILE G 146 44.72 6.02 -68.63
C ILE G 146 43.42 5.24 -68.80
N ARG G 147 43.52 4.05 -69.37
CA ARG G 147 42.39 3.15 -69.53
C ARG G 147 42.72 1.81 -68.90
N PHE G 148 41.81 1.29 -68.07
CA PHE G 148 42.08 0.08 -67.32
C PHE G 148 40.85 -0.82 -67.32
N ARG G 149 41.02 -2.01 -66.78
CA ARG G 149 39.98 -3.02 -66.72
C ARG G 149 39.72 -3.40 -65.27
N ILE G 150 38.44 -3.39 -64.87
CA ILE G 150 38.07 -3.77 -63.51
C ILE G 150 38.23 -5.27 -63.35
N GLU G 151 39.00 -5.68 -62.34
CA GLU G 151 39.28 -7.10 -62.12
C GLU G 151 38.70 -7.65 -60.83
N ARG G 152 38.43 -6.81 -59.84
CA ARG G 152 37.83 -7.27 -58.59
C ARG G 152 37.24 -6.09 -57.84
N GLU G 153 36.12 -6.32 -57.17
CA GLU G 153 35.49 -5.34 -56.31
C GLU G 153 35.56 -5.81 -54.86
N VAL G 154 35.93 -4.90 -53.96
CA VAL G 154 36.12 -5.22 -52.56
C VAL G 154 35.22 -4.31 -51.71
N PHE G 155 34.52 -4.92 -50.77
CA PHE G 155 33.71 -4.25 -49.77
C PHE G 155 34.32 -4.50 -48.40
N VAL G 156 34.36 -3.47 -47.56
CA VAL G 156 34.77 -3.65 -46.17
C VAL G 156 33.64 -3.15 -45.28
N ASP G 157 33.70 -3.55 -44.02
CA ASP G 157 32.71 -3.15 -43.04
C ASP G 157 33.09 -1.81 -42.41
N VAL G 158 32.07 -1.06 -42.01
CA VAL G 158 32.24 0.26 -41.42
C VAL G 158 32.19 0.19 -39.89
N LYS G 159 32.44 -0.99 -39.32
CA LYS G 159 32.40 -1.31 -37.90
C LYS G 159 33.23 -0.33 -37.07
N PRO G 160 32.58 0.48 -36.21
CA PRO G 160 33.33 1.40 -35.36
C PRO G 160 34.07 0.66 -34.26
N LYS G 161 34.95 1.39 -33.59
CA LYS G 161 35.77 0.85 -32.53
C LYS G 161 35.18 1.21 -31.17
N SER G 162 35.87 0.79 -30.11
CA SER G 162 35.42 1.06 -28.75
C SER G 162 35.50 2.55 -28.46
N PRO G 163 34.59 3.08 -27.63
CA PRO G 163 34.62 4.53 -27.32
C PRO G 163 35.91 4.98 -26.66
N LYS G 164 36.51 4.15 -25.79
CA LYS G 164 37.79 4.52 -25.21
C LYS G 164 38.90 4.51 -26.25
N GLU G 165 38.88 3.51 -27.15
CA GLU G 165 39.84 3.47 -28.24
C GLU G 165 39.66 4.66 -29.18
N ARG G 166 38.42 5.02 -29.49
CA ARG G 166 38.15 6.18 -30.34
C ARG G 166 38.63 7.46 -29.66
N GLU G 167 38.39 7.59 -28.35
CA GLU G 167 38.80 8.79 -27.62
C GLU G 167 40.32 8.91 -27.60
N LEU G 168 41.03 7.82 -27.32
CA LEU G 168 42.49 7.90 -27.30
C LEU G 168 43.05 8.12 -28.70
N GLU G 169 42.40 7.56 -29.72
CA GLU G 169 42.86 7.76 -31.10
C GLU G 169 42.71 9.21 -31.51
N GLU G 170 41.57 9.85 -31.18
CA GLU G 170 41.41 11.25 -31.54
C GLU G 170 42.29 12.14 -30.66
N ARG G 171 42.59 11.72 -29.43
CA ARG G 171 43.54 12.45 -28.60
C ARG G 171 44.93 12.43 -29.19
N ALA G 172 45.35 11.26 -29.69
CA ALA G 172 46.67 11.15 -30.34
C ALA G 172 46.69 11.90 -31.66
N GLN G 173 45.57 11.89 -32.39
CA GLN G 173 45.49 12.61 -33.66
C GLN G 173 45.56 14.12 -33.45
N LEU G 174 44.94 14.61 -32.39
CA LEU G 174 45.03 16.04 -32.07
C LEU G 174 46.45 16.42 -31.69
N GLU G 175 47.13 15.57 -30.93
CA GLU G 175 48.51 15.83 -30.53
C GLU G 175 49.46 15.64 -31.71
N GLU G 189 43.94 7.54 -42.15
CA GLU G 189 43.66 6.68 -43.29
C GLU G 189 42.79 5.49 -42.87
N LYS G 190 41.68 5.30 -43.58
CA LYS G 190 40.75 4.21 -43.32
C LYS G 190 40.42 3.49 -44.62
N PRO G 191 40.13 2.19 -44.56
CA PRO G 191 39.77 1.46 -45.77
C PRO G 191 38.41 1.86 -46.27
N PRO G 192 38.30 2.31 -47.53
CA PRO G 192 37.01 2.69 -48.07
C PRO G 192 36.07 1.49 -48.22
N ALA G 193 34.77 1.77 -48.06
CA ALA G 193 33.78 0.68 -48.04
C ALA G 193 33.61 0.05 -49.41
N TYR G 194 33.99 0.77 -50.46
CA TYR G 194 33.89 0.28 -51.83
C TYR G 194 35.17 0.58 -52.58
N ALA G 195 35.77 -0.43 -53.19
CA ALA G 195 36.94 -0.19 -54.01
C ALA G 195 37.00 -1.20 -55.15
N LEU G 196 37.72 -0.82 -56.22
CA LEU G 196 37.89 -1.66 -57.39
C LEU G 196 39.36 -1.79 -57.70
N LEU G 197 39.72 -2.88 -58.38
CA LEU G 197 41.11 -3.15 -58.75
C LEU G 197 41.23 -3.15 -60.28
N GLY G 198 41.95 -2.16 -60.81
CA GLY G 198 42.23 -2.11 -62.22
C GLY G 198 43.39 -3.03 -62.60
N SER G 199 43.64 -3.12 -63.90
CA SER G 199 44.69 -4.00 -64.38
C SER G 199 45.17 -3.55 -65.75
N CYS G 200 46.34 -4.06 -66.15
CA CYS G 200 46.88 -3.88 -67.50
C CYS G 200 47.54 -5.21 -67.87
N GLN G 201 46.77 -6.08 -68.54
CA GLN G 201 47.24 -7.41 -68.91
C GLN G 201 47.01 -7.72 -70.38
N THR G 202 46.58 -6.74 -71.18
CA THR G 202 46.22 -6.97 -72.56
C THR G 202 46.40 -5.66 -73.32
N ASP G 203 46.86 -5.76 -74.56
CA ASP G 203 46.96 -4.59 -75.43
C ASP G 203 45.60 -3.92 -75.59
N GLY G 204 45.59 -2.60 -75.48
CA GLY G 204 44.37 -1.84 -75.39
C GLY G 204 44.16 -1.15 -74.05
N MET G 205 44.93 -1.52 -73.04
CA MET G 205 44.88 -0.87 -71.73
C MET G 205 45.69 0.42 -71.78
N GLY G 206 46.11 0.92 -70.62
CA GLY G 206 47.10 1.98 -70.58
C GLY G 206 46.58 3.34 -71.03
N LEU G 207 47.52 4.19 -71.43
CA LEU G 207 47.21 5.54 -71.85
C LEU G 207 46.43 5.54 -73.16
N VAL G 208 45.62 6.58 -73.35
CA VAL G 208 44.85 6.71 -74.58
C VAL G 208 45.75 7.07 -75.76
N SER G 209 46.81 7.85 -75.52
CA SER G 209 47.64 8.33 -76.63
C SER G 209 48.58 7.25 -77.14
N TRP G 210 48.88 6.24 -76.33
CA TRP G 210 49.87 5.24 -76.71
C TRP G 210 49.35 4.33 -77.81
N TRP G 211 48.06 3.99 -77.77
CA TRP G 211 47.39 3.21 -78.79
C TRP G 211 46.51 4.10 -79.67
N GLU G 212 47.01 5.30 -79.97
CA GLU G 212 46.35 6.21 -80.89
C GLU G 212 46.31 5.63 -82.30
N SER H 2 -65.25 36.58 -31.96
CA SER H 2 -64.68 37.83 -31.49
C SER H 2 -63.39 37.60 -30.71
N ASN H 3 -62.91 38.65 -30.05
CA ASN H 3 -61.66 38.55 -29.29
C ASN H 3 -61.86 37.81 -27.97
N THR H 4 -63.06 37.84 -27.40
CA THR H 4 -63.31 37.23 -26.10
C THR H 4 -63.56 35.74 -26.28
N LEU H 5 -62.64 34.91 -25.76
CA LEU H 5 -62.81 33.46 -25.84
C LEU H 5 -63.78 32.93 -24.80
N PHE H 6 -63.83 33.57 -23.62
CA PHE H 6 -64.64 33.05 -22.53
C PHE H 6 -65.05 34.20 -21.62
N ASP H 7 -66.19 34.06 -20.96
CA ASP H 7 -66.69 35.10 -20.06
C ASP H 7 -67.70 34.50 -19.11
N ASP H 8 -67.53 34.75 -17.82
CA ASP H 8 -68.46 34.22 -16.82
C ASP H 8 -68.32 35.02 -15.53
N ILE H 9 -69.22 34.74 -14.59
CA ILE H 9 -69.23 35.36 -13.27
C ILE H 9 -69.13 34.25 -12.23
N PHE H 10 -68.19 34.39 -11.29
CA PHE H 10 -67.88 33.35 -10.34
C PHE H 10 -68.10 33.83 -8.91
N GLN H 11 -68.44 32.87 -8.04
CA GLN H 11 -68.60 33.08 -6.61
C GLN H 11 -67.45 32.38 -5.92
N VAL H 12 -66.69 33.13 -5.12
CA VAL H 12 -65.52 32.58 -4.44
C VAL H 12 -65.96 31.85 -3.18
N SER H 13 -65.38 30.67 -2.95
CA SER H 13 -65.70 29.88 -1.77
C SER H 13 -64.54 29.71 -0.80
N GLU H 14 -63.29 29.89 -1.24
CA GLU H 14 -62.14 29.69 -0.37
C GLU H 14 -60.97 30.51 -0.90
N VAL H 15 -60.26 31.16 0.02
CA VAL H 15 -59.03 31.87 -0.28
C VAL H 15 -57.94 31.25 0.60
N ASP H 16 -56.94 30.64 -0.03
CA ASP H 16 -55.90 29.91 0.69
C ASP H 16 -54.56 30.63 0.53
N PRO H 17 -54.14 31.44 1.50
CA PRO H 17 -52.89 32.17 1.36
C PRO H 17 -51.68 31.42 1.88
N GLY H 18 -51.80 30.10 2.04
CA GLY H 18 -50.80 29.29 2.72
C GLY H 18 -49.38 29.39 2.21
N ARG H 19 -48.45 29.64 3.13
CA ARG H 19 -47.01 29.74 2.91
C ARG H 19 -46.60 30.91 2.02
N TYR H 20 -47.53 31.82 1.72
CA TYR H 20 -47.24 32.98 0.87
C TYR H 20 -47.83 34.23 1.50
N ASN H 21 -47.25 35.38 1.16
CA ASN H 21 -47.71 36.65 1.69
C ASN H 21 -48.35 37.56 0.65
N LYS H 22 -48.10 37.32 -0.64
CA LYS H 22 -48.64 38.15 -1.69
C LYS H 22 -49.55 37.41 -2.66
N VAL H 23 -49.46 36.09 -2.74
CA VAL H 23 -50.22 35.30 -3.71
C VAL H 23 -51.15 34.37 -2.94
N CYS H 24 -52.43 34.38 -3.31
CA CYS H 24 -53.42 33.52 -2.69
C CYS H 24 -54.12 32.70 -3.76
N ARG H 25 -54.44 31.45 -3.43
CA ARG H 25 -55.11 30.54 -4.35
C ARG H 25 -56.60 30.52 -4.01
N ILE H 26 -57.42 31.01 -4.93
CA ILE H 26 -58.86 31.10 -4.72
C ILE H 26 -59.55 29.97 -5.46
N GLU H 27 -60.66 29.50 -4.88
CA GLU H 27 -61.55 28.52 -5.49
C GLU H 27 -62.87 29.22 -5.77
N ALA H 28 -63.44 28.98 -6.95
CA ALA H 28 -64.66 29.67 -7.35
C ALA H 28 -65.57 28.71 -8.10
N ALA H 29 -66.87 28.93 -7.95
CA ALA H 29 -67.90 28.19 -8.67
C ALA H 29 -68.72 29.17 -9.49
N SER H 30 -69.03 28.78 -10.72
CA SER H 30 -69.73 29.69 -11.61
C SER H 30 -71.19 29.85 -11.23
N THR H 31 -71.71 31.05 -11.45
CA THR H 31 -73.12 31.36 -11.27
C THR H 31 -73.83 31.10 -12.59
N THR H 32 -75.01 30.45 -12.51
CA THR H 32 -75.79 29.99 -13.66
C THR H 32 -75.02 29.03 -14.55
N GLN H 33 -74.06 28.29 -13.98
CA GLN H 33 -73.36 27.24 -14.69
C GLN H 33 -72.93 26.21 -13.65
N ASP H 34 -73.56 25.04 -13.68
CA ASP H 34 -73.38 24.05 -12.61
C ASP H 34 -71.98 23.43 -12.69
N GLN H 35 -71.51 23.13 -13.90
CA GLN H 35 -70.31 22.31 -14.07
C GLN H 35 -69.04 23.12 -14.24
N CYS H 36 -69.10 24.44 -14.13
CA CYS H 36 -67.94 25.30 -14.33
C CYS H 36 -67.32 25.64 -12.97
N LYS H 37 -66.01 25.43 -12.85
CA LYS H 37 -65.27 25.60 -11.61
C LYS H 37 -63.92 26.22 -11.94
N LEU H 38 -63.39 27.02 -11.01
CA LEU H 38 -62.16 27.76 -11.22
C LEU H 38 -61.25 27.64 -10.01
N THR H 39 -59.96 27.50 -10.27
CA THR H 39 -58.94 27.52 -9.22
C THR H 39 -57.80 28.40 -9.70
N LEU H 40 -57.60 29.54 -9.07
CA LEU H 40 -56.76 30.57 -9.64
C LEU H 40 -55.83 31.20 -8.61
N ASP H 41 -54.57 31.39 -8.99
CA ASP H 41 -53.60 32.13 -8.17
C ASP H 41 -53.70 33.62 -8.48
N ILE H 42 -53.85 34.43 -7.44
CA ILE H 42 -54.05 35.87 -7.58
C ILE H 42 -53.09 36.60 -6.66
N ASN H 43 -52.40 37.61 -7.19
CA ASN H 43 -51.63 38.54 -6.38
C ASN H 43 -52.61 39.33 -5.51
N VAL H 44 -52.61 39.05 -4.21
CA VAL H 44 -53.66 39.58 -3.35
C VAL H 44 -53.43 41.04 -3.00
N GLU H 45 -52.19 41.53 -3.12
CA GLU H 45 -51.94 42.93 -2.80
C GLU H 45 -52.49 43.86 -3.88
N LEU H 46 -52.32 43.48 -5.15
CA LEU H 46 -52.84 44.30 -6.23
C LEU H 46 -54.35 44.16 -6.36
N PHE H 47 -54.87 42.96 -6.15
CA PHE H 47 -56.30 42.67 -6.28
C PHE H 47 -56.75 41.90 -5.05
N PRO H 48 -57.18 42.60 -3.99
CA PRO H 48 -57.61 41.90 -2.78
C PRO H 48 -58.91 41.15 -2.99
N VAL H 49 -58.91 39.88 -2.59
CA VAL H 49 -60.06 38.99 -2.77
C VAL H 49 -60.52 38.54 -1.40
N ALA H 50 -61.82 38.65 -1.15
CA ALA H 50 -62.43 38.16 0.08
C ALA H 50 -63.32 36.97 -0.24
N ALA H 51 -63.55 36.14 0.77
CA ALA H 51 -64.41 34.97 0.60
C ALA H 51 -65.86 35.42 0.38
N GLN H 52 -66.60 34.59 -0.36
CA GLN H 52 -68.00 34.84 -0.70
C GLN H 52 -68.18 36.17 -1.41
N ASP H 53 -67.33 36.42 -2.42
CA ASP H 53 -67.38 37.64 -3.21
C ASP H 53 -67.57 37.24 -4.67
N SER H 54 -68.42 37.98 -5.38
CA SER H 54 -68.70 37.70 -6.78
C SER H 54 -67.76 38.51 -7.67
N LEU H 55 -67.11 37.82 -8.61
CA LEU H 55 -66.16 38.47 -9.50
C LEU H 55 -66.28 37.92 -10.91
N THR H 56 -66.14 38.82 -11.89
CA THR H 56 -66.30 38.48 -13.29
C THR H 56 -64.95 38.15 -13.90
N VAL H 57 -64.87 36.99 -14.56
CA VAL H 57 -63.66 36.47 -15.16
C VAL H 57 -63.90 36.27 -16.65
N THR H 58 -63.05 36.86 -17.49
CA THR H 58 -63.11 36.63 -18.92
C THR H 58 -61.71 36.32 -19.44
N ILE H 59 -61.67 35.54 -20.52
CA ILE H 59 -60.44 35.15 -21.20
C ILE H 59 -60.53 35.64 -22.63
N ALA H 60 -59.53 36.41 -23.05
CA ALA H 60 -59.49 36.99 -24.39
C ALA H 60 -58.18 36.63 -25.08
N SER H 61 -58.19 36.73 -26.40
CA SER H 61 -56.97 36.50 -27.18
C SER H 61 -56.24 37.79 -27.51
N SER H 62 -56.87 38.95 -27.31
CA SER H 62 -56.25 40.24 -27.59
C SER H 62 -57.02 41.30 -26.83
N LEU H 63 -56.29 42.32 -26.38
CA LEU H 63 -56.90 43.45 -25.69
C LEU H 63 -57.43 44.52 -26.63
N ASN H 64 -57.10 44.44 -27.93
CA ASN H 64 -57.59 45.42 -28.88
C ASN H 64 -59.07 45.22 -29.13
N LEU H 65 -59.80 46.33 -29.26
CA LEU H 65 -61.23 46.28 -29.51
C LEU H 65 -61.54 46.30 -31.01
N THR H 76 -38.28 46.30 -33.19
CA THR H 76 -37.82 45.52 -32.05
C THR H 76 -38.77 44.36 -31.77
N ARG H 77 -38.31 43.40 -30.96
CA ARG H 77 -39.14 42.27 -30.58
C ARG H 77 -39.35 42.15 -29.08
N SER H 78 -38.79 43.07 -28.28
CA SER H 78 -39.18 43.18 -26.89
C SER H 78 -40.61 43.70 -26.78
N TRP H 79 -41.28 43.36 -25.69
CA TRP H 79 -42.65 43.78 -25.50
C TRP H 79 -42.72 45.28 -25.22
N ARG H 80 -43.56 45.99 -25.96
CA ARG H 80 -43.76 47.41 -25.79
C ARG H 80 -45.16 47.66 -25.24
N PRO H 81 -45.30 48.37 -24.12
CA PRO H 81 -46.63 48.62 -23.58
C PRO H 81 -47.43 49.52 -24.52
N PRO H 82 -48.75 49.38 -24.54
CA PRO H 82 -49.56 50.25 -25.39
C PRO H 82 -49.54 51.69 -24.89
N GLN H 83 -49.75 52.62 -25.82
CA GLN H 83 -49.71 54.03 -25.50
C GLN H 83 -50.83 54.40 -24.55
N ALA H 84 -50.56 55.34 -23.65
CA ALA H 84 -51.57 55.81 -22.71
C ALA H 84 -52.69 56.53 -23.46
N GLY H 85 -53.92 56.26 -23.06
CA GLY H 85 -55.08 56.81 -23.72
C GLY H 85 -55.66 55.95 -24.82
N ASP H 86 -54.94 54.92 -25.26
CA ASP H 86 -55.48 53.99 -26.24
C ASP H 86 -56.58 53.15 -25.62
N ARG H 87 -57.69 53.03 -26.33
CA ARG H 87 -58.80 52.23 -25.85
C ARG H 87 -58.45 50.75 -25.89
N SER H 88 -58.75 50.04 -24.80
CA SER H 88 -58.39 48.64 -24.68
C SER H 88 -59.45 47.91 -23.86
N LEU H 89 -59.48 46.59 -24.00
CA LEU H 89 -60.39 45.77 -23.20
C LEU H 89 -60.04 45.81 -21.73
N ALA H 90 -58.79 46.14 -21.38
CA ALA H 90 -58.36 46.21 -20.00
C ALA H 90 -58.86 47.45 -19.28
N ASP H 91 -59.46 48.40 -19.98
CA ASP H 91 -59.84 49.67 -19.36
C ASP H 91 -60.94 49.50 -18.34
N ASP H 92 -61.89 48.60 -18.59
CA ASP H 92 -63.01 48.36 -17.68
C ASP H 92 -62.84 47.08 -16.87
N TYR H 93 -61.60 46.77 -16.48
CA TYR H 93 -61.31 45.61 -15.64
C TYR H 93 -60.27 46.01 -14.60
N ASP H 94 -60.19 45.21 -13.54
CA ASP H 94 -59.35 45.55 -12.40
C ASP H 94 -58.08 44.72 -12.32
N TYR H 95 -57.98 43.61 -13.05
CA TYR H 95 -56.83 42.72 -12.91
C TYR H 95 -56.64 41.96 -14.21
N VAL H 96 -55.59 42.30 -14.97
CA VAL H 96 -55.31 41.67 -16.26
C VAL H 96 -54.01 40.90 -16.14
N MET H 97 -54.04 39.64 -16.56
CA MET H 97 -52.89 38.75 -16.54
C MET H 97 -52.65 38.22 -17.94
N TYR H 98 -51.40 37.88 -18.23
CA TYR H 98 -51.02 37.32 -19.53
C TYR H 98 -50.37 35.97 -19.30
N GLY H 99 -50.80 34.96 -20.05
CA GLY H 99 -50.26 33.64 -19.85
C GLY H 99 -50.45 32.75 -21.05
N THR H 100 -50.06 31.49 -20.88
CA THR H 100 -50.14 30.50 -21.94
C THR H 100 -50.92 29.29 -21.45
N ALA H 101 -51.84 28.82 -22.29
CA ALA H 101 -52.49 27.53 -22.05
C ALA H 101 -51.55 26.42 -22.44
N TYR H 102 -51.37 25.45 -21.55
CA TYR H 102 -50.40 24.38 -21.79
C TYR H 102 -50.96 22.98 -21.64
N LYS H 103 -52.18 22.82 -21.14
CA LYS H 103 -52.70 21.48 -20.91
C LYS H 103 -54.22 21.48 -20.96
N PHE H 104 -54.77 20.67 -21.86
CA PHE H 104 -56.19 20.34 -21.89
C PHE H 104 -56.33 18.88 -21.52
N GLU H 105 -57.07 18.61 -20.45
CA GLU H 105 -57.28 17.23 -20.02
C GLU H 105 -58.77 16.99 -19.83
N GLU H 106 -59.13 15.73 -19.67
CA GLU H 106 -60.51 15.33 -19.48
C GLU H 106 -60.74 14.90 -18.04
N VAL H 107 -61.77 15.46 -17.41
CA VAL H 107 -62.15 15.03 -16.07
C VAL H 107 -63.11 13.85 -16.15
N SER H 108 -64.09 13.94 -17.04
CA SER H 108 -65.06 12.88 -17.31
C SER H 108 -65.66 13.17 -18.67
N LYS H 109 -66.73 12.44 -19.00
CA LYS H 109 -67.48 12.75 -20.22
C LYS H 109 -68.20 14.08 -20.05
N ASP H 110 -68.21 14.88 -21.12
CA ASP H 110 -68.87 16.19 -21.15
C ASP H 110 -68.27 17.15 -20.12
N LEU H 111 -66.98 16.98 -19.83
CA LEU H 111 -66.33 17.76 -18.78
C LEU H 111 -64.82 17.72 -18.99
N ILE H 112 -64.22 18.87 -19.31
CA ILE H 112 -62.78 18.98 -19.52
C ILE H 112 -62.23 20.09 -18.65
N ALA H 113 -60.91 20.04 -18.44
CA ALA H 113 -60.18 21.02 -17.65
C ALA H 113 -59.06 21.63 -18.48
N VAL H 114 -58.91 22.95 -18.36
CA VAL H 114 -57.90 23.70 -19.08
C VAL H 114 -56.98 24.37 -18.07
N TYR H 115 -55.67 24.25 -18.28
CA TYR H 115 -54.67 24.79 -17.36
C TYR H 115 -53.94 25.95 -18.03
N TYR H 116 -53.96 27.10 -17.37
CA TYR H 116 -53.24 28.29 -17.80
C TYR H 116 -52.15 28.61 -16.80
N SER H 117 -51.01 29.10 -17.30
CA SER H 117 -49.90 29.50 -16.45
C SER H 117 -49.51 30.93 -16.83
N PHE H 118 -49.81 31.88 -15.94
CA PHE H 118 -49.47 33.28 -16.15
C PHE H 118 -48.13 33.58 -15.48
N GLY H 119 -47.09 33.01 -16.06
CA GLY H 119 -45.75 33.19 -15.52
C GLY H 119 -45.55 32.56 -14.16
N GLY H 120 -46.12 31.38 -13.94
CA GLY H 120 -45.98 30.66 -12.69
C GLY H 120 -47.20 30.69 -11.80
N LEU H 121 -48.14 31.59 -12.05
CA LEU H 121 -49.39 31.62 -11.32
C LEU H 121 -50.43 30.84 -12.12
N LEU H 122 -51.03 29.84 -11.50
CA LEU H 122 -51.81 28.85 -12.25
C LEU H 122 -53.29 29.20 -12.26
N MET H 123 -53.99 28.61 -13.22
CA MET H 123 -55.44 28.65 -13.30
C MET H 123 -55.94 27.34 -13.88
N ARG H 124 -56.81 26.67 -13.14
CA ARG H 124 -57.52 25.49 -13.63
C ARG H 124 -58.97 25.87 -13.85
N LEU H 125 -59.44 25.68 -15.08
CA LEU H 125 -60.81 26.01 -15.46
C LEU H 125 -61.48 24.72 -15.94
N GLU H 126 -62.44 24.23 -15.16
CA GLU H 126 -63.13 22.98 -15.46
C GLU H 126 -64.56 23.26 -15.86
N GLY H 127 -65.03 22.58 -16.90
CA GLY H 127 -66.40 22.79 -17.34
C GLY H 127 -66.73 21.94 -18.55
N ASN H 128 -67.98 22.04 -18.96
CA ASN H 128 -68.43 21.34 -20.16
C ASN H 128 -67.71 21.88 -21.38
N TYR H 129 -67.36 20.98 -22.30
CA TYR H 129 -66.56 21.40 -23.45
C TYR H 129 -67.37 22.13 -24.51
N ARG H 130 -68.68 22.26 -24.33
CA ARG H 130 -69.43 23.23 -25.13
C ARG H 130 -68.97 24.65 -24.83
N ASN H 131 -68.82 24.97 -23.54
CA ASN H 131 -68.44 26.32 -23.13
C ASN H 131 -66.96 26.61 -23.34
N LEU H 132 -66.10 25.59 -23.21
CA LEU H 132 -64.66 25.76 -23.37
C LEU H 132 -64.19 25.39 -24.76
N ASN H 133 -65.03 25.62 -25.77
CA ASN H 133 -64.68 25.27 -27.14
C ASN H 133 -63.70 26.26 -27.76
N ASN H 134 -63.72 27.52 -27.33
CA ASN H 134 -62.92 28.56 -27.97
C ASN H 134 -61.48 28.60 -27.49
N LEU H 135 -61.14 27.90 -26.42
CA LEU H 135 -59.76 27.87 -25.93
C LEU H 135 -58.92 26.98 -26.85
N LYS H 136 -57.77 27.50 -27.29
CA LYS H 136 -57.08 26.92 -28.44
C LYS H 136 -55.60 26.66 -28.17
N GLN H 137 -55.19 26.57 -26.90
CA GLN H 137 -53.81 26.29 -26.50
C GLN H 137 -52.84 27.31 -27.09
N GLU H 138 -53.00 28.55 -26.64
CA GLU H 138 -52.12 29.64 -27.06
C GLU H 138 -52.04 30.66 -25.94
N ASN H 139 -51.38 31.78 -26.23
CA ASN H 139 -51.30 32.85 -25.25
C ASN H 139 -52.64 33.57 -25.13
N ALA H 140 -52.98 33.98 -23.91
CA ALA H 140 -54.27 34.57 -23.64
C ALA H 140 -54.16 35.56 -22.48
N TYR H 141 -55.13 36.47 -22.44
CA TYR H 141 -55.28 37.44 -21.37
C TYR H 141 -56.44 37.04 -20.48
N LEU H 142 -56.22 37.12 -19.17
CA LEU H 142 -57.24 36.83 -18.17
C LEU H 142 -57.60 38.15 -17.49
N LEU H 143 -58.84 38.60 -17.69
CA LEU H 143 -59.32 39.86 -17.14
C LEU H 143 -60.34 39.58 -16.05
N ILE H 144 -60.11 40.16 -14.88
CA ILE H 144 -60.94 39.95 -13.69
C ILE H 144 -61.39 41.31 -13.19
N ARG H 145 -62.68 41.43 -12.90
CA ARG H 145 -63.20 42.61 -12.24
C ARG H 145 -64.20 42.18 -11.17
N ARG H 146 -64.69 43.16 -10.41
CA ARG H 146 -65.67 42.87 -9.37
C ARG H 146 -67.05 43.37 -9.77
N MET I 1 -15.32 -36.81 38.66
CA MET I 1 -14.93 -37.36 39.94
C MET I 1 -13.94 -36.44 40.65
N LEU I 2 -14.42 -35.71 41.65
CA LEU I 2 -13.59 -34.79 42.43
C LEU I 2 -13.62 -35.23 43.89
N SER I 3 -12.61 -35.99 44.29
CA SER I 3 -12.47 -36.44 45.66
C SER I 3 -11.03 -36.22 46.11
N PHE I 4 -10.85 -35.99 47.40
CA PHE I 4 -9.55 -35.66 47.96
C PHE I 4 -9.21 -36.59 49.12
N CYS I 5 -7.93 -36.90 49.24
CA CYS I 5 -7.45 -37.83 50.25
C CYS I 5 -7.57 -37.25 51.64
N PRO I 6 -8.25 -37.90 52.58
CA PRO I 6 -8.43 -37.30 53.91
C PRO I 6 -7.14 -37.16 54.72
N SER I 7 -6.09 -37.90 54.37
CA SER I 7 -4.85 -37.81 55.14
C SER I 7 -4.10 -36.52 54.84
N CYS I 8 -4.02 -36.13 53.56
CA CYS I 8 -3.20 -34.99 53.17
C CYS I 8 -3.91 -34.00 52.26
N ASN I 9 -5.21 -34.16 52.04
CA ASN I 9 -6.03 -33.23 51.24
C ASN I 9 -5.49 -33.08 49.82
N ASN I 10 -4.89 -34.14 49.28
CA ASN I 10 -4.44 -34.17 47.91
C ASN I 10 -5.46 -34.92 47.04
N MET I 11 -5.36 -34.72 45.73
CA MET I 11 -6.36 -35.28 44.82
C MET I 11 -6.19 -36.78 44.70
N LEU I 12 -7.33 -37.49 44.71
CA LEU I 12 -7.35 -38.95 44.63
C LEU I 12 -7.55 -39.38 43.19
N LEU I 13 -6.82 -40.41 42.77
CA LEU I 13 -6.90 -40.91 41.41
C LEU I 13 -7.22 -42.41 41.45
N ILE I 14 -7.77 -42.91 40.34
CA ILE I 14 -8.18 -44.30 40.25
C ILE I 14 -7.20 -45.06 39.36
N THR I 15 -6.57 -46.09 39.91
CA THR I 15 -5.61 -46.91 39.19
C THR I 15 -6.10 -48.35 39.12
N SER I 16 -5.65 -49.06 38.08
CA SER I 16 -6.08 -50.43 37.88
C SER I 16 -5.44 -51.36 38.91
N GLY I 17 -4.14 -51.21 39.15
CA GLY I 17 -3.44 -52.07 40.08
C GLY I 17 -3.08 -53.40 39.47
N ASP I 18 -2.35 -54.21 40.25
CA ASP I 18 -1.95 -55.53 39.79
C ASP I 18 -3.14 -56.50 39.78
N SER I 19 -4.04 -56.35 40.76
CA SER I 19 -5.20 -57.23 40.85
C SER I 19 -6.28 -56.91 39.82
N GLY I 20 -6.21 -55.75 39.18
CA GLY I 20 -7.21 -55.36 38.20
C GLY I 20 -8.46 -54.75 38.78
N VAL I 21 -8.50 -54.48 40.08
CA VAL I 21 -9.66 -53.86 40.72
C VAL I 21 -9.33 -52.40 41.00
N TYR I 22 -10.28 -51.52 40.70
CA TYR I 22 -10.06 -50.08 40.84
C TYR I 22 -10.15 -49.67 42.31
N THR I 23 -9.27 -48.74 42.70
CA THR I 23 -9.25 -48.19 44.04
C THR I 23 -9.02 -46.69 43.96
N LEU I 24 -9.60 -45.94 44.90
CA LEU I 24 -9.28 -44.53 45.07
C LEU I 24 -7.96 -44.43 45.82
N ALA I 25 -6.87 -44.15 45.10
CA ALA I 25 -5.53 -44.14 45.67
C ALA I 25 -4.94 -42.75 45.60
N CYS I 26 -4.06 -42.46 46.55
CA CYS I 26 -3.35 -41.19 46.64
C CYS I 26 -1.91 -41.41 46.21
N ARG I 27 -1.43 -40.56 45.30
CA ARG I 27 -0.08 -40.69 44.78
C ARG I 27 0.97 -40.03 45.69
N SER I 28 0.54 -39.35 46.76
CA SER I 28 1.45 -38.68 47.68
C SER I 28 1.74 -39.50 48.92
N CYS I 29 0.69 -39.97 49.60
CA CYS I 29 0.80 -40.67 50.86
C CYS I 29 0.22 -42.07 50.73
N PRO I 30 0.61 -43.00 51.61
CA PRO I 30 0.08 -44.36 51.52
C PRO I 30 -1.37 -44.45 51.96
N TYR I 31 -2.30 -44.19 51.04
CA TYR I 31 -3.72 -44.28 51.31
C TYR I 31 -4.44 -44.87 50.12
N GLU I 32 -5.36 -45.81 50.39
CA GLU I 32 -6.23 -46.35 49.36
C GLU I 32 -7.64 -46.53 49.91
N PHE I 33 -8.59 -46.60 48.98
CA PHE I 33 -10.00 -46.81 49.30
C PHE I 33 -10.54 -47.79 48.26
N PRO I 34 -10.66 -49.08 48.62
CA PRO I 34 -11.27 -50.04 47.70
C PRO I 34 -12.76 -49.78 47.53
N ILE I 35 -13.26 -50.12 46.35
CA ILE I 35 -14.66 -49.88 46.01
C ILE I 35 -15.39 -51.18 45.66
N GLU I 36 -14.91 -52.32 46.16
CA GLU I 36 -15.58 -53.59 45.92
C GLU I 36 -16.87 -53.64 46.71
N GLY I 37 -18.00 -53.71 46.00
CA GLY I 37 -19.29 -53.63 46.63
C GLY I 37 -19.73 -52.25 47.01
N ILE I 38 -18.98 -51.22 46.64
CA ILE I 38 -19.29 -49.83 46.95
C ILE I 38 -19.42 -49.06 45.64
N GLU I 39 -20.50 -48.30 45.50
CA GLU I 39 -20.75 -47.52 44.30
C GLU I 39 -20.26 -46.09 44.50
N ILE I 40 -19.59 -45.54 43.49
CA ILE I 40 -19.18 -44.15 43.48
C ILE I 40 -19.58 -43.54 42.15
N TYR I 41 -20.18 -42.35 42.19
CA TYR I 41 -20.56 -41.67 40.98
C TYR I 41 -20.62 -40.17 41.25
N ASP I 42 -20.08 -39.40 40.31
CA ASP I 42 -20.07 -37.94 40.38
C ASP I 42 -21.03 -37.42 39.31
N ARG I 43 -22.27 -37.14 39.73
CA ARG I 43 -23.32 -36.74 38.80
C ARG I 43 -23.19 -35.25 38.50
N LYS I 44 -23.20 -34.92 37.20
CA LYS I 44 -23.13 -33.54 36.73
C LYS I 44 -24.49 -33.22 36.11
N LYS I 45 -25.40 -32.69 36.93
CA LYS I 45 -26.74 -32.34 36.48
C LYS I 45 -26.65 -31.15 35.53
N LEU I 46 -26.82 -31.42 34.24
CA LEU I 46 -26.80 -30.37 33.25
C LEU I 46 -28.03 -29.48 33.42
N PRO I 47 -27.89 -28.17 33.19
CA PRO I 47 -29.03 -27.26 33.35
C PRO I 47 -30.13 -27.56 32.33
N ARG I 48 -31.37 -27.43 32.79
CA ARG I 48 -32.54 -27.66 31.96
C ARG I 48 -33.30 -26.35 31.81
N LYS I 49 -33.54 -25.95 30.57
CA LYS I 49 -34.24 -24.71 30.26
C LYS I 49 -35.64 -25.03 29.74
N GLU I 50 -36.59 -24.16 30.06
CA GLU I 50 -37.98 -24.40 29.70
C GLU I 50 -38.14 -24.32 28.19
N VAL I 51 -38.89 -25.28 27.64
CA VAL I 51 -39.13 -25.38 26.21
C VAL I 51 -40.64 -25.36 25.97
N ASP I 52 -41.06 -24.61 24.96
CA ASP I 52 -42.47 -24.52 24.62
C ASP I 52 -42.88 -25.69 23.76
N ASP I 53 -44.06 -26.25 24.06
CA ASP I 53 -44.61 -27.36 23.28
C ASP I 53 -45.02 -26.83 21.92
N VAL I 54 -44.22 -27.14 20.90
CA VAL I 54 -44.48 -26.60 19.57
C VAL I 54 -45.71 -27.23 18.93
N LEU I 55 -46.15 -28.39 19.41
CA LEU I 55 -47.38 -29.01 18.97
C LEU I 55 -48.51 -28.90 19.99
N GLY I 56 -48.22 -28.40 21.19
CA GLY I 56 -49.28 -28.22 22.18
C GLY I 56 -50.22 -27.10 21.78
N GLY I 57 -51.47 -27.24 22.22
CA GLY I 57 -52.50 -26.28 21.89
C GLY I 57 -53.14 -26.44 20.53
N GLY I 58 -52.69 -27.42 19.74
CA GLY I 58 -53.27 -27.67 18.43
C GLY I 58 -54.34 -28.72 18.39
N TRP I 59 -54.54 -29.46 19.48
CA TRP I 59 -55.54 -30.51 19.55
C TRP I 59 -56.84 -30.02 20.19
N ASP I 60 -57.15 -28.74 20.03
CA ASP I 60 -58.34 -28.14 20.61
C ASP I 60 -59.33 -27.81 19.49
N ASN I 61 -60.58 -28.26 19.66
CA ASN I 61 -61.67 -28.04 18.71
C ASN I 61 -61.31 -28.56 17.31
N VAL I 62 -60.96 -29.84 17.27
CA VAL I 62 -60.62 -30.53 16.03
C VAL I 62 -61.38 -31.84 15.96
N ASP I 63 -61.48 -32.38 14.75
CA ASP I 63 -62.22 -33.61 14.52
C ASP I 63 -61.50 -34.79 15.17
N GLN I 64 -62.27 -35.85 15.46
CA GLN I 64 -61.77 -37.06 16.09
C GLN I 64 -61.74 -38.21 15.11
N THR I 65 -60.99 -39.24 15.46
CA THR I 65 -60.87 -40.44 14.64
C THR I 65 -60.83 -41.67 15.52
N LYS I 66 -61.08 -42.82 14.92
CA LYS I 66 -61.09 -44.11 15.62
C LYS I 66 -59.77 -44.82 15.32
N THR I 67 -58.74 -44.49 16.09
CA THR I 67 -57.43 -45.11 15.94
C THR I 67 -56.97 -45.61 17.30
N GLN I 68 -56.57 -46.88 17.37
CA GLN I 68 -56.12 -47.47 18.61
C GLN I 68 -54.71 -46.98 18.95
N CYS I 69 -54.53 -46.58 20.21
CA CYS I 69 -53.23 -46.15 20.67
C CYS I 69 -52.25 -47.33 20.73
N PRO I 70 -50.96 -47.09 20.51
CA PRO I 70 -50.00 -48.21 20.51
C PRO I 70 -49.88 -48.92 21.85
N ASN I 71 -50.20 -48.24 22.95
CA ASN I 71 -50.16 -48.87 24.28
C ASN I 71 -51.48 -49.60 24.53
N TYR I 72 -51.69 -50.67 23.74
CA TYR I 72 -52.91 -51.44 23.86
C TYR I 72 -52.91 -52.32 25.10
N ASP I 73 -51.73 -52.73 25.56
CA ASP I 73 -51.66 -53.60 26.73
C ASP I 73 -51.98 -52.87 28.03
N THR I 74 -51.92 -51.54 28.03
CA THR I 74 -52.23 -50.75 29.23
C THR I 74 -53.62 -50.12 29.20
N CYS I 75 -54.14 -49.80 28.01
CA CYS I 75 -55.46 -49.20 27.89
C CYS I 75 -56.01 -49.52 26.51
N GLY I 76 -57.32 -49.31 26.35
CA GLY I 76 -57.98 -49.64 25.11
C GLY I 76 -58.79 -48.50 24.51
N GLY I 77 -58.29 -47.28 24.62
CA GLY I 77 -58.99 -46.14 24.06
C GLY I 77 -58.99 -46.18 22.54
N GLU I 78 -60.06 -45.66 21.95
CA GLU I 78 -60.23 -45.66 20.50
C GLU I 78 -60.32 -44.26 19.91
N SER I 79 -61.11 -43.37 20.51
CA SER I 79 -61.25 -42.03 19.99
C SER I 79 -59.99 -41.21 20.26
N ALA I 80 -59.49 -40.55 19.21
CA ALA I 80 -58.26 -39.77 19.31
C ALA I 80 -58.41 -38.49 18.51
N TYR I 81 -57.87 -37.39 19.05
CA TYR I 81 -57.88 -36.13 18.33
C TYR I 81 -56.82 -36.14 17.24
N PHE I 82 -57.23 -35.84 16.00
CA PHE I 82 -56.32 -35.93 14.87
C PHE I 82 -56.37 -34.65 14.06
N PHE I 83 -55.24 -34.31 13.44
CA PHE I 83 -55.19 -33.22 12.48
C PHE I 83 -54.03 -33.46 11.54
N GLN I 84 -54.03 -32.70 10.44
CA GLN I 84 -53.08 -32.87 9.36
C GLN I 84 -52.13 -31.67 9.32
N LEU I 85 -50.86 -31.93 8.98
CA LEU I 85 -49.87 -30.88 8.87
C LEU I 85 -48.87 -31.26 7.79
N GLN I 86 -48.40 -30.25 7.06
CA GLN I 86 -47.42 -30.44 5.99
C GLN I 86 -46.08 -29.93 6.49
N ILE I 87 -45.18 -30.85 6.82
CA ILE I 87 -43.87 -30.49 7.38
C ILE I 87 -42.78 -31.04 6.48
N ARG I 88 -43.17 -31.54 5.30
CA ARG I 88 -42.25 -32.18 4.38
C ARG I 88 -42.39 -31.53 3.01
N SER I 89 -41.79 -32.16 2.00
CA SER I 89 -41.91 -31.66 0.64
C SER I 89 -43.33 -31.87 0.12
N ALA I 90 -43.63 -31.20 -1.00
CA ALA I 90 -44.97 -31.20 -1.56
C ALA I 90 -45.29 -32.44 -2.40
N ASP I 91 -44.30 -33.30 -2.65
CA ASP I 91 -44.51 -34.48 -3.48
C ASP I 91 -44.59 -35.76 -2.65
N GLU I 92 -44.63 -35.66 -1.33
CA GLU I 92 -44.73 -36.81 -0.44
C GLU I 92 -45.83 -36.53 0.56
N PRO I 93 -46.47 -37.57 1.11
CA PRO I 93 -47.74 -37.37 1.83
C PRO I 93 -47.63 -36.45 3.05
N MET I 94 -48.72 -35.74 3.30
CA MET I 94 -48.78 -34.72 4.35
C MET I 94 -49.14 -35.40 5.67
N THR I 95 -48.29 -35.21 6.68
CA THR I 95 -48.31 -36.07 7.85
C THR I 95 -49.50 -35.78 8.76
N THR I 96 -49.82 -36.74 9.62
CA THR I 96 -50.94 -36.66 10.53
C THR I 96 -50.43 -36.74 11.97
N PHE I 97 -50.86 -35.78 12.80
CA PHE I 97 -50.60 -35.78 14.22
C PHE I 97 -51.90 -36.13 14.94
N TYR I 98 -51.88 -37.19 15.75
CA TYR I 98 -53.07 -37.60 16.46
C TYR I 98 -52.71 -38.14 17.83
N LYS I 99 -53.49 -37.75 18.83
CA LYS I 99 -53.22 -38.03 20.22
C LYS I 99 -54.44 -38.70 20.87
N CYS I 100 -54.17 -39.75 21.64
CA CYS I 100 -55.23 -40.44 22.37
C CYS I 100 -55.78 -39.55 23.48
N VAL I 101 -57.08 -39.67 23.73
CA VAL I 101 -57.75 -38.81 24.71
C VAL I 101 -57.72 -39.36 26.13
N ASN I 102 -57.25 -40.58 26.32
CA ASN I 102 -57.27 -41.22 27.64
C ASN I 102 -55.89 -41.42 28.25
N CYS I 103 -54.87 -41.72 27.44
CA CYS I 103 -53.54 -42.02 27.94
C CYS I 103 -52.47 -41.02 27.52
N GLY I 104 -52.80 -40.07 26.65
CA GLY I 104 -51.79 -39.16 26.16
C GLY I 104 -50.81 -39.88 25.25
N HIS I 105 -49.51 -39.68 25.51
CA HIS I 105 -48.42 -40.33 24.78
C HIS I 105 -48.54 -40.06 23.28
N ARG I 106 -48.40 -38.79 22.92
CA ARG I 106 -48.68 -38.34 21.56
C ARG I 106 -47.72 -38.95 20.55
N TRP I 107 -48.23 -39.24 19.36
CA TRP I 107 -47.43 -39.86 18.30
C TRP I 107 -48.00 -39.46 16.94
N LYS I 108 -47.17 -39.59 15.92
CA LYS I 108 -47.46 -39.09 14.59
C LYS I 108 -47.25 -40.18 13.55
N GLU I 109 -47.77 -39.97 12.35
CA GLU I 109 -47.46 -40.87 11.25
C GLU I 109 -47.54 -40.10 9.94
N ASN I 110 -47.11 -40.75 8.87
CA ASN I 110 -47.15 -40.15 7.53
C ASN I 110 -48.40 -40.60 6.78
N MET J 1 -1.30 46.24 20.84
CA MET J 1 -0.32 46.61 21.86
C MET J 1 -0.59 48.00 22.40
N ILE J 2 -1.14 48.88 21.57
CA ILE J 2 -1.50 50.24 21.94
C ILE J 2 -2.86 50.52 21.30
N VAL J 3 -3.55 51.52 21.84
CA VAL J 3 -4.91 51.82 21.37
C VAL J 3 -4.86 52.26 19.91
N PRO J 4 -5.68 51.69 19.03
CA PRO J 4 -5.65 52.08 17.62
C PRO J 4 -6.15 53.51 17.42
N VAL J 5 -5.62 54.15 16.38
CA VAL J 5 -5.96 55.54 16.11
C VAL J 5 -7.41 55.67 15.64
N ARG J 6 -7.86 54.73 14.81
CA ARG J 6 -9.18 54.82 14.21
C ARG J 6 -9.97 53.54 14.46
N CYS J 7 -11.29 53.70 14.53
CA CYS J 7 -12.19 52.57 14.61
C CYS J 7 -12.16 51.76 13.31
N PHE J 8 -12.12 50.43 13.45
CA PHE J 8 -11.98 49.56 12.28
C PHE J 8 -13.18 49.66 11.35
N SER J 9 -14.38 49.76 11.90
CA SER J 9 -15.59 49.67 11.09
C SER J 9 -15.87 50.97 10.35
N CYS J 10 -16.09 52.05 11.09
CA CYS J 10 -16.52 53.32 10.49
C CYS J 10 -15.32 54.21 10.13
N GLY J 11 -14.50 54.54 11.12
CA GLY J 11 -13.35 55.38 10.86
C GLY J 11 -13.22 56.53 11.84
N LYS J 12 -14.05 56.51 12.89
CA LYS J 12 -13.98 57.54 13.91
C LYS J 12 -12.67 57.41 14.70
N VAL J 13 -12.08 58.55 15.02
CA VAL J 13 -10.80 58.57 15.74
C VAL J 13 -11.08 58.26 17.21
N VAL J 14 -10.61 57.11 17.67
CA VAL J 14 -10.74 56.71 19.06
C VAL J 14 -9.41 56.63 19.78
N GLY J 15 -8.30 56.98 19.11
CA GLY J 15 -6.99 56.93 19.73
C GLY J 15 -6.77 58.02 20.76
N ASP J 16 -7.57 59.08 20.72
CA ASP J 16 -7.45 60.18 21.67
C ASP J 16 -8.42 60.03 22.85
N LYS J 17 -9.15 58.93 22.94
CA LYS J 17 -10.11 58.71 24.01
C LYS J 17 -9.61 57.75 25.08
N TRP J 18 -8.43 57.16 24.92
CA TRP J 18 -7.97 56.14 25.87
C TRP J 18 -7.63 56.76 27.22
N GLU J 19 -6.85 57.84 27.21
CA GLU J 19 -6.47 58.49 28.47
C GLU J 19 -7.68 59.07 29.18
N SER J 20 -8.60 59.68 28.43
CA SER J 20 -9.81 60.22 29.04
C SER J 20 -10.68 59.11 29.61
N TYR J 21 -10.78 57.98 28.91
CA TYR J 21 -11.56 56.85 29.41
C TYR J 21 -10.97 56.32 30.71
N LEU J 22 -9.64 56.19 30.77
CA LEU J 22 -8.99 55.75 31.99
C LEU J 22 -9.18 56.75 33.13
N ASN J 23 -9.15 58.05 32.82
CA ASN J 23 -9.34 59.07 33.84
C ASN J 23 -10.78 59.05 34.38
N LEU J 24 -11.76 58.89 33.49
CA LEU J 24 -13.15 58.81 33.95
C LEU J 24 -13.41 57.55 34.75
N LEU J 25 -12.75 56.45 34.42
CA LEU J 25 -12.91 55.26 35.26
C LEU J 25 -12.23 55.40 36.60
N GLN J 26 -11.05 56.03 36.63
CA GLN J 26 -10.24 56.04 37.83
C GLN J 26 -10.59 57.21 38.76
N GLU J 27 -10.61 58.43 38.22
CA GLU J 27 -10.87 59.60 39.07
C GLU J 27 -12.34 59.76 39.39
N ASP J 28 -13.19 59.87 38.36
CA ASP J 28 -14.60 60.13 38.56
C ASP J 28 -15.39 58.91 39.03
N GLU J 29 -14.77 57.73 39.01
CA GLU J 29 -15.38 56.47 39.46
C GLU J 29 -16.65 56.15 38.69
N LEU J 30 -16.71 56.55 37.42
CA LEU J 30 -17.85 56.24 36.58
C LEU J 30 -17.82 54.78 36.15
N ASP J 31 -19.00 54.23 35.87
CA ASP J 31 -19.06 52.89 35.33
C ASP J 31 -18.60 52.89 33.87
N GLU J 32 -18.24 51.70 33.40
CA GLU J 32 -17.64 51.57 32.07
C GLU J 32 -18.62 51.91 30.95
N GLY J 33 -19.93 51.74 31.18
CA GLY J 33 -20.90 52.02 30.13
C GLY J 33 -21.28 53.47 29.99
N THR J 34 -21.00 54.30 30.99
CA THR J 34 -21.29 55.73 30.92
C THR J 34 -20.08 56.55 30.51
N ALA J 35 -18.87 56.10 30.85
CA ALA J 35 -17.67 56.80 30.41
C ALA J 35 -17.53 56.74 28.90
N LEU J 36 -17.95 55.64 28.28
CA LEU J 36 -17.93 55.53 26.83
C LEU J 36 -18.89 56.53 26.20
N SER J 37 -20.09 56.67 26.76
CA SER J 37 -21.07 57.59 26.20
C SER J 37 -20.68 59.04 26.43
N ARG J 38 -20.01 59.33 27.54
CA ARG J 38 -19.56 60.69 27.81
C ARG J 38 -18.47 61.14 26.85
N LEU J 39 -17.74 60.20 26.24
CA LEU J 39 -16.69 60.52 25.29
C LEU J 39 -17.19 60.57 23.85
N GLY J 40 -18.49 60.40 23.62
CA GLY J 40 -19.04 60.48 22.29
C GLY J 40 -19.00 59.20 21.50
N LEU J 41 -18.64 58.08 22.11
CA LEU J 41 -18.64 56.78 21.44
C LEU J 41 -20.04 56.20 21.50
N LYS J 42 -20.86 56.60 20.53
CA LYS J 42 -22.27 56.19 20.51
C LYS J 42 -22.44 54.85 19.80
N ARG J 43 -21.84 54.71 18.62
CA ARG J 43 -21.93 53.46 17.88
C ARG J 43 -21.15 52.37 18.60
N TYR J 44 -21.69 51.14 18.55
CA TYR J 44 -21.06 50.05 19.31
C TYR J 44 -19.73 49.63 18.70
N CYS J 45 -19.54 49.88 17.41
CA CYS J 45 -18.26 49.58 16.76
C CYS J 45 -17.13 50.42 17.34
N CYS J 46 -17.43 51.67 17.72
CA CYS J 46 -16.44 52.47 18.41
C CYS J 46 -16.30 52.10 19.88
N ARG J 47 -17.39 51.66 20.51
CA ARG J 47 -17.33 51.28 21.92
C ARG J 47 -16.45 50.06 22.13
N ARG J 48 -16.55 49.07 21.23
CA ARG J 48 -15.74 47.87 21.35
C ARG J 48 -14.27 48.15 21.08
N MET J 49 -13.95 49.30 20.49
CA MET J 49 -12.57 49.57 20.11
C MET J 49 -11.70 49.81 21.33
N ILE J 50 -12.22 50.52 22.33
CA ILE J 50 -11.49 50.76 23.57
C ILE J 50 -12.09 50.03 24.76
N LEU J 51 -13.26 49.41 24.61
CA LEU J 51 -13.79 48.58 25.69
C LEU J 51 -13.07 47.24 25.76
N THR J 52 -12.70 46.67 24.62
CA THR J 52 -12.01 45.40 24.55
C THR J 52 -10.51 45.56 24.31
N HIS J 53 -9.99 46.78 24.35
CA HIS J 53 -8.58 47.00 24.11
C HIS J 53 -7.76 46.51 25.30
N VAL J 54 -6.65 45.84 25.00
CA VAL J 54 -5.71 45.38 26.01
C VAL J 54 -4.42 46.17 25.82
N ASP J 55 -4.09 47.01 26.81
CA ASP J 55 -2.95 47.92 26.71
C ASP J 55 -1.69 47.16 27.09
N LEU J 56 -1.17 46.41 26.12
CA LEU J 56 0.02 45.59 26.34
C LEU J 56 1.31 46.39 26.28
N ILE J 57 1.25 47.67 25.89
CA ILE J 57 2.47 48.47 25.77
C ILE J 57 3.10 48.70 27.14
N GLU J 58 2.27 48.85 28.18
CA GLU J 58 2.80 49.01 29.54
C GLU J 58 3.56 47.77 29.99
N LYS J 59 3.03 46.59 29.66
CA LYS J 59 3.71 45.34 30.02
C LYS J 59 4.97 45.15 29.20
N PHE J 60 4.94 45.52 27.92
CA PHE J 60 6.12 45.39 27.07
C PHE J 60 7.23 46.34 27.49
N LEU J 61 6.87 47.51 28.04
CA LEU J 61 7.87 48.50 28.40
C LEU J 61 8.62 48.18 29.68
N ARG J 62 8.19 47.17 30.44
CA ARG J 62 8.94 46.75 31.62
C ARG J 62 10.28 46.13 31.26
N TYR J 63 10.42 45.63 30.04
CA TYR J 63 11.62 44.94 29.58
C TYR J 63 12.46 45.83 28.68
N ASN J 64 12.58 47.10 29.05
CA ASN J 64 13.34 48.09 28.29
C ASN J 64 14.79 47.68 28.18
N PRO J 65 15.34 47.52 26.96
CA PRO J 65 16.75 47.14 26.84
C PRO J 65 17.71 48.32 26.87
N LEU J 66 17.22 49.55 26.78
CA LEU J 66 18.06 50.73 26.78
C LEU J 66 18.24 51.32 28.18
N GLU J 67 17.57 50.76 29.19
CA GLU J 67 17.69 51.25 30.55
C GLU J 67 17.25 50.17 31.54
N LYS J 68 19.46 49.88 33.71
CA LYS J 68 19.10 48.73 34.52
C LYS J 68 17.59 48.72 34.78
N ARG J 69 17.01 47.52 34.79
CA ARG J 69 15.59 47.38 35.12
C ARG J 69 15.39 47.37 36.62
N GLU K 41 -5.94 64.75 -27.63
CA GLU K 41 -6.46 65.45 -26.45
C GLU K 41 -7.72 64.81 -25.83
N PRO K 42 -8.74 64.43 -26.62
CA PRO K 42 -9.87 63.71 -26.01
C PRO K 42 -9.45 62.32 -25.56
N ASP K 43 -10.11 61.83 -24.51
CA ASP K 43 -9.81 60.52 -23.94
C ASP K 43 -10.49 59.45 -24.77
N ARG K 44 -9.73 58.82 -25.67
CA ARG K 44 -10.26 57.78 -26.53
C ARG K 44 -10.47 56.47 -25.79
N GLU K 45 -9.77 56.25 -24.67
CA GLU K 45 -9.82 54.99 -23.95
C GLU K 45 -10.87 54.98 -22.84
N LYS K 46 -11.64 56.05 -22.69
CA LYS K 46 -12.56 56.15 -21.58
C LYS K 46 -13.81 55.29 -21.80
N ILE K 47 -14.57 55.59 -22.84
CA ILE K 47 -15.81 54.88 -23.13
C ILE K 47 -15.71 54.27 -24.52
N LYS K 48 -16.07 52.99 -24.62
CA LYS K 48 -16.01 52.25 -25.87
C LYS K 48 -17.37 51.62 -26.17
N LEU K 49 -17.64 51.40 -27.44
CA LEU K 49 -18.86 50.75 -27.90
C LEU K 49 -18.49 49.33 -28.34
N LEU K 50 -18.94 48.34 -27.58
CA LEU K 50 -18.61 46.94 -27.87
C LEU K 50 -19.36 46.49 -29.12
N THR K 51 -18.62 46.32 -30.21
CA THR K 51 -19.25 46.07 -31.51
C THR K 51 -20.00 44.75 -31.52
N GLN K 52 -19.45 43.71 -30.87
CA GLN K 52 -20.04 42.38 -30.93
C GLN K 52 -21.40 42.28 -30.25
N ALA K 53 -21.81 43.27 -29.46
CA ALA K 53 -23.08 43.21 -28.76
C ALA K 53 -24.12 44.17 -29.28
N THR K 54 -23.73 45.20 -30.03
CA THR K 54 -24.69 46.18 -30.53
C THR K 54 -25.49 45.60 -31.69
N SER K 55 -26.59 46.27 -32.00
CA SER K 55 -27.43 45.91 -33.13
C SER K 55 -26.93 46.62 -34.39
N GLU K 56 -27.50 46.21 -35.54
CA GLU K 56 -27.08 46.77 -36.82
C GLU K 56 -27.51 48.23 -36.95
N ASP K 57 -28.70 48.56 -36.48
CA ASP K 57 -29.23 49.91 -36.60
C ASP K 57 -28.90 50.80 -35.41
N GLY K 58 -28.14 50.30 -34.44
CA GLY K 58 -27.76 51.08 -33.28
C GLY K 58 -28.83 51.21 -32.22
N THR K 59 -29.97 50.52 -32.37
CA THR K 59 -31.03 50.60 -31.37
C THR K 59 -30.57 50.01 -30.04
N SER K 60 -29.91 48.86 -30.08
CA SER K 60 -29.37 48.22 -28.88
C SER K 60 -27.85 48.37 -28.88
N ALA K 61 -27.28 48.66 -27.72
CA ALA K 61 -25.84 48.83 -27.62
C ALA K 61 -25.38 48.50 -26.22
N SER K 62 -24.08 48.24 -26.10
CA SER K 62 -23.43 48.04 -24.81
C SER K 62 -22.14 48.83 -24.81
N PHE K 63 -21.96 49.64 -23.76
CA PHE K 63 -20.81 50.53 -23.65
C PHE K 63 -19.94 50.11 -22.47
N GLN K 64 -18.63 50.09 -22.71
CA GLN K 64 -17.65 49.77 -21.69
C GLN K 64 -17.00 51.06 -21.21
N ILE K 65 -17.11 51.35 -19.93
CA ILE K 65 -16.62 52.57 -19.32
C ILE K 65 -15.57 52.21 -18.29
N VAL K 66 -14.42 52.83 -18.39
CA VAL K 66 -13.27 52.53 -17.54
C VAL K 66 -13.28 53.45 -16.33
N GLU K 67 -12.81 52.92 -15.20
CA GLU K 67 -12.60 53.67 -13.97
C GLU K 67 -13.90 54.20 -13.38
N GLU K 68 -14.96 53.39 -13.46
CA GLU K 68 -16.22 53.64 -12.77
C GLU K 68 -16.67 52.38 -12.05
N ASP K 69 -17.68 52.57 -11.21
CA ASP K 69 -18.26 51.51 -10.40
C ASP K 69 -19.73 51.85 -10.19
N HIS K 70 -20.34 51.24 -9.16
CA HIS K 70 -21.79 51.33 -8.97
C HIS K 70 -22.26 52.76 -8.76
N THR K 71 -21.40 53.65 -8.27
CA THR K 71 -21.83 55.00 -7.89
C THR K 71 -22.24 55.83 -9.11
N LEU K 72 -21.73 55.47 -10.29
CA LEU K 72 -22.16 56.12 -11.52
C LEU K 72 -23.10 55.24 -12.34
N GLY K 73 -22.86 53.92 -12.33
CA GLY K 73 -23.72 53.02 -13.09
C GLY K 73 -25.15 53.03 -12.60
N ASN K 74 -25.35 53.06 -11.29
CA ASN K 74 -26.70 53.05 -10.74
C ASN K 74 -27.44 54.35 -11.06
N ALA K 75 -26.75 55.49 -10.94
CA ALA K 75 -27.36 56.77 -11.27
C ALA K 75 -27.71 56.85 -12.75
N LEU K 76 -26.81 56.38 -13.62
CA LEU K 76 -27.10 56.34 -15.05
C LEU K 76 -28.28 55.41 -15.34
N ARG K 77 -28.34 54.27 -14.66
CA ARG K 77 -29.44 53.34 -14.87
C ARG K 77 -30.77 53.99 -14.50
N TYR K 78 -30.82 54.64 -13.34
CA TYR K 78 -32.07 55.27 -12.90
C TYR K 78 -32.49 56.39 -13.84
N VAL K 79 -31.52 57.20 -14.29
CA VAL K 79 -31.87 58.33 -15.14
C VAL K 79 -32.32 57.84 -16.52
N ILE K 80 -31.64 56.83 -17.06
CA ILE K 80 -31.94 56.36 -18.41
C ILE K 80 -33.28 55.62 -18.43
N MET K 81 -33.61 54.89 -17.36
CA MET K 81 -34.93 54.25 -17.32
C MET K 81 -36.08 55.24 -17.29
N LYS K 82 -35.82 56.51 -16.97
CA LYS K 82 -36.87 57.53 -17.05
C LYS K 82 -37.06 58.05 -18.47
N ASN K 83 -36.22 57.66 -19.41
CA ASN K 83 -36.45 57.98 -20.82
C ASN K 83 -37.62 57.14 -21.34
N PRO K 84 -38.65 57.75 -21.92
CA PRO K 84 -39.79 56.97 -22.43
C PRO K 84 -39.43 56.01 -23.55
N ASP K 85 -38.33 56.23 -24.26
CA ASP K 85 -37.95 55.36 -25.37
C ASP K 85 -37.06 54.19 -24.95
N VAL K 86 -36.58 54.17 -23.72
CA VAL K 86 -35.66 53.12 -23.27
C VAL K 86 -36.47 52.00 -22.64
N GLU K 87 -36.26 50.78 -23.12
CA GLU K 87 -36.89 49.60 -22.55
C GLU K 87 -35.90 48.67 -21.86
N PHE K 88 -34.61 48.98 -21.90
CA PHE K 88 -33.62 48.15 -21.24
C PHE K 88 -32.41 49.02 -20.91
N CYS K 89 -32.12 49.20 -19.63
CA CYS K 89 -30.87 49.83 -19.19
C CYS K 89 -30.34 49.08 -17.98
N GLY K 90 -29.14 48.53 -18.11
CA GLY K 90 -28.56 47.78 -17.00
C GLY K 90 -27.05 47.74 -17.01
N TYR K 91 -26.44 47.99 -15.86
CA TYR K 91 -24.99 48.01 -15.76
C TYR K 91 -24.49 46.77 -15.02
N SER K 92 -23.19 46.53 -15.15
CA SER K 92 -22.57 45.38 -14.51
C SER K 92 -21.08 45.63 -14.37
N ILE K 93 -20.52 45.14 -13.26
CA ILE K 93 -19.08 45.10 -13.04
C ILE K 93 -18.65 43.65 -13.26
N PRO K 94 -18.03 43.32 -14.39
CA PRO K 94 -17.73 41.90 -14.69
C PRO K 94 -16.78 41.26 -13.70
N HIS K 95 -15.84 42.00 -13.13
CA HIS K 95 -14.92 41.43 -12.16
C HIS K 95 -14.43 42.53 -11.24
N PRO K 96 -14.37 42.30 -9.93
CA PRO K 96 -13.85 43.33 -9.02
C PRO K 96 -12.40 43.70 -9.28
N SER K 97 -11.58 42.77 -9.80
CA SER K 97 -10.19 43.07 -10.08
C SER K 97 -10.03 44.05 -11.24
N GLU K 98 -11.01 44.17 -12.11
CA GLU K 98 -10.97 45.09 -13.24
C GLU K 98 -11.82 46.31 -12.91
N ASN K 99 -11.23 47.49 -13.03
CA ASN K 99 -11.95 48.74 -12.82
C ASN K 99 -12.67 49.08 -14.12
N LEU K 100 -13.88 48.55 -14.27
CA LEU K 100 -14.57 48.56 -15.55
C LEU K 100 -16.06 48.42 -15.31
N LEU K 101 -16.86 48.90 -16.26
CA LEU K 101 -18.31 48.88 -16.13
C LEU K 101 -18.94 48.72 -17.50
N ASN K 102 -19.74 47.68 -17.69
CA ASN K 102 -20.47 47.49 -18.94
C ASN K 102 -21.93 47.86 -18.72
N ILE K 103 -22.43 48.79 -19.53
CA ILE K 103 -23.82 49.23 -19.44
C ILE K 103 -24.51 48.93 -20.77
N ARG K 104 -25.66 48.27 -20.69
CA ARG K 104 -26.42 47.90 -21.88
C ARG K 104 -27.68 48.75 -21.95
N ILE K 105 -27.91 49.37 -23.11
CA ILE K 105 -29.09 50.17 -23.38
C ILE K 105 -29.74 49.64 -24.65
N GLN K 106 -30.97 49.15 -24.53
CA GLN K 106 -31.80 48.77 -25.65
C GLN K 106 -33.06 49.62 -25.63
N THR K 107 -33.34 50.27 -26.75
CA THR K 107 -34.48 51.17 -26.89
C THR K 107 -35.48 50.58 -27.88
N TYR K 108 -36.50 51.36 -28.19
CA TYR K 108 -37.36 51.07 -29.31
C TYR K 108 -36.76 51.71 -30.56
N GLY K 109 -37.53 51.77 -31.65
CA GLY K 109 -36.99 52.30 -32.88
C GLY K 109 -36.97 53.82 -32.98
N GLU K 110 -37.42 54.52 -31.94
CA GLU K 110 -37.50 55.98 -32.03
C GLU K 110 -36.13 56.63 -31.95
N THR K 111 -35.27 56.19 -31.04
CA THR K 111 -33.93 56.76 -30.88
C THR K 111 -32.92 55.65 -30.69
N THR K 112 -31.67 55.95 -31.01
CA THR K 112 -30.58 55.01 -30.82
C THR K 112 -30.13 55.00 -29.35
N ALA K 113 -29.31 54.02 -29.00
CA ALA K 113 -28.86 53.88 -27.62
C ALA K 113 -27.83 54.95 -27.27
N VAL K 114 -27.05 55.42 -28.25
CA VAL K 114 -26.08 56.48 -28.00
C VAL K 114 -26.79 57.77 -27.60
N ASP K 115 -27.87 58.11 -28.30
CA ASP K 115 -28.65 59.29 -27.95
C ASP K 115 -29.26 59.16 -26.56
N ALA K 116 -29.72 57.96 -26.21
CA ALA K 116 -30.26 57.73 -24.86
C ALA K 116 -29.18 57.91 -23.81
N LEU K 117 -27.97 57.43 -24.07
CA LEU K 117 -26.87 57.58 -23.12
C LEU K 117 -26.50 59.06 -22.95
N GLN K 118 -26.42 59.80 -24.05
CA GLN K 118 -26.09 61.23 -23.95
C GLN K 118 -27.18 61.99 -23.20
N LYS K 119 -28.45 61.66 -23.48
CA LYS K 119 -29.55 62.30 -22.78
C LYS K 119 -29.52 61.98 -21.29
N GLY K 120 -29.19 60.73 -20.94
CA GLY K 120 -29.10 60.36 -19.54
C GLY K 120 -27.97 61.07 -18.83
N LEU K 121 -26.82 61.23 -19.49
CA LEU K 121 -25.71 61.96 -18.88
C LEU K 121 -26.07 63.42 -18.67
N LYS K 122 -26.69 64.05 -19.67
CA LYS K 122 -27.12 65.45 -19.52
C LYS K 122 -28.15 65.60 -18.41
N ASP K 123 -29.05 64.62 -18.29
CA ASP K 123 -30.11 64.70 -17.29
C ASP K 123 -29.56 64.48 -15.90
N LEU K 124 -28.56 63.61 -15.76
CA LEU K 124 -27.87 63.45 -14.49
C LEU K 124 -27.12 64.73 -14.10
N MET K 125 -26.53 65.40 -15.09
CA MET K 125 -25.91 66.70 -14.85
C MET K 125 -26.92 67.71 -14.33
N ASP K 126 -28.11 67.73 -14.93
CA ASP K 126 -29.15 68.65 -14.49
C ASP K 126 -29.64 68.33 -13.08
N LEU K 127 -29.78 67.03 -12.77
CA LEU K 127 -30.16 66.62 -11.42
C LEU K 127 -29.13 67.09 -10.39
N CYS K 128 -27.85 66.90 -10.70
CA CYS K 128 -26.80 67.34 -9.79
C CYS K 128 -26.79 68.85 -9.63
N ASP K 129 -27.06 69.58 -10.72
CA ASP K 129 -27.14 71.04 -10.63
C ASP K 129 -28.29 71.49 -9.74
N VAL K 130 -29.46 70.84 -9.87
CA VAL K 130 -30.60 71.22 -9.04
C VAL K 130 -30.33 70.93 -7.57
N VAL K 131 -29.74 69.77 -7.26
CA VAL K 131 -29.42 69.43 -5.88
C VAL K 131 -28.39 70.42 -5.33
N GLU K 132 -27.38 70.76 -6.15
CA GLU K 132 -26.37 71.72 -5.76
C GLU K 132 -26.98 73.08 -5.43
N SER K 133 -27.88 73.56 -6.28
CA SER K 133 -28.50 74.87 -6.08
C SER K 133 -29.35 74.88 -4.81
N LYS K 134 -30.16 73.84 -4.61
CA LYS K 134 -31.02 73.79 -3.42
C LYS K 134 -30.18 73.73 -2.14
N PHE K 135 -29.12 72.92 -2.14
CA PHE K 135 -28.29 72.80 -0.95
C PHE K 135 -27.55 74.10 -0.66
N THR K 136 -27.02 74.75 -1.70
CA THR K 136 -26.26 75.98 -1.47
C THR K 136 -27.16 77.16 -1.12
N GLU K 137 -28.46 77.10 -1.44
CA GLU K 137 -29.33 78.19 -0.99
C GLU K 137 -29.85 77.91 0.42
N LYS K 138 -30.06 76.64 0.78
CA LYS K 138 -30.46 76.34 2.15
C LYS K 138 -29.32 76.48 3.16
N ILE K 139 -28.05 76.41 2.72
CA ILE K 139 -26.96 76.77 3.62
C ILE K 139 -27.03 78.25 3.96
N LYS K 140 -27.19 79.10 2.94
CA LYS K 140 -27.20 80.54 3.17
C LYS K 140 -28.48 81.01 3.83
N SER K 141 -29.55 80.21 3.74
CA SER K 141 -30.80 80.56 4.43
C SER K 141 -30.61 80.55 5.95
N MET K 142 -29.87 79.57 6.47
CA MET K 142 -29.63 79.48 7.90
C MET K 142 -28.15 79.77 8.22
N THR L 26 33.21 54.52 17.13
CA THR L 26 31.77 54.46 16.95
C THR L 26 31.14 53.48 17.93
N LEU L 27 30.30 54.00 18.81
CA LEU L 27 29.57 53.17 19.77
C LEU L 27 28.44 52.45 19.04
N LYS L 28 28.41 51.12 19.14
CA LYS L 28 27.56 50.30 18.28
C LYS L 28 26.83 49.17 18.97
N TYR L 29 27.18 48.82 20.21
CA TYR L 29 26.64 47.62 20.85
C TYR L 29 26.11 47.93 22.24
N ILE L 30 25.07 47.20 22.64
CA ILE L 30 24.39 47.40 23.91
C ILE L 30 24.48 46.11 24.71
N CYS L 31 24.91 46.21 25.96
CA CYS L 31 24.85 45.06 26.84
C CYS L 31 23.40 44.74 27.17
N ALA L 32 23.02 43.47 27.05
CA ALA L 32 21.62 43.09 27.22
C ALA L 32 21.15 43.16 28.67
N GLU L 33 22.06 43.25 29.64
CA GLU L 33 21.70 43.28 31.04
C GLU L 33 21.86 44.67 31.65
N CYS L 34 23.05 45.27 31.54
CA CYS L 34 23.31 46.56 32.17
C CYS L 34 22.98 47.75 31.28
N SER L 35 22.68 47.52 29.99
CA SER L 35 22.22 48.55 29.06
C SER L 35 23.23 49.68 28.92
N SER L 36 24.49 49.35 28.71
CA SER L 36 25.56 50.33 28.53
C SER L 36 26.07 50.23 27.10
N LYS L 37 26.09 51.36 26.39
CA LYS L 37 26.59 51.39 25.03
C LYS L 37 28.10 51.23 25.01
N LEU L 38 28.59 50.31 24.19
CA LEU L 38 30.01 50.00 24.17
C LEU L 38 30.42 49.54 22.77
N SER L 39 31.72 49.61 22.51
CA SER L 39 32.28 49.25 21.22
C SER L 39 33.30 48.13 21.37
N LEU L 40 33.44 47.34 20.32
CA LEU L 40 34.37 46.21 20.29
C LEU L 40 35.48 46.49 19.30
N SER L 41 36.73 46.27 19.73
CA SER L 41 37.88 46.35 18.85
C SER L 41 38.09 45.00 18.18
N ARG L 42 39.23 44.84 17.50
CA ARG L 42 39.51 43.59 16.81
C ARG L 42 39.88 42.48 17.80
N THR L 43 40.60 42.82 18.86
CA THR L 43 41.09 41.83 19.82
C THR L 43 40.21 41.73 21.06
N ASP L 44 39.11 42.48 21.13
CA ASP L 44 38.25 42.44 22.31
C ASP L 44 37.36 41.20 22.30
N ALA L 45 37.18 40.62 23.48
CA ALA L 45 36.27 39.49 23.63
C ALA L 45 34.82 39.96 23.54
N VAL L 46 33.93 39.03 23.22
CA VAL L 46 32.51 39.35 23.05
C VAL L 46 31.89 39.26 24.45
N ARG L 47 32.06 40.34 25.21
CA ARG L 47 31.49 40.46 26.55
C ARG L 47 31.46 41.93 26.93
N CYS L 48 30.60 42.26 27.88
CA CYS L 48 30.53 43.63 28.37
C CYS L 48 31.74 43.95 29.24
N LYS L 49 32.04 45.24 29.35
CA LYS L 49 33.17 45.69 30.17
C LYS L 49 32.76 46.15 31.56
N ASP L 50 31.56 46.68 31.73
CA ASP L 50 31.09 47.10 33.04
C ASP L 50 30.55 45.95 33.88
N CYS L 51 30.26 44.81 33.27
CA CYS L 51 29.80 43.63 33.99
C CYS L 51 30.19 42.39 33.20
N GLY L 52 29.89 41.23 33.75
CA GLY L 52 30.27 39.97 33.16
C GLY L 52 29.30 39.39 32.15
N HIS L 53 28.28 40.14 31.76
CA HIS L 53 27.29 39.63 30.82
C HIS L 53 27.91 39.42 29.45
N ARG L 54 27.56 38.29 28.82
CA ARG L 54 28.18 37.87 27.57
C ARG L 54 27.21 37.97 26.39
N ILE L 55 26.13 38.73 26.52
CA ILE L 55 25.15 38.92 25.46
C ILE L 55 25.17 40.37 25.03
N LEU L 56 25.42 40.61 23.75
CA LEU L 56 25.48 41.96 23.20
C LEU L 56 24.50 42.06 22.05
N LEU L 57 23.71 43.14 22.04
CA LEU L 57 22.76 43.42 20.98
C LEU L 57 23.29 44.57 20.13
N LYS L 58 23.28 44.39 18.82
CA LYS L 58 23.68 45.47 17.92
C LYS L 58 22.68 46.61 18.00
N ALA L 59 23.19 47.83 18.10
CA ALA L 59 22.32 48.99 18.19
C ALA L 59 21.72 49.32 16.83
N ARG L 60 20.69 50.16 16.86
CA ARG L 60 20.03 50.57 15.63
C ARG L 60 20.97 51.38 14.75
N THR L 61 20.88 51.15 13.44
CA THR L 61 21.70 51.89 12.50
C THR L 61 21.31 53.35 12.46
N LYS L 62 22.24 54.17 11.99
CA LYS L 62 22.01 55.61 11.85
C LYS L 62 21.55 56.00 10.45
N ARG L 63 21.43 55.04 9.54
CA ARG L 63 21.10 55.35 8.16
C ARG L 63 19.58 55.46 7.98
N LEU L 64 19.19 56.24 6.98
CA LEU L 64 17.78 56.52 6.74
C LEU L 64 17.04 55.26 6.32
N VAL L 65 15.85 55.06 6.89
CA VAL L 65 14.97 53.95 6.53
C VAL L 65 13.61 54.53 6.20
N GLN L 66 13.07 54.20 5.03
CA GLN L 66 11.85 54.78 4.50
C GLN L 66 10.70 53.78 4.58
N PHE L 67 9.54 54.25 5.00
CA PHE L 67 8.35 53.41 5.10
C PHE L 67 7.16 54.08 4.45
N GLU L 68 6.24 53.26 3.94
CA GLU L 68 4.97 53.72 3.41
C GLU L 68 3.93 53.65 4.52
N ALA L 69 3.26 54.77 4.78
CA ALA L 69 2.32 54.88 5.90
C ALA L 69 1.00 54.21 5.51
N ARG L 70 1.03 52.89 5.44
CA ARG L 70 -0.15 52.11 5.08
C ARG L 70 -0.26 50.86 5.93
N ASP M 68 -27.70 2.15 77.61
CA ASP M 68 -26.41 2.82 77.82
C ASP M 68 -25.70 2.46 79.15
N PRO M 69 -26.42 2.33 80.27
CA PRO M 69 -25.77 1.77 81.47
C PRO M 69 -25.34 0.33 81.26
N VAL M 70 -24.28 -0.05 81.96
CA VAL M 70 -23.71 -1.39 81.87
C VAL M 70 -24.30 -2.27 82.96
N ILE M 71 -24.72 -3.47 82.59
CA ILE M 71 -25.28 -4.40 83.56
C ILE M 71 -24.22 -5.30 84.19
N GLU M 72 -23.16 -5.63 83.45
CA GLU M 72 -22.10 -6.48 83.97
C GLU M 72 -20.82 -6.24 83.18
N GLU M 73 -19.69 -6.39 83.86
CA GLU M 73 -18.39 -6.18 83.25
C GLU M 73 -17.50 -7.38 83.50
N PHE M 74 -16.77 -7.79 82.47
CA PHE M 74 -15.77 -8.86 82.60
C PHE M 74 -14.39 -8.23 82.54
N PRO M 75 -13.61 -8.26 83.63
CA PRO M 75 -12.28 -7.65 83.59
C PRO M 75 -11.35 -8.36 82.62
N LEU M 76 -10.43 -7.58 82.05
CA LEU M 76 -9.47 -8.04 81.05
C LEU M 76 -8.07 -7.85 81.60
N LYS M 77 -7.31 -8.95 81.69
CA LYS M 77 -5.96 -8.91 82.25
C LYS M 77 -4.98 -9.46 81.23
N ILE M 78 -3.74 -8.99 81.31
CA ILE M 78 -2.66 -9.40 80.41
C ILE M 78 -1.48 -9.88 81.23
N SER M 79 -0.93 -11.03 80.87
CA SER M 79 0.21 -11.58 81.59
C SER M 79 0.99 -12.48 80.64
N GLY M 80 2.14 -12.96 81.12
CA GLY M 80 2.96 -13.88 80.35
C GLY M 80 3.80 -13.22 79.28
N GLU M 81 4.73 -12.36 79.70
CA GLU M 81 5.60 -11.66 78.77
C GLU M 81 6.81 -12.50 78.36
N GLU M 82 6.99 -13.69 78.93
CA GLU M 82 8.12 -14.55 78.59
C GLU M 82 7.67 -15.98 78.27
N GLU M 83 6.37 -16.20 78.10
CA GLU M 83 5.85 -17.55 77.90
C GLU M 83 6.22 -18.13 76.54
N SER M 84 6.32 -17.28 75.51
CA SER M 84 6.59 -17.70 74.13
C SER M 84 5.58 -18.74 73.65
N LEU M 85 4.31 -18.32 73.66
CA LEU M 85 3.19 -19.19 73.31
C LEU M 85 2.97 -19.17 71.80
N HIS M 86 3.01 -20.35 71.19
CA HIS M 86 2.78 -20.51 69.76
C HIS M 86 1.37 -21.01 69.51
N VAL M 87 0.96 -20.93 68.25
CA VAL M 87 -0.34 -21.42 67.80
C VAL M 87 -0.14 -22.24 66.54
N PHE M 88 -0.64 -23.48 66.56
CA PHE M 88 -0.57 -24.36 65.41
C PHE M 88 -1.85 -24.26 64.60
N GLN M 89 -1.72 -24.39 63.28
CA GLN M 89 -2.85 -24.28 62.37
C GLN M 89 -2.72 -25.38 61.32
N TYR M 90 -3.47 -26.47 61.52
CA TYR M 90 -3.45 -27.59 60.58
C TYR M 90 -4.31 -27.24 59.39
N ALA M 91 -3.70 -27.22 58.19
CA ALA M 91 -4.46 -26.89 57.00
C ALA M 91 -5.44 -28.00 56.61
N ASN M 92 -5.09 -29.25 56.90
CA ASN M 92 -5.88 -30.40 56.48
C ASN M 92 -6.88 -30.88 57.53
N ARG M 93 -6.51 -30.86 58.80
CA ARG M 93 -7.38 -31.38 59.84
C ARG M 93 -8.53 -30.41 60.10
N PRO M 94 -9.78 -30.82 59.94
CA PRO M 94 -10.91 -29.92 60.19
C PRO M 94 -11.17 -29.76 61.68
N ARG M 95 -11.85 -28.66 62.01
CA ARG M 95 -12.20 -28.39 63.40
C ARG M 95 -13.43 -29.17 63.84
N LEU M 96 -14.46 -29.18 63.00
CA LEU M 96 -15.72 -29.84 63.32
C LEU M 96 -16.02 -30.92 62.28
N VAL M 97 -16.39 -32.10 62.76
CA VAL M 97 -16.91 -33.17 61.91
C VAL M 97 -18.36 -33.41 62.34
N GLY M 98 -19.27 -33.40 61.37
CA GLY M 98 -20.67 -33.48 61.68
C GLY M 98 -21.17 -32.24 62.40
N ARG M 99 -21.45 -32.38 63.69
CA ARG M 99 -21.89 -31.27 64.52
C ARG M 99 -21.08 -31.09 65.80
N LYS M 100 -20.13 -31.97 66.08
CA LYS M 100 -19.34 -31.97 67.30
C LYS M 100 -17.87 -31.72 67.00
N PRO M 101 -17.10 -31.23 67.97
CA PRO M 101 -15.65 -31.07 67.75
C PRO M 101 -14.98 -32.39 67.43
N ALA M 102 -13.99 -32.33 66.55
CA ALA M 102 -13.29 -33.53 66.10
C ALA M 102 -12.24 -33.95 67.12
N GLU M 103 -11.85 -35.22 67.04
CA GLU M 103 -10.83 -35.76 67.93
C GLU M 103 -9.46 -35.19 67.58
N HIS M 104 -8.70 -34.80 68.59
CA HIS M 104 -7.37 -34.25 68.37
C HIS M 104 -6.43 -35.35 67.91
N PRO M 105 -5.63 -35.12 66.86
CA PRO M 105 -4.65 -36.12 66.45
C PRO M 105 -3.56 -36.31 67.50
N PHE M 106 -3.01 -37.52 67.54
CA PHE M 106 -1.95 -37.85 68.47
C PHE M 106 -0.60 -37.50 67.84
N ILE M 107 0.21 -36.73 68.56
CA ILE M 107 1.51 -36.29 68.08
C ILE M 107 2.58 -37.18 68.69
N SER M 108 3.41 -37.77 67.82
CA SER M 108 4.49 -38.65 68.26
C SER M 108 5.83 -37.94 68.34
N ALA M 109 6.14 -37.07 67.38
CA ALA M 109 7.42 -36.38 67.35
C ALA M 109 7.22 -34.92 66.97
N ALA M 110 8.07 -34.07 67.54
CA ALA M 110 8.05 -32.65 67.25
C ALA M 110 9.47 -32.15 67.06
N ARG M 111 9.68 -31.31 66.06
CA ARG M 111 10.97 -30.72 65.77
C ARG M 111 10.79 -29.25 65.46
N TYR M 112 11.77 -28.44 65.85
CA TYR M 112 11.67 -27.00 65.67
C TYR M 112 13.07 -26.43 65.45
N LYS M 113 13.32 -25.95 64.24
CA LYS M 113 14.57 -25.24 63.97
C LYS M 113 14.49 -23.86 64.60
N PRO M 114 15.43 -23.48 65.48
CA PRO M 114 15.26 -22.25 66.26
C PRO M 114 15.47 -20.98 65.45
N LYS M 115 16.52 -20.92 64.65
CA LYS M 115 16.85 -19.71 63.90
C LYS M 115 16.01 -19.53 62.65
N SER M 116 15.42 -20.60 62.11
CA SER M 116 14.56 -20.50 60.94
C SER M 116 13.07 -20.61 61.28
N HIS M 117 12.74 -20.93 62.53
CA HIS M 117 11.35 -21.02 63.01
C HIS M 117 10.54 -22.04 62.21
N LEU M 118 11.17 -23.15 61.87
CA LEU M 118 10.51 -24.24 61.14
C LEU M 118 9.96 -25.25 62.13
N TRP M 119 8.65 -25.49 62.07
CA TRP M 119 8.00 -26.49 62.89
C TRP M 119 7.71 -27.74 62.06
N GLU M 120 7.91 -28.91 62.67
CA GLU M 120 7.67 -30.19 62.03
C GLU M 120 7.01 -31.12 63.02
N ILE M 121 5.79 -31.56 62.72
CA ILE M 121 4.98 -32.36 63.63
C ILE M 121 4.66 -33.69 62.96
N ASP M 122 4.94 -34.79 63.65
CA ASP M 122 4.68 -36.13 63.12
C ASP M 122 3.44 -36.72 63.78
N ILE M 123 2.53 -37.23 62.97
CA ILE M 123 1.29 -37.84 63.45
C ILE M 123 1.24 -39.26 62.91
N PRO M 124 1.22 -40.29 63.75
CA PRO M 124 1.13 -41.68 63.25
C PRO M 124 -0.28 -41.98 62.75
N LEU M 125 -0.38 -42.34 61.47
CA LEU M 125 -1.65 -42.69 60.87
C LEU M 125 -1.89 -44.19 61.00
N ASP M 126 -3.17 -44.57 60.99
CA ASP M 126 -3.55 -45.97 61.21
C ASP M 126 -3.09 -46.84 60.06
N GLU M 127 -2.49 -47.98 60.38
CA GLU M 127 -2.02 -48.93 59.39
C GLU M 127 -3.00 -50.08 59.14
N GLN M 128 -3.99 -50.27 60.02
CA GLN M 128 -4.92 -51.37 59.86
C GLN M 128 -5.89 -51.12 58.71
N ALA M 129 -6.43 -49.91 58.63
CA ALA M 129 -7.43 -49.56 57.64
C ALA M 129 -6.90 -48.49 56.70
N PHE M 130 -7.00 -48.75 55.40
CA PHE M 130 -6.64 -47.81 54.33
C PHE M 130 -5.17 -47.37 54.46
N TYR M 131 -4.27 -48.33 54.29
CA TYR M 131 -2.86 -48.04 54.46
C TYR M 131 -2.02 -48.26 53.20
N ASN M 132 -2.34 -49.26 52.38
CA ASN M 132 -1.57 -49.61 51.18
C ASN M 132 -0.10 -49.89 51.52
N LYS M 133 0.08 -51.00 52.24
CA LYS M 133 1.40 -51.37 52.74
C LYS M 133 2.40 -51.61 51.61
N ASP M 134 1.90 -52.07 50.45
CA ASP M 134 2.79 -52.45 49.36
C ASP M 134 3.57 -51.26 48.81
N LYS M 135 2.88 -50.16 48.54
CA LYS M 135 3.52 -48.99 47.95
C LYS M 135 4.55 -48.38 48.90
N ALA M 136 4.17 -48.20 50.17
CA ALA M 136 5.08 -47.62 51.15
C ALA M 136 6.28 -48.52 51.41
N GLU M 137 6.05 -49.83 51.53
CA GLU M 137 7.16 -50.75 51.75
C GLU M 137 8.04 -50.91 50.51
N SER M 138 7.52 -50.61 49.33
CA SER M 138 8.31 -50.78 48.11
C SER M 138 9.14 -49.54 47.80
N GLU M 139 8.49 -48.39 47.63
CA GLU M 139 9.18 -47.21 47.12
C GLU M 139 9.28 -46.07 48.11
N TRP M 140 8.68 -46.19 49.30
CA TRP M 140 8.75 -45.12 50.29
C TRP M 140 9.37 -45.59 51.61
N ASN M 141 9.97 -46.78 51.62
CA ASN M 141 10.64 -47.35 52.81
C ASN M 141 9.70 -47.45 54.00
N GLY M 142 8.45 -47.80 53.74
CA GLY M 142 7.48 -48.10 54.79
C GLY M 142 7.14 -46.97 55.73
N VAL M 143 6.85 -45.78 55.18
CA VAL M 143 6.45 -44.66 56.02
C VAL M 143 5.04 -44.89 56.54
N ASN M 144 4.88 -44.79 57.85
CA ASN M 144 3.59 -45.00 58.51
C ASN M 144 3.10 -43.78 59.26
N VAL M 145 3.80 -42.65 59.15
CA VAL M 145 3.42 -41.42 59.83
C VAL M 145 3.30 -40.30 58.79
N GLN M 146 2.45 -39.32 59.07
CA GLN M 146 2.34 -38.14 58.23
C GLN M 146 2.97 -36.96 58.96
N THR M 147 3.85 -36.24 58.27
CA THR M 147 4.53 -35.09 58.84
C THR M 147 3.96 -33.80 58.28
N LEU M 148 3.84 -32.80 59.14
CA LEU M 148 3.36 -31.48 58.77
C LEU M 148 4.44 -30.45 59.07
N LYS M 149 4.76 -29.64 58.07
CA LYS M 149 5.79 -28.62 58.18
C LYS M 149 5.14 -27.25 58.09
N GLY M 150 5.67 -26.31 58.87
CA GLY M 150 5.18 -24.95 58.83
C GLY M 150 6.27 -23.98 59.23
N VAL M 151 6.03 -22.70 58.92
CA VAL M 151 6.93 -21.62 59.28
C VAL M 151 6.18 -20.69 60.22
N GLY M 152 6.80 -20.38 61.36
CA GLY M 152 6.17 -19.49 62.31
C GLY M 152 6.26 -18.04 61.89
N VAL M 153 5.14 -17.49 61.43
CA VAL M 153 5.10 -16.10 60.99
C VAL M 153 4.78 -15.20 62.18
N GLU M 154 5.63 -14.21 62.41
CA GLU M 154 5.47 -13.31 63.55
C GLU M 154 4.30 -12.38 63.30
N ASN M 155 3.22 -12.56 64.05
CA ASN M 155 2.04 -11.71 63.95
C ASN M 155 1.90 -10.91 65.23
N ASN M 156 1.75 -9.60 65.09
CA ASN M 156 1.67 -8.69 66.22
C ASN M 156 0.21 -8.37 66.54
N GLY M 157 -0.12 -8.37 67.83
CA GLY M 157 -1.45 -8.05 68.27
C GLY M 157 -2.36 -9.24 68.50
N GLN M 158 -1.82 -10.46 68.52
CA GLN M 158 -2.61 -11.66 68.74
C GLN M 158 -2.40 -12.14 70.17
N TYR M 159 -3.50 -12.34 70.90
CA TYR M 159 -3.46 -12.81 72.27
C TYR M 159 -4.32 -14.05 72.40
N ALA M 160 -3.78 -15.10 73.01
CA ALA M 160 -4.57 -16.27 73.36
C ALA M 160 -5.15 -16.08 74.75
N ALA M 161 -6.47 -16.21 74.87
CA ALA M 161 -7.17 -15.83 76.09
C ALA M 161 -7.98 -16.98 76.63
N PHE M 162 -8.04 -17.07 77.96
CA PHE M 162 -8.93 -18.00 78.65
C PHE M 162 -9.73 -17.22 79.69
N VAL M 163 -10.65 -17.91 80.35
CA VAL M 163 -11.58 -17.29 81.28
C VAL M 163 -11.42 -17.96 82.65
N LYS M 164 -11.36 -17.13 83.70
CA LYS M 164 -11.24 -17.60 85.08
C LYS M 164 -12.25 -16.81 85.92
N ASP M 165 -13.46 -17.35 86.04
CA ASP M 165 -14.55 -16.76 86.81
C ASP M 165 -14.90 -15.36 86.30
N MET M 166 -15.30 -15.31 85.03
CA MET M 166 -15.64 -14.07 84.33
C MET M 166 -14.51 -13.04 84.36
N GLN M 167 -13.27 -13.54 84.32
CA GLN M 167 -12.09 -12.69 84.19
C GLN M 167 -11.27 -13.24 83.05
N VAL M 168 -11.08 -12.44 82.00
CA VAL M 168 -10.47 -12.91 80.77
C VAL M 168 -8.98 -12.59 80.80
N TYR M 169 -8.16 -13.64 80.77
CA TYR M 169 -6.72 -13.51 80.83
C TYR M 169 -6.13 -13.74 79.45
N LEU M 170 -5.26 -12.82 79.02
CA LEU M 170 -4.68 -12.82 77.70
C LEU M 170 -3.16 -13.03 77.80
N VAL M 171 -2.64 -13.91 76.95
CA VAL M 171 -1.21 -14.16 76.87
C VAL M 171 -0.77 -13.85 75.45
N PRO M 172 0.30 -13.08 75.25
CA PRO M 172 0.74 -12.75 73.88
C PRO M 172 1.14 -14.00 73.10
N ILE M 173 0.79 -14.01 71.83
CA ILE M 173 1.12 -15.10 70.92
C ILE M 173 2.35 -14.69 70.12
N GLU M 174 3.40 -15.50 70.19
CA GLU M 174 4.64 -15.15 69.50
C GLU M 174 4.52 -15.36 68.00
N ARG M 175 4.29 -16.60 67.57
CA ARG M 175 4.22 -16.92 66.15
C ARG M 175 3.00 -17.79 65.90
N VAL M 176 2.50 -17.72 64.67
CA VAL M 176 1.44 -18.58 64.18
C VAL M 176 1.96 -19.35 62.98
N ALA M 177 1.86 -20.67 63.01
CA ALA M 177 2.42 -21.54 61.99
C ALA M 177 1.31 -22.20 61.19
N GLN M 178 1.44 -22.13 59.86
CA GLN M 178 0.50 -22.78 58.94
C GLN M 178 1.08 -24.15 58.60
N LEU M 179 0.69 -25.16 59.38
CA LEU M 179 1.20 -26.51 59.16
C LEU M 179 0.53 -27.13 57.94
N LYS M 180 1.33 -27.54 56.98
CA LYS M 180 0.86 -28.17 55.75
C LYS M 180 1.58 -29.50 55.57
N PRO M 181 0.96 -30.47 54.89
CA PRO M 181 1.58 -31.79 54.76
C PRO M 181 2.92 -31.74 54.03
N PHE M 182 3.85 -32.56 54.49
CA PHE M 182 5.21 -32.61 53.99
C PHE M 182 5.52 -34.04 53.55
N PHE M 183 6.29 -34.16 52.48
CA PHE M 183 6.53 -35.43 51.81
C PHE M 183 8.02 -35.70 51.67
N LYS M 184 8.74 -35.60 52.80
CA LYS M 184 10.19 -35.75 52.80
C LYS M 184 10.65 -37.10 52.25
N TYR M 185 9.83 -38.15 52.40
CA TYR M 185 10.22 -39.44 51.85
C TYR M 185 10.23 -39.44 50.33
N ILE M 186 9.34 -38.65 49.71
CA ILE M 186 9.35 -38.53 48.25
C ILE M 186 10.64 -37.87 47.79
N ASP M 187 11.06 -36.81 48.47
CA ASP M 187 12.30 -36.13 48.11
C ASP M 187 13.52 -37.02 48.36
N ASP M 188 13.51 -37.78 49.46
CA ASP M 188 14.60 -38.71 49.74
C ASP M 188 14.69 -39.78 48.67
N ALA M 189 13.54 -40.34 48.26
CA ALA M 189 13.54 -41.33 47.18
C ALA M 189 14.04 -40.73 45.88
N ASN M 190 13.63 -39.49 45.58
CA ASN M 190 14.06 -38.84 44.35
C ASN M 190 15.57 -38.61 44.35
N VAL M 191 16.12 -38.14 45.46
CA VAL M 191 17.56 -37.86 45.50
C VAL M 191 18.37 -39.16 45.51
N THR M 192 17.84 -40.22 46.14
CA THR M 192 18.51 -41.51 46.09
C THR M 192 18.52 -42.08 44.67
N ARG M 193 17.39 -41.95 43.97
CA ARG M 193 17.33 -42.37 42.57
C ARG M 193 18.29 -41.58 41.71
N LYS M 194 18.35 -40.26 41.92
CA LYS M 194 19.28 -39.42 41.16
C LYS M 194 20.72 -39.81 41.41
N GLN M 195 21.09 -40.05 42.66
CA GLN M 195 22.46 -40.45 42.98
C GLN M 195 22.79 -41.81 42.37
N GLU M 196 21.87 -42.77 42.46
CA GLU M 196 22.15 -44.11 41.96
C GLU M 196 22.14 -44.15 40.43
N ASP M 197 21.47 -43.21 39.79
CA ASP M 197 21.50 -43.15 38.33
C ASP M 197 22.60 -42.24 37.79
N ALA M 198 23.19 -41.41 38.64
CA ALA M 198 24.31 -40.57 38.22
C ALA M 198 25.67 -41.19 38.53
N ARG M 199 25.77 -42.01 39.58
CA ARG M 199 27.04 -42.63 39.92
C ARG M 199 27.35 -43.83 39.03
N ARG M 200 26.37 -44.37 38.31
CA ARG M 200 26.63 -45.49 37.43
C ARG M 200 27.43 -45.07 36.21
N ASN M 201 27.09 -43.94 35.61
CA ASN M 201 27.79 -43.43 34.43
C ASN M 201 27.67 -41.91 34.36
N PRO M 202 28.57 -41.18 35.03
CA PRO M 202 28.52 -39.72 34.94
C PRO M 202 28.79 -39.21 33.53
N ASN M 203 28.10 -38.14 33.16
CA ASN M 203 28.21 -37.58 31.82
C ASN M 203 27.96 -36.08 31.83
N SER M 223 34.10 -16.59 49.05
CA SER M 223 34.10 -15.88 47.79
C SER M 223 32.83 -16.18 46.99
N GLN M 224 32.34 -17.42 47.11
CA GLN M 224 31.15 -17.84 46.40
C GLN M 224 29.87 -17.60 47.18
N ASN M 225 29.95 -17.08 48.40
CA ASN M 225 28.78 -16.89 49.25
C ASN M 225 28.30 -15.44 49.11
N ARG M 226 27.66 -15.15 47.99
CA ARG M 226 27.00 -13.88 47.76
C ARG M 226 25.49 -13.98 47.93
N LEU M 227 24.99 -15.09 48.49
CA LEU M 227 23.56 -15.31 48.59
C LEU M 227 22.94 -14.39 49.62
N THR M 228 21.88 -13.70 49.22
CA THR M 228 21.12 -12.81 50.10
C THR M 228 19.63 -13.03 49.88
N GLY M 229 18.86 -12.84 50.94
CA GLY M 229 17.41 -12.93 50.83
C GLY M 229 16.92 -14.34 51.04
N SER M 230 16.07 -14.81 50.10
CA SER M 230 15.44 -16.11 50.28
C SER M 230 16.43 -17.26 50.11
N LEU M 231 17.43 -17.08 49.24
CA LEU M 231 18.42 -18.14 49.04
C LEU M 231 19.24 -18.37 50.31
N LEU M 232 19.65 -17.30 50.98
CA LEU M 232 20.37 -17.43 52.25
C LEU M 232 19.50 -18.08 53.31
N ALA M 233 18.22 -17.73 53.36
CA ALA M 233 17.30 -18.32 54.33
C ALA M 233 17.13 -19.81 54.08
N HIS M 234 16.98 -20.21 52.81
CA HIS M 234 16.86 -21.62 52.48
C HIS M 234 18.15 -22.38 52.81
N LYS M 235 19.30 -21.76 52.55
CA LYS M 235 20.57 -22.41 52.87
C LYS M 235 20.74 -22.61 54.37
N VAL M 236 20.40 -21.59 55.17
CA VAL M 236 20.60 -21.70 56.61
C VAL M 236 19.53 -22.61 57.22
N ALA M 237 18.37 -22.73 56.57
CA ALA M 237 17.37 -23.68 57.04
C ALA M 237 17.79 -25.10 56.69
N ASP M 238 18.47 -25.29 55.56
CA ASP M 238 18.91 -26.63 55.17
C ASP M 238 20.07 -27.11 56.02
N GLU M 239 21.05 -26.24 56.29
CA GLU M 239 22.24 -26.68 57.01
C GLU M 239 21.99 -26.88 58.51
N GLU M 240 21.02 -26.17 59.08
CA GLU M 240 20.83 -26.23 60.53
C GLU M 240 20.01 -27.45 60.91
N ALA M 241 20.36 -28.05 62.05
CA ALA M 241 19.82 -29.33 62.47
C ALA M 241 18.59 -29.16 63.35
N ASN M 242 17.66 -30.10 63.24
CA ASN M 242 16.43 -30.06 64.02
C ASN M 242 16.73 -30.29 65.50
N ILE M 243 15.83 -29.81 66.35
CA ILE M 243 15.89 -30.00 67.79
C ILE M 243 14.73 -30.91 68.20
N GLU M 244 15.06 -32.08 68.73
CA GLU M 244 14.05 -33.07 69.10
C GLU M 244 13.39 -32.63 70.39
N LEU M 245 12.26 -31.94 70.24
CA LEU M 245 11.54 -31.41 71.40
C LEU M 245 10.79 -32.54 72.12
N THR M 246 10.73 -32.44 73.43
CA THR M 246 10.01 -33.42 74.25
C THR M 246 8.54 -32.99 74.31
N TRP M 247 7.70 -33.70 73.56
CA TRP M 247 6.27 -33.41 73.56
C TRP M 247 5.64 -33.79 74.89
N ALA M 248 4.67 -32.99 75.32
CA ALA M 248 3.97 -33.23 76.56
C ALA M 248 2.57 -32.66 76.48
N GLU M 249 1.68 -33.18 77.32
CA GLU M 249 0.30 -32.74 77.38
C GLU M 249 -0.11 -32.58 78.84
N GLY M 250 -1.25 -31.93 79.04
CA GLY M 250 -1.78 -31.72 80.38
C GLY M 250 -0.94 -30.81 81.26
N THR M 251 -0.30 -29.80 80.67
CA THR M 251 0.47 -28.82 81.42
C THR M 251 -0.32 -27.54 81.64
N PHE M 252 -1.61 -27.53 81.26
CA PHE M 252 -2.40 -26.31 81.28
C PHE M 252 -2.64 -25.79 82.69
N GLU M 253 -2.66 -26.67 83.69
CA GLU M 253 -2.98 -26.23 85.04
C GLU M 253 -1.86 -25.37 85.63
N GLN M 254 -0.60 -25.79 85.46
CA GLN M 254 0.52 -25.00 85.93
C GLN M 254 0.61 -23.66 85.21
N PHE M 255 0.36 -23.68 83.89
CA PHE M 255 0.36 -22.45 83.09
C PHE M 255 -0.72 -21.50 83.56
N LYS M 256 -1.92 -22.02 83.80
CA LYS M 256 -3.01 -21.18 84.31
C LYS M 256 -2.68 -20.62 85.68
N ASP M 257 -2.07 -21.43 86.55
CA ASP M 257 -1.73 -20.97 87.88
C ASP M 257 -0.71 -19.84 87.83
N THR M 258 0.34 -19.99 87.02
CA THR M 258 1.36 -18.94 86.97
C THR M 258 0.85 -17.68 86.26
N ILE M 259 -0.05 -17.85 85.29
CA ILE M 259 -0.60 -16.68 84.61
C ILE M 259 -1.53 -15.91 85.54
N VAL M 260 -2.38 -16.61 86.28
CA VAL M 260 -3.29 -15.94 87.21
C VAL M 260 -2.50 -15.29 88.36
N LYS M 261 -1.46 -15.97 88.84
CA LYS M 261 -0.65 -15.42 89.91
C LYS M 261 0.12 -14.18 89.45
N GLU M 262 0.62 -14.19 88.21
CA GLU M 262 1.35 -13.06 87.69
C GLU M 262 0.46 -11.87 87.33
N ALA M 263 -0.84 -12.09 87.15
CA ALA M 263 -1.76 -11.05 86.72
C ALA M 263 -2.73 -10.60 87.81
N GLU M 264 -2.46 -10.95 89.08
CA GLU M 264 -3.35 -10.60 90.17
C GLU M 264 -2.82 -9.52 91.10
N ASP M 265 -1.50 -9.35 91.15
CA ASP M 265 -0.91 -8.39 92.09
C ASP M 265 -1.05 -6.95 91.64
N LYS M 266 -1.01 -6.69 90.34
CA LYS M 266 -0.88 -5.33 89.82
C LYS M 266 -2.16 -4.88 89.14
N THR M 267 -2.45 -3.59 89.29
CA THR M 267 -3.50 -2.90 88.54
C THR M 267 -2.92 -1.62 87.97
N LEU M 268 -3.07 -1.43 86.66
CA LEU M 268 -2.46 -0.31 85.97
C LEU M 268 -3.47 0.82 85.80
N VAL M 269 -3.00 2.05 86.04
CA VAL M 269 -3.85 3.24 85.94
C VAL M 269 -3.79 3.78 84.52
N ALA M 270 -4.93 4.23 84.02
CA ALA M 270 -5.01 4.75 82.67
C ALA M 270 -4.30 6.09 82.56
N LEU M 271 -3.62 6.30 81.45
CA LEU M 271 -2.89 7.54 81.19
C LEU M 271 -3.43 8.31 80.00
N GLU M 272 -3.54 7.67 78.84
CA GLU M 272 -3.89 8.37 77.62
C GLU M 272 -5.37 8.71 77.58
N LYS M 273 -5.68 9.88 77.01
CA LYS M 273 -7.04 10.31 76.79
C LYS M 273 -7.63 9.55 75.59
N GLN M 274 -8.97 9.48 75.55
CA GLN M 274 -9.65 8.77 74.47
C GLN M 274 -9.34 9.39 73.12
N GLU M 275 -9.33 10.73 73.04
CA GLU M 275 -9.06 11.39 71.77
C GLU M 275 -7.58 11.35 71.41
N ASP M 276 -6.69 11.32 72.41
CA ASP M 276 -5.25 11.25 72.12
C ASP M 276 -4.88 9.92 71.49
N TYR M 277 -5.57 8.84 71.86
CA TYR M 277 -5.35 7.55 71.21
C TYR M 277 -5.78 7.60 69.75
N ILE M 278 -6.88 8.29 69.46
CA ILE M 278 -7.35 8.42 68.09
C ILE M 278 -6.47 9.39 67.31
N ASP M 279 -5.72 10.25 68.00
CA ASP M 279 -4.87 11.22 67.32
C ASP M 279 -3.75 10.55 66.51
N ASN M 280 -3.16 9.48 67.05
CA ASN M 280 -2.05 8.81 66.38
C ASN M 280 -2.22 7.29 66.40
N LEU M 281 -1.90 6.67 65.26
CA LEU M 281 -2.03 5.23 65.02
C LEU M 281 -3.42 4.72 65.41
N VAL M 282 -4.41 5.23 64.67
CA VAL M 282 -5.81 5.02 64.96
C VAL M 282 -6.19 3.54 64.95
N ARG N 195 -15.21 -43.90 64.00
CA ARG N 195 -13.96 -43.15 63.97
C ARG N 195 -13.30 -43.25 62.60
N ILE N 196 -13.53 -44.37 61.91
CA ILE N 196 -12.99 -44.57 60.58
C ILE N 196 -13.74 -43.78 59.52
N GLU N 197 -14.88 -43.17 59.88
CA GLU N 197 -15.62 -42.35 58.93
C GLU N 197 -14.82 -41.15 58.46
N GLN N 198 -13.88 -40.67 59.29
CA GLN N 198 -12.99 -39.60 58.89
C GLN N 198 -12.02 -40.03 57.79
N LEU N 199 -11.82 -41.32 57.61
CA LEU N 199 -10.93 -41.82 56.56
C LEU N 199 -11.64 -41.99 55.22
N PHE N 200 -12.94 -41.69 55.16
CA PHE N 200 -13.64 -41.68 53.89
C PHE N 200 -13.12 -40.53 53.03
N PRO N 201 -13.03 -40.72 51.70
CA PRO N 201 -12.59 -39.62 50.82
C PRO N 201 -13.44 -38.38 50.95
N VAL N 202 -12.83 -37.27 51.35
CA VAL N 202 -13.58 -36.06 51.65
C VAL N 202 -14.08 -35.43 50.35
N ARG N 203 -15.37 -35.07 50.33
CA ARG N 203 -15.98 -34.39 49.21
C ARG N 203 -16.14 -32.91 49.52
N PRO N 204 -15.58 -32.03 48.70
CA PRO N 204 -15.61 -30.59 49.02
C PRO N 204 -17.00 -30.01 48.91
N VAL N 205 -17.19 -28.88 49.58
CA VAL N 205 -18.48 -28.19 49.57
C VAL N 205 -18.73 -27.61 48.20
N ARG N 206 -19.87 -27.97 47.60
CA ARG N 206 -20.26 -27.49 46.28
C ARG N 206 -21.59 -26.79 46.39
N VAL N 207 -21.64 -25.55 45.90
CA VAL N 207 -22.86 -24.75 45.87
C VAL N 207 -23.07 -24.26 44.45
N ARG N 208 -24.33 -24.26 44.00
CA ARG N 208 -24.65 -23.75 42.68
C ARG N 208 -24.33 -22.25 42.59
N HIS N 209 -24.02 -21.81 41.38
CA HIS N 209 -23.50 -20.46 41.19
C HIS N 209 -24.54 -19.39 41.52
N GLU N 210 -25.81 -19.66 41.23
CA GLU N 210 -26.85 -18.68 41.52
C GLU N 210 -27.16 -18.57 43.01
N ASP N 211 -26.75 -19.56 43.81
CA ASP N 211 -27.05 -19.59 45.23
C ASP N 211 -25.84 -19.34 46.12
N VAL N 212 -24.69 -18.98 45.54
CA VAL N 212 -23.49 -18.83 46.35
C VAL N 212 -23.57 -17.59 47.24
N GLU N 213 -24.25 -16.55 46.78
CA GLU N 213 -24.38 -15.33 47.57
C GLU N 213 -25.45 -15.43 48.65
N THR N 214 -26.34 -16.42 48.57
CA THR N 214 -27.40 -16.61 49.54
C THR N 214 -27.03 -17.60 50.64
N VAL N 215 -26.27 -18.65 50.30
CA VAL N 215 -25.92 -19.69 51.27
C VAL N 215 -24.86 -19.21 52.26
N LYS N 216 -24.25 -18.05 52.02
CA LYS N 216 -23.14 -17.59 52.84
C LYS N 216 -23.56 -17.38 54.29
N ARG N 217 -24.80 -16.91 54.50
CA ARG N 217 -25.33 -16.80 55.86
C ARG N 217 -25.43 -18.17 56.53
N GLU N 218 -26.02 -19.13 55.83
CA GLU N 218 -26.20 -20.48 56.39
C GLU N 218 -24.85 -21.15 56.64
N ILE N 219 -23.92 -21.02 55.70
CA ILE N 219 -22.60 -21.64 55.86
C ILE N 219 -21.84 -20.99 57.01
N GLN N 220 -21.89 -19.66 57.10
CA GLN N 220 -21.20 -18.95 58.17
C GLN N 220 -21.77 -19.31 59.53
N GLU N 221 -23.09 -19.51 59.63
CA GLU N 221 -23.66 -19.93 60.90
C GLU N 221 -23.38 -21.41 61.19
N ALA N 222 -23.24 -22.23 60.14
CA ALA N 222 -23.02 -23.65 60.34
C ALA N 222 -21.58 -23.96 60.75
N LEU N 223 -20.63 -23.12 60.34
CA LEU N 223 -19.24 -23.34 60.73
C LEU N 223 -19.06 -23.24 62.25
N SER N 224 -19.70 -22.25 62.88
CA SER N 224 -19.64 -22.14 64.32
C SER N 224 -20.42 -23.27 65.00
N GLU N 225 -21.67 -23.47 64.58
CA GLU N 225 -22.55 -24.53 65.07
C GLU N 225 -22.70 -24.46 66.60
N LYS N 226 -23.35 -23.39 67.05
CA LYS N 226 -23.63 -23.24 68.47
C LYS N 226 -24.67 -24.26 68.92
N PRO N 227 -24.61 -24.75 70.17
CA PRO N 227 -25.59 -25.71 70.66
C PRO N 227 -26.76 -25.04 71.39
N GLY N 273 -29.17 2.56 53.69
CA GLY N 273 -28.17 1.56 53.36
C GLY N 273 -28.57 0.15 53.76
N LYS N 274 -28.82 -0.70 52.77
CA LYS N 274 -29.15 -2.09 53.03
C LYS N 274 -27.98 -2.83 53.67
N GLU N 275 -26.77 -2.58 53.17
CA GLU N 275 -25.59 -3.24 53.72
C GLU N 275 -25.33 -2.78 55.16
N ALA N 276 -25.63 -1.52 55.47
CA ALA N 276 -25.47 -1.04 56.85
C ALA N 276 -26.41 -1.78 57.80
N ALA N 277 -27.66 -1.99 57.39
CA ALA N 277 -28.60 -2.71 58.23
C ALA N 277 -28.20 -4.18 58.37
N ALA N 278 -27.74 -4.79 57.27
CA ALA N 278 -27.29 -6.18 57.33
C ALA N 278 -26.10 -6.34 58.28
N GLU N 279 -25.15 -5.40 58.21
CA GLU N 279 -24.00 -5.48 59.11
C GLU N 279 -24.38 -5.15 60.55
N LEU N 280 -25.39 -4.30 60.76
CA LEU N 280 -25.87 -4.06 62.12
C LEU N 280 -26.48 -5.32 62.72
N GLU N 281 -27.28 -6.04 61.93
CA GLU N 281 -27.84 -7.30 62.38
C GLU N 281 -26.73 -8.33 62.65
N LEU N 282 -25.74 -8.39 61.75
CA LEU N 282 -24.62 -9.30 61.93
C LEU N 282 -23.82 -8.95 63.18
N LEU N 283 -23.65 -7.66 63.47
CA LEU N 283 -22.91 -7.24 64.65
C LEU N 283 -23.66 -7.57 65.92
N ASN N 284 -24.99 -7.41 65.92
CA ASN N 284 -25.78 -7.79 67.10
C ASN N 284 -25.70 -9.29 67.34
N ALA N 285 -25.82 -10.09 66.27
CA ALA N 285 -25.70 -11.55 66.40
C ALA N 285 -24.31 -11.94 66.88
N ASP N 286 -23.28 -11.25 66.37
CA ASP N 286 -21.91 -11.53 66.78
C ASP N 286 -21.70 -11.19 68.25
N HIS N 287 -22.28 -10.08 68.72
CA HIS N 287 -22.18 -9.71 70.12
C HIS N 287 -22.82 -10.75 71.02
N GLN N 288 -24.02 -11.21 70.65
CA GLN N 288 -24.68 -12.25 71.45
C GLN N 288 -23.90 -13.55 71.43
N HIS N 289 -23.35 -13.93 70.27
CA HIS N 289 -22.57 -15.15 70.17
C HIS N 289 -21.29 -15.06 71.01
N ILE N 290 -20.62 -13.91 70.98
CA ILE N 290 -19.40 -13.72 71.77
C ILE N 290 -19.74 -13.78 73.26
N LEU N 291 -20.87 -13.19 73.66
CA LEU N 291 -21.27 -13.24 75.06
C LEU N 291 -21.51 -14.67 75.53
N ARG N 292 -22.27 -15.44 74.74
CA ARG N 292 -22.59 -16.80 75.18
C ARG N 292 -21.35 -17.70 75.12
N LYS N 293 -20.47 -17.47 74.15
CA LYS N 293 -19.25 -18.28 74.06
C LYS N 293 -18.29 -17.94 75.20
N LEU N 294 -18.25 -16.67 75.61
CA LEU N 294 -17.44 -16.30 76.77
C LEU N 294 -18.00 -16.91 78.05
N LYS N 295 -19.34 -16.94 78.17
CA LYS N 295 -19.94 -17.54 79.36
C LYS N 295 -19.76 -19.05 79.37
N LYS N 296 -19.67 -19.68 78.20
CA LYS N 296 -19.63 -21.14 78.14
C LYS N 296 -18.27 -21.68 78.60
N MET N 297 -17.18 -21.01 78.26
CA MET N 297 -15.84 -21.52 78.56
C MET N 297 -15.31 -21.07 79.91
N ASN N 298 -16.19 -20.80 80.88
CA ASN N 298 -15.73 -20.45 82.21
C ASN N 298 -15.08 -21.64 82.90
N ASN N 299 -13.80 -21.49 83.26
CA ASN N 299 -13.02 -22.47 84.02
C ASN N 299 -12.92 -23.83 83.31
N LYS N 300 -13.10 -23.87 82.00
CA LYS N 300 -12.97 -25.11 81.27
C LYS N 300 -11.50 -25.35 80.92
N PRO N 301 -10.93 -26.49 81.30
CA PRO N 301 -9.52 -26.73 80.99
C PRO N 301 -9.28 -26.91 79.51
N GLU N 302 -8.10 -26.46 79.06
CA GLU N 302 -7.64 -26.59 77.68
C GLU N 302 -8.64 -25.98 76.69
N ARG N 303 -9.11 -24.78 77.01
CA ARG N 303 -10.04 -24.05 76.17
C ARG N 303 -9.51 -22.62 75.99
N PHE N 304 -9.11 -22.29 74.77
CA PHE N 304 -8.53 -20.99 74.46
C PHE N 304 -9.34 -20.29 73.39
N MET N 305 -9.30 -18.97 73.40
CA MET N 305 -9.93 -18.15 72.37
C MET N 305 -9.01 -17.00 72.04
N VAL N 306 -8.81 -16.74 70.75
CA VAL N 306 -7.76 -15.84 70.29
C VAL N 306 -8.33 -14.43 70.18
N PHE N 307 -7.73 -13.49 70.91
CA PHE N 307 -8.04 -12.08 70.82
C PHE N 307 -7.18 -11.43 69.74
N GLN N 308 -7.73 -10.40 69.10
CA GLN N 308 -7.00 -9.62 68.11
C GLN N 308 -7.18 -8.15 68.48
N LEU N 309 -6.27 -7.65 69.31
CA LEU N 309 -6.20 -6.26 69.76
C LEU N 309 -5.29 -5.46 68.85
N PRO N 310 -5.46 -4.13 68.80
CA PRO N 310 -4.54 -3.30 68.01
C PRO N 310 -3.11 -3.41 68.52
N THR N 311 -2.16 -3.32 67.58
CA THR N 311 -0.75 -3.55 67.90
C THR N 311 -0.16 -2.48 68.81
N ARG N 312 -0.80 -1.31 68.91
CA ARG N 312 -0.37 -0.26 69.82
C ARG N 312 -1.51 0.01 70.80
N LEU N 313 -1.43 -0.60 71.98
CA LEU N 313 -2.40 -0.36 73.02
C LEU N 313 -2.21 1.04 73.60
N PRO N 314 -3.26 1.61 74.20
CA PRO N 314 -3.12 2.93 74.84
C PRO N 314 -2.07 2.90 75.94
N ALA N 315 -1.34 4.01 76.06
CA ALA N 315 -0.23 4.09 77.00
C ALA N 315 -0.72 4.02 78.44
N PHE N 316 0.03 3.30 79.27
CA PHE N 316 -0.27 3.16 80.68
C PHE N 316 0.91 3.69 81.49
N GLU N 317 0.61 4.29 82.64
CA GLU N 317 1.65 4.89 83.47
C GLU N 317 2.57 3.81 84.05
N ARG N 318 3.86 4.12 84.07
CA ARG N 318 4.84 3.18 84.60
C ARG N 318 4.64 3.00 86.11
N PRO N 319 4.86 1.78 86.62
CA PRO N 319 4.71 1.52 88.06
C PRO N 319 5.90 2.01 88.86
N ALA N 350 3.97 5.59 77.75
CA ALA N 350 5.01 5.35 78.73
C ALA N 350 5.57 3.94 78.60
N LEU N 351 4.80 2.97 79.13
CA LEU N 351 5.22 1.57 79.04
C LEU N 351 5.10 1.05 77.62
N SER N 352 6.01 0.16 77.24
CA SER N 352 5.98 -0.45 75.93
C SER N 352 4.79 -1.39 75.80
N THR N 353 4.41 -1.68 74.55
CA THR N 353 3.21 -2.47 74.29
C THR N 353 3.35 -3.89 74.81
N ARG N 354 4.55 -4.46 74.72
CA ARG N 354 4.80 -5.79 75.26
C ARG N 354 5.03 -5.78 76.77
N GLU N 355 5.10 -4.61 77.39
CA GLU N 355 5.40 -4.50 78.81
C GLU N 355 4.16 -4.40 79.68
N LEU N 356 2.96 -4.44 79.11
CA LEU N 356 1.75 -4.37 79.92
C LEU N 356 1.58 -5.65 80.73
N ALA N 357 1.09 -5.49 81.96
CA ALA N 357 0.81 -6.62 82.84
C ALA N 357 -0.42 -6.28 83.66
N GLY N 358 -1.06 -7.31 84.18
CA GLY N 358 -2.22 -7.11 85.02
C GLY N 358 -3.44 -6.65 84.24
N LYS N 359 -4.40 -6.11 85.00
CA LYS N 359 -5.66 -5.67 84.42
C LYS N 359 -5.47 -4.42 83.57
N VAL N 360 -6.03 -4.44 82.36
CA VAL N 360 -5.98 -3.29 81.48
C VAL N 360 -7.35 -2.72 81.13
N GLY N 361 -8.43 -3.47 81.27
CA GLY N 361 -9.72 -2.96 80.89
C GLY N 361 -10.82 -3.94 81.21
N SER N 362 -11.97 -3.76 80.55
CA SER N 362 -13.14 -4.57 80.84
C SER N 362 -13.97 -4.77 79.59
N ILE N 363 -14.62 -5.92 79.51
CA ILE N 363 -15.63 -6.21 78.49
C ILE N 363 -16.98 -5.96 79.11
N ARG N 364 -17.75 -5.04 78.53
CA ARG N 364 -18.99 -4.55 79.09
C ARG N 364 -20.17 -4.96 78.23
N VAL N 365 -21.26 -5.35 78.88
CA VAL N 365 -22.50 -5.75 78.21
C VAL N 365 -23.58 -4.75 78.60
N HIS N 366 -24.29 -4.24 77.60
CA HIS N 366 -25.36 -3.28 77.81
C HIS N 366 -26.72 -3.97 77.73
N LYS N 367 -27.77 -3.21 78.05
CA LYS N 367 -29.12 -3.78 78.05
C LYS N 367 -29.59 -4.14 76.65
N SER N 368 -29.07 -3.44 75.63
CA SER N 368 -29.40 -3.79 74.25
C SER N 368 -28.70 -5.05 73.77
N GLY N 369 -27.78 -5.60 74.56
CA GLY N 369 -27.03 -6.77 74.18
C GLY N 369 -25.70 -6.49 73.50
N LYS N 370 -25.40 -5.24 73.18
CA LYS N 370 -24.13 -4.91 72.55
C LYS N 370 -22.99 -5.02 73.55
N LEU N 371 -21.83 -5.42 73.06
CA LEU N 371 -20.63 -5.57 73.87
C LEU N 371 -19.61 -4.52 73.48
N SER N 372 -18.90 -3.99 74.48
CA SER N 372 -17.89 -2.96 74.24
C SER N 372 -16.68 -3.22 75.12
N VAL N 373 -15.48 -3.12 74.55
CA VAL N 373 -14.25 -3.36 75.28
C VAL N 373 -13.64 -2.00 75.62
N LYS N 374 -13.58 -1.68 76.91
CA LYS N 374 -12.97 -0.44 77.35
C LYS N 374 -11.56 -0.75 77.83
N ILE N 375 -10.57 -0.10 77.21
CA ILE N 375 -9.18 -0.21 77.60
C ILE N 375 -8.69 1.17 77.97
N GLY N 376 -8.13 1.31 79.18
CA GLY N 376 -7.70 2.61 79.64
C GLY N 376 -8.88 3.55 79.76
N ASN N 377 -8.97 4.51 78.84
CA ASN N 377 -10.09 5.43 78.76
C ASN N 377 -10.80 5.39 77.41
N VAL N 378 -10.44 4.46 76.52
CA VAL N 378 -11.02 4.41 75.18
C VAL N 378 -11.90 3.17 75.06
N VAL N 379 -13.10 3.36 74.52
CA VAL N 379 -14.03 2.28 74.25
C VAL N 379 -13.83 1.81 72.81
N MET N 380 -13.97 0.50 72.61
CA MET N 380 -13.73 -0.12 71.31
C MET N 380 -14.78 -1.18 71.06
N ASP N 381 -14.98 -1.50 69.79
CA ASP N 381 -15.96 -2.51 69.40
C ASP N 381 -15.36 -3.91 69.51
N ILE N 382 -16.16 -4.89 69.11
CA ILE N 382 -15.79 -6.30 69.24
C ILE N 382 -16.59 -7.11 68.22
N GLY N 383 -15.92 -8.01 67.52
CA GLY N 383 -16.60 -8.83 66.54
C GLY N 383 -15.90 -10.16 66.37
N LYS N 384 -16.67 -11.19 66.04
CA LYS N 384 -16.08 -12.53 66.04
C LYS N 384 -15.27 -12.82 64.77
N GLY N 385 -15.28 -11.92 63.79
CA GLY N 385 -14.32 -12.00 62.71
C GLY N 385 -14.47 -13.21 61.79
N ALA N 386 -13.35 -13.61 61.21
CA ALA N 386 -13.33 -14.70 60.25
C ALA N 386 -13.62 -16.04 60.93
N GLU N 387 -14.32 -16.91 60.20
CA GLU N 387 -14.70 -18.23 60.68
C GLU N 387 -13.75 -19.26 60.08
N THR N 388 -12.95 -19.90 60.93
CA THR N 388 -12.00 -20.90 60.47
C THR N 388 -12.64 -22.28 60.51
N THR N 389 -12.37 -23.07 59.48
CA THR N 389 -12.90 -24.43 59.37
C THR N 389 -11.93 -25.49 59.85
N PHE N 390 -10.77 -25.09 60.36
CA PHE N 390 -9.69 -26.03 60.69
C PHE N 390 -9.36 -25.96 62.18
N LEU N 391 -8.56 -26.93 62.60
CA LEU N 391 -8.21 -27.08 64.01
C LEU N 391 -7.02 -26.20 64.38
N GLN N 392 -7.11 -25.54 65.54
CA GLN N 392 -6.02 -24.75 66.09
C GLN N 392 -5.77 -25.16 67.53
N ASP N 393 -4.50 -25.18 67.92
CA ASP N 393 -4.13 -25.41 69.30
C ASP N 393 -2.98 -24.50 69.69
N VAL N 394 -2.86 -24.23 70.98
CA VAL N 394 -1.81 -23.38 71.52
C VAL N 394 -0.67 -24.26 72.04
N ILE N 395 0.56 -23.90 71.69
CA ILE N 395 1.73 -24.70 72.01
C ILE N 395 2.73 -23.79 72.72
N ALA N 396 3.02 -24.09 73.99
CA ALA N 396 4.10 -23.43 74.68
C ALA N 396 5.44 -23.98 74.18
N LEU N 397 6.50 -23.18 74.34
CA LEU N 397 7.80 -23.56 73.80
C LEU N 397 8.90 -23.19 74.79
N SER N 398 9.86 -24.10 74.94
CA SER N 398 11.04 -23.88 75.77
C SER N 398 12.27 -24.35 75.01
N ILE N 399 13.30 -23.50 74.99
CA ILE N 399 14.54 -23.80 74.27
C ILE N 399 15.66 -23.93 75.32
N ALA N 400 15.31 -24.45 76.48
CA ALA N 400 16.32 -24.73 77.50
C ALA N 400 17.31 -25.77 77.01
N ASP N 401 18.60 -25.50 77.20
CA ASP N 401 19.63 -26.40 76.69
C ASP N 401 19.66 -27.72 77.45
N ASP N 402 19.28 -27.71 78.73
CA ASP N 402 19.23 -28.94 79.50
C ASP N 402 18.13 -29.87 78.99
N ALA N 403 16.95 -29.32 78.71
CA ALA N 403 15.84 -30.11 78.20
C ALA N 403 14.89 -29.17 77.46
N SER N 404 14.80 -29.31 76.14
CA SER N 404 13.91 -28.51 75.33
C SER N 404 12.55 -29.20 75.23
N SER N 405 11.49 -28.49 75.60
CA SER N 405 10.16 -29.06 75.66
C SER N 405 9.16 -28.14 74.98
N ALA N 406 8.07 -28.73 74.50
CA ALA N 406 6.99 -27.98 73.86
C ALA N 406 5.68 -28.66 74.24
N GLU N 407 5.02 -28.15 75.27
CA GLU N 407 3.82 -28.77 75.81
C GLU N 407 2.56 -28.18 75.18
N LEU N 408 1.59 -29.04 74.91
CA LEU N 408 0.28 -28.58 74.46
C LEU N 408 -0.50 -28.00 75.64
N LEU N 409 -1.25 -26.93 75.38
CA LEU N 409 -2.00 -26.25 76.43
C LEU N 409 -3.50 -26.21 76.19
N GLY N 410 -3.97 -26.49 74.99
CA GLY N 410 -5.38 -26.46 74.70
C GLY N 410 -5.63 -26.13 73.25
N ARG N 411 -6.90 -26.09 72.88
CA ARG N 411 -7.32 -25.81 71.51
C ARG N 411 -7.98 -24.45 71.44
N VAL N 412 -7.80 -23.78 70.30
CA VAL N 412 -8.43 -22.48 70.08
C VAL N 412 -9.86 -22.69 69.61
N ASP N 413 -10.81 -22.11 70.34
CA ASP N 413 -12.23 -22.21 70.02
C ASP N 413 -12.73 -20.80 69.73
N GLY N 414 -12.63 -20.40 68.46
CA GLY N 414 -13.11 -19.09 68.04
C GLY N 414 -12.04 -18.02 68.10
N LYS N 415 -12.44 -16.83 67.67
CA LYS N 415 -11.56 -15.67 67.61
C LYS N 415 -12.41 -14.42 67.69
N ILE N 416 -11.89 -13.39 68.38
CA ILE N 416 -12.54 -12.09 68.42
C ILE N 416 -11.54 -11.02 68.01
N VAL N 417 -12.08 -9.90 67.54
CA VAL N 417 -11.32 -8.78 66.99
C VAL N 417 -11.84 -7.51 67.64
N VAL N 418 -10.92 -6.69 68.15
CA VAL N 418 -11.24 -5.43 68.81
C VAL N 418 -10.75 -4.29 67.93
N THR N 419 -11.65 -3.37 67.58
CA THR N 419 -11.32 -2.26 66.72
C THR N 419 -11.71 -0.94 67.37
N PRO N 420 -10.92 0.12 67.17
CA PRO N 420 -11.22 1.41 67.82
C PRO N 420 -12.55 1.99 67.35
N GLN N 421 -13.23 2.65 68.28
CA GLN N 421 -14.50 3.33 68.00
C GLN N 421 -14.20 4.73 67.49
N ILE N 422 -14.25 4.90 66.17
CA ILE N 422 -13.97 6.19 65.56
C ILE N 422 -15.17 6.66 64.75
N SER O 22 50.76 -13.10 -16.11
CA SER O 22 50.00 -11.85 -16.12
C SER O 22 50.02 -11.19 -14.75
N GLU O 23 51.18 -10.63 -14.38
CA GLU O 23 51.31 -9.98 -13.09
C GLU O 23 50.49 -8.69 -13.03
N LYS O 24 50.44 -7.95 -14.13
CA LYS O 24 49.67 -6.72 -14.16
C LYS O 24 48.18 -7.03 -14.21
N LEU O 25 47.37 -5.98 -14.06
CA LEU O 25 45.93 -6.14 -14.05
C LEU O 25 45.43 -6.56 -15.44
N VAL O 26 44.51 -7.52 -15.45
CA VAL O 26 43.94 -8.06 -16.68
C VAL O 26 42.51 -7.56 -16.77
N THR O 27 42.21 -6.83 -17.84
CA THR O 27 40.87 -6.29 -18.03
C THR O 27 39.89 -7.41 -18.35
N PRO O 28 38.59 -7.22 -18.05
CA PRO O 28 37.60 -8.22 -18.43
C PRO O 28 37.50 -8.45 -19.93
N GLU O 29 37.92 -7.47 -20.75
CA GLU O 29 38.08 -7.69 -22.19
C GLU O 29 39.03 -8.85 -22.45
N ASP O 30 40.22 -8.80 -21.87
CA ASP O 30 41.21 -9.85 -22.09
C ASP O 30 40.76 -11.17 -21.47
N VAL O 31 40.10 -11.11 -20.32
CA VAL O 31 39.58 -12.33 -19.68
C VAL O 31 38.56 -13.00 -20.59
N MET O 32 37.68 -12.21 -21.21
CA MET O 32 36.67 -12.79 -22.09
C MET O 32 37.27 -13.27 -23.40
N THR O 33 38.35 -12.64 -23.89
CA THR O 33 38.77 -12.96 -25.24
C THR O 33 39.94 -13.95 -25.32
N ILE O 34 40.75 -14.09 -24.26
CA ILE O 34 41.86 -15.05 -24.32
C ILE O 34 41.62 -16.27 -23.43
N SER O 35 40.66 -16.23 -22.52
CA SER O 35 40.38 -17.37 -21.67
C SER O 35 39.10 -18.07 -22.14
N SER O 36 38.80 -19.19 -21.48
CA SER O 36 37.65 -20.02 -21.83
C SER O 36 36.47 -19.78 -20.91
N LEU O 37 36.27 -18.53 -20.48
CA LEU O 37 35.20 -18.22 -19.54
C LEU O 37 33.82 -18.41 -20.17
N GLU O 38 33.69 -18.07 -21.45
CA GLU O 38 32.41 -18.27 -22.14
C GLU O 38 32.09 -19.74 -22.35
N GLN O 39 33.09 -20.62 -22.35
CA GLN O 39 32.88 -22.04 -22.52
C GLN O 39 32.69 -22.77 -21.20
N ARG O 40 32.87 -22.09 -20.07
CA ARG O 40 32.67 -22.72 -18.77
C ARG O 40 31.21 -22.73 -18.34
N THR O 41 30.34 -22.02 -19.03
CA THR O 41 28.93 -21.97 -18.70
C THR O 41 28.09 -22.97 -19.49
N LEU O 42 28.73 -23.83 -20.29
CA LEU O 42 28.03 -24.80 -21.11
C LEU O 42 28.02 -26.17 -20.45
N ASN O 43 26.91 -26.88 -20.61
CA ASN O 43 26.83 -28.26 -20.13
C ASN O 43 27.84 -29.12 -20.89
N PRO O 44 28.66 -29.90 -20.19
CA PRO O 44 29.71 -30.68 -20.89
C PRO O 44 29.17 -31.66 -21.92
N ASP O 45 28.04 -32.30 -21.65
CA ASP O 45 27.48 -33.25 -22.61
C ASP O 45 27.02 -32.54 -23.87
N LEU O 46 26.24 -31.47 -23.70
CA LEU O 46 25.78 -30.69 -24.85
C LEU O 46 26.94 -30.08 -25.61
N PHE O 47 27.93 -29.54 -24.89
CA PHE O 47 29.08 -28.92 -25.54
C PHE O 47 29.85 -29.95 -26.37
N LEU O 48 30.12 -31.12 -25.79
CA LEU O 48 30.89 -32.14 -26.50
C LEU O 48 30.13 -32.67 -27.71
N TYR O 49 28.85 -32.97 -27.54
CA TYR O 49 28.08 -33.54 -28.63
C TYR O 49 27.91 -32.53 -29.77
N LYS O 50 27.60 -31.27 -29.43
CA LYS O 50 27.46 -30.25 -30.46
C LYS O 50 28.78 -29.99 -31.16
N GLU O 51 29.90 -29.96 -30.43
CA GLU O 51 31.20 -29.73 -31.06
C GLU O 51 31.57 -30.88 -31.99
N LEU O 52 31.31 -32.12 -31.57
CA LEU O 52 31.63 -33.26 -32.43
C LEU O 52 30.79 -33.26 -33.70
N VAL O 53 29.49 -32.99 -33.57
CA VAL O 53 28.61 -33.00 -34.73
C VAL O 53 28.95 -31.83 -35.66
N LYS O 54 29.29 -30.67 -35.10
CA LYS O 54 29.67 -29.53 -35.92
C LYS O 54 31.01 -29.75 -36.61
N ALA O 55 31.92 -30.49 -35.96
CA ALA O 55 33.20 -30.77 -36.58
C ALA O 55 33.05 -31.77 -37.73
N HIS O 56 32.23 -32.80 -37.55
CA HIS O 56 32.10 -33.83 -38.57
C HIS O 56 31.01 -33.48 -39.59
N LEU O 57 29.77 -33.32 -39.13
CA LEU O 57 28.70 -32.86 -40.00
C LEU O 57 28.64 -31.34 -39.99
N GLY O 58 27.58 -30.78 -40.57
CA GLY O 58 27.46 -29.35 -40.71
C GLY O 58 26.89 -28.68 -39.48
N GLU O 59 26.58 -27.40 -39.65
CA GLU O 59 26.02 -26.61 -38.55
C GLU O 59 24.54 -26.91 -38.32
N ARG O 60 23.81 -27.30 -39.37
CA ARG O 60 22.40 -27.64 -39.19
C ARG O 60 22.23 -28.89 -38.34
N ALA O 61 23.06 -29.91 -38.59
CA ALA O 61 23.05 -31.10 -37.75
C ALA O 61 23.46 -30.78 -36.32
N ALA O 62 24.41 -29.84 -36.16
CA ALA O 62 24.81 -29.41 -34.83
C ALA O 62 23.65 -28.74 -34.10
N SER O 63 22.89 -27.90 -34.81
CA SER O 63 21.74 -27.25 -34.20
C SER O 63 20.68 -28.27 -33.80
N VAL O 64 20.42 -29.26 -34.66
CA VAL O 64 19.42 -30.28 -34.35
C VAL O 64 19.84 -31.10 -33.13
N ILE O 65 21.11 -31.53 -33.10
CA ILE O 65 21.60 -32.30 -31.97
C ILE O 65 21.59 -31.47 -30.69
N GLY O 66 21.95 -30.18 -30.78
CA GLY O 66 21.92 -29.32 -29.62
C GLY O 66 20.52 -29.14 -29.06
N MET O 67 19.53 -28.97 -29.94
CA MET O 67 18.15 -28.83 -29.48
C MET O 67 17.64 -30.15 -28.91
N LEU O 68 18.06 -31.28 -29.47
CA LEU O 68 17.65 -32.58 -28.94
C LEU O 68 18.24 -32.81 -27.55
N VAL O 69 19.49 -32.39 -27.34
CA VAL O 69 20.09 -32.53 -26.02
C VAL O 69 19.44 -31.58 -25.02
N ALA O 70 19.18 -30.34 -25.44
CA ALA O 70 18.67 -29.33 -24.53
C ALA O 70 17.22 -29.61 -24.12
N LEU O 71 16.36 -29.92 -25.09
CA LEU O 71 14.94 -30.05 -24.83
C LEU O 71 14.47 -31.50 -24.72
N GLY O 72 15.37 -32.47 -24.82
CA GLY O 72 14.95 -33.85 -24.80
C GLY O 72 14.37 -34.30 -26.11
N ARG O 73 13.35 -35.15 -26.08
CA ARG O 73 12.77 -35.65 -27.31
C ARG O 73 11.90 -34.59 -27.98
N LEU O 74 11.93 -34.56 -29.31
CA LEU O 74 11.22 -33.55 -30.07
C LEU O 74 10.72 -34.17 -31.37
N SER O 75 9.53 -33.75 -31.79
CA SER O 75 9.03 -34.13 -33.10
C SER O 75 9.67 -33.27 -34.18
N VAL O 76 9.35 -33.59 -35.44
CA VAL O 76 9.86 -32.79 -36.54
C VAL O 76 9.21 -31.40 -36.54
N ARG O 77 7.92 -31.34 -36.20
CA ARG O 77 7.24 -30.04 -36.10
C ARG O 77 7.80 -29.20 -34.97
N GLU O 78 8.08 -29.83 -33.82
CA GLU O 78 8.67 -29.11 -32.70
C GLU O 78 10.08 -28.66 -33.03
N LEU O 79 10.85 -29.48 -33.76
CA LEU O 79 12.19 -29.07 -34.17
C LEU O 79 12.13 -27.92 -35.16
N VAL O 80 11.09 -27.88 -36.00
CA VAL O 80 10.92 -26.76 -36.92
C VAL O 80 10.58 -25.49 -36.16
N GLU O 81 9.63 -25.57 -35.23
CA GLU O 81 9.17 -24.38 -34.52
C GLU O 81 10.14 -23.94 -33.42
N LYS O 82 11.11 -24.76 -33.06
CA LYS O 82 12.08 -24.39 -32.03
C LYS O 82 13.41 -23.91 -32.59
N ILE O 83 13.71 -24.21 -33.85
CA ILE O 83 14.92 -23.73 -34.50
C ILE O 83 14.52 -22.67 -35.53
N ASP O 84 15.09 -21.48 -35.40
CA ASP O 84 14.75 -20.39 -36.31
C ASP O 84 15.55 -20.49 -37.60
N GLY O 85 14.88 -20.26 -38.73
CA GLY O 85 15.52 -20.26 -40.02
C GLY O 85 15.55 -21.58 -40.74
N MET O 86 15.02 -22.66 -40.16
CA MET O 86 15.02 -23.97 -40.78
C MET O 86 13.58 -24.45 -40.97
N ASP O 87 13.24 -24.79 -42.20
CA ASP O 87 11.90 -25.25 -42.53
C ASP O 87 11.82 -26.78 -42.41
N VAL O 88 10.67 -27.33 -42.78
CA VAL O 88 10.43 -28.76 -42.58
C VAL O 88 11.33 -29.60 -43.48
N ASP O 89 11.60 -29.12 -44.69
CA ASP O 89 12.45 -29.89 -45.61
C ASP O 89 13.88 -29.95 -45.12
N SER O 90 14.42 -28.83 -44.63
CA SER O 90 15.79 -28.82 -44.11
C SER O 90 15.91 -29.68 -42.86
N VAL O 91 14.92 -29.61 -41.97
CA VAL O 91 14.93 -30.44 -40.76
C VAL O 91 14.88 -31.91 -41.13
N LYS O 92 14.02 -32.28 -42.08
CA LYS O 92 13.93 -33.68 -42.49
C LYS O 92 15.22 -34.15 -43.16
N THR O 93 15.85 -33.29 -43.96
CA THR O 93 17.10 -33.67 -44.63
C THR O 93 18.21 -33.89 -43.62
N THR O 94 18.36 -32.97 -42.66
CA THR O 94 19.43 -33.15 -41.67
C THR O 94 19.10 -34.28 -40.71
N LEU O 95 17.81 -34.59 -40.50
CA LEU O 95 17.46 -35.75 -39.70
C LEU O 95 17.82 -37.04 -40.42
N VAL O 96 17.63 -37.08 -41.75
CA VAL O 96 18.07 -38.23 -42.53
C VAL O 96 19.59 -38.38 -42.43
N SER O 97 20.31 -37.27 -42.56
CA SER O 97 21.76 -37.30 -42.48
C SER O 97 22.25 -37.79 -41.12
N LEU O 98 21.60 -37.35 -40.05
CA LEU O 98 21.96 -37.82 -38.71
C LEU O 98 21.57 -39.27 -38.50
N THR O 99 20.43 -39.69 -39.07
CA THR O 99 19.95 -41.06 -38.88
C THR O 99 20.84 -42.07 -39.59
N GLN O 100 21.39 -41.68 -40.75
CA GLN O 100 22.27 -42.61 -41.46
C GLN O 100 23.55 -42.87 -40.67
N LEU O 101 24.09 -41.86 -40.02
CA LEU O 101 25.29 -42.03 -39.21
C LEU O 101 24.98 -42.47 -37.78
N ARG O 102 23.75 -42.91 -37.51
CA ARG O 102 23.33 -43.47 -36.22
C ARG O 102 23.48 -42.47 -35.07
N CYS O 103 23.36 -41.18 -35.36
CA CYS O 103 23.44 -40.15 -34.34
C CYS O 103 22.08 -39.76 -33.77
N VAL O 104 20.99 -40.28 -34.31
CA VAL O 104 19.64 -39.96 -33.83
C VAL O 104 18.81 -41.23 -33.73
N LYS O 105 18.27 -41.50 -32.54
CA LYS O 105 17.27 -42.54 -32.37
C LYS O 105 15.88 -41.97 -32.60
N TYR O 106 14.94 -42.86 -32.92
CA TYR O 106 13.57 -42.45 -33.19
C TYR O 106 12.59 -43.45 -32.58
N LEU O 107 11.39 -42.97 -32.29
CA LEU O 107 10.31 -43.81 -31.81
C LEU O 107 9.00 -43.27 -32.38
N GLN O 108 8.28 -44.12 -33.11
CA GLN O 108 7.00 -43.74 -33.70
C GLN O 108 5.88 -44.27 -32.81
N GLU O 109 5.08 -43.37 -32.26
CA GLU O 109 4.02 -43.75 -31.34
C GLU O 109 2.70 -43.12 -31.78
N THR O 110 1.61 -43.86 -31.56
CA THR O 110 0.27 -43.41 -31.89
C THR O 110 -0.48 -43.08 -30.61
N ALA O 111 -1.10 -41.91 -30.57
CA ALA O 111 -1.87 -41.50 -29.41
C ALA O 111 -3.22 -42.22 -29.39
N ILE O 112 -4.02 -41.94 -28.36
CA ILE O 112 -5.35 -42.51 -28.25
C ILE O 112 -6.25 -41.99 -29.36
N SER O 113 -6.09 -40.72 -29.75
CA SER O 113 -6.90 -40.12 -30.80
C SER O 113 -6.62 -40.70 -32.18
N GLY O 114 -5.54 -41.46 -32.35
CA GLY O 114 -5.21 -42.06 -33.62
C GLY O 114 -4.11 -41.38 -34.39
N LYS O 115 -3.67 -40.19 -33.96
CA LYS O 115 -2.58 -39.51 -34.62
C LYS O 115 -1.25 -40.20 -34.34
N LYS O 116 -0.40 -40.30 -35.35
CA LYS O 116 0.90 -40.93 -35.24
C LYS O 116 1.98 -39.87 -35.28
N THR O 117 2.86 -39.88 -34.27
CA THR O 117 3.95 -38.92 -34.18
C THR O 117 5.26 -39.66 -33.99
N THR O 118 6.29 -39.21 -34.72
CA THR O 118 7.62 -39.77 -34.61
C THR O 118 8.47 -38.81 -33.78
N TYR O 119 8.98 -39.28 -32.65
CA TYR O 119 9.81 -38.49 -31.75
C TYR O 119 11.25 -38.93 -31.92
N TYR O 120 12.13 -37.98 -32.22
CA TYR O 120 13.54 -38.27 -32.46
C TYR O 120 14.33 -37.97 -31.20
N TYR O 121 15.19 -38.89 -30.81
CA TYR O 121 16.05 -38.68 -29.65
C TYR O 121 17.47 -38.38 -30.12
N TYR O 122 18.37 -38.27 -29.16
CA TYR O 122 19.80 -38.35 -29.42
C TYR O 122 20.33 -39.60 -28.72
N ASN O 123 21.23 -40.32 -29.39
CA ASN O 123 21.84 -41.50 -28.81
C ASN O 123 23.35 -41.30 -28.76
N GLU O 124 23.94 -41.61 -27.62
CA GLU O 124 25.38 -41.45 -27.43
C GLU O 124 26.19 -42.45 -28.25
N GLU O 125 25.56 -43.46 -28.83
CA GLU O 125 26.30 -44.46 -29.60
C GLU O 125 26.96 -43.84 -30.82
N GLY O 126 26.19 -43.09 -31.63
CA GLY O 126 26.76 -42.48 -32.82
C GLY O 126 27.78 -41.40 -32.52
N ILE O 127 27.52 -40.62 -31.48
CA ILE O 127 28.46 -39.55 -31.12
C ILE O 127 29.75 -40.14 -30.58
N HIS O 128 29.68 -41.23 -29.83
CA HIS O 128 30.89 -41.91 -29.37
C HIS O 128 31.60 -42.59 -30.53
N ILE O 129 30.86 -43.04 -31.54
CA ILE O 129 31.48 -43.57 -32.76
C ILE O 129 32.29 -42.48 -33.46
N LEU O 130 31.70 -41.30 -33.57
CA LEU O 130 32.42 -40.16 -34.15
C LEU O 130 33.62 -39.76 -33.29
N LEU O 131 33.50 -39.90 -31.97
CA LEU O 131 34.57 -39.51 -31.07
C LEU O 131 35.71 -40.52 -31.04
N TYR O 132 35.40 -41.81 -31.20
CA TYR O 132 36.37 -42.89 -31.07
C TYR O 132 36.88 -43.41 -32.40
N SER O 133 36.68 -42.67 -33.49
CA SER O 133 36.76 -43.24 -34.83
C SER O 133 38.15 -43.75 -35.17
N GLY O 134 39.17 -42.90 -35.00
CA GLY O 134 40.53 -43.34 -35.28
C GLY O 134 41.01 -44.40 -34.31
N LEU O 135 40.59 -44.29 -33.04
CA LEU O 135 40.88 -45.34 -32.07
C LEU O 135 40.23 -46.66 -32.48
N ILE O 136 39.02 -46.59 -33.01
CA ILE O 136 38.35 -47.79 -33.50
C ILE O 136 39.13 -48.40 -34.67
N ILE O 137 39.57 -47.55 -35.61
CA ILE O 137 40.31 -48.04 -36.77
C ILE O 137 41.63 -48.68 -36.34
N ASP O 138 42.35 -48.04 -35.42
CA ASP O 138 43.59 -48.60 -34.92
C ASP O 138 43.36 -49.91 -34.17
N GLU O 139 42.25 -49.99 -33.42
CA GLU O 139 41.92 -51.22 -32.71
C GLU O 139 41.63 -52.35 -33.69
N ILE O 140 40.90 -52.06 -34.78
CA ILE O 140 40.63 -53.09 -35.78
C ILE O 140 41.92 -53.54 -36.44
N ILE O 141 42.81 -52.60 -36.74
CA ILE O 141 44.09 -52.93 -37.36
C ILE O 141 44.92 -53.83 -36.44
N THR O 142 44.95 -53.51 -35.15
CA THR O 142 45.78 -54.26 -34.21
C THR O 142 45.19 -55.62 -33.85
N GLN O 143 43.88 -55.72 -33.69
CA GLN O 143 43.27 -56.88 -33.05
C GLN O 143 43.14 -58.10 -33.96
N MET O 144 43.45 -57.99 -35.25
CA MET O 144 43.40 -59.13 -36.14
C MET O 144 44.75 -59.45 -36.77
N ARG O 145 45.84 -58.97 -36.15
CA ARG O 145 47.23 -59.31 -36.47
C ARG O 145 47.55 -59.21 -37.95
N VAL O 146 46.92 -58.24 -38.63
CA VAL O 146 47.20 -57.96 -40.03
C VAL O 146 48.25 -56.87 -40.19
N ASN O 147 48.99 -56.54 -39.12
CA ASN O 147 50.02 -55.53 -39.22
C ASN O 147 51.20 -55.98 -40.07
N ASP O 148 51.44 -57.29 -40.16
CA ASP O 148 52.55 -57.79 -40.97
C ASP O 148 52.27 -57.66 -42.46
N GLU O 149 51.02 -57.87 -42.88
CA GLU O 149 50.64 -57.82 -44.28
C GLU O 149 50.09 -56.43 -44.60
N GLU O 150 50.73 -55.74 -45.55
CA GLU O 150 50.34 -54.37 -45.85
C GLU O 150 49.01 -54.31 -46.58
N GLU O 151 48.78 -55.24 -47.52
CA GLU O 151 47.55 -55.21 -48.31
C GLU O 151 46.33 -55.46 -47.44
N HIS O 152 46.39 -56.48 -46.59
CA HIS O 152 45.27 -56.78 -45.70
C HIS O 152 45.04 -55.64 -44.72
N LYS O 153 46.11 -55.05 -44.20
CA LYS O 153 45.98 -53.94 -43.25
C LYS O 153 45.31 -52.74 -43.91
N GLN O 154 45.74 -52.38 -45.12
CA GLN O 154 45.14 -51.24 -45.82
C GLN O 154 43.69 -51.52 -46.18
N LEU O 155 43.38 -52.74 -46.62
CA LEU O 155 42.00 -53.07 -46.96
C LEU O 155 41.10 -53.03 -45.73
N VAL O 156 41.58 -53.55 -44.60
CA VAL O 156 40.80 -53.52 -43.37
C VAL O 156 40.58 -52.08 -42.91
N ALA O 157 41.62 -51.25 -42.99
CA ALA O 157 41.49 -49.85 -42.60
C ALA O 157 40.47 -49.13 -43.46
N GLU O 158 40.51 -49.36 -44.79
CA GLU O 158 39.59 -48.63 -45.66
C GLU O 158 38.15 -49.13 -45.50
N ILE O 159 37.95 -50.43 -45.28
CA ILE O 159 36.57 -50.90 -45.11
C ILE O 159 36.00 -50.42 -43.77
N VAL O 160 36.83 -50.38 -42.72
CA VAL O 160 36.35 -49.87 -41.44
C VAL O 160 36.04 -48.38 -41.52
N GLN O 161 36.91 -47.62 -42.21
CA GLN O 161 36.66 -46.19 -42.39
C GLN O 161 35.39 -45.95 -43.19
N ASN O 162 35.15 -46.74 -44.24
CA ASN O 162 33.93 -46.58 -45.02
C ASN O 162 32.69 -46.94 -44.20
N VAL O 163 32.78 -47.98 -43.38
CA VAL O 163 31.65 -48.38 -42.53
C VAL O 163 31.31 -47.28 -41.54
N ILE O 164 32.33 -46.71 -40.89
CA ILE O 164 32.08 -45.66 -39.90
C ILE O 164 31.58 -44.39 -40.57
N SER O 165 32.16 -44.02 -41.71
CA SER O 165 31.76 -42.77 -42.37
C SER O 165 30.35 -42.86 -42.95
N LEU O 166 29.97 -44.03 -43.46
CA LEU O 166 28.64 -44.21 -44.02
C LEU O 166 27.63 -44.72 -43.00
N GLY O 167 28.06 -45.00 -41.77
CA GLY O 167 27.16 -45.50 -40.75
C GLY O 167 26.89 -46.99 -40.88
N SER O 168 26.19 -47.37 -41.95
CA SER O 168 25.89 -48.76 -42.22
C SER O 168 25.88 -48.96 -43.73
N LEU O 169 26.44 -50.08 -44.19
CA LEU O 169 26.53 -50.34 -45.61
C LEU O 169 26.34 -51.82 -45.90
N THR O 170 25.90 -52.12 -47.11
CA THR O 170 25.76 -53.49 -47.56
C THR O 170 26.99 -53.91 -48.35
N VAL O 171 27.32 -55.20 -48.27
CA VAL O 171 28.52 -55.72 -48.91
C VAL O 171 28.39 -55.66 -50.43
N GLU O 172 27.19 -55.88 -50.95
CA GLU O 172 26.97 -55.80 -52.40
C GLU O 172 27.22 -54.40 -52.93
N ASP O 173 26.71 -53.39 -52.21
CA ASP O 173 26.91 -52.01 -52.65
C ASP O 173 28.38 -51.60 -52.56
N TYR O 174 29.07 -52.08 -51.51
CA TYR O 174 30.49 -51.77 -51.39
C TYR O 174 31.31 -52.44 -52.49
N LEU O 175 31.00 -53.69 -52.81
CA LEU O 175 31.73 -54.44 -53.83
C LEU O 175 31.34 -54.03 -55.25
N SER O 176 30.24 -53.30 -55.42
CA SER O 176 29.88 -52.80 -56.75
C SER O 176 30.89 -51.79 -57.29
N SER O 177 31.73 -51.22 -56.43
CA SER O 177 32.75 -50.26 -56.84
C SER O 177 34.12 -50.91 -57.04
N VAL O 178 34.23 -52.22 -56.90
CA VAL O 178 35.49 -52.94 -57.04
C VAL O 178 35.38 -53.88 -58.23
N THR O 179 36.36 -53.84 -59.13
CA THR O 179 36.31 -54.58 -60.39
C THR O 179 37.17 -55.84 -60.40
N SER O 180 38.19 -55.93 -59.55
CA SER O 180 39.06 -57.10 -59.57
C SER O 180 38.43 -58.25 -58.78
N ASP O 181 38.35 -59.42 -59.41
CA ASP O 181 37.68 -60.56 -58.79
C ASP O 181 38.43 -61.05 -57.55
N SER O 182 39.76 -61.12 -57.63
CA SER O 182 40.55 -61.51 -56.46
C SER O 182 40.44 -60.48 -55.35
N MET O 183 40.40 -59.20 -55.72
CA MET O 183 40.19 -58.14 -54.72
C MET O 183 38.82 -58.27 -54.07
N LYS O 184 37.79 -58.59 -54.87
CA LYS O 184 36.46 -58.80 -54.33
C LYS O 184 36.43 -59.98 -53.37
N TYR O 185 37.13 -61.06 -53.73
CA TYR O 185 37.18 -62.23 -52.84
C TYR O 185 37.88 -61.90 -51.53
N THR O 186 38.98 -61.15 -51.59
CA THR O 186 39.69 -60.78 -50.37
C THR O 186 38.85 -59.84 -49.51
N ILE O 187 38.11 -58.92 -50.14
CA ILE O 187 37.24 -58.03 -49.39
C ILE O 187 36.13 -58.81 -48.70
N SER O 188 35.54 -59.78 -49.41
CA SER O 188 34.50 -60.62 -48.80
C SER O 188 35.07 -61.43 -47.64
N SER O 189 36.28 -61.98 -47.80
CA SER O 189 36.91 -62.74 -46.73
C SER O 189 37.19 -61.86 -45.51
N LEU O 190 37.64 -60.63 -45.74
CA LEU O 190 37.89 -59.71 -44.64
C LEU O 190 36.61 -59.30 -43.95
N PHE O 191 35.52 -59.11 -44.72
CA PHE O 191 34.23 -58.82 -44.11
C PHE O 191 33.75 -59.98 -43.25
N VAL O 192 33.94 -61.22 -43.73
CA VAL O 192 33.59 -62.40 -42.95
C VAL O 192 34.42 -62.46 -41.66
N GLN O 193 35.72 -62.16 -41.78
CA GLN O 193 36.59 -62.18 -40.60
C GLN O 193 36.19 -61.11 -39.59
N LEU O 194 35.79 -59.93 -40.07
CA LEU O 194 35.27 -58.90 -39.17
C LEU O 194 33.97 -59.35 -38.50
N CYS O 195 33.10 -60.00 -39.26
CA CYS O 195 31.80 -60.40 -38.71
C CYS O 195 31.97 -61.50 -37.66
N GLU O 196 32.88 -62.44 -37.88
CA GLU O 196 32.97 -63.59 -36.97
C GLU O 196 33.54 -63.20 -35.62
N MET O 197 34.37 -62.15 -35.56
CA MET O 197 34.98 -61.74 -34.31
C MET O 197 34.24 -60.58 -33.64
N GLY O 198 33.06 -60.23 -34.15
CA GLY O 198 32.12 -59.38 -33.43
C GLY O 198 32.24 -57.89 -33.68
N TYR O 199 33.22 -57.45 -34.47
CA TYR O 199 33.40 -56.01 -34.65
C TYR O 199 32.39 -55.40 -35.60
N LEU O 200 31.91 -56.15 -36.59
CA LEU O 200 30.83 -55.70 -37.46
C LEU O 200 29.60 -56.55 -37.21
N ILE O 201 28.47 -55.89 -36.97
CA ILE O 201 27.22 -56.57 -36.66
C ILE O 201 26.15 -56.11 -37.65
N GLN O 202 24.97 -56.69 -37.52
CA GLN O 202 23.83 -56.34 -38.35
C GLN O 202 23.05 -55.20 -37.72
N ILE O 203 22.88 -54.12 -38.47
CA ILE O 203 22.08 -53.00 -37.99
C ILE O 203 20.61 -53.33 -38.16
N SER O 204 19.78 -52.81 -37.25
CA SER O 204 18.36 -53.11 -37.24
C SER O 204 17.64 -51.94 -36.58
N LYS O 205 16.33 -52.10 -36.40
CA LYS O 205 15.54 -51.12 -35.67
C LYS O 205 15.82 -51.15 -34.18
N LEU O 206 16.49 -52.19 -33.68
CA LEU O 206 16.93 -52.22 -32.30
C LEU O 206 17.94 -51.10 -32.02
N HIS O 207 18.87 -50.90 -32.94
CA HIS O 207 19.89 -49.87 -32.75
C HIS O 207 19.35 -48.46 -32.91
N TYR O 208 18.11 -48.32 -33.38
CA TYR O 208 17.44 -47.02 -33.42
C TYR O 208 16.28 -46.93 -32.44
N THR O 209 15.89 -48.04 -31.81
CA THR O 209 14.85 -47.84 -30.81
C THR O 209 15.50 -47.66 -29.42
N PRO O 210 14.91 -46.83 -28.56
CA PRO O 210 15.49 -46.62 -27.24
C PRO O 210 15.30 -47.81 -26.33
N ILE O 211 16.20 -47.94 -25.35
CA ILE O 211 16.15 -49.04 -24.41
C ILE O 211 14.96 -48.87 -23.44
N GLU O 212 14.76 -47.64 -22.95
CA GLU O 212 13.67 -47.39 -22.00
C GLU O 212 12.32 -47.65 -22.65
N ASP O 213 12.13 -47.17 -23.88
CA ASP O 213 10.87 -47.39 -24.57
C ASP O 213 10.67 -48.86 -24.90
N LEU O 214 11.74 -49.56 -25.26
CA LEU O 214 11.64 -51.00 -25.55
C LEU O 214 11.20 -51.77 -24.31
N TRP O 215 11.82 -51.48 -23.16
CA TRP O 215 11.44 -52.19 -21.94
C TRP O 215 10.04 -51.81 -21.49
N GLN O 216 9.65 -50.54 -21.67
CA GLN O 216 8.29 -50.14 -21.32
C GLN O 216 7.26 -50.85 -22.19
N PHE O 217 7.54 -50.96 -23.49
CA PHE O 217 6.64 -51.66 -24.40
C PHE O 217 6.52 -53.14 -24.04
N LEU O 218 7.66 -53.79 -23.76
CA LEU O 218 7.63 -55.21 -23.42
C LEU O 218 6.91 -55.44 -22.10
N TYR O 219 7.17 -54.59 -21.11
CA TYR O 219 6.50 -54.74 -19.82
C TYR O 219 5.00 -54.51 -19.92
N GLU O 220 4.57 -53.50 -20.70
CA GLU O 220 3.16 -53.27 -20.89
C GLU O 220 2.49 -54.42 -21.64
N LYS O 221 3.17 -54.96 -22.66
CA LYS O 221 2.62 -56.08 -23.41
C LYS O 221 2.46 -57.32 -22.53
N HIS O 222 3.48 -57.63 -21.74
CA HIS O 222 3.40 -58.81 -20.88
C HIS O 222 2.57 -58.57 -19.62
N TYR O 223 2.23 -57.32 -19.32
CA TYR O 223 1.30 -57.04 -18.23
C TYR O 223 -0.15 -57.15 -18.71
N LYS O 224 -0.42 -56.68 -19.93
CA LYS O 224 -1.76 -56.84 -20.51
C LYS O 224 -2.00 -58.28 -20.95
N ASN O 225 -0.94 -59.05 -21.21
CA ASN O 225 -1.10 -60.45 -21.58
C ASN O 225 -1.68 -61.27 -20.43
N ILE O 226 -1.37 -60.88 -19.20
CA ILE O 226 -1.91 -61.61 -18.05
C ILE O 226 -3.41 -61.34 -17.95
N PRO O 227 -4.26 -62.37 -17.89
CA PRO O 227 -5.71 -62.14 -17.92
C PRO O 227 -6.22 -61.61 -16.58
N ARG O 228 -7.48 -61.18 -16.61
CA ARG O 228 -8.13 -60.64 -15.43
C ARG O 228 -8.52 -61.76 -14.46
N ASN O 229 -8.92 -61.36 -13.26
CA ASN O 229 -9.42 -62.25 -12.20
C ASN O 229 -8.39 -63.32 -11.82
N SER O 230 -7.11 -62.96 -11.82
CA SER O 230 -6.09 -63.89 -11.37
C SER O 230 -6.12 -64.03 -9.85
N PRO O 231 -5.84 -65.22 -9.31
CA PRO O 231 -5.81 -65.38 -7.85
C PRO O 231 -4.62 -64.70 -7.21
N LEU O 232 -3.53 -64.59 -7.96
CA LEU O 232 -2.33 -63.93 -7.47
C LEU O 232 -2.53 -62.42 -7.38
N SER O 233 -1.78 -61.81 -6.46
CA SER O 233 -1.98 -60.41 -6.09
C SER O 233 -1.32 -59.48 -7.10
N ASP O 234 -1.31 -58.19 -6.78
CA ASP O 234 -0.80 -57.18 -7.71
C ASP O 234 0.73 -57.21 -7.78
N LEU O 235 1.41 -57.37 -6.65
CA LEU O 235 2.87 -57.44 -6.67
C LEU O 235 3.35 -58.68 -7.42
N LYS O 236 2.66 -59.81 -7.23
CA LYS O 236 3.01 -61.02 -7.97
C LYS O 236 2.76 -60.85 -9.46
N LYS O 237 1.69 -60.15 -9.82
CA LYS O 237 1.42 -59.87 -11.24
C LYS O 237 2.52 -59.00 -11.84
N ARG O 238 2.93 -57.96 -11.10
CA ARG O 238 4.01 -57.10 -11.56
C ARG O 238 5.31 -57.87 -11.70
N SER O 239 5.62 -58.74 -10.74
CA SER O 239 6.86 -59.50 -10.78
C SER O 239 6.86 -60.49 -11.95
N GLN O 240 5.73 -61.17 -12.18
CA GLN O 240 5.65 -62.10 -13.30
C GLN O 240 5.76 -61.38 -14.63
N ALA O 241 5.06 -60.24 -14.76
CA ALA O 241 5.12 -59.47 -16.01
C ALA O 241 6.53 -58.94 -16.26
N LYS O 242 7.20 -58.46 -15.21
CA LYS O 242 8.54 -57.92 -15.41
C LYS O 242 9.56 -59.03 -15.65
N MET O 243 9.34 -60.23 -15.10
CA MET O 243 10.25 -61.34 -15.40
C MET O 243 10.11 -61.80 -16.85
N ASN O 244 8.87 -61.90 -17.33
CA ASN O 244 8.66 -62.25 -18.74
C ASN O 244 9.20 -61.16 -19.67
N ALA O 245 8.99 -59.90 -19.31
CA ALA O 245 9.56 -58.80 -20.08
C ALA O 245 11.07 -58.81 -20.04
N LYS O 246 11.66 -59.21 -18.91
CA LYS O 246 13.11 -59.27 -18.79
C LYS O 246 13.69 -60.35 -19.70
N THR O 247 13.09 -61.54 -19.72
CA THR O 247 13.64 -62.59 -20.59
C THR O 247 13.41 -62.26 -22.06
N ASP O 248 12.26 -61.65 -22.39
CA ASP O 248 12.03 -61.23 -23.78
C ASP O 248 13.02 -60.12 -24.18
N PHE O 249 13.30 -59.20 -23.26
CA PHE O 249 14.25 -58.13 -23.54
C PHE O 249 15.66 -58.66 -23.74
N ALA O 250 16.06 -59.63 -22.91
CA ALA O 250 17.38 -60.25 -23.09
C ALA O 250 17.48 -60.97 -24.43
N LYS O 251 16.42 -61.70 -24.80
CA LYS O 251 16.43 -62.40 -26.09
C LYS O 251 16.48 -61.41 -27.25
N ILE O 252 15.81 -60.27 -27.11
CA ILE O 252 15.82 -59.27 -28.18
C ILE O 252 17.20 -58.62 -28.29
N ILE O 253 17.80 -58.23 -27.15
CA ILE O 253 19.10 -57.55 -27.19
C ILE O 253 20.20 -58.47 -27.71
N ASN O 254 20.18 -59.74 -27.31
CA ASN O 254 21.24 -60.65 -27.75
C ASN O 254 21.09 -61.13 -29.20
N LYS O 255 20.16 -60.56 -29.96
CA LYS O 255 19.95 -61.00 -31.34
C LYS O 255 21.12 -60.73 -32.29
N PRO O 256 21.72 -59.53 -32.35
CA PRO O 256 22.77 -59.30 -33.37
C PRO O 256 24.07 -60.06 -33.11
N ASN O 257 24.22 -60.68 -31.94
CA ASN O 257 25.44 -61.41 -31.62
C ASN O 257 25.38 -62.89 -31.99
N GLU O 258 24.31 -63.33 -32.65
CA GLU O 258 24.11 -64.74 -32.93
C GLU O 258 24.62 -65.16 -34.31
N LEU O 259 25.19 -64.21 -35.09
CA LEU O 259 25.74 -64.49 -36.42
C LEU O 259 24.71 -65.10 -37.36
N SER O 260 23.49 -64.58 -37.31
CA SER O 260 22.45 -65.03 -38.24
C SER O 260 22.66 -64.51 -39.65
N GLN O 261 23.44 -63.45 -39.82
CA GLN O 261 23.70 -62.84 -41.12
C GLN O 261 24.88 -63.49 -41.85
N ILE O 262 25.54 -64.48 -41.24
CA ILE O 262 26.65 -65.19 -41.86
C ILE O 262 26.28 -66.61 -42.24
N LEU O 263 25.07 -67.06 -41.91
CA LEU O 263 24.65 -68.44 -42.12
C LEU O 263 24.52 -68.83 -43.58
N THR O 264 24.55 -67.87 -44.51
CA THR O 264 24.51 -68.18 -45.93
C THR O 264 25.86 -68.77 -46.33
N VAL O 265 25.91 -70.10 -46.45
CA VAL O 265 27.13 -70.83 -46.77
C VAL O 265 26.91 -71.60 -48.06
N ASP O 266 27.96 -71.69 -48.87
CA ASP O 266 28.03 -72.44 -50.12
C ASP O 266 26.98 -71.99 -51.14
N PRO O 267 27.12 -70.79 -51.73
CA PRO O 267 26.36 -70.51 -52.96
C PRO O 267 27.04 -71.11 -54.17
N LYS O 268 28.37 -71.12 -54.13
CA LYS O 268 29.22 -71.71 -55.16
C LYS O 268 30.62 -71.87 -54.61
N THR O 269 31.29 -72.99 -54.96
CA THR O 269 32.65 -73.34 -54.56
C THR O 269 32.83 -73.50 -53.05
N SER O 270 31.74 -73.50 -52.27
CA SER O 270 31.73 -73.87 -50.85
C SER O 270 32.65 -72.96 -50.02
N LEU O 271 32.27 -71.69 -49.95
CA LEU O 271 32.88 -70.75 -49.02
C LEU O 271 31.80 -70.04 -48.22
N ARG O 272 32.17 -69.54 -47.05
CA ARG O 272 31.24 -68.80 -46.21
C ARG O 272 31.36 -67.31 -46.50
N ILE O 273 30.23 -66.69 -46.88
CA ILE O 273 30.18 -65.27 -47.15
C ILE O 273 28.97 -64.68 -46.44
N VAL O 274 29.10 -63.43 -45.97
CA VAL O 274 27.95 -62.73 -45.44
C VAL O 274 27.01 -62.39 -46.58
N LYS O 275 25.73 -62.23 -46.25
CA LYS O 275 24.70 -62.05 -47.27
C LYS O 275 24.87 -60.71 -47.98
N PRO O 276 24.57 -60.65 -49.28
CA PRO O 276 24.66 -59.37 -50.00
C PRO O 276 23.46 -58.47 -49.82
N THR O 277 22.48 -58.86 -49.00
CA THR O 277 21.28 -58.06 -48.77
C THR O 277 21.15 -57.63 -47.32
N VAL O 278 22.24 -57.67 -46.55
CA VAL O 278 22.23 -57.27 -45.16
C VAL O 278 23.08 -56.01 -45.01
N SER O 279 22.72 -55.17 -44.05
CA SER O 279 23.41 -53.91 -43.80
C SER O 279 24.28 -54.06 -42.55
N LEU O 280 25.59 -54.10 -42.76
CA LEU O 280 26.55 -54.21 -41.67
C LEU O 280 26.88 -52.83 -41.11
N THR O 281 27.20 -52.81 -39.82
CA THR O 281 27.57 -51.58 -39.12
C THR O 281 28.57 -51.91 -38.03
N ILE O 282 29.22 -50.85 -37.52
CA ILE O 282 30.24 -51.02 -36.50
C ILE O 282 29.58 -51.34 -35.15
N ASN O 283 30.22 -52.23 -34.39
CA ASN O 283 29.73 -52.63 -33.08
C ASN O 283 30.53 -51.88 -32.02
N LEU O 284 29.85 -50.98 -31.30
CA LEU O 284 30.53 -50.17 -30.30
C LEU O 284 30.83 -50.96 -29.02
N ASP O 285 29.95 -51.90 -28.67
CA ASP O 285 30.13 -52.64 -27.42
C ASP O 285 31.39 -53.50 -27.45
N ARG O 286 31.67 -54.14 -28.59
CA ARG O 286 32.88 -54.94 -28.71
C ARG O 286 34.13 -54.07 -28.61
N PHE O 287 34.10 -52.88 -29.22
CA PHE O 287 35.22 -51.96 -29.13
C PHE O 287 35.43 -51.49 -27.70
N MET O 288 34.34 -51.21 -26.96
CA MET O 288 34.50 -50.82 -25.57
C MET O 288 34.97 -51.98 -24.70
N LYS O 289 34.62 -53.21 -25.06
CA LYS O 289 35.20 -54.38 -24.39
C LYS O 289 36.70 -54.43 -24.61
N GLY O 290 37.15 -54.16 -25.85
CA GLY O 290 38.57 -54.11 -26.11
C GLY O 290 39.28 -53.00 -25.35
N ARG O 291 38.63 -51.84 -25.22
CA ARG O 291 39.19 -50.75 -24.44
C ARG O 291 39.28 -51.12 -22.96
N ARG O 292 38.27 -51.82 -22.44
CA ARG O 292 38.32 -52.31 -21.07
C ARG O 292 39.47 -53.29 -20.87
N SER O 293 39.68 -54.18 -21.84
CA SER O 293 40.80 -55.11 -21.76
C SER O 293 42.13 -54.36 -21.75
N LYS O 294 42.25 -53.33 -22.59
CA LYS O 294 43.48 -52.53 -22.62
C LYS O 294 43.71 -51.81 -21.29
N GLN O 295 42.64 -51.26 -20.70
CA GLN O 295 42.75 -50.59 -19.41
C GLN O 295 43.16 -51.57 -18.32
N LEU O 296 42.61 -52.78 -18.33
CA LEU O 296 42.98 -53.78 -17.34
C LEU O 296 44.43 -54.22 -17.52
N ILE O 297 44.89 -54.32 -18.78
CA ILE O 297 46.29 -54.65 -19.03
C ILE O 297 47.20 -53.56 -18.49
N ASN O 298 46.85 -52.30 -18.72
CA ASN O 298 47.64 -51.19 -18.21
C ASN O 298 47.66 -51.17 -16.68
N LEU O 299 46.52 -51.51 -16.05
CA LEU O 299 46.48 -51.59 -14.59
C LEU O 299 47.36 -52.72 -14.09
N ALA O 300 47.33 -53.87 -14.76
CA ALA O 300 48.12 -55.01 -14.32
C ALA O 300 49.61 -54.80 -14.55
N LYS O 301 49.98 -53.94 -15.50
CA LYS O 301 51.38 -53.67 -15.76
C LYS O 301 52.07 -52.99 -14.59
N THR O 302 51.31 -52.36 -13.69
CA THR O 302 51.87 -51.64 -12.55
C THR O 302 51.82 -52.44 -11.25
N ARG O 303 51.34 -53.67 -11.28
CA ARG O 303 51.24 -54.48 -10.07
C ARG O 303 52.07 -55.76 -10.15
N VAL O 304 51.93 -56.53 -11.23
CA VAL O 304 52.59 -57.83 -11.37
C VAL O 304 53.40 -57.85 -12.67
N GLY O 305 54.67 -57.48 -12.58
CA GLY O 305 55.66 -57.71 -13.62
C GLY O 305 55.39 -57.22 -15.01
N SER O 306 56.12 -57.76 -15.98
CA SER O 306 55.93 -57.49 -17.41
C SER O 306 55.59 -58.73 -18.21
N VAL O 307 56.25 -59.86 -17.92
CA VAL O 307 55.87 -61.12 -18.53
C VAL O 307 54.48 -61.55 -18.05
N THR O 308 54.22 -61.36 -16.77
CA THR O 308 52.88 -61.61 -16.23
C THR O 308 51.85 -60.73 -16.90
N ALA O 309 52.22 -59.48 -17.21
CA ALA O 309 51.33 -58.59 -17.95
C ALA O 309 51.06 -59.13 -19.36
N GLN O 310 52.07 -59.71 -20.00
CA GLN O 310 51.87 -60.31 -21.32
C GLN O 310 50.92 -61.50 -21.25
N VAL O 311 51.07 -62.33 -20.22
CA VAL O 311 50.16 -63.47 -20.04
C VAL O 311 48.74 -62.98 -19.79
N TYR O 312 48.58 -61.93 -18.98
CA TYR O 312 47.27 -61.36 -18.74
C TYR O 312 46.68 -60.78 -20.02
N LYS O 313 47.51 -60.15 -20.85
CA LYS O 313 47.04 -59.62 -22.13
C LYS O 313 46.54 -60.73 -23.04
N ILE O 314 47.28 -61.82 -23.12
CA ILE O 314 46.87 -62.95 -23.95
C ILE O 314 45.57 -63.54 -23.43
N ALA O 315 45.45 -63.70 -22.11
CA ALA O 315 44.25 -64.26 -21.52
C ALA O 315 43.03 -63.37 -21.76
N LEU O 316 43.20 -62.05 -21.64
CA LEU O 316 42.08 -61.14 -21.86
C LEU O 316 41.69 -61.06 -23.32
N ARG O 317 42.67 -61.07 -24.24
CA ARG O 317 42.33 -61.04 -25.65
C ARG O 317 41.69 -62.35 -26.11
N LEU O 318 42.01 -63.45 -25.44
CA LEU O 318 41.37 -64.73 -25.78
C LEU O 318 39.90 -64.73 -25.40
N THR O 319 39.57 -64.19 -24.22
CA THR O 319 38.20 -64.17 -23.71
C THR O 319 37.60 -62.76 -23.78
N GLU O 320 37.91 -62.03 -24.84
CA GLU O 320 37.43 -60.66 -24.99
C GLU O 320 36.05 -60.59 -25.64
N GLN O 321 35.80 -61.43 -26.64
CA GLN O 321 34.55 -61.36 -27.40
C GLN O 321 33.35 -61.78 -26.55
N LYS O 322 33.53 -62.75 -25.66
CA LYS O 322 32.45 -63.28 -24.85
C LYS O 322 32.40 -62.67 -23.46
N SER O 323 33.20 -61.63 -23.21
CA SER O 323 33.15 -60.93 -21.94
C SER O 323 31.83 -60.17 -21.80
N PRO O 324 31.36 -59.93 -20.58
CA PRO O 324 30.11 -59.18 -20.40
C PRO O 324 30.25 -57.75 -20.89
N LYS O 325 29.10 -57.16 -21.24
CA LYS O 325 29.07 -55.82 -21.79
C LYS O 325 29.50 -54.79 -20.75
N ILE O 326 29.88 -53.60 -21.24
CA ILE O 326 30.37 -52.55 -20.37
C ILE O 326 29.26 -52.08 -19.44
N ARG O 327 28.10 -51.76 -20.00
CA ARG O 327 26.93 -51.37 -19.22
C ARG O 327 25.78 -52.28 -19.60
N ASP O 328 25.20 -52.93 -18.60
CA ASP O 328 24.04 -53.78 -18.84
C ASP O 328 22.84 -52.91 -19.17
N PRO O 329 22.18 -53.10 -20.32
CA PRO O 329 21.09 -52.18 -20.71
C PRO O 329 19.90 -52.22 -19.78
N LEU O 330 19.71 -53.32 -19.04
CA LEU O 330 18.59 -53.40 -18.10
C LEU O 330 18.73 -52.39 -16.97
N THR O 331 19.97 -51.96 -16.67
CA THR O 331 20.18 -50.92 -15.68
C THR O 331 19.80 -49.54 -16.19
N GLN O 332 19.59 -49.37 -17.49
CA GLN O 332 19.22 -48.09 -18.07
C GLN O 332 17.73 -47.99 -18.35
N THR O 333 16.93 -48.92 -17.83
CA THR O 333 15.49 -48.96 -18.05
C THR O 333 14.71 -48.29 -16.94
N GLY O 334 15.39 -47.67 -15.97
CA GLY O 334 14.73 -47.13 -14.81
C GLY O 334 14.28 -48.17 -13.80
N LEU O 335 14.72 -49.41 -13.94
CA LEU O 335 14.28 -50.50 -13.10
C LEU O 335 15.06 -50.57 -11.79
N LEU O 336 16.10 -49.76 -11.63
CA LEU O 336 16.92 -49.75 -10.43
C LEU O 336 16.25 -49.06 -9.24
N GLN O 337 15.00 -48.62 -9.38
CA GLN O 337 14.29 -48.01 -8.27
C GLN O 337 13.92 -49.02 -7.19
N ASP O 338 14.05 -50.31 -7.46
CA ASP O 338 13.86 -51.36 -6.47
C ASP O 338 15.21 -51.91 -6.04
N LEU O 339 15.40 -52.03 -4.73
CA LEU O 339 16.65 -52.58 -4.21
C LEU O 339 16.83 -54.04 -4.62
N GLU O 340 15.73 -54.80 -4.63
CA GLU O 340 15.79 -56.18 -5.06
C GLU O 340 16.25 -56.31 -6.50
N GLU O 341 15.82 -55.40 -7.36
CA GLU O 341 16.28 -55.42 -8.75
C GLU O 341 17.77 -55.09 -8.85
N ALA O 342 18.26 -54.17 -8.01
CA ALA O 342 19.67 -53.84 -8.03
C ALA O 342 20.53 -55.03 -7.60
N LYS O 343 20.14 -55.70 -6.51
CA LYS O 343 20.93 -56.86 -6.08
C LYS O 343 20.76 -58.04 -7.03
N SER O 344 19.61 -58.13 -7.71
CA SER O 344 19.43 -59.16 -8.73
C SER O 344 20.34 -58.91 -9.93
N PHE O 345 20.48 -57.64 -10.34
CA PHE O 345 21.42 -57.31 -11.40
C PHE O 345 22.85 -57.63 -11.00
N GLN O 346 23.21 -57.32 -9.75
CA GLN O 346 24.55 -57.62 -9.27
C GLN O 346 24.81 -59.13 -9.27
N ASP O 347 23.84 -59.91 -8.79
CA ASP O 347 23.98 -61.36 -8.74
C ASP O 347 24.06 -61.95 -10.15
N GLU O 348 23.24 -61.47 -11.07
CA GLU O 348 23.26 -61.97 -12.44
C GLU O 348 24.57 -61.63 -13.14
N ALA O 349 25.10 -60.43 -12.89
CA ALA O 349 26.40 -60.06 -13.46
C ALA O 349 27.50 -60.94 -12.89
N GLU O 350 27.47 -61.19 -11.58
CA GLU O 350 28.49 -62.05 -10.97
C GLU O 350 28.40 -63.49 -11.46
N LEU O 351 27.18 -63.96 -11.77
CA LEU O 351 27.03 -65.31 -12.30
C LEU O 351 27.46 -65.40 -13.76
N VAL O 352 27.15 -64.37 -14.56
CA VAL O 352 27.46 -64.43 -15.98
C VAL O 352 28.93 -64.13 -16.24
N GLU O 353 29.62 -63.47 -15.30
CA GLU O 353 31.05 -63.27 -15.46
C GLU O 353 31.84 -64.55 -15.21
N GLU O 354 31.20 -65.57 -14.63
CA GLU O 354 31.86 -66.79 -14.20
C GLU O 354 31.43 -68.02 -14.97
N LYS O 355 30.13 -68.21 -15.17
CA LYS O 355 29.60 -69.45 -15.73
C LYS O 355 29.36 -69.38 -17.24
N THR O 356 29.79 -68.32 -17.90
CA THR O 356 29.76 -68.30 -19.36
C THR O 356 30.77 -69.30 -19.90
N PRO O 357 30.37 -70.16 -20.85
CA PRO O 357 31.28 -71.23 -21.31
C PRO O 357 32.59 -70.73 -21.92
N GLY O 358 32.57 -69.57 -22.59
CA GLY O 358 33.76 -69.07 -23.24
C GLY O 358 34.64 -68.18 -22.39
N LEU O 359 34.36 -68.02 -21.10
CA LEU O 359 35.14 -67.14 -20.26
C LEU O 359 36.23 -67.85 -19.47
N THR O 360 35.94 -69.06 -18.99
CA THR O 360 36.94 -69.82 -18.25
C THR O 360 38.05 -70.30 -19.17
N PHE O 361 39.26 -70.35 -18.63
CA PHE O 361 40.42 -70.76 -19.42
C PHE O 361 41.45 -71.39 -18.48
N ASN O 362 42.35 -72.18 -19.07
CA ASN O 362 43.40 -72.86 -18.34
C ASN O 362 44.76 -72.50 -18.96
N ALA O 363 45.81 -73.08 -18.38
CA ALA O 363 47.16 -72.83 -18.88
C ALA O 363 47.36 -73.42 -20.27
N ILE O 364 46.76 -74.59 -20.53
CA ILE O 364 46.90 -75.24 -21.83
C ILE O 364 46.25 -74.41 -22.92
N ASP O 365 45.11 -73.78 -22.60
CA ASP O 365 44.44 -72.92 -23.58
C ASP O 365 45.28 -71.70 -23.92
N LEU O 366 45.95 -71.11 -22.92
CA LEU O 366 46.79 -69.96 -23.18
C LEU O 366 48.11 -70.34 -23.85
N ALA O 367 48.52 -71.61 -23.71
CA ALA O 367 49.79 -72.04 -24.30
C ALA O 367 49.75 -72.05 -25.83
N ARG O 368 48.57 -72.09 -26.43
CA ARG O 368 48.46 -72.15 -27.88
C ARG O 368 48.48 -70.77 -28.53
N HIS O 369 48.47 -69.69 -27.76
CA HIS O 369 48.37 -68.35 -28.31
C HIS O 369 49.53 -67.44 -27.96
N LEU O 370 50.50 -67.89 -27.17
CA LEU O 370 51.61 -67.04 -26.79
C LEU O 370 52.51 -66.76 -27.99
N PRO O 371 53.09 -65.56 -28.06
CA PRO O 371 53.98 -65.24 -29.17
C PRO O 371 55.31 -65.96 -29.05
N ALA O 372 56.01 -66.04 -30.19
CA ALA O 372 57.27 -66.77 -30.23
C ALA O 372 58.36 -66.07 -29.44
N GLU O 373 58.32 -64.73 -29.39
CA GLU O 373 59.35 -63.98 -28.68
C GLU O 373 59.23 -64.18 -27.16
N LEU O 374 58.02 -64.49 -26.69
CA LEU O 374 57.82 -64.68 -25.26
C LEU O 374 58.39 -66.03 -24.83
N ASP O 375 59.12 -66.03 -23.71
CA ASP O 375 59.89 -67.20 -23.31
C ASP O 375 59.40 -67.83 -22.01
N LEU O 376 59.17 -67.03 -20.95
CA LEU O 376 58.71 -67.42 -19.63
C LEU O 376 59.72 -68.23 -18.83
N ARG O 377 60.88 -68.57 -19.40
CA ARG O 377 61.76 -69.59 -18.81
C ARG O 377 62.31 -69.13 -17.45
N GLY O 378 63.08 -68.06 -17.44
CA GLY O 378 63.73 -67.60 -16.24
C GLY O 378 63.02 -66.51 -15.48
N SER O 379 61.72 -66.29 -15.75
CA SER O 379 61.01 -65.18 -15.13
C SER O 379 60.65 -65.45 -13.68
N LEU O 380 60.73 -66.69 -13.22
CA LEU O 380 60.33 -67.05 -11.87
C LEU O 380 61.51 -67.63 -11.10
N LEU O 381 61.65 -67.21 -9.85
CA LEU O 381 62.61 -67.78 -8.92
C LEU O 381 61.84 -68.56 -7.87
N SER O 382 62.14 -69.86 -7.75
CA SER O 382 61.30 -70.74 -6.95
C SER O 382 61.53 -70.56 -5.46
N ARG O 383 62.73 -70.18 -5.05
CA ARG O 383 63.07 -70.08 -3.64
C ARG O 383 63.96 -68.88 -3.39
N LYS O 384 63.96 -68.40 -2.15
CA LYS O 384 64.76 -67.25 -1.75
C LYS O 384 66.25 -67.61 -1.71
N PRO O 447 59.97 -73.03 -22.57
CA PRO O 447 59.40 -73.32 -23.89
C PRO O 447 57.88 -73.32 -23.86
N HIS O 448 57.29 -72.24 -23.37
CA HIS O 448 55.84 -72.11 -23.21
C HIS O 448 55.27 -73.26 -22.37
N SER O 449 55.97 -73.59 -21.28
CA SER O 449 55.56 -74.70 -20.44
C SER O 449 54.28 -74.37 -19.70
N ALA O 450 53.45 -75.40 -19.48
CA ALA O 450 52.16 -75.19 -18.83
C ALA O 450 52.32 -74.85 -17.35
N SER O 451 53.36 -75.38 -16.71
CA SER O 451 53.59 -75.11 -15.30
C SER O 451 53.92 -73.63 -15.05
N LEU O 452 54.73 -73.04 -15.93
CA LEU O 452 55.11 -71.65 -15.76
C LEU O 452 53.94 -70.72 -16.07
N ILE O 453 53.12 -71.08 -17.07
CA ILE O 453 51.90 -70.32 -17.35
C ILE O 453 50.96 -70.40 -16.16
N ASN O 454 50.84 -71.58 -15.55
CA ASN O 454 49.99 -71.73 -14.36
C ASN O 454 50.54 -70.92 -13.19
N SER O 455 51.87 -70.82 -13.07
CA SER O 455 52.46 -69.99 -12.04
C SER O 455 52.14 -68.51 -12.25
N HIS O 456 52.20 -68.05 -13.51
CA HIS O 456 51.82 -66.68 -13.83
C HIS O 456 50.34 -66.43 -13.51
N LEU O 457 49.48 -67.37 -13.88
CA LEU O 457 48.06 -67.20 -13.57
C LEU O 457 47.80 -67.25 -12.08
N LYS O 458 48.61 -68.03 -11.34
CA LYS O 458 48.47 -68.09 -9.88
C LYS O 458 48.87 -66.76 -9.24
N ILE O 459 49.99 -66.19 -9.68
CA ILE O 459 50.42 -64.92 -9.09
C ILE O 459 49.50 -63.78 -9.54
N LEU O 460 48.83 -63.95 -10.69
CA LEU O 460 47.76 -63.02 -11.06
C LEU O 460 46.59 -63.15 -10.11
N ALA O 461 46.19 -64.38 -9.80
CA ALA O 461 45.03 -64.60 -8.94
C ALA O 461 45.34 -64.36 -7.46
N SER O 462 46.60 -64.39 -7.07
CA SER O 462 46.99 -64.19 -5.68
C SER O 462 47.40 -62.76 -5.38
N SER O 463 47.32 -61.85 -6.35
CA SER O 463 47.69 -60.47 -6.12
C SER O 463 46.62 -59.77 -5.29
N ASN O 464 46.98 -58.58 -4.78
CA ASN O 464 46.04 -57.80 -3.99
C ASN O 464 44.85 -57.35 -4.82
N PHE O 465 45.10 -56.90 -6.04
CA PHE O 465 43.99 -56.57 -6.93
C PHE O 465 43.40 -57.87 -7.49
N PRO O 466 42.08 -58.00 -7.53
CA PRO O 466 41.46 -59.24 -8.04
C PRO O 466 41.49 -59.32 -9.56
N PHE O 467 42.69 -59.57 -10.10
CA PHE O 467 42.84 -59.73 -11.54
C PHE O 467 42.18 -61.01 -12.03
N LEU O 468 42.31 -62.09 -11.27
CA LEU O 468 41.71 -63.37 -11.64
C LEU O 468 41.19 -64.05 -10.37
N ASN O 469 40.21 -64.92 -10.56
CA ASN O 469 39.67 -65.74 -9.50
C ASN O 469 39.60 -67.19 -9.96
N GLU O 470 39.69 -68.11 -9.02
CA GLU O 470 39.80 -69.54 -9.31
C GLU O 470 38.52 -70.23 -8.86
N THR O 471 37.68 -70.63 -9.83
CA THR O 471 36.53 -71.46 -9.50
C THR O 471 36.97 -72.84 -9.05
N LYS O 472 37.93 -73.44 -9.77
CA LYS O 472 38.55 -74.69 -9.41
C LYS O 472 40.06 -74.54 -9.57
N PRO O 473 40.85 -75.31 -8.83
CA PRO O 473 42.32 -75.27 -9.01
C PRO O 473 42.74 -75.58 -10.43
N GLY O 474 43.37 -74.61 -11.10
CA GLY O 474 43.84 -74.77 -12.45
C GLY O 474 43.02 -74.08 -13.51
N VAL O 475 41.81 -73.62 -13.18
CA VAL O 475 40.97 -72.90 -14.12
C VAL O 475 40.71 -71.50 -13.56
N TYR O 476 40.64 -70.51 -14.44
CA TYR O 476 40.60 -69.12 -14.06
C TYR O 476 39.58 -68.35 -14.89
N TYR O 477 39.09 -67.26 -14.32
CA TYR O 477 38.20 -66.35 -15.03
C TYR O 477 38.44 -64.94 -14.48
N VAL O 478 38.05 -63.95 -15.27
CA VAL O 478 38.28 -62.55 -14.94
C VAL O 478 37.05 -62.04 -14.18
N PRO O 479 37.18 -61.66 -12.91
CA PRO O 479 36.04 -61.12 -12.14
C PRO O 479 35.83 -59.63 -12.39
N TYR O 480 35.11 -59.34 -13.48
CA TYR O 480 34.92 -57.95 -13.90
C TYR O 480 34.16 -57.14 -12.87
N SER O 481 33.12 -57.73 -12.27
CA SER O 481 32.28 -56.99 -11.34
C SER O 481 33.02 -56.62 -10.06
N LYS O 482 34.12 -57.31 -9.75
CA LYS O 482 34.95 -56.98 -8.61
C LYS O 482 36.28 -56.34 -8.99
N LEU O 483 36.57 -56.21 -10.28
CA LEU O 483 37.80 -55.58 -10.74
C LEU O 483 37.59 -54.16 -11.25
N MET O 484 36.45 -53.89 -11.88
CA MET O 484 36.19 -52.54 -12.39
C MET O 484 36.12 -51.46 -11.30
N PRO O 485 35.49 -51.66 -10.13
CA PRO O 485 35.61 -50.65 -9.08
C PRO O 485 37.05 -50.37 -8.64
N VAL O 486 37.88 -51.41 -8.60
CA VAL O 486 39.29 -51.22 -8.24
C VAL O 486 40.01 -50.41 -9.31
N LEU O 487 39.71 -50.70 -10.58
CA LEU O 487 40.31 -49.92 -11.67
C LEU O 487 39.88 -48.46 -11.61
N LYS O 488 38.60 -48.21 -11.35
CA LYS O 488 38.10 -46.84 -11.23
C LYS O 488 38.78 -46.12 -10.08
N SER O 489 38.90 -46.79 -8.92
CA SER O 489 39.53 -46.17 -7.77
C SER O 489 40.99 -45.86 -8.03
N SER O 490 41.71 -46.80 -8.65
CA SER O 490 43.13 -46.58 -8.93
C SER O 490 43.34 -45.44 -9.92
N VAL O 491 42.54 -45.40 -10.99
CA VAL O 491 42.68 -44.35 -11.99
C VAL O 491 42.34 -42.99 -11.38
N TYR O 492 41.27 -42.91 -10.59
CA TYR O 492 40.89 -41.65 -9.96
C TYR O 492 41.95 -41.18 -8.95
N GLU O 493 42.47 -42.11 -8.14
CA GLU O 493 43.50 -41.75 -7.17
C GLU O 493 44.77 -41.28 -7.85
N TYR O 494 45.15 -41.92 -8.97
CA TYR O 494 46.39 -41.50 -9.63
C TYR O 494 46.20 -40.22 -10.41
N VAL O 495 44.98 -39.94 -10.89
CA VAL O 495 44.71 -38.62 -11.46
C VAL O 495 44.86 -37.54 -10.39
N ILE O 496 44.33 -37.79 -9.19
CA ILE O 496 44.50 -36.83 -8.09
C ILE O 496 45.99 -36.69 -7.72
N ALA O 497 46.72 -37.80 -7.68
CA ALA O 497 48.14 -37.74 -7.34
C ALA O 497 48.93 -36.96 -8.38
N SER O 498 48.59 -37.12 -9.65
CA SER O 498 49.32 -36.42 -10.70
C SER O 498 48.97 -34.95 -10.77
N THR O 499 47.73 -34.57 -10.43
CA THR O 499 47.33 -33.17 -10.52
C THR O 499 47.61 -32.40 -9.24
N LEU O 500 47.00 -32.82 -8.13
CA LEU O 500 47.08 -32.11 -6.87
C LEU O 500 48.25 -32.55 -6.00
N GLY O 501 49.05 -33.50 -6.45
CA GLY O 501 50.20 -33.94 -5.68
C GLY O 501 49.97 -35.25 -4.95
N PRO O 502 51.05 -35.92 -4.56
CA PRO O 502 50.90 -37.20 -3.85
C PRO O 502 50.30 -37.06 -2.46
N SER O 503 50.45 -35.90 -1.82
CA SER O 503 49.84 -35.69 -0.51
C SER O 503 48.32 -35.71 -0.62
N ALA O 504 47.77 -35.23 -1.74
CA ALA O 504 46.33 -35.31 -1.95
C ALA O 504 45.87 -36.77 -2.07
N MET O 505 46.66 -37.60 -2.76
CA MET O 505 46.34 -39.02 -2.83
C MET O 505 46.39 -39.68 -1.46
N ARG O 506 47.41 -39.32 -0.66
CA ARG O 506 47.51 -39.87 0.70
C ARG O 506 46.31 -39.46 1.55
N LEU O 507 45.92 -38.20 1.47
CA LEU O 507 44.76 -37.73 2.23
C LEU O 507 43.48 -38.41 1.77
N SER O 508 43.29 -38.54 0.47
CA SER O 508 42.09 -39.18 -0.06
C SER O 508 42.02 -40.65 0.35
N ARG O 509 43.14 -41.36 0.28
CA ARG O 509 43.13 -42.76 0.68
C ARG O 509 42.98 -42.93 2.18
N CYS O 510 43.52 -41.99 2.98
CA CYS O 510 43.31 -42.04 4.42
C CYS O 510 41.84 -41.82 4.77
N ILE O 511 41.19 -40.87 4.09
CA ILE O 511 39.77 -40.63 4.35
C ILE O 511 38.92 -41.80 3.86
N ARG O 512 39.31 -42.42 2.75
CA ARG O 512 38.54 -43.55 2.24
C ARG O 512 38.75 -44.82 3.05
N ASP O 513 39.91 -44.98 3.68
CA ASP O 513 40.21 -46.19 4.44
C ASP O 513 39.27 -46.35 5.63
N ASN O 514 39.34 -45.43 6.59
CA ASN O 514 38.36 -45.32 7.65
C ASN O 514 37.37 -44.19 7.32
N LYS O 515 36.08 -44.55 7.29
CA LYS O 515 35.11 -43.86 6.43
C LYS O 515 34.87 -42.43 6.88
N LEU O 516 34.58 -42.23 8.16
CA LEU O 516 34.25 -40.90 8.68
C LEU O 516 35.26 -40.53 9.76
N VAL O 517 36.00 -39.45 9.55
CA VAL O 517 37.13 -39.07 10.39
C VAL O 517 37.10 -37.58 10.69
N SER O 518 37.75 -37.23 11.79
CA SER O 518 37.99 -35.84 12.16
C SER O 518 39.39 -35.42 11.75
N GLU O 519 39.70 -34.15 11.96
CA GLU O 519 41.02 -33.63 11.61
C GLU O 519 42.11 -34.24 12.47
N LYS O 520 41.85 -34.41 13.77
CA LYS O 520 42.83 -35.01 14.67
C LYS O 520 43.12 -36.46 14.30
N ILE O 521 42.07 -37.21 13.94
CA ILE O 521 42.25 -38.60 13.56
C ILE O 521 43.01 -38.70 12.25
N ILE O 522 42.78 -37.74 11.33
CA ILE O 522 43.55 -37.70 10.09
C ILE O 522 45.03 -37.43 10.39
N ASN O 523 45.30 -36.48 11.29
CA ASN O 523 46.68 -36.15 11.63
C ASN O 523 47.37 -37.31 12.32
N SER O 524 46.64 -38.06 13.15
CA SER O 524 47.23 -39.21 13.82
C SER O 524 47.47 -40.36 12.85
N THR O 525 46.49 -40.66 11.98
CA THR O 525 46.63 -41.78 11.07
C THR O 525 47.55 -41.46 9.90
N ALA O 526 47.46 -40.25 9.36
CA ALA O 526 48.32 -39.79 8.27
C ALA O 526 49.33 -38.80 8.86
N LEU O 527 50.60 -39.19 8.89
CA LEU O 527 51.63 -38.43 9.59
C LEU O 527 52.16 -37.33 8.68
N MET O 528 51.49 -36.18 8.70
CA MET O 528 52.03 -34.96 8.13
C MET O 528 51.37 -33.78 8.84
N LYS O 529 51.89 -32.58 8.56
CA LYS O 529 51.57 -31.41 9.37
C LYS O 529 50.09 -31.03 9.25
N GLU O 530 49.56 -30.47 10.35
CA GLU O 530 48.14 -30.17 10.42
C GLU O 530 47.72 -29.11 9.40
N LYS O 531 48.55 -28.07 9.21
CA LYS O 531 48.24 -27.07 8.21
C LYS O 531 48.31 -27.66 6.80
N ASP O 532 49.22 -28.62 6.58
CA ASP O 532 49.24 -29.33 5.31
C ASP O 532 47.97 -30.14 5.11
N ILE O 533 47.49 -30.79 6.18
CA ILE O 533 46.21 -31.49 6.13
C ILE O 533 45.09 -30.54 5.71
N ARG O 534 45.03 -29.38 6.37
CA ARG O 534 43.93 -28.46 6.13
C ARG O 534 43.96 -27.89 4.72
N SER O 535 45.15 -27.47 4.25
CA SER O 535 45.26 -26.94 2.89
C SER O 535 44.97 -28.01 1.86
N THR O 536 45.46 -29.23 2.07
CA THR O 536 45.24 -30.31 1.09
C THR O 536 43.77 -30.70 1.02
N LEU O 537 43.10 -30.81 2.17
CA LEU O 537 41.69 -31.16 2.12
C LEU O 537 40.85 -30.02 1.58
N ALA O 538 41.25 -28.76 1.83
CA ALA O 538 40.56 -27.64 1.23
C ALA O 538 40.70 -27.65 -0.29
N SER O 539 41.86 -28.05 -0.79
CA SER O 539 42.02 -28.23 -2.23
C SER O 539 41.18 -29.38 -2.75
N LEU O 540 41.07 -30.46 -1.96
CA LEU O 540 40.30 -31.63 -2.41
C LEU O 540 38.80 -31.36 -2.39
N ILE O 541 38.34 -30.43 -1.55
CA ILE O 541 36.90 -30.14 -1.44
C ILE O 541 36.36 -29.59 -2.76
N ARG O 542 37.15 -28.77 -3.45
CA ARG O 542 36.67 -28.07 -4.64
C ARG O 542 36.28 -29.02 -5.78
N TYR O 543 36.78 -30.25 -5.79
CA TYR O 543 36.49 -31.20 -6.85
C TYR O 543 35.59 -32.34 -6.39
N ASN O 544 34.81 -32.11 -5.32
CA ASN O 544 33.90 -33.09 -4.73
C ASN O 544 34.60 -34.36 -4.27
N SER O 545 35.91 -34.29 -4.04
CA SER O 545 36.64 -35.46 -3.56
C SER O 545 36.34 -35.74 -2.10
N VAL O 546 36.23 -34.69 -1.29
CA VAL O 546 36.00 -34.81 0.14
C VAL O 546 34.77 -34.00 0.51
N GLU O 547 33.84 -34.64 1.22
CA GLU O 547 32.59 -34.02 1.63
C GLU O 547 32.62 -33.77 3.13
N ILE O 548 32.25 -32.55 3.53
CA ILE O 548 32.23 -32.15 4.92
C ILE O 548 30.93 -32.61 5.55
N GLN O 549 31.02 -33.36 6.65
CA GLN O 549 29.86 -33.71 7.46
C GLN O 549 29.86 -32.83 8.69
N GLU O 550 28.82 -32.00 8.82
CA GLU O 550 28.72 -31.05 9.92
C GLU O 550 27.93 -31.68 11.05
N VAL O 551 28.51 -31.70 12.25
CA VAL O 551 27.87 -32.21 13.45
C VAL O 551 27.55 -31.01 14.33
N PRO O 552 26.29 -30.57 14.40
CA PRO O 552 25.96 -29.37 15.18
C PRO O 552 25.86 -29.69 16.67
N ARG O 553 26.44 -28.81 17.49
CA ARG O 553 26.41 -28.97 18.93
C ARG O 553 25.59 -27.88 19.62
N THR O 554 24.79 -27.14 18.85
CA THR O 554 23.91 -26.13 19.39
C THR O 554 22.55 -26.25 18.73
N ALA O 555 21.58 -25.50 19.24
CA ALA O 555 20.25 -25.49 18.65
C ALA O 555 20.29 -24.93 17.23
N ASP O 556 21.03 -23.85 17.02
CA ASP O 556 21.29 -23.32 15.69
C ASP O 556 22.66 -23.82 15.23
N ARG O 557 22.73 -24.30 14.00
CA ARG O 557 23.94 -24.95 13.51
C ARG O 557 25.02 -23.93 13.17
N SER O 558 25.57 -23.29 14.20
CA SER O 558 26.66 -22.35 14.01
C SER O 558 27.93 -23.10 13.64
N ALA O 559 28.75 -22.49 12.78
CA ALA O 559 29.97 -23.16 12.33
C ALA O 559 31.03 -23.20 13.42
N SER O 560 31.01 -22.24 14.34
CA SER O 560 32.02 -22.20 15.39
C SER O 560 31.78 -23.29 16.43
N ARG O 561 30.51 -23.50 16.82
CA ARG O 561 30.19 -24.49 17.84
C ARG O 561 30.14 -25.91 17.31
N ALA O 562 29.86 -26.09 16.01
CA ALA O 562 29.77 -27.42 15.43
C ALA O 562 31.16 -28.01 15.24
N VAL O 563 31.20 -29.32 14.96
CA VAL O 563 32.44 -30.01 14.65
C VAL O 563 32.31 -30.66 13.28
N PHE O 564 33.35 -30.53 12.46
CA PHE O 564 33.30 -30.93 11.07
C PHE O 564 34.15 -32.18 10.86
N LEU O 565 33.50 -33.27 10.46
CA LEU O 565 34.18 -34.48 10.03
C LEU O 565 34.25 -34.51 8.51
N PHE O 566 35.03 -35.44 7.99
CA PHE O 566 35.23 -35.55 6.55
C PHE O 566 34.98 -36.96 6.10
N ARG O 567 34.28 -37.11 4.97
CA ARG O 567 34.05 -38.42 4.38
C ARG O 567 34.30 -38.33 2.88
N CYS O 568 34.62 -39.48 2.29
CA CYS O 568 34.86 -39.56 0.85
C CYS O 568 33.71 -40.31 0.20
N LYS O 569 33.03 -39.65 -0.72
CA LYS O 569 31.93 -40.25 -1.46
C LYS O 569 32.41 -40.57 -2.87
N GLU O 570 32.29 -41.85 -3.25
CA GLU O 570 32.87 -42.29 -4.51
C GLU O 570 32.07 -41.77 -5.71
N THR O 571 30.74 -41.85 -5.63
CA THR O 571 29.90 -41.58 -6.79
C THR O 571 29.99 -40.11 -7.20
N HIS O 572 29.96 -39.20 -6.23
CA HIS O 572 30.06 -37.77 -6.53
C HIS O 572 31.39 -37.45 -7.21
N SER O 573 32.48 -37.99 -6.66
CA SER O 573 33.81 -37.72 -7.22
C SER O 573 33.95 -38.28 -8.62
N TYR O 574 33.48 -39.51 -8.85
CA TYR O 574 33.56 -40.11 -10.18
C TYR O 574 32.73 -39.32 -11.18
N ASN O 575 31.52 -38.90 -10.79
CA ASN O 575 30.69 -38.10 -11.69
C ASN O 575 31.35 -36.77 -12.03
N PHE O 576 31.92 -36.10 -11.01
CA PHE O 576 32.53 -34.80 -11.26
C PHE O 576 33.75 -34.93 -12.15
N MET O 577 34.55 -35.98 -11.94
CA MET O 577 35.75 -36.15 -12.78
C MET O 577 35.38 -36.52 -14.21
N ARG O 578 34.33 -37.33 -14.38
CA ARG O 578 33.86 -37.65 -15.71
C ARG O 578 33.39 -36.40 -16.45
N GLN O 579 32.62 -35.55 -15.76
CA GLN O 579 32.16 -34.30 -16.37
C GLN O 579 33.33 -33.37 -16.69
N ASN O 580 34.33 -33.33 -15.80
CA ASN O 580 35.50 -32.48 -16.03
C ASN O 580 36.27 -32.91 -17.26
N LEU O 581 36.50 -34.22 -17.40
CA LEU O 581 37.23 -34.71 -18.57
C LEU O 581 36.42 -34.53 -19.85
N GLU O 582 35.08 -34.68 -19.76
CA GLU O 582 34.23 -34.45 -20.91
C GLU O 582 34.30 -32.99 -21.36
N TRP O 583 34.26 -32.06 -20.41
CA TRP O 583 34.38 -30.65 -20.74
C TRP O 583 35.76 -30.33 -21.32
N ASN O 584 36.80 -30.99 -20.82
CA ASN O 584 38.14 -30.78 -21.37
C ASN O 584 38.23 -31.26 -22.81
N MET O 585 37.65 -32.42 -23.11
CA MET O 585 37.60 -32.90 -24.49
C MET O 585 36.85 -31.93 -25.39
N ALA O 586 35.70 -31.44 -24.91
CA ALA O 586 34.91 -30.50 -25.69
C ALA O 586 35.65 -29.19 -25.93
N ASN O 587 36.35 -28.70 -24.91
CA ASN O 587 37.12 -27.47 -25.04
C ASN O 587 38.27 -27.63 -26.02
N LEU O 588 38.93 -28.79 -26.00
CA LEU O 588 40.00 -29.06 -26.96
C LEU O 588 39.47 -29.10 -28.39
N LEU O 589 38.34 -29.76 -28.59
CA LEU O 589 37.74 -29.80 -29.93
C LEU O 589 37.32 -28.40 -30.39
N PHE O 590 36.79 -27.60 -29.48
CA PHE O 590 36.40 -26.23 -29.82
C PHE O 590 37.61 -25.39 -30.21
N LYS O 591 38.72 -25.53 -29.46
CA LYS O 591 39.94 -24.80 -29.79
C LYS O 591 40.48 -25.21 -31.16
N LYS O 592 40.47 -26.51 -31.45
CA LYS O 592 40.94 -26.97 -32.76
C LYS O 592 40.06 -26.44 -33.89
N GLU O 593 38.74 -26.46 -33.69
CA GLU O 593 37.83 -25.96 -34.71
C GLU O 593 38.01 -24.47 -34.94
N LYS O 594 38.22 -23.71 -33.86
CA LYS O 594 38.47 -22.28 -34.00
C LYS O 594 39.76 -22.00 -34.76
N LEU O 595 40.82 -22.76 -34.45
CA LEU O 595 42.08 -22.58 -35.17
C LEU O 595 41.93 -22.91 -36.66
N LYS O 596 41.22 -24.00 -36.98
CA LYS O 596 41.01 -24.34 -38.38
C LYS O 596 40.15 -23.29 -39.08
N GLN O 597 39.14 -22.76 -38.40
CA GLN O 597 38.32 -21.72 -38.99
C GLN O 597 39.12 -20.45 -39.25
N GLU O 598 40.03 -20.09 -38.36
CA GLU O 598 40.80 -18.87 -38.57
C GLU O 598 41.98 -19.07 -39.53
N ASN O 599 42.35 -20.30 -39.84
CA ASN O 599 43.36 -20.56 -40.87
C ASN O 599 42.77 -21.27 -42.08
N SER O 600 41.45 -21.14 -42.24
CA SER O 600 40.69 -21.79 -43.33
C SER O 600 41.27 -21.49 -44.71
N THR O 601 41.72 -20.26 -44.96
CA THR O 601 42.22 -19.92 -46.29
C THR O 601 43.46 -20.72 -46.65
N LEU O 602 44.45 -20.71 -45.74
CA LEU O 602 45.67 -21.48 -45.97
C LEU O 602 45.38 -22.98 -46.02
N LEU O 603 44.46 -23.45 -45.17
CA LEU O 603 44.15 -24.87 -45.16
C LEU O 603 43.44 -25.31 -46.44
N LYS O 604 42.58 -24.45 -47.00
CA LYS O 604 41.96 -24.77 -48.27
C LYS O 604 42.96 -24.74 -49.41
N LYS O 605 43.90 -23.78 -49.37
CA LYS O 605 44.95 -23.74 -50.40
C LYS O 605 45.83 -24.98 -50.34
N ALA O 606 46.18 -25.42 -49.13
CA ALA O 606 47.08 -26.56 -48.98
C ALA O 606 46.38 -27.88 -49.32
N ASN O 607 45.13 -28.02 -48.92
CA ASN O 607 44.39 -29.27 -49.12
C ASN O 607 43.83 -29.36 -50.54
N ARG O 608 44.75 -29.40 -51.50
CA ARG O 608 44.41 -29.60 -52.90
C ARG O 608 45.24 -30.74 -53.45
N ASP O 609 44.71 -31.39 -54.49
CA ASP O 609 45.38 -32.56 -55.05
C ASP O 609 46.73 -32.20 -55.67
N ASP O 610 46.80 -31.07 -56.37
CA ASP O 610 48.06 -30.67 -57.00
C ASP O 610 49.05 -30.13 -55.97
N VAL O 611 48.56 -29.39 -54.97
CA VAL O 611 49.45 -28.81 -53.96
C VAL O 611 50.02 -29.91 -53.07
N LYS O 612 49.24 -30.95 -52.78
CA LYS O 612 49.72 -32.06 -51.97
C LYS O 612 50.88 -32.76 -52.67
N GLY O 613 51.95 -32.98 -51.91
CA GLY O 613 53.19 -33.49 -52.46
C GLY O 613 54.09 -32.45 -53.08
N ARG O 614 53.65 -31.20 -53.17
CA ARG O 614 54.43 -30.09 -53.71
C ARG O 614 54.25 -28.85 -52.84
N GLU O 615 54.25 -29.02 -51.52
CA GLU O 615 53.99 -27.90 -50.62
C GLU O 615 55.16 -26.93 -50.60
N ASN O 616 56.38 -27.43 -50.69
CA ASN O 616 57.57 -26.58 -50.58
C ASN O 616 57.80 -25.70 -51.81
N GLU O 617 57.07 -25.93 -52.90
CA GLU O 617 57.30 -25.21 -54.15
C GLU O 617 56.25 -24.14 -54.43
N LEU O 618 54.97 -24.47 -54.27
CA LEU O 618 53.88 -23.57 -54.65
C LEU O 618 53.43 -22.68 -53.50
N LEU O 619 54.11 -22.73 -52.35
CA LEU O 619 53.70 -21.96 -51.18
C LEU O 619 54.85 -21.07 -50.71
N LEU O 620 54.48 -19.91 -50.16
CA LEU O 620 55.45 -19.00 -49.59
C LEU O 620 56.07 -19.61 -48.33
N PRO O 621 57.30 -19.22 -47.99
CA PRO O 621 57.91 -19.73 -46.74
C PRO O 621 57.11 -19.39 -45.49
N SER O 622 56.52 -18.19 -45.44
CA SER O 622 55.64 -17.85 -44.32
C SER O 622 54.41 -18.75 -44.31
N GLU O 623 53.82 -19.00 -45.48
CA GLU O 623 52.67 -19.90 -45.57
C GLU O 623 53.07 -21.32 -45.18
N LEU O 624 54.27 -21.75 -45.58
CA LEU O 624 54.75 -23.08 -45.20
C LEU O 624 54.93 -23.20 -43.70
N ASN O 625 55.50 -22.17 -43.06
CA ASN O 625 55.67 -22.20 -41.61
C ASN O 625 54.33 -22.19 -40.89
N GLN O 626 53.38 -21.39 -41.38
CA GLN O 626 52.04 -21.37 -40.79
C GLN O 626 51.34 -22.72 -40.94
N LEU O 627 51.49 -23.35 -42.11
CA LEU O 627 50.90 -24.68 -42.31
C LEU O 627 51.51 -25.71 -41.38
N LYS O 628 52.84 -25.67 -41.22
CA LYS O 628 53.51 -26.59 -40.31
C LYS O 628 53.04 -26.39 -38.88
N MET O 629 52.93 -25.13 -38.43
CA MET O 629 52.48 -24.85 -37.08
C MET O 629 51.05 -25.31 -36.87
N VAL O 630 50.17 -25.06 -37.85
CA VAL O 630 48.77 -25.46 -37.72
C VAL O 630 48.64 -26.97 -37.66
N ASN O 631 49.37 -27.69 -38.53
CA ASN O 631 49.28 -29.15 -38.53
C ASN O 631 49.85 -29.74 -37.25
N GLU O 632 50.95 -29.17 -36.74
CA GLU O 632 51.49 -29.64 -35.47
C GLU O 632 50.52 -29.41 -34.33
N ARG O 633 49.85 -28.25 -34.32
CA ARG O 633 48.87 -27.97 -33.27
C ARG O 633 47.68 -28.93 -33.35
N GLU O 634 47.23 -29.23 -34.58
CA GLU O 634 46.12 -30.17 -34.74
C GLU O 634 46.51 -31.58 -34.29
N LEU O 635 47.73 -32.00 -34.61
CA LEU O 635 48.21 -33.31 -34.16
C LEU O 635 48.29 -33.38 -32.64
N ASN O 636 48.80 -32.32 -32.01
CA ASN O 636 48.86 -32.30 -30.54
C ASN O 636 47.46 -32.32 -29.94
N VAL O 637 46.52 -31.61 -30.56
CA VAL O 637 45.14 -31.60 -30.08
C VAL O 637 44.55 -33.00 -30.11
N PHE O 638 44.74 -33.71 -31.24
CA PHE O 638 44.12 -35.02 -31.35
C PHE O 638 44.82 -36.05 -30.45
N ALA O 639 46.14 -35.91 -30.26
CA ALA O 639 46.83 -36.79 -29.32
C ALA O 639 46.36 -36.57 -27.88
N ARG O 640 46.17 -35.30 -27.48
CA ARG O 640 45.66 -35.02 -26.14
C ARG O 640 44.22 -35.50 -25.99
N LEU O 641 43.43 -35.43 -27.07
CA LEU O 641 42.08 -35.98 -27.03
C LEU O 641 42.10 -37.49 -26.83
N SER O 642 43.01 -38.18 -27.51
CA SER O 642 43.16 -39.62 -27.31
C SER O 642 43.58 -39.94 -25.88
N ARG O 643 44.49 -39.15 -25.31
CA ARG O 643 44.93 -39.38 -23.94
C ARG O 643 43.80 -39.13 -22.94
N LEU O 644 42.95 -38.13 -23.19
CA LEU O 644 41.75 -37.95 -22.37
C LEU O 644 40.80 -39.13 -22.52
N LEU O 645 40.63 -39.63 -23.73
CA LEU O 645 39.74 -40.77 -23.95
C LEU O 645 40.25 -42.01 -23.21
N SER O 646 41.57 -42.15 -23.10
CA SER O 646 42.13 -43.22 -22.28
C SER O 646 41.85 -43.00 -20.80
N LEU O 647 41.52 -41.78 -20.40
CA LEU O 647 41.29 -41.42 -19.02
C LEU O 647 39.82 -41.20 -18.69
N TRP O 648 38.96 -41.08 -19.70
CA TRP O 648 37.54 -40.77 -19.50
C TRP O 648 36.64 -41.99 -19.57
N GLU O 649 37.01 -43.00 -20.36
CA GLU O 649 36.15 -44.17 -20.52
C GLU O 649 36.10 -45.03 -19.28
N VAL O 650 37.04 -44.85 -18.35
CA VAL O 650 37.05 -45.63 -17.12
C VAL O 650 35.82 -45.29 -16.29
N PHE O 651 35.40 -44.03 -16.30
CA PHE O 651 34.20 -43.62 -15.58
C PHE O 651 32.92 -43.88 -16.37
N GLN O 652 33.02 -44.37 -17.61
CA GLN O 652 31.87 -44.85 -18.35
C GLN O 652 31.55 -46.30 -18.04
N MET O 653 32.37 -46.98 -17.24
CA MET O 653 32.27 -48.41 -17.06
C MET O 653 31.21 -48.77 -16.03
N GLY P 162 53.63 -41.21 20.89
CA GLY P 162 54.76 -41.67 20.10
C GLY P 162 55.92 -40.70 20.10
N PRO P 163 57.04 -41.11 19.49
CA PRO P 163 58.21 -40.24 19.43
C PRO P 163 58.17 -39.19 18.33
N TRP P 164 57.08 -39.15 17.56
CA TRP P 164 57.02 -38.21 16.44
C TRP P 164 56.75 -36.78 16.90
N PHE P 165 56.17 -36.62 18.08
CA PHE P 165 55.79 -35.31 18.59
C PHE P 165 57.04 -34.53 18.99
N THR P 166 57.39 -33.53 18.20
CA THR P 166 58.55 -32.68 18.46
C THR P 166 58.05 -31.26 18.73
N ASP P 167 58.21 -30.82 19.98
CA ASP P 167 57.77 -29.50 20.44
C ASP P 167 56.28 -29.25 20.19
N GLY P 168 55.47 -30.30 20.36
CA GLY P 168 54.04 -30.19 20.18
C GLY P 168 53.54 -30.46 18.77
N GLU P 169 54.43 -30.62 17.79
CA GLU P 169 54.03 -30.90 16.43
C GLU P 169 54.89 -32.02 15.85
N LEU P 170 54.56 -32.41 14.62
CA LEU P 170 55.27 -33.48 13.95
C LEU P 170 56.63 -33.02 13.46
N ASP P 171 57.53 -33.98 13.27
CA ASP P 171 58.85 -33.75 12.68
C ASP P 171 58.87 -34.49 11.34
N ILE P 172 58.61 -33.75 10.26
CA ILE P 172 58.39 -34.36 8.96
C ILE P 172 59.65 -34.97 8.38
N GLU P 173 60.82 -34.39 8.69
CA GLU P 173 62.07 -34.97 8.19
C GLU P 173 62.32 -36.35 8.80
N PHE P 174 62.07 -36.48 10.11
CA PHE P 174 62.17 -37.78 10.76
C PHE P 174 61.18 -38.77 10.17
N ILE P 175 59.95 -38.31 9.90
CA ILE P 175 58.94 -39.14 9.24
C ILE P 175 59.44 -39.64 7.90
N ASN P 176 59.98 -38.73 7.07
CA ASN P 176 60.42 -39.11 5.74
C ASN P 176 61.58 -40.11 5.79
N SER P 177 62.55 -39.87 6.67
CA SER P 177 63.68 -40.78 6.78
C SER P 177 63.25 -42.15 7.27
N LEU P 178 62.39 -42.19 8.29
CA LEU P 178 61.94 -43.47 8.84
C LEU P 178 61.10 -44.25 7.84
N LEU P 179 60.19 -43.55 7.14
CA LEU P 179 59.39 -44.22 6.12
C LEU P 179 60.25 -44.73 4.98
N THR P 180 61.27 -43.95 4.59
CA THR P 180 62.17 -44.38 3.53
C THR P 180 62.94 -45.64 3.93
N ILE P 181 63.44 -45.69 5.16
CA ILE P 181 64.21 -46.87 5.56
C ILE P 181 63.30 -48.10 5.74
N VAL P 182 62.07 -47.92 6.23
CA VAL P 182 61.16 -49.05 6.35
C VAL P 182 60.76 -49.58 4.97
N TRP P 183 60.45 -48.67 4.04
CA TRP P 183 60.16 -49.07 2.67
C TRP P 183 61.35 -49.74 2.00
N ARG P 184 62.56 -49.26 2.26
CA ARG P 184 63.79 -49.88 1.79
C ARG P 184 63.92 -51.32 2.26
N PHE P 185 63.72 -51.54 3.57
CA PHE P 185 63.78 -52.88 4.13
C PHE P 185 62.74 -53.81 3.51
N ILE P 186 61.50 -53.35 3.41
CA ILE P 186 60.44 -54.21 2.88
C ILE P 186 60.69 -54.51 1.41
N SER P 187 61.19 -53.54 0.65
CA SER P 187 61.49 -53.77 -0.76
C SER P 187 62.64 -54.74 -0.94
N GLU P 188 63.63 -54.70 -0.04
CA GLU P 188 64.69 -55.71 -0.06
C GLU P 188 64.12 -57.10 0.20
N ASN P 189 63.19 -57.22 1.15
CA ASN P 189 62.67 -58.56 1.46
C ASN P 189 61.73 -59.10 0.39
N THR P 190 60.91 -58.24 -0.21
CA THR P 190 59.84 -58.70 -1.09
C THR P 190 60.30 -58.98 -2.52
N PHE P 191 61.57 -58.74 -2.84
CA PHE P 191 62.05 -58.96 -4.19
C PHE P 191 63.27 -59.87 -4.19
N PRO P 192 63.51 -60.60 -5.28
CA PRO P 192 64.63 -61.57 -5.27
C PRO P 192 65.99 -60.95 -5.06
N ASN P 193 66.38 -59.97 -5.88
CA ASN P 193 67.68 -59.34 -5.77
C ASN P 193 67.60 -57.87 -5.37
N GLY P 194 66.39 -57.33 -5.22
CA GLY P 194 66.25 -55.93 -4.87
C GLY P 194 66.26 -55.02 -6.09
N PHE P 195 66.59 -53.76 -5.83
CA PHE P 195 66.52 -52.73 -6.86
C PHE P 195 67.53 -52.99 -7.98
N LYS P 196 68.63 -53.67 -7.68
CA LYS P 196 69.59 -54.02 -8.73
C LYS P 196 68.96 -54.96 -9.75
N ASN P 197 68.01 -55.79 -9.32
CA ASN P 197 67.27 -56.64 -10.26
C ASN P 197 66.47 -55.80 -11.25
N PHE P 198 66.07 -54.60 -10.82
CA PHE P 198 65.37 -53.69 -11.73
C PHE P 198 66.33 -52.70 -12.36
N GLU P 199 67.59 -52.71 -11.94
CA GLU P 199 68.55 -51.70 -12.39
C GLU P 199 68.97 -51.90 -13.84
N ASN P 200 69.18 -53.16 -14.24
CA ASN P 200 69.74 -53.43 -15.56
C ASN P 200 68.74 -53.12 -16.67
N GLY P 201 67.47 -53.46 -16.48
CA GLY P 201 66.46 -53.22 -17.48
C GLY P 201 65.10 -53.76 -17.09
N PRO P 202 64.08 -53.42 -17.90
CA PRO P 202 62.72 -53.89 -17.58
C PRO P 202 62.51 -55.37 -17.87
N LYS P 203 63.28 -55.95 -18.80
CA LYS P 203 62.98 -57.29 -19.25
C LYS P 203 63.75 -58.36 -18.46
N LYS P 204 64.91 -57.99 -17.91
CA LYS P 204 65.75 -58.98 -17.27
C LYS P 204 65.37 -59.20 -15.81
N ASN P 205 64.43 -58.41 -15.30
CA ASN P 205 64.01 -58.54 -13.91
C ASN P 205 63.22 -59.83 -13.69
N VAL P 206 63.25 -60.33 -12.45
CA VAL P 206 62.59 -61.57 -12.07
C VAL P 206 61.78 -61.34 -10.81
N PHE P 207 60.85 -62.24 -10.55
CA PHE P 207 59.95 -62.15 -9.42
C PHE P 207 59.82 -63.49 -8.72
N TYR P 208 59.40 -63.45 -7.47
CA TYR P 208 59.25 -64.67 -6.68
C TYR P 208 58.05 -65.47 -7.15
N ALA P 209 58.10 -66.77 -6.85
CA ALA P 209 56.98 -67.65 -7.12
C ALA P 209 55.84 -67.35 -6.14
N PRO P 210 54.59 -67.67 -6.52
CA PRO P 210 53.46 -67.37 -5.62
C PRO P 210 53.53 -68.04 -4.26
N ASN P 211 54.15 -69.22 -4.16
CA ASN P 211 54.23 -69.90 -2.87
C ASN P 211 55.32 -69.33 -1.97
N VAL P 212 56.20 -68.48 -2.50
CA VAL P 212 57.26 -67.90 -1.70
C VAL P 212 56.68 -66.84 -0.76
N LYS P 213 57.07 -66.90 0.50
CA LYS P 213 56.63 -65.93 1.50
C LYS P 213 57.47 -64.66 1.35
N ASN P 214 57.12 -63.86 0.34
CA ASN P 214 57.80 -62.61 0.09
C ASN P 214 57.30 -61.47 0.97
N TYR P 215 56.20 -61.66 1.69
CA TYR P 215 55.69 -60.64 2.58
C TYR P 215 56.57 -60.51 3.82
N SER P 216 56.63 -59.30 4.36
CA SER P 216 57.39 -58.99 5.56
C SER P 216 56.44 -58.74 6.71
N THR P 217 56.67 -59.42 7.83
CA THR P 217 55.81 -59.24 9.00
C THR P 217 56.27 -58.03 9.81
N THR P 218 55.46 -57.67 10.81
CA THR P 218 55.76 -56.51 11.63
C THR P 218 56.98 -56.74 12.51
N GLN P 219 57.13 -57.95 13.03
CA GLN P 219 58.23 -58.23 13.97
C GLN P 219 59.60 -58.11 13.30
N GLU P 220 59.71 -58.58 12.05
CA GLU P 220 60.98 -58.45 11.33
C GLU P 220 61.33 -56.97 11.11
N ILE P 221 60.33 -56.17 10.76
CA ILE P 221 60.55 -54.74 10.54
C ILE P 221 60.98 -54.06 11.84
N LEU P 222 60.32 -54.41 12.94
CA LEU P 222 60.68 -53.84 14.24
C LEU P 222 62.10 -54.24 14.65
N GLU P 223 62.48 -55.50 14.41
CA GLU P 223 63.83 -55.93 14.74
C GLU P 223 64.86 -55.22 13.88
N PHE P 224 64.56 -55.03 12.59
CA PHE P 224 65.49 -54.31 11.72
C PHE P 224 65.64 -52.85 12.14
N ILE P 225 64.54 -52.20 12.52
CA ILE P 225 64.63 -50.80 12.90
C ILE P 225 65.23 -50.65 14.30
N THR P 226 65.18 -51.71 15.11
CA THR P 226 65.91 -51.69 16.38
C THR P 226 67.40 -51.87 16.15
N ALA P 227 67.77 -52.76 15.22
CA ALA P 227 69.19 -53.00 14.95
C ALA P 227 69.83 -51.80 14.24
N ALA P 228 69.06 -51.11 13.41
CA ALA P 228 69.60 -49.96 12.69
C ALA P 228 69.96 -48.82 13.64
N GLN P 229 69.12 -48.59 14.65
CA GLN P 229 69.32 -47.54 15.66
C GLN P 229 69.44 -46.15 15.02
N VAL P 230 68.72 -45.93 13.94
CA VAL P 230 68.75 -44.62 13.29
C VAL P 230 67.68 -43.70 13.87
N ALA P 231 66.63 -44.27 14.46
CA ALA P 231 65.59 -43.46 15.07
C ALA P 231 66.03 -42.87 16.40
N ASN P 232 66.96 -43.55 17.09
CA ASN P 232 67.50 -43.17 18.40
C ASN P 232 66.44 -43.21 19.51
N VAL P 233 65.21 -43.63 19.19
CA VAL P 233 64.13 -43.75 20.17
C VAL P 233 63.53 -45.14 20.01
N GLU P 234 63.15 -45.75 21.13
CA GLU P 234 62.49 -47.05 21.10
C GLU P 234 61.15 -46.96 20.41
N LEU P 235 60.79 -48.02 19.68
CA LEU P 235 59.59 -48.05 18.86
C LEU P 235 58.69 -49.20 19.29
N THR P 236 57.44 -48.86 19.60
CA THR P 236 56.37 -49.80 19.89
C THR P 236 55.88 -50.43 18.58
N PRO P 237 55.46 -51.70 18.60
CA PRO P 237 54.88 -52.30 17.38
C PRO P 237 53.68 -51.54 16.83
N SER P 238 52.91 -50.87 17.69
CA SER P 238 51.82 -50.03 17.19
C SER P 238 52.35 -48.88 16.35
N ASN P 239 53.50 -48.31 16.74
CA ASN P 239 54.06 -47.19 16.00
C ASN P 239 54.56 -47.61 14.63
N ILE P 240 55.28 -48.74 14.56
CA ILE P 240 55.77 -49.23 13.28
C ILE P 240 54.60 -49.66 12.39
N ARG P 241 53.54 -50.21 12.99
CA ARG P 241 52.33 -50.54 12.24
C ARG P 241 51.68 -49.29 11.69
N SER P 242 51.61 -48.21 12.48
CA SER P 242 50.98 -46.98 12.03
C SER P 242 51.77 -46.34 10.90
N LEU P 243 53.10 -46.34 10.99
CA LEU P 243 53.88 -45.75 9.90
C LEU P 243 53.84 -46.61 8.65
N CYS P 244 53.73 -47.93 8.79
CA CYS P 244 53.54 -48.76 7.61
C CYS P 244 52.14 -48.54 7.01
N GLU P 245 51.16 -48.20 7.85
CA GLU P 245 49.86 -47.78 7.33
C GLU P 245 49.97 -46.47 6.56
N VAL P 246 50.83 -45.57 7.02
CA VAL P 246 51.12 -44.35 6.26
C VAL P 246 51.73 -44.70 4.91
N LEU P 247 52.63 -45.70 4.90
CA LEU P 247 53.24 -46.14 3.65
C LEU P 247 52.20 -46.71 2.68
N VAL P 248 51.27 -47.52 3.18
CA VAL P 248 50.28 -48.10 2.28
C VAL P 248 49.26 -47.03 1.87
N TYR P 249 49.12 -45.97 2.65
CA TYR P 249 48.29 -44.84 2.23
C TYR P 249 48.92 -44.11 1.05
N ASP P 250 50.25 -44.05 0.99
CA ASP P 250 50.94 -43.47 -0.15
C ASP P 250 50.95 -44.38 -1.37
N ASP P 251 50.38 -45.58 -1.25
CA ASP P 251 50.41 -46.65 -2.24
C ASP P 251 51.88 -46.96 -2.57
N LYS P 252 52.73 -47.03 -1.55
CA LYS P 252 54.08 -47.54 -1.75
C LYS P 252 54.09 -49.06 -1.61
N LEU P 253 53.33 -49.57 -0.65
CA LEU P 253 53.20 -51.01 -0.43
C LEU P 253 51.74 -51.40 -0.30
N GLU P 254 51.49 -52.64 0.11
CA GLU P 254 50.14 -53.14 0.24
C GLU P 254 50.11 -54.18 1.35
N LYS P 255 48.91 -54.42 1.89
CA LYS P 255 48.70 -55.36 2.98
C LYS P 255 47.94 -56.57 2.45
N VAL P 256 48.53 -57.75 2.58
CA VAL P 256 47.93 -58.98 2.07
C VAL P 256 47.35 -59.77 3.23
N THR P 257 47.90 -59.56 4.43
CA THR P 257 47.43 -60.22 5.64
C THR P 257 47.71 -59.25 6.79
N HIS P 258 46.94 -59.39 7.87
CA HIS P 258 47.18 -58.58 9.06
C HIS P 258 48.59 -58.77 9.57
N ASP P 259 49.26 -57.64 9.87
CA ASP P 259 50.68 -57.61 10.23
C ASP P 259 51.57 -58.22 9.14
N CYS P 260 51.18 -58.03 7.88
CA CYS P 260 51.95 -58.54 6.74
C CYS P 260 51.83 -57.54 5.60
N TYR P 261 52.97 -57.15 5.02
CA TYR P 261 52.97 -56.14 3.96
C TYR P 261 53.96 -56.52 2.88
N ARG P 262 53.83 -55.85 1.73
CA ARG P 262 54.64 -56.17 0.55
C ARG P 262 54.67 -54.94 -0.37
N VAL P 263 55.87 -54.57 -0.81
CA VAL P 263 56.04 -53.40 -1.67
C VAL P 263 55.46 -53.66 -3.05
N THR P 264 54.68 -52.70 -3.54
CA THR P 264 54.10 -52.75 -4.87
C THR P 264 55.14 -52.37 -5.92
N LEU P 265 54.86 -52.78 -7.16
CA LEU P 265 55.79 -52.52 -8.26
C LEU P 265 55.73 -51.06 -8.72
N GLU P 266 54.58 -50.41 -8.54
CA GLU P 266 54.44 -49.02 -8.98
C GLU P 266 55.39 -48.09 -8.22
N SER P 267 55.52 -48.31 -6.91
CA SER P 267 56.47 -47.52 -6.14
C SER P 267 57.91 -47.80 -6.56
N ILE P 268 58.18 -49.02 -7.02
CA ILE P 268 59.51 -49.33 -7.55
C ILE P 268 59.78 -48.56 -8.84
N LEU P 269 58.78 -48.53 -9.74
CA LEU P 269 58.95 -47.82 -11.00
C LEU P 269 58.96 -46.31 -10.80
N GLN P 270 58.42 -45.83 -9.67
CA GLN P 270 58.37 -44.38 -9.43
C GLN P 270 59.75 -43.82 -9.12
N MET P 271 60.67 -44.65 -8.62
CA MET P 271 62.00 -44.16 -8.30
C MET P 271 62.78 -43.78 -9.55
N ASN P 272 62.73 -44.62 -10.59
CA ASN P 272 63.47 -44.36 -11.81
C ASN P 272 62.58 -43.73 -12.87
N GLU P 289 56.38 -47.57 -26.16
CA GLU P 289 55.64 -47.18 -24.98
C GLU P 289 54.33 -46.48 -25.36
N GLU P 290 53.38 -46.46 -24.43
CA GLU P 290 52.10 -45.82 -24.64
C GLU P 290 51.70 -45.10 -23.34
N PHE P 291 50.84 -44.11 -23.48
CA PHE P 291 50.46 -43.28 -22.34
C PHE P 291 49.56 -44.05 -21.38
N SER P 292 49.85 -43.93 -20.10
CA SER P 292 48.98 -44.42 -19.04
C SER P 292 49.02 -43.41 -17.90
N ILE P 293 47.95 -43.39 -17.10
CA ILE P 293 47.90 -42.46 -15.98
C ILE P 293 48.84 -42.86 -14.86
N PHE P 294 49.17 -44.15 -14.77
CA PHE P 294 49.95 -44.64 -13.63
C PHE P 294 51.41 -44.23 -13.73
N ASN P 295 51.98 -44.25 -14.95
CA ASN P 295 53.34 -43.76 -15.16
C ASN P 295 53.31 -42.30 -15.62
N TYR P 296 52.68 -41.47 -14.77
CA TYR P 296 52.56 -40.04 -15.05
C TYR P 296 53.88 -39.31 -14.86
N PHE P 297 54.78 -39.84 -14.03
CA PHE P 297 56.05 -39.18 -13.79
C PHE P 297 56.95 -39.21 -15.02
N LYS P 298 56.75 -40.17 -15.91
CA LYS P 298 57.53 -40.22 -17.14
C LYS P 298 57.11 -39.15 -18.14
N MET P 299 55.95 -38.54 -17.95
CA MET P 299 55.45 -37.54 -18.88
C MET P 299 56.10 -36.19 -18.61
N PHE P 300 56.47 -35.48 -19.68
CA PHE P 300 57.10 -34.19 -19.57
C PHE P 300 56.06 -33.07 -19.58
N PRO P 301 56.30 -31.98 -18.86
CA PRO P 301 55.40 -30.84 -18.92
C PRO P 301 55.41 -30.19 -20.30
N ALA P 302 54.29 -29.59 -20.66
CA ALA P 302 54.15 -28.97 -21.97
C ALA P 302 55.00 -27.71 -22.06
N SER P 303 55.39 -27.37 -23.29
CA SER P 303 56.10 -26.13 -23.54
C SER P 303 55.20 -24.93 -23.31
N LYS P 304 55.81 -23.80 -22.92
CA LYS P 304 55.06 -22.59 -22.69
C LYS P 304 54.56 -22.01 -24.01
N HIS P 305 53.64 -21.05 -23.89
CA HIS P 305 52.98 -20.40 -25.04
C HIS P 305 52.27 -21.42 -25.92
N ASP P 306 51.69 -22.45 -25.31
CA ASP P 306 50.90 -23.45 -26.02
C ASP P 306 49.44 -23.25 -25.66
N LYS P 307 48.61 -22.98 -26.66
CA LYS P 307 47.21 -22.65 -26.41
C LYS P 307 46.40 -23.88 -26.02
N GLU P 308 46.62 -25.01 -26.69
CA GLU P 308 45.78 -26.19 -26.52
C GLU P 308 46.41 -27.15 -25.52
N VAL P 309 46.50 -26.66 -24.29
CA VAL P 309 47.01 -27.45 -23.17
C VAL P 309 45.87 -27.62 -22.17
N VAL P 310 45.74 -28.84 -21.62
CA VAL P 310 44.58 -29.23 -20.83
C VAL P 310 44.90 -29.09 -19.35
N TYR P 311 44.04 -28.40 -18.62
CA TYR P 311 44.19 -28.17 -17.20
C TYR P 311 43.11 -28.91 -16.43
N PHE P 312 43.50 -29.57 -15.34
CA PHE P 312 42.52 -30.17 -14.44
C PHE P 312 41.74 -29.11 -13.68
N ASP P 313 42.38 -27.99 -13.33
CA ASP P 313 41.74 -26.94 -12.55
C ASP P 313 40.73 -26.15 -13.35
N GLU P 314 40.73 -26.26 -14.68
CA GLU P 314 39.78 -25.55 -15.50
C GLU P 314 38.40 -26.19 -15.38
N TRP P 315 37.38 -25.43 -15.79
CA TRP P 315 35.93 -25.70 -15.68
C TRP P 315 35.43 -25.51 -14.25
N THR P 316 36.31 -25.30 -13.27
CA THR P 316 35.86 -25.04 -11.91
C THR P 316 36.62 -23.86 -11.30
N ILE P 317 37.34 -23.09 -12.09
CA ILE P 317 38.09 -21.94 -11.60
C ILE P 317 37.25 -20.68 -11.78
N ASN Q 14 32.95 -3.87 13.96
CA ASN Q 14 33.53 -3.25 12.77
C ASN Q 14 33.55 -4.23 11.60
N TYR Q 15 33.48 -5.53 11.93
CA TYR Q 15 33.41 -6.64 10.98
C TYR Q 15 34.71 -6.82 10.20
N MET Q 16 35.69 -5.95 10.43
CA MET Q 16 36.95 -5.96 9.68
C MET Q 16 38.13 -5.94 10.63
N SER Q 17 37.96 -6.45 11.85
CA SER Q 17 39.01 -6.43 12.86
C SER Q 17 39.51 -7.81 13.23
N ASN Q 18 38.62 -8.72 13.60
CA ASN Q 18 39.03 -10.05 14.04
C ASN Q 18 39.51 -10.88 12.87
N LEU Q 19 40.53 -11.69 13.12
CA LEU Q 19 41.15 -12.57 12.14
C LEU Q 19 41.28 -13.97 12.72
N PRO Q 20 41.34 -14.99 11.87
CA PRO Q 20 41.65 -16.33 12.37
C PRO Q 20 43.10 -16.41 12.87
N PHE Q 21 43.37 -17.47 13.63
CA PHE Q 21 44.66 -17.61 14.28
C PHE Q 21 45.79 -17.75 13.27
N GLY Q 22 45.56 -18.53 12.20
CA GLY Q 22 46.62 -18.75 11.23
C GLY Q 22 46.96 -17.52 10.41
N LEU Q 23 45.95 -16.73 10.03
CA LEU Q 23 46.16 -15.63 9.12
C LEU Q 23 46.80 -14.43 9.81
N GLY Q 24 47.31 -13.50 9.01
CA GLY Q 24 47.87 -12.26 9.49
C GLY Q 24 47.18 -11.05 8.90
N TYR Q 25 47.49 -9.86 9.42
CA TYR Q 25 46.81 -8.66 8.95
C TYR Q 25 47.30 -8.23 7.57
N GLY Q 26 48.55 -8.51 7.23
CA GLY Q 26 49.07 -8.12 5.94
C GLY Q 26 48.78 -9.07 4.81
N ASP Q 27 48.11 -10.19 5.08
CA ASP Q 27 47.81 -11.19 4.06
C ASP Q 27 46.39 -11.08 3.50
N VAL Q 28 45.50 -10.37 4.17
CA VAL Q 28 44.12 -10.27 3.74
C VAL Q 28 43.87 -8.89 3.15
N GLY Q 29 42.70 -8.72 2.53
CA GLY Q 29 42.29 -7.44 1.99
C GLY Q 29 42.49 -7.25 0.50
N LYS Q 30 43.04 -8.26 -0.20
CA LYS Q 30 43.30 -8.13 -1.63
C LYS Q 30 42.22 -8.81 -2.47
N ASN Q 31 42.00 -10.10 -2.27
CA ASN Q 31 41.03 -10.90 -3.04
C ASN Q 31 41.33 -10.84 -4.54
N HIS Q 32 42.48 -11.39 -4.91
CA HIS Q 32 42.87 -11.53 -6.31
C HIS Q 32 42.78 -13.01 -6.66
N ILE Q 33 41.60 -13.44 -7.11
CA ILE Q 33 41.37 -14.81 -7.54
C ILE Q 33 41.67 -14.89 -9.02
N THR Q 34 42.62 -15.75 -9.38
CA THR Q 34 43.03 -15.87 -10.77
C THR Q 34 41.91 -16.48 -11.61
N GLU Q 35 41.90 -16.11 -12.90
CA GLU Q 35 40.94 -16.64 -13.85
C GLU Q 35 41.55 -17.73 -14.72
N PHE Q 36 42.87 -17.88 -14.69
CA PHE Q 36 43.58 -18.84 -15.51
C PHE Q 36 44.04 -20.02 -14.67
N PRO Q 37 43.81 -21.25 -15.09
CA PRO Q 37 44.17 -22.40 -14.26
C PRO Q 37 45.68 -22.64 -14.24
N SER Q 38 46.10 -23.42 -13.24
CA SER Q 38 47.52 -23.68 -13.06
C SER Q 38 47.83 -25.15 -12.75
N ILE Q 39 46.86 -26.06 -12.90
CA ILE Q 39 47.07 -27.47 -12.57
C ILE Q 39 46.88 -28.30 -13.82
N PRO Q 40 47.94 -28.62 -14.56
CA PRO Q 40 47.78 -29.35 -15.81
C PRO Q 40 47.77 -30.85 -15.62
N LEU Q 41 47.00 -31.52 -16.49
CA LEU Q 41 47.02 -32.97 -16.55
C LEU Q 41 48.30 -33.45 -17.24
N PRO Q 42 48.75 -34.68 -16.95
CA PRO Q 42 50.01 -35.16 -17.55
C PRO Q 42 49.90 -35.57 -19.01
N ILE Q 43 48.81 -35.23 -19.69
CA ILE Q 43 48.57 -35.66 -21.07
C ILE Q 43 49.28 -34.72 -22.04
N ASN Q 44 49.89 -33.67 -21.53
CA ASN Q 44 50.43 -32.61 -22.37
C ASN Q 44 51.88 -32.84 -22.79
N GLY Q 45 52.32 -34.09 -22.85
CA GLY Q 45 53.67 -34.40 -23.26
C GLY Q 45 53.81 -34.39 -24.77
N PRO Q 46 55.03 -34.70 -25.22
CA PRO Q 46 55.29 -34.74 -26.66
C PRO Q 46 54.59 -35.91 -27.33
N ILE Q 47 54.32 -35.74 -28.62
CA ILE Q 47 53.62 -36.76 -29.39
C ILE Q 47 54.58 -37.87 -29.79
N THR Q 48 54.04 -39.07 -29.98
CA THR Q 48 54.81 -40.23 -30.40
C THR Q 48 54.35 -40.68 -31.78
N ASN Q 49 55.01 -41.71 -32.30
CA ASN Q 49 54.71 -42.19 -33.66
C ASN Q 49 53.33 -42.81 -33.73
N LYS Q 50 53.00 -43.67 -32.77
CA LYS Q 50 51.67 -44.29 -32.75
C LYS Q 50 50.58 -43.23 -32.56
N GLU Q 51 50.82 -42.27 -31.68
CA GLU Q 51 49.87 -41.18 -31.49
C GLU Q 51 49.76 -40.31 -32.74
N ARG Q 52 50.86 -40.14 -33.48
CA ARG Q 52 50.78 -39.35 -34.70
C ARG Q 52 49.97 -40.07 -35.78
N SER Q 53 50.15 -41.39 -35.90
CA SER Q 53 49.34 -42.16 -36.83
C SER Q 53 47.86 -42.14 -36.42
N LEU Q 54 47.59 -42.21 -35.12
CA LEU Q 54 46.23 -42.12 -34.63
C LEU Q 54 45.61 -40.76 -34.94
N ALA Q 55 46.40 -39.69 -34.77
CA ALA Q 55 45.91 -38.35 -35.05
C ALA Q 55 45.64 -38.14 -36.53
N VAL Q 56 46.50 -38.66 -37.40
CA VAL Q 56 46.24 -38.50 -38.83
C VAL Q 56 45.08 -39.39 -39.25
N LYS Q 57 44.81 -40.48 -38.52
CA LYS Q 57 43.59 -41.24 -38.76
C LYS Q 57 42.35 -40.43 -38.41
N TYR Q 58 42.36 -39.75 -37.26
CA TYR Q 58 41.32 -38.76 -36.95
C TYR Q 58 41.14 -37.74 -38.08
N ILE Q 59 42.25 -37.18 -38.56
CA ILE Q 59 42.16 -36.10 -39.56
C ILE Q 59 41.58 -36.64 -40.87
N ASN Q 60 42.03 -37.81 -41.30
CA ASN Q 60 41.52 -38.40 -42.53
C ASN Q 60 40.05 -38.76 -42.41
N PHE Q 61 39.62 -39.27 -41.25
CA PHE Q 61 38.21 -39.59 -41.06
C PHE Q 61 37.36 -38.32 -41.08
N GLY Q 62 37.83 -37.25 -40.44
CA GLY Q 62 37.09 -36.00 -40.46
C GLY Q 62 36.99 -35.43 -41.86
N LYS Q 63 38.08 -35.51 -42.63
CA LYS Q 63 38.04 -35.05 -44.02
C LYS Q 63 37.09 -35.90 -44.86
N THR Q 64 37.05 -37.20 -44.60
CA THR Q 64 36.14 -38.09 -45.35
C THR Q 64 34.69 -37.75 -45.05
N VAL Q 65 34.35 -37.55 -43.77
CA VAL Q 65 32.97 -37.24 -43.41
C VAL Q 65 32.58 -35.86 -43.91
N LYS Q 66 33.51 -34.89 -43.85
CA LYS Q 66 33.20 -33.53 -44.24
C LYS Q 66 32.85 -33.43 -45.72
N ASP Q 67 33.55 -34.19 -46.56
CA ASP Q 67 33.29 -34.18 -48.00
C ASP Q 67 32.32 -35.28 -48.44
N GLY Q 68 31.75 -36.02 -47.50
CA GLY Q 68 30.84 -37.10 -47.84
C GLY Q 68 29.48 -36.61 -48.25
N PRO Q 69 28.60 -37.55 -48.56
CA PRO Q 69 27.24 -37.17 -48.98
C PRO Q 69 26.38 -36.63 -47.85
N PHE Q 70 26.73 -36.89 -46.60
CA PHE Q 70 25.93 -36.46 -45.45
C PHE Q 70 26.73 -35.37 -44.73
N TYR Q 71 26.53 -34.11 -45.15
CA TYR Q 71 27.19 -33.00 -44.49
C TYR Q 71 26.22 -31.99 -43.92
N THR Q 72 25.23 -31.53 -44.70
CA THR Q 72 24.22 -30.57 -44.29
C THR Q 72 24.87 -29.28 -43.73
N GLY Q 73 25.51 -28.56 -44.64
CA GLY Q 73 26.33 -27.42 -44.31
C GLY Q 73 25.66 -26.24 -43.64
N SER Q 74 26.41 -25.14 -43.51
CA SER Q 74 25.98 -24.00 -42.71
C SER Q 74 24.73 -23.36 -43.27
N MET Q 75 23.87 -22.87 -42.37
CA MET Q 75 22.61 -22.25 -42.75
C MET Q 75 22.81 -20.78 -43.10
N THR Q 101 31.60 -14.92 -59.64
CA THR Q 101 30.80 -14.85 -58.42
C THR Q 101 29.33 -15.08 -58.71
N ASN Q 102 29.07 -15.91 -59.73
CA ASN Q 102 27.72 -16.27 -60.16
C ASN Q 102 26.88 -15.03 -60.51
N ASP Q 103 27.53 -14.07 -61.16
CA ASP Q 103 26.83 -12.87 -61.61
C ASP Q 103 25.91 -13.19 -62.78
N GLY Q 104 24.83 -12.40 -62.90
CA GLY Q 104 23.84 -12.65 -63.94
C GLY Q 104 24.31 -12.33 -65.34
N ILE Q 105 25.40 -11.58 -65.47
CA ILE Q 105 25.90 -11.22 -66.79
C ILE Q 105 26.54 -12.44 -67.45
N GLU Q 106 26.39 -12.52 -68.77
CA GLU Q 106 26.92 -13.63 -69.55
C GLU Q 106 28.01 -13.13 -70.49
N ARG Q 107 29.18 -13.75 -70.42
CA ARG Q 107 30.30 -13.42 -71.29
C ARG Q 107 30.65 -14.62 -72.17
N TYR Q 108 31.54 -14.38 -73.13
CA TYR Q 108 32.05 -15.48 -73.93
C TYR Q 108 33.03 -16.34 -73.14
N SER Q 109 33.64 -15.77 -72.10
CA SER Q 109 34.52 -16.54 -71.22
C SER Q 109 33.75 -17.53 -70.36
N ASP Q 110 32.42 -17.38 -70.26
CA ASP Q 110 31.61 -18.37 -69.57
C ASP Q 110 31.62 -19.70 -70.32
N LYS Q 111 31.66 -19.64 -71.65
CA LYS Q 111 31.97 -20.82 -72.45
C LYS Q 111 33.44 -21.18 -72.28
N TYR Q 112 33.74 -22.46 -72.53
CA TYR Q 112 35.06 -23.04 -72.28
C TYR Q 112 35.48 -22.85 -70.83
N LEU Q 113 34.53 -23.00 -69.92
CA LEU Q 113 34.78 -22.92 -68.49
C LEU Q 113 34.30 -24.21 -67.83
N LYS Q 114 35.15 -24.80 -67.02
CA LYS Q 114 34.82 -26.08 -66.39
C LYS Q 114 33.79 -25.89 -65.28
N LYS Q 115 32.86 -26.84 -65.18
CA LYS Q 115 31.97 -26.90 -64.03
C LYS Q 115 32.76 -27.34 -62.81
N ARG Q 116 32.35 -26.85 -61.63
CA ARG Q 116 33.17 -27.02 -60.43
C ARG Q 116 33.32 -28.48 -60.05
N LYS Q 117 32.22 -29.11 -59.61
CA LYS Q 117 32.25 -30.51 -59.20
C LYS Q 117 30.80 -30.98 -59.06
N ILE Q 118 30.48 -32.10 -59.69
CA ILE Q 118 29.12 -32.65 -59.67
C ILE Q 118 28.95 -33.32 -58.31
N GLY Q 119 28.32 -32.59 -57.39
CA GLY Q 119 28.21 -33.09 -56.03
C GLY Q 119 27.18 -34.20 -55.89
N ILE Q 120 27.53 -35.19 -55.07
CA ILE Q 120 26.59 -36.23 -54.70
C ILE Q 120 25.70 -35.69 -53.58
N SER Q 121 24.40 -35.74 -53.78
CA SER Q 121 23.48 -35.06 -52.88
C SER Q 121 23.07 -36.00 -51.75
N ILE Q 122 22.11 -35.53 -50.93
CA ILE Q 122 21.60 -36.33 -49.83
C ILE Q 122 20.81 -37.53 -50.35
N ASP Q 123 20.09 -37.35 -51.46
CA ASP Q 123 19.19 -38.38 -51.98
C ASP Q 123 19.86 -39.27 -53.02
N ASP Q 124 21.19 -39.34 -53.04
CA ASP Q 124 21.93 -40.19 -53.95
C ASP Q 124 22.68 -41.28 -53.21
N HIS Q 125 22.03 -41.89 -52.22
CA HIS Q 125 22.64 -42.93 -51.41
C HIS Q 125 21.72 -44.15 -51.32
N PRO Q 126 22.27 -45.36 -51.37
CA PRO Q 126 21.42 -46.55 -51.23
C PRO Q 126 20.92 -46.76 -49.82
N TYR Q 127 19.88 -46.02 -49.44
CA TYR Q 127 19.32 -46.12 -48.10
C TYR Q 127 18.62 -47.45 -47.89
N ASN Q 128 18.80 -48.02 -46.69
CA ASN Q 128 18.00 -49.14 -46.22
C ASN Q 128 16.75 -48.54 -45.58
N LEU Q 129 15.61 -48.67 -46.26
CA LEU Q 129 14.41 -47.94 -45.85
C LEU Q 129 13.80 -48.48 -44.56
N ASN Q 130 14.26 -49.65 -44.08
CA ASN Q 130 13.76 -50.18 -42.81
C ASN Q 130 14.35 -49.46 -41.61
N LEU Q 131 15.43 -48.69 -41.81
CA LEU Q 131 16.11 -47.99 -40.73
C LEU Q 131 15.64 -46.56 -40.55
N PHE Q 132 14.62 -46.13 -41.29
CA PHE Q 132 14.18 -44.76 -41.26
C PHE Q 132 12.68 -44.68 -41.04
N PRO Q 133 12.21 -43.62 -40.39
CA PRO Q 133 10.76 -43.40 -40.28
C PRO Q 133 10.13 -43.09 -41.63
N ASN Q 134 8.83 -43.34 -41.72
CA ASN Q 134 8.12 -43.16 -42.99
C ASN Q 134 8.05 -41.70 -43.40
N GLU Q 135 8.05 -40.77 -42.45
CA GLU Q 135 7.88 -39.36 -42.76
C GLU Q 135 9.12 -38.74 -43.41
N LEU Q 136 10.25 -39.43 -43.41
CA LEU Q 136 11.48 -38.93 -44.02
C LEU Q 136 11.68 -39.45 -45.44
N TYR Q 137 10.71 -40.19 -46.00
CA TYR Q 137 10.92 -40.81 -47.30
C TYR Q 137 10.95 -39.78 -48.42
N ASN Q 138 10.14 -38.72 -48.32
CA ASN Q 138 9.99 -37.79 -49.42
C ASN Q 138 11.21 -36.92 -49.66
N VAL Q 139 12.08 -36.76 -48.66
CA VAL Q 139 13.33 -36.03 -48.89
C VAL Q 139 14.46 -36.92 -49.37
N MET Q 140 14.29 -38.24 -49.31
CA MET Q 140 15.26 -39.17 -49.87
C MET Q 140 14.96 -39.41 -51.35
N GLY Q 141 15.79 -40.23 -51.99
CA GLY Q 141 15.50 -40.68 -53.33
C GLY Q 141 14.90 -42.07 -53.32
N ILE Q 142 13.57 -42.15 -53.45
CA ILE Q 142 12.91 -43.45 -53.43
C ILE Q 142 13.21 -44.22 -54.72
N ASN Q 143 13.10 -43.55 -55.87
CA ASN Q 143 13.22 -44.21 -57.17
C ASN Q 143 14.08 -43.39 -58.11
N LYS Q 144 15.25 -42.94 -57.63
CA LYS Q 144 16.17 -42.16 -58.44
C LYS Q 144 17.54 -42.85 -58.46
N LYS Q 145 18.47 -42.24 -59.21
CA LYS Q 145 19.79 -42.81 -59.39
C LYS Q 145 20.57 -42.85 -58.08
N LYS Q 146 21.21 -43.99 -57.82
CA LYS Q 146 21.94 -44.21 -56.58
C LYS Q 146 23.37 -44.65 -56.87
N LEU Q 147 24.33 -44.01 -56.22
CA LEU Q 147 25.73 -44.40 -56.27
C LEU Q 147 26.32 -44.29 -54.87
N LEU Q 148 27.14 -45.27 -54.51
CA LEU Q 148 27.74 -45.33 -53.19
C LEU Q 148 29.15 -44.76 -53.26
N ALA Q 149 29.34 -43.58 -52.67
CA ALA Q 149 30.63 -42.91 -52.68
C ALA Q 149 31.57 -43.58 -51.70
N ILE Q 150 32.71 -44.06 -52.19
CA ILE Q 150 33.69 -44.77 -51.39
C ILE Q 150 34.99 -43.99 -51.42
N SER Q 151 35.53 -43.68 -50.24
CA SER Q 151 36.81 -43.01 -50.10
C SER Q 151 37.87 -44.02 -49.68
N LYS Q 152 38.97 -44.06 -50.40
CA LYS Q 152 40.02 -45.03 -50.12
C LYS Q 152 40.96 -44.50 -49.05
N PHE Q 153 41.32 -45.36 -48.11
CA PHE Q 153 42.22 -44.97 -47.03
C PHE Q 153 43.62 -44.70 -47.57
N ASN Q 154 44.25 -43.65 -47.05
CA ASN Q 154 45.59 -43.26 -47.47
C ASN Q 154 46.56 -43.62 -46.34
N ASN Q 155 47.43 -44.60 -46.60
CA ASN Q 155 48.40 -45.02 -45.60
C ASN Q 155 49.44 -43.93 -45.36
N ALA Q 156 49.80 -43.19 -46.40
CA ALA Q 156 50.78 -42.12 -46.26
C ALA Q 156 50.21 -40.98 -45.43
N ASP Q 157 51.09 -40.32 -44.68
CA ASP Q 157 50.69 -39.22 -43.80
C ASP Q 157 50.51 -37.96 -44.63
N ASP Q 158 49.27 -37.49 -44.76
CA ASP Q 158 49.00 -36.27 -45.51
C ASP Q 158 49.47 -35.03 -44.75
N VAL Q 159 49.60 -35.13 -43.43
CA VAL Q 159 50.02 -34.00 -42.62
C VAL Q 159 51.48 -33.67 -42.89
N PHE Q 160 51.74 -32.41 -43.24
CA PHE Q 160 53.10 -31.96 -43.53
C PHE Q 160 53.76 -31.54 -42.22
N THR Q 161 54.59 -32.43 -41.68
CA THR Q 161 55.35 -32.22 -40.44
C THR Q 161 54.48 -31.75 -39.27
ZN ZN U . 30.90 6.45 -17.85
ZN ZN V . 20.23 -40.99 -8.89
MG MG W . -12.10 21.85 3.80
C1 4QM X . -15.51 -22.24 1.57
C2 4QM X . -16.43 -23.11 2.51
C3 4QM X . -15.01 -22.42 4.51
C4 4QM X . -14.38 -22.79 5.81
C5 4QM X . -15.38 -23.42 6.77
C6 4QM X . -15.93 -24.68 6.17
C7 4QM X . -16.68 -25.40 7.22
C8 4QM X . -15.65 -25.31 8.28
C9 4QM X . -14.73 -24.10 7.98
C10 4QM X . -16.67 -22.63 7.05
C11 4QM X . -17.63 -22.14 2.66
C12 4QM X . -14.35 -23.01 0.92
C13 4QM X . -14.88 -24.29 0.24
C14 4QM X . -15.72 -25.16 1.24
C15 4QM X . -16.92 -24.47 1.91
C16 4QM X . -17.77 -25.37 2.91
C17 4QM X . -17.12 -25.66 4.34
C18 4QM X . -16.61 -24.32 4.90
C19 4QM X . -15.73 -23.59 3.86
C20 4QM X . -14.66 -23.18 9.25
C21 4QM X . -13.67 -22.03 9.25
C22 4QM X . -14.55 -24.08 10.47
C23 4QM X . -15.04 -23.39 11.74
C24 4QM X . -14.86 -24.23 13.00
O2 4QM X . -13.79 -25.05 -0.21
O3 4QM X . -15.97 -26.42 4.26
O4 4QM X . -13.28 -23.60 5.55
ZN ZN Y . 24.50 -6.46 -26.97
C1 4QM Z . -20.52 75.86 1.82
C2 4QM Z . -20.51 76.55 0.39
C3 4QM Z . -18.35 75.28 -0.16
C4 4QM Z . -16.98 75.31 -0.74
C5 4QM Z . -16.97 75.83 -2.18
C6 4QM Z . -17.49 77.23 -2.21
C7 4QM Z . -17.22 77.78 -3.55
C8 4QM Z . -15.79 77.39 -3.63
C9 4QM Z . -15.56 76.18 -2.68
C10 4QM Z . -17.91 75.14 -3.18
C11 4QM Z . -21.53 75.64 -0.33
C12 4QM Z . -19.88 76.70 2.92
C13 4QM Z . -20.49 78.12 2.93
C14 4QM Z . -20.36 78.80 1.52
C15 4QM Z . -20.98 78.04 0.33
C16 4QM Z . -20.83 78.72 -1.11
C17 4QM Z . -19.39 78.66 -1.77
C18 4QM Z . -18.89 77.20 -1.70
C19 4QM Z . -19.04 76.62 -0.26
C20 4QM Z . -14.90 75.01 -3.51
C21 4QM Z . -14.41 73.80 -2.75
C22 4QM Z . -13.84 75.62 -4.41
C23 4QM Z . -13.30 74.61 -5.42
C24 4QM Z . -12.06 75.07 -6.16
O2 4QM Z . -19.82 78.91 3.87
O3 4QM Z . -18.43 79.35 -1.06
O4 4QM Z . -16.15 76.02 0.11
ZN ZN AA . -54.49 -44.48 24.17
ZN ZN BA . -2.93 -38.63 50.58
ZN ZN CA . -16.78 53.04 14.83
ZN ZN DA . 26.97 45.07 30.82
#